data_6S8E
#
_entry.id   6S8E
#
_cell.length_a   1.00
_cell.length_b   1.00
_cell.length_c   1.00
_cell.angle_alpha   90.00
_cell.angle_beta   90.00
_cell.angle_gamma   90.00
#
_symmetry.space_group_name_H-M   'P 1'
#
loop_
_entity.id
_entity.type
_entity.pdbx_description
1 polymer 'CRISPR-associated protein, Cmr5 family'
2 polymer 'CRISPR-associated RAMP protein, Cmr4 family'
3 polymer 'CRISPR-associated protein, Cmr3 family'
4 polymer 'CRISPR-associated RAMP protein, Cmr6 family'
5 polymer 'Cmr1,CRISPR-associated RAMP protein, Cmr1 family,CRISPR-associated RAMP protein, Cmr1 family'
6 polymer 'CRISPR-associated protein, Cmr2 family'
7 polymer 'Non-cognate target RNA'
8 polymer crRNA
9 polymer 'CRISPR-associated protein Cmr7'
10 non-polymer 'ZINC ION'
#
loop_
_entity_poly.entity_id
_entity_poly.type
_entity_poly.pdbx_seq_one_letter_code
_entity_poly.pdbx_strand_id
1 'polypeptide(L)'
;MLYEEDYKLALEAFKKVFNALTHYGAKQAFRSRARDLVEEIYNSGFIPTFFYIISKAELNSDSLDSLISLFSSDNAILRG
SDENVSYSAYLFIILYYLIKRGIIEQKFLIQALRCEKTRLDLIDKLYNLAPIISAKIRTYLLAIKRLSEALIEAR
;
A,B,C
2 'polypeptide(L)'
;MPYYAFAEPFFIHAITHLHVGSGSSVEEEIALPFQRDELGYPTIYASSLKGAIKSFLLKEFPDKRDVIYKVLGEDENPEE
ASLGTFLDAILFAIPSRIIEIDSAKPYVWVYVTTYELLKKVKLYLDSISQLSNASFSNLKNKIDTILAKEGKNITLDSDL
KSAILNEDFYVELEALNNKIPSIINAGVPLLVLEDSIGREVINRSLIRVRRIRIDRDKKVVETGGLWSEEYVPMKTIFFS
VLLGKESKESAIFASCILRNLRYVILGGKETIGKGIVELRWVKDVI
;
D,E,F,G
3 'polypeptide(L)'
;MKRVLIKPLEPLMFRSQGEFEPLITGSHTAAQSLIIPRPSTIAGMLGYILFNKSSGTGDWLSDLTNLLATIYGTFIETNG
EYLFPLRMGNHLALVDQQHLINLPTLLEKEYERREKGIYELFYDKNKLFQIINHQDRIGISIDKSTRTVKEHYLYSARYL
AFKKEVNYVIFIDNDAISDKINGKIVNFGGENRIAKLEVDDYKVDTSIEEEYYLALSPILIPDEALDNFLDNISDYVAMG
KVDKISLGFDIANTKRKEMLTAILEGSIVKRSIIDFIKNEIKNDLRYRFSKYEKIGYNTLMSLCKLALRKILS
;
H
4 'polypeptide(L)'
;MAIDFLVNILELIKEKQCNINLFSAISLTSIVYNNFGEFLSNNQSYSTNNPLLKYHIIILNDKNKTKDVEEKRNIFKREV
AELISRNFKLDGEKVRNYFDSLKEVLKSLKYTIVDVEITTRTRALIGVSTSLGKLIFGSGISFDPYMNLPYIPASEIKGI
VRSYIEGKLGEQEAEEIFGNEEREGNVNFTDAYPTRSKDFLFVPDVITPHYNGKKSEADAEPRPVIHLTIAPKVTFRFLI
YYKREDVGKPICDSMPIILIRGLGARSSVGYSLFELRKIEVIKAAAHHHHHHHHHH
;
I
5 'polypeptide(L)'
;MEELLMSLKLKALYPLTGGYNRHSINPFYEELVRPTEIKGLWRWWNRVLFNTLAYSTKGKLYTYESIDRLFEDVFGSENK
KSAVRLEVITDEGNDNRFELSYVELDKVIDCLRNYKRKVSLDFIDNTLIAEIEGSTKIPISFKSNLDIDKIIKDLVHNNK
LLSFELLGFKSVEIDATKISDKKILKEILRDLITNYLEYFNIKQEVTFTLNIYLDKSREHKQNFEDKLKFALYSLLVFIL
LGGIGRKTSRGFGSLSIIDVKCYDNSICKKIEDLAKNFLKISSGNELKSKIESILDCIKNSCIDTLYIENNILSEIDPKK
NVVYFINSDLFEVKRINDKEKVLANIYKAVSSEGCCIKSIITDKYVRKSFLIAFGGYRKVEKDKGLDIGFIKNYLCETCE
TVSSFNIVDFLLSEGSFMSDYILQYEHRNSLLRFKLISDNSNNSYLIGYILHSSYFKKIDIKYVRCILEKLTYCVI
;
J
6 'polypeptide(L)'
;MSIDNVLREFLDYKIIALLHDPPNKAWVITGRARNLTQQLSNIRASRKHEKVAKYIINQLFGKNYSEKVDNADKLASSID
RYLGSIVYKERSLFENRSIFLKNILLSNIQRDIGNLFPKDKSKLDNLILEYKKLLNVINKTNLILKYQLFYLIYELVWID
SKYENTPSDTRNPTHTIFDHLYATAAMMNWILSLEKEAKGYLLGIDTIGVADFISKGRKTRDLWISSYLVSALLWYVITW
FIEEYGPDVILFPSLRFNQFYAFYLLEKLRKEGVSEDVIDEIKELITKYIFNGDDLFENLKIPPYPIIPGRITLILPGLI
REGEEYKKVQDDNCFISKVKERYNEGWRKLIEGLRCYSERKREDGFWNLVCRVLKLTEDLLQTTPLNIRVKQVSVTEDEI
FNNNKLRSDSWKIYDNKYRQLVSEFKKSKLVKVTPESRLKLFELTKFDKLPQIGEKSKRGYEFCTSCGVLPAVVIMPKED
ELEKKLIDLGIARDEKDVRSIKNMISPGERLCPWCLVKRALGAEPRLMRILLLGDLYSVEKIVNEIVSRDVKIEIPSTSD
IASIKTFEEMIEKKNEICEDLKEEEVCEKPSESVLSMWQWFNKNYYNGINLTIDPEEYWFSEKRRRYYFSVFRRHRITFP
SPYYALVRADSDYLGDLLEGKLTPYLAGIIDSGDYANISEKKEEVNKLLEEYLVNAGSGSIVDYVKTVLKCIRENLNKCS
CAEKIYSNEVAKVMFRVNVEKANVEEEVKNSLEYFETILNEGRIIVTPAWHVSISSALNRGLLVELELVNKHKGFVIYAG
GDDLLAMLPVDEVLDFIKESRRAFAGFGTEKLGNMCLENGFVRINNAYYPSLPIVGRSYSVIIAHYADPLFFVINDSYNL
LEEGKEIIRYRVMYNGEYKDAKKDVAIFRYQGLTSVIPLSLKRPIVSSVSDFNEIASIIDVILELKKRIDEGRISVSLLY
DYEKYKHLIVASDEKYLTEFLVKDWIKRNSLRKHVEFTIDEKLYGVRLTIENYPIKIPNDLISNIVYTLRIIYGGEK
;
K
7 'polyribonucleotide' UGUUAAGUCUGGUUUCCCUCCAGGGUAUCUAAGCUUUGAACUUUCAAUAA U
8 'polyribonucleotide' AUUGAAAGUUCAAAGCUUAGAUACCCUGGAGGGAAACCAGACUUAACACCA V
9 'polypeptide(L)'
;MSTQREYVFIPITNSITIDVKITIGGSDHITNIDERGIHNVLVITGYAVDEKNGRLVPTLDPCDYVKGILVAGTPQQAQS
NDFLTLKLPANKLYLIRKKGNISDDLKIYIPYSSPDARNSMKTKPVSISDDTIVNNIIKEVFDKIYNITQKEKVKIEKVK
EDIKELFSYYALEQ
;
X,x,T,W,t,w,L,M,O,P,l,m,o,p,N,n,Q,R,S,q,r,s
#
# COMPACT_ATOMS: atom_id res chain seq x y z
N LEU A 2 5.52 -4.30 16.52
CA LEU A 2 5.83 -4.16 17.94
C LEU A 2 4.97 -3.09 18.58
N TYR A 3 5.06 -1.89 18.05
CA TYR A 3 4.62 -0.71 18.76
C TYR A 3 3.56 0.05 17.99
N GLU A 4 3.79 0.25 16.70
CA GLU A 4 2.93 1.06 15.84
C GLU A 4 2.49 2.33 16.58
N GLU A 5 3.46 3.00 17.18
CA GLU A 5 3.16 4.21 17.93
C GLU A 5 2.65 5.32 17.02
N ASP A 6 3.00 5.28 15.74
CA ASP A 6 2.48 6.26 14.80
C ASP A 6 0.98 6.14 14.65
N TYR A 7 0.44 4.93 14.71
CA TYR A 7 -1.00 4.79 14.65
C TYR A 7 -1.66 5.31 15.92
N LYS A 8 -1.01 5.13 17.07
CA LYS A 8 -1.55 5.71 18.30
C LYS A 8 -1.55 7.22 18.24
N LEU A 9 -0.47 7.80 17.71
CA LEU A 9 -0.38 9.25 17.61
C LEU A 9 -1.41 9.80 16.62
N ALA A 10 -1.55 9.15 15.47
CA ALA A 10 -2.58 9.54 14.52
C ALA A 10 -3.95 9.45 15.15
N LEU A 11 -4.17 8.44 15.98
CA LEU A 11 -5.48 8.31 16.63
C LEU A 11 -5.73 9.45 17.59
N GLU A 12 -4.75 9.75 18.45
CA GLU A 12 -4.97 10.81 19.42
C GLU A 12 -4.89 12.20 18.81
N ALA A 13 -4.48 12.34 17.55
CA ALA A 13 -4.55 13.61 16.84
C ALA A 13 -5.86 13.78 16.08
N PHE A 14 -6.30 12.72 15.41
CA PHE A 14 -7.62 12.74 14.80
C PHE A 14 -8.70 12.91 15.85
N LYS A 15 -8.45 12.43 17.08
CA LYS A 15 -9.35 12.72 18.18
C LYS A 15 -9.55 14.22 18.31
N LYS A 16 -8.46 14.97 18.29
CA LYS A 16 -8.54 16.42 18.43
C LYS A 16 -9.24 17.04 17.23
N VAL A 17 -8.68 16.86 16.04
CA VAL A 17 -9.22 17.56 14.88
C VAL A 17 -10.61 17.10 14.51
N PHE A 18 -11.08 15.98 15.05
CA PHE A 18 -12.47 15.62 14.86
C PHE A 18 -13.40 16.38 15.78
N ASN A 19 -12.84 17.05 16.79
CA ASN A 19 -13.61 17.77 17.78
C ASN A 19 -13.30 19.27 17.75
N ALA A 20 -12.70 19.74 16.67
CA ALA A 20 -12.55 21.16 16.41
C ALA A 20 -13.32 21.61 15.19
N LEU A 21 -13.38 20.78 14.16
CA LEU A 21 -14.16 21.09 12.96
C LEU A 21 -15.63 20.81 13.29
N THR A 22 -16.27 21.82 13.89
CA THR A 22 -17.66 21.67 14.30
C THR A 22 -18.58 21.43 13.11
N HIS A 23 -18.58 22.36 12.17
CA HIS A 23 -19.41 22.22 10.98
C HIS A 23 -19.01 20.96 10.22
N TYR A 24 -20.00 20.22 9.74
CA TYR A 24 -19.72 18.93 9.14
C TYR A 24 -18.92 19.08 7.85
N GLY A 25 -19.25 20.08 7.05
CA GLY A 25 -18.51 20.31 5.82
C GLY A 25 -17.03 20.46 6.05
N ALA A 26 -16.64 21.03 7.20
CA ALA A 26 -15.22 21.11 7.51
C ALA A 26 -14.62 19.73 7.72
N LYS A 27 -15.40 18.81 8.29
CA LYS A 27 -14.91 17.44 8.42
C LYS A 27 -14.76 16.79 7.05
N GLN A 28 -15.75 16.93 6.19
CA GLN A 28 -15.67 16.35 4.87
C GLN A 28 -14.49 16.92 4.09
N ALA A 29 -14.23 18.21 4.24
CA ALA A 29 -13.14 18.84 3.52
C ALA A 29 -11.78 18.46 4.10
N PHE A 30 -11.69 18.28 5.42
CA PHE A 30 -10.46 17.73 5.97
C PHE A 30 -10.21 16.33 5.46
N ARG A 31 -11.27 15.54 5.30
CA ARG A 31 -11.10 14.22 4.71
C ARG A 31 -10.55 14.32 3.30
N SER A 32 -11.06 15.27 2.54
CA SER A 32 -10.52 15.51 1.20
C SER A 32 -9.04 15.85 1.26
N ARG A 33 -8.64 16.69 2.22
CA ARG A 33 -7.23 17.03 2.34
C ARG A 33 -6.40 15.82 2.70
N ALA A 34 -6.92 14.97 3.57
CA ALA A 34 -6.16 13.81 4.02
C ALA A 34 -5.96 12.82 2.90
N ARG A 35 -7.00 12.55 2.11
CA ARG A 35 -6.87 11.56 1.04
C ARG A 35 -5.93 11.99 -0.07
N ASP A 36 -5.40 13.20 -0.02
CA ASP A 36 -4.63 13.75 -1.13
C ASP A 36 -3.24 14.20 -0.72
N LEU A 37 -3.10 14.81 0.45
CA LEU A 37 -1.80 15.38 0.80
C LEU A 37 -0.76 14.33 1.13
N VAL A 38 -1.16 13.11 1.48
CA VAL A 38 -0.16 12.09 1.71
C VAL A 38 0.46 11.62 0.38
N GLU A 39 -0.37 11.50 -0.66
CA GLU A 39 0.19 11.22 -1.98
C GLU A 39 1.08 12.37 -2.43
N GLU A 40 0.62 13.60 -2.22
CA GLU A 40 1.42 14.73 -2.67
C GLU A 40 2.74 14.78 -1.94
N ILE A 41 2.75 14.46 -0.64
CA ILE A 41 4.02 14.52 0.07
C ILE A 41 4.91 13.36 -0.29
N TYR A 42 4.33 12.24 -0.72
CA TYR A 42 5.18 11.16 -1.20
C TYR A 42 5.87 11.55 -2.49
N ASN A 43 5.09 12.04 -3.46
CA ASN A 43 5.68 12.38 -4.75
C ASN A 43 6.60 13.59 -4.64
N SER A 44 6.03 14.75 -4.31
CA SER A 44 6.71 16.03 -4.46
C SER A 44 7.45 16.44 -3.19
N GLY A 45 7.84 15.50 -2.36
CA GLY A 45 8.58 15.84 -1.16
C GLY A 45 7.73 16.57 -0.14
N PHE A 46 8.38 16.95 0.95
CA PHE A 46 7.70 17.54 2.09
C PHE A 46 7.68 19.06 2.04
N ILE A 47 8.82 19.68 1.76
CA ILE A 47 8.87 21.15 1.73
C ILE A 47 7.89 21.74 0.72
N PRO A 48 7.83 21.27 -0.54
CA PRO A 48 6.81 21.82 -1.43
C PRO A 48 5.40 21.62 -0.92
N THR A 49 5.09 20.42 -0.41
CA THR A 49 3.76 20.19 0.12
C THR A 49 3.50 21.02 1.36
N PHE A 50 4.52 21.24 2.18
CA PHE A 50 4.31 22.08 3.35
C PHE A 50 4.03 23.51 2.95
N PHE A 51 4.74 24.02 1.94
CA PHE A 51 4.44 25.36 1.45
C PHE A 51 3.04 25.44 0.89
N TYR A 52 2.63 24.44 0.14
CA TYR A 52 1.29 24.45 -0.41
C TYR A 52 0.24 24.35 0.69
N ILE A 53 0.58 23.73 1.82
CA ILE A 53 -0.38 23.63 2.91
C ILE A 53 -0.48 24.94 3.66
N ILE A 54 0.65 25.55 4.01
CA ILE A 54 0.57 26.81 4.74
C ILE A 54 -0.05 27.89 3.87
N SER A 55 0.14 27.81 2.55
CA SER A 55 -0.45 28.81 1.69
C SER A 55 -1.97 28.71 1.70
N LYS A 56 -2.50 27.51 1.51
CA LYS A 56 -3.95 27.34 1.50
C LYS A 56 -4.56 27.41 2.89
N ALA A 57 -3.75 27.53 3.93
CA ALA A 57 -4.28 27.54 5.29
C ALA A 57 -4.69 28.92 5.75
N GLU A 58 -4.00 29.96 5.29
CA GLU A 58 -4.29 31.34 5.70
C GLU A 58 -4.17 31.48 7.22
N LEU A 59 -2.91 31.43 7.66
CA LEU A 59 -2.55 31.29 9.07
C LEU A 59 -2.61 32.60 9.83
N ASN A 60 -3.52 33.50 9.44
CA ASN A 60 -3.80 34.71 10.20
C ASN A 60 -3.87 34.47 11.70
N SER A 61 -3.44 35.48 12.48
CA SER A 61 -3.33 35.35 13.93
C SER A 61 -4.60 34.87 14.61
N ASP A 62 -5.75 35.05 13.97
CA ASP A 62 -6.98 34.50 14.53
C ASP A 62 -6.92 32.99 14.59
N SER A 63 -6.54 32.36 13.48
CA SER A 63 -6.44 30.91 13.44
C SER A 63 -5.32 30.42 14.34
N LEU A 64 -4.15 31.06 14.26
CA LEU A 64 -2.99 30.61 15.02
C LEU A 64 -3.32 30.45 16.50
N ASP A 65 -4.14 31.33 17.04
CA ASP A 65 -4.57 31.16 18.42
C ASP A 65 -5.39 29.88 18.57
N SER A 66 -6.26 29.59 17.61
CA SER A 66 -7.04 28.37 17.68
C SER A 66 -6.16 27.15 17.67
N LEU A 67 -5.08 27.18 16.89
CA LEU A 67 -4.16 26.03 16.87
C LEU A 67 -3.41 25.91 18.19
N ILE A 68 -2.87 27.02 18.68
CA ILE A 68 -2.11 26.96 19.92
C ILE A 68 -3.01 26.53 21.06
N SER A 69 -4.31 26.77 20.95
CA SER A 69 -5.24 26.28 21.93
C SER A 69 -5.55 24.79 21.74
N LEU A 70 -5.73 24.35 20.49
CA LEU A 70 -5.91 22.92 20.24
C LEU A 70 -4.75 22.11 20.78
N PHE A 71 -3.56 22.68 20.79
CA PHE A 71 -2.42 21.95 21.34
C PHE A 71 -2.70 21.49 22.76
N SER A 72 -3.13 22.42 23.61
CA SER A 72 -3.41 22.10 25.01
C SER A 72 -4.89 21.79 25.23
N SER A 73 -5.76 22.74 24.91
CA SER A 73 -7.17 22.63 25.23
C SER A 73 -7.82 21.50 24.45
N ASP A 74 -9.03 21.16 24.88
CA ASP A 74 -9.91 20.26 24.15
C ASP A 74 -11.21 20.91 23.72
N ASN A 75 -11.53 22.08 24.28
CA ASN A 75 -12.68 22.86 23.86
C ASN A 75 -12.31 23.90 22.82
N ALA A 76 -11.16 23.76 22.18
CA ALA A 76 -10.81 24.61 21.06
C ALA A 76 -11.66 24.25 19.86
N ILE A 77 -11.86 25.23 18.98
CA ILE A 77 -12.58 25.02 17.72
C ILE A 77 -11.91 25.85 16.65
N LEU A 78 -11.51 25.22 15.57
CA LEU A 78 -10.97 25.96 14.43
C LEU A 78 -12.09 26.77 13.79
N ARG A 79 -11.82 28.05 13.56
CA ARG A 79 -12.77 28.96 12.96
C ARG A 79 -12.29 29.35 11.58
N GLY A 80 -13.22 29.55 10.66
CA GLY A 80 -12.91 29.98 9.31
C GLY A 80 -13.87 29.36 8.33
N SER A 81 -13.47 29.35 7.07
CA SER A 81 -14.26 28.74 6.02
C SER A 81 -14.08 27.23 6.08
N ASP A 82 -14.56 26.52 5.05
CA ASP A 82 -14.35 25.08 5.00
C ASP A 82 -12.90 24.77 4.69
N GLU A 83 -12.41 25.23 3.54
CA GLU A 83 -11.07 24.85 3.11
C GLU A 83 -10.01 25.43 4.01
N ASN A 84 -10.21 26.65 4.51
CA ASN A 84 -9.23 27.25 5.39
C ASN A 84 -9.02 26.41 6.64
N VAL A 85 -10.10 25.95 7.25
CA VAL A 85 -9.93 25.14 8.44
C VAL A 85 -9.48 23.74 8.08
N SER A 86 -9.77 23.26 6.87
CA SER A 86 -9.22 21.98 6.46
C SER A 86 -7.70 22.03 6.44
N TYR A 87 -7.15 23.03 5.78
CA TYR A 87 -5.70 23.13 5.72
C TYR A 87 -5.12 23.51 7.07
N SER A 88 -5.87 24.23 7.90
CA SER A 88 -5.38 24.55 9.24
C SER A 88 -5.32 23.30 10.10
N ALA A 89 -6.33 22.44 10.00
CA ALA A 89 -6.33 21.20 10.73
C ALA A 89 -5.21 20.29 10.24
N TYR A 90 -4.96 20.26 8.95
CA TYR A 90 -3.86 19.41 8.46
C TYR A 90 -2.51 19.97 8.87
N LEU A 91 -2.36 21.29 8.89
CA LEU A 91 -1.15 21.87 9.42
C LEU A 91 -0.99 21.50 10.90
N PHE A 92 -2.08 21.49 11.64
CA PHE A 92 -2.00 21.10 13.04
C PHE A 92 -1.63 19.63 13.16
N ILE A 93 -2.16 18.79 12.29
CA ILE A 93 -1.77 17.38 12.26
C ILE A 93 -0.27 17.25 12.14
N ILE A 94 0.29 17.91 11.13
CA ILE A 94 1.72 17.84 10.89
C ILE A 94 2.49 18.36 12.08
N LEU A 95 2.05 19.47 12.67
CA LEU A 95 2.80 20.06 13.77
C LEU A 95 2.69 19.22 15.03
N TYR A 96 1.55 18.60 15.25
CA TYR A 96 1.41 17.67 16.35
C TYR A 96 2.42 16.56 16.23
N TYR A 97 2.52 15.95 15.04
CA TYR A 97 3.51 14.91 14.87
C TYR A 97 4.92 15.44 15.09
N LEU A 98 5.19 16.64 14.59
CA LEU A 98 6.55 17.18 14.73
C LEU A 98 6.89 17.48 16.18
N ILE A 99 5.89 17.75 16.99
CA ILE A 99 6.15 18.05 18.40
C ILE A 99 6.29 16.77 19.20
N LYS A 100 5.30 15.86 19.08
CA LYS A 100 5.31 14.65 19.88
C LYS A 100 6.56 13.82 19.64
N ARG A 101 6.99 13.72 18.40
CA ARG A 101 8.22 13.00 18.09
C ARG A 101 9.46 13.83 18.32
N GLY A 102 9.35 14.93 19.05
CA GLY A 102 10.51 15.70 19.45
C GLY A 102 11.35 16.26 18.33
N ILE A 103 10.83 16.26 17.10
CA ILE A 103 11.59 16.85 16.00
C ILE A 103 11.74 18.35 16.22
N ILE A 104 10.70 19.00 16.72
CA ILE A 104 10.73 20.41 17.09
C ILE A 104 10.48 20.50 18.59
N GLU A 105 10.90 21.60 19.18
CA GLU A 105 10.59 21.89 20.57
C GLU A 105 9.25 22.62 20.64
N GLN A 106 8.32 22.10 21.42
CA GLN A 106 6.98 22.67 21.47
C GLN A 106 7.01 24.12 21.95
N LYS A 107 7.90 24.43 22.89
CA LYS A 107 8.08 25.82 23.29
C LYS A 107 8.40 26.68 22.08
N PHE A 108 9.38 26.25 21.28
CA PHE A 108 9.80 27.04 20.13
C PHE A 108 8.68 27.18 19.12
N LEU A 109 7.98 26.09 18.83
CA LEU A 109 6.91 26.15 17.84
C LEU A 109 5.80 27.10 18.30
N ILE A 110 5.35 26.95 19.54
CA ILE A 110 4.27 27.80 20.03
C ILE A 110 4.72 29.26 20.07
N GLN A 111 5.97 29.51 20.44
CA GLN A 111 6.47 30.87 20.43
C GLN A 111 6.57 31.42 19.01
N ALA A 112 6.76 30.54 18.03
CA ALA A 112 6.81 31.00 16.65
C ALA A 112 5.41 31.36 16.14
N LEU A 113 4.45 30.47 16.35
CA LEU A 113 3.09 30.76 15.90
C LEU A 113 2.51 31.99 16.57
N ARG A 114 3.00 32.35 17.75
CA ARG A 114 2.48 33.55 18.40
C ARG A 114 2.91 34.80 17.66
N CYS A 115 4.18 34.86 17.25
CA CYS A 115 4.72 36.04 16.59
C CYS A 115 4.54 35.97 15.09
N GLU A 116 4.44 37.14 14.47
CA GLU A 116 4.27 37.24 13.03
C GLU A 116 5.58 37.07 12.28
N LYS A 117 6.72 37.12 12.97
CA LYS A 117 8.01 36.96 12.31
C LYS A 117 8.61 35.58 12.50
N THR A 118 8.60 35.06 13.73
CA THR A 118 9.27 33.80 13.99
C THR A 118 8.65 32.63 13.23
N ARG A 119 7.50 32.83 12.59
CA ARG A 119 6.98 31.78 11.72
C ARG A 119 7.93 31.52 10.56
N LEU A 120 8.64 32.55 10.10
CA LEU A 120 9.66 32.35 9.08
C LEU A 120 10.78 31.45 9.59
N ASP A 121 11.20 31.67 10.84
CA ASP A 121 12.23 30.82 11.43
C ASP A 121 11.72 29.40 11.59
N LEU A 122 10.43 29.26 11.92
CA LEU A 122 9.84 27.93 11.96
C LEU A 122 9.99 27.23 10.63
N ILE A 123 9.59 27.91 9.56
CA ILE A 123 9.66 27.31 8.23
C ILE A 123 11.10 27.00 7.87
N ASP A 124 12.03 27.85 8.28
CA ASP A 124 13.44 27.61 7.99
C ASP A 124 13.93 26.35 8.69
N LYS A 125 13.70 26.26 10.00
CA LYS A 125 14.12 25.08 10.75
C LYS A 125 13.48 23.82 10.17
N LEU A 126 12.23 23.91 9.73
CA LEU A 126 11.62 22.79 9.03
C LEU A 126 12.41 22.44 7.78
N TYR A 127 12.81 23.46 7.02
CA TYR A 127 13.57 23.20 5.81
C TYR A 127 14.83 22.42 6.13
N ASN A 128 15.50 22.77 7.22
CA ASN A 128 16.73 22.07 7.56
C ASN A 128 16.48 20.62 7.97
N LEU A 129 15.24 20.26 8.32
CA LEU A 129 14.91 18.93 8.79
C LEU A 129 14.08 18.13 7.80
N ALA A 130 13.86 18.65 6.60
CA ALA A 130 12.93 18.04 5.66
C ALA A 130 13.18 16.56 5.38
N PRO A 131 14.43 16.06 5.24
CA PRO A 131 14.60 14.64 4.91
C PRO A 131 14.12 13.72 6.03
N ILE A 132 14.53 14.02 7.26
CA ILE A 132 14.11 13.22 8.41
C ILE A 132 12.60 13.27 8.55
N ILE A 133 12.02 14.46 8.44
CA ILE A 133 10.58 14.59 8.58
C ILE A 133 9.87 13.78 7.52
N SER A 134 10.35 13.84 6.28
CA SER A 134 9.66 13.13 5.22
C SER A 134 9.83 11.63 5.35
N ALA A 135 10.91 11.18 5.98
CA ALA A 135 11.07 9.75 6.21
C ALA A 135 10.20 9.27 7.36
N LYS A 136 10.03 10.10 8.37
CA LYS A 136 9.31 9.67 9.56
C LYS A 136 7.79 9.73 9.37
N ILE A 137 7.29 10.84 8.85
CA ILE A 137 5.88 11.16 8.98
C ILE A 137 5.00 10.31 8.08
N ARG A 138 5.59 9.38 7.33
CA ARG A 138 4.83 8.64 6.33
C ARG A 138 3.72 7.81 6.95
N THR A 139 4.06 6.98 7.93
CA THR A 139 3.07 6.09 8.53
C THR A 139 2.02 6.88 9.28
N TYR A 140 2.44 7.93 9.97
CA TYR A 140 1.50 8.80 10.66
C TYR A 140 0.48 9.38 9.70
N LEU A 141 0.94 9.90 8.56
CA LEU A 141 0.02 10.51 7.61
C LEU A 141 -0.86 9.46 6.96
N LEU A 142 -0.34 8.27 6.73
CA LEU A 142 -1.18 7.22 6.16
C LEU A 142 -2.28 6.81 7.14
N ALA A 143 -1.93 6.71 8.41
CA ALA A 143 -2.93 6.40 9.42
C ALA A 143 -4.00 7.49 9.47
N ILE A 144 -3.57 8.75 9.43
CA ILE A 144 -4.53 9.85 9.42
C ILE A 144 -5.45 9.74 8.22
N LYS A 145 -4.88 9.41 7.06
CA LYS A 145 -5.70 9.26 5.87
C LYS A 145 -6.75 8.18 6.06
N ARG A 146 -6.35 7.05 6.63
CA ARG A 146 -7.28 5.94 6.83
C ARG A 146 -8.40 6.34 7.80
N LEU A 147 -8.03 6.95 8.92
CA LEU A 147 -9.02 7.40 9.87
C LEU A 147 -10.00 8.36 9.21
N SER A 148 -9.49 9.29 8.42
CA SER A 148 -10.35 10.27 7.77
C SER A 148 -11.34 9.58 6.85
N GLU A 149 -10.86 8.72 5.97
CA GLU A 149 -11.83 8.11 5.06
C GLU A 149 -12.72 7.09 5.76
N ALA A 150 -12.43 6.72 7.00
CA ALA A 150 -13.30 5.80 7.73
C ALA A 150 -14.39 6.53 8.50
N LEU A 151 -14.01 7.47 9.35
CA LEU A 151 -14.91 8.08 10.31
C LEU A 151 -15.63 9.31 9.78
N ILE A 152 -15.66 9.52 8.46
CA ILE A 152 -16.26 10.70 7.89
C ILE A 152 -16.96 10.30 6.59
N GLU A 153 -18.25 10.59 6.49
CA GLU A 153 -18.97 10.38 5.25
C GLU A 153 -18.43 11.30 4.16
N ALA A 154 -18.56 10.86 2.92
CA ALA A 154 -18.09 11.64 1.78
C ALA A 154 -19.07 12.78 1.53
N ARG A 155 -18.85 13.53 0.45
CA ARG A 155 -19.79 14.58 0.07
C ARG A 155 -20.76 14.08 -0.99
N LEU B 2 -5.02 -22.83 23.61
CA LEU B 2 -5.68 -23.71 22.66
C LEU B 2 -6.88 -23.03 22.02
N TYR B 3 -7.10 -23.32 20.74
CA TYR B 3 -8.13 -22.67 19.94
C TYR B 3 -8.88 -23.69 19.11
N GLU B 4 -9.35 -24.77 19.75
CA GLU B 4 -10.07 -25.80 19.03
C GLU B 4 -11.58 -25.62 19.05
N GLU B 5 -12.09 -24.66 19.83
CA GLU B 5 -13.49 -24.29 19.69
C GLU B 5 -13.70 -23.30 18.57
N ASP B 6 -12.63 -22.62 18.15
CA ASP B 6 -12.74 -21.61 17.11
C ASP B 6 -13.18 -22.20 15.77
N TYR B 7 -13.00 -23.50 15.56
CA TYR B 7 -13.54 -24.08 14.34
C TYR B 7 -15.05 -24.12 14.35
N LYS B 8 -15.67 -23.96 15.53
CA LYS B 8 -17.12 -23.82 15.60
C LYS B 8 -17.53 -22.36 15.61
N LEU B 9 -16.79 -21.53 16.32
CA LEU B 9 -17.04 -20.10 16.32
C LEU B 9 -16.99 -19.55 14.90
N ALA B 10 -15.96 -19.94 14.14
CA ALA B 10 -15.86 -19.51 12.76
C ALA B 10 -17.03 -20.01 11.94
N LEU B 11 -17.49 -21.23 12.22
CA LEU B 11 -18.64 -21.75 11.49
C LEU B 11 -19.87 -20.88 11.75
N GLU B 12 -20.07 -20.49 12.99
CA GLU B 12 -21.21 -19.64 13.32
C GLU B 12 -21.11 -18.30 12.64
N ALA B 13 -19.94 -17.67 12.73
CA ALA B 13 -19.77 -16.34 12.14
C ALA B 13 -19.96 -16.40 10.63
N PHE B 14 -19.46 -17.46 10.00
CA PHE B 14 -19.63 -17.57 8.56
C PHE B 14 -21.09 -17.82 8.19
N LYS B 15 -21.79 -18.63 8.99
CA LYS B 15 -23.21 -18.83 8.72
C LYS B 15 -23.97 -17.51 8.79
N LYS B 16 -23.66 -16.69 9.79
CA LYS B 16 -24.27 -15.37 9.90
C LYS B 16 -23.99 -14.54 8.67
N VAL B 17 -22.70 -14.27 8.39
CA VAL B 17 -22.37 -13.39 7.27
C VAL B 17 -22.72 -13.99 5.92
N PHE B 18 -23.02 -15.28 5.87
CA PHE B 18 -23.50 -15.87 4.63
C PHE B 18 -24.97 -15.58 4.43
N ASN B 19 -25.78 -15.84 5.46
CA ASN B 19 -27.20 -15.50 5.34
C ASN B 19 -27.45 -14.00 5.39
N ALA B 20 -26.42 -13.20 5.64
CA ALA B 20 -26.56 -11.75 5.75
C ALA B 20 -26.42 -11.06 4.40
N LEU B 21 -25.43 -11.43 3.61
CA LEU B 21 -25.27 -10.85 2.28
C LEU B 21 -26.33 -11.42 1.35
N THR B 22 -27.05 -10.55 0.66
CA THR B 22 -28.10 -11.00 -0.25
C THR B 22 -27.58 -11.16 -1.67
N HIS B 23 -27.09 -10.07 -2.25
CA HIS B 23 -26.55 -10.13 -3.60
C HIS B 23 -25.35 -11.06 -3.64
N TYR B 24 -25.40 -12.06 -4.53
CA TYR B 24 -24.31 -13.03 -4.60
C TYR B 24 -22.98 -12.38 -4.90
N GLY B 25 -22.99 -11.28 -5.65
CA GLY B 25 -21.76 -10.56 -5.88
C GLY B 25 -21.11 -10.10 -4.60
N ALA B 26 -21.91 -9.72 -3.62
CA ALA B 26 -21.34 -9.36 -2.33
C ALA B 26 -20.74 -10.57 -1.66
N LYS B 27 -21.29 -11.76 -1.88
CA LYS B 27 -20.70 -12.97 -1.32
C LYS B 27 -19.35 -13.26 -1.95
N GLN B 28 -19.25 -13.15 -3.27
CA GLN B 28 -17.97 -13.37 -3.92
C GLN B 28 -16.95 -12.33 -3.51
N ALA B 29 -17.39 -11.08 -3.34
CA ALA B 29 -16.49 -10.06 -2.84
C ALA B 29 -16.03 -10.38 -1.43
N PHE B 30 -16.92 -10.92 -0.60
CA PHE B 30 -16.53 -11.31 0.74
C PHE B 30 -15.50 -12.42 0.70
N ARG B 31 -15.66 -13.37 -0.22
CA ARG B 31 -14.67 -14.41 -0.39
C ARG B 31 -13.32 -13.80 -0.72
N SER B 32 -13.31 -12.85 -1.65
CA SER B 32 -12.08 -12.15 -1.99
C SER B 32 -11.44 -11.53 -0.76
N ARG B 33 -12.24 -10.84 0.05
CA ARG B 33 -11.68 -10.22 1.25
C ARG B 33 -11.14 -11.27 2.21
N ALA B 34 -11.86 -12.38 2.37
CA ALA B 34 -11.44 -13.41 3.30
C ALA B 34 -10.09 -13.98 2.88
N ARG B 35 -9.86 -14.12 1.58
CA ARG B 35 -8.55 -14.57 1.15
C ARG B 35 -7.50 -13.48 1.35
N ASP B 36 -7.84 -12.24 1.03
CA ASP B 36 -6.83 -11.18 0.96
C ASP B 36 -6.34 -10.76 2.33
N LEU B 37 -7.23 -10.59 3.30
CA LEU B 37 -6.88 -9.83 4.50
C LEU B 37 -6.06 -10.62 5.49
N VAL B 38 -6.19 -11.95 5.50
CA VAL B 38 -5.53 -12.75 6.51
C VAL B 38 -4.01 -12.70 6.35
N GLU B 39 -3.52 -12.63 5.11
CA GLU B 39 -2.09 -12.44 4.92
C GLU B 39 -1.64 -11.11 5.47
N GLU B 40 -2.38 -10.05 5.15
CA GLU B 40 -1.96 -8.73 5.57
C GLU B 40 -1.93 -8.61 7.08
N ILE B 41 -2.86 -9.29 7.76
CA ILE B 41 -2.93 -9.16 9.22
C ILE B 41 -1.63 -9.64 9.85
N TYR B 42 -1.01 -10.66 9.27
CA TYR B 42 0.19 -11.24 9.84
C TYR B 42 1.45 -10.81 9.14
N ASN B 43 1.35 -10.10 8.03
CA ASN B 43 2.51 -9.49 7.41
C ASN B 43 2.71 -8.07 7.88
N SER B 44 1.66 -7.26 7.81
CA SER B 44 1.75 -5.83 8.08
C SER B 44 1.33 -5.45 9.48
N GLY B 45 0.89 -6.39 10.29
CA GLY B 45 0.42 -6.07 11.63
C GLY B 45 -1.09 -6.03 11.68
N PHE B 46 -1.61 -6.08 12.90
CA PHE B 46 -3.06 -6.06 13.04
C PHE B 46 -3.62 -4.65 12.95
N ILE B 47 -2.96 -3.69 13.59
CA ILE B 47 -3.45 -2.32 13.56
C ILE B 47 -3.49 -1.76 12.15
N PRO B 48 -2.44 -1.86 11.33
CA PRO B 48 -2.53 -1.34 9.97
C PRO B 48 -3.64 -1.97 9.17
N THR B 49 -3.77 -3.30 9.23
CA THR B 49 -4.81 -3.96 8.48
C THR B 49 -6.18 -3.55 8.98
N PHE B 50 -6.32 -3.31 10.28
CA PHE B 50 -7.63 -2.94 10.78
C PHE B 50 -8.00 -1.53 10.36
N PHE B 51 -7.04 -0.61 10.41
CA PHE B 51 -7.28 0.72 9.86
C PHE B 51 -7.71 0.63 8.41
N TYR B 52 -7.02 -0.21 7.62
CA TYR B 52 -7.42 -0.40 6.24
C TYR B 52 -8.85 -0.92 6.15
N ILE B 53 -9.21 -1.87 7.01
CA ILE B 53 -10.53 -2.48 6.93
C ILE B 53 -11.61 -1.45 7.22
N ILE B 54 -11.46 -0.71 8.31
CA ILE B 54 -12.48 0.27 8.65
C ILE B 54 -12.53 1.37 7.60
N SER B 55 -11.38 1.77 7.06
CA SER B 55 -11.37 2.78 6.02
C SER B 55 -12.13 2.33 4.80
N LYS B 56 -12.05 1.06 4.47
CA LYS B 56 -12.83 0.52 3.36
C LYS B 56 -14.22 0.09 3.77
N ALA B 57 -14.57 0.20 5.05
CA ALA B 57 -15.86 -0.29 5.50
C ALA B 57 -16.95 0.78 5.51
N GLU B 58 -16.57 2.05 5.67
CA GLU B 58 -17.52 3.17 5.64
C GLU B 58 -18.57 3.03 6.74
N LEU B 59 -18.09 3.23 7.97
CA LEU B 59 -18.92 3.09 9.18
C LEU B 59 -19.94 4.21 9.25
N ASN B 60 -21.05 4.01 8.56
CA ASN B 60 -22.22 4.88 8.66
C ASN B 60 -23.28 4.21 9.53
N SER B 61 -24.06 5.04 10.23
CA SER B 61 -24.93 4.56 11.29
C SER B 61 -25.92 3.51 10.82
N ASP B 62 -26.32 3.54 9.55
CA ASP B 62 -27.30 2.57 9.07
C ASP B 62 -26.67 1.19 8.90
N SER B 63 -25.53 1.11 8.22
CA SER B 63 -24.82 -0.15 8.13
C SER B 63 -24.34 -0.61 9.51
N LEU B 64 -23.97 0.34 10.36
CA LEU B 64 -23.62 0.01 11.73
C LEU B 64 -24.79 -0.64 12.46
N ASP B 65 -25.99 -0.11 12.26
CA ASP B 65 -27.17 -0.72 12.87
C ASP B 65 -27.40 -2.11 12.32
N SER B 66 -27.20 -2.29 11.00
CA SER B 66 -27.32 -3.61 10.42
C SER B 66 -26.36 -4.58 11.10
N LEU B 67 -25.12 -4.16 11.33
CA LEU B 67 -24.16 -5.01 12.02
C LEU B 67 -24.59 -5.30 13.45
N ILE B 68 -25.08 -4.28 14.15
CA ILE B 68 -25.51 -4.47 15.53
C ILE B 68 -26.59 -5.53 15.61
N SER B 69 -27.56 -5.46 14.71
CA SER B 69 -28.60 -6.48 14.67
C SER B 69 -28.02 -7.83 14.27
N LEU B 70 -27.07 -7.84 13.34
CA LEU B 70 -26.46 -9.09 12.91
C LEU B 70 -25.80 -9.81 14.08
N PHE B 71 -25.22 -9.05 15.00
CA PHE B 71 -24.66 -9.65 16.21
C PHE B 71 -25.72 -10.46 16.96
N SER B 72 -26.95 -9.96 17.00
CA SER B 72 -28.03 -10.55 17.78
C SER B 72 -29.09 -11.21 16.91
N SER B 73 -29.55 -10.53 15.86
CA SER B 73 -30.55 -11.13 14.99
C SER B 73 -29.92 -12.22 14.14
N ASP B 74 -30.70 -12.73 13.19
CA ASP B 74 -30.24 -13.71 12.23
C ASP B 74 -30.65 -13.39 10.81
N ASN B 75 -31.70 -12.61 10.60
CA ASN B 75 -32.11 -12.20 9.27
C ASN B 75 -31.47 -10.91 8.83
N ALA B 76 -30.61 -10.31 9.66
CA ALA B 76 -30.04 -9.01 9.38
C ALA B 76 -29.47 -8.93 7.98
N ILE B 77 -29.67 -7.79 7.34
CA ILE B 77 -29.27 -7.55 5.96
C ILE B 77 -28.44 -6.28 5.96
N LEU B 78 -27.13 -6.43 6.01
CA LEU B 78 -26.25 -5.29 5.75
C LEU B 78 -26.13 -5.12 4.25
N ARG B 79 -26.55 -3.97 3.74
CA ARG B 79 -26.67 -3.74 2.32
C ARG B 79 -25.78 -2.58 1.91
N GLY B 80 -25.83 -2.25 0.63
CA GLY B 80 -24.98 -1.22 0.08
C GLY B 80 -24.36 -1.65 -1.23
N SER B 81 -23.03 -1.69 -1.29
CA SER B 81 -22.32 -2.06 -2.50
C SER B 81 -21.34 -3.17 -2.18
N ASP B 82 -21.16 -4.08 -3.14
CA ASP B 82 -20.38 -5.29 -2.92
C ASP B 82 -18.99 -4.97 -2.36
N GLU B 83 -18.24 -4.14 -3.08
CA GLU B 83 -16.87 -3.82 -2.66
C GLU B 83 -16.84 -3.06 -1.35
N ASN B 84 -17.98 -2.69 -0.80
CA ASN B 84 -18.05 -1.93 0.43
C ASN B 84 -18.80 -2.63 1.54
N VAL B 85 -19.69 -3.56 1.21
CA VAL B 85 -20.36 -4.33 2.24
C VAL B 85 -19.53 -5.52 2.67
N SER B 86 -18.63 -6.00 1.81
CA SER B 86 -17.80 -7.14 2.15
C SER B 86 -16.77 -6.75 3.20
N TYR B 87 -16.21 -5.55 3.11
CA TYR B 87 -15.27 -5.11 4.13
C TYR B 87 -15.97 -4.99 5.48
N SER B 88 -17.21 -4.52 5.49
CA SER B 88 -17.96 -4.48 6.73
C SER B 88 -18.26 -5.88 7.24
N ALA B 89 -18.50 -6.82 6.33
CA ALA B 89 -18.72 -8.20 6.75
C ALA B 89 -17.47 -8.78 7.42
N TYR B 90 -16.30 -8.50 6.87
CA TYR B 90 -15.08 -9.03 7.48
C TYR B 90 -14.78 -8.34 8.80
N LEU B 91 -15.04 -7.05 8.88
CA LEU B 91 -14.94 -6.37 10.17
C LEU B 91 -15.89 -7.01 11.17
N PHE B 92 -17.09 -7.39 10.71
CA PHE B 92 -18.00 -8.10 11.60
C PHE B 92 -17.41 -9.43 12.04
N ILE B 93 -16.75 -10.14 11.13
CA ILE B 93 -16.09 -11.39 11.49
C ILE B 93 -15.15 -11.14 12.67
N ILE B 94 -14.28 -10.15 12.53
CA ILE B 94 -13.30 -9.87 13.57
C ILE B 94 -14.00 -9.48 14.87
N LEU B 95 -15.07 -8.70 14.77
CA LEU B 95 -15.74 -8.24 15.98
C LEU B 95 -16.51 -9.36 16.66
N TYR B 96 -17.14 -10.23 15.87
CA TYR B 96 -17.79 -11.41 16.41
C TYR B 96 -16.80 -12.25 17.20
N TYR B 97 -15.60 -12.42 16.66
CA TYR B 97 -14.58 -13.13 17.42
C TYR B 97 -14.28 -12.43 18.73
N LEU B 98 -14.01 -11.12 18.65
CA LEU B 98 -13.58 -10.40 19.84
C LEU B 98 -14.64 -10.42 20.92
N ILE B 99 -15.91 -10.38 20.52
CA ILE B 99 -17.00 -10.49 21.48
C ILE B 99 -17.03 -11.89 22.08
N LYS B 100 -17.16 -12.90 21.24
CA LYS B 100 -17.42 -14.25 21.74
C LYS B 100 -16.24 -14.84 22.49
N ARG B 101 -15.03 -14.30 22.35
CA ARG B 101 -13.92 -14.75 23.17
C ARG B 101 -13.61 -13.79 24.30
N GLY B 102 -14.49 -12.81 24.54
CA GLY B 102 -14.35 -11.93 25.68
C GLY B 102 -13.12 -11.07 25.66
N ILE B 103 -12.45 -10.98 24.51
CA ILE B 103 -11.27 -10.13 24.42
C ILE B 103 -11.66 -8.67 24.57
N ILE B 104 -12.81 -8.29 24.04
CA ILE B 104 -13.41 -6.99 24.28
C ILE B 104 -14.82 -7.21 24.80
N GLU B 105 -15.25 -6.34 25.70
CA GLU B 105 -16.56 -6.52 26.33
C GLU B 105 -17.67 -6.21 25.35
N GLN B 106 -18.70 -7.06 25.35
CA GLN B 106 -19.72 -6.98 24.30
C GLN B 106 -20.53 -5.71 24.39
N LYS B 107 -20.95 -5.34 25.59
CA LYS B 107 -21.77 -4.15 25.75
C LYS B 107 -20.99 -2.91 25.34
N PHE B 108 -19.72 -2.84 25.71
CA PHE B 108 -18.88 -1.72 25.27
C PHE B 108 -18.84 -1.63 23.76
N LEU B 109 -18.72 -2.77 23.08
CA LEU B 109 -18.68 -2.75 21.62
C LEU B 109 -20.02 -2.31 21.04
N ILE B 110 -21.11 -2.91 21.48
CA ILE B 110 -22.42 -2.58 20.92
C ILE B 110 -22.77 -1.14 21.21
N GLN B 111 -22.16 -0.55 22.23
CA GLN B 111 -22.39 0.84 22.58
C GLN B 111 -21.52 1.78 21.77
N ALA B 112 -20.23 1.48 21.62
CA ALA B 112 -19.32 2.29 20.83
C ALA B 112 -19.56 2.15 19.34
N LEU B 113 -20.31 1.14 18.91
CA LEU B 113 -20.77 1.08 17.54
C LEU B 113 -21.99 1.93 17.29
N ARG B 114 -22.39 2.71 18.29
CA ARG B 114 -23.53 3.61 18.19
C ARG B 114 -23.13 5.07 18.38
N CYS B 115 -22.45 5.39 19.47
CA CYS B 115 -22.05 6.76 19.75
C CYS B 115 -20.71 7.03 19.07
N GLU B 116 -20.71 7.92 18.09
CA GLU B 116 -19.54 8.24 17.29
C GLU B 116 -18.31 8.51 18.14
N LYS B 117 -18.49 9.20 19.28
CA LYS B 117 -17.34 9.53 20.12
C LYS B 117 -16.68 8.26 20.65
N THR B 118 -17.48 7.34 21.17
CA THR B 118 -16.93 6.09 21.69
C THR B 118 -16.42 5.18 20.60
N ARG B 119 -16.87 5.38 19.35
CA ARG B 119 -16.35 4.60 18.24
C ARG B 119 -14.85 4.79 18.10
N LEU B 120 -14.34 5.95 18.49
CA LEU B 120 -12.91 6.18 18.45
C LEU B 120 -12.21 5.52 19.62
N ASP B 121 -12.84 5.52 20.80
CA ASP B 121 -12.28 4.81 21.93
C ASP B 121 -12.24 3.31 21.70
N LEU B 122 -13.14 2.80 20.86
CA LEU B 122 -13.06 1.39 20.47
C LEU B 122 -11.75 1.12 19.75
N ILE B 123 -11.43 1.94 18.76
CA ILE B 123 -10.20 1.77 18.01
C ILE B 123 -9.00 1.91 18.94
N ASP B 124 -9.10 2.81 19.91
CA ASP B 124 -8.01 2.93 20.89
C ASP B 124 -7.83 1.64 21.68
N LYS B 125 -8.94 1.08 22.17
CA LYS B 125 -8.88 -0.19 22.88
C LYS B 125 -8.20 -1.23 22.02
N LEU B 126 -8.68 -1.38 20.78
CA LEU B 126 -8.07 -2.34 19.87
C LEU B 126 -6.58 -2.11 19.71
N TYR B 127 -6.15 -0.86 19.71
CA TYR B 127 -4.72 -0.60 19.71
C TYR B 127 -4.06 -1.14 20.97
N ASN B 128 -4.74 -1.10 22.09
CA ASN B 128 -4.18 -1.64 23.33
C ASN B 128 -4.28 -3.15 23.41
N LEU B 129 -4.87 -3.81 22.41
CA LEU B 129 -5.01 -5.25 22.38
C LEU B 129 -4.55 -5.84 21.05
N ALA B 130 -3.66 -5.14 20.37
CA ALA B 130 -3.19 -5.60 19.08
C ALA B 130 -2.31 -6.84 19.20
N PRO B 131 -1.38 -6.92 20.17
CA PRO B 131 -0.62 -8.16 20.30
C PRO B 131 -1.50 -9.35 20.69
N ILE B 132 -2.42 -9.17 21.63
CA ILE B 132 -3.30 -10.27 22.03
C ILE B 132 -4.15 -10.71 20.85
N ILE B 133 -4.73 -9.76 20.14
CA ILE B 133 -5.46 -10.16 18.95
C ILE B 133 -4.47 -10.19 17.81
N SER B 134 -3.54 -11.13 17.85
CA SER B 134 -2.86 -11.57 16.65
C SER B 134 -2.58 -13.04 16.86
N ALA B 135 -2.48 -13.41 18.12
CA ALA B 135 -2.18 -14.78 18.50
C ALA B 135 -3.45 -15.60 18.55
N LYS B 136 -4.49 -15.06 19.16
CA LYS B 136 -5.71 -15.82 19.34
C LYS B 136 -6.43 -16.05 18.02
N ILE B 137 -6.50 -15.02 17.18
CA ILE B 137 -7.46 -15.00 16.08
C ILE B 137 -6.97 -15.70 14.82
N ARG B 138 -5.70 -16.11 14.77
CA ARG B 138 -5.16 -16.68 13.53
C ARG B 138 -5.96 -17.90 13.10
N THR B 139 -6.11 -18.87 14.01
CA THR B 139 -6.85 -20.09 13.67
C THR B 139 -8.25 -19.76 13.19
N TYR B 140 -8.92 -18.83 13.86
CA TYR B 140 -10.28 -18.45 13.49
C TYR B 140 -10.33 -17.89 12.08
N LEU B 141 -9.40 -16.99 11.76
CA LEU B 141 -9.42 -16.37 10.44
C LEU B 141 -9.07 -17.38 9.35
N LEU B 142 -8.17 -18.32 9.64
CA LEU B 142 -7.86 -19.33 8.63
C LEU B 142 -9.04 -20.27 8.42
N ALA B 143 -9.80 -20.56 9.48
CA ALA B 143 -11.02 -21.33 9.30
C ALA B 143 -12.01 -20.58 8.42
N ILE B 144 -12.16 -19.28 8.66
CA ILE B 144 -13.03 -18.47 7.81
C ILE B 144 -12.54 -18.51 6.37
N LYS B 145 -11.22 -18.52 6.17
CA LYS B 145 -10.67 -18.60 4.82
C LYS B 145 -11.09 -19.90 4.14
N ARG B 146 -10.93 -21.02 4.84
CA ARG B 146 -11.37 -22.30 4.28
C ARG B 146 -12.85 -22.26 3.95
N LEU B 147 -13.67 -21.80 4.88
CA LEU B 147 -15.11 -21.79 4.67
C LEU B 147 -15.48 -20.91 3.50
N SER B 148 -14.80 -19.78 3.34
CA SER B 148 -15.08 -18.89 2.22
C SER B 148 -14.75 -19.56 0.90
N GLU B 149 -13.57 -20.16 0.80
CA GLU B 149 -13.20 -20.81 -0.44
C GLU B 149 -14.12 -21.99 -0.75
N ALA B 150 -14.71 -22.60 0.29
CA ALA B 150 -15.51 -23.79 0.08
C ALA B 150 -16.95 -23.46 -0.29
N LEU B 151 -17.63 -22.65 0.52
CA LEU B 151 -19.06 -22.46 0.42
C LEU B 151 -19.46 -21.35 -0.55
N ILE B 152 -18.57 -20.41 -0.84
CA ILE B 152 -18.85 -19.34 -1.78
C ILE B 152 -18.16 -19.68 -3.10
N GLU B 153 -18.95 -19.90 -4.15
CA GLU B 153 -18.38 -20.30 -5.42
C GLU B 153 -17.51 -19.19 -5.99
N ALA B 154 -16.35 -19.57 -6.51
CA ALA B 154 -15.39 -18.61 -7.04
C ALA B 154 -16.04 -17.76 -8.12
N ARG B 155 -15.60 -16.51 -8.20
CA ARG B 155 -16.17 -15.57 -9.16
C ARG B 155 -15.78 -15.96 -10.58
N LEU C 2 28.45 27.23 -1.21
CA LEU C 2 27.30 26.40 -0.87
C LEU C 2 26.10 26.74 -1.73
N TYR C 3 25.43 25.71 -2.25
CA TYR C 3 24.30 25.85 -3.14
C TYR C 3 23.01 25.64 -2.36
N GLU C 4 22.04 26.51 -2.59
CA GLU C 4 20.77 26.49 -1.88
C GLU C 4 19.64 26.23 -2.85
N GLU C 5 18.77 25.29 -2.50
CA GLU C 5 17.65 24.92 -3.36
C GLU C 5 16.72 26.11 -3.56
N ASP C 6 15.86 26.00 -4.58
CA ASP C 6 14.98 27.10 -4.91
C ASP C 6 14.07 27.47 -3.75
N TYR C 7 13.61 26.48 -2.99
CA TYR C 7 12.78 26.81 -1.83
C TYR C 7 13.60 27.49 -0.74
N LYS C 8 14.81 27.01 -0.50
CA LYS C 8 15.68 27.68 0.46
C LYS C 8 15.97 29.10 0.02
N LEU C 9 16.28 29.29 -1.25
CA LEU C 9 16.58 30.63 -1.74
C LEU C 9 15.36 31.53 -1.66
N ALA C 10 14.20 30.99 -2.01
CA ALA C 10 12.97 31.78 -1.93
C ALA C 10 12.70 32.21 -0.50
N LEU C 11 12.90 31.31 0.46
CA LEU C 11 12.73 31.68 1.85
C LEU C 11 13.73 32.76 2.25
N GLU C 12 14.98 32.60 1.85
CA GLU C 12 16.01 33.56 2.25
C GLU C 12 15.72 34.94 1.69
N ALA C 13 15.21 35.01 0.47
CA ALA C 13 14.89 36.30 -0.13
C ALA C 13 13.65 36.90 0.49
N PHE C 14 12.58 36.11 0.57
CA PHE C 14 11.33 36.57 1.14
C PHE C 14 11.53 37.08 2.56
N LYS C 15 12.45 36.49 3.31
CA LYS C 15 12.67 36.96 4.67
C LYS C 15 13.04 38.43 4.68
N LYS C 16 14.09 38.79 3.94
CA LYS C 16 14.55 40.17 3.98
C LYS C 16 13.61 41.11 3.23
N VAL C 17 12.88 40.61 2.24
CA VAL C 17 11.94 41.51 1.59
C VAL C 17 10.70 41.71 2.43
N PHE C 18 10.42 40.80 3.35
CA PHE C 18 9.35 40.98 4.32
C PHE C 18 9.77 41.95 5.41
N ASN C 19 11.03 41.85 5.85
CA ASN C 19 11.53 42.79 6.85
C ASN C 19 11.89 44.13 6.27
N ALA C 20 11.47 44.42 5.04
CA ALA C 20 11.75 45.70 4.42
C ALA C 20 10.51 46.45 3.96
N LEU C 21 9.35 45.82 4.00
CA LEU C 21 8.09 46.48 3.68
C LEU C 21 7.41 46.81 5.00
N THR C 22 7.73 47.98 5.54
CA THR C 22 7.19 48.39 6.82
C THR C 22 5.67 48.44 6.77
N HIS C 23 5.13 49.34 5.95
CA HIS C 23 3.69 49.49 5.85
C HIS C 23 3.05 48.17 5.45
N TYR C 24 1.78 48.00 5.82
CA TYR C 24 1.12 46.74 5.55
C TYR C 24 0.43 46.71 4.20
N GLY C 25 -0.10 47.84 3.75
CA GLY C 25 -0.61 47.90 2.39
C GLY C 25 0.45 47.50 1.38
N ALA C 26 1.69 47.89 1.63
CA ALA C 26 2.78 47.45 0.77
C ALA C 26 2.91 45.93 0.78
N LYS C 27 2.76 45.31 1.95
CA LYS C 27 2.85 43.87 2.04
C LYS C 27 1.75 43.19 1.24
N GLN C 28 0.52 43.68 1.39
CA GLN C 28 -0.59 43.08 0.67
C GLN C 28 -0.45 43.28 -0.83
N ALA C 29 0.08 44.42 -1.25
CA ALA C 29 0.32 44.64 -2.67
C ALA C 29 1.40 43.70 -3.19
N PHE C 30 2.46 43.49 -2.41
CA PHE C 30 3.49 42.55 -2.80
C PHE C 30 2.91 41.16 -2.97
N ARG C 31 2.00 40.76 -2.07
CA ARG C 31 1.33 39.47 -2.21
C ARG C 31 0.54 39.41 -3.50
N SER C 32 -0.22 40.47 -3.78
CA SER C 32 -0.99 40.52 -5.01
C SER C 32 -0.11 40.38 -6.24
N ARG C 33 1.10 40.94 -6.18
CA ARG C 33 2.05 40.75 -7.26
C ARG C 33 2.48 39.30 -7.37
N ALA C 34 3.05 38.78 -6.29
CA ALA C 34 3.57 37.42 -6.29
C ALA C 34 2.55 36.40 -6.77
N ARG C 35 1.26 36.71 -6.64
CA ARG C 35 0.27 35.72 -7.01
C ARG C 35 -0.09 35.72 -8.49
N ASP C 36 0.36 36.70 -9.29
CA ASP C 36 0.04 36.69 -10.71
C ASP C 36 1.21 36.96 -11.63
N LEU C 37 2.29 37.58 -11.14
CA LEU C 37 3.42 37.83 -12.01
C LEU C 37 4.05 36.54 -12.52
N VAL C 38 3.81 35.41 -11.86
CA VAL C 38 4.37 34.15 -12.35
C VAL C 38 3.65 33.70 -13.61
N GLU C 39 2.31 33.69 -13.56
CA GLU C 39 1.55 33.39 -14.77
C GLU C 39 1.86 34.38 -15.87
N GLU C 40 2.09 35.63 -15.49
CA GLU C 40 2.44 36.61 -16.51
C GLU C 40 3.81 36.32 -17.12
N ILE C 41 4.77 35.93 -16.29
CA ILE C 41 6.10 35.60 -16.80
C ILE C 41 6.02 34.45 -17.77
N TYR C 42 5.23 33.44 -17.47
CA TYR C 42 5.07 32.36 -18.43
C TYR C 42 4.46 32.87 -19.73
N ASN C 43 3.35 33.60 -19.63
CA ASN C 43 2.59 33.93 -20.82
C ASN C 43 3.35 34.90 -21.73
N SER C 44 4.07 35.85 -21.15
CA SER C 44 4.67 36.93 -21.92
C SER C 44 6.19 36.91 -21.88
N GLY C 45 6.78 35.83 -21.42
CA GLY C 45 8.22 35.74 -21.39
C GLY C 45 8.82 36.40 -20.18
N PHE C 46 10.08 36.07 -19.89
CA PHE C 46 10.71 36.63 -18.71
C PHE C 46 11.34 37.98 -18.95
N ILE C 47 11.77 38.28 -20.18
CA ILE C 47 12.40 39.57 -20.44
C ILE C 47 11.35 40.66 -20.58
N PRO C 48 10.28 40.45 -21.36
CA PRO C 48 9.22 41.46 -21.36
C PRO C 48 8.68 41.73 -19.97
N THR C 49 8.32 40.68 -19.23
CA THR C 49 7.79 40.86 -17.88
C THR C 49 8.84 41.43 -16.96
N PHE C 50 10.10 41.12 -17.18
CA PHE C 50 11.16 41.66 -16.33
C PHE C 50 11.21 43.17 -16.46
N PHE C 51 11.23 43.67 -17.67
CA PHE C 51 11.30 45.11 -17.83
C PHE C 51 9.98 45.78 -17.52
N TYR C 52 8.87 45.07 -17.63
CA TYR C 52 7.59 45.59 -17.14
C TYR C 52 7.62 45.80 -15.65
N ILE C 53 8.18 44.85 -14.92
CA ILE C 53 8.34 45.00 -13.48
C ILE C 53 9.24 46.19 -13.18
N ILE C 54 10.37 46.28 -13.90
CA ILE C 54 11.31 47.37 -13.65
C ILE C 54 10.63 48.72 -13.85
N SER C 55 9.99 48.91 -15.00
CA SER C 55 9.32 50.17 -15.27
C SER C 55 8.26 50.45 -14.22
N LYS C 56 7.33 49.52 -14.06
CA LYS C 56 6.24 49.70 -13.11
C LYS C 56 6.74 49.89 -11.69
N ALA C 57 7.97 49.52 -11.40
CA ALA C 57 8.53 49.81 -10.09
C ALA C 57 8.75 51.31 -9.92
N GLU C 58 9.12 52.01 -11.00
CA GLU C 58 9.30 53.46 -11.01
C GLU C 58 10.34 53.89 -9.96
N LEU C 59 11.58 53.51 -10.25
CA LEU C 59 12.62 53.49 -9.23
C LEU C 59 13.03 54.89 -8.79
N ASN C 60 13.16 55.82 -9.73
CA ASN C 60 13.45 57.23 -9.41
C ASN C 60 14.78 57.44 -8.72
N SER C 61 15.70 56.47 -8.81
CA SER C 61 17.09 56.64 -8.38
C SER C 61 17.25 56.90 -6.89
N ASP C 62 16.14 56.99 -6.17
CA ASP C 62 16.17 57.08 -4.71
C ASP C 62 15.67 55.82 -4.06
N SER C 63 14.50 55.33 -4.48
CA SER C 63 14.10 53.98 -4.11
C SER C 63 15.05 52.95 -4.70
N LEU C 64 15.70 53.28 -5.81
CA LEU C 64 16.74 52.40 -6.33
C LEU C 64 17.87 52.26 -5.33
N ASP C 65 18.23 53.34 -4.65
CA ASP C 65 19.25 53.25 -3.62
C ASP C 65 18.80 52.35 -2.48
N SER C 66 17.56 52.47 -2.05
CA SER C 66 17.06 51.59 -1.00
C SER C 66 17.11 50.14 -1.44
N LEU C 67 16.71 49.87 -2.68
CA LEU C 67 16.75 48.51 -3.18
C LEU C 67 18.18 47.96 -3.17
N ILE C 68 19.14 48.76 -3.63
CA ILE C 68 20.53 48.31 -3.61
C ILE C 68 20.99 48.08 -2.19
N SER C 69 20.61 48.97 -1.27
CA SER C 69 20.98 48.78 0.12
C SER C 69 20.39 47.50 0.69
N LEU C 70 19.26 47.06 0.15
CA LEU C 70 18.61 45.87 0.68
C LEU C 70 19.49 44.64 0.56
N PHE C 71 20.35 44.58 -0.46
CA PHE C 71 21.30 43.48 -0.55
C PHE C 71 22.28 43.52 0.61
N SER C 72 22.94 44.66 0.80
CA SER C 72 24.02 44.77 1.78
C SER C 72 23.48 44.64 3.19
N SER C 73 22.59 45.54 3.59
CA SER C 73 22.12 45.58 4.96
C SER C 73 20.94 44.65 5.18
N ASP C 74 20.46 44.62 6.42
CA ASP C 74 19.18 44.02 6.76
C ASP C 74 18.29 45.00 7.49
N ASN C 75 18.70 46.27 7.56
CA ASN C 75 17.89 47.33 8.15
C ASN C 75 17.28 48.24 7.08
N ALA C 76 17.57 48.00 5.81
CA ALA C 76 17.04 48.84 4.75
C ALA C 76 15.52 48.68 4.66
N ILE C 77 14.88 49.68 4.07
CA ILE C 77 13.42 49.73 3.97
C ILE C 77 13.05 50.28 2.62
N LEU C 78 12.27 49.52 1.85
CA LEU C 78 11.78 50.01 0.58
C LEU C 78 10.81 51.17 0.81
N ARG C 79 10.95 52.22 0.00
CA ARG C 79 10.19 53.44 0.18
C ARG C 79 9.45 53.79 -1.10
N GLY C 80 8.25 54.33 -0.94
CA GLY C 80 7.42 54.75 -2.04
C GLY C 80 5.98 54.42 -1.77
N SER C 81 5.19 54.42 -2.83
CA SER C 81 3.78 54.05 -2.74
C SER C 81 3.63 52.54 -2.86
N ASP C 82 2.52 52.04 -2.30
CA ASP C 82 2.31 50.59 -2.24
C ASP C 82 2.33 49.97 -3.63
N GLU C 83 1.60 50.56 -4.57
CA GLU C 83 1.58 50.07 -5.94
C GLU C 83 2.92 50.19 -6.63
N ASN C 84 3.91 50.82 -5.99
CA ASN C 84 5.28 50.86 -6.49
C ASN C 84 6.24 50.08 -5.61
N VAL C 85 6.05 50.14 -4.30
CA VAL C 85 6.89 49.38 -3.40
C VAL C 85 6.74 47.89 -3.65
N SER C 86 5.53 47.44 -3.97
CA SER C 86 5.34 46.03 -4.28
C SER C 86 6.17 45.61 -5.47
N TYR C 87 6.17 46.43 -6.53
CA TYR C 87 6.94 46.08 -7.71
C TYR C 87 8.43 46.19 -7.45
N SER C 88 8.85 47.13 -6.60
CA SER C 88 10.27 47.18 -6.24
C SER C 88 10.68 45.94 -5.48
N ALA C 89 9.81 45.45 -4.60
CA ALA C 89 10.10 44.24 -3.85
C ALA C 89 10.21 43.04 -4.76
N TYR C 90 9.26 42.89 -5.69
CA TYR C 90 9.34 41.76 -6.62
C TYR C 90 10.56 41.89 -7.53
N LEU C 91 10.89 43.10 -7.94
CA LEU C 91 12.11 43.30 -8.71
C LEU C 91 13.31 42.82 -7.91
N PHE C 92 13.36 43.13 -6.63
CA PHE C 92 14.45 42.64 -5.81
C PHE C 92 14.43 41.13 -5.72
N ILE C 93 13.24 40.53 -5.69
CA ILE C 93 13.15 39.07 -5.64
C ILE C 93 13.85 38.49 -6.85
N ILE C 94 13.49 38.97 -8.04
CA ILE C 94 14.07 38.44 -9.26
C ILE C 94 15.57 38.72 -9.31
N LEU C 95 15.99 39.89 -8.83
CA LEU C 95 17.41 40.21 -8.83
C LEU C 95 18.17 39.29 -7.89
N TYR C 96 17.59 39.01 -6.72
CA TYR C 96 18.22 38.11 -5.78
C TYR C 96 18.41 36.73 -6.40
N TYR C 97 17.42 36.26 -7.14
CA TYR C 97 17.60 34.99 -7.84
C TYR C 97 18.73 35.09 -8.85
N LEU C 98 18.65 36.07 -9.75
CA LEU C 98 19.64 36.18 -10.82
C LEU C 98 21.06 36.27 -10.26
N ILE C 99 21.23 36.97 -9.15
CA ILE C 99 22.55 37.13 -8.57
C ILE C 99 22.99 35.85 -7.88
N LYS C 100 22.13 35.30 -7.02
CA LYS C 100 22.52 34.16 -6.22
C LYS C 100 22.83 32.96 -7.09
N ARG C 101 21.97 32.65 -8.06
CA ARG C 101 22.31 31.57 -8.96
C ARG C 101 23.51 31.89 -9.83
N GLY C 102 24.09 33.08 -9.71
CA GLY C 102 25.27 33.42 -10.48
C GLY C 102 25.02 33.61 -11.95
N ILE C 103 23.76 33.81 -12.35
CA ILE C 103 23.47 33.99 -13.77
C ILE C 103 23.99 35.33 -14.26
N ILE C 104 23.84 36.38 -13.47
CA ILE C 104 24.32 37.70 -13.82
C ILE C 104 25.00 38.31 -12.60
N GLU C 105 26.14 38.94 -12.83
CA GLU C 105 26.91 39.52 -11.74
C GLU C 105 26.15 40.67 -11.10
N GLN C 106 26.31 40.80 -9.78
CA GLN C 106 25.64 41.88 -9.07
C GLN C 106 26.04 43.24 -9.60
N LYS C 107 27.33 43.42 -9.90
CA LYS C 107 27.79 44.70 -10.42
C LYS C 107 27.05 45.08 -11.68
N PHE C 108 26.81 44.10 -12.57
CA PHE C 108 26.13 44.39 -13.82
C PHE C 108 24.71 44.87 -13.58
N LEU C 109 23.96 44.13 -12.77
CA LEU C 109 22.57 44.50 -12.50
C LEU C 109 22.48 45.86 -11.83
N ILE C 110 23.21 46.05 -10.73
CA ILE C 110 23.19 47.33 -10.04
C ILE C 110 23.62 48.45 -10.96
N GLN C 111 24.56 48.17 -11.86
CA GLN C 111 24.97 49.18 -12.83
C GLN C 111 23.87 49.46 -13.83
N ALA C 112 23.08 48.46 -14.19
CA ALA C 112 21.82 48.71 -14.86
C ALA C 112 20.84 49.27 -13.85
N LEU C 113 19.61 49.50 -14.31
CA LEU C 113 18.55 50.12 -13.51
C LEU C 113 18.87 51.58 -13.29
N ARG C 114 20.11 51.95 -13.61
CA ARG C 114 20.60 53.30 -13.71
C ARG C 114 21.50 53.36 -14.93
N CYS C 115 21.97 54.56 -15.25
CA CYS C 115 23.00 54.73 -16.27
C CYS C 115 22.55 54.12 -17.61
N GLU C 116 21.58 54.80 -18.22
CA GLU C 116 20.79 54.27 -19.33
C GLU C 116 21.59 53.50 -20.37
N LYS C 117 22.88 53.79 -20.52
CA LYS C 117 23.68 53.08 -21.51
C LYS C 117 23.71 51.59 -21.25
N THR C 118 23.66 51.19 -19.97
CA THR C 118 23.77 49.78 -19.64
C THR C 118 22.51 49.02 -20.02
N ARG C 119 21.35 49.63 -19.80
CA ARG C 119 20.08 48.90 -19.90
C ARG C 119 19.97 48.08 -21.20
N LEU C 120 20.51 48.61 -22.29
CA LEU C 120 20.36 47.88 -23.56
C LEU C 120 21.28 46.68 -23.64
N ASP C 121 22.53 46.81 -23.20
CA ASP C 121 23.36 45.62 -23.17
C ASP C 121 22.84 44.63 -22.14
N LEU C 122 22.14 45.11 -21.13
CA LEU C 122 21.44 44.20 -20.22
C LEU C 122 20.35 43.43 -20.96
N ILE C 123 19.61 44.11 -21.83
CA ILE C 123 18.63 43.42 -22.66
C ILE C 123 19.31 42.33 -23.47
N ASP C 124 20.45 42.65 -24.08
CA ASP C 124 21.12 41.68 -24.92
C ASP C 124 21.65 40.50 -24.11
N LYS C 125 22.19 40.78 -22.93
CA LYS C 125 22.67 39.72 -22.06
C LYS C 125 21.52 38.82 -21.62
N LEU C 126 20.35 39.42 -21.35
CA LEU C 126 19.18 38.63 -21.02
C LEU C 126 18.79 37.75 -22.18
N TYR C 127 18.88 38.26 -23.40
CA TYR C 127 18.53 37.40 -24.52
C TYR C 127 19.56 36.29 -24.73
N ASN C 128 20.79 36.49 -24.26
CA ASN C 128 21.75 35.40 -24.28
C ASN C 128 21.44 34.35 -23.24
N LEU C 129 20.99 34.77 -22.05
CA LEU C 129 20.83 33.86 -20.93
C LEU C 129 19.40 33.37 -20.72
N ALA C 130 18.46 33.78 -21.55
CA ALA C 130 17.07 33.39 -21.36
C ALA C 130 16.87 31.89 -21.17
N PRO C 131 17.50 31.00 -21.94
CA PRO C 131 17.33 29.57 -21.65
C PRO C 131 17.87 29.17 -20.29
N ILE C 132 18.89 29.86 -19.80
CA ILE C 132 19.42 29.52 -18.48
C ILE C 132 18.43 29.91 -17.40
N ILE C 133 17.84 31.09 -17.52
CA ILE C 133 16.97 31.61 -16.47
C ILE C 133 15.62 30.90 -16.49
N SER C 134 14.94 30.95 -17.63
CA SER C 134 13.57 30.44 -17.72
C SER C 134 13.46 28.98 -17.36
N ALA C 135 14.57 28.26 -17.28
CA ALA C 135 14.52 26.86 -16.88
C ALA C 135 13.85 26.69 -15.52
N LYS C 136 14.26 27.49 -14.54
CA LYS C 136 13.78 27.28 -13.19
C LYS C 136 13.44 28.57 -12.45
N ILE C 137 13.47 29.73 -13.12
CA ILE C 137 13.01 30.92 -12.44
C ILE C 137 11.57 30.76 -11.98
N ARG C 138 10.76 30.02 -12.74
CA ARG C 138 9.35 29.91 -12.43
C ARG C 138 9.11 29.04 -11.21
N THR C 139 9.89 27.99 -11.03
CA THR C 139 9.75 27.20 -9.81
C THR C 139 10.41 27.88 -8.63
N TYR C 140 11.31 28.82 -8.84
CA TYR C 140 11.76 29.63 -7.72
C TYR C 140 10.70 30.64 -7.30
N LEU C 141 9.95 31.17 -8.27
CA LEU C 141 8.94 32.16 -7.97
C LEU C 141 7.63 31.55 -7.48
N LEU C 142 7.37 30.30 -7.81
CA LEU C 142 6.22 29.62 -7.25
C LEU C 142 6.33 29.53 -5.73
N ALA C 143 7.53 29.28 -5.22
CA ALA C 143 7.73 29.27 -3.79
C ALA C 143 7.47 30.63 -3.18
N ILE C 144 7.87 31.69 -3.88
CA ILE C 144 7.57 33.04 -3.41
C ILE C 144 6.07 33.25 -3.35
N LYS C 145 5.36 32.80 -4.38
CA LYS C 145 3.91 32.91 -4.38
C LYS C 145 3.32 32.22 -3.16
N ARG C 146 3.78 31.02 -2.85
CA ARG C 146 3.25 30.28 -1.71
C ARG C 146 3.56 31.00 -0.40
N LEU C 147 4.81 31.42 -0.24
CA LEU C 147 5.19 32.12 0.99
C LEU C 147 4.40 33.39 1.18
N SER C 148 4.15 34.13 0.10
CA SER C 148 3.40 35.36 0.23
C SER C 148 1.94 35.09 0.54
N GLU C 149 1.35 34.09 -0.12
CA GLU C 149 -0.03 33.75 0.21
C GLU C 149 -0.16 33.29 1.64
N ALA C 150 0.90 32.72 2.20
CA ALA C 150 0.80 32.14 3.53
C ALA C 150 0.99 33.19 4.61
N LEU C 151 2.08 33.95 4.54
CA LEU C 151 2.49 34.81 5.64
C LEU C 151 2.06 36.26 5.45
N ILE C 152 1.08 36.52 4.59
CA ILE C 152 0.57 37.86 4.38
C ILE C 152 -0.94 37.78 4.26
N GLU C 153 -1.64 38.64 4.99
CA GLU C 153 -3.09 38.61 5.01
C GLU C 153 -3.65 39.00 3.65
N ALA C 154 -4.90 38.61 3.41
CA ALA C 154 -5.60 39.03 2.21
C ALA C 154 -6.23 40.39 2.44
N ARG C 155 -5.93 41.32 1.54
CA ARG C 155 -6.51 42.65 1.63
C ARG C 155 -7.99 42.58 1.32
N PRO D 2 8.92 -12.94 -35.98
CA PRO D 2 8.44 -11.62 -35.56
C PRO D 2 7.56 -11.69 -34.33
N TYR D 3 8.03 -11.12 -33.22
CA TYR D 3 7.22 -11.05 -32.01
C TYR D 3 5.95 -10.25 -32.22
N TYR D 4 5.86 -9.48 -33.29
CA TYR D 4 4.73 -8.60 -33.53
C TYR D 4 4.18 -8.86 -34.93
N ALA D 5 2.90 -9.22 -35.00
CA ALA D 5 2.27 -9.45 -36.29
C ALA D 5 2.30 -8.20 -37.16
N PHE D 6 2.01 -7.06 -36.57
CA PHE D 6 1.99 -5.82 -37.32
C PHE D 6 2.47 -4.68 -36.46
N ALA D 7 3.09 -3.70 -37.11
CA ALA D 7 3.48 -2.44 -36.48
C ALA D 7 2.85 -1.32 -37.29
N GLU D 8 2.20 -0.39 -36.59
CA GLU D 8 1.43 0.66 -37.24
C GLU D 8 1.82 2.01 -36.63
N PRO D 9 3.02 2.50 -36.95
CA PRO D 9 3.39 3.83 -36.47
C PRO D 9 2.52 4.89 -37.12
N PHE D 10 1.95 5.76 -36.30
CA PHE D 10 1.08 6.80 -36.80
C PHE D 10 1.38 8.10 -36.10
N PHE D 11 1.08 9.19 -36.79
CA PHE D 11 1.18 10.53 -36.23
C PHE D 11 -0.19 10.96 -35.73
N ILE D 12 -0.18 11.91 -34.81
CA ILE D 12 -1.40 12.39 -34.16
C ILE D 12 -1.40 13.91 -34.31
N HIS D 13 -2.22 14.41 -35.22
CA HIS D 13 -2.30 15.84 -35.49
C HIS D 13 -3.47 16.44 -34.75
N ALA D 14 -3.19 17.35 -33.83
CA ALA D 14 -4.25 18.03 -33.10
C ALA D 14 -5.07 18.88 -34.05
N ILE D 15 -6.37 18.61 -34.10
CA ILE D 15 -7.28 19.44 -34.89
C ILE D 15 -7.68 20.68 -34.11
N THR D 16 -8.33 20.49 -32.98
CA THR D 16 -8.48 21.54 -31.99
C THR D 16 -7.34 21.41 -30.99
N HIS D 17 -7.32 22.29 -30.00
CA HIS D 17 -6.34 22.12 -28.95
C HIS D 17 -6.59 20.80 -28.23
N LEU D 18 -5.59 20.35 -27.48
CA LEU D 18 -5.71 19.15 -26.69
C LEU D 18 -5.43 19.46 -25.24
N HIS D 19 -6.21 18.85 -24.36
CA HIS D 19 -5.84 18.76 -22.96
C HIS D 19 -5.85 17.28 -22.60
N VAL D 20 -4.66 16.75 -22.37
CA VAL D 20 -4.50 15.41 -21.81
C VAL D 20 -3.79 15.63 -20.48
N GLY D 21 -4.56 15.82 -19.45
CA GLY D 21 -4.01 16.33 -18.21
C GLY D 21 -3.34 15.27 -17.40
N SER D 22 -2.44 15.71 -16.54
CA SER D 22 -1.72 14.84 -15.63
C SER D 22 -2.12 15.12 -14.18
N GLY D 23 -3.32 15.62 -13.98
CA GLY D 23 -3.82 15.91 -12.65
C GLY D 23 -3.10 17.05 -11.97
N SER D 24 -3.71 17.60 -10.94
CA SER D 24 -3.10 18.71 -10.22
C SER D 24 -1.96 18.21 -9.36
N SER D 25 -0.94 19.05 -9.23
CA SER D 25 0.22 18.72 -8.42
C SER D 25 0.51 19.82 -7.42
N VAL D 26 1.68 19.75 -6.78
CA VAL D 26 2.07 20.76 -5.79
C VAL D 26 3.35 21.48 -6.15
N GLU D 27 4.27 20.85 -6.86
CA GLU D 27 5.55 21.44 -7.21
C GLU D 27 5.48 22.25 -8.50
N GLU D 28 4.28 22.45 -9.03
CA GLU D 28 4.12 23.16 -10.28
C GLU D 28 2.95 24.14 -10.15
N GLU D 29 3.04 25.24 -10.89
CA GLU D 29 2.20 26.39 -10.59
C GLU D 29 0.82 26.28 -11.22
N ILE D 30 0.71 25.77 -12.45
CA ILE D 30 -0.60 25.68 -13.06
C ILE D 30 -1.43 24.63 -12.35
N ALA D 31 -2.75 24.72 -12.52
CA ALA D 31 -3.65 23.85 -11.80
C ALA D 31 -4.06 22.61 -12.58
N LEU D 32 -3.80 22.56 -13.89
CA LEU D 32 -4.19 21.43 -14.71
C LEU D 32 -3.17 21.26 -15.83
N PRO D 33 -1.96 20.86 -15.50
CA PRO D 33 -0.89 20.84 -16.50
C PRO D 33 -1.15 19.76 -17.54
N PHE D 34 -0.36 19.82 -18.61
CA PHE D 34 -0.39 18.81 -19.64
C PHE D 34 0.54 17.67 -19.26
N GLN D 35 0.26 16.49 -19.80
CA GLN D 35 1.07 15.33 -19.47
C GLN D 35 2.50 15.52 -19.93
N ARG D 36 3.42 15.63 -19.00
CA ARG D 36 4.82 15.71 -19.33
C ARG D 36 5.41 14.31 -19.38
N ASP D 37 6.67 14.22 -19.76
CA ASP D 37 7.38 12.97 -19.91
C ASP D 37 8.55 12.93 -18.93
N GLU D 38 9.37 11.89 -19.06
CA GLU D 38 10.57 11.78 -18.25
C GLU D 38 11.57 12.87 -18.59
N LEU D 39 11.53 13.42 -19.80
CA LEU D 39 12.48 14.46 -20.17
C LEU D 39 11.96 15.86 -19.91
N GLY D 40 10.66 16.02 -19.78
CA GLY D 40 10.07 17.33 -19.58
C GLY D 40 9.30 17.85 -20.76
N TYR D 41 9.07 17.06 -21.77
CA TYR D 41 8.31 17.48 -22.93
C TYR D 41 6.87 17.02 -22.79
N PRO D 42 5.95 17.63 -23.52
CA PRO D 42 4.59 17.10 -23.56
C PRO D 42 4.59 15.69 -24.15
N THR D 43 3.64 14.89 -23.69
CA THR D 43 3.48 13.54 -24.21
C THR D 43 2.06 13.11 -23.95
N ILE D 44 1.72 11.93 -24.45
CA ILE D 44 0.41 11.33 -24.23
C ILE D 44 0.67 9.91 -23.76
N TYR D 45 0.61 9.69 -22.45
CA TYR D 45 0.79 8.35 -21.90
C TYR D 45 -0.04 7.35 -22.68
N ALA D 46 0.57 6.22 -23.01
CA ALA D 46 -0.10 5.23 -23.84
C ALA D 46 -1.40 4.74 -23.22
N SER D 47 -1.55 4.86 -21.92
CA SER D 47 -2.83 4.54 -21.29
C SER D 47 -3.92 5.46 -21.79
N SER D 48 -3.61 6.75 -21.87
CA SER D 48 -4.59 7.72 -22.37
C SER D 48 -4.97 7.42 -23.81
N LEU D 49 -3.97 7.21 -24.66
CA LEU D 49 -4.24 6.82 -26.04
C LEU D 49 -5.12 5.60 -26.12
N LYS D 50 -4.74 4.54 -25.43
CA LYS D 50 -5.47 3.28 -25.57
C LYS D 50 -6.88 3.44 -25.07
N GLY D 51 -7.07 4.11 -23.93
CA GLY D 51 -8.41 4.27 -23.40
C GLY D 51 -9.30 5.05 -24.34
N ALA D 52 -8.80 6.18 -24.84
CA ALA D 52 -9.59 7.00 -25.74
C ALA D 52 -9.94 6.24 -27.00
N ILE D 53 -8.94 5.69 -27.67
CA ILE D 53 -9.16 5.00 -28.94
C ILE D 53 -10.09 3.81 -28.75
N LYS D 54 -9.89 3.05 -27.68
CA LYS D 54 -10.69 1.87 -27.44
C LYS D 54 -12.15 2.24 -27.22
N SER D 55 -12.41 3.19 -26.33
CA SER D 55 -13.79 3.61 -26.11
C SER D 55 -14.42 4.10 -27.40
N PHE D 56 -13.68 4.92 -28.14
CA PHE D 56 -14.20 5.46 -29.40
C PHE D 56 -14.62 4.34 -30.32
N LEU D 57 -13.69 3.49 -30.72
CA LEU D 57 -14.07 2.51 -31.72
C LEU D 57 -14.92 1.38 -31.17
N LEU D 58 -15.07 1.26 -29.85
CA LEU D 58 -16.11 0.39 -29.32
C LEU D 58 -17.48 0.99 -29.61
N LYS D 59 -17.64 2.28 -29.40
CA LYS D 59 -18.94 2.87 -29.70
C LYS D 59 -19.12 3.16 -31.18
N GLU D 60 -18.08 3.04 -31.99
CA GLU D 60 -18.20 3.31 -33.42
C GLU D 60 -18.52 2.05 -34.20
N PHE D 61 -17.68 1.02 -34.07
CA PHE D 61 -17.90 -0.24 -34.74
C PHE D 61 -18.56 -1.21 -33.77
N PRO D 62 -19.89 -1.22 -33.68
CA PRO D 62 -20.53 -1.99 -32.61
C PRO D 62 -20.67 -3.45 -32.96
N ASP D 63 -20.58 -3.77 -34.25
CA ASP D 63 -20.72 -5.15 -34.68
C ASP D 63 -19.48 -5.96 -34.38
N LYS D 64 -18.31 -5.33 -34.42
CA LYS D 64 -17.04 -6.03 -34.26
C LYS D 64 -16.49 -5.89 -32.86
N ARG D 65 -17.36 -5.91 -31.87
CA ARG D 65 -16.92 -5.84 -30.48
C ARG D 65 -15.94 -6.95 -30.15
N ASP D 66 -16.16 -8.15 -30.68
CA ASP D 66 -15.31 -9.27 -30.31
C ASP D 66 -13.88 -9.07 -30.78
N VAL D 67 -13.70 -8.64 -32.03
CA VAL D 67 -12.36 -8.34 -32.54
C VAL D 67 -11.72 -7.25 -31.71
N ILE D 68 -12.47 -6.20 -31.41
CA ILE D 68 -11.90 -5.07 -30.68
C ILE D 68 -11.45 -5.50 -29.29
N TYR D 69 -12.28 -6.27 -28.60
CA TYR D 69 -11.91 -6.78 -27.29
C TYR D 69 -10.69 -7.67 -27.38
N LYS D 70 -10.68 -8.57 -28.36
CA LYS D 70 -9.55 -9.47 -28.53
C LYS D 70 -8.25 -8.69 -28.68
N VAL D 71 -8.24 -7.68 -29.54
CA VAL D 71 -7.00 -6.97 -29.82
C VAL D 71 -6.66 -5.92 -28.77
N LEU D 72 -7.64 -5.38 -28.09
CA LEU D 72 -7.41 -4.30 -27.15
C LEU D 72 -7.66 -4.68 -25.70
N GLY D 73 -8.53 -5.66 -25.44
CA GLY D 73 -8.72 -6.11 -24.09
C GLY D 73 -10.17 -6.15 -23.68
N GLU D 74 -10.57 -7.22 -23.02
CA GLU D 74 -11.92 -7.28 -22.49
C GLU D 74 -12.09 -6.23 -21.40
N ASP D 75 -13.31 -5.74 -21.26
CA ASP D 75 -13.60 -4.77 -20.22
C ASP D 75 -14.02 -5.41 -18.91
N GLU D 76 -14.30 -6.71 -18.92
CA GLU D 76 -14.71 -7.41 -17.72
C GLU D 76 -14.27 -8.86 -17.82
N ASN D 77 -13.79 -9.40 -16.70
CA ASN D 77 -13.33 -10.77 -16.56
C ASN D 77 -12.42 -11.17 -17.72
N PRO D 78 -11.30 -10.49 -17.92
CA PRO D 78 -10.44 -10.79 -19.06
C PRO D 78 -9.77 -12.16 -18.90
N GLU D 79 -10.10 -13.07 -19.81
CA GLU D 79 -9.53 -14.42 -19.79
C GLU D 79 -8.21 -14.50 -20.54
N GLU D 80 -7.66 -13.36 -20.95
CA GLU D 80 -6.52 -13.34 -21.84
C GLU D 80 -6.03 -11.91 -21.96
N ALA D 81 -4.76 -11.74 -22.29
CA ALA D 81 -4.18 -10.41 -22.35
C ALA D 81 -4.61 -9.68 -23.62
N SER D 82 -4.10 -8.47 -23.79
CA SER D 82 -4.39 -7.65 -24.96
C SER D 82 -3.37 -7.95 -26.04
N LEU D 83 -3.86 -8.31 -27.22
CA LEU D 83 -2.95 -8.53 -28.33
C LEU D 83 -2.39 -7.25 -28.90
N GLY D 84 -2.84 -6.09 -28.44
CA GLY D 84 -2.45 -4.81 -29.01
C GLY D 84 -1.68 -3.98 -28.00
N THR D 85 -0.70 -3.24 -28.51
CA THR D 85 0.23 -2.49 -27.67
C THR D 85 0.38 -1.08 -28.21
N PHE D 86 0.08 -0.09 -27.38
CA PHE D 86 0.33 1.29 -27.70
C PHE D 86 1.62 1.74 -27.03
N LEU D 87 2.47 2.41 -27.77
CA LEU D 87 3.64 3.03 -27.17
C LEU D 87 3.31 4.48 -26.86
N ASP D 88 3.97 5.01 -25.82
CA ASP D 88 3.78 6.41 -25.45
C ASP D 88 3.95 7.31 -26.66
N ALA D 89 3.10 8.32 -26.75
CA ALA D 89 3.14 9.23 -27.89
C ALA D 89 4.26 10.24 -27.71
N ILE D 90 5.33 10.07 -28.48
CA ILE D 90 6.42 11.03 -28.46
C ILE D 90 5.96 12.31 -29.11
N LEU D 91 6.20 13.44 -28.45
CA LEU D 91 5.98 14.72 -29.10
C LEU D 91 6.90 14.83 -30.30
N PHE D 92 6.31 14.96 -31.49
CA PHE D 92 7.13 15.05 -32.69
C PHE D 92 7.50 16.49 -33.00
N ALA D 93 6.50 17.33 -33.26
CA ALA D 93 6.75 18.73 -33.57
C ALA D 93 5.62 19.58 -33.01
N ILE D 94 5.97 20.70 -32.40
CA ILE D 94 5.00 21.58 -31.78
C ILE D 94 5.12 22.97 -32.39
N PRO D 95 4.03 23.68 -32.64
CA PRO D 95 4.13 25.06 -33.12
C PRO D 95 4.87 25.96 -32.14
N SER D 96 5.30 27.11 -32.64
CA SER D 96 5.93 28.10 -31.77
C SER D 96 5.75 29.47 -32.40
N ARG D 97 5.71 30.48 -31.54
CA ARG D 97 5.49 31.84 -31.99
C ARG D 97 6.82 32.43 -32.41
N ILE D 98 6.94 32.79 -33.69
CA ILE D 98 8.21 33.22 -34.26
C ILE D 98 8.10 34.67 -34.71
N ILE D 99 9.19 35.41 -34.53
CA ILE D 99 9.32 36.76 -35.05
C ILE D 99 10.67 36.86 -35.73
N GLU D 100 10.66 37.19 -37.02
CA GLU D 100 11.90 37.18 -37.78
C GLU D 100 11.83 38.19 -38.92
N ILE D 101 12.90 38.95 -39.09
CA ILE D 101 13.06 39.83 -40.23
C ILE D 101 13.73 39.04 -41.34
N ASP D 102 13.66 39.54 -42.57
CA ASP D 102 14.40 38.98 -43.70
C ASP D 102 13.99 37.52 -43.96
N SER D 103 12.75 37.41 -44.43
CA SER D 103 12.27 36.17 -45.01
C SER D 103 11.46 36.52 -46.25
N ALA D 104 11.49 35.62 -47.23
CA ALA D 104 10.64 35.81 -48.40
C ALA D 104 9.16 35.67 -48.04
N LYS D 105 8.86 35.02 -46.92
CA LYS D 105 7.50 34.89 -46.46
C LYS D 105 7.52 35.09 -44.95
N PRO D 106 6.73 36.04 -44.42
CA PRO D 106 6.55 36.13 -42.96
C PRO D 106 5.65 35.01 -42.47
N TYR D 107 6.18 34.16 -41.60
CA TYR D 107 5.38 33.11 -40.99
C TYR D 107 4.82 33.59 -39.67
N VAL D 108 3.63 33.11 -39.35
CA VAL D 108 2.99 33.44 -38.08
C VAL D 108 3.44 32.49 -36.97
N TRP D 109 3.49 31.19 -37.24
CA TRP D 109 4.08 30.23 -36.33
C TRP D 109 4.88 29.23 -37.12
N VAL D 110 5.63 28.39 -36.41
CA VAL D 110 6.50 27.42 -37.04
C VAL D 110 6.57 26.20 -36.14
N TYR D 111 6.66 25.02 -36.74
CA TYR D 111 6.90 23.82 -35.95
C TYR D 111 8.28 23.88 -35.32
N VAL D 112 8.44 23.19 -34.20
CA VAL D 112 9.72 23.17 -33.50
C VAL D 112 9.94 21.77 -32.93
N THR D 113 11.14 21.25 -33.12
CA THR D 113 11.54 19.94 -32.64
C THR D 113 12.92 20.05 -32.01
N THR D 114 13.29 19.06 -31.21
CA THR D 114 14.63 18.97 -30.70
C THR D 114 15.23 17.64 -31.11
N TYR D 115 16.55 17.55 -31.01
CA TYR D 115 17.21 16.32 -31.42
C TYR D 115 16.84 15.15 -30.51
N GLU D 116 16.54 15.41 -29.24
CA GLU D 116 16.17 14.31 -28.35
C GLU D 116 14.86 13.68 -28.79
N LEU D 117 13.90 14.48 -29.24
CA LEU D 117 12.66 13.91 -29.73
C LEU D 117 12.89 13.06 -30.95
N LEU D 118 13.76 13.50 -31.86
CA LEU D 118 14.06 12.70 -33.04
C LEU D 118 14.80 11.43 -32.66
N LYS D 119 15.68 11.50 -31.65
CA LYS D 119 16.32 10.29 -31.17
C LYS D 119 15.30 9.31 -30.65
N LYS D 120 14.30 9.79 -29.91
CA LYS D 120 13.27 8.89 -29.42
C LYS D 120 12.47 8.30 -30.56
N VAL D 121 12.21 9.08 -31.60
CA VAL D 121 11.47 8.54 -32.74
C VAL D 121 12.27 7.44 -33.40
N LYS D 122 13.55 7.69 -33.63
CA LYS D 122 14.41 6.67 -34.22
C LYS D 122 14.48 5.44 -33.33
N LEU D 123 14.45 5.64 -32.01
CA LEU D 123 14.48 4.51 -31.09
C LEU D 123 13.22 3.66 -31.22
N TYR D 124 12.06 4.31 -31.28
CA TYR D 124 10.82 3.58 -31.51
C TYR D 124 10.90 2.78 -32.80
N LEU D 125 11.39 3.41 -33.87
CA LEU D 125 11.43 2.74 -35.15
C LEU D 125 12.38 1.55 -35.12
N ASP D 126 13.56 1.73 -34.53
CA ASP D 126 14.52 0.64 -34.40
C ASP D 126 13.93 -0.52 -33.63
N SER D 127 13.36 -0.23 -32.46
CA SER D 127 12.81 -1.29 -31.63
C SER D 127 11.75 -2.07 -32.38
N ILE D 128 10.76 -1.38 -32.95
CA ILE D 128 9.69 -2.10 -33.61
C ILE D 128 10.17 -2.77 -34.89
N SER D 129 11.27 -2.30 -35.48
CA SER D 129 11.80 -2.98 -36.65
C SER D 129 12.58 -4.22 -36.27
N GLN D 130 13.09 -4.27 -35.06
CA GLN D 130 13.67 -5.51 -34.56
C GLN D 130 12.59 -6.50 -34.17
N LEU D 131 11.53 -6.02 -33.53
CA LEU D 131 10.49 -6.90 -33.01
C LEU D 131 9.41 -7.22 -34.02
N SER D 132 9.62 -6.91 -35.29
CA SER D 132 8.59 -7.19 -36.27
C SER D 132 9.21 -7.29 -37.66
N ASN D 133 8.42 -7.78 -38.60
CA ASN D 133 8.85 -7.81 -40.00
C ASN D 133 8.81 -6.43 -40.63
N ALA D 134 8.12 -5.48 -40.00
CA ALA D 134 7.99 -4.15 -40.57
C ALA D 134 9.33 -3.43 -40.55
N SER D 135 9.59 -2.69 -41.63
CA SER D 135 10.77 -1.84 -41.71
C SER D 135 10.36 -0.54 -42.36
N PHE D 136 10.82 0.57 -41.79
CA PHE D 136 10.46 1.89 -42.28
C PHE D 136 11.76 2.60 -42.63
N SER D 137 12.25 2.31 -43.82
CA SER D 137 13.52 2.90 -44.25
C SER D 137 13.35 4.35 -44.66
N ASN D 138 12.16 4.72 -45.13
CA ASN D 138 11.93 6.11 -45.51
C ASN D 138 12.00 7.03 -44.30
N LEU D 139 11.25 6.72 -43.24
CA LEU D 139 11.32 7.52 -42.03
C LEU D 139 12.71 7.51 -41.44
N LYS D 140 13.33 6.33 -41.33
CA LYS D 140 14.64 6.26 -40.72
C LYS D 140 15.64 7.11 -41.49
N ASN D 141 15.56 7.07 -42.82
CA ASN D 141 16.46 7.88 -43.64
C ASN D 141 16.20 9.37 -43.43
N LYS D 142 14.93 9.77 -43.51
CA LYS D 142 14.60 11.18 -43.28
C LYS D 142 15.07 11.65 -41.93
N ILE D 143 15.09 10.76 -40.94
CA ILE D 143 15.37 11.17 -39.58
C ILE D 143 16.87 11.26 -39.34
N ASP D 144 17.62 10.24 -39.76
CA ASP D 144 19.05 10.33 -39.50
C ASP D 144 19.72 11.31 -40.44
N THR D 145 19.11 11.59 -41.60
CA THR D 145 19.55 12.73 -42.40
C THR D 145 19.63 13.98 -41.56
N ILE D 146 18.64 14.19 -40.68
CA ILE D 146 18.69 15.31 -39.75
C ILE D 146 19.69 15.06 -38.65
N LEU D 147 19.55 13.93 -37.96
CA LEU D 147 20.34 13.66 -36.77
C LEU D 147 21.83 13.79 -37.02
N ALA D 148 22.27 13.56 -38.27
CA ALA D 148 23.67 13.77 -38.59
C ALA D 148 24.09 15.19 -38.29
N LYS D 149 23.22 16.15 -38.56
CA LYS D 149 23.52 17.56 -38.33
C LYS D 149 22.96 18.02 -36.98
N GLU D 150 23.40 17.36 -35.93
CA GLU D 150 23.03 17.76 -34.58
C GLU D 150 24.16 18.55 -33.93
N GLY D 151 23.88 19.09 -32.76
CA GLY D 151 24.77 20.01 -32.12
C GLY D 151 24.57 21.45 -32.51
N LYS D 152 23.53 21.75 -33.28
CA LYS D 152 23.23 23.12 -33.66
C LYS D 152 21.80 23.16 -34.16
N ASN D 153 21.25 24.37 -34.21
CA ASN D 153 19.87 24.56 -34.64
C ASN D 153 19.78 24.46 -36.14
N ILE D 154 18.68 23.86 -36.61
CA ILE D 154 18.52 23.52 -38.02
C ILE D 154 17.13 23.91 -38.47
N THR D 155 17.04 24.51 -39.66
CA THR D 155 15.77 24.73 -40.33
C THR D 155 15.71 23.84 -41.56
N LEU D 156 14.65 23.03 -41.65
CA LEU D 156 14.60 22.05 -42.73
C LEU D 156 14.32 22.72 -44.07
N ASP D 157 13.15 23.36 -44.21
CA ASP D 157 12.76 23.94 -45.48
C ASP D 157 12.33 25.39 -45.28
N SER D 158 13.31 26.29 -45.31
CA SER D 158 13.05 27.72 -45.35
C SER D 158 14.39 28.43 -45.59
N ASP D 159 14.35 29.76 -45.52
CA ASP D 159 15.53 30.58 -45.55
C ASP D 159 15.69 31.39 -44.27
N LEU D 160 15.05 30.96 -43.19
CA LEU D 160 15.16 31.69 -41.93
C LEU D 160 16.59 31.66 -41.43
N LYS D 161 17.21 32.83 -41.35
CA LYS D 161 18.57 32.89 -40.82
C LYS D 161 18.55 32.87 -39.28
N SER D 162 17.81 33.81 -38.69
CA SER D 162 17.67 33.86 -37.24
C SER D 162 16.26 34.31 -36.92
N ALA D 163 15.84 34.08 -35.68
CA ALA D 163 14.47 34.36 -35.27
C ALA D 163 14.42 34.47 -33.77
N ILE D 164 13.26 34.88 -33.27
CA ILE D 164 12.96 34.92 -31.85
C ILE D 164 11.73 34.06 -31.63
N LEU D 165 11.89 32.94 -30.95
CA LEU D 165 10.83 31.98 -30.75
C LEU D 165 10.19 32.21 -29.40
N ASN D 166 8.87 32.32 -29.38
CA ASN D 166 8.12 32.56 -28.15
C ASN D 166 8.66 33.78 -27.42
N GLU D 167 8.96 34.82 -28.19
CA GLU D 167 9.32 36.15 -27.71
C GLU D 167 10.32 36.12 -26.57
N ASP D 168 11.09 35.06 -26.46
CA ASP D 168 12.07 34.98 -25.39
C ASP D 168 13.40 34.37 -25.79
N PHE D 169 13.46 33.56 -26.85
CA PHE D 169 14.65 32.78 -27.17
C PHE D 169 15.11 33.15 -28.57
N TYR D 170 16.19 33.90 -28.65
CA TYR D 170 16.78 34.27 -29.93
C TYR D 170 17.68 33.13 -30.39
N VAL D 171 17.39 32.58 -31.56
CA VAL D 171 18.16 31.46 -32.09
C VAL D 171 18.71 31.82 -33.45
N GLU D 172 19.94 31.43 -33.70
CA GLU D 172 20.56 31.56 -35.01
C GLU D 172 20.49 30.19 -35.68
N LEU D 173 19.85 30.13 -36.83
CA LEU D 173 19.61 28.86 -37.49
C LEU D 173 20.54 28.68 -38.67
N GLU D 174 20.44 27.51 -39.30
CA GLU D 174 21.13 27.23 -40.54
C GLU D 174 20.37 26.13 -41.26
N ALA D 175 20.18 26.28 -42.56
CA ALA D 175 19.36 25.33 -43.30
C ALA D 175 20.03 23.97 -43.32
N LEU D 176 19.23 22.93 -43.59
CA LEU D 176 19.80 21.59 -43.66
C LEU D 176 20.21 21.24 -45.08
N ASN D 177 19.25 21.11 -45.98
CA ASN D 177 19.54 20.81 -47.38
C ASN D 177 18.73 21.60 -48.37
N ASN D 178 17.57 22.12 -47.99
CA ASN D 178 16.58 22.67 -48.93
C ASN D 178 16.17 21.64 -49.96
N LYS D 179 16.43 20.37 -49.67
CA LYS D 179 16.15 19.20 -50.50
C LYS D 179 15.38 18.13 -49.75
N ILE D 180 15.66 17.95 -48.46
CA ILE D 180 15.05 16.89 -47.65
C ILE D 180 13.53 17.04 -47.66
N PRO D 181 12.79 15.96 -47.86
CA PRO D 181 11.34 16.06 -47.92
C PRO D 181 10.75 16.48 -46.59
N SER D 182 9.49 16.90 -46.65
CA SER D 182 8.77 17.38 -45.49
C SER D 182 8.07 16.20 -44.83
N ILE D 183 8.44 15.92 -43.58
CA ILE D 183 7.77 14.85 -42.85
C ILE D 183 6.43 15.36 -42.34
N ILE D 184 6.34 16.68 -42.12
CA ILE D 184 5.14 17.35 -41.67
C ILE D 184 4.48 17.97 -42.89
N ASN D 185 3.57 17.23 -43.52
CA ASN D 185 3.16 17.56 -44.89
C ASN D 185 2.35 18.87 -44.88
N ALA D 186 3.08 19.95 -44.65
CA ALA D 186 2.55 21.31 -44.66
C ALA D 186 3.73 22.25 -44.82
N GLY D 187 3.64 23.18 -45.76
CA GLY D 187 4.76 24.06 -46.11
C GLY D 187 5.34 24.85 -44.95
N VAL D 188 4.69 24.83 -43.80
CA VAL D 188 5.19 25.46 -42.58
C VAL D 188 6.60 24.95 -42.31
N PRO D 189 7.56 25.81 -42.01
CA PRO D 189 8.92 25.34 -41.76
C PRO D 189 8.97 24.43 -40.54
N LEU D 190 10.09 23.74 -40.41
CA LEU D 190 10.34 22.86 -39.28
C LEU D 190 11.69 23.22 -38.67
N LEU D 191 11.67 23.95 -37.57
CA LEU D 191 12.89 24.17 -36.83
C LEU D 191 13.22 22.93 -36.01
N VAL D 192 14.50 22.58 -35.98
CA VAL D 192 14.98 21.49 -35.15
C VAL D 192 16.11 22.06 -34.34
N LEU D 193 15.87 22.26 -33.06
CA LEU D 193 16.82 22.96 -32.21
C LEU D 193 17.61 21.97 -31.37
N GLU D 194 18.80 22.39 -30.96
CA GLU D 194 19.52 21.63 -29.96
C GLU D 194 18.72 21.64 -28.67
N ASP D 195 18.99 20.66 -27.82
CA ASP D 195 18.30 20.61 -26.55
C ASP D 195 18.87 21.69 -25.64
N SER D 196 18.24 21.86 -24.48
CA SER D 196 18.56 22.88 -23.49
C SER D 196 18.23 24.27 -24.01
N ILE D 197 17.84 24.41 -25.27
CA ILE D 197 17.23 25.63 -25.75
C ILE D 197 15.90 25.26 -26.36
N GLY D 198 15.78 24.02 -26.84
CA GLY D 198 14.50 23.53 -27.29
C GLY D 198 13.60 23.09 -26.16
N ARG D 199 14.19 22.70 -25.04
CA ARG D 199 13.41 22.28 -23.89
C ARG D 199 12.52 23.39 -23.39
N GLU D 200 13.06 24.59 -23.26
CA GLU D 200 12.25 25.72 -22.85
C GLU D 200 11.30 26.14 -23.96
N VAL D 201 11.83 26.35 -25.17
CA VAL D 201 11.01 26.77 -26.29
C VAL D 201 9.78 25.91 -26.43
N ILE D 202 9.88 24.62 -26.09
CA ILE D 202 8.71 23.76 -26.16
C ILE D 202 7.88 23.80 -24.89
N ASN D 203 8.52 23.84 -23.72
CA ASN D 203 7.76 23.98 -22.49
C ASN D 203 6.98 25.28 -22.48
N ARG D 204 7.54 26.30 -23.08
CA ARG D 204 6.97 27.63 -23.12
C ARG D 204 6.02 27.82 -24.29
N SER D 205 5.89 26.82 -25.15
CA SER D 205 5.06 26.93 -26.33
C SER D 205 3.65 26.42 -26.12
N LEU D 206 3.28 26.04 -24.92
CA LEU D 206 1.93 25.56 -24.66
C LEU D 206 1.02 26.74 -24.40
N ILE D 207 -0.24 26.46 -24.11
CA ILE D 207 -1.25 27.49 -23.96
C ILE D 207 -1.85 27.37 -22.57
N ARG D 208 -1.48 28.28 -21.70
CA ARG D 208 -2.05 28.36 -20.35
C ARG D 208 -3.19 29.35 -20.39
N VAL D 209 -4.40 28.87 -20.44
CA VAL D 209 -5.58 29.73 -20.42
C VAL D 209 -6.11 29.73 -19.00
N ARG D 210 -6.53 30.91 -18.53
CA ARG D 210 -7.10 31.05 -17.20
C ARG D 210 -8.62 31.00 -17.30
N ARG D 211 -9.23 30.22 -16.43
CA ARG D 211 -10.67 30.12 -16.39
C ARG D 211 -11.16 30.50 -15.00
N ILE D 212 -12.46 30.76 -14.89
CA ILE D 212 -13.07 31.20 -13.65
C ILE D 212 -14.40 30.49 -13.47
N ARG D 213 -15.03 30.75 -12.33
CA ARG D 213 -16.38 30.30 -12.04
C ARG D 213 -17.16 31.47 -11.49
N ILE D 214 -18.32 31.74 -12.07
CA ILE D 214 -19.09 32.90 -11.71
C ILE D 214 -20.03 32.55 -10.57
N ASP D 215 -20.07 33.40 -9.56
CA ASP D 215 -21.02 33.27 -8.45
C ASP D 215 -22.40 33.64 -8.96
N ARG D 216 -23.22 32.63 -9.26
CA ARG D 216 -24.50 32.86 -9.93
C ARG D 216 -25.38 33.86 -9.20
N ASP D 217 -25.17 34.07 -7.91
CA ASP D 217 -26.07 34.92 -7.14
C ASP D 217 -25.70 36.40 -7.23
N LYS D 218 -24.41 36.73 -7.22
CA LYS D 218 -23.98 38.11 -7.37
C LYS D 218 -23.20 38.34 -8.65
N LYS D 219 -23.09 37.34 -9.52
CA LYS D 219 -22.55 37.49 -10.86
C LYS D 219 -21.12 38.02 -10.85
N VAL D 220 -20.33 37.58 -9.87
CA VAL D 220 -18.90 37.82 -9.90
C VAL D 220 -18.20 36.47 -9.77
N VAL D 221 -16.88 36.49 -9.80
CA VAL D 221 -16.11 35.26 -9.68
C VAL D 221 -16.26 34.71 -8.27
N GLU D 222 -16.55 33.42 -8.17
CA GLU D 222 -16.61 32.78 -6.87
C GLU D 222 -15.24 32.83 -6.20
N THR D 223 -15.24 32.72 -4.87
CA THR D 223 -13.99 32.70 -4.14
C THR D 223 -13.31 31.36 -4.34
N GLY D 224 -12.02 31.38 -4.65
CA GLY D 224 -11.32 30.15 -4.97
C GLY D 224 -11.84 29.46 -6.21
N GLY D 225 -12.33 30.23 -7.17
CA GLY D 225 -12.87 29.64 -8.38
C GLY D 225 -12.13 30.11 -9.61
N LEU D 226 -10.81 30.09 -9.56
CA LEU D 226 -9.97 30.57 -10.66
C LEU D 226 -8.81 29.63 -10.84
N TRP D 227 -8.63 29.12 -12.07
CA TRP D 227 -7.55 28.19 -12.34
C TRP D 227 -7.05 28.36 -13.76
N SER D 228 -5.87 27.81 -14.02
CA SER D 228 -5.29 27.78 -15.36
C SER D 228 -5.21 26.36 -15.87
N GLU D 229 -5.11 26.21 -17.18
CA GLU D 229 -5.08 24.92 -17.83
C GLU D 229 -4.12 24.96 -19.00
N GLU D 230 -3.32 23.92 -19.17
CA GLU D 230 -2.46 23.81 -20.33
C GLU D 230 -3.13 23.01 -21.42
N TYR D 231 -3.26 23.63 -22.58
CA TYR D 231 -3.58 22.93 -23.80
C TYR D 231 -2.34 22.86 -24.66
N VAL D 232 -2.38 21.98 -25.66
CA VAL D 232 -1.31 21.87 -26.63
C VAL D 232 -1.83 22.47 -27.93
N PRO D 233 -1.05 23.28 -28.65
CA PRO D 233 -1.60 24.04 -29.76
C PRO D 233 -2.21 23.13 -30.81
N MET D 234 -3.14 23.70 -31.57
CA MET D 234 -3.69 22.96 -32.70
C MET D 234 -2.60 22.72 -33.75
N LYS D 235 -2.64 21.54 -34.36
CA LYS D 235 -1.68 21.03 -35.34
C LYS D 235 -0.41 20.50 -34.70
N THR D 236 -0.35 20.35 -33.39
CA THR D 236 0.76 19.63 -32.77
C THR D 236 0.76 18.19 -33.25
N ILE D 237 1.95 17.63 -33.41
CA ILE D 237 2.11 16.28 -33.92
C ILE D 237 2.74 15.41 -32.85
N PHE D 238 2.11 14.30 -32.55
CA PHE D 238 2.64 13.30 -31.65
C PHE D 238 2.85 12.01 -32.44
N PHE D 239 4.06 11.47 -32.39
CA PHE D 239 4.35 10.21 -33.02
C PHE D 239 4.12 9.08 -32.03
N SER D 240 3.54 7.99 -32.51
CA SER D 240 3.30 6.84 -31.66
C SER D 240 3.19 5.60 -32.54
N VAL D 241 3.28 4.44 -31.90
CA VAL D 241 3.29 3.16 -32.59
C VAL D 241 2.23 2.26 -31.99
N LEU D 242 1.46 1.60 -32.84
CA LEU D 242 0.51 0.60 -32.41
C LEU D 242 1.02 -0.76 -32.85
N LEU D 243 1.03 -1.71 -31.93
CA LEU D 243 1.62 -3.02 -32.17
C LEU D 243 0.60 -4.10 -31.91
N GLY D 244 0.81 -5.26 -32.52
CA GLY D 244 -0.12 -6.35 -32.39
C GLY D 244 0.56 -7.69 -32.61
N LYS D 245 0.01 -8.72 -32.00
CA LYS D 245 0.52 -10.08 -32.14
C LYS D 245 -0.45 -10.91 -32.97
N GLU D 246 0.08 -11.97 -33.59
CA GLU D 246 -0.70 -12.73 -34.54
C GLU D 246 -1.87 -13.41 -33.84
N SER D 247 -3.08 -13.15 -34.34
CA SER D 247 -4.24 -13.88 -33.84
C SER D 247 -5.29 -14.22 -34.88
N LYS D 248 -5.26 -13.62 -36.07
CA LYS D 248 -6.33 -13.66 -37.07
C LYS D 248 -7.51 -12.80 -36.63
N GLU D 249 -7.50 -12.32 -35.40
CA GLU D 249 -8.31 -11.17 -35.04
C GLU D 249 -7.51 -9.89 -35.15
N SER D 250 -6.22 -9.98 -34.85
CA SER D 250 -5.32 -8.85 -35.07
C SER D 250 -5.28 -8.48 -36.55
N ALA D 251 -5.20 -9.49 -37.41
CA ALA D 251 -5.19 -9.22 -38.84
C ALA D 251 -6.42 -8.44 -39.27
N ILE D 252 -7.58 -8.82 -38.74
CA ILE D 252 -8.80 -8.10 -39.06
C ILE D 252 -8.77 -6.70 -38.48
N PHE D 253 -8.16 -6.56 -37.30
CA PHE D 253 -8.04 -5.24 -36.69
C PHE D 253 -7.26 -4.30 -37.59
N ALA D 254 -6.18 -4.79 -38.18
CA ALA D 254 -5.39 -3.96 -39.07
C ALA D 254 -5.97 -3.91 -40.49
N SER D 255 -7.00 -4.69 -40.78
CA SER D 255 -7.52 -4.78 -42.14
C SER D 255 -8.68 -3.84 -42.42
N CYS D 256 -9.55 -3.56 -41.47
CA CYS D 256 -10.50 -2.49 -41.76
C CYS D 256 -10.53 -1.42 -40.70
N ILE D 257 -10.38 -1.79 -39.43
CA ILE D 257 -10.52 -0.81 -38.36
C ILE D 257 -9.44 0.25 -38.46
N LEU D 258 -8.18 -0.17 -38.53
CA LEU D 258 -7.11 0.80 -38.71
C LEU D 258 -7.13 1.43 -40.09
N ARG D 259 -7.88 0.88 -41.03
CA ARG D 259 -8.10 1.54 -42.31
C ARG D 259 -9.28 2.50 -42.27
N ASN D 260 -10.05 2.50 -41.18
CA ASN D 260 -11.16 3.41 -41.03
C ASN D 260 -11.02 4.29 -39.81
N LEU D 261 -9.94 4.14 -39.05
CA LEU D 261 -9.67 5.02 -37.91
C LEU D 261 -9.04 6.29 -38.45
N ARG D 262 -9.77 7.38 -38.43
CA ARG D 262 -9.26 8.65 -38.93
C ARG D 262 -9.21 9.74 -37.88
N TYR D 263 -10.32 9.98 -37.18
CA TYR D 263 -10.39 11.02 -36.17
C TYR D 263 -10.90 10.41 -34.88
N VAL D 264 -10.39 10.88 -33.75
CA VAL D 264 -10.83 10.46 -32.44
C VAL D 264 -10.87 11.67 -31.52
N ILE D 265 -11.34 11.45 -30.30
CA ILE D 265 -11.43 12.50 -29.29
C ILE D 265 -10.52 12.09 -28.15
N LEU D 266 -9.42 12.81 -27.97
CA LEU D 266 -8.47 12.51 -26.92
C LEU D 266 -8.71 13.39 -25.71
N GLY D 267 -8.10 13.00 -24.60
CA GLY D 267 -8.04 13.77 -23.39
C GLY D 267 -9.40 14.21 -22.89
N GLY D 268 -9.36 15.24 -22.06
CA GLY D 268 -10.55 15.76 -21.43
C GLY D 268 -11.00 17.07 -22.04
N LYS D 269 -12.00 17.67 -21.39
CA LYS D 269 -12.53 18.96 -21.78
C LYS D 269 -13.04 18.94 -23.21
N GLU D 270 -13.67 17.83 -23.57
CA GLU D 270 -14.25 17.69 -24.89
C GLU D 270 -15.35 18.71 -25.12
N THR D 271 -16.12 19.01 -24.07
CA THR D 271 -17.24 19.93 -24.20
C THR D 271 -16.81 21.37 -24.42
N ILE D 272 -15.52 21.67 -24.28
CA ILE D 272 -14.98 22.97 -24.62
C ILE D 272 -14.46 22.88 -26.05
N GLY D 273 -14.75 21.75 -26.70
CA GLY D 273 -14.22 21.49 -28.02
C GLY D 273 -12.71 21.50 -27.98
N LYS D 274 -12.14 20.57 -27.23
CA LYS D 274 -10.70 20.48 -27.06
C LYS D 274 -10.22 19.05 -27.14
N GLY D 275 -10.83 18.24 -27.98
CA GLY D 275 -10.40 16.87 -28.04
C GLY D 275 -10.03 16.37 -29.42
N ILE D 276 -10.58 16.97 -30.47
CA ILE D 276 -10.52 16.36 -31.78
C ILE D 276 -9.08 16.25 -32.24
N VAL D 277 -8.79 15.17 -32.96
CA VAL D 277 -7.42 14.87 -33.37
C VAL D 277 -7.50 13.82 -34.46
N GLU D 278 -6.48 13.78 -35.32
CA GLU D 278 -6.50 12.87 -36.46
C GLU D 278 -5.24 12.02 -36.49
N LEU D 279 -5.40 10.78 -36.92
CA LEU D 279 -4.31 9.83 -37.03
C LEU D 279 -3.95 9.63 -38.49
N ARG D 280 -2.67 9.35 -38.76
CA ARG D 280 -2.18 9.38 -40.12
C ARG D 280 -1.75 8.04 -40.68
N TRP D 281 -1.25 7.11 -39.87
CA TRP D 281 -0.86 5.80 -40.36
C TRP D 281 0.27 5.92 -41.40
N VAL D 282 1.46 6.22 -40.88
CA VAL D 282 2.67 6.41 -41.67
C VAL D 282 2.74 5.44 -42.85
N LYS D 283 2.36 4.19 -42.61
CA LYS D 283 2.39 3.20 -43.68
C LYS D 283 1.60 3.63 -44.90
N ASP D 284 0.63 4.53 -44.76
CA ASP D 284 -0.03 5.10 -45.94
C ASP D 284 0.21 6.60 -46.05
N VAL D 285 1.10 7.15 -45.23
CA VAL D 285 1.59 8.51 -45.40
C VAL D 285 2.98 8.52 -46.01
N ILE D 286 3.88 7.71 -45.45
CA ILE D 286 5.24 7.60 -45.95
C ILE D 286 5.48 6.16 -46.40
N PRO E 2 34.58 -25.03 -14.55
CA PRO E 2 34.31 -25.16 -13.12
C PRO E 2 32.86 -25.48 -12.85
N TYR E 3 32.28 -24.85 -11.82
CA TYR E 3 30.88 -25.09 -11.55
C TYR E 3 30.01 -24.68 -12.73
N TYR E 4 30.32 -23.55 -13.35
CA TYR E 4 29.50 -23.00 -14.42
C TYR E 4 30.24 -23.11 -15.73
N ALA E 5 29.58 -23.71 -16.72
CA ALA E 5 30.22 -23.88 -18.01
C ALA E 5 30.40 -22.55 -18.74
N PHE E 6 29.36 -21.75 -18.78
CA PHE E 6 29.44 -20.44 -19.41
C PHE E 6 28.88 -19.39 -18.47
N ALA E 7 29.32 -18.17 -18.68
CA ALA E 7 28.87 -17.02 -17.90
C ALA E 7 28.71 -15.85 -18.85
N GLU E 8 27.49 -15.36 -18.98
CA GLU E 8 27.16 -14.32 -19.95
C GLU E 8 26.59 -13.12 -19.21
N PRO E 9 27.44 -12.26 -18.67
CA PRO E 9 26.94 -11.02 -18.09
C PRO E 9 26.38 -10.12 -19.17
N PHE E 10 25.26 -9.49 -18.88
CA PHE E 10 24.64 -8.61 -19.86
C PHE E 10 24.05 -7.41 -19.17
N PHE E 11 23.75 -6.39 -19.95
CA PHE E 11 23.04 -5.22 -19.48
C PHE E 11 21.62 -5.23 -19.99
N ILE E 12 20.76 -4.50 -19.29
CA ILE E 12 19.37 -4.37 -19.68
C ILE E 12 19.08 -2.90 -19.84
N HIS E 13 18.99 -2.44 -21.08
CA HIS E 13 18.61 -1.07 -21.36
C HIS E 13 17.12 -1.03 -21.60
N ALA E 14 16.43 -0.13 -20.89
CA ALA E 14 15.00 0.01 -21.07
C ALA E 14 14.73 0.83 -22.32
N ILE E 15 14.05 0.24 -23.29
CA ILE E 15 13.69 0.96 -24.50
C ILE E 15 12.54 1.92 -24.21
N THR E 16 11.44 1.39 -23.72
CA THR E 16 10.35 2.20 -23.21
C THR E 16 10.45 2.22 -21.69
N HIS E 17 9.44 2.77 -21.03
CA HIS E 17 9.41 2.68 -19.59
C HIS E 17 9.16 1.25 -19.17
N LEU E 18 9.57 0.92 -17.96
CA LEU E 18 9.60 -0.45 -17.50
C LEU E 18 8.97 -0.52 -16.12
N HIS E 19 8.03 -1.44 -15.93
CA HIS E 19 7.37 -1.62 -14.64
C HIS E 19 7.35 -3.10 -14.29
N VAL E 20 8.17 -3.48 -13.31
CA VAL E 20 8.19 -4.84 -12.81
C VAL E 20 7.48 -4.82 -11.47
N GLY E 21 6.28 -5.40 -11.41
CA GLY E 21 5.43 -5.21 -10.25
C GLY E 21 5.99 -5.88 -9.02
N SER E 22 5.88 -5.19 -7.89
CA SER E 22 6.42 -5.70 -6.63
C SER E 22 5.39 -6.42 -5.81
N GLY E 23 4.12 -6.03 -5.89
CA GLY E 23 3.11 -6.64 -5.06
C GLY E 23 2.60 -5.67 -4.01
N SER E 24 1.31 -5.39 -4.03
CA SER E 24 0.75 -4.34 -3.21
C SER E 24 0.77 -4.74 -1.74
N SER E 25 0.30 -3.82 -0.90
CA SER E 25 0.16 -4.03 0.54
C SER E 25 -0.81 -2.98 1.04
N VAL E 26 -0.89 -2.83 2.36
CA VAL E 26 -1.76 -1.83 2.96
C VAL E 26 -1.02 -0.51 3.19
N GLU E 27 0.20 -0.56 3.71
CA GLU E 27 0.98 0.65 3.94
C GLU E 27 1.95 0.89 2.79
N GLU E 28 1.38 1.16 1.61
CA GLU E 28 2.18 1.20 0.39
C GLU E 28 2.23 2.54 -0.30
N GLU E 29 1.16 3.34 -0.26
CA GLU E 29 1.13 4.72 -0.75
C GLU E 29 1.47 4.80 -2.24
N ILE E 30 1.69 3.66 -2.88
CA ILE E 30 1.75 3.53 -4.33
C ILE E 30 1.09 2.20 -4.63
N ALA E 31 -0.08 2.24 -5.27
CA ALA E 31 -0.84 1.01 -5.48
C ALA E 31 0.00 -0.06 -6.14
N LEU E 32 0.84 0.32 -7.11
CA LEU E 32 1.63 -0.63 -7.88
C LEU E 32 3.09 -0.19 -7.82
N PRO E 33 3.85 -0.69 -6.86
CA PRO E 33 5.23 -0.26 -6.69
C PRO E 33 6.19 -1.06 -7.56
N PHE E 34 7.42 -0.59 -7.62
CA PHE E 34 8.46 -1.20 -8.43
C PHE E 34 9.39 -2.00 -7.52
N GLN E 35 9.84 -3.15 -8.00
CA GLN E 35 10.63 -4.06 -7.20
C GLN E 35 11.89 -3.39 -6.66
N ARG E 36 11.95 -3.18 -5.35
CA ARG E 36 13.17 -2.65 -4.75
C ARG E 36 14.08 -3.80 -4.36
N ASP E 37 15.27 -3.45 -3.91
CA ASP E 37 16.26 -4.43 -3.50
C ASP E 37 16.60 -4.24 -2.03
N GLU E 38 17.65 -4.92 -1.58
CA GLU E 38 18.04 -4.91 -0.18
C GLU E 38 18.48 -3.54 0.32
N LEU E 39 18.59 -2.53 -0.55
CA LEU E 39 18.95 -1.20 -0.08
C LEU E 39 18.12 -0.13 -0.76
N GLY E 40 16.90 -0.47 -1.18
CA GLY E 40 15.98 0.53 -1.66
C GLY E 40 15.94 0.69 -3.16
N TYR E 41 17.10 0.62 -3.79
CA TYR E 41 17.19 0.85 -5.23
C TYR E 41 16.35 -0.18 -5.97
N PRO E 42 15.82 0.18 -7.14
CA PRO E 42 15.04 -0.79 -7.90
C PRO E 42 15.93 -1.86 -8.50
N THR E 43 15.37 -3.05 -8.62
CA THR E 43 16.02 -4.14 -9.34
C THR E 43 14.95 -4.92 -10.07
N ILE E 44 15.39 -5.95 -10.78
CA ILE E 44 14.49 -6.94 -11.36
C ILE E 44 14.85 -8.26 -10.71
N TYR E 45 13.90 -8.85 -10.01
CA TYR E 45 14.17 -10.14 -9.42
C TYR E 45 14.44 -11.16 -10.52
N ALA E 46 15.38 -12.06 -10.26
CA ALA E 46 15.76 -13.00 -11.28
C ALA E 46 14.62 -13.89 -11.71
N SER E 47 13.58 -14.01 -10.89
CA SER E 47 12.42 -14.80 -11.29
C SER E 47 11.69 -14.14 -12.44
N SER E 48 11.51 -12.82 -12.38
CA SER E 48 10.85 -12.10 -13.45
C SER E 48 11.69 -12.12 -14.71
N LEU E 49 12.99 -11.87 -14.57
CA LEU E 49 13.92 -12.00 -15.68
C LEU E 49 13.77 -13.35 -16.37
N LYS E 50 13.91 -14.42 -15.59
CA LYS E 50 13.89 -15.76 -16.17
C LYS E 50 12.55 -16.06 -16.82
N GLY E 51 11.45 -15.74 -16.14
CA GLY E 51 10.16 -16.05 -16.70
C GLY E 51 9.88 -15.29 -17.98
N ALA E 52 10.21 -14.00 -17.99
CA ALA E 52 9.98 -13.20 -19.18
C ALA E 52 10.82 -13.70 -20.34
N ILE E 53 12.12 -13.91 -20.11
CA ILE E 53 12.99 -14.35 -21.19
C ILE E 53 12.59 -15.74 -21.67
N LYS E 54 12.50 -16.70 -20.76
CA LYS E 54 12.13 -18.05 -21.13
C LYS E 54 10.79 -18.10 -21.83
N SER E 55 9.89 -17.17 -21.53
CA SER E 55 8.66 -17.12 -22.29
C SER E 55 8.84 -16.45 -23.64
N PHE E 56 9.88 -15.62 -23.79
CA PHE E 56 10.15 -15.01 -25.07
C PHE E 56 10.83 -16.00 -26.00
N LEU E 57 11.94 -16.58 -25.54
CA LEU E 57 12.67 -17.55 -26.34
C LEU E 57 11.78 -18.69 -26.77
N LEU E 58 10.83 -19.06 -25.92
CA LEU E 58 10.06 -20.27 -26.16
C LEU E 58 9.14 -20.11 -27.36
N LYS E 59 8.87 -18.87 -27.77
CA LYS E 59 8.04 -18.61 -28.93
C LYS E 59 8.79 -17.98 -30.09
N GLU E 60 10.00 -17.48 -29.85
CA GLU E 60 10.84 -16.97 -30.92
C GLU E 60 11.79 -18.03 -31.45
N PHE E 61 11.69 -19.24 -30.94
CA PHE E 61 12.53 -20.34 -31.40
C PHE E 61 11.73 -21.63 -31.30
N PRO E 62 10.64 -21.74 -32.05
CA PRO E 62 9.75 -22.91 -31.87
C PRO E 62 10.38 -24.20 -32.32
N ASP E 63 11.49 -24.15 -33.06
CA ASP E 63 12.18 -25.37 -33.44
C ASP E 63 12.84 -26.03 -32.25
N LYS E 64 13.76 -25.31 -31.60
CA LYS E 64 14.53 -25.88 -30.50
C LYS E 64 13.89 -25.54 -29.17
N ARG E 65 12.64 -25.97 -29.01
CA ARG E 65 11.95 -25.81 -27.75
C ARG E 65 12.34 -26.85 -26.72
N ASP E 66 13.44 -27.55 -26.96
CA ASP E 66 13.98 -28.49 -25.99
C ASP E 66 15.32 -28.07 -25.43
N VAL E 67 16.16 -27.39 -26.21
CA VAL E 67 17.36 -26.78 -25.64
C VAL E 67 16.97 -25.81 -24.54
N ILE E 68 15.93 -25.01 -24.77
CA ILE E 68 15.46 -24.10 -23.74
C ILE E 68 14.96 -24.88 -22.54
N TYR E 69 14.10 -25.88 -22.77
CA TYR E 69 13.57 -26.67 -21.66
C TYR E 69 14.67 -27.35 -20.88
N LYS E 70 15.80 -27.63 -21.52
CA LYS E 70 16.89 -28.25 -20.80
C LYS E 70 17.67 -27.22 -20.00
N VAL E 71 17.89 -26.03 -20.57
CA VAL E 71 18.68 -25.04 -19.85
C VAL E 71 17.84 -24.26 -18.86
N LEU E 72 16.59 -23.98 -19.22
CA LEU E 72 15.72 -23.17 -18.37
C LEU E 72 14.55 -23.96 -17.80
N GLY E 73 14.66 -25.28 -17.76
CA GLY E 73 13.69 -26.08 -17.03
C GLY E 73 12.37 -26.28 -17.72
N GLU E 74 11.83 -27.49 -17.67
CA GLU E 74 10.57 -27.79 -18.31
C GLU E 74 9.43 -27.09 -17.58
N ASP E 75 8.31 -26.98 -18.28
CA ASP E 75 7.08 -26.46 -17.67
C ASP E 75 6.11 -27.56 -17.30
N GLU E 76 6.15 -28.68 -17.99
CA GLU E 76 5.43 -29.88 -17.58
C GLU E 76 6.24 -30.55 -16.47
N ASN E 77 5.98 -31.83 -16.24
CA ASN E 77 6.64 -32.60 -15.20
C ASN E 77 8.15 -32.37 -15.24
N PRO E 78 8.70 -31.73 -14.22
CA PRO E 78 10.15 -31.49 -14.19
C PRO E 78 10.89 -32.62 -13.50
N GLU E 79 11.95 -33.11 -14.12
CA GLU E 79 12.76 -34.19 -13.54
C GLU E 79 14.22 -33.80 -13.42
N GLU E 80 14.56 -32.54 -13.58
CA GLU E 80 15.93 -32.10 -13.36
C GLU E 80 15.93 -30.61 -13.08
N ALA E 81 16.89 -30.17 -12.29
CA ALA E 81 17.07 -28.75 -12.05
C ALA E 81 17.53 -28.08 -13.32
N SER E 82 16.92 -26.94 -13.63
CA SER E 82 17.33 -26.17 -14.79
C SER E 82 18.82 -25.91 -14.76
N LEU E 83 19.45 -25.99 -15.92
CA LEU E 83 20.88 -25.76 -16.02
C LEU E 83 21.23 -24.29 -16.05
N GLY E 84 20.30 -23.45 -16.52
CA GLY E 84 20.56 -22.03 -16.56
C GLY E 84 20.24 -21.35 -15.24
N THR E 85 21.01 -20.32 -14.93
CA THR E 85 20.85 -19.59 -13.69
C THR E 85 20.91 -18.10 -13.98
N PHE E 86 19.82 -17.40 -13.74
CA PHE E 86 19.82 -15.95 -13.84
C PHE E 86 20.31 -15.36 -12.53
N LEU E 87 20.45 -14.04 -12.50
CA LEU E 87 20.78 -13.34 -11.27
C LEU E 87 19.96 -12.06 -11.23
N ASP E 88 19.63 -11.62 -10.02
CA ASP E 88 18.84 -10.40 -9.83
C ASP E 88 19.48 -9.25 -10.57
N ALA E 89 18.71 -8.61 -11.44
CA ALA E 89 19.24 -7.55 -12.28
C ALA E 89 19.53 -6.34 -11.43
N ILE E 90 20.80 -6.15 -11.08
CA ILE E 90 21.19 -4.97 -10.32
C ILE E 90 21.01 -3.74 -11.17
N LEU E 91 20.37 -2.72 -10.60
CA LEU E 91 20.36 -1.40 -11.23
C LEU E 91 21.77 -0.92 -11.46
N PHE E 92 22.12 -0.68 -12.73
CA PHE E 92 23.48 -0.24 -13.01
C PHE E 92 23.58 1.28 -13.03
N ALA E 93 22.81 1.94 -13.89
CA ALA E 93 22.85 3.39 -14.01
C ALA E 93 21.49 3.88 -14.48
N ILE E 94 21.07 5.00 -13.92
CA ILE E 94 19.73 5.54 -14.19
C ILE E 94 19.87 6.93 -14.79
N PRO E 95 19.08 7.29 -15.78
CA PRO E 95 19.13 8.65 -16.31
C PRO E 95 18.55 9.64 -15.32
N SER E 96 18.89 10.90 -15.52
CA SER E 96 18.37 11.95 -14.66
C SER E 96 18.51 13.29 -15.35
N ARG E 97 17.50 14.14 -15.20
CA ARG E 97 17.60 15.49 -15.72
C ARG E 97 18.72 16.23 -15.01
N ILE E 98 19.38 17.14 -15.75
CA ILE E 98 20.53 17.85 -15.24
C ILE E 98 20.48 19.29 -15.70
N ILE E 99 20.81 20.21 -14.81
CA ILE E 99 20.99 21.62 -15.10
C ILE E 99 22.38 21.96 -14.57
N GLU E 100 23.35 22.03 -15.47
CA GLU E 100 24.76 21.96 -15.09
C GLU E 100 25.38 23.33 -14.90
N ILE E 101 26.35 23.39 -14.02
CA ILE E 101 27.16 24.57 -13.78
C ILE E 101 28.61 24.25 -14.18
N ASP E 102 29.37 25.32 -14.42
CA ASP E 102 30.79 25.22 -14.78
C ASP E 102 30.97 24.45 -16.08
N SER E 103 29.98 24.51 -16.97
CA SER E 103 30.14 24.01 -18.33
C SER E 103 29.04 24.55 -19.24
N ALA E 104 29.44 25.25 -20.30
CA ALA E 104 28.48 25.63 -21.33
C ALA E 104 28.11 24.44 -22.21
N LYS E 105 28.94 23.40 -22.24
CA LYS E 105 28.67 22.18 -22.98
C LYS E 105 27.37 21.56 -22.46
N PRO E 106 26.30 21.58 -23.24
CA PRO E 106 24.98 21.28 -22.70
C PRO E 106 24.60 19.80 -22.74
N TYR E 107 23.99 19.35 -21.65
CA TYR E 107 23.35 18.05 -21.57
C TYR E 107 21.98 18.26 -20.95
N VAL E 108 20.98 17.58 -21.50
CA VAL E 108 19.63 17.64 -20.92
C VAL E 108 19.37 16.49 -19.97
N TRP E 109 20.26 15.49 -19.93
CA TRP E 109 20.15 14.37 -19.02
C TRP E 109 21.46 13.59 -19.07
N VAL E 110 21.83 12.99 -17.94
CA VAL E 110 23.03 12.20 -17.82
C VAL E 110 22.67 10.84 -17.26
N TYR E 111 23.69 10.03 -17.01
CA TYR E 111 23.54 8.75 -16.34
C TYR E 111 24.05 8.88 -14.92
N VAL E 112 23.33 8.29 -13.98
CA VAL E 112 23.69 8.38 -12.57
C VAL E 112 23.77 6.97 -12.01
N THR E 113 24.86 6.69 -11.30
CA THR E 113 25.00 5.47 -10.54
C THR E 113 25.69 5.82 -9.23
N THR E 114 25.73 4.87 -8.32
CA THR E 114 26.30 5.12 -7.02
C THR E 114 27.46 4.16 -6.81
N TYR E 115 28.05 4.22 -5.62
CA TYR E 115 29.12 3.30 -5.31
C TYR E 115 28.59 1.96 -4.81
N GLU E 116 27.46 1.95 -4.10
CA GLU E 116 26.94 0.67 -3.62
C GLU E 116 26.53 -0.22 -4.78
N LEU E 117 25.98 0.37 -5.84
CA LEU E 117 25.59 -0.42 -7.00
C LEU E 117 26.82 -1.03 -7.65
N LEU E 118 27.89 -0.26 -7.75
CA LEU E 118 29.10 -0.81 -8.33
C LEU E 118 29.73 -1.85 -7.43
N LYS E 119 29.53 -1.74 -6.12
CA LYS E 119 30.03 -2.78 -5.23
C LYS E 119 29.26 -4.07 -5.42
N LYS E 120 27.95 -3.98 -5.60
CA LYS E 120 27.20 -5.20 -5.87
C LYS E 120 27.59 -5.82 -7.20
N VAL E 121 27.85 -4.97 -8.21
CA VAL E 121 28.29 -5.50 -9.50
C VAL E 121 29.66 -6.14 -9.38
N LYS E 122 30.54 -5.56 -8.58
CA LYS E 122 31.84 -6.16 -8.35
C LYS E 122 31.72 -7.49 -7.64
N LEU E 123 30.77 -7.60 -6.70
CA LEU E 123 30.49 -8.89 -6.08
C LEU E 123 30.09 -9.91 -7.11
N TYR E 124 29.13 -9.56 -7.97
CA TYR E 124 28.73 -10.48 -9.04
C TYR E 124 29.93 -10.92 -9.85
N LEU E 125 30.76 -9.97 -10.26
CA LEU E 125 31.88 -10.30 -11.13
C LEU E 125 32.90 -11.19 -10.43
N ASP E 126 33.21 -10.89 -9.17
CA ASP E 126 34.14 -11.73 -8.42
C ASP E 126 33.63 -13.16 -8.33
N SER E 127 32.40 -13.33 -7.87
CA SER E 127 31.86 -14.67 -7.72
C SER E 127 31.86 -15.41 -9.04
N ILE E 128 31.47 -14.74 -10.13
CA ILE E 128 31.35 -15.42 -11.40
C ILE E 128 32.73 -15.76 -11.96
N SER E 129 33.72 -14.90 -11.73
CA SER E 129 35.05 -15.19 -12.21
C SER E 129 35.72 -16.27 -11.38
N GLN E 130 35.30 -16.46 -10.15
CA GLN E 130 35.82 -17.53 -9.33
C GLN E 130 35.01 -18.81 -9.45
N LEU E 131 33.88 -18.78 -10.15
CA LEU E 131 33.03 -19.94 -10.26
C LEU E 131 32.82 -20.44 -11.67
N SER E 132 33.40 -19.79 -12.68
CA SER E 132 33.22 -20.20 -14.06
C SER E 132 34.48 -20.13 -14.91
N ASN E 133 35.59 -19.61 -14.38
CA ASN E 133 36.90 -19.46 -15.03
C ASN E 133 36.86 -18.41 -16.12
N ALA E 134 35.68 -17.89 -16.44
CA ALA E 134 35.54 -16.86 -17.46
C ALA E 134 35.77 -15.53 -16.77
N SER E 135 37.01 -15.08 -16.77
CA SER E 135 37.34 -13.83 -16.11
C SER E 135 36.98 -12.64 -17.00
N PHE E 136 36.85 -11.48 -16.37
CA PHE E 136 36.48 -10.24 -17.03
C PHE E 136 37.41 -9.13 -16.62
N SER E 137 38.71 -9.38 -16.70
CA SER E 137 39.70 -8.42 -16.25
C SER E 137 39.41 -7.02 -16.75
N ASN E 138 38.89 -6.90 -17.98
CA ASN E 138 38.56 -5.59 -18.52
C ASN E 138 37.53 -4.88 -17.67
N LEU E 139 36.33 -5.45 -17.57
CA LEU E 139 35.26 -4.82 -16.81
C LEU E 139 35.61 -4.74 -15.32
N LYS E 140 36.21 -5.80 -14.78
CA LYS E 140 36.57 -5.79 -13.37
C LYS E 140 37.52 -4.66 -13.06
N ASN E 141 38.45 -4.35 -13.97
CA ASN E 141 39.35 -3.25 -13.72
C ASN E 141 38.71 -1.91 -14.00
N LYS E 142 37.80 -1.83 -14.97
CA LYS E 142 37.06 -0.60 -15.17
C LYS E 142 36.23 -0.25 -13.94
N ILE E 143 35.83 -1.25 -13.16
CA ILE E 143 35.09 -0.99 -11.95
C ILE E 143 36.00 -0.79 -10.73
N ASP E 144 37.13 -1.49 -10.68
CA ASP E 144 38.10 -1.25 -9.61
C ASP E 144 38.65 0.17 -9.69
N THR E 145 38.91 0.66 -10.90
CA THR E 145 39.39 2.01 -11.06
C THR E 145 38.40 3.01 -10.49
N ILE E 146 37.11 2.74 -10.64
CA ILE E 146 36.10 3.64 -10.11
C ILE E 146 36.05 3.53 -8.59
N LEU E 147 35.96 2.31 -8.08
CA LEU E 147 35.83 2.11 -6.64
C LEU E 147 37.05 2.59 -5.89
N ALA E 148 38.20 2.72 -6.55
CA ALA E 148 39.34 3.35 -5.92
C ALA E 148 39.08 4.80 -5.56
N LYS E 149 37.93 5.35 -5.95
CA LYS E 149 37.59 6.74 -5.76
C LYS E 149 36.28 6.85 -5.01
N GLU E 150 36.12 6.05 -3.97
CA GLU E 150 34.88 6.06 -3.21
C GLU E 150 34.84 7.25 -2.27
N GLY E 151 33.64 7.65 -1.89
CA GLY E 151 33.46 8.75 -0.97
C GLY E 151 33.64 10.10 -1.59
N LYS E 152 33.36 10.22 -2.89
CA LYS E 152 33.57 11.45 -3.63
C LYS E 152 32.89 11.35 -4.98
N ASN E 153 31.99 12.27 -5.29
CA ASN E 153 31.27 12.22 -6.56
C ASN E 153 32.25 12.30 -7.71
N ILE E 154 31.89 11.66 -8.82
CA ILE E 154 32.88 11.49 -9.89
C ILE E 154 32.16 11.38 -11.22
N THR E 155 32.78 11.93 -12.25
CA THR E 155 32.26 11.89 -13.61
C THR E 155 33.27 11.22 -14.53
N LEU E 156 32.74 10.56 -15.57
CA LEU E 156 33.56 9.73 -16.43
C LEU E 156 33.64 10.24 -17.85
N ASP E 157 32.51 10.43 -18.51
CA ASP E 157 32.46 10.62 -19.95
C ASP E 157 32.60 12.08 -20.37
N SER E 158 32.79 13.00 -19.43
CA SER E 158 32.96 14.41 -19.75
C SER E 158 33.52 15.12 -18.52
N ASP E 159 33.60 16.44 -18.58
CA ASP E 159 34.04 17.28 -17.47
C ASP E 159 32.94 18.27 -17.15
N LEU E 160 32.38 18.17 -15.94
CA LEU E 160 31.30 19.04 -15.51
C LEU E 160 31.65 19.86 -14.29
N LYS E 161 32.22 19.23 -13.26
CA LYS E 161 32.72 19.90 -12.07
C LYS E 161 31.61 20.52 -11.22
N SER E 162 30.36 20.47 -11.70
CA SER E 162 29.22 20.98 -10.96
C SER E 162 27.96 20.68 -11.75
N ALA E 163 26.87 20.41 -11.04
CA ALA E 163 25.60 20.12 -11.70
C ALA E 163 24.48 20.09 -10.67
N ILE E 164 23.26 20.26 -11.16
CA ILE E 164 22.05 20.15 -10.36
C ILE E 164 21.20 19.05 -10.97
N LEU E 165 21.09 17.93 -10.28
CA LEU E 165 20.44 16.74 -10.79
C LEU E 165 19.01 16.69 -10.31
N ASN E 166 18.09 16.42 -11.24
CA ASN E 166 16.67 16.30 -10.95
C ASN E 166 16.15 17.53 -10.22
N GLU E 167 16.71 18.69 -10.55
CA GLU E 167 16.28 20.01 -10.12
C GLU E 167 16.48 20.28 -8.64
N ASP E 168 17.05 19.35 -7.87
CA ASP E 168 17.10 19.56 -6.44
C ASP E 168 18.50 19.46 -5.85
N PHE E 169 19.30 18.56 -6.38
CA PHE E 169 20.51 18.11 -5.71
C PHE E 169 21.75 18.67 -6.40
N TYR E 170 22.61 19.27 -5.59
CA TYR E 170 23.83 19.90 -6.08
C TYR E 170 25.03 19.02 -5.79
N VAL E 171 25.89 18.85 -6.76
CA VAL E 171 27.05 17.97 -6.64
C VAL E 171 28.26 18.66 -7.24
N GLU E 172 29.43 18.38 -6.67
CA GLU E 172 30.70 18.92 -7.15
C GLU E 172 31.53 17.73 -7.67
N LEU E 173 31.33 17.40 -8.93
CA LEU E 173 32.03 16.26 -9.51
C LEU E 173 33.50 16.55 -9.68
N GLU E 174 34.31 15.51 -9.52
CA GLU E 174 35.76 15.60 -9.72
C GLU E 174 36.14 14.48 -10.67
N ALA E 175 36.24 14.80 -11.95
CA ALA E 175 36.54 13.82 -12.99
C ALA E 175 37.64 12.88 -12.57
N LEU E 176 37.35 11.57 -12.65
CA LEU E 176 38.32 10.55 -12.26
C LEU E 176 39.59 10.71 -13.08
N ASN E 177 39.46 10.52 -14.39
CA ASN E 177 40.53 10.67 -15.36
C ASN E 177 39.93 10.39 -16.72
N ASN E 178 40.38 11.14 -17.74
CA ASN E 178 39.97 10.78 -19.09
C ASN E 178 40.58 9.46 -19.54
N LYS E 179 41.48 8.89 -18.74
CA LYS E 179 42.14 7.64 -19.11
C LYS E 179 41.23 6.42 -18.95
N ILE E 180 40.06 6.57 -18.33
CA ILE E 180 39.17 5.42 -18.19
C ILE E 180 38.35 5.28 -19.47
N PRO E 181 38.44 4.15 -20.17
CA PRO E 181 37.51 3.89 -21.26
C PRO E 181 36.09 3.84 -20.72
N SER E 182 35.18 4.49 -21.44
CA SER E 182 33.81 4.56 -20.97
C SER E 182 33.16 3.18 -20.99
N ILE E 183 32.49 2.87 -19.90
CA ILE E 183 31.46 1.84 -19.87
C ILE E 183 30.33 2.39 -20.73
N ILE E 184 29.27 1.59 -20.95
CA ILE E 184 28.43 1.64 -22.14
C ILE E 184 28.30 3.06 -22.66
N ASN E 185 28.61 3.24 -23.94
CA ASN E 185 28.97 4.56 -24.44
C ASN E 185 27.84 5.57 -24.22
N ALA E 186 26.75 5.45 -24.97
CA ALA E 186 25.54 6.23 -24.79
C ALA E 186 25.77 7.72 -24.94
N GLY E 187 26.97 8.16 -25.29
CA GLY E 187 27.24 9.57 -25.51
C GLY E 187 27.25 10.40 -24.24
N VAL E 188 26.18 10.34 -23.47
CA VAL E 188 25.99 11.23 -22.33
C VAL E 188 26.99 10.86 -21.24
N PRO E 189 27.34 11.79 -20.35
CA PRO E 189 28.22 11.46 -19.23
C PRO E 189 27.58 10.47 -18.29
N LEU E 190 28.40 9.89 -17.43
CA LEU E 190 27.95 8.96 -16.42
C LEU E 190 28.51 9.40 -15.08
N LEU E 191 27.63 9.74 -14.15
CA LEU E 191 28.05 10.16 -12.83
C LEU E 191 28.02 8.99 -11.88
N VAL E 192 29.04 8.91 -11.02
CA VAL E 192 29.06 7.97 -9.92
C VAL E 192 29.01 8.80 -8.66
N LEU E 193 27.89 8.76 -7.96
CA LEU E 193 27.64 9.65 -6.84
C LEU E 193 27.85 8.92 -5.52
N GLU E 194 28.14 9.69 -4.48
CA GLU E 194 28.07 9.17 -3.12
C GLU E 194 26.68 8.59 -2.92
N ASP E 195 26.56 7.61 -2.04
CA ASP E 195 25.32 6.86 -2.00
C ASP E 195 24.24 7.58 -1.23
N SER E 196 24.62 8.34 -0.21
CA SER E 196 23.63 9.05 0.59
C SER E 196 22.87 10.07 -0.23
N ILE E 197 23.47 10.57 -1.31
CA ILE E 197 22.80 11.54 -2.17
C ILE E 197 22.24 10.81 -3.38
N GLY E 198 22.94 9.76 -3.80
CA GLY E 198 22.43 8.95 -4.88
C GLY E 198 21.07 8.36 -4.58
N ARG E 199 20.80 8.08 -3.30
CA ARG E 199 19.51 7.53 -2.93
C ARG E 199 18.39 8.49 -3.30
N GLU E 200 18.48 9.73 -2.85
CA GLU E 200 17.45 10.70 -3.18
C GLU E 200 17.39 10.96 -4.67
N VAL E 201 18.54 11.09 -5.33
CA VAL E 201 18.52 11.36 -6.76
C VAL E 201 17.78 10.27 -7.50
N ILE E 202 18.15 9.01 -7.24
CA ILE E 202 17.53 7.89 -7.95
C ILE E 202 16.05 7.83 -7.64
N ASN E 203 15.67 8.06 -6.39
CA ASN E 203 14.25 8.05 -6.06
C ASN E 203 13.51 9.13 -6.84
N ARG E 204 14.06 10.34 -6.86
CA ARG E 204 13.48 11.44 -7.60
C ARG E 204 13.44 11.17 -9.10
N SER E 205 14.26 10.26 -9.58
CA SER E 205 14.34 9.95 -11.01
C SER E 205 13.36 8.90 -11.45
N LEU E 206 12.52 8.37 -10.57
CA LEU E 206 11.49 7.44 -10.99
C LEU E 206 10.33 8.19 -11.61
N ILE E 207 9.30 7.47 -12.03
CA ILE E 207 8.21 8.04 -12.78
C ILE E 207 6.91 7.55 -12.15
N ARG E 208 6.34 8.35 -11.28
CA ARG E 208 5.06 8.02 -10.69
C ARG E 208 3.95 8.66 -11.51
N VAL E 209 2.89 7.91 -11.74
CA VAL E 209 1.87 8.30 -12.69
C VAL E 209 0.51 7.87 -12.19
N ARG E 210 -0.40 8.82 -12.06
CA ARG E 210 -1.77 8.50 -11.66
C ARG E 210 -2.57 8.08 -12.87
N ARG E 211 -3.34 7.01 -12.71
CA ARG E 211 -4.21 6.53 -13.76
C ARG E 211 -5.63 6.45 -13.23
N ILE E 212 -6.59 6.53 -14.14
CA ILE E 212 -8.00 6.44 -13.76
C ILE E 212 -8.66 5.39 -14.63
N ARG E 213 -9.87 5.03 -14.24
CA ARG E 213 -10.71 4.10 -14.98
C ARG E 213 -12.06 4.75 -15.18
N ILE E 214 -12.48 4.87 -16.42
CA ILE E 214 -13.68 5.61 -16.77
C ILE E 214 -14.81 4.65 -17.06
N ASP E 215 -15.98 4.96 -16.53
CA ASP E 215 -17.17 4.15 -16.77
C ASP E 215 -17.42 4.05 -18.27
N ARG E 216 -17.87 2.87 -18.70
CA ARG E 216 -17.96 2.52 -20.11
C ARG E 216 -19.28 2.93 -20.74
N ASP E 217 -20.07 3.78 -20.07
CA ASP E 217 -21.34 4.16 -20.64
C ASP E 217 -21.66 5.63 -20.44
N LYS E 218 -20.82 6.37 -19.73
CA LYS E 218 -21.15 7.77 -19.49
C LYS E 218 -19.94 8.69 -19.48
N LYS E 219 -18.76 8.17 -19.75
CA LYS E 219 -17.52 8.95 -19.70
C LYS E 219 -17.39 9.70 -18.37
N VAL E 220 -17.29 8.92 -17.30
CA VAL E 220 -16.99 9.47 -15.99
C VAL E 220 -16.28 8.39 -15.20
N VAL E 221 -15.43 8.79 -14.27
CA VAL E 221 -14.62 7.82 -13.56
C VAL E 221 -15.50 6.88 -12.76
N GLU E 222 -15.03 5.65 -12.60
CA GLU E 222 -15.69 4.70 -11.72
C GLU E 222 -15.18 4.90 -10.31
N THR E 223 -16.04 4.60 -9.34
CA THR E 223 -15.61 4.69 -7.95
C THR E 223 -14.50 3.69 -7.69
N GLY E 224 -13.45 4.14 -7.01
CA GLY E 224 -12.29 3.33 -6.81
C GLY E 224 -11.35 3.27 -7.98
N GLY E 225 -11.74 3.81 -9.14
CA GLY E 225 -10.88 3.79 -10.30
C GLY E 225 -9.88 4.92 -10.31
N LEU E 226 -8.89 4.84 -9.42
CA LEU E 226 -7.85 5.86 -9.35
C LEU E 226 -6.67 5.26 -8.61
N TRP E 227 -5.52 5.21 -9.26
CA TRP E 227 -4.35 4.63 -8.63
C TRP E 227 -3.10 5.31 -9.18
N SER E 228 -1.95 4.86 -8.71
CA SER E 228 -0.67 5.32 -9.18
C SER E 228 0.20 4.13 -9.53
N GLU E 229 1.04 4.32 -10.54
CA GLU E 229 2.01 3.32 -10.92
C GLU E 229 3.40 3.93 -10.84
N GLU E 230 4.42 3.09 -11.03
CA GLU E 230 5.78 3.52 -10.75
C GLU E 230 6.71 2.84 -11.74
N TYR E 231 7.14 3.58 -12.75
CA TYR E 231 8.04 3.06 -13.76
C TYR E 231 9.45 3.55 -13.50
N VAL E 232 10.42 2.81 -14.02
CA VAL E 232 11.77 3.34 -14.20
C VAL E 232 11.81 3.91 -15.60
N PRO E 233 12.58 4.95 -15.85
CA PRO E 233 12.53 5.61 -17.15
C PRO E 233 13.23 4.79 -18.22
N MET E 234 12.90 5.09 -19.47
CA MET E 234 13.63 4.51 -20.57
C MET E 234 15.10 4.91 -20.47
N LYS E 235 15.95 4.11 -21.11
CA LYS E 235 17.41 4.22 -21.06
C LYS E 235 17.97 3.87 -19.69
N THR E 236 17.19 3.24 -18.82
CA THR E 236 17.74 2.70 -17.59
C THR E 236 18.52 1.44 -17.88
N ILE E 237 19.63 1.24 -17.17
CA ILE E 237 20.51 0.11 -17.39
C ILE E 237 20.50 -0.76 -16.13
N PHE E 238 20.08 -2.00 -16.27
CA PHE E 238 20.26 -3.01 -15.25
C PHE E 238 21.32 -4.00 -15.69
N PHE E 239 22.06 -4.53 -14.72
CA PHE E 239 23.13 -5.48 -14.99
C PHE E 239 22.81 -6.81 -14.34
N SER E 240 22.66 -7.85 -15.15
CA SER E 240 22.43 -9.20 -14.67
C SER E 240 23.44 -10.15 -15.29
N VAL E 241 23.39 -11.42 -14.89
CA VAL E 241 24.32 -12.43 -15.38
C VAL E 241 23.52 -13.69 -15.67
N LEU E 242 23.79 -14.30 -16.82
CA LEU E 242 23.20 -15.58 -17.17
C LEU E 242 24.26 -16.66 -17.03
N LEU E 243 23.99 -17.66 -16.20
CA LEU E 243 24.96 -18.67 -15.83
C LEU E 243 24.50 -20.03 -16.30
N GLY E 244 25.44 -20.85 -16.74
CA GLY E 244 25.10 -22.13 -17.33
C GLY E 244 26.07 -23.21 -16.91
N LYS E 245 25.62 -24.45 -17.06
CA LYS E 245 26.35 -25.63 -16.67
C LYS E 245 26.61 -26.49 -17.91
N GLU E 246 27.03 -27.73 -17.67
CA GLU E 246 27.46 -28.64 -18.73
C GLU E 246 26.23 -29.14 -19.47
N SER E 247 26.35 -30.30 -20.13
CA SER E 247 25.28 -30.85 -20.96
C SER E 247 25.04 -29.99 -22.19
N LYS E 248 25.86 -30.22 -23.21
CA LYS E 248 26.08 -29.37 -24.37
C LYS E 248 24.85 -28.72 -24.98
N GLU E 249 23.65 -29.19 -24.66
CA GLU E 249 22.47 -28.36 -24.89
C GLU E 249 22.70 -26.97 -24.33
N SER E 250 23.31 -26.89 -23.15
CA SER E 250 23.74 -25.62 -22.61
C SER E 250 24.73 -24.93 -23.54
N ALA E 251 25.63 -25.69 -24.14
CA ALA E 251 26.62 -25.09 -25.03
C ALA E 251 25.96 -24.53 -26.29
N ILE E 252 24.96 -25.24 -26.81
CA ILE E 252 24.18 -24.70 -27.91
C ILE E 252 23.53 -23.39 -27.50
N PHE E 253 22.83 -23.41 -26.37
CA PHE E 253 22.14 -22.23 -25.86
C PHE E 253 23.01 -20.98 -25.94
N ALA E 254 24.25 -21.08 -25.50
CA ALA E 254 25.13 -19.94 -25.52
C ALA E 254 25.79 -19.70 -26.87
N SER E 255 25.29 -20.33 -27.93
CA SER E 255 25.80 -20.07 -29.27
C SER E 255 24.73 -19.87 -30.32
N CYS E 256 23.52 -20.39 -30.12
CA CYS E 256 22.42 -20.17 -31.05
C CYS E 256 21.34 -19.28 -30.48
N ILE E 257 21.15 -19.31 -29.17
CA ILE E 257 20.08 -18.56 -28.53
C ILE E 257 20.58 -17.24 -27.98
N LEU E 258 21.71 -17.25 -27.29
CA LEU E 258 22.18 -16.01 -26.69
C LEU E 258 22.77 -15.04 -27.69
N ARG E 259 22.76 -15.37 -28.98
CA ARG E 259 23.19 -14.43 -29.99
C ARG E 259 22.03 -13.78 -30.71
N ASN E 260 20.95 -14.51 -30.92
CA ASN E 260 19.74 -13.98 -31.52
C ASN E 260 18.81 -13.37 -30.48
N LEU E 261 19.31 -13.09 -29.29
CA LEU E 261 18.51 -12.54 -28.20
C LEU E 261 18.95 -11.11 -27.95
N ARG E 262 18.18 -10.17 -28.42
CA ARG E 262 18.51 -8.76 -28.28
C ARG E 262 17.39 -7.95 -27.67
N TYR E 263 16.14 -8.26 -27.98
CA TYR E 263 15.00 -7.50 -27.51
C TYR E 263 14.01 -8.44 -26.86
N VAL E 264 13.57 -8.10 -25.65
CA VAL E 264 12.57 -8.86 -24.91
C VAL E 264 11.63 -7.88 -24.26
N ILE E 265 10.57 -8.42 -23.67
CA ILE E 265 9.58 -7.63 -22.96
C ILE E 265 9.57 -8.10 -21.51
N LEU E 266 10.01 -7.25 -20.60
CA LEU E 266 9.98 -7.53 -19.18
C LEU E 266 8.78 -6.87 -18.53
N GLY E 267 8.60 -7.14 -17.24
CA GLY E 267 7.59 -6.48 -16.45
C GLY E 267 6.19 -6.58 -16.99
N GLY E 268 5.33 -5.66 -16.58
CA GLY E 268 3.95 -5.69 -17.01
C GLY E 268 3.57 -4.44 -17.78
N LYS E 269 2.27 -4.23 -17.95
CA LYS E 269 1.75 -3.12 -18.71
C LYS E 269 2.30 -3.13 -20.13
N GLU E 270 2.31 -4.31 -20.74
CA GLU E 270 2.83 -4.47 -22.08
C GLU E 270 1.75 -4.22 -23.12
N THR E 271 0.65 -3.62 -22.68
CA THR E 271 -0.30 -3.04 -23.59
C THR E 271 -0.25 -1.54 -23.54
N ILE E 272 0.40 -0.96 -22.53
CA ILE E 272 0.75 0.44 -22.45
C ILE E 272 2.12 0.69 -23.03
N GLY E 273 2.64 -0.26 -23.79
CA GLY E 273 3.95 -0.11 -24.38
C GLY E 273 5.06 0.02 -23.35
N LYS E 274 4.94 -0.69 -22.25
CA LYS E 274 5.98 -0.72 -21.25
C LYS E 274 6.74 -2.03 -21.33
N GLY E 275 8.02 -1.98 -20.99
CA GLY E 275 8.79 -3.17 -20.78
C GLY E 275 9.73 -3.54 -21.91
N ILE E 276 9.61 -2.93 -23.08
CA ILE E 276 10.49 -3.29 -24.18
C ILE E 276 11.92 -3.05 -23.76
N VAL E 277 12.75 -4.08 -23.90
CA VAL E 277 14.06 -4.13 -23.27
C VAL E 277 15.09 -4.54 -24.31
N GLU E 278 16.28 -3.97 -24.20
CA GLU E 278 17.41 -4.34 -25.05
C GLU E 278 18.48 -4.97 -24.18
N LEU E 279 18.78 -6.24 -24.44
CA LEU E 279 19.88 -6.91 -23.78
C LEU E 279 21.14 -6.73 -24.60
N ARG E 280 22.23 -6.36 -23.94
CA ARG E 280 23.50 -6.14 -24.61
C ARG E 280 24.57 -6.90 -23.83
N TRP E 281 25.03 -7.99 -24.39
CA TRP E 281 25.92 -8.89 -23.68
C TRP E 281 27.27 -8.25 -23.47
N VAL E 282 27.68 -8.14 -22.20
CA VAL E 282 29.02 -7.68 -21.87
C VAL E 282 30.07 -8.43 -22.67
N LYS E 283 29.76 -9.68 -23.02
CA LYS E 283 30.65 -10.48 -23.86
C LYS E 283 31.10 -9.74 -25.11
N ASP E 284 30.26 -8.84 -25.62
CA ASP E 284 30.58 -8.12 -26.84
C ASP E 284 30.21 -6.65 -26.75
N VAL E 285 30.31 -6.04 -25.57
CA VAL E 285 29.90 -4.66 -25.41
C VAL E 285 31.02 -3.82 -24.82
N ILE E 286 31.89 -4.44 -24.03
CA ILE E 286 33.00 -3.70 -23.46
C ILE E 286 34.13 -3.57 -24.49
N PRO F 2 41.20 -32.59 22.66
CA PRO F 2 41.15 -32.69 21.20
C PRO F 2 40.12 -33.68 20.73
N TYR F 3 38.86 -33.54 21.17
CA TYR F 3 37.81 -34.33 20.56
C TYR F 3 37.73 -34.09 19.07
N TYR F 4 38.01 -32.87 18.64
CA TYR F 4 38.12 -32.50 17.24
C TYR F 4 39.55 -32.07 16.97
N ALA F 5 40.20 -32.72 16.00
CA ALA F 5 41.54 -32.30 15.62
C ALA F 5 41.54 -30.84 15.19
N PHE F 6 40.81 -30.54 14.13
CA PHE F 6 40.72 -29.18 13.62
C PHE F 6 39.32 -28.63 13.84
N ALA F 7 39.26 -27.32 14.05
CA ALA F 7 38.00 -26.61 14.21
C ALA F 7 38.10 -25.33 13.40
N GLU F 8 37.18 -25.14 12.46
CA GLU F 8 37.24 -24.02 11.53
C GLU F 8 35.96 -23.22 11.56
N PRO F 9 35.90 -22.16 12.36
CA PRO F 9 34.77 -21.25 12.28
C PRO F 9 34.87 -20.42 11.02
N PHE F 10 33.73 -20.21 10.37
CA PHE F 10 33.73 -19.45 9.14
C PHE F 10 32.45 -18.65 9.01
N PHE F 11 32.57 -17.48 8.43
CA PHE F 11 31.42 -16.65 8.12
C PHE F 11 30.84 -17.03 6.77
N ILE F 12 29.59 -16.64 6.55
CA ILE F 12 28.86 -16.98 5.33
C ILE F 12 28.28 -15.68 4.78
N HIS F 13 29.04 -15.01 3.92
CA HIS F 13 28.55 -13.79 3.31
C HIS F 13 27.64 -14.15 2.14
N ALA F 14 26.39 -13.76 2.21
CA ALA F 14 25.49 -14.00 1.09
C ALA F 14 25.87 -13.10 -0.07
N ILE F 15 26.20 -13.71 -1.21
CA ILE F 15 26.51 -12.92 -2.38
C ILE F 15 25.25 -12.50 -3.11
N THR F 16 24.23 -13.34 -3.15
CA THR F 16 22.91 -12.99 -3.61
C THR F 16 21.92 -13.23 -2.49
N HIS F 17 20.65 -12.96 -2.74
CA HIS F 17 19.62 -13.34 -1.78
C HIS F 17 19.59 -14.85 -1.70
N LEU F 18 19.80 -15.40 -0.52
CA LEU F 18 19.79 -16.85 -0.40
C LEU F 18 18.51 -17.28 0.30
N HIS F 19 17.96 -18.41 -0.14
CA HIS F 19 16.69 -18.93 0.36
C HIS F 19 16.85 -20.38 0.76
N VAL F 20 17.29 -20.60 1.99
CA VAL F 20 17.30 -21.93 2.59
C VAL F 20 15.99 -22.03 3.35
N GLY F 21 15.02 -22.73 2.79
CA GLY F 21 13.71 -22.61 3.38
C GLY F 21 13.00 -23.90 3.72
N SER F 22 12.72 -24.11 5.00
CA SER F 22 11.87 -25.21 5.44
C SER F 22 10.46 -24.99 4.93
N GLY F 23 10.03 -25.81 3.98
CA GLY F 23 8.68 -25.74 3.44
C GLY F 23 7.64 -25.72 4.53
N SER F 24 6.85 -24.64 4.58
CA SER F 24 6.13 -24.29 5.79
C SER F 24 5.06 -25.31 6.14
N SER F 25 4.47 -25.09 7.30
CA SER F 25 3.35 -25.81 7.86
C SER F 25 2.04 -25.12 7.47
N VAL F 26 0.96 -25.46 8.16
CA VAL F 26 -0.29 -24.71 8.12
C VAL F 26 0.05 -23.37 8.75
N GLU F 27 -0.88 -22.41 8.70
CA GLU F 27 -0.63 -20.99 8.97
C GLU F 27 0.58 -20.50 8.17
N GLU F 28 0.50 -20.70 6.86
CA GLU F 28 1.56 -20.28 5.94
C GLU F 28 1.40 -18.79 5.64
N GLU F 29 1.72 -17.96 6.65
CA GLU F 29 1.67 -16.52 6.45
C GLU F 29 2.59 -16.10 5.32
N ILE F 30 3.70 -16.83 5.15
CA ILE F 30 4.52 -16.81 3.95
C ILE F 30 4.58 -18.23 3.45
N ALA F 31 4.24 -18.44 2.17
CA ALA F 31 4.09 -19.79 1.68
C ALA F 31 5.39 -20.57 1.78
N LEU F 32 6.52 -19.93 1.47
CA LEU F 32 7.83 -20.57 1.51
C LEU F 32 8.76 -19.74 2.38
N PRO F 33 8.79 -20.00 3.67
CA PRO F 33 9.59 -19.18 4.57
C PRO F 33 11.02 -19.69 4.68
N PHE F 34 11.88 -18.82 5.20
CA PHE F 34 13.26 -19.16 5.47
C PHE F 34 13.34 -20.12 6.64
N GLN F 35 14.52 -20.68 6.87
CA GLN F 35 14.73 -21.59 7.98
C GLN F 35 14.89 -20.76 9.24
N ARG F 36 13.98 -20.96 10.18
CA ARG F 36 13.94 -20.13 11.38
C ARG F 36 14.71 -20.78 12.51
N ASP F 37 15.42 -19.96 13.26
CA ASP F 37 16.13 -20.38 14.44
C ASP F 37 15.13 -20.84 15.51
N GLU F 38 15.66 -21.25 16.65
CA GLU F 38 14.80 -21.60 17.78
C GLU F 38 14.22 -20.37 18.46
N LEU F 39 14.79 -19.19 18.24
CA LEU F 39 14.24 -17.96 18.80
C LEU F 39 13.77 -17.00 17.71
N GLY F 40 13.37 -17.55 16.56
CA GLY F 40 12.71 -16.80 15.52
C GLY F 40 13.61 -16.26 14.43
N TYR F 41 14.88 -16.02 14.73
CA TYR F 41 15.78 -15.46 13.73
C TYR F 41 15.99 -16.46 12.60
N PRO F 42 16.55 -16.02 11.48
CA PRO F 42 16.91 -16.95 10.42
C PRO F 42 18.19 -17.70 10.78
N THR F 43 18.32 -18.87 10.18
CA THR F 43 19.47 -19.73 10.41
C THR F 43 19.54 -20.75 9.30
N ILE F 44 20.70 -21.34 9.12
CA ILE F 44 20.89 -22.40 8.15
C ILE F 44 21.15 -23.67 8.91
N TYR F 45 20.19 -24.58 8.88
CA TYR F 45 20.37 -25.85 9.58
C TYR F 45 21.56 -26.59 9.00
N ALA F 46 22.42 -27.08 9.88
CA ALA F 46 23.67 -27.68 9.42
C ALA F 46 23.45 -28.87 8.51
N SER F 47 22.24 -29.43 8.49
CA SER F 47 21.96 -30.50 7.53
C SER F 47 22.07 -29.99 6.12
N SER F 48 21.39 -28.89 5.83
CA SER F 48 21.42 -28.33 4.48
C SER F 48 22.77 -27.70 4.18
N LEU F 49 23.37 -27.06 5.16
CA LEU F 49 24.72 -26.55 5.00
C LEU F 49 25.68 -27.65 4.57
N LYS F 50 25.58 -28.81 5.22
CA LYS F 50 26.47 -29.92 4.89
C LYS F 50 26.16 -30.50 3.52
N GLY F 51 24.89 -30.71 3.23
CA GLY F 51 24.55 -31.27 1.95
C GLY F 51 24.77 -30.34 0.78
N ALA F 52 24.95 -29.05 1.05
CA ALA F 52 25.27 -28.11 -0.01
C ALA F 52 26.77 -27.94 -0.19
N ILE F 53 27.53 -27.92 0.90
CA ILE F 53 28.98 -27.87 0.77
C ILE F 53 29.51 -29.20 0.23
N LYS F 54 28.83 -30.30 0.51
CA LYS F 54 29.31 -31.59 0.06
C LYS F 54 29.05 -31.81 -1.41
N SER F 55 27.81 -31.61 -1.86
CA SER F 55 27.50 -31.78 -3.26
C SER F 55 28.34 -30.85 -4.14
N PHE F 56 28.81 -29.74 -3.57
CA PHE F 56 29.70 -28.85 -4.28
C PHE F 56 31.09 -29.46 -4.40
N LEU F 57 31.71 -29.77 -3.26
CA LEU F 57 33.07 -30.30 -3.26
C LEU F 57 33.19 -31.55 -4.13
N LEU F 58 32.13 -32.36 -4.18
CA LEU F 58 32.19 -33.57 -4.99
C LEU F 58 32.40 -33.25 -6.46
N LYS F 59 32.00 -32.05 -6.89
CA LYS F 59 32.25 -31.64 -8.27
C LYS F 59 33.60 -30.96 -8.40
N GLU F 60 33.86 -29.97 -7.55
CA GLU F 60 35.06 -29.16 -7.71
C GLU F 60 36.33 -30.00 -7.67
N PHE F 61 36.43 -30.91 -6.71
CA PHE F 61 37.59 -31.77 -6.56
C PHE F 61 37.15 -33.18 -6.89
N PRO F 62 37.10 -33.56 -8.17
CA PRO F 62 36.67 -34.92 -8.52
C PRO F 62 37.76 -35.95 -8.30
N ASP F 63 38.99 -35.51 -8.04
CA ASP F 63 40.10 -36.40 -7.75
C ASP F 63 40.17 -36.78 -6.28
N LYS F 64 39.59 -35.96 -5.39
CA LYS F 64 39.58 -36.25 -3.97
C LYS F 64 38.22 -36.71 -3.48
N ARG F 65 37.43 -37.30 -4.37
CA ARG F 65 36.14 -37.85 -4.00
C ARG F 65 36.25 -38.97 -2.99
N ASP F 66 37.46 -39.39 -2.62
CA ASP F 66 37.65 -40.33 -1.53
C ASP F 66 37.99 -39.65 -0.23
N VAL F 67 38.70 -38.53 -0.27
CA VAL F 67 38.92 -37.75 0.94
C VAL F 67 37.61 -37.17 1.42
N ILE F 68 36.86 -36.54 0.52
CA ILE F 68 35.57 -35.96 0.88
C ILE F 68 34.69 -36.99 1.54
N TYR F 69 34.53 -38.15 0.88
CA TYR F 69 33.68 -39.20 1.43
C TYR F 69 34.13 -39.62 2.82
N LYS F 70 35.41 -39.51 3.12
CA LYS F 70 35.84 -39.93 4.45
C LYS F 70 35.48 -38.89 5.49
N VAL F 71 35.49 -37.61 5.14
CA VAL F 71 35.28 -36.57 6.12
C VAL F 71 33.82 -36.17 6.15
N LEU F 72 33.18 -36.19 4.99
CA LEU F 72 31.76 -35.84 4.90
C LEU F 72 30.88 -37.07 4.72
N GLY F 73 31.43 -38.25 4.93
CA GLY F 73 30.63 -39.45 4.96
C GLY F 73 30.27 -39.99 3.60
N GLU F 74 30.40 -41.30 3.43
CA GLU F 74 29.91 -41.95 2.22
C GLU F 74 28.42 -41.69 2.07
N ASP F 75 27.91 -41.86 0.85
CA ASP F 75 26.48 -41.71 0.68
C ASP F 75 25.88 -42.90 -0.06
N GLU F 76 26.64 -43.50 -0.98
CA GLU F 76 26.09 -44.61 -1.74
C GLU F 76 25.88 -45.83 -0.85
N ASN F 77 26.72 -46.02 0.15
CA ASN F 77 26.56 -47.09 1.12
C ASN F 77 27.26 -46.70 2.40
N PRO F 78 26.53 -46.55 3.50
CA PRO F 78 27.17 -46.17 4.77
C PRO F 78 27.83 -47.37 5.41
N GLU F 79 29.08 -47.18 5.86
CA GLU F 79 29.77 -48.22 6.62
C GLU F 79 30.46 -47.68 7.85
N GLU F 80 30.47 -46.37 8.05
CA GLU F 80 31.03 -45.75 9.24
C GLU F 80 30.64 -44.28 9.24
N ALA F 81 30.96 -43.59 10.32
CA ALA F 81 30.51 -42.23 10.54
C ALA F 81 31.46 -41.23 9.92
N SER F 82 30.91 -40.10 9.52
CA SER F 82 31.72 -39.00 9.01
C SER F 82 32.59 -38.44 10.12
N LEU F 83 33.77 -37.97 9.75
CA LEU F 83 34.68 -37.35 10.69
C LEU F 83 34.55 -35.84 10.70
N GLY F 84 33.68 -35.28 9.90
CA GLY F 84 33.51 -33.84 9.85
C GLY F 84 32.10 -33.42 10.18
N THR F 85 31.96 -32.42 11.06
CA THR F 85 30.65 -31.97 11.49
C THR F 85 30.50 -30.49 11.16
N PHE F 86 29.26 -30.11 10.87
CA PHE F 86 28.88 -28.72 10.70
C PHE F 86 28.02 -28.29 11.87
N LEU F 87 28.21 -27.08 12.34
CA LEU F 87 27.30 -26.50 13.31
C LEU F 87 26.28 -25.63 12.58
N ASP F 88 25.07 -25.59 13.12
CA ASP F 88 24.03 -24.76 12.54
C ASP F 88 24.51 -23.32 12.42
N ALA F 89 24.12 -22.67 11.33
CA ALA F 89 24.66 -21.36 11.00
C ALA F 89 23.89 -20.27 11.74
N ILE F 90 24.57 -19.57 12.63
CA ILE F 90 23.96 -18.48 13.38
C ILE F 90 23.98 -17.22 12.54
N LEU F 91 22.86 -16.53 12.48
CA LEU F 91 22.83 -15.22 11.87
C LEU F 91 23.74 -14.28 12.64
N PHE F 92 24.72 -13.71 11.96
CA PHE F 92 25.69 -12.86 12.64
C PHE F 92 25.44 -11.39 12.43
N ALA F 93 24.98 -10.99 11.25
CA ALA F 93 24.69 -9.60 10.96
C ALA F 93 23.86 -9.57 9.69
N ILE F 94 22.90 -8.68 9.63
CA ILE F 94 22.03 -8.57 8.48
C ILE F 94 22.06 -7.11 8.04
N PRO F 95 22.06 -6.81 6.75
CA PRO F 95 22.06 -5.40 6.34
C PRO F 95 20.72 -4.77 6.65
N SER F 96 20.76 -3.47 6.91
CA SER F 96 19.54 -2.71 7.11
C SER F 96 19.73 -1.35 6.50
N ARG F 97 18.78 -0.91 5.69
CA ARG F 97 18.86 0.43 5.13
C ARG F 97 18.66 1.44 6.24
N ILE F 98 19.42 2.53 6.19
CA ILE F 98 19.54 3.46 7.29
C ILE F 98 19.27 4.87 6.78
N ILE F 99 18.84 5.73 7.70
CA ILE F 99 18.71 7.17 7.43
C ILE F 99 19.32 7.86 8.63
N GLU F 100 20.58 8.25 8.51
CA GLU F 100 21.32 8.81 9.62
C GLU F 100 20.97 10.28 9.79
N ILE F 101 20.64 10.66 11.02
CA ILE F 101 20.33 12.06 11.31
C ILE F 101 21.61 12.89 11.31
N ASP F 102 22.55 12.54 12.18
CA ASP F 102 23.84 13.21 12.28
C ASP F 102 24.95 12.18 12.13
N SER F 103 25.90 12.47 11.25
CA SER F 103 27.02 11.58 10.99
C SER F 103 28.05 12.34 10.15
N ALA F 104 29.33 12.07 10.41
CA ALA F 104 30.38 12.66 9.59
C ALA F 104 30.24 12.21 8.15
N LYS F 105 30.41 10.90 7.89
CA LYS F 105 30.21 10.35 6.57
C LYS F 105 28.86 9.70 6.52
N PRO F 106 27.96 10.13 5.65
CA PRO F 106 26.61 9.58 5.63
C PRO F 106 26.56 8.21 4.96
N TYR F 107 25.72 7.34 5.50
CA TYR F 107 25.57 5.97 5.04
C TYR F 107 24.19 5.77 4.42
N VAL F 108 24.03 4.62 3.79
CA VAL F 108 22.73 4.20 3.27
C VAL F 108 22.26 2.90 3.91
N TRP F 109 23.16 1.95 4.09
CA TRP F 109 22.84 0.70 4.75
C TRP F 109 23.86 0.49 5.85
N VAL F 110 23.56 -0.46 6.73
CA VAL F 110 24.42 -0.73 7.88
C VAL F 110 24.16 -2.16 8.33
N TYR F 111 25.14 -2.75 9.01
CA TYR F 111 24.99 -4.09 9.56
C TYR F 111 24.33 -4.04 10.92
N VAL F 112 23.37 -4.93 11.13
CA VAL F 112 22.59 -4.97 12.36
C VAL F 112 22.71 -6.36 12.95
N THR F 113 23.16 -6.41 14.20
CA THR F 113 23.15 -7.65 14.98
C THR F 113 22.52 -7.36 16.33
N THR F 114 22.19 -8.41 17.05
CA THR F 114 21.62 -8.26 18.38
C THR F 114 22.56 -8.86 19.40
N TYR F 115 22.12 -8.90 20.65
CA TYR F 115 22.97 -9.46 21.69
C TYR F 115 22.76 -10.94 21.85
N GLU F 116 21.55 -11.45 21.56
CA GLU F 116 21.33 -12.88 21.64
C GLU F 116 22.16 -13.61 20.60
N LEU F 117 22.28 -13.03 19.41
CA LEU F 117 23.12 -13.64 18.38
C LEU F 117 24.56 -13.72 18.82
N LEU F 118 25.07 -12.65 19.44
CA LEU F 118 26.45 -12.68 19.90
C LEU F 118 26.62 -13.64 21.08
N LYS F 119 25.60 -13.78 21.92
CA LYS F 119 25.68 -14.77 22.98
C LYS F 119 25.78 -16.18 22.40
N LYS F 120 25.02 -16.44 21.34
CA LYS F 120 25.08 -17.74 20.70
C LYS F 120 26.44 -17.96 20.07
N VAL F 121 26.99 -16.93 19.42
CA VAL F 121 28.32 -17.05 18.83
C VAL F 121 29.36 -17.31 19.90
N LYS F 122 29.21 -16.69 21.05
CA LYS F 122 30.14 -16.93 22.14
C LYS F 122 30.01 -18.35 22.67
N LEU F 123 28.78 -18.85 22.77
CA LEU F 123 28.59 -20.25 23.16
C LEU F 123 29.32 -21.17 22.20
N TYR F 124 29.14 -20.95 20.90
CA TYR F 124 29.84 -21.75 19.90
C TYR F 124 31.34 -21.69 20.11
N LEU F 125 31.89 -20.48 20.19
CA LEU F 125 33.34 -20.34 20.32
C LEU F 125 33.85 -21.02 21.58
N ASP F 126 33.14 -20.88 22.69
CA ASP F 126 33.60 -21.47 23.94
C ASP F 126 33.58 -22.98 23.87
N SER F 127 32.47 -23.56 23.41
CA SER F 127 32.41 -25.00 23.29
C SER F 127 33.48 -25.53 22.36
N ILE F 128 33.73 -24.81 21.27
CA ILE F 128 34.73 -25.27 20.30
C ILE F 128 36.13 -25.19 20.90
N SER F 129 36.40 -24.13 21.65
CA SER F 129 37.71 -24.03 22.30
C SER F 129 37.89 -25.13 23.34
N GLN F 130 36.81 -25.59 23.94
CA GLN F 130 36.94 -26.65 24.95
C GLN F 130 36.91 -28.04 24.35
N LEU F 131 36.41 -28.21 23.13
CA LEU F 131 36.42 -29.51 22.48
C LEU F 131 37.66 -29.75 21.64
N SER F 132 38.50 -28.74 21.44
CA SER F 132 39.60 -28.86 20.51
C SER F 132 40.74 -27.96 20.95
N ASN F 133 41.84 -28.00 20.19
CA ASN F 133 42.99 -27.18 20.52
C ASN F 133 42.78 -25.72 20.14
N ALA F 134 41.89 -25.46 19.19
CA ALA F 134 41.80 -24.15 18.55
C ALA F 134 41.21 -23.16 19.52
N SER F 135 42.05 -22.31 20.10
CA SER F 135 41.59 -21.17 20.87
C SER F 135 41.49 -19.95 19.97
N PHE F 136 40.39 -19.22 20.12
CA PHE F 136 40.11 -18.08 19.24
C PHE F 136 40.13 -16.80 20.04
N SER F 137 41.18 -16.65 20.86
CA SER F 137 41.27 -15.58 21.85
C SER F 137 40.73 -14.25 21.34
N ASN F 138 41.20 -13.80 20.19
CA ASN F 138 40.87 -12.44 19.77
C ASN F 138 39.39 -12.30 19.42
N LEU F 139 38.79 -13.32 18.82
CA LEU F 139 37.38 -13.22 18.50
C LEU F 139 36.54 -13.24 19.76
N LYS F 140 36.86 -14.13 20.71
CA LYS F 140 36.16 -14.13 21.98
C LYS F 140 36.28 -12.79 22.68
N ASN F 141 37.45 -12.16 22.59
CA ASN F 141 37.62 -10.86 23.23
C ASN F 141 36.77 -9.81 22.53
N LYS F 142 36.82 -9.77 21.21
CA LYS F 142 36.04 -8.79 20.47
C LYS F 142 34.54 -9.00 20.64
N ILE F 143 34.12 -10.18 21.06
CA ILE F 143 32.69 -10.41 21.29
C ILE F 143 32.30 -10.09 22.71
N ASP F 144 33.07 -10.53 23.71
CA ASP F 144 32.64 -10.27 25.07
C ASP F 144 32.93 -8.85 25.52
N THR F 145 33.77 -8.10 24.79
CA THR F 145 33.81 -6.67 25.06
C THR F 145 32.52 -6.01 24.64
N ILE F 146 31.90 -6.51 23.58
CA ILE F 146 30.57 -6.03 23.19
C ILE F 146 29.55 -6.44 24.24
N LEU F 147 29.53 -7.71 24.60
CA LEU F 147 28.53 -8.19 25.54
C LEU F 147 28.59 -7.48 26.88
N ALA F 148 29.73 -6.87 27.20
CA ALA F 148 29.82 -6.09 28.44
C ALA F 148 28.84 -4.94 28.46
N LYS F 149 28.37 -4.48 27.31
CA LYS F 149 27.39 -3.41 27.24
C LYS F 149 26.12 -3.99 26.65
N GLU F 150 25.29 -4.57 27.49
CA GLU F 150 24.02 -5.10 27.03
C GLU F 150 22.90 -4.15 27.43
N GLY F 151 21.75 -4.31 26.79
CA GLY F 151 20.66 -3.40 27.02
C GLY F 151 20.84 -2.03 26.43
N LYS F 152 21.84 -1.84 25.56
CA LYS F 152 22.10 -0.57 24.92
C LYS F 152 22.37 -0.81 23.44
N ASN F 153 21.78 -0.01 22.58
CA ASN F 153 22.01 -0.14 21.14
C ASN F 153 23.35 0.47 20.77
N ILE F 154 24.45 -0.20 21.03
CA ILE F 154 25.74 0.41 20.78
C ILE F 154 26.06 0.31 19.30
N THR F 155 27.04 1.10 18.87
CA THR F 155 27.59 1.05 17.52
C THR F 155 29.09 0.81 17.62
N LEU F 156 29.61 0.00 16.71
CA LEU F 156 30.97 -0.48 16.88
C LEU F 156 32.02 0.54 16.48
N ASP F 157 32.04 0.93 15.20
CA ASP F 157 33.15 1.69 14.66
C ASP F 157 32.65 2.91 13.90
N SER F 158 31.80 3.70 14.52
CA SER F 158 31.34 4.92 13.89
C SER F 158 30.85 5.90 14.95
N ASP F 159 30.32 7.02 14.48
CA ASP F 159 29.77 8.07 15.33
C ASP F 159 28.41 8.45 14.73
N LEU F 160 27.38 7.73 15.15
CA LEU F 160 26.05 7.91 14.59
C LEU F 160 25.08 8.56 15.56
N LYS F 161 24.93 7.98 16.75
CA LYS F 161 24.20 8.57 17.87
C LYS F 161 22.71 8.59 17.62
N SER F 162 22.28 8.32 16.38
CA SER F 162 20.87 8.33 16.03
C SER F 162 20.68 7.87 14.59
N ALA F 163 19.62 7.12 14.33
CA ALA F 163 19.39 6.64 12.98
C ALA F 163 17.96 6.15 12.87
N ILE F 164 17.56 5.81 11.65
CA ILE F 164 16.25 5.23 11.37
C ILE F 164 16.51 3.96 10.56
N LEU F 165 16.61 2.83 11.25
CA LEU F 165 16.87 1.57 10.57
C LEU F 165 15.61 1.08 9.88
N ASN F 166 15.76 0.66 8.63
CA ASN F 166 14.64 0.16 7.84
C ASN F 166 13.49 1.16 7.81
N GLU F 167 13.86 2.45 7.83
CA GLU F 167 12.95 3.58 7.72
C GLU F 167 11.71 3.44 8.59
N ASP F 168 11.80 2.65 9.66
CA ASP F 168 10.61 2.42 10.47
C ASP F 168 10.91 2.45 11.96
N PHE F 169 12.18 2.37 12.34
CA PHE F 169 12.55 2.20 13.74
C PHE F 169 13.61 3.22 14.09
N TYR F 170 13.20 4.31 14.72
CA TYR F 170 14.17 5.26 15.23
C TYR F 170 14.96 4.61 16.34
N VAL F 171 16.29 4.75 16.29
CA VAL F 171 17.17 4.14 17.26
C VAL F 171 18.13 5.20 17.77
N GLU F 172 18.40 5.18 19.07
CA GLU F 172 19.37 6.05 19.70
C GLU F 172 20.58 5.23 20.05
N LEU F 173 21.72 5.53 19.44
CA LEU F 173 22.88 4.66 19.52
C LEU F 173 23.80 5.06 20.67
N GLU F 174 25.02 4.53 20.64
CA GLU F 174 26.00 4.69 21.70
C GLU F 174 27.32 4.14 21.19
N ALA F 175 28.40 4.86 21.43
CA ALA F 175 29.70 4.48 20.90
C ALA F 175 30.41 3.56 21.86
N LEU F 176 30.80 2.38 21.37
CA LEU F 176 31.57 1.47 22.21
C LEU F 176 32.92 2.06 22.56
N ASN F 177 33.82 2.11 21.56
CA ASN F 177 35.06 2.87 21.67
C ASN F 177 35.45 3.62 20.40
N ASN F 178 35.00 3.19 19.23
CA ASN F 178 35.66 3.50 17.96
C ASN F 178 37.15 3.19 18.03
N LYS F 179 37.52 2.25 18.92
CA LYS F 179 38.91 1.82 19.09
C LYS F 179 38.96 0.30 18.96
N ILE F 180 37.87 -0.37 19.31
CA ILE F 180 37.79 -1.82 19.14
C ILE F 180 37.89 -2.17 17.66
N PRO F 181 38.76 -3.10 17.27
CA PRO F 181 38.84 -3.47 15.86
C PRO F 181 37.52 -4.07 15.38
N SER F 182 37.28 -3.93 14.09
CA SER F 182 36.01 -4.34 13.51
C SER F 182 35.99 -5.84 13.29
N ILE F 183 34.89 -6.49 13.70
CA ILE F 183 34.76 -7.92 13.48
C ILE F 183 34.66 -8.22 11.99
N ILE F 184 33.69 -7.59 11.32
CA ILE F 184 33.66 -7.59 9.87
C ILE F 184 34.85 -6.78 9.40
N ASN F 185 35.18 -6.87 8.12
CA ASN F 185 36.18 -6.01 7.51
C ASN F 185 35.50 -5.27 6.36
N ALA F 186 34.85 -4.16 6.69
CA ALA F 186 34.17 -3.35 5.69
C ALA F 186 33.94 -1.96 6.26
N GLY F 187 33.83 -0.99 5.37
CA GLY F 187 33.59 0.38 5.78
C GLY F 187 32.20 0.63 6.33
N VAL F 188 31.33 -0.37 6.28
CA VAL F 188 29.98 -0.25 6.80
C VAL F 188 30.04 -0.43 8.31
N PRO F 189 29.30 0.36 9.09
CA PRO F 189 29.29 0.15 10.52
C PRO F 189 28.54 -1.11 10.89
N LEU F 190 28.77 -1.57 12.10
CA LEU F 190 28.03 -2.68 12.67
C LEU F 190 27.28 -2.17 13.89
N LEU F 191 25.97 -2.37 13.91
CA LEU F 191 25.16 -1.98 15.04
C LEU F 191 24.75 -3.22 15.82
N VAL F 192 24.84 -3.15 17.13
CA VAL F 192 24.42 -4.24 18.01
C VAL F 192 23.18 -3.76 18.73
N LEU F 193 22.02 -4.00 18.14
CA LEU F 193 20.79 -3.57 18.78
C LEU F 193 20.47 -4.44 19.97
N GLU F 194 19.57 -3.96 20.81
CA GLU F 194 18.99 -4.79 21.84
C GLU F 194 17.80 -5.53 21.25
N ASP F 195 17.60 -6.76 21.70
CA ASP F 195 16.75 -7.68 20.95
C ASP F 195 15.29 -7.27 20.95
N SER F 196 14.88 -6.40 21.86
CA SER F 196 13.54 -5.83 21.78
C SER F 196 13.30 -5.21 20.41
N ILE F 197 14.16 -4.29 20.01
CA ILE F 197 14.06 -3.66 18.71
C ILE F 197 14.75 -4.47 17.63
N GLY F 198 15.84 -5.16 17.99
CA GLY F 198 16.59 -5.91 16.99
C GLY F 198 15.74 -6.95 16.29
N ARG F 199 14.79 -7.52 17.03
CA ARG F 199 13.97 -8.58 16.46
C ARG F 199 13.17 -8.09 15.27
N GLU F 200 12.45 -6.97 15.41
CA GLU F 200 11.57 -6.54 14.32
C GLU F 200 12.34 -5.77 13.26
N VAL F 201 13.48 -5.17 13.64
CA VAL F 201 14.38 -4.62 12.63
C VAL F 201 14.86 -5.72 11.70
N ILE F 202 15.37 -6.80 12.27
CA ILE F 202 15.83 -7.95 11.50
C ILE F 202 14.66 -8.51 10.70
N ASN F 203 13.50 -8.62 11.32
CA ASN F 203 12.35 -9.15 10.60
C ASN F 203 11.99 -8.28 9.42
N ARG F 204 12.14 -6.97 9.56
CA ARG F 204 11.87 -6.10 8.43
C ARG F 204 12.94 -6.24 7.36
N SER F 205 14.16 -6.56 7.76
CA SER F 205 15.26 -6.64 6.82
C SER F 205 15.21 -7.87 5.93
N LEU F 206 14.28 -8.78 6.15
CA LEU F 206 14.11 -9.93 5.27
C LEU F 206 13.44 -9.45 3.99
N ILE F 207 13.12 -10.38 3.10
CA ILE F 207 12.55 -10.02 1.81
C ILE F 207 11.41 -10.97 1.48
N ARG F 208 10.18 -10.53 1.67
CA ARG F 208 9.04 -11.29 1.17
C ARG F 208 8.82 -10.93 -0.28
N VAL F 209 8.46 -11.92 -1.08
CA VAL F 209 8.39 -11.75 -2.53
C VAL F 209 7.20 -12.54 -3.05
N ARG F 210 6.17 -11.84 -3.51
CA ARG F 210 5.08 -12.52 -4.18
C ARG F 210 5.51 -12.92 -5.58
N ARG F 211 5.38 -14.20 -5.89
CA ARG F 211 5.70 -14.73 -7.19
C ARG F 211 4.46 -15.37 -7.78
N ILE F 212 4.47 -15.57 -9.10
CA ILE F 212 3.34 -16.13 -9.82
C ILE F 212 3.84 -17.10 -10.86
N ARG F 213 2.89 -17.75 -11.53
CA ARG F 213 3.18 -18.63 -12.66
C ARG F 213 2.21 -18.25 -13.77
N ILE F 214 2.73 -17.74 -14.86
CA ILE F 214 1.91 -17.22 -15.93
C ILE F 214 1.80 -18.27 -17.03
N ASP F 215 0.65 -18.31 -17.68
CA ASP F 215 0.47 -19.16 -18.84
C ASP F 215 1.22 -18.58 -20.03
N ARG F 216 2.04 -19.41 -20.67
CA ARG F 216 2.75 -18.97 -21.87
C ARG F 216 1.81 -18.73 -23.03
N ASP F 217 0.60 -19.29 -22.98
CA ASP F 217 -0.33 -19.17 -24.08
C ASP F 217 -0.97 -17.80 -24.12
N LYS F 218 -1.64 -17.41 -23.04
CA LYS F 218 -2.49 -16.23 -23.02
C LYS F 218 -1.98 -15.15 -22.10
N LYS F 219 -0.76 -15.26 -21.59
CA LYS F 219 -0.14 -14.24 -20.75
C LYS F 219 -1.09 -13.77 -19.66
N VAL F 220 -1.50 -14.71 -18.83
CA VAL F 220 -2.32 -14.42 -17.66
C VAL F 220 -2.02 -15.49 -16.63
N VAL F 221 -2.25 -15.16 -15.37
CA VAL F 221 -1.77 -16.00 -14.28
C VAL F 221 -2.44 -17.36 -14.30
N GLU F 222 -1.63 -18.41 -14.29
CA GLU F 222 -2.13 -19.76 -14.09
C GLU F 222 -2.91 -19.85 -12.80
N THR F 223 -4.07 -20.48 -12.85
CA THR F 223 -4.89 -20.55 -11.65
C THR F 223 -4.15 -21.30 -10.55
N GLY F 224 -4.27 -20.78 -9.33
CA GLY F 224 -3.58 -21.34 -8.19
C GLY F 224 -2.11 -21.03 -8.12
N GLY F 225 -1.53 -20.43 -9.14
CA GLY F 225 -0.10 -20.22 -9.16
C GLY F 225 0.36 -18.91 -8.60
N LEU F 226 0.01 -18.62 -7.35
CA LEU F 226 0.43 -17.39 -6.69
C LEU F 226 0.84 -17.73 -5.27
N TRP F 227 2.06 -17.37 -4.91
CA TRP F 227 2.59 -17.69 -3.60
C TRP F 227 3.63 -16.65 -3.23
N SER F 228 4.19 -16.79 -2.04
CA SER F 228 5.11 -15.79 -1.49
C SER F 228 6.30 -16.50 -0.88
N GLU F 229 7.49 -16.21 -1.39
CA GLU F 229 8.70 -16.76 -0.83
C GLU F 229 9.30 -15.76 0.15
N GLU F 230 10.51 -16.06 0.62
CA GLU F 230 11.10 -15.23 1.66
C GLU F 230 12.60 -15.42 1.63
N TYR F 231 13.31 -14.41 1.15
CA TYR F 231 14.75 -14.46 1.04
C TYR F 231 15.40 -13.67 2.15
N VAL F 232 16.66 -13.95 2.39
CA VAL F 232 17.51 -13.13 3.23
C VAL F 232 18.37 -12.28 2.31
N PRO F 233 18.56 -11.00 2.57
CA PRO F 233 19.15 -10.13 1.55
C PRO F 233 20.61 -10.47 1.28
N MET F 234 21.16 -9.82 0.27
CA MET F 234 22.59 -9.87 0.05
C MET F 234 23.31 -9.33 1.28
N LYS F 235 24.61 -9.56 1.32
CA LYS F 235 25.50 -8.99 2.33
C LYS F 235 25.24 -9.51 3.73
N THR F 236 24.21 -10.32 3.94
CA THR F 236 23.98 -10.86 5.28
C THR F 236 25.04 -11.90 5.60
N ILE F 237 25.35 -12.03 6.89
CA ILE F 237 26.48 -12.80 7.35
C ILE F 237 25.99 -13.81 8.36
N PHE F 238 26.10 -15.09 8.02
CA PHE F 238 25.84 -16.14 8.99
C PHE F 238 27.15 -16.53 9.65
N PHE F 239 27.12 -17.58 10.46
CA PHE F 239 28.33 -18.00 11.17
C PHE F 239 28.18 -19.46 11.53
N SER F 240 29.10 -20.29 11.06
CA SER F 240 29.10 -21.68 11.43
C SER F 240 30.54 -22.15 11.61
N VAL F 241 30.69 -23.33 12.17
CA VAL F 241 31.99 -23.93 12.43
C VAL F 241 32.03 -25.29 11.76
N LEU F 242 33.16 -25.60 11.15
CA LEU F 242 33.39 -26.92 10.57
C LEU F 242 34.38 -27.63 11.47
N LEU F 243 33.96 -28.76 12.01
CA LEU F 243 34.73 -29.49 13.01
C LEU F 243 35.17 -30.82 12.43
N GLY F 244 36.29 -31.32 12.92
CA GLY F 244 36.79 -32.58 12.39
C GLY F 244 37.53 -33.43 13.38
N LYS F 245 37.19 -34.71 13.42
CA LYS F 245 37.87 -35.65 14.30
C LYS F 245 39.14 -36.16 13.64
N GLU F 246 40.14 -36.44 14.46
CA GLU F 246 41.49 -36.69 13.99
C GLU F 246 41.54 -37.86 13.01
N SER F 247 42.20 -37.63 11.89
CA SER F 247 42.49 -38.66 10.89
C SER F 247 43.50 -38.07 9.92
N LYS F 248 43.80 -38.82 8.87
CA LYS F 248 44.68 -38.32 7.84
C LYS F 248 43.92 -37.83 6.61
N GLU F 249 42.76 -38.39 6.33
CA GLU F 249 41.90 -37.77 5.34
C GLU F 249 41.45 -36.40 5.80
N SER F 250 41.26 -36.22 7.10
CA SER F 250 40.82 -34.92 7.60
C SER F 250 41.92 -33.88 7.45
N ALA F 251 43.18 -34.29 7.61
CA ALA F 251 44.28 -33.35 7.47
C ALA F 251 44.34 -32.80 6.04
N ILE F 252 44.17 -33.67 5.06
CA ILE F 252 44.14 -33.22 3.67
C ILE F 252 42.96 -32.28 3.46
N PHE F 253 41.78 -32.70 3.88
CA PHE F 253 40.57 -31.90 3.78
C PHE F 253 40.79 -30.49 4.31
N ALA F 254 41.25 -30.38 5.55
CA ALA F 254 41.44 -29.08 6.17
C ALA F 254 42.62 -28.32 5.58
N SER F 255 43.55 -29.00 4.94
CA SER F 255 44.74 -28.33 4.43
C SER F 255 44.72 -28.11 2.93
N CYS F 256 43.89 -28.84 2.20
CA CYS F 256 43.78 -28.63 0.77
C CYS F 256 42.39 -28.20 0.35
N ILE F 257 41.36 -28.95 0.77
CA ILE F 257 40.01 -28.67 0.30
C ILE F 257 39.54 -27.32 0.79
N LEU F 258 39.66 -27.06 2.10
CA LEU F 258 39.11 -25.85 2.66
C LEU F 258 39.87 -24.62 2.20
N ARG F 259 41.14 -24.76 1.85
CA ARG F 259 41.92 -23.60 1.47
C ARG F 259 41.57 -23.08 0.08
N ASN F 260 40.79 -23.82 -0.69
CA ASN F 260 40.35 -23.40 -2.00
C ASN F 260 38.83 -23.38 -2.06
N LEU F 261 38.19 -23.05 -0.95
CA LEU F 261 36.74 -23.05 -0.83
C LEU F 261 36.31 -21.64 -0.46
N ARG F 262 35.90 -20.87 -1.46
CA ARG F 262 35.41 -19.51 -1.26
C ARG F 262 33.93 -19.38 -1.59
N TYR F 263 33.53 -19.78 -2.78
CA TYR F 263 32.17 -19.57 -3.24
C TYR F 263 31.49 -20.92 -3.39
N VAL F 264 30.43 -21.13 -2.62
CA VAL F 264 29.61 -22.32 -2.71
C VAL F 264 28.21 -21.85 -3.03
N ILE F 265 27.31 -22.77 -3.31
CA ILE F 265 25.93 -22.44 -3.63
C ILE F 265 25.05 -23.16 -2.62
N LEU F 266 24.68 -22.45 -1.57
CA LEU F 266 23.78 -22.97 -0.55
C LEU F 266 22.35 -22.88 -1.04
N GLY F 267 21.43 -23.24 -0.16
CA GLY F 267 20.03 -22.93 -0.36
C GLY F 267 19.38 -23.48 -1.61
N GLY F 268 18.15 -23.04 -1.85
CA GLY F 268 17.39 -23.48 -2.99
C GLY F 268 17.07 -22.35 -3.95
N LYS F 269 16.22 -22.66 -4.91
CA LYS F 269 15.86 -21.72 -5.97
C LYS F 269 17.11 -21.16 -6.62
N GLU F 270 17.98 -22.07 -7.02
CA GLU F 270 19.24 -21.71 -7.65
C GLU F 270 19.06 -21.31 -9.10
N THR F 271 18.00 -21.79 -9.76
CA THR F 271 17.79 -21.42 -11.15
C THR F 271 17.59 -19.94 -11.30
N ILE F 272 17.04 -19.30 -10.28
CA ILE F 272 17.01 -17.87 -10.19
C ILE F 272 18.13 -17.47 -9.25
N GLY F 273 18.40 -16.19 -9.17
CA GLY F 273 19.67 -15.75 -8.62
C GLY F 273 20.05 -16.21 -7.23
N LYS F 274 19.17 -16.97 -6.59
CA LYS F 274 19.32 -17.27 -5.18
C LYS F 274 20.40 -18.31 -4.96
N GLY F 275 21.18 -18.13 -3.91
CA GLY F 275 22.01 -19.22 -3.43
C GLY F 275 23.49 -18.94 -3.30
N ILE F 276 24.07 -18.22 -4.26
CA ILE F 276 25.52 -18.04 -4.28
C ILE F 276 25.98 -17.44 -2.96
N VAL F 277 27.09 -17.96 -2.45
CA VAL F 277 27.56 -17.60 -1.12
C VAL F 277 29.06 -17.67 -1.11
N GLU F 278 29.69 -16.60 -0.64
CA GLU F 278 31.09 -16.65 -0.28
C GLU F 278 31.20 -16.95 1.21
N LEU F 279 32.09 -17.87 1.55
CA LEU F 279 32.32 -18.22 2.93
C LEU F 279 33.76 -17.92 3.30
N ARG F 280 33.93 -17.03 4.27
CA ARG F 280 35.24 -16.56 4.70
C ARG F 280 35.60 -17.26 6.00
N TRP F 281 36.86 -17.64 6.13
CA TRP F 281 37.29 -18.41 7.29
C TRP F 281 37.75 -17.47 8.39
N VAL F 282 37.26 -17.70 9.60
CA VAL F 282 37.47 -16.75 10.68
C VAL F 282 38.95 -16.63 10.99
N LYS F 283 39.60 -17.74 11.31
CA LYS F 283 41.03 -17.69 11.60
C LYS F 283 41.81 -17.11 10.43
N ASP F 284 41.27 -17.18 9.22
CA ASP F 284 41.92 -16.56 8.07
C ASP F 284 41.88 -15.04 8.19
N VAL F 285 40.70 -14.48 8.41
CA VAL F 285 40.60 -13.02 8.50
C VAL F 285 40.90 -12.51 9.91
N ILE F 286 40.55 -13.26 10.95
CA ILE F 286 40.76 -12.82 12.32
C ILE F 286 41.65 -13.84 13.02
N PRO G 2 24.48 -49.65 52.47
CA PRO G 2 23.67 -48.75 51.64
C PRO G 2 23.91 -48.98 50.16
N TYR G 3 25.18 -49.05 49.78
CA TYR G 3 25.62 -49.19 48.40
C TYR G 3 25.09 -48.07 47.52
N TYR G 4 24.82 -46.91 48.10
CA TYR G 4 24.69 -45.64 47.39
C TYR G 4 25.11 -44.56 48.37
N ALA G 5 26.39 -44.19 48.32
CA ALA G 5 26.99 -43.29 49.28
C ALA G 5 26.86 -41.84 48.87
N PHE G 6 27.15 -41.55 47.61
CA PHE G 6 27.20 -40.19 47.13
C PHE G 6 26.29 -40.00 45.93
N ALA G 7 25.72 -38.81 45.82
CA ALA G 7 24.94 -38.43 44.66
C ALA G 7 25.56 -37.20 44.02
N GLU G 8 25.03 -36.85 42.86
CA GLU G 8 25.64 -35.83 42.04
C GLU G 8 24.60 -35.29 41.07
N PRO G 9 23.76 -34.36 41.48
CA PRO G 9 22.82 -33.77 40.54
C PRO G 9 23.52 -32.78 39.62
N PHE G 10 22.97 -32.63 38.43
CA PHE G 10 23.60 -31.76 37.44
C PHE G 10 22.60 -31.41 36.37
N PHE G 11 22.82 -30.25 35.76
CA PHE G 11 22.01 -29.79 34.65
C PHE G 11 22.72 -30.07 33.34
N ILE G 12 21.93 -30.15 32.27
CA ILE G 12 22.40 -30.51 30.95
C ILE G 12 21.97 -29.39 30.01
N HIS G 13 22.87 -28.46 29.73
CA HIS G 13 22.54 -27.27 28.95
C HIS G 13 22.83 -27.53 27.48
N ALA G 14 21.79 -27.57 26.66
CA ALA G 14 21.95 -27.82 25.24
C ALA G 14 22.66 -26.64 24.60
N ILE G 15 23.95 -26.81 24.28
CA ILE G 15 24.68 -25.76 23.58
C ILE G 15 24.16 -25.60 22.17
N THR G 16 24.20 -26.67 21.39
CA THR G 16 23.51 -26.71 20.12
C THR G 16 22.18 -27.41 20.31
N HIS G 17 21.44 -27.59 19.23
CA HIS G 17 20.25 -28.40 19.33
C HIS G 17 20.64 -29.83 19.66
N LEU G 18 19.67 -30.61 20.12
CA LEU G 18 19.90 -31.99 20.48
C LEU G 18 18.92 -32.89 19.75
N HIS G 19 19.37 -34.10 19.46
CA HIS G 19 18.49 -35.14 18.96
C HIS G 19 18.93 -36.44 19.59
N VAL G 20 18.16 -36.90 20.58
CA VAL G 20 18.36 -38.20 21.20
C VAL G 20 17.17 -39.03 20.75
N GLY G 21 17.38 -39.87 19.75
CA GLY G 21 16.29 -40.41 18.99
C GLY G 21 15.66 -41.64 19.59
N SER G 22 14.68 -42.15 18.86
CA SER G 22 14.01 -43.42 19.10
C SER G 22 13.20 -43.73 17.85
N GLY G 23 13.19 -44.99 17.44
CA GLY G 23 12.57 -45.38 16.19
C GLY G 23 11.16 -44.85 16.06
N SER G 24 10.69 -44.67 14.82
CA SER G 24 9.38 -44.06 14.59
C SER G 24 8.31 -44.84 15.35
N SER G 25 7.76 -44.23 16.39
CA SER G 25 6.93 -44.94 17.36
C SER G 25 5.48 -44.46 17.33
N VAL G 26 5.27 -43.17 17.59
CA VAL G 26 3.93 -42.63 17.69
C VAL G 26 3.60 -41.68 16.56
N GLU G 27 4.61 -41.01 15.99
CA GLU G 27 4.53 -40.28 14.71
C GLU G 27 3.29 -39.39 14.61
N GLU G 28 3.24 -38.41 15.50
CA GLU G 28 2.32 -37.31 15.28
C GLU G 28 2.84 -36.47 14.12
N GLU G 29 2.88 -37.08 12.93
CA GLU G 29 3.62 -36.56 11.79
C GLU G 29 5.02 -36.13 12.22
N ILE G 30 5.77 -37.11 12.72
CA ILE G 30 7.21 -37.01 12.87
C ILE G 30 7.78 -38.40 12.62
N ALA G 31 8.85 -38.47 11.84
CA ALA G 31 9.46 -39.75 11.50
C ALA G 31 10.61 -40.13 12.41
N LEU G 32 11.19 -39.17 13.13
CA LEU G 32 12.29 -39.44 14.05
C LEU G 32 12.08 -38.64 15.31
N PRO G 33 11.14 -39.05 16.16
CA PRO G 33 10.82 -38.26 17.34
C PRO G 33 11.95 -38.28 18.35
N PHE G 34 11.86 -37.35 19.30
CA PHE G 34 12.77 -37.31 20.42
C PHE G 34 12.37 -38.42 21.40
N GLN G 35 13.01 -38.48 22.55
CA GLN G 35 12.71 -39.48 23.57
C GLN G 35 11.71 -38.90 24.55
N ARG G 36 10.49 -39.40 24.54
CA ARG G 36 9.44 -38.88 25.40
C ARG G 36 9.63 -39.36 26.83
N ASP G 37 8.89 -38.75 27.75
CA ASP G 37 9.13 -39.06 29.15
C ASP G 37 8.20 -40.17 29.65
N GLU G 38 6.95 -39.82 29.94
CA GLU G 38 5.81 -40.71 29.90
C GLU G 38 4.63 -39.86 29.48
N LEU G 39 4.77 -38.56 29.75
CA LEU G 39 3.70 -37.60 29.56
C LEU G 39 3.77 -36.97 28.18
N GLY G 40 4.95 -36.93 27.60
CA GLY G 40 5.14 -36.32 26.30
C GLY G 40 6.30 -35.36 26.32
N TYR G 41 6.85 -35.12 27.48
CA TYR G 41 7.97 -34.21 27.55
C TYR G 41 9.25 -34.91 27.08
N PRO G 42 10.17 -34.16 26.50
CA PRO G 42 11.46 -34.75 26.15
C PRO G 42 12.22 -35.17 27.39
N THR G 43 12.98 -36.25 27.23
CA THR G 43 13.87 -36.69 28.29
C THR G 43 14.99 -37.49 27.64
N ILE G 44 16.08 -37.63 28.37
CA ILE G 44 17.22 -38.42 27.90
C ILE G 44 17.29 -39.66 28.76
N TYR G 45 17.09 -40.81 28.13
CA TYR G 45 17.20 -42.08 28.83
C TYR G 45 18.55 -42.18 29.51
N ALA G 46 18.56 -42.85 30.67
CA ALA G 46 19.82 -43.03 31.37
C ALA G 46 20.77 -43.90 30.57
N SER G 47 20.23 -44.78 29.73
CA SER G 47 21.06 -45.58 28.84
C SER G 47 21.89 -44.69 27.92
N SER G 48 21.21 -43.85 27.12
CA SER G 48 21.91 -42.97 26.20
C SER G 48 22.83 -42.03 26.94
N LEU G 49 22.35 -41.42 28.02
CA LEU G 49 23.16 -40.49 28.78
C LEU G 49 24.46 -41.13 29.23
N LYS G 50 24.36 -42.29 29.90
CA LYS G 50 25.54 -42.94 30.43
C LYS G 50 26.46 -43.41 29.32
N GLY G 51 25.89 -43.97 28.26
CA GLY G 51 26.73 -44.46 27.17
C GLY G 51 27.51 -43.35 26.50
N ALA G 52 26.85 -42.24 26.22
CA ALA G 52 27.54 -41.13 25.59
C ALA G 52 28.59 -40.53 26.51
N ILE G 53 28.29 -40.40 27.79
CA ILE G 53 29.27 -39.84 28.71
C ILE G 53 30.47 -40.76 28.84
N LYS G 54 30.23 -42.06 28.89
CA LYS G 54 31.33 -43.01 28.94
C LYS G 54 32.18 -42.93 27.69
N SER G 55 31.54 -42.94 26.52
CA SER G 55 32.27 -42.87 25.26
C SER G 55 33.10 -41.60 25.18
N PHE G 56 32.56 -40.49 25.68
CA PHE G 56 33.33 -39.26 25.68
C PHE G 56 34.53 -39.37 26.60
N LEU G 57 34.33 -39.85 27.82
CA LEU G 57 35.43 -39.92 28.78
C LEU G 57 36.51 -40.89 28.34
N LEU G 58 36.14 -41.92 27.59
CA LEU G 58 37.14 -42.88 27.13
C LEU G 58 38.06 -42.31 26.06
N LYS G 59 37.93 -41.03 25.73
CA LYS G 59 38.86 -40.36 24.82
C LYS G 59 39.56 -39.19 25.49
N GLU G 60 38.82 -38.32 26.18
CA GLU G 60 39.45 -37.21 26.86
C GLU G 60 40.18 -37.62 28.13
N PHE G 61 40.06 -38.88 28.53
CA PHE G 61 40.84 -39.42 29.64
C PHE G 61 41.22 -40.85 29.30
N PRO G 62 42.08 -41.03 28.30
CA PRO G 62 42.35 -42.39 27.83
C PRO G 62 43.19 -43.21 28.79
N ASP G 63 44.06 -42.56 29.56
CA ASP G 63 44.89 -43.30 30.51
C ASP G 63 44.07 -43.89 31.63
N LYS G 64 43.03 -43.18 32.09
CA LYS G 64 42.20 -43.63 33.20
C LYS G 64 41.13 -44.60 32.78
N ARG G 65 41.28 -45.23 31.61
CA ARG G 65 40.27 -46.15 31.09
C ARG G 65 39.80 -47.14 32.14
N ASP G 66 40.66 -47.50 33.09
CA ASP G 66 40.26 -48.44 34.12
C ASP G 66 39.28 -47.81 35.11
N VAL G 67 39.52 -46.56 35.48
CA VAL G 67 38.62 -45.89 36.42
C VAL G 67 37.25 -45.70 35.80
N ILE G 68 37.21 -45.22 34.55
CA ILE G 68 35.95 -45.11 33.84
C ILE G 68 35.28 -46.46 33.74
N TYR G 69 36.05 -47.50 33.45
CA TYR G 69 35.48 -48.85 33.37
C TYR G 69 34.81 -49.24 34.68
N LYS G 70 35.50 -49.04 35.79
CA LYS G 70 34.96 -49.46 37.08
C LYS G 70 33.70 -48.68 37.43
N VAL G 71 33.78 -47.35 37.34
CA VAL G 71 32.65 -46.54 37.78
C VAL G 71 31.47 -46.63 36.83
N LEU G 72 31.70 -46.95 35.55
CA LEU G 72 30.63 -46.92 34.57
C LEU G 72 30.52 -48.24 33.83
N GLY G 73 30.87 -49.35 34.49
CA GLY G 73 30.71 -50.65 33.88
C GLY G 73 31.80 -50.99 32.88
N GLU G 74 32.04 -52.26 32.67
CA GLU G 74 33.06 -52.69 31.71
C GLU G 74 32.38 -53.07 30.40
N ASP G 75 33.21 -53.24 29.37
CA ASP G 75 32.68 -53.50 28.04
C ASP G 75 32.46 -55.00 27.82
N GLU G 76 33.49 -55.80 28.02
CA GLU G 76 33.42 -57.23 27.80
C GLU G 76 33.65 -58.04 29.07
N ASN G 77 33.84 -57.37 30.21
CA ASN G 77 34.11 -58.03 31.48
C ASN G 77 33.03 -57.68 32.48
N PRO G 78 31.81 -58.19 32.31
CA PRO G 78 30.80 -58.00 33.36
C PRO G 78 30.96 -58.99 34.50
N GLU G 79 32.21 -59.18 34.94
CA GLU G 79 32.44 -59.87 36.20
C GLU G 79 32.03 -59.00 37.38
N GLU G 80 31.95 -57.70 37.17
CA GLU G 80 31.56 -56.75 38.20
C GLU G 80 30.54 -55.79 37.63
N ALA G 81 29.58 -55.40 38.46
CA ALA G 81 28.55 -54.46 38.05
C ALA G 81 29.15 -53.06 37.98
N SER G 82 28.29 -52.08 37.74
CA SER G 82 28.71 -50.69 37.66
C SER G 82 28.54 -50.02 39.02
N LEU G 83 29.40 -49.03 39.27
CA LEU G 83 29.37 -48.34 40.55
C LEU G 83 28.77 -46.94 40.45
N GLY G 84 28.56 -46.43 39.25
CA GLY G 84 27.83 -45.19 39.06
C GLY G 84 26.61 -45.43 38.23
N THR G 85 25.63 -44.53 38.28
CA THR G 85 24.38 -44.76 37.57
C THR G 85 23.67 -43.43 37.39
N PHE G 86 23.38 -43.06 36.16
CA PHE G 86 22.63 -41.84 35.90
C PHE G 86 21.15 -42.15 36.00
N LEU G 87 20.38 -41.19 36.49
CA LEU G 87 18.93 -41.26 36.37
C LEU G 87 18.52 -40.62 35.06
N ASP G 88 17.34 -41.01 34.57
CA ASP G 88 16.81 -40.41 33.36
C ASP G 88 16.84 -38.89 33.45
N ALA G 89 17.48 -38.26 32.47
CA ALA G 89 17.59 -36.81 32.47
C ALA G 89 16.21 -36.20 32.31
N ILE G 90 15.76 -35.50 33.33
CA ILE G 90 14.43 -34.91 33.35
C ILE G 90 14.50 -33.53 32.74
N LEU G 91 13.56 -33.23 31.83
CA LEU G 91 13.49 -31.89 31.28
C LEU G 91 13.17 -30.91 32.40
N PHE G 92 13.92 -29.83 32.45
CA PHE G 92 13.80 -28.89 33.55
C PHE G 92 13.29 -27.53 33.13
N ALA G 93 13.69 -27.03 31.96
CA ALA G 93 13.24 -25.74 31.47
C ALA G 93 13.63 -25.62 30.02
N ILE G 94 12.65 -25.35 29.16
CA ILE G 94 12.89 -25.18 27.74
C ILE G 94 12.87 -23.68 27.46
N PRO G 95 13.52 -23.19 26.41
CA PRO G 95 13.33 -21.81 26.00
C PRO G 95 12.01 -21.65 25.25
N SER G 96 11.60 -20.39 25.11
CA SER G 96 10.37 -20.07 24.40
C SER G 96 10.41 -18.62 24.00
N ARG G 97 9.97 -18.33 22.78
CA ARG G 97 9.91 -16.95 22.32
C ARG G 97 8.76 -16.23 23.01
N ILE G 98 9.02 -15.00 23.42
CA ILE G 98 8.05 -14.22 24.19
C ILE G 98 7.83 -12.88 23.51
N ILE G 99 6.58 -12.44 23.49
CA ILE G 99 6.27 -11.05 23.15
C ILE G 99 5.64 -10.44 24.39
N GLU G 100 6.44 -9.84 25.25
CA GLU G 100 5.94 -9.53 26.59
C GLU G 100 5.14 -8.24 26.53
N ILE G 101 3.82 -8.38 26.69
CA ILE G 101 2.98 -7.23 26.92
C ILE G 101 3.21 -6.71 28.33
N ASP G 102 3.02 -5.41 28.51
CA ASP G 102 3.03 -4.75 29.82
C ASP G 102 4.15 -5.25 30.73
N SER G 103 5.38 -4.92 30.33
CA SER G 103 6.53 -5.26 31.14
C SER G 103 7.61 -4.21 30.99
N ALA G 104 8.49 -4.15 31.98
CA ALA G 104 9.54 -3.12 31.98
C ALA G 104 10.72 -3.52 31.11
N LYS G 105 11.46 -4.55 31.53
CA LYS G 105 12.67 -4.96 30.81
C LYS G 105 12.30 -5.90 29.68
N PRO G 106 12.39 -5.47 28.43
CA PRO G 106 11.85 -6.28 27.33
C PRO G 106 12.65 -7.55 27.12
N TYR G 107 11.94 -8.62 26.78
CA TYR G 107 12.56 -9.91 26.55
C TYR G 107 12.08 -10.48 25.22
N VAL G 108 12.97 -11.20 24.55
CA VAL G 108 12.62 -11.93 23.35
C VAL G 108 12.38 -13.40 23.61
N TRP G 109 13.03 -13.98 24.62
CA TRP G 109 12.82 -15.37 24.97
C TRP G 109 12.98 -15.53 26.47
N VAL G 110 12.24 -16.48 27.02
CA VAL G 110 12.32 -16.83 28.43
C VAL G 110 12.34 -18.34 28.54
N TYR G 111 12.73 -18.82 29.72
CA TYR G 111 12.61 -20.24 29.98
C TYR G 111 11.18 -20.57 30.34
N VAL G 112 10.84 -21.85 30.22
CA VAL G 112 9.48 -22.30 30.49
C VAL G 112 9.55 -23.69 31.10
N THR G 113 8.88 -23.88 32.23
CA THR G 113 8.70 -25.18 32.85
C THR G 113 7.24 -25.32 33.25
N THR G 114 6.90 -26.48 33.79
CA THR G 114 5.56 -26.73 34.29
C THR G 114 5.66 -27.39 35.66
N TYR G 115 4.53 -27.43 36.37
CA TYR G 115 4.54 -28.01 37.70
C TYR G 115 4.76 -29.51 37.65
N GLU G 116 4.38 -30.16 36.57
CA GLU G 116 4.69 -31.58 36.42
C GLU G 116 6.21 -31.79 36.42
N LEU G 117 6.92 -31.04 35.60
CA LEU G 117 8.36 -31.17 35.57
C LEU G 117 8.96 -30.82 36.91
N LEU G 118 8.41 -29.83 37.60
CA LEU G 118 8.96 -29.46 38.90
C LEU G 118 8.72 -30.55 39.93
N LYS G 119 7.59 -31.26 39.84
CA LYS G 119 7.37 -32.38 40.74
C LYS G 119 8.35 -33.51 40.44
N LYS G 120 8.60 -33.77 39.15
CA LYS G 120 9.57 -34.80 38.80
C LYS G 120 10.97 -34.42 39.26
N VAL G 121 11.28 -33.14 39.29
CA VAL G 121 12.58 -32.70 39.79
C VAL G 121 12.62 -32.79 41.31
N LYS G 122 11.49 -32.45 41.95
CA LYS G 122 11.37 -32.61 43.39
C LYS G 122 11.68 -34.04 43.79
N LEU G 123 10.92 -34.98 43.25
CA LEU G 123 11.15 -36.40 43.49
C LEU G 123 12.63 -36.74 43.55
N TYR G 124 13.40 -36.29 42.56
CA TYR G 124 14.84 -36.52 42.57
C TYR G 124 15.48 -35.85 43.78
N LEU G 125 15.27 -34.55 43.95
CA LEU G 125 16.01 -33.83 44.98
C LEU G 125 15.67 -34.34 46.38
N ASP G 126 14.39 -34.60 46.63
CA ASP G 126 13.97 -35.27 47.85
C ASP G 126 14.74 -36.56 48.03
N SER G 127 14.57 -37.49 47.09
CA SER G 127 15.10 -38.84 47.24
C SER G 127 16.62 -38.87 47.32
N ILE G 128 17.26 -37.71 47.23
CA ILE G 128 18.70 -37.63 47.21
C ILE G 128 19.27 -36.94 48.44
N SER G 129 18.54 -35.99 49.03
CA SER G 129 19.11 -35.14 50.07
C SER G 129 19.60 -35.94 51.27
N GLN G 130 19.03 -37.13 51.50
CA GLN G 130 19.38 -37.91 52.68
C GLN G 130 20.87 -38.23 52.70
N LEU G 131 21.34 -38.98 51.72
CA LEU G 131 22.76 -39.30 51.66
C LEU G 131 23.61 -38.08 51.38
N SER G 132 23.03 -37.07 50.72
CA SER G 132 23.79 -35.92 50.25
C SER G 132 24.23 -35.08 51.44
N ASN G 133 25.47 -35.28 51.87
CA ASN G 133 26.02 -34.49 52.96
C ASN G 133 25.93 -33.00 52.65
N ALA G 134 26.04 -32.63 51.38
CA ALA G 134 25.79 -31.26 50.94
C ALA G 134 24.32 -31.16 50.55
N SER G 135 23.48 -31.00 51.57
CA SER G 135 22.05 -30.89 51.35
C SER G 135 21.75 -29.61 50.59
N PHE G 136 21.07 -29.73 49.46
CA PHE G 136 20.76 -28.58 48.63
C PHE G 136 19.49 -27.90 49.14
N SER G 137 19.47 -27.60 50.44
CA SER G 137 18.26 -27.14 51.08
C SER G 137 17.71 -25.87 50.45
N ASN G 138 18.60 -24.99 49.98
CA ASN G 138 18.14 -23.77 49.32
C ASN G 138 17.48 -24.07 47.98
N LEU G 139 18.09 -24.92 47.17
CA LEU G 139 17.50 -25.27 45.87
C LEU G 139 16.19 -26.02 46.04
N LYS G 140 16.19 -27.05 46.88
CA LYS G 140 14.96 -27.80 47.13
C LYS G 140 13.90 -26.93 47.76
N ASN G 141 14.31 -25.93 48.55
CA ASN G 141 13.35 -25.02 49.16
C ASN G 141 12.74 -24.11 48.11
N LYS G 142 13.56 -23.63 47.17
CA LYS G 142 13.02 -22.92 46.04
C LYS G 142 11.97 -23.76 45.32
N ILE G 143 12.32 -25.02 45.04
CA ILE G 143 11.45 -25.83 44.21
C ILE G 143 10.15 -26.18 44.93
N ASP G 144 10.19 -26.37 46.25
CA ASP G 144 8.94 -26.66 46.95
C ASP G 144 8.19 -25.40 47.36
N THR G 145 8.84 -24.24 47.33
CA THR G 145 8.10 -22.98 47.43
C THR G 145 7.31 -22.73 46.16
N ILE G 146 7.96 -22.87 45.00
CA ILE G 146 7.26 -22.69 43.74
C ILE G 146 6.06 -23.62 43.67
N LEU G 147 6.26 -24.87 44.07
CA LEU G 147 5.19 -25.86 44.00
C LEU G 147 4.01 -25.54 44.92
N ALA G 148 4.17 -24.59 45.84
CA ALA G 148 3.03 -24.18 46.65
C ALA G 148 1.95 -23.55 45.79
N LYS G 149 2.34 -22.81 44.75
CA LYS G 149 1.42 -22.09 43.89
C LYS G 149 0.91 -22.93 42.73
N GLU G 150 0.92 -24.26 42.87
CA GLU G 150 0.50 -25.12 41.78
C GLU G 150 -0.91 -24.77 41.33
N GLY G 151 -1.07 -24.58 40.02
CA GLY G 151 -2.35 -24.21 39.44
C GLY G 151 -2.41 -22.81 38.87
N LYS G 152 -1.33 -22.03 38.96
CA LYS G 152 -1.30 -20.69 38.42
C LYS G 152 -0.07 -20.52 37.55
N ASN G 153 -0.22 -19.74 36.48
CA ASN G 153 0.90 -19.43 35.59
C ASN G 153 1.78 -18.44 36.32
N ILE G 154 2.75 -18.95 37.05
CA ILE G 154 3.57 -18.14 37.93
C ILE G 154 4.88 -17.84 37.23
N THR G 155 5.47 -16.69 37.55
CA THR G 155 6.77 -16.32 37.04
C THR G 155 7.76 -16.13 38.18
N LEU G 156 9.00 -16.54 37.96
CA LEU G 156 10.05 -16.36 38.94
C LEU G 156 10.78 -15.04 38.70
N ASP G 157 9.97 -14.00 38.65
CA ASP G 157 10.44 -12.63 38.47
C ASP G 157 9.27 -11.73 38.84
N SER G 158 9.38 -10.45 38.54
CA SER G 158 8.31 -9.51 38.84
C SER G 158 7.63 -8.95 37.62
N ASP G 159 8.41 -8.51 36.63
CA ASP G 159 7.90 -7.62 35.59
C ASP G 159 7.53 -8.41 34.33
N LEU G 160 6.56 -9.31 34.47
CA LEU G 160 5.92 -9.86 33.28
C LEU G 160 4.44 -9.51 33.21
N LYS G 161 3.64 -9.99 34.16
CA LYS G 161 2.23 -9.65 34.31
C LYS G 161 1.38 -10.08 33.12
N SER G 162 2.02 -10.40 31.99
CA SER G 162 1.34 -10.82 30.77
C SER G 162 2.37 -11.07 29.68
N ALA G 163 2.05 -11.94 28.73
CA ALA G 163 2.99 -12.28 27.67
C ALA G 163 2.28 -13.14 26.64
N ILE G 164 2.91 -13.31 25.50
CA ILE G 164 2.44 -14.18 24.43
C ILE G 164 3.57 -15.12 24.10
N LEU G 165 3.46 -16.36 24.54
CA LEU G 165 4.55 -17.32 24.42
C LEU G 165 4.45 -18.07 23.10
N ASN G 166 5.57 -18.18 22.40
CA ASN G 166 5.65 -18.93 21.16
C ASN G 166 4.64 -18.44 20.14
N GLU G 167 4.32 -17.16 20.19
CA GLU G 167 3.52 -16.47 19.19
C GLU G 167 2.14 -17.08 19.01
N ASP G 168 1.70 -17.92 19.95
CA ASP G 168 0.37 -18.50 19.86
C ASP G 168 -0.40 -18.54 21.16
N PHE G 169 0.25 -18.47 22.32
CA PHE G 169 -0.41 -18.70 23.59
C PHE G 169 -0.22 -17.50 24.49
N TYR G 170 -1.32 -16.94 24.96
CA TYR G 170 -1.33 -15.75 25.79
C TYR G 170 -1.51 -16.15 27.25
N VAL G 171 -0.64 -15.66 28.11
CA VAL G 171 -0.65 -16.03 29.52
C VAL G 171 -0.65 -14.77 30.35
N GLU G 172 -1.37 -14.81 31.46
CA GLU G 172 -1.38 -13.73 32.44
C GLU G 172 -0.56 -14.24 33.63
N LEU G 173 0.64 -13.71 33.76
CA LEU G 173 1.63 -14.30 34.65
C LEU G 173 1.45 -13.73 36.05
N GLU G 174 0.71 -14.47 36.87
CA GLU G 174 0.70 -14.17 38.29
C GLU G 174 2.12 -14.24 38.82
N ALA G 175 2.58 -13.16 39.42
CA ALA G 175 3.99 -13.05 39.78
C ALA G 175 4.28 -13.92 41.00
N LEU G 176 5.49 -13.81 41.52
CA LEU G 176 5.85 -14.45 42.78
C LEU G 176 5.67 -13.45 43.91
N ASN G 177 4.83 -13.80 44.88
CA ASN G 177 4.59 -12.92 46.02
C ASN G 177 5.80 -12.82 46.95
N ASN G 178 6.95 -13.35 46.54
CA ASN G 178 8.19 -13.21 47.28
C ASN G 178 9.34 -12.94 46.31
N LYS G 179 10.57 -13.02 46.80
CA LYS G 179 11.75 -12.93 45.96
C LYS G 179 12.48 -14.26 46.00
N ILE G 180 12.88 -14.75 44.83
CA ILE G 180 13.60 -16.02 44.77
C ILE G 180 14.88 -15.81 43.99
N PRO G 181 16.03 -16.24 44.53
CA PRO G 181 17.28 -16.16 43.76
C PRO G 181 17.20 -16.96 42.48
N SER G 182 18.01 -16.56 41.50
CA SER G 182 17.98 -17.17 40.18
C SER G 182 18.49 -18.59 40.26
N ILE G 183 17.66 -19.53 39.78
CA ILE G 183 18.01 -20.95 39.83
C ILE G 183 19.32 -21.18 39.10
N ILE G 184 19.53 -20.47 37.99
CA ILE G 184 20.76 -20.55 37.22
C ILE G 184 21.26 -19.12 37.00
N ASN G 185 22.43 -18.99 36.39
CA ASN G 185 23.06 -17.69 36.19
C ASN G 185 22.66 -17.04 34.88
N ALA G 186 21.46 -17.32 34.39
CA ALA G 186 20.89 -16.66 33.22
C ALA G 186 19.92 -15.59 33.71
N GLY G 187 20.21 -14.33 33.40
CA GLY G 187 19.33 -13.24 33.81
C GLY G 187 17.93 -13.38 33.24
N VAL G 188 17.76 -14.20 32.22
CA VAL G 188 16.46 -14.48 31.61
C VAL G 188 15.48 -14.99 32.65
N PRO G 189 14.22 -14.56 32.61
CA PRO G 189 13.23 -15.07 33.56
C PRO G 189 12.96 -16.55 33.39
N LEU G 190 12.03 -17.06 34.18
CA LEU G 190 11.66 -18.47 34.11
C LEU G 190 10.19 -18.57 34.46
N LEU G 191 9.37 -18.93 33.48
CA LEU G 191 7.94 -19.07 33.71
C LEU G 191 7.64 -20.49 34.12
N VAL G 192 6.82 -20.66 35.15
CA VAL G 192 6.32 -21.98 35.49
C VAL G 192 4.84 -22.02 35.16
N LEU G 193 4.52 -22.40 33.93
CA LEU G 193 3.12 -22.46 33.55
C LEU G 193 2.45 -23.64 34.20
N GLU G 194 1.13 -23.56 34.32
CA GLU G 194 0.37 -24.72 34.71
C GLU G 194 0.42 -25.74 33.59
N ASP G 195 -0.15 -26.90 33.83
CA ASP G 195 -0.13 -27.94 32.83
C ASP G 195 -1.22 -27.71 31.81
N SER G 196 -1.12 -28.41 30.68
CA SER G 196 -2.10 -28.39 29.60
C SER G 196 -2.09 -27.06 28.86
N ILE G 197 -1.37 -26.08 29.39
CA ILE G 197 -1.02 -24.89 28.63
C ILE G 197 0.49 -24.87 28.54
N GLY G 198 1.15 -25.44 29.54
CA GLY G 198 2.58 -25.67 29.43
C GLY G 198 2.91 -26.79 28.48
N ARG G 199 1.98 -27.70 28.24
CA ARG G 199 2.21 -28.73 27.23
C ARG G 199 2.20 -28.14 25.83
N GLU G 200 1.42 -27.08 25.61
CA GLU G 200 1.41 -26.46 24.29
C GLU G 200 2.65 -25.62 24.08
N VAL G 201 2.95 -24.70 25.00
CA VAL G 201 4.10 -23.84 24.85
C VAL G 201 5.38 -24.65 24.72
N ILE G 202 5.45 -25.81 25.37
CA ILE G 202 6.62 -26.66 25.25
C ILE G 202 6.56 -27.48 23.97
N ASN G 203 5.43 -28.12 23.72
CA ASN G 203 5.24 -28.89 22.50
C ASN G 203 5.52 -28.04 21.27
N ARG G 204 5.25 -26.74 21.34
CA ARG G 204 5.50 -25.86 20.22
C ARG G 204 6.91 -25.31 20.20
N SER G 205 7.66 -25.49 21.27
CA SER G 205 9.04 -25.02 21.32
C SER G 205 10.02 -26.07 20.83
N LEU G 206 9.54 -27.22 20.38
CA LEU G 206 10.37 -28.27 19.85
C LEU G 206 10.53 -28.10 18.36
N ILE G 207 11.78 -28.05 17.90
CA ILE G 207 12.10 -27.78 16.50
C ILE G 207 11.82 -29.06 15.71
N ARG G 208 10.67 -29.10 15.04
CA ARG G 208 10.41 -30.13 14.06
C ARG G 208 10.91 -29.67 12.71
N VAL G 209 11.58 -30.56 11.99
CA VAL G 209 12.25 -30.20 10.75
C VAL G 209 11.97 -31.28 9.72
N ARG G 210 11.52 -30.88 8.54
CA ARG G 210 11.45 -31.79 7.40
C ARG G 210 12.81 -31.80 6.73
N ARG G 211 13.32 -32.98 6.41
CA ARG G 211 14.60 -33.11 5.75
C ARG G 211 14.44 -33.96 4.50
N ILE G 212 15.40 -33.84 3.59
CA ILE G 212 15.36 -34.54 2.31
C ILE G 212 16.77 -35.02 1.94
N ARG G 213 16.82 -35.88 0.94
CA ARG G 213 18.05 -36.36 0.34
C ARG G 213 17.99 -36.09 -1.15
N ILE G 214 19.03 -35.46 -1.68
CA ILE G 214 19.04 -34.95 -3.06
C ILE G 214 19.96 -35.80 -3.91
N ASP G 215 19.49 -36.17 -5.10
CA ASP G 215 20.30 -36.87 -6.08
C ASP G 215 21.54 -36.05 -6.40
N ARG G 216 22.71 -36.63 -6.13
CA ARG G 216 23.96 -35.88 -6.22
C ARG G 216 24.22 -35.32 -7.59
N ASP G 217 23.54 -35.83 -8.63
CA ASP G 217 23.89 -35.53 -9.99
C ASP G 217 22.94 -34.58 -10.70
N LYS G 218 21.72 -34.40 -10.19
CA LYS G 218 20.76 -33.56 -10.90
C LYS G 218 19.94 -32.68 -9.97
N LYS G 219 20.48 -32.35 -8.79
CA LYS G 219 19.86 -31.42 -7.85
C LYS G 219 18.35 -31.63 -7.77
N VAL G 220 17.95 -32.89 -7.63
CA VAL G 220 16.53 -33.21 -7.49
C VAL G 220 16.40 -34.24 -6.37
N VAL G 221 15.23 -34.23 -5.73
CA VAL G 221 15.02 -35.14 -4.61
C VAL G 221 14.96 -36.57 -5.11
N GLU G 222 15.46 -37.49 -4.28
CA GLU G 222 15.35 -38.90 -4.59
C GLU G 222 14.09 -39.46 -3.97
N THR G 223 13.47 -40.41 -4.66
CA THR G 223 12.20 -40.95 -4.21
C THR G 223 12.34 -41.57 -2.84
N GLY G 224 11.33 -41.38 -2.01
CA GLY G 224 11.34 -41.90 -0.65
C GLY G 224 12.35 -41.23 0.25
N GLY G 225 13.05 -40.22 -0.23
CA GLY G 225 14.04 -39.55 0.57
C GLY G 225 13.55 -38.32 1.28
N LEU G 226 12.40 -38.41 1.93
CA LEU G 226 11.81 -37.27 2.63
C LEU G 226 11.23 -37.73 3.95
N TRP G 227 11.73 -37.16 5.04
CA TRP G 227 11.27 -37.50 6.38
C TRP G 227 11.31 -36.23 7.23
N SER G 228 10.87 -36.36 8.47
CA SER G 228 10.90 -35.26 9.42
C SER G 228 11.65 -35.67 10.66
N GLU G 229 12.16 -34.68 11.39
CA GLU G 229 12.89 -34.91 12.62
C GLU G 229 12.49 -33.85 13.63
N GLU G 230 12.74 -34.17 14.90
CA GLU G 230 12.40 -33.26 15.99
C GLU G 230 13.63 -33.07 16.85
N TYR G 231 14.04 -31.83 17.01
CA TYR G 231 15.17 -31.48 17.86
C TYR G 231 14.70 -30.75 19.10
N VAL G 232 15.54 -30.77 20.12
CA VAL G 232 15.33 -29.99 21.32
C VAL G 232 16.11 -28.70 21.13
N PRO G 233 15.49 -27.54 21.32
CA PRO G 233 16.16 -26.28 21.00
C PRO G 233 17.41 -26.05 21.82
N MET G 234 18.19 -25.07 21.40
CA MET G 234 19.35 -24.65 22.16
C MET G 234 18.94 -24.20 23.55
N LYS G 235 19.94 -24.10 24.43
CA LYS G 235 19.75 -23.50 25.75
C LYS G 235 18.78 -24.27 26.62
N THR G 236 18.19 -25.34 26.10
CA THR G 236 17.35 -26.20 26.91
C THR G 236 18.14 -26.76 28.07
N ILE G 237 17.45 -27.02 29.18
CA ILE G 237 18.09 -27.48 30.40
C ILE G 237 17.42 -28.77 30.83
N PHE G 238 18.22 -29.83 30.98
CA PHE G 238 17.76 -31.09 31.54
C PHE G 238 18.31 -31.24 32.94
N PHE G 239 17.74 -32.17 33.68
CA PHE G 239 18.16 -32.43 35.04
C PHE G 239 18.35 -33.92 35.23
N SER G 240 19.42 -34.28 35.93
CA SER G 240 19.69 -35.68 36.25
C SER G 240 20.62 -35.75 37.45
N VAL G 241 20.78 -36.94 37.98
CA VAL G 241 21.71 -37.21 39.07
C VAL G 241 22.55 -38.42 38.70
N LEU G 242 23.83 -38.36 39.00
CA LEU G 242 24.71 -39.51 38.87
C LEU G 242 24.90 -40.10 40.25
N LEU G 243 24.28 -41.26 40.48
CA LEU G 243 24.41 -41.92 41.76
C LEU G 243 25.76 -42.61 41.86
N GLY G 244 26.03 -43.19 43.01
CA GLY G 244 27.29 -43.87 43.19
C GLY G 244 27.42 -44.58 44.52
N LYS G 245 28.21 -45.65 44.53
CA LYS G 245 28.48 -46.42 45.74
C LYS G 245 29.97 -46.40 46.02
N GLU G 246 30.33 -46.18 47.28
CA GLU G 246 31.71 -45.88 47.63
C GLU G 246 32.64 -47.02 47.22
N SER G 247 33.69 -46.66 46.47
CA SER G 247 34.57 -47.65 45.87
C SER G 247 36.05 -47.29 45.90
N LYS G 248 36.42 -46.12 46.43
CA LYS G 248 37.80 -45.67 46.50
C LYS G 248 38.38 -45.44 45.10
N GLU G 249 37.58 -45.68 44.07
CA GLU G 249 37.86 -45.15 42.74
C GLU G 249 36.73 -44.30 42.21
N SER G 250 35.54 -44.39 42.80
CA SER G 250 34.56 -43.33 42.63
C SER G 250 35.09 -42.03 43.21
N ALA G 251 35.90 -42.12 44.26
CA ALA G 251 36.51 -40.94 44.85
C ALA G 251 37.36 -40.20 43.83
N ILE G 252 38.21 -40.93 43.10
CA ILE G 252 39.02 -40.27 42.09
C ILE G 252 38.17 -39.94 40.86
N PHE G 253 37.15 -40.75 40.57
CA PHE G 253 36.27 -40.45 39.45
C PHE G 253 35.55 -39.13 39.63
N ALA G 254 35.26 -38.74 40.87
CA ALA G 254 34.74 -37.41 41.12
C ALA G 254 35.82 -36.39 41.35
N SER G 255 37.01 -36.83 41.78
CA SER G 255 38.10 -35.90 42.03
C SER G 255 38.72 -35.41 40.73
N CYS G 256 38.99 -36.33 39.82
CA CYS G 256 39.64 -35.94 38.57
C CYS G 256 38.62 -35.76 37.46
N ILE G 257 37.83 -36.80 37.20
CA ILE G 257 37.01 -36.82 35.99
C ILE G 257 35.89 -35.79 36.07
N LEU G 258 34.97 -35.97 37.01
CA LEU G 258 33.70 -35.27 36.95
C LEU G 258 33.88 -33.76 37.04
N ARG G 259 34.63 -33.30 38.02
CA ARG G 259 34.84 -31.86 38.14
C ARG G 259 35.57 -31.28 36.93
N ASN G 260 36.19 -32.12 36.10
CA ASN G 260 36.96 -31.61 34.98
C ASN G 260 36.08 -31.37 33.75
N LEU G 261 35.40 -32.42 33.28
CA LEU G 261 34.67 -32.31 32.04
C LEU G 261 33.47 -31.39 32.21
N ARG G 262 33.14 -30.66 31.15
CA ARG G 262 31.92 -29.87 31.13
C ARG G 262 31.16 -29.92 29.83
N TYR G 263 31.80 -30.24 28.71
CA TYR G 263 31.12 -30.37 27.44
C TYR G 263 31.14 -31.82 27.00
N VAL G 264 30.02 -32.29 26.48
CA VAL G 264 29.86 -33.67 26.05
C VAL G 264 28.99 -33.68 24.81
N ILE G 265 29.19 -34.70 23.98
CA ILE G 265 28.37 -34.91 22.79
C ILE G 265 27.33 -35.97 23.12
N LEU G 266 26.06 -35.58 23.12
CA LEU G 266 24.95 -36.51 23.34
C LEU G 266 24.18 -36.73 22.05
N GLY G 267 23.32 -37.74 22.07
CA GLY G 267 22.39 -37.95 21.00
C GLY G 267 23.03 -38.22 19.65
N GLY G 268 22.16 -38.31 18.65
CA GLY G 268 22.56 -38.64 17.30
C GLY G 268 22.90 -37.40 16.51
N LYS G 269 23.12 -37.62 15.21
CA LYS G 269 23.35 -36.55 14.25
C LYS G 269 24.47 -35.62 14.68
N GLU G 270 25.61 -36.21 15.00
CA GLU G 270 26.76 -35.39 15.35
C GLU G 270 27.32 -34.69 14.12
N THR G 271 27.14 -35.27 12.94
CA THR G 271 27.64 -34.63 11.73
C THR G 271 26.86 -33.37 11.41
N ILE G 272 25.61 -33.29 11.85
CA ILE G 272 24.77 -32.11 11.67
C ILE G 272 25.01 -31.19 12.85
N GLY G 273 25.98 -31.54 13.68
CA GLY G 273 26.28 -30.75 14.86
C GLY G 273 25.09 -30.65 15.79
N LYS G 274 24.50 -31.78 16.14
CA LYS G 274 23.35 -31.84 17.02
C LYS G 274 23.73 -32.68 18.23
N GLY G 275 24.13 -32.04 19.33
CA GLY G 275 24.41 -32.84 20.49
C GLY G 275 25.49 -32.32 21.41
N ILE G 276 26.18 -31.25 21.03
CA ILE G 276 27.11 -30.63 21.96
C ILE G 276 26.31 -30.06 23.11
N VAL G 277 26.63 -30.50 24.32
CA VAL G 277 25.84 -30.15 25.48
C VAL G 277 26.80 -29.86 26.62
N GLU G 278 26.40 -28.98 27.53
CA GLU G 278 27.25 -28.58 28.64
C GLU G 278 26.69 -29.16 29.94
N LEU G 279 27.58 -29.73 30.75
CA LEU G 279 27.20 -30.34 32.02
C LEU G 279 27.58 -29.41 33.16
N ARG G 280 26.59 -28.95 33.91
CA ARG G 280 26.81 -28.09 35.06
C ARG G 280 26.38 -28.85 36.31
N TRP G 281 27.33 -29.11 37.19
CA TRP G 281 27.05 -29.81 38.44
C TRP G 281 26.46 -28.84 39.43
N VAL G 282 25.25 -29.12 39.90
CA VAL G 282 24.65 -28.20 40.85
C VAL G 282 25.13 -28.61 42.24
N LYS G 283 26.39 -28.29 42.51
CA LYS G 283 26.94 -28.27 43.85
C LYS G 283 27.88 -27.09 44.07
N ASP G 284 28.44 -26.54 43.00
CA ASP G 284 29.23 -25.33 43.02
C ASP G 284 28.39 -24.08 42.84
N VAL G 285 27.30 -24.19 42.10
CA VAL G 285 26.28 -23.15 42.02
C VAL G 285 25.11 -23.58 42.90
N ILE G 286 24.91 -22.87 43.99
CA ILE G 286 23.91 -23.15 45.03
C ILE G 286 24.04 -24.57 45.61
N LYS H 2 7.71 -52.01 59.84
CA LYS H 2 6.63 -52.96 59.61
C LYS H 2 6.23 -52.97 58.14
N ARG H 3 5.73 -51.84 57.65
CA ARG H 3 5.35 -51.67 56.26
C ARG H 3 6.42 -50.87 55.53
N VAL H 4 6.80 -51.33 54.34
CA VAL H 4 7.89 -50.74 53.58
C VAL H 4 7.35 -50.17 52.28
N LEU H 5 7.74 -48.94 51.98
CA LEU H 5 7.35 -48.26 50.75
C LEU H 5 8.53 -48.24 49.80
N ILE H 6 8.29 -48.60 48.54
CA ILE H 6 9.32 -48.60 47.52
C ILE H 6 8.80 -47.74 46.39
N LYS H 7 9.22 -46.48 46.34
CA LYS H 7 8.80 -45.63 45.24
C LYS H 7 9.83 -45.68 44.12
N PRO H 8 9.46 -46.09 42.91
CA PRO H 8 10.39 -46.04 41.79
C PRO H 8 10.72 -44.58 41.45
N LEU H 9 12.00 -44.30 41.37
CA LEU H 9 12.48 -42.96 41.03
C LEU H 9 12.48 -42.69 39.54
N GLU H 10 12.08 -43.66 38.73
CA GLU H 10 12.12 -43.56 37.28
C GLU H 10 11.45 -44.79 36.71
N PRO H 11 11.16 -44.84 35.41
CA PRO H 11 10.67 -46.08 34.83
C PRO H 11 11.61 -47.23 35.13
N LEU H 12 11.05 -48.42 35.26
CA LEU H 12 11.87 -49.54 35.69
C LEU H 12 11.25 -50.82 35.14
N MET H 13 12.08 -51.84 34.97
CA MET H 13 11.65 -53.03 34.25
C MET H 13 11.92 -54.28 35.06
N PHE H 14 10.94 -55.16 35.13
CA PHE H 14 11.11 -56.51 35.67
C PHE H 14 10.87 -57.47 34.51
N ARG H 15 11.94 -58.04 33.98
CA ARG H 15 11.86 -58.84 32.77
C ARG H 15 10.82 -59.93 32.90
N SER H 16 10.12 -60.18 31.81
CA SER H 16 9.10 -61.22 31.77
C SER H 16 9.20 -61.96 30.45
N GLN H 17 9.02 -63.28 30.50
CA GLN H 17 9.13 -64.13 29.31
C GLN H 17 7.75 -64.23 28.67
N GLY H 18 7.53 -63.47 27.60
CA GLY H 18 6.38 -63.59 26.73
C GLY H 18 5.07 -63.94 27.41
N GLU H 19 4.70 -63.15 28.42
CA GLU H 19 3.59 -63.49 29.30
C GLU H 19 2.40 -62.55 29.17
N PHE H 20 2.63 -61.29 28.81
CA PHE H 20 1.58 -60.28 28.80
C PHE H 20 1.21 -59.94 27.37
N GLU H 21 0.02 -60.36 26.94
CA GLU H 21 -0.52 -59.96 25.64
C GLU H 21 -1.99 -59.52 25.72
N PRO H 22 -2.36 -58.65 26.70
CA PRO H 22 -3.64 -57.98 26.57
C PRO H 22 -3.49 -56.64 25.86
N LEU H 23 -2.29 -56.09 25.90
CA LEU H 23 -2.05 -54.73 25.46
C LEU H 23 -1.83 -54.68 23.95
N ILE H 24 -2.52 -53.76 23.29
CA ILE H 24 -2.33 -53.56 21.86
C ILE H 24 -1.02 -52.80 21.66
N THR H 25 0.05 -53.53 21.43
CA THR H 25 1.37 -52.92 21.30
C THR H 25 1.48 -52.23 19.93
N GLY H 26 2.05 -51.04 19.93
CA GLY H 26 2.38 -50.38 18.69
C GLY H 26 3.44 -51.16 17.95
N SER H 27 4.61 -51.30 18.56
CA SER H 27 5.72 -52.06 18.01
C SER H 27 6.10 -53.17 18.97
N HIS H 28 6.94 -54.08 18.48
CA HIS H 28 7.38 -55.20 19.28
C HIS H 28 8.46 -54.78 20.25
N THR H 29 8.83 -55.70 21.14
CA THR H 29 9.87 -55.46 22.13
C THR H 29 10.33 -56.81 22.66
N ALA H 30 11.65 -56.96 22.82
CA ALA H 30 12.24 -58.25 23.14
C ALA H 30 12.00 -58.68 24.58
N ALA H 31 11.41 -57.83 25.41
CA ALA H 31 11.18 -58.17 26.81
C ALA H 31 10.12 -57.26 27.37
N GLN H 32 9.06 -57.85 27.94
CA GLN H 32 8.03 -57.08 28.59
C GLN H 32 8.46 -56.79 30.02
N SER H 33 7.58 -56.17 30.80
CA SER H 33 7.85 -55.87 32.20
C SER H 33 6.66 -56.30 33.02
N LEU H 34 6.90 -57.15 34.01
CA LEU H 34 5.84 -57.52 34.93
C LEU H 34 5.32 -56.28 35.65
N ILE H 35 4.02 -56.26 35.90
CA ILE H 35 3.40 -55.09 36.49
C ILE H 35 3.82 -54.94 37.94
N ILE H 36 3.82 -56.03 38.69
CA ILE H 36 4.21 -56.04 40.09
C ILE H 36 5.42 -56.95 40.23
N PRO H 37 6.49 -56.51 40.88
CA PRO H 37 7.70 -57.34 40.94
C PRO H 37 7.48 -58.60 41.76
N ARG H 38 7.81 -59.74 41.17
CA ARG H 38 7.75 -61.03 41.84
C ARG H 38 8.50 -60.95 43.17
N PRO H 39 8.06 -61.67 44.19
CA PRO H 39 8.66 -61.51 45.51
C PRO H 39 10.11 -61.92 45.55
N SER H 40 10.56 -62.71 44.57
CA SER H 40 11.99 -62.96 44.47
C SER H 40 12.75 -61.66 44.29
N THR H 41 12.18 -60.72 43.53
CA THR H 41 12.88 -59.48 43.24
C THR H 41 12.98 -58.58 44.47
N ILE H 42 11.88 -58.44 45.20
CA ILE H 42 11.93 -57.63 46.41
C ILE H 42 12.81 -58.30 47.45
N ALA H 43 12.73 -59.63 47.54
CA ALA H 43 13.60 -60.38 48.43
C ALA H 43 15.05 -60.08 48.14
N GLY H 44 15.47 -60.31 46.89
CA GLY H 44 16.85 -60.06 46.53
C GLY H 44 17.26 -58.61 46.69
N MET H 45 16.33 -57.69 46.45
CA MET H 45 16.64 -56.29 46.62
C MET H 45 16.95 -55.96 48.07
N LEU H 46 16.22 -56.58 49.00
CA LEU H 46 16.54 -56.38 50.41
C LEU H 46 17.82 -57.10 50.79
N GLY H 47 18.01 -58.31 50.25
CA GLY H 47 19.20 -59.06 50.57
C GLY H 47 20.47 -58.39 50.09
N TYR H 48 20.37 -57.59 49.03
CA TYR H 48 21.56 -56.90 48.52
C TYR H 48 22.11 -55.91 49.53
N ILE H 49 21.24 -55.30 50.34
CA ILE H 49 21.72 -54.30 51.29
C ILE H 49 22.44 -54.97 52.45
N LEU H 50 21.96 -56.13 52.87
CA LEU H 50 22.44 -56.79 54.08
C LEU H 50 23.35 -57.96 53.78
N PHE H 51 24.22 -57.82 52.79
CA PHE H 51 25.04 -58.91 52.31
C PHE H 51 26.44 -58.80 52.90
N ASN H 52 26.94 -59.90 53.47
CA ASN H 52 28.29 -60.01 53.99
C ASN H 52 28.92 -61.29 53.47
N LYS H 53 30.16 -61.52 53.85
CA LYS H 53 30.89 -62.72 53.45
C LYS H 53 30.61 -63.91 54.36
N SER H 54 29.71 -63.77 55.32
CA SER H 54 29.22 -64.91 56.08
C SER H 54 28.27 -65.79 55.27
N SER H 55 28.09 -65.47 53.98
CA SER H 55 27.10 -66.16 53.16
C SER H 55 27.41 -67.64 53.01
N GLY H 56 28.55 -67.96 52.43
CA GLY H 56 28.88 -69.36 52.20
C GLY H 56 28.01 -69.97 51.11
N THR H 57 27.82 -71.27 51.22
CA THR H 57 27.05 -72.01 50.23
C THR H 57 25.57 -72.01 50.61
N GLY H 58 24.72 -72.23 49.61
CA GLY H 58 23.30 -72.26 49.82
C GLY H 58 22.54 -72.07 48.51
N ASP H 59 21.33 -72.61 48.44
CA ASP H 59 20.53 -72.50 47.23
C ASP H 59 19.89 -71.12 47.15
N TRP H 60 20.70 -70.08 47.31
CA TRP H 60 20.32 -68.68 47.13
C TRP H 60 19.18 -68.26 48.03
N LEU H 61 18.64 -69.18 48.82
CA LEU H 61 17.47 -68.81 49.61
C LEU H 61 17.67 -69.06 51.09
N SER H 62 18.32 -70.17 51.45
CA SER H 62 18.70 -70.38 52.84
C SER H 62 19.54 -69.21 53.33
N ASP H 63 20.62 -68.92 52.62
CA ASP H 63 21.41 -67.73 52.87
C ASP H 63 20.56 -66.46 52.79
N LEU H 64 19.58 -66.43 51.89
CA LEU H 64 18.71 -65.25 51.81
C LEU H 64 17.76 -65.18 52.99
N THR H 65 17.14 -66.32 53.34
CA THR H 65 16.22 -66.33 54.46
C THR H 65 16.91 -66.04 55.78
N ASN H 66 18.22 -66.25 55.86
CA ASN H 66 18.95 -65.94 57.09
C ASN H 66 19.23 -64.45 57.25
N LEU H 67 18.55 -63.59 56.50
CA LEU H 67 18.80 -62.15 56.53
C LEU H 67 17.60 -61.31 56.89
N LEU H 68 16.39 -61.85 56.81
CA LEU H 68 15.20 -61.02 56.86
C LEU H 68 14.06 -61.76 57.53
N ALA H 69 12.97 -61.03 57.74
CA ALA H 69 11.77 -61.56 58.37
C ALA H 69 10.87 -62.18 57.31
N THR H 70 9.60 -62.35 57.64
CA THR H 70 8.63 -62.83 56.68
C THR H 70 8.07 -61.65 55.90
N ILE H 71 8.56 -61.42 54.69
CA ILE H 71 7.88 -60.50 53.79
C ILE H 71 6.51 -61.06 53.49
N TYR H 72 5.51 -60.19 53.40
CA TYR H 72 4.15 -60.67 53.28
C TYR H 72 3.65 -60.70 51.84
N GLY H 73 3.60 -59.56 51.18
CA GLY H 73 3.10 -59.50 49.82
C GLY H 73 3.58 -58.24 49.16
N THR H 74 2.84 -57.80 48.14
CA THR H 74 3.19 -56.56 47.46
C THR H 74 2.02 -56.04 46.62
N PHE H 75 1.71 -54.75 46.76
CA PHE H 75 0.64 -54.15 45.97
C PHE H 75 0.93 -52.67 45.77
N ILE H 76 0.16 -52.08 44.87
CA ILE H 76 0.37 -50.69 44.47
C ILE H 76 -0.15 -49.76 45.56
N GLU H 77 0.30 -48.51 45.50
CA GLU H 77 -0.16 -47.49 46.45
C GLU H 77 -0.02 -46.13 45.78
N THR H 78 -1.13 -45.56 45.34
CA THR H 78 -1.16 -44.17 44.90
C THR H 78 -1.34 -43.28 46.13
N ASN H 79 -1.64 -42.01 45.91
CA ASN H 79 -1.84 -41.12 47.05
C ASN H 79 -3.04 -41.59 47.85
N GLY H 80 -2.78 -42.17 49.02
CA GLY H 80 -3.83 -42.73 49.84
C GLY H 80 -4.33 -44.08 49.38
N GLU H 81 -4.75 -44.17 48.13
CA GLU H 81 -5.39 -45.37 47.63
C GLU H 81 -4.44 -46.57 47.67
N TYR H 82 -5.04 -47.75 47.73
CA TYR H 82 -4.33 -49.02 47.67
C TYR H 82 -4.87 -49.79 46.49
N LEU H 83 -4.11 -49.88 45.42
CA LEU H 83 -4.53 -50.65 44.26
C LEU H 83 -4.07 -52.09 44.42
N PHE H 84 -4.86 -53.02 43.89
CA PHE H 84 -4.55 -54.42 44.09
C PHE H 84 -4.66 -55.18 42.77
N PRO H 85 -3.79 -56.16 42.56
CA PRO H 85 -3.80 -56.87 41.28
C PRO H 85 -5.03 -57.75 41.14
N LEU H 86 -5.55 -57.82 39.91
CA LEU H 86 -6.71 -58.62 39.64
C LEU H 86 -6.61 -59.15 38.22
N ARG H 87 -6.68 -60.47 38.07
CA ARG H 87 -6.42 -61.14 36.81
C ARG H 87 -7.51 -62.16 36.53
N MET H 88 -7.88 -62.31 35.25
CA MET H 88 -8.88 -63.30 34.87
C MET H 88 -8.40 -64.21 33.74
N GLY H 89 -7.10 -64.36 33.57
CA GLY H 89 -6.58 -65.19 32.50
C GLY H 89 -6.09 -64.34 31.36
N ASN H 90 -4.78 -64.13 31.31
CA ASN H 90 -4.15 -63.31 30.29
C ASN H 90 -4.80 -61.93 30.23
N HIS H 91 -5.31 -61.46 31.37
CA HIS H 91 -6.04 -60.19 31.40
C HIS H 91 -5.88 -59.64 32.81
N LEU H 92 -4.95 -58.70 32.97
CA LEU H 92 -4.63 -58.17 34.28
C LEU H 92 -5.35 -56.84 34.51
N ALA H 93 -5.46 -56.47 35.78
CA ALA H 93 -6.12 -55.23 36.16
C ALA H 93 -5.61 -54.78 37.51
N LEU H 94 -5.82 -53.50 37.81
CA LEU H 94 -5.56 -52.95 39.12
C LEU H 94 -6.82 -52.26 39.61
N VAL H 95 -7.28 -52.65 40.80
CA VAL H 95 -8.50 -52.11 41.38
C VAL H 95 -8.27 -51.85 42.86
N ASP H 96 -9.14 -51.02 43.43
CA ASP H 96 -9.05 -50.69 44.84
C ASP H 96 -9.98 -51.57 45.66
N GLN H 97 -9.86 -51.45 46.98
CA GLN H 97 -10.59 -52.33 47.89
C GLN H 97 -12.09 -52.28 47.67
N GLN H 98 -12.61 -51.12 47.28
CA GLN H 98 -14.06 -50.95 47.14
C GLN H 98 -14.69 -51.98 46.23
N HIS H 99 -13.93 -52.59 45.34
CA HIS H 99 -14.48 -53.54 44.39
C HIS H 99 -14.06 -54.97 44.67
N LEU H 100 -13.14 -55.18 45.60
CA LEU H 100 -12.83 -56.54 46.02
C LEU H 100 -13.90 -57.08 46.96
N ILE H 101 -14.50 -56.19 47.76
CA ILE H 101 -15.34 -56.60 48.87
C ILE H 101 -16.53 -57.44 48.46
N ASN H 102 -16.98 -57.30 47.21
CA ASN H 102 -18.20 -57.98 46.76
C ASN H 102 -17.94 -58.76 45.48
N LEU H 103 -16.83 -59.47 45.42
CA LEU H 103 -16.54 -60.30 44.28
C LEU H 103 -17.22 -61.67 44.32
N PRO H 104 -17.18 -62.41 45.46
CA PRO H 104 -17.77 -63.76 45.48
C PRO H 104 -19.12 -63.86 44.81
N THR H 105 -19.99 -62.89 45.09
CA THR H 105 -21.28 -62.86 44.41
C THR H 105 -21.10 -62.81 42.90
N LEU H 106 -20.22 -61.93 42.42
CA LEU H 106 -19.93 -61.89 40.99
C LEU H 106 -19.42 -63.23 40.51
N LEU H 107 -18.56 -63.87 41.30
CA LEU H 107 -17.99 -65.15 40.89
C LEU H 107 -19.00 -66.29 40.92
N GLU H 108 -20.19 -66.08 41.50
CA GLU H 108 -21.17 -67.14 41.56
C GLU H 108 -22.56 -66.73 41.09
N LYS H 109 -22.74 -65.50 40.62
CA LYS H 109 -24.06 -65.00 40.29
C LYS H 109 -24.51 -65.52 38.94
N GLU H 110 -25.56 -64.90 38.39
CA GLU H 110 -26.12 -65.32 37.11
C GLU H 110 -25.09 -65.17 36.00
N TYR H 111 -25.40 -65.78 34.86
CA TYR H 111 -24.55 -65.74 33.68
C TYR H 111 -24.28 -64.30 33.27
N GLU H 112 -25.32 -63.60 32.83
CA GLU H 112 -25.12 -62.30 32.22
C GLU H 112 -24.80 -61.23 33.24
N ARG H 113 -25.34 -61.33 34.46
CA ARG H 113 -24.98 -60.39 35.50
C ARG H 113 -23.49 -60.45 35.79
N ARG H 114 -22.95 -61.66 35.92
CA ARG H 114 -21.52 -61.78 36.19
C ARG H 114 -20.68 -61.42 34.98
N GLU H 115 -21.19 -61.64 33.76
CA GLU H 115 -20.48 -61.12 32.59
C GLU H 115 -20.39 -59.60 32.64
N LYS H 116 -21.51 -58.94 32.95
CA LYS H 116 -21.49 -57.49 33.13
C LYS H 116 -20.44 -57.09 34.16
N GLY H 117 -20.48 -57.76 35.32
CA GLY H 117 -19.57 -57.39 36.39
C GLY H 117 -18.12 -57.53 35.98
N ILE H 118 -17.78 -58.66 35.36
CA ILE H 118 -16.42 -58.89 34.89
C ILE H 118 -16.00 -57.81 33.91
N TYR H 119 -16.83 -57.59 32.88
CA TYR H 119 -16.57 -56.57 31.87
C TYR H 119 -16.25 -55.23 32.52
N GLU H 120 -17.13 -54.75 33.40
CA GLU H 120 -16.92 -53.42 33.95
C GLU H 120 -15.78 -53.40 34.96
N LEU H 121 -15.46 -54.55 35.56
CA LEU H 121 -14.25 -54.64 36.37
C LEU H 121 -13.01 -54.35 35.53
N PHE H 122 -12.76 -55.18 34.53
CA PHE H 122 -11.46 -55.11 33.86
C PHE H 122 -11.38 -53.95 32.88
N TYR H 123 -12.51 -53.40 32.45
CA TYR H 123 -12.47 -52.28 31.52
C TYR H 123 -12.78 -50.96 32.19
N ASP H 124 -13.93 -50.87 32.88
CA ASP H 124 -14.35 -49.57 33.38
C ASP H 124 -13.60 -49.17 34.65
N LYS H 125 -13.73 -49.94 35.72
CA LYS H 125 -13.15 -49.55 36.99
C LYS H 125 -11.68 -49.94 37.13
N ASN H 126 -11.11 -50.62 36.14
CA ASN H 126 -9.70 -50.97 36.21
C ASN H 126 -8.83 -49.73 36.08
N LYS H 127 -8.15 -49.34 37.15
CA LYS H 127 -7.36 -48.12 37.17
C LYS H 127 -5.94 -48.33 36.68
N LEU H 128 -5.70 -49.40 35.93
CA LEU H 128 -4.34 -49.68 35.47
C LEU H 128 -3.81 -48.58 34.57
N PHE H 129 -4.46 -48.37 33.43
CA PHE H 129 -3.98 -47.44 32.42
C PHE H 129 -3.95 -46.01 32.93
N GLN H 130 -4.57 -45.72 34.07
CA GLN H 130 -4.43 -44.41 34.68
C GLN H 130 -3.16 -44.30 35.50
N ILE H 131 -2.53 -45.43 35.81
CA ILE H 131 -1.29 -45.47 36.57
C ILE H 131 -0.11 -45.80 35.66
N ILE H 132 -0.16 -46.94 35.00
CA ILE H 132 0.99 -47.50 34.31
C ILE H 132 0.94 -47.15 32.85
N ASN H 133 1.99 -46.50 32.36
CA ASN H 133 2.22 -46.36 30.94
C ASN H 133 3.36 -47.28 30.53
N HIS H 134 3.19 -47.99 29.42
CA HIS H 134 4.14 -49.00 28.99
C HIS H 134 5.04 -48.42 27.90
N GLN H 135 6.08 -47.71 28.33
CA GLN H 135 6.98 -47.11 27.38
C GLN H 135 8.04 -48.11 26.94
N ASP H 136 8.35 -48.10 25.65
CA ASP H 136 9.33 -48.99 25.07
C ASP H 136 10.63 -48.24 24.86
N ARG H 137 11.74 -48.90 25.15
CA ARG H 137 13.05 -48.34 24.93
C ARG H 137 13.85 -49.26 24.03
N ILE H 138 14.53 -48.67 23.06
CA ILE H 138 15.44 -49.39 22.19
C ILE H 138 16.85 -49.03 22.60
N GLY H 139 17.71 -50.02 22.66
CA GLY H 139 19.10 -49.79 23.01
C GLY H 139 20.02 -50.42 21.99
N ILE H 140 21.18 -49.82 21.82
CA ILE H 140 22.20 -50.28 20.89
C ILE H 140 23.56 -50.07 21.52
N SER H 141 24.57 -50.68 20.91
CA SER H 141 25.96 -50.40 21.27
C SER H 141 26.71 -49.95 20.03
N ILE H 142 27.87 -49.32 20.27
CA ILE H 142 28.58 -48.60 19.24
C ILE H 142 30.06 -48.94 19.39
N ASP H 143 30.62 -49.58 18.37
CA ASP H 143 32.05 -49.86 18.38
C ASP H 143 32.83 -48.58 18.13
N LYS H 144 33.74 -48.25 19.05
CA LYS H 144 34.48 -47.00 18.96
C LYS H 144 35.26 -46.88 17.67
N SER H 145 35.49 -48.00 16.98
CA SER H 145 36.24 -47.95 15.72
C SER H 145 35.36 -47.46 14.58
N THR H 146 34.30 -48.21 14.27
CA THR H 146 33.43 -47.82 13.18
C THR H 146 32.63 -46.57 13.52
N ARG H 147 32.36 -46.35 14.80
CA ARG H 147 31.54 -45.23 15.26
C ARG H 147 30.13 -45.32 14.70
N THR H 148 29.65 -46.54 14.49
CA THR H 148 28.31 -46.82 14.03
C THR H 148 27.76 -47.90 14.96
N VAL H 149 26.53 -48.35 14.72
CA VAL H 149 25.97 -49.41 15.54
C VAL H 149 26.83 -50.65 15.42
N LYS H 150 27.18 -51.23 16.56
CA LYS H 150 27.93 -52.48 16.59
C LYS H 150 27.00 -53.62 16.20
N GLU H 151 27.29 -54.26 15.07
CA GLU H 151 26.35 -55.20 14.48
C GLU H 151 25.94 -56.28 15.48
N HIS H 152 24.66 -56.65 15.42
CA HIS H 152 24.01 -57.70 16.20
C HIS H 152 23.69 -57.26 17.62
N TYR H 153 23.80 -55.97 17.93
CA TYR H 153 23.61 -55.48 19.28
C TYR H 153 22.47 -54.48 19.26
N LEU H 154 21.25 -54.98 19.36
CA LEU H 154 20.06 -54.12 19.28
C LEU H 154 18.99 -54.75 20.16
N TYR H 155 18.85 -54.25 21.38
CA TYR H 155 17.88 -54.79 22.32
C TYR H 155 16.73 -53.83 22.52
N SER H 156 15.55 -54.40 22.71
CA SER H 156 14.31 -53.64 22.83
C SER H 156 13.59 -54.10 24.08
N ALA H 157 13.32 -53.17 24.99
CA ALA H 157 12.70 -53.50 26.27
C ALA H 157 11.51 -52.60 26.51
N ARG H 158 10.45 -53.17 27.07
CA ARG H 158 9.28 -52.42 27.47
C ARG H 158 9.42 -52.09 28.96
N TYR H 159 9.54 -50.80 29.27
CA TYR H 159 9.70 -50.37 30.64
C TYR H 159 8.34 -50.14 31.29
N LEU H 160 8.37 -49.80 32.56
CA LEU H 160 7.15 -49.51 33.33
C LEU H 160 7.24 -48.07 33.79
N ALA H 161 6.57 -47.18 33.07
CA ALA H 161 6.57 -45.77 33.37
C ALA H 161 5.32 -45.41 34.14
N PHE H 162 5.46 -44.63 35.20
CA PHE H 162 4.37 -44.29 36.10
C PHE H 162 3.92 -42.86 35.85
N LYS H 163 2.62 -42.67 35.74
CA LYS H 163 2.08 -41.35 35.48
C LYS H 163 2.00 -40.49 36.74
N LYS H 164 1.92 -41.12 37.91
CA LYS H 164 1.86 -40.38 39.16
C LYS H 164 2.69 -41.11 40.19
N GLU H 165 2.96 -40.41 41.30
CA GLU H 165 3.75 -40.99 42.38
C GLU H 165 3.15 -42.31 42.83
N VAL H 166 3.91 -43.38 42.65
CA VAL H 166 3.48 -44.72 42.99
C VAL H 166 4.52 -45.34 43.90
N ASN H 167 4.07 -46.03 44.93
CA ASN H 167 4.94 -46.82 45.78
C ASN H 167 4.55 -48.29 45.68
N TYR H 168 5.44 -49.15 46.13
CA TYR H 168 5.14 -50.56 46.30
C TYR H 168 5.12 -50.87 47.78
N VAL H 169 4.03 -51.46 48.25
CA VAL H 169 3.81 -51.68 49.66
C VAL H 169 4.09 -53.13 49.97
N ILE H 170 5.07 -53.36 50.83
CA ILE H 170 5.39 -54.68 51.36
C ILE H 170 5.43 -54.57 52.87
N PHE H 171 5.04 -55.64 53.55
CA PHE H 171 5.07 -55.69 55.00
C PHE H 171 6.12 -56.69 55.45
N ILE H 172 6.91 -56.30 56.45
CA ILE H 172 7.91 -57.20 57.04
C ILE H 172 7.82 -57.09 58.55
N ASP H 173 8.74 -57.74 59.24
CA ASP H 173 8.80 -57.75 60.69
C ASP H 173 10.16 -57.26 61.15
N ASN H 174 10.49 -57.49 62.43
CA ASN H 174 11.82 -57.29 63.02
C ASN H 174 12.45 -55.96 62.57
N ASP H 175 11.86 -54.89 63.08
CA ASP H 175 12.32 -53.53 62.80
C ASP H 175 13.79 -53.33 63.16
N ALA H 176 14.42 -54.36 63.75
CA ALA H 176 15.87 -54.37 63.86
C ALA H 176 16.55 -54.25 62.51
N ILE H 177 15.85 -54.54 61.41
CA ILE H 177 16.35 -54.27 60.09
C ILE H 177 15.61 -53.13 59.40
N SER H 178 14.39 -52.80 59.84
CA SER H 178 13.65 -51.68 59.28
C SER H 178 14.23 -50.34 59.72
N ASP H 179 15.41 -50.36 60.32
CA ASP H 179 16.19 -49.15 60.60
C ASP H 179 17.30 -48.95 59.57
N LYS H 180 18.08 -49.99 59.32
CA LYS H 180 19.15 -50.00 58.35
C LYS H 180 18.66 -50.04 56.93
N ILE H 181 17.35 -49.89 56.76
CA ILE H 181 16.73 -49.95 55.45
C ILE H 181 16.00 -48.66 55.08
N ASN H 182 15.67 -47.81 56.04
CA ASN H 182 14.86 -46.63 55.77
C ASN H 182 15.67 -45.57 55.07
N GLY H 183 15.06 -44.96 54.06
CA GLY H 183 15.70 -43.89 53.31
C GLY H 183 16.93 -44.33 52.57
N LYS H 184 16.82 -45.40 51.79
CA LYS H 184 17.94 -45.95 51.04
C LYS H 184 17.50 -46.22 49.63
N ILE H 185 18.12 -45.54 48.67
CA ILE H 185 17.87 -45.82 47.26
C ILE H 185 18.62 -47.07 46.85
N VAL H 186 17.96 -47.90 46.05
CA VAL H 186 18.50 -49.20 45.68
C VAL H 186 18.18 -49.49 44.23
N ASN H 187 18.96 -50.39 43.63
CA ASN H 187 18.80 -50.73 42.23
C ASN H 187 17.66 -51.70 42.04
N PHE H 188 16.46 -51.31 42.46
CA PHE H 188 15.28 -52.16 42.39
C PHE H 188 15.18 -52.83 41.03
N GLY H 189 14.84 -54.12 41.06
CA GLY H 189 15.09 -55.05 39.97
C GLY H 189 14.94 -54.51 38.56
N GLY H 190 15.92 -54.80 37.73
CA GLY H 190 15.96 -54.33 36.36
C GLY H 190 17.33 -53.80 35.99
N GLU H 191 17.44 -53.36 34.75
CA GLU H 191 18.72 -52.89 34.24
C GLU H 191 19.01 -51.51 34.83
N ASN H 192 19.53 -51.53 36.06
CA ASN H 192 20.11 -50.36 36.70
C ASN H 192 19.11 -49.24 36.91
N ARG H 193 17.96 -49.57 37.48
CA ARG H 193 16.93 -48.60 37.81
C ARG H 193 16.90 -48.39 39.33
N ILE H 194 16.40 -47.24 39.75
CA ILE H 194 16.51 -46.81 41.14
C ILE H 194 15.12 -46.63 41.73
N ALA H 195 14.95 -47.08 42.97
CA ALA H 195 13.75 -46.84 43.75
C ALA H 195 14.15 -46.54 45.18
N LYS H 196 13.30 -45.79 45.87
CA LYS H 196 13.60 -45.33 47.22
C LYS H 196 12.79 -46.11 48.25
N LEU H 197 13.47 -46.53 49.31
CA LEU H 197 12.83 -47.24 50.41
C LEU H 197 12.45 -46.25 51.50
N GLU H 198 11.26 -46.42 52.07
CA GLU H 198 10.77 -45.53 53.11
C GLU H 198 9.80 -46.31 54.00
N VAL H 199 10.29 -46.73 55.16
CA VAL H 199 9.51 -47.55 56.08
C VAL H 199 8.76 -46.69 57.07
N ASP H 200 7.50 -47.04 57.31
CA ASP H 200 6.69 -46.37 58.32
C ASP H 200 6.14 -47.38 59.30
N ASP H 201 5.21 -46.96 60.14
CA ASP H 201 4.59 -47.84 61.13
C ASP H 201 3.08 -47.85 60.86
N TYR H 202 2.59 -48.98 60.37
CA TYR H 202 1.21 -49.09 59.90
C TYR H 202 0.76 -50.52 60.18
N LYS H 203 0.15 -50.71 61.35
CA LYS H 203 -0.20 -52.06 61.79
C LYS H 203 -1.41 -52.58 61.02
N VAL H 204 -1.34 -53.85 60.64
CA VAL H 204 -2.41 -54.52 59.92
C VAL H 204 -2.65 -55.89 60.55
N ASP H 205 -3.84 -56.43 60.30
CA ASP H 205 -4.13 -57.80 60.69
C ASP H 205 -3.20 -58.76 59.97
N THR H 206 -3.01 -59.94 60.55
CA THR H 206 -2.06 -60.89 60.00
C THR H 206 -2.63 -62.31 59.94
N SER H 207 -3.91 -62.51 60.27
CA SER H 207 -4.50 -63.83 60.17
C SER H 207 -6.02 -63.70 60.07
N ILE H 208 -6.61 -64.45 59.15
CA ILE H 208 -8.05 -64.45 58.98
C ILE H 208 -8.44 -65.70 58.19
N GLU H 209 -9.55 -66.32 58.59
CA GLU H 209 -10.15 -67.39 57.81
C GLU H 209 -11.31 -66.81 57.02
N GLU H 210 -11.49 -67.30 55.79
CA GLU H 210 -12.42 -66.66 54.88
C GLU H 210 -12.68 -67.61 53.72
N GLU H 211 -13.84 -67.43 53.09
CA GLU H 211 -14.22 -68.27 51.95
C GLU H 211 -13.25 -68.06 50.79
N TYR H 212 -13.18 -66.83 50.29
CA TYR H 212 -12.34 -66.48 49.16
C TYR H 212 -11.15 -65.64 49.61
N TYR H 213 -10.02 -65.84 48.94
CA TYR H 213 -8.81 -65.06 49.19
C TYR H 213 -8.29 -64.50 47.88
N LEU H 214 -7.36 -63.55 48.01
CA LEU H 214 -6.72 -62.91 46.86
C LEU H 214 -5.21 -63.08 46.96
N ALA H 215 -4.60 -63.61 45.91
CA ALA H 215 -3.18 -63.94 45.91
C ALA H 215 -2.37 -62.70 45.53
N LEU H 216 -1.86 -62.00 46.56
CA LEU H 216 -1.01 -60.85 46.29
C LEU H 216 0.36 -61.24 45.77
N SER H 217 0.76 -62.48 45.95
CA SER H 217 2.06 -62.96 45.49
C SER H 217 1.88 -64.37 44.97
N PRO H 218 2.72 -64.80 44.05
CA PRO H 218 2.50 -66.10 43.41
C PRO H 218 2.56 -67.24 44.41
N ILE H 219 1.54 -68.09 44.38
CA ILE H 219 1.48 -69.26 45.24
C ILE H 219 2.15 -70.41 44.49
N LEU H 220 3.17 -70.98 45.09
CA LEU H 220 4.00 -71.96 44.40
C LEU H 220 3.45 -73.36 44.57
N ILE H 221 3.50 -74.14 43.51
CA ILE H 221 2.97 -75.50 43.46
C ILE H 221 4.15 -76.46 43.46
N PRO H 222 4.17 -77.47 44.34
CA PRO H 222 5.38 -78.29 44.49
C PRO H 222 5.74 -79.16 43.31
N ASP H 223 4.81 -79.36 42.37
CA ASP H 223 4.84 -80.21 41.18
C ASP H 223 4.61 -81.68 41.51
N GLU H 224 4.66 -82.08 42.79
CA GLU H 224 4.14 -83.38 43.14
C GLU H 224 2.62 -83.34 43.23
N ALA H 225 2.06 -82.13 43.40
CA ALA H 225 0.63 -81.93 43.35
C ALA H 225 0.13 -81.62 41.95
N LEU H 226 1.00 -81.09 41.09
CA LEU H 226 0.62 -80.64 39.75
C LEU H 226 -0.31 -81.62 39.05
N ASP H 227 0.18 -82.84 38.85
CA ASP H 227 -0.62 -83.92 38.29
C ASP H 227 -2.00 -84.01 38.91
N ASN H 228 -2.07 -84.08 40.24
CA ASN H 228 -3.34 -84.21 40.95
C ASN H 228 -3.92 -82.87 41.37
N PHE H 229 -3.56 -81.80 40.67
CA PHE H 229 -4.14 -80.49 41.00
C PHE H 229 -4.73 -79.84 39.75
N LEU H 230 -4.05 -80.01 38.61
CA LEU H 230 -4.49 -79.36 37.38
C LEU H 230 -5.73 -79.98 36.78
N ASP H 231 -6.34 -80.93 37.46
CA ASP H 231 -7.57 -81.56 36.98
C ASP H 231 -8.82 -81.00 37.63
N ASN H 232 -8.69 -80.32 38.76
CA ASN H 232 -9.81 -79.85 39.55
C ASN H 232 -9.60 -78.42 40.00
N ILE H 233 -9.20 -77.55 39.08
CA ILE H 233 -8.89 -76.17 39.43
C ILE H 233 -10.08 -75.51 40.09
N SER H 234 -11.30 -75.80 39.61
CA SER H 234 -12.49 -75.20 40.16
C SER H 234 -12.59 -75.38 41.67
N ASP H 235 -11.94 -76.42 42.20
CA ASP H 235 -11.96 -76.62 43.64
C ASP H 235 -11.14 -75.57 44.37
N TYR H 236 -10.12 -75.02 43.72
CA TYR H 236 -9.14 -74.19 44.40
C TYR H 236 -9.15 -72.74 43.91
N VAL H 237 -8.98 -72.51 42.62
CA VAL H 237 -8.95 -71.17 42.06
C VAL H 237 -10.30 -70.85 41.46
N ALA H 238 -10.76 -69.62 41.65
CA ALA H 238 -11.99 -69.16 41.02
C ALA H 238 -11.73 -68.27 39.82
N MET H 239 -10.68 -67.46 39.85
CA MET H 239 -10.34 -66.58 38.76
C MET H 239 -8.89 -66.16 38.89
N GLY H 240 -8.17 -66.17 37.78
CA GLY H 240 -6.78 -65.82 37.78
C GLY H 240 -6.05 -66.52 36.64
N LYS H 241 -4.82 -66.94 36.91
CA LYS H 241 -3.98 -67.56 35.89
C LYS H 241 -2.89 -68.38 36.57
N VAL H 242 -2.72 -69.61 36.13
CA VAL H 242 -1.67 -70.49 36.62
C VAL H 242 -0.76 -70.86 35.45
N ASP H 243 0.54 -70.88 35.71
CA ASP H 243 1.52 -71.13 34.67
C ASP H 243 2.90 -71.25 35.28
N LYS H 244 3.83 -71.81 34.52
CA LYS H 244 5.21 -71.90 34.97
C LYS H 244 5.81 -70.52 35.08
N ILE H 245 6.52 -70.27 36.18
CA ILE H 245 7.31 -69.06 36.35
C ILE H 245 8.68 -69.49 36.83
N SER H 246 9.71 -68.80 36.35
CA SER H 246 11.04 -68.94 36.90
C SER H 246 11.17 -68.03 38.10
N LEU H 247 11.76 -68.53 39.18
CA LEU H 247 11.88 -67.73 40.39
C LEU H 247 12.59 -66.42 40.11
N GLY H 248 13.70 -66.49 39.38
CA GLY H 248 14.48 -65.30 39.12
C GLY H 248 15.87 -65.59 38.60
N PHE H 249 16.88 -65.02 39.24
CA PHE H 249 18.26 -65.19 38.84
C PHE H 249 19.13 -64.90 40.04
N ASP H 250 19.83 -65.90 40.55
CA ASP H 250 20.63 -65.71 41.75
C ASP H 250 21.94 -65.01 41.41
N ILE H 251 22.32 -64.04 42.24
CA ILE H 251 23.57 -63.34 42.03
C ILE H 251 24.75 -64.12 42.60
N ALA H 252 24.49 -64.99 43.58
CA ALA H 252 25.55 -65.78 44.19
C ALA H 252 26.36 -66.52 43.14
N ASN H 253 25.72 -67.42 42.39
CA ASN H 253 26.42 -68.22 41.40
C ASN H 253 25.84 -68.05 40.00
N THR H 254 25.15 -66.94 39.75
CA THR H 254 24.80 -66.50 38.38
C THR H 254 24.10 -67.61 37.59
N LYS H 255 22.91 -67.97 38.07
CA LYS H 255 22.14 -68.99 37.39
C LYS H 255 20.66 -68.70 37.56
N ARG H 256 19.87 -69.10 36.56
CA ARG H 256 18.43 -69.08 36.72
C ARG H 256 18.05 -69.90 37.95
N LYS H 257 17.04 -69.44 38.68
CA LYS H 257 16.83 -70.02 40.01
C LYS H 257 16.11 -71.36 39.94
N GLU H 258 14.85 -71.37 39.53
CA GLU H 258 14.05 -72.59 39.46
C GLU H 258 12.90 -72.35 38.50
N MET H 259 11.93 -73.26 38.52
CA MET H 259 10.73 -73.15 37.70
C MET H 259 9.67 -74.04 38.31
N LEU H 260 8.45 -73.51 38.44
CA LEU H 260 7.35 -74.31 38.96
C LEU H 260 6.05 -73.56 38.75
N THR H 261 5.01 -74.31 38.41
CA THR H 261 3.68 -73.73 38.23
C THR H 261 3.29 -72.91 39.45
N ALA H 262 2.64 -71.79 39.22
CA ALA H 262 2.23 -70.92 40.30
C ALA H 262 0.95 -70.20 39.92
N ILE H 263 0.34 -69.56 40.91
CA ILE H 263 -0.83 -68.71 40.70
C ILE H 263 -0.37 -67.28 40.75
N LEU H 264 -0.50 -66.58 39.63
CA LEU H 264 0.13 -65.28 39.48
C LEU H 264 -0.50 -64.24 40.41
N GLU H 265 0.27 -63.18 40.68
CA GLU H 265 -0.14 -62.10 41.58
C GLU H 265 -1.49 -61.53 41.16
N GLY H 266 -2.50 -61.74 41.98
CA GLY H 266 -3.84 -61.30 41.69
C GLY H 266 -4.63 -62.46 41.14
N SER H 267 -5.35 -63.15 42.00
CA SER H 267 -6.06 -64.36 41.63
C SER H 267 -6.96 -64.79 42.79
N ILE H 268 -8.22 -65.06 42.49
CA ILE H 268 -9.20 -65.40 43.52
C ILE H 268 -9.12 -66.90 43.75
N VAL H 269 -8.56 -67.28 44.90
CA VAL H 269 -8.47 -68.67 45.28
C VAL H 269 -9.48 -68.95 46.38
N LYS H 270 -9.87 -70.21 46.47
CA LYS H 270 -10.80 -70.65 47.50
C LYS H 270 -10.03 -71.13 48.72
N ARG H 271 -10.72 -71.18 49.85
CA ARG H 271 -10.08 -71.65 51.08
C ARG H 271 -9.68 -73.12 50.98
N SER H 272 -10.16 -73.83 49.97
CA SER H 272 -9.68 -75.18 49.71
C SER H 272 -8.22 -75.21 49.27
N ILE H 273 -7.57 -74.06 49.14
CA ILE H 273 -6.16 -74.03 48.82
C ILE H 273 -5.33 -74.49 50.01
N ILE H 274 -5.55 -73.86 51.18
CA ILE H 274 -4.64 -74.03 52.31
C ILE H 274 -4.53 -75.50 52.69
N ASP H 275 -5.66 -76.17 52.89
CA ASP H 275 -5.64 -77.58 53.26
C ASP H 275 -4.96 -78.42 52.20
N PHE H 276 -5.18 -78.08 50.92
CA PHE H 276 -4.53 -78.81 49.84
C PHE H 276 -3.01 -78.75 50.00
N ILE H 277 -2.44 -77.55 50.01
CA ILE H 277 -0.99 -77.42 50.06
C ILE H 277 -0.43 -78.03 51.33
N LYS H 278 -1.03 -77.72 52.48
CA LYS H 278 -0.54 -78.29 53.72
C LYS H 278 -0.62 -79.82 53.71
N ASN H 279 -1.77 -80.36 53.29
CA ASN H 279 -1.98 -81.80 53.28
C ASN H 279 -1.57 -82.45 51.97
N GLU H 280 -0.66 -81.84 51.22
CA GLU H 280 -0.04 -82.48 50.08
C GLU H 280 1.46 -82.68 50.29
N ILE H 281 2.14 -81.70 50.85
CA ILE H 281 3.57 -81.77 51.13
C ILE H 281 3.75 -81.73 52.64
N LYS H 282 4.48 -82.72 53.17
CA LYS H 282 4.61 -82.86 54.62
C LYS H 282 6.03 -83.26 55.03
N ASN H 283 7.03 -82.94 54.23
CA ASN H 283 8.39 -83.45 54.39
C ASN H 283 9.34 -82.38 53.90
N ASP H 284 10.57 -82.78 53.53
CA ASP H 284 11.58 -81.87 53.01
C ASP H 284 11.00 -80.87 52.02
N LEU H 285 9.98 -81.28 51.26
CA LEU H 285 9.22 -80.34 50.45
C LEU H 285 8.65 -79.21 51.30
N ARG H 286 8.05 -79.56 52.44
CA ARG H 286 7.43 -78.55 53.29
C ARG H 286 8.47 -77.56 53.81
N TYR H 287 9.66 -78.03 54.17
CA TYR H 287 10.69 -77.11 54.64
C TYR H 287 11.16 -76.21 53.51
N ARG H 288 11.33 -76.77 52.31
CA ARG H 288 11.68 -75.98 51.14
C ARG H 288 10.67 -74.87 50.91
N PHE H 289 9.39 -75.21 50.95
CA PHE H 289 8.36 -74.21 50.67
C PHE H 289 8.18 -73.23 51.81
N SER H 290 8.56 -73.61 53.04
CA SER H 290 8.61 -72.63 54.10
C SER H 290 9.72 -71.62 53.86
N LYS H 291 10.88 -72.11 53.40
CA LYS H 291 11.93 -71.20 52.95
C LYS H 291 11.41 -70.27 51.86
N TYR H 292 10.65 -70.82 50.91
CA TYR H 292 10.06 -70.00 49.85
C TYR H 292 9.18 -68.91 50.43
N GLU H 293 8.10 -69.31 51.11
CA GLU H 293 7.14 -68.34 51.62
C GLU H 293 7.80 -67.32 52.51
N LYS H 294 8.91 -67.67 53.17
CA LYS H 294 9.59 -66.71 54.03
C LYS H 294 9.83 -65.40 53.29
N ILE H 295 10.29 -65.48 52.05
CA ILE H 295 10.40 -64.29 51.20
C ILE H 295 9.11 -64.20 50.41
N GLY H 296 8.08 -63.67 51.06
CA GLY H 296 6.83 -63.24 50.47
C GLY H 296 6.21 -63.97 49.31
N TYR H 297 6.24 -65.31 49.28
CA TYR H 297 5.72 -66.00 48.10
C TYR H 297 4.25 -66.38 48.23
N ASN H 298 3.91 -67.23 49.19
CA ASN H 298 2.54 -67.69 49.35
C ASN H 298 1.82 -66.69 50.22
N THR H 299 1.01 -65.83 49.61
CA THR H 299 0.33 -64.78 50.34
C THR H 299 -1.11 -64.65 49.86
N LEU H 300 -2.03 -64.54 50.79
CA LEU H 300 -3.43 -64.26 50.54
C LEU H 300 -3.78 -62.92 51.16
N MET H 301 -4.97 -62.42 50.80
CA MET H 301 -5.46 -61.18 51.37
C MET H 301 -6.96 -61.23 51.39
N SER H 302 -7.55 -60.93 52.55
CA SER H 302 -8.99 -61.01 52.70
C SER H 302 -9.67 -60.01 51.78
N LEU H 303 -10.67 -60.49 51.05
CA LEU H 303 -11.40 -59.62 50.13
C LEU H 303 -12.20 -58.55 50.87
N CYS H 304 -12.42 -58.71 52.17
CA CYS H 304 -13.26 -57.78 52.91
C CYS H 304 -12.45 -56.65 53.52
N LYS H 305 -11.44 -56.98 54.33
CA LYS H 305 -10.57 -55.98 54.92
C LYS H 305 -9.12 -56.36 54.70
N LEU H 306 -8.23 -55.39 54.86
CA LEU H 306 -6.82 -55.58 54.56
C LEU H 306 -6.21 -56.46 55.65
N ALA H 307 -6.11 -57.75 55.36
CA ALA H 307 -5.54 -58.70 56.30
C ALA H 307 -4.89 -59.83 55.50
N LEU H 308 -3.66 -60.17 55.87
CA LEU H 308 -2.84 -61.09 55.12
C LEU H 308 -2.71 -62.41 55.86
N ARG H 309 -2.13 -63.39 55.18
CA ARG H 309 -1.82 -64.68 55.79
C ARG H 309 -0.97 -65.49 54.83
N LYS H 310 0.05 -66.15 55.37
CA LYS H 310 0.80 -67.10 54.58
C LYS H 310 0.02 -68.41 54.48
N ILE H 311 0.54 -69.34 53.69
CA ILE H 311 -0.10 -70.64 53.57
C ILE H 311 0.40 -71.61 54.64
N LEU H 312 1.68 -71.94 54.58
CA LEU H 312 2.24 -72.94 55.48
C LEU H 312 2.55 -72.40 56.87
N SER H 313 2.07 -71.21 57.19
CA SER H 313 2.27 -70.63 58.51
C SER H 313 1.29 -69.49 58.74
N ALA I 2 19.99 40.82 -32.29
CA ALA I 2 18.91 40.48 -31.38
C ALA I 2 18.15 41.72 -30.92
N ILE I 3 18.91 42.78 -30.62
CA ILE I 3 18.28 44.03 -30.22
C ILE I 3 17.72 44.76 -31.43
N ASP I 4 18.33 44.58 -32.60
CA ASP I 4 17.75 45.09 -33.82
C ASP I 4 16.32 44.62 -34.01
N PHE I 5 15.99 43.41 -33.53
CA PHE I 5 14.61 42.97 -33.63
C PHE I 5 13.68 43.89 -32.89
N LEU I 6 14.04 44.28 -31.66
CA LEU I 6 13.22 45.23 -30.93
C LEU I 6 13.17 46.57 -31.64
N VAL I 7 14.32 47.03 -32.15
CA VAL I 7 14.34 48.33 -32.81
C VAL I 7 13.47 48.34 -34.05
N ASN I 8 13.30 47.20 -34.71
CA ASN I 8 12.58 47.13 -35.97
C ASN I 8 11.18 46.54 -35.86
N ILE I 9 10.77 46.15 -34.65
CA ILE I 9 9.47 45.50 -34.51
C ILE I 9 8.32 46.39 -34.95
N LEU I 10 8.46 47.71 -34.79
CA LEU I 10 7.35 48.59 -35.14
C LEU I 10 7.23 48.73 -36.66
N GLU I 11 8.36 48.91 -37.34
CA GLU I 11 8.37 48.80 -38.78
C GLU I 11 7.72 47.50 -39.22
N LEU I 12 8.06 46.42 -38.53
CA LEU I 12 7.54 45.10 -38.88
C LEU I 12 6.02 45.09 -38.82
N ILE I 13 5.46 45.62 -37.73
CA ILE I 13 4.01 45.69 -37.63
C ILE I 13 3.44 46.52 -38.77
N LYS I 14 4.08 47.65 -39.07
CA LYS I 14 3.56 48.54 -40.11
C LYS I 14 3.63 47.92 -41.50
N GLU I 15 4.48 46.92 -41.71
CA GLU I 15 4.66 46.37 -43.05
C GLU I 15 3.93 45.05 -43.27
N LYS I 16 4.11 44.07 -42.37
CA LYS I 16 3.45 42.77 -42.54
C LYS I 16 1.96 42.87 -42.28
N GLN I 17 1.60 43.33 -41.08
CA GLN I 17 0.28 43.82 -40.73
C GLN I 17 -0.78 42.73 -40.60
N CYS I 18 -0.51 41.55 -41.11
CA CYS I 18 -1.40 40.42 -40.87
C CYS I 18 -0.66 39.13 -40.67
N ASN I 19 0.65 39.12 -40.85
CA ASN I 19 1.43 37.89 -40.85
C ASN I 19 2.55 37.95 -39.84
N ILE I 20 2.59 38.97 -39.03
CA ILE I 20 3.41 38.92 -37.83
C ILE I 20 2.61 38.20 -36.76
N ASN I 21 3.31 37.52 -35.88
CA ASN I 21 2.68 37.02 -34.68
C ASN I 21 2.37 38.21 -33.78
N LEU I 22 1.09 38.57 -33.69
CA LEU I 22 0.74 39.76 -32.93
C LEU I 22 1.11 39.62 -31.48
N PHE I 23 0.95 38.42 -30.93
CA PHE I 23 1.27 38.21 -29.52
C PHE I 23 2.73 38.53 -29.25
N SER I 24 3.63 37.92 -30.00
CA SER I 24 5.04 38.19 -29.80
C SER I 24 5.40 39.60 -30.19
N ALA I 25 4.73 40.16 -31.21
CA ALA I 25 5.02 41.53 -31.60
C ALA I 25 4.73 42.50 -30.47
N ILE I 26 3.57 42.34 -29.82
CA ILE I 26 3.22 43.22 -28.72
C ILE I 26 4.12 42.96 -27.51
N SER I 27 4.41 41.69 -27.23
CA SER I 27 5.27 41.40 -26.10
C SER I 27 6.67 41.93 -26.33
N LEU I 28 7.09 42.06 -27.58
CA LEU I 28 8.42 42.57 -27.86
C LEU I 28 8.45 44.09 -27.85
N THR I 29 7.45 44.74 -28.43
CA THR I 29 7.38 46.18 -28.34
C THR I 29 7.07 46.66 -26.93
N SER I 30 6.62 45.77 -26.04
CA SER I 30 6.48 46.16 -24.65
C SER I 30 7.84 46.46 -24.04
N ILE I 31 8.88 45.76 -24.49
CA ILE I 31 10.21 46.04 -23.99
C ILE I 31 10.63 47.45 -24.39
N VAL I 32 10.34 47.84 -25.63
CA VAL I 32 10.56 49.21 -26.05
C VAL I 32 9.79 50.16 -25.14
N TYR I 33 8.50 49.89 -24.95
CA TYR I 33 7.66 50.82 -24.19
C TYR I 33 8.15 50.98 -22.77
N ASN I 34 8.70 49.92 -22.18
CA ASN I 34 9.11 49.96 -20.79
C ASN I 34 10.55 50.43 -20.62
N ASN I 35 11.36 50.42 -21.66
CA ASN I 35 12.69 51.02 -21.63
C ASN I 35 12.76 52.26 -22.51
N PHE I 36 11.60 52.87 -22.76
CA PHE I 36 11.48 54.00 -23.66
C PHE I 36 12.63 54.98 -23.62
N GLY I 37 12.87 55.59 -22.46
CA GLY I 37 13.93 56.58 -22.37
C GLY I 37 15.27 56.04 -22.83
N GLU I 38 15.53 54.77 -22.58
CA GLU I 38 16.80 54.18 -22.97
C GLU I 38 16.84 53.93 -24.47
N PHE I 39 15.81 53.28 -25.01
CA PHE I 39 15.71 53.11 -26.45
C PHE I 39 15.66 54.44 -27.18
N LEU I 40 15.28 55.50 -26.49
CA LEU I 40 15.20 56.83 -27.07
C LEU I 40 16.56 57.50 -27.05
N SER I 41 17.21 57.54 -25.89
CA SER I 41 18.48 58.24 -25.73
C SER I 41 19.65 57.51 -26.38
N ASN I 42 19.38 56.50 -27.19
CA ASN I 42 20.44 55.71 -27.81
C ASN I 42 20.47 55.96 -29.30
N ASN I 43 21.66 55.87 -29.89
CA ASN I 43 21.80 55.96 -31.33
C ASN I 43 21.25 54.69 -31.96
N GLN I 44 19.99 54.71 -32.33
CA GLN I 44 19.24 53.53 -32.74
C GLN I 44 19.58 53.06 -34.15
N SER I 45 20.64 53.60 -34.76
CA SER I 45 20.84 53.48 -36.20
C SER I 45 19.62 54.04 -36.93
N TYR I 46 19.45 55.35 -36.76
CA TYR I 46 18.22 56.07 -37.07
C TYR I 46 17.66 55.63 -38.42
N SER I 47 16.51 54.97 -38.37
CA SER I 47 15.85 54.44 -39.56
C SER I 47 14.68 55.36 -39.87
N THR I 48 14.70 55.95 -41.07
CA THR I 48 13.68 56.91 -41.46
C THR I 48 12.27 56.32 -41.42
N ASN I 49 12.14 55.01 -41.29
CA ASN I 49 10.86 54.34 -41.30
C ASN I 49 10.45 53.79 -39.93
N ASN I 50 11.17 54.13 -38.87
CA ASN I 50 10.67 53.55 -37.64
C ASN I 50 9.94 54.59 -36.81
N PRO I 51 8.85 54.20 -36.16
CA PRO I 51 8.04 55.18 -35.42
C PRO I 51 8.74 55.84 -34.24
N LEU I 52 9.92 55.38 -33.84
CA LEU I 52 10.55 55.95 -32.66
C LEU I 52 11.47 57.11 -32.98
N LEU I 53 11.82 57.31 -34.25
CA LEU I 53 12.52 58.52 -34.63
C LEU I 53 11.67 59.76 -34.40
N LYS I 54 10.35 59.59 -34.40
CA LYS I 54 9.44 60.72 -34.24
C LYS I 54 9.68 61.48 -32.95
N TYR I 55 10.07 60.79 -31.89
CA TYR I 55 10.16 61.40 -30.57
C TYR I 55 11.50 62.06 -30.33
N HIS I 56 12.34 62.17 -31.35
CA HIS I 56 13.59 62.90 -31.23
C HIS I 56 13.46 64.35 -31.63
N ILE I 57 12.51 64.65 -32.51
CA ILE I 57 12.35 65.98 -33.06
C ILE I 57 11.19 66.68 -32.37
N ILE I 58 10.25 65.90 -31.84
CA ILE I 58 9.21 66.45 -30.99
C ILE I 58 9.81 66.91 -29.69
N ILE I 59 9.34 68.05 -29.18
CA ILE I 59 9.84 68.62 -27.93
C ILE I 59 8.64 68.91 -27.04
N LEU I 60 8.69 68.37 -25.82
CA LEU I 60 7.69 68.63 -24.80
C LEU I 60 8.40 69.03 -23.52
N ASN I 61 7.87 70.03 -22.84
CA ASN I 61 8.46 70.51 -21.59
C ASN I 61 9.96 70.74 -21.75
N ASP I 62 10.29 71.76 -22.53
CA ASP I 62 11.65 72.12 -22.91
C ASP I 62 12.69 71.98 -21.81
N LYS I 63 12.36 72.47 -20.61
CA LYS I 63 13.36 72.56 -19.55
C LYS I 63 13.67 71.20 -18.96
N ASN I 64 12.69 70.56 -18.34
CA ASN I 64 12.90 69.27 -17.72
C ASN I 64 12.97 68.18 -18.77
N LYS I 65 13.84 67.20 -18.54
CA LYS I 65 14.00 66.09 -19.47
C LYS I 65 13.22 64.86 -19.05
N THR I 66 13.20 64.55 -17.76
CA THR I 66 12.50 63.36 -17.30
C THR I 66 11.01 63.46 -17.60
N LYS I 67 10.40 64.61 -17.33
CA LYS I 67 8.98 64.76 -17.64
C LYS I 67 8.74 64.79 -19.14
N ASP I 68 9.71 65.30 -19.91
CA ASP I 68 9.60 65.22 -21.35
C ASP I 68 9.53 63.78 -21.82
N VAL I 69 10.43 62.93 -21.32
CA VAL I 69 10.41 61.52 -21.66
C VAL I 69 9.11 60.88 -21.19
N GLU I 70 8.65 61.26 -20.01
CA GLU I 70 7.45 60.65 -19.45
C GLU I 70 6.21 61.00 -20.26
N GLU I 71 6.18 62.17 -20.88
CA GLU I 71 5.04 62.49 -21.74
C GLU I 71 5.20 61.89 -23.13
N LYS I 72 6.43 61.85 -23.63
CA LYS I 72 6.67 61.15 -24.89
C LYS I 72 6.24 59.69 -24.77
N ARG I 73 6.40 59.11 -23.59
CA ARG I 73 6.02 57.72 -23.41
C ARG I 73 4.52 57.52 -23.52
N ASN I 74 3.73 58.44 -22.98
CA ASN I 74 2.29 58.33 -23.12
C ASN I 74 1.86 58.53 -24.55
N ILE I 75 2.48 59.48 -25.24
CA ILE I 75 2.19 59.63 -26.67
C ILE I 75 2.53 58.36 -27.41
N PHE I 76 3.64 57.73 -27.04
CA PHE I 76 4.06 56.52 -27.72
C PHE I 76 3.09 55.38 -27.45
N LYS I 77 2.57 55.29 -26.23
CA LYS I 77 1.56 54.27 -25.94
C LYS I 77 0.33 54.47 -26.80
N ARG I 78 -0.14 55.71 -26.90
CA ARG I 78 -1.29 55.96 -27.75
C ARG I 78 -1.00 55.61 -29.20
N GLU I 79 0.21 55.94 -29.68
CA GLU I 79 0.54 55.62 -31.06
C GLU I 79 0.62 54.13 -31.28
N VAL I 80 1.10 53.39 -30.29
CA VAL I 80 1.16 51.93 -30.41
C VAL I 80 -0.25 51.35 -30.51
N ALA I 81 -1.15 51.84 -29.66
CA ALA I 81 -2.54 51.38 -29.74
C ALA I 81 -3.12 51.65 -31.12
N GLU I 82 -2.95 52.87 -31.62
CA GLU I 82 -3.45 53.19 -32.96
C GLU I 82 -2.80 52.31 -34.02
N LEU I 83 -1.51 52.04 -33.87
CA LEU I 83 -0.79 51.24 -34.85
C LEU I 83 -1.36 49.83 -34.93
N ILE I 84 -1.47 49.18 -33.78
CA ILE I 84 -2.07 47.85 -33.73
C ILE I 84 -3.46 47.88 -34.32
N SER I 85 -4.23 48.92 -34.02
CA SER I 85 -5.59 48.98 -34.52
C SER I 85 -5.62 49.15 -36.03
N ARG I 86 -4.68 49.91 -36.56
CA ARG I 86 -4.71 50.30 -37.96
C ARG I 86 -4.18 49.20 -38.86
N ASN I 87 -2.98 48.72 -38.56
CA ASN I 87 -2.34 47.76 -39.46
C ASN I 87 -2.92 46.36 -39.30
N PHE I 88 -3.00 45.86 -38.08
CA PHE I 88 -3.48 44.50 -37.87
C PHE I 88 -4.96 44.45 -38.20
N LYS I 89 -5.29 43.89 -39.36
CA LYS I 89 -6.66 43.69 -39.76
C LYS I 89 -6.89 42.19 -39.97
N LEU I 90 -8.09 41.84 -40.40
CA LEU I 90 -8.57 40.47 -40.37
C LEU I 90 -8.56 39.88 -41.77
N ASP I 91 -7.68 38.91 -42.02
CA ASP I 91 -7.63 38.27 -43.32
C ASP I 91 -8.81 37.34 -43.53
N GLY I 92 -9.20 36.61 -42.48
CA GLY I 92 -10.47 35.91 -42.48
C GLY I 92 -10.53 34.53 -43.12
N GLU I 93 -9.74 34.29 -44.17
CA GLU I 93 -9.91 33.04 -44.90
C GLU I 93 -9.39 31.86 -44.11
N LYS I 94 -8.36 32.05 -43.29
CA LYS I 94 -7.91 30.99 -42.40
C LYS I 94 -9.09 30.43 -41.60
N VAL I 95 -9.89 31.31 -41.03
CA VAL I 95 -10.97 30.87 -40.16
C VAL I 95 -12.02 30.12 -40.96
N ARG I 96 -12.36 30.62 -42.15
CA ARG I 96 -13.36 29.93 -42.96
C ARG I 96 -12.90 28.54 -43.31
N ASN I 97 -11.66 28.40 -43.78
CA ASN I 97 -11.16 27.08 -44.13
C ASN I 97 -11.11 26.17 -42.91
N TYR I 98 -10.64 26.70 -41.78
CA TYR I 98 -10.54 25.88 -40.58
C TYR I 98 -11.90 25.40 -40.12
N PHE I 99 -12.89 26.29 -40.12
CA PHE I 99 -14.21 25.88 -39.65
C PHE I 99 -14.88 24.93 -40.63
N ASP I 100 -14.65 25.10 -41.93
CA ASP I 100 -15.18 24.14 -42.88
C ASP I 100 -14.59 22.76 -42.66
N SER I 101 -13.26 22.70 -42.46
CA SER I 101 -12.61 21.43 -42.21
C SER I 101 -13.15 20.80 -40.94
N LEU I 102 -13.26 21.59 -39.87
CA LEU I 102 -13.73 21.05 -38.61
C LEU I 102 -15.16 20.56 -38.73
N LYS I 103 -15.98 21.26 -39.50
CA LYS I 103 -17.35 20.80 -39.70
C LYS I 103 -17.38 19.48 -40.44
N GLU I 104 -16.55 19.32 -41.47
CA GLU I 104 -16.48 18.05 -42.17
C GLU I 104 -16.06 16.93 -41.23
N VAL I 105 -15.05 17.22 -40.39
CA VAL I 105 -14.58 16.25 -39.41
C VAL I 105 -15.74 15.81 -38.52
N LEU I 106 -16.43 16.78 -37.92
CA LEU I 106 -17.49 16.46 -36.98
C LEU I 106 -18.63 15.72 -37.66
N LYS I 107 -18.92 16.06 -38.91
CA LYS I 107 -19.93 15.31 -39.65
C LYS I 107 -19.52 13.86 -39.80
N SER I 108 -18.23 13.63 -40.05
CA SER I 108 -17.75 12.25 -40.12
C SER I 108 -17.97 11.52 -38.80
N LEU I 109 -17.90 12.24 -37.68
CA LEU I 109 -18.11 11.65 -36.37
C LEU I 109 -19.57 11.62 -35.96
N LYS I 110 -20.49 11.90 -36.88
CA LYS I 110 -21.92 11.79 -36.64
C LYS I 110 -22.36 12.72 -35.51
N TYR I 111 -22.07 14.00 -35.71
CA TYR I 111 -22.42 15.06 -34.78
C TYR I 111 -23.44 16.00 -35.42
N THR I 112 -24.55 16.20 -34.74
CA THR I 112 -25.46 17.27 -35.14
C THR I 112 -24.78 18.59 -34.87
N ILE I 113 -24.59 19.38 -35.92
CA ILE I 113 -23.79 20.60 -35.83
C ILE I 113 -24.72 21.80 -35.88
N VAL I 114 -24.30 22.87 -35.21
CA VAL I 114 -25.03 24.13 -35.21
C VAL I 114 -24.00 25.22 -35.52
N ASP I 115 -23.89 25.60 -36.78
CA ASP I 115 -22.99 26.66 -37.17
C ASP I 115 -23.60 28.00 -36.80
N VAL I 116 -22.86 28.83 -36.08
CA VAL I 116 -23.36 30.08 -35.55
C VAL I 116 -22.34 31.18 -35.85
N GLU I 117 -22.81 32.28 -36.43
CA GLU I 117 -22.01 33.47 -36.63
C GLU I 117 -22.69 34.63 -35.93
N ILE I 118 -21.95 35.34 -35.10
CA ILE I 118 -22.47 36.50 -34.39
C ILE I 118 -21.62 37.71 -34.73
N THR I 119 -22.28 38.84 -34.91
CA THR I 119 -21.61 40.08 -35.23
C THR I 119 -21.56 40.94 -33.97
N THR I 120 -20.45 41.63 -33.76
CA THR I 120 -20.34 42.51 -32.62
C THR I 120 -20.99 43.85 -32.94
N ARG I 121 -21.89 44.29 -32.06
CA ARG I 121 -22.65 45.51 -32.31
C ARG I 121 -21.84 46.74 -31.91
N THR I 122 -21.53 46.84 -30.63
CA THR I 122 -20.63 47.87 -30.12
C THR I 122 -19.31 47.23 -29.73
N ARG I 123 -18.26 48.04 -29.72
CA ARG I 123 -16.92 47.49 -29.57
C ARG I 123 -16.81 46.70 -28.28
N ALA I 124 -16.34 45.47 -28.39
CA ALA I 124 -16.41 44.49 -27.32
C ALA I 124 -15.07 44.33 -26.63
N LEU I 125 -15.13 43.98 -25.35
CA LEU I 125 -13.97 43.61 -24.56
C LEU I 125 -14.14 42.18 -24.13
N ILE I 126 -13.17 41.33 -24.45
CA ILE I 126 -13.24 39.92 -24.11
C ILE I 126 -11.92 39.51 -23.53
N GLY I 127 -11.95 38.92 -22.35
CA GLY I 127 -10.72 38.54 -21.70
C GLY I 127 -9.88 39.74 -21.37
N VAL I 128 -10.46 40.70 -20.65
CA VAL I 128 -9.69 41.90 -20.30
C VAL I 128 -8.54 41.55 -19.38
N SER I 129 -8.72 40.55 -18.51
CA SER I 129 -7.65 40.16 -17.63
C SER I 129 -6.62 39.27 -18.29
N THR I 130 -6.84 38.89 -19.54
CA THR I 130 -5.88 38.06 -20.25
C THR I 130 -4.62 38.87 -20.53
N SER I 131 -3.65 38.22 -21.14
CA SER I 131 -2.34 38.81 -21.38
C SER I 131 -2.16 39.02 -22.87
N LEU I 132 -2.43 40.24 -23.32
CA LEU I 132 -2.01 40.70 -24.65
C LEU I 132 -2.08 42.21 -24.59
N GLY I 133 -0.93 42.86 -24.59
CA GLY I 133 -0.91 44.26 -24.30
C GLY I 133 -0.99 44.58 -22.83
N LYS I 134 -1.22 43.59 -21.97
CA LYS I 134 -1.17 43.83 -20.54
C LYS I 134 0.13 44.48 -20.15
N LEU I 135 1.23 44.10 -20.81
CA LEU I 135 2.52 44.65 -20.48
C LEU I 135 2.63 46.10 -20.90
N ILE I 136 1.79 46.55 -21.84
CA ILE I 136 1.75 47.93 -22.28
C ILE I 136 0.51 48.64 -21.76
N PHE I 137 -0.67 48.12 -22.07
CA PHE I 137 -1.90 48.81 -21.74
C PHE I 137 -2.45 48.44 -20.37
N GLY I 138 -1.98 47.36 -19.77
CA GLY I 138 -2.52 46.94 -18.51
C GLY I 138 -3.81 46.15 -18.61
N SER I 139 -4.27 45.84 -19.82
CA SER I 139 -5.48 45.08 -19.99
C SER I 139 -5.43 44.40 -21.35
N GLY I 140 -5.65 43.08 -21.36
CA GLY I 140 -5.44 42.29 -22.54
C GLY I 140 -6.71 42.00 -23.31
N ILE I 141 -6.57 41.12 -24.30
CA ILE I 141 -7.67 40.60 -25.09
C ILE I 141 -7.44 39.11 -25.26
N SER I 142 -8.51 38.34 -25.23
CA SER I 142 -8.38 36.89 -25.43
C SER I 142 -7.91 36.66 -26.85
N PHE I 143 -6.64 36.32 -27.00
CA PHE I 143 -5.99 36.23 -28.29
C PHE I 143 -5.34 34.87 -28.44
N ASP I 144 -5.55 34.24 -29.60
CA ASP I 144 -5.03 32.91 -29.88
C ASP I 144 -3.77 33.03 -30.70
N PRO I 145 -2.59 32.93 -30.10
CA PRO I 145 -1.39 33.28 -30.85
C PRO I 145 -0.86 32.15 -31.71
N TYR I 146 -1.74 31.37 -32.27
CA TYR I 146 -1.41 30.43 -33.32
C TYR I 146 -2.37 30.56 -34.49
N MET I 147 -3.65 30.78 -34.21
CA MET I 147 -4.52 31.33 -35.23
C MET I 147 -4.25 32.80 -35.44
N ASN I 148 -3.63 33.46 -34.46
CA ASN I 148 -3.24 34.87 -34.58
C ASN I 148 -4.46 35.76 -34.75
N LEU I 149 -5.51 35.47 -33.98
CA LEU I 149 -6.77 36.16 -34.06
C LEU I 149 -7.43 36.17 -32.70
N PRO I 150 -7.97 37.30 -32.25
CA PRO I 150 -8.71 37.32 -31.00
C PRO I 150 -9.87 36.35 -31.08
N TYR I 151 -10.16 35.71 -29.96
CA TYR I 151 -11.18 34.67 -29.96
C TYR I 151 -11.98 34.75 -28.67
N ILE I 152 -13.21 34.26 -28.74
CA ILE I 152 -14.04 34.13 -27.56
C ILE I 152 -13.84 32.70 -27.06
N PRO I 153 -13.47 32.50 -25.80
CA PRO I 153 -13.24 31.15 -25.31
C PRO I 153 -14.53 30.34 -25.36
N ALA I 154 -14.38 29.06 -25.72
CA ALA I 154 -15.55 28.19 -25.75
C ALA I 154 -16.16 28.05 -24.37
N SER I 155 -15.31 28.02 -23.34
CA SER I 155 -15.79 27.95 -21.98
C SER I 155 -16.72 29.12 -21.68
N GLU I 156 -16.36 30.31 -22.15
CA GLU I 156 -17.16 31.49 -21.85
C GLU I 156 -18.53 31.41 -22.49
N ILE I 157 -18.61 30.99 -23.74
CA ILE I 157 -19.89 30.90 -24.40
C ILE I 157 -20.74 29.81 -23.78
N LYS I 158 -20.13 28.66 -23.50
CA LYS I 158 -20.87 27.60 -22.82
C LYS I 158 -21.39 28.08 -21.47
N GLY I 159 -20.59 28.87 -20.76
CA GLY I 159 -21.00 29.31 -19.44
C GLY I 159 -22.14 30.30 -19.49
N ILE I 160 -22.10 31.23 -20.44
CA ILE I 160 -23.20 32.18 -20.57
C ILE I 160 -24.48 31.46 -20.98
N VAL I 161 -24.38 30.57 -21.95
CA VAL I 161 -25.55 29.79 -22.37
C VAL I 161 -26.09 29.01 -21.20
N ARG I 162 -25.22 28.43 -20.38
CA ARG I 162 -25.68 27.63 -19.26
C ARG I 162 -26.35 28.50 -18.20
N SER I 163 -25.79 29.67 -17.92
CA SER I 163 -26.43 30.54 -16.94
C SER I 163 -27.81 30.93 -17.40
N TYR I 164 -27.96 31.22 -18.69
CA TYR I 164 -29.27 31.59 -19.20
C TYR I 164 -30.24 30.42 -19.08
N ILE I 165 -29.87 29.26 -19.64
CA ILE I 165 -30.75 28.11 -19.59
C ILE I 165 -31.06 27.73 -18.15
N GLU I 166 -30.14 27.99 -17.23
CA GLU I 166 -30.38 27.73 -15.82
C GLU I 166 -31.47 28.64 -15.30
N GLY I 167 -31.25 29.95 -15.36
CA GLY I 167 -32.28 30.90 -14.94
C GLY I 167 -33.60 30.74 -15.66
N LYS I 168 -33.61 30.02 -16.78
CA LYS I 168 -34.85 29.79 -17.51
C LYS I 168 -35.56 28.52 -17.06
N LEU I 169 -34.82 27.41 -16.97
CA LEU I 169 -35.42 26.09 -16.86
C LEU I 169 -34.93 25.32 -15.63
N GLY I 170 -34.44 26.02 -14.61
CA GLY I 170 -34.06 25.32 -13.40
C GLY I 170 -32.70 24.65 -13.50
N GLU I 171 -31.97 24.65 -12.38
CA GLU I 171 -30.68 23.98 -12.33
C GLU I 171 -30.79 22.51 -12.69
N GLN I 172 -31.90 21.87 -12.37
CA GLN I 172 -32.08 20.48 -12.71
C GLN I 172 -31.99 20.27 -14.21
N GLU I 173 -32.74 21.05 -14.98
CA GLU I 173 -32.68 20.89 -16.44
C GLU I 173 -31.34 21.34 -16.98
N ALA I 174 -30.77 22.41 -16.41
CA ALA I 174 -29.43 22.83 -16.82
C ALA I 174 -28.46 21.66 -16.76
N GLU I 175 -28.45 20.95 -15.63
CA GLU I 175 -27.56 19.81 -15.49
C GLU I 175 -27.99 18.64 -16.36
N GLU I 176 -29.29 18.51 -16.65
CA GLU I 176 -29.68 17.47 -17.58
C GLU I 176 -29.19 17.76 -18.99
N ILE I 177 -28.85 19.00 -19.28
CA ILE I 177 -28.30 19.37 -20.59
C ILE I 177 -26.78 19.48 -20.55
N PHE I 178 -26.25 20.24 -19.60
CA PHE I 178 -24.82 20.50 -19.52
C PHE I 178 -24.08 19.57 -18.60
N GLY I 179 -24.77 18.70 -17.89
CA GLY I 179 -24.09 17.75 -17.03
C GLY I 179 -23.64 18.36 -15.72
N ASN I 180 -23.74 17.59 -14.65
CA ASN I 180 -23.26 18.00 -13.34
C ASN I 180 -21.95 17.30 -13.04
N GLU I 181 -21.51 17.39 -11.82
CA GLU I 181 -20.26 16.78 -11.43
C GLU I 181 -20.31 15.31 -11.41
N GLU I 182 -21.39 14.67 -11.83
CA GLU I 182 -21.49 13.22 -11.80
C GLU I 182 -21.83 12.60 -13.14
N ARG I 183 -22.12 13.39 -14.18
CA ARG I 183 -22.24 12.84 -15.52
C ARG I 183 -21.79 13.90 -16.50
N GLU I 184 -21.33 13.44 -17.66
CA GLU I 184 -20.75 14.34 -18.64
C GLU I 184 -21.80 15.27 -19.19
N GLY I 185 -21.34 16.34 -19.83
CA GLY I 185 -22.23 17.22 -20.53
C GLY I 185 -22.82 16.55 -21.75
N ASN I 186 -23.58 17.32 -22.50
CA ASN I 186 -24.17 16.84 -23.73
C ASN I 186 -24.03 17.80 -24.89
N VAL I 187 -23.54 19.01 -24.66
CA VAL I 187 -23.38 20.03 -25.69
C VAL I 187 -21.92 20.43 -25.72
N ASN I 188 -21.35 20.50 -26.91
CA ASN I 188 -19.96 20.85 -27.10
C ASN I 188 -19.87 22.16 -27.86
N PHE I 189 -19.03 23.07 -27.38
CA PHE I 189 -18.80 24.36 -28.00
C PHE I 189 -17.37 24.44 -28.48
N THR I 190 -17.14 25.32 -29.45
CA THR I 190 -15.80 25.63 -29.88
C THR I 190 -15.55 27.12 -29.69
N ASP I 191 -14.27 27.49 -29.66
CA ASP I 191 -13.92 28.90 -29.54
C ASP I 191 -14.47 29.67 -30.73
N ALA I 192 -14.76 30.94 -30.52
CA ALA I 192 -15.33 31.79 -31.55
C ALA I 192 -14.21 32.60 -32.18
N TYR I 193 -14.05 32.47 -33.49
CA TYR I 193 -13.04 33.23 -34.20
C TYR I 193 -13.70 34.18 -35.18
N PRO I 194 -13.11 35.35 -35.43
CA PRO I 194 -13.72 36.35 -36.30
C PRO I 194 -13.54 35.97 -37.77
N THR I 195 -14.67 35.76 -38.45
CA THR I 195 -14.59 35.46 -39.88
C THR I 195 -14.34 36.71 -40.69
N ARG I 196 -15.26 37.67 -40.63
CA ARG I 196 -15.17 38.86 -41.45
C ARG I 196 -15.44 40.09 -40.61
N SER I 197 -14.76 41.18 -40.96
CA SER I 197 -14.89 42.45 -40.28
C SER I 197 -14.94 43.55 -41.32
N LYS I 198 -15.73 44.59 -41.05
CA LYS I 198 -15.89 45.66 -42.03
C LYS I 198 -14.57 46.36 -42.31
N ASP I 199 -14.07 47.14 -41.35
CA ASP I 199 -12.88 47.93 -41.61
C ASP I 199 -11.73 47.59 -40.68
N PHE I 200 -11.97 47.53 -39.37
CA PHE I 200 -10.93 47.27 -38.40
C PHE I 200 -11.21 45.98 -37.66
N LEU I 201 -10.22 45.56 -36.88
CA LEU I 201 -10.39 44.48 -35.92
C LEU I 201 -10.25 45.00 -34.49
N PHE I 202 -9.16 45.65 -34.18
CA PHE I 202 -8.99 46.32 -32.90
C PHE I 202 -9.18 47.82 -33.08
N VAL I 203 -9.69 48.47 -32.04
CA VAL I 203 -9.75 49.93 -31.98
C VAL I 203 -9.37 50.32 -30.57
N PRO I 204 -8.67 51.42 -30.35
CA PRO I 204 -8.33 51.81 -28.99
C PRO I 204 -9.57 52.28 -28.27
N ASP I 205 -9.43 52.44 -26.96
CA ASP I 205 -10.48 53.01 -26.14
C ASP I 205 -9.82 53.56 -24.89
N VAL I 206 -10.62 54.05 -23.95
CA VAL I 206 -10.10 54.60 -22.73
C VAL I 206 -11.12 54.40 -21.63
N ILE I 207 -10.62 54.21 -20.41
CA ILE I 207 -11.43 54.26 -19.20
C ILE I 207 -10.71 55.18 -18.25
N THR I 208 -11.44 56.03 -17.55
CA THR I 208 -10.85 57.05 -16.70
C THR I 208 -11.59 57.12 -15.38
N PRO I 209 -11.25 56.26 -14.43
CA PRO I 209 -11.89 56.30 -13.12
C PRO I 209 -11.43 57.53 -12.33
N HIS I 210 -12.37 58.41 -12.01
CA HIS I 210 -12.09 59.53 -11.13
C HIS I 210 -12.26 59.13 -9.67
N TYR I 211 -13.46 58.68 -9.31
CA TYR I 211 -13.84 58.45 -7.93
C TYR I 211 -13.97 56.97 -7.62
N ASN I 212 -13.11 56.14 -8.18
CA ASN I 212 -13.14 54.72 -7.89
C ASN I 212 -12.29 54.46 -6.67
N GLY I 213 -12.94 54.13 -5.56
CA GLY I 213 -12.20 53.84 -4.34
C GLY I 213 -11.58 55.05 -3.69
N LYS I 214 -12.19 56.21 -3.81
CA LYS I 214 -11.70 57.43 -3.19
C LYS I 214 -12.65 57.81 -2.07
N LYS I 215 -12.09 58.30 -0.96
CA LYS I 215 -12.91 58.66 0.18
C LYS I 215 -13.85 59.81 -0.14
N SER I 216 -13.40 60.74 -0.96
CA SER I 216 -14.07 62.04 -1.05
C SER I 216 -13.72 62.68 -2.38
N GLU I 217 -14.01 63.97 -2.49
CA GLU I 217 -13.57 64.80 -3.60
C GLU I 217 -12.13 65.27 -3.44
N ALA I 218 -11.49 64.93 -2.35
CA ALA I 218 -10.17 65.49 -2.05
C ALA I 218 -9.04 64.67 -2.63
N ASP I 219 -9.19 63.36 -2.68
CA ASP I 219 -8.19 62.49 -3.28
C ASP I 219 -8.57 62.06 -4.69
N ALA I 220 -9.72 62.49 -5.19
CA ALA I 220 -10.13 62.11 -6.52
C ALA I 220 -9.19 62.72 -7.56
N GLU I 221 -9.07 62.02 -8.68
CA GLU I 221 -8.29 62.47 -9.82
C GLU I 221 -8.59 61.53 -10.98
N PRO I 222 -8.43 61.96 -12.21
CA PRO I 222 -8.57 61.04 -13.34
C PRO I 222 -7.36 60.12 -13.42
N ARG I 223 -7.52 59.07 -14.19
CA ARG I 223 -6.48 58.07 -14.35
C ARG I 223 -6.74 57.29 -15.62
N PRO I 224 -6.46 57.85 -16.78
CA PRO I 224 -6.91 57.24 -18.03
C PRO I 224 -6.12 55.98 -18.35
N VAL I 225 -6.80 55.03 -18.97
CA VAL I 225 -6.23 53.73 -19.28
C VAL I 225 -6.49 53.46 -20.75
N ILE I 226 -5.51 53.75 -21.59
CA ILE I 226 -5.62 53.38 -23.00
C ILE I 226 -5.59 51.87 -23.11
N HIS I 227 -6.48 51.32 -23.93
CA HIS I 227 -6.54 49.88 -24.07
C HIS I 227 -7.27 49.54 -25.35
N LEU I 228 -6.89 48.42 -25.95
CA LEU I 228 -7.53 47.99 -27.18
C LEU I 228 -8.85 47.30 -26.87
N THR I 229 -9.80 47.47 -27.76
CA THR I 229 -11.03 46.71 -27.76
C THR I 229 -11.20 46.10 -29.13
N ILE I 230 -12.26 45.32 -29.30
CA ILE I 230 -12.55 44.68 -30.57
C ILE I 230 -13.58 45.52 -31.29
N ALA I 231 -13.21 46.06 -32.44
CA ALA I 231 -14.02 47.04 -33.13
C ALA I 231 -15.41 46.50 -33.41
N PRO I 232 -16.38 47.39 -33.61
CA PRO I 232 -17.71 46.93 -34.02
C PRO I 232 -17.67 46.30 -35.40
N LYS I 233 -18.75 45.60 -35.71
CA LYS I 233 -19.01 44.97 -37.01
C LYS I 233 -18.18 43.72 -37.28
N VAL I 234 -17.25 43.36 -36.38
CA VAL I 234 -16.56 42.09 -36.52
C VAL I 234 -17.55 40.95 -36.31
N THR I 235 -17.45 39.93 -37.15
CA THR I 235 -18.38 38.80 -37.11
C THR I 235 -17.63 37.54 -36.70
N PHE I 236 -17.83 37.13 -35.45
CA PHE I 236 -17.21 35.90 -34.97
C PHE I 236 -18.04 34.70 -35.38
N ARG I 237 -17.43 33.54 -35.30
CA ARG I 237 -18.11 32.32 -35.71
C ARG I 237 -17.64 31.17 -34.84
N PHE I 238 -18.59 30.32 -34.43
CA PHE I 238 -18.25 29.17 -33.60
C PHE I 238 -19.29 28.11 -33.83
N LEU I 239 -18.93 26.87 -33.54
CA LEU I 239 -19.80 25.74 -33.76
C LEU I 239 -20.36 25.24 -32.44
N ILE I 240 -21.39 24.43 -32.56
CA ILE I 240 -22.00 23.72 -31.44
C ILE I 240 -22.40 22.36 -31.96
N TYR I 241 -22.02 21.31 -31.27
CA TYR I 241 -22.32 19.97 -31.74
C TYR I 241 -22.67 19.08 -30.58
N TYR I 242 -23.36 18.00 -30.89
CA TYR I 242 -23.91 17.09 -29.89
C TYR I 242 -24.46 15.88 -30.62
N LYS I 243 -24.96 14.92 -29.86
CA LYS I 243 -25.63 13.76 -30.43
C LYS I 243 -27.00 13.52 -29.86
N ARG I 244 -27.23 13.86 -28.60
CA ARG I 244 -28.54 13.68 -27.98
C ARG I 244 -29.47 14.74 -28.55
N GLU I 245 -30.17 14.37 -29.62
CA GLU I 245 -30.86 15.34 -30.45
C GLU I 245 -31.96 16.11 -29.73
N ASP I 246 -32.18 15.82 -28.45
CA ASP I 246 -33.20 16.53 -27.69
C ASP I 246 -32.66 17.76 -26.98
N VAL I 247 -31.40 18.12 -27.23
CA VAL I 247 -30.80 19.28 -26.59
C VAL I 247 -30.68 20.46 -27.53
N GLY I 248 -31.03 20.29 -28.81
CA GLY I 248 -30.94 21.41 -29.73
C GLY I 248 -32.00 22.46 -29.48
N LYS I 249 -33.21 22.02 -29.13
CA LYS I 249 -34.32 22.95 -28.88
C LYS I 249 -33.95 24.07 -27.92
N PRO I 250 -33.36 23.80 -26.75
CA PRO I 250 -32.96 24.94 -25.91
C PRO I 250 -31.87 25.77 -26.54
N ILE I 251 -30.89 25.13 -27.17
CA ILE I 251 -29.78 25.87 -27.77
C ILE I 251 -30.29 26.78 -28.88
N CYS I 252 -31.28 26.33 -29.64
CA CYS I 252 -31.91 27.22 -30.61
C CYS I 252 -32.52 28.44 -29.93
N ASP I 253 -33.21 28.23 -28.82
CA ASP I 253 -33.92 29.33 -28.17
C ASP I 253 -32.97 30.26 -27.45
N SER I 254 -32.01 29.70 -26.71
CA SER I 254 -31.18 30.52 -25.85
C SER I 254 -30.28 31.44 -26.65
N MET I 255 -29.82 30.97 -27.81
CA MET I 255 -28.74 31.69 -28.50
C MET I 255 -29.12 33.10 -28.90
N PRO I 256 -30.24 33.37 -29.57
CA PRO I 256 -30.51 34.75 -29.99
C PRO I 256 -30.84 35.70 -28.86
N ILE I 257 -31.02 35.20 -27.64
CA ILE I 257 -31.44 36.04 -26.52
C ILE I 257 -30.25 36.47 -25.68
N ILE I 258 -29.29 35.58 -25.46
CA ILE I 258 -28.14 35.91 -24.64
C ILE I 258 -27.27 36.96 -25.31
N LEU I 259 -27.16 36.89 -26.63
CA LEU I 259 -26.25 37.78 -27.34
C LEU I 259 -26.74 39.22 -27.33
N ILE I 260 -28.04 39.44 -27.17
CA ILE I 260 -28.54 40.80 -27.08
C ILE I 260 -28.08 41.42 -25.77
N ARG I 261 -27.91 40.60 -24.73
CA ARG I 261 -27.23 41.02 -23.53
C ARG I 261 -25.72 41.00 -23.80
N GLY I 262 -24.92 41.06 -22.75
CA GLY I 262 -23.49 41.05 -22.95
C GLY I 262 -22.95 39.69 -23.30
N LEU I 263 -21.72 39.69 -23.82
CA LEU I 263 -20.98 38.46 -24.03
C LEU I 263 -19.51 38.59 -23.63
N GLY I 264 -19.10 39.71 -23.04
CA GLY I 264 -17.74 39.89 -22.63
C GLY I 264 -17.67 40.69 -21.34
N ALA I 265 -16.68 41.55 -21.22
CA ALA I 265 -16.48 42.28 -19.99
C ALA I 265 -17.16 43.64 -20.04
N ARG I 266 -17.34 44.22 -18.86
CA ARG I 266 -18.00 45.49 -18.63
C ARG I 266 -19.17 45.70 -19.59
N SER I 267 -20.03 44.68 -19.65
CA SER I 267 -21.25 44.76 -20.44
C SER I 267 -22.32 45.60 -19.77
N SER I 268 -22.22 45.80 -18.45
CA SER I 268 -23.20 46.63 -17.76
C SER I 268 -23.28 48.01 -18.36
N VAL I 269 -22.15 48.54 -18.83
CA VAL I 269 -22.11 49.83 -19.48
C VAL I 269 -22.18 49.67 -21.00
N GLY I 270 -22.78 48.59 -21.49
CA GLY I 270 -23.02 48.39 -22.90
C GLY I 270 -21.77 48.38 -23.77
N TYR I 271 -20.93 47.37 -23.61
CA TYR I 271 -19.74 47.21 -24.44
C TYR I 271 -19.73 45.95 -25.28
N SER I 272 -19.97 44.79 -24.69
CA SER I 272 -19.79 43.54 -25.42
C SER I 272 -21.14 43.00 -25.87
N LEU I 273 -21.76 43.72 -26.80
CA LEU I 273 -23.09 43.39 -27.30
C LEU I 273 -23.00 42.83 -28.70
N PHE I 274 -23.65 41.70 -28.92
CA PHE I 274 -23.54 40.98 -30.18
C PHE I 274 -24.91 40.84 -30.82
N GLU I 275 -24.91 40.64 -32.14
CA GLU I 275 -26.10 40.29 -32.89
C GLU I 275 -25.95 38.88 -33.42
N LEU I 276 -27.02 38.10 -33.34
CA LEU I 276 -27.02 36.75 -33.90
C LEU I 276 -27.20 36.86 -35.40
N ARG I 277 -26.09 36.88 -36.12
CA ARG I 277 -26.17 37.08 -37.56
C ARG I 277 -26.86 35.91 -38.24
N LYS I 278 -26.49 34.69 -37.88
CA LYS I 278 -27.00 33.53 -38.60
C LYS I 278 -26.82 32.30 -37.73
N ILE I 279 -27.85 31.45 -37.71
CA ILE I 279 -27.76 30.12 -37.12
C ILE I 279 -28.04 29.12 -38.22
N GLU I 280 -27.09 28.23 -38.46
CA GLU I 280 -27.25 27.14 -39.41
C GLU I 280 -27.08 25.83 -38.67
N VAL I 281 -27.91 24.84 -39.01
CA VAL I 281 -27.89 23.55 -38.35
C VAL I 281 -27.68 22.48 -39.42
N ILE I 282 -26.90 21.46 -39.08
CA ILE I 282 -26.61 20.35 -39.99
C ILE I 282 -26.86 19.08 -39.19
N LYS I 283 -28.06 18.52 -39.32
CA LYS I 283 -28.43 17.37 -38.51
C LYS I 283 -27.52 16.18 -38.80
N ALA I 284 -27.47 15.26 -37.84
CA ALA I 284 -26.58 14.12 -37.96
C ALA I 284 -27.08 13.11 -38.99
N ALA I 285 -28.36 13.20 -39.36
CA ALA I 285 -28.98 12.28 -40.31
C ALA I 285 -28.83 10.84 -39.86
N GLU J 2 -32.32 41.17 -16.87
CA GLU J 2 -33.50 40.33 -17.01
C GLU J 2 -34.52 40.97 -17.93
N GLU J 3 -34.90 42.20 -17.59
CA GLU J 3 -35.92 42.89 -18.37
C GLU J 3 -35.66 44.39 -18.33
N LEU J 4 -36.25 45.10 -19.28
CA LEU J 4 -35.99 46.52 -19.46
C LEU J 4 -36.78 47.34 -18.45
N LEU J 5 -36.09 48.17 -17.69
CA LEU J 5 -36.75 48.93 -16.64
C LEU J 5 -37.41 50.19 -17.20
N MET J 6 -36.61 51.10 -17.74
CA MET J 6 -37.14 52.36 -18.22
C MET J 6 -36.26 52.88 -19.35
N SER J 7 -36.88 53.61 -20.26
CA SER J 7 -36.18 54.23 -21.37
C SER J 7 -36.25 55.74 -21.23
N LEU J 8 -35.20 56.41 -21.70
CA LEU J 8 -35.15 57.85 -21.67
C LEU J 8 -34.61 58.34 -23.01
N LYS J 9 -35.23 59.38 -23.55
CA LYS J 9 -34.76 60.04 -24.75
C LYS J 9 -34.29 61.43 -24.34
N LEU J 10 -33.04 61.73 -24.58
CA LEU J 10 -32.43 62.94 -24.08
C LEU J 10 -31.85 63.77 -25.24
N LYS J 11 -31.15 64.84 -24.88
CA LYS J 11 -30.49 65.68 -25.85
C LYS J 11 -29.43 66.51 -25.12
N ALA J 12 -28.30 66.74 -25.77
CA ALA J 12 -27.19 67.43 -25.16
C ALA J 12 -26.86 68.71 -25.92
N LEU J 13 -26.50 69.76 -25.19
CA LEU J 13 -26.14 71.04 -25.79
C LEU J 13 -24.64 71.06 -26.01
N TYR J 14 -24.22 70.88 -27.27
CA TYR J 14 -22.82 70.92 -27.64
C TYR J 14 -22.02 69.94 -26.80
N PRO J 15 -22.33 68.65 -26.83
CA PRO J 15 -21.57 67.70 -26.01
C PRO J 15 -20.10 67.73 -26.39
N LEU J 16 -19.24 67.71 -25.39
CA LEU J 16 -17.81 67.73 -25.57
C LEU J 16 -17.21 66.42 -25.11
N THR J 17 -17.85 65.32 -25.49
CA THR J 17 -17.39 64.01 -25.07
C THR J 17 -15.97 63.77 -25.55
N GLY J 18 -15.15 63.22 -24.66
CA GLY J 18 -13.79 62.86 -25.01
C GLY J 18 -13.69 61.42 -25.44
N GLY J 19 -12.45 60.99 -25.67
CA GLY J 19 -12.17 59.64 -26.03
C GLY J 19 -10.77 59.33 -25.63
N TYR J 20 -10.19 58.31 -26.27
CA TYR J 20 -8.79 58.02 -25.97
C TYR J 20 -7.88 59.16 -26.43
N ASN J 21 -8.24 59.85 -27.50
CA ASN J 21 -7.53 61.02 -27.97
C ASN J 21 -8.10 62.31 -27.40
N ARG J 22 -9.00 62.21 -26.44
CA ARG J 22 -9.66 63.35 -25.79
C ARG J 22 -10.56 64.13 -26.73
N HIS J 23 -11.01 63.52 -27.81
CA HIS J 23 -11.95 64.17 -28.72
C HIS J 23 -13.17 63.28 -28.89
N SER J 24 -14.15 63.79 -29.61
CA SER J 24 -15.38 63.05 -29.85
C SER J 24 -15.28 62.15 -31.07
N ILE J 25 -14.21 62.25 -31.84
CA ILE J 25 -14.04 61.45 -33.04
C ILE J 25 -12.57 61.10 -33.17
N ASN J 26 -12.29 59.94 -33.75
CA ASN J 26 -10.93 59.46 -33.90
C ASN J 26 -10.82 58.78 -35.26
N PRO J 27 -9.63 58.41 -35.71
CA PRO J 27 -9.53 57.74 -37.02
C PRO J 27 -10.32 56.45 -37.12
N PHE J 28 -10.91 55.96 -36.04
CA PHE J 28 -11.52 54.63 -36.04
C PHE J 28 -13.02 54.64 -35.86
N TYR J 29 -13.53 55.32 -34.83
CA TYR J 29 -14.96 55.36 -34.60
C TYR J 29 -15.35 56.75 -34.14
N GLU J 30 -16.64 56.94 -33.94
CA GLU J 30 -17.18 58.19 -33.43
C GLU J 30 -18.08 57.87 -32.25
N GLU J 31 -17.75 58.39 -31.08
CA GLU J 31 -18.55 58.21 -29.88
C GLU J 31 -18.86 59.57 -29.31
N LEU J 32 -20.11 60.00 -29.45
CA LEU J 32 -20.54 61.27 -28.90
C LEU J 32 -21.13 61.15 -27.51
N VAL J 33 -21.59 59.95 -27.13
CA VAL J 33 -22.11 59.71 -25.80
C VAL J 33 -21.54 58.40 -25.28
N ARG J 34 -20.58 58.49 -24.38
CA ARG J 34 -19.99 57.30 -23.78
C ARG J 34 -20.83 56.84 -22.61
N PRO J 35 -21.54 55.71 -22.71
CA PRO J 35 -22.33 55.25 -21.57
C PRO J 35 -21.51 55.07 -20.32
N THR J 36 -20.20 54.88 -20.45
CA THR J 36 -19.34 54.86 -19.28
C THR J 36 -19.44 56.16 -18.51
N GLU J 37 -19.40 57.29 -19.21
CA GLU J 37 -19.56 58.58 -18.53
C GLU J 37 -20.95 58.72 -17.95
N ILE J 38 -21.95 58.18 -18.62
CA ILE J 38 -23.30 58.28 -18.08
C ILE J 38 -23.39 57.55 -16.75
N LYS J 39 -22.83 56.36 -16.67
CA LYS J 39 -22.86 55.64 -15.41
C LYS J 39 -22.01 56.33 -14.35
N GLY J 40 -20.84 56.82 -14.73
CA GLY J 40 -20.01 57.50 -13.76
C GLY J 40 -20.67 58.74 -13.19
N LEU J 41 -21.29 59.54 -14.06
CA LEU J 41 -21.93 60.76 -13.60
C LEU J 41 -23.21 60.45 -12.84
N TRP J 42 -23.92 59.40 -13.24
CA TRP J 42 -25.06 58.96 -12.47
C TRP J 42 -24.64 58.61 -11.05
N ARG J 43 -23.52 57.90 -10.90
CA ARG J 43 -23.06 57.57 -9.56
C ARG J 43 -22.60 58.81 -8.80
N TRP J 44 -21.97 59.75 -9.50
CA TRP J 44 -21.53 60.98 -8.84
C TRP J 44 -22.71 61.77 -8.33
N TRP J 45 -23.76 61.88 -9.13
CA TRP J 45 -24.96 62.58 -8.69
C TRP J 45 -25.69 61.79 -7.63
N ASN J 46 -25.60 60.46 -7.66
CA ASN J 46 -26.19 59.68 -6.58
C ASN J 46 -25.51 59.98 -5.27
N ARG J 47 -24.19 60.08 -5.27
CA ARG J 47 -23.49 60.41 -4.03
C ARG J 47 -23.79 61.84 -3.60
N VAL J 48 -23.86 62.77 -4.55
CA VAL J 48 -24.19 64.15 -4.22
C VAL J 48 -25.58 64.22 -3.58
N LEU J 49 -26.55 63.59 -4.20
CA LEU J 49 -27.91 63.62 -3.68
C LEU J 49 -28.03 62.90 -2.36
N PHE J 50 -27.28 61.83 -2.15
CA PHE J 50 -27.36 61.15 -0.88
C PHE J 50 -26.78 62.00 0.25
N ASN J 51 -25.64 62.63 0.01
CA ASN J 51 -25.12 63.51 1.05
C ASN J 51 -26.05 64.68 1.28
N THR J 52 -26.73 65.16 0.23
CA THR J 52 -27.73 66.21 0.42
C THR J 52 -28.85 65.74 1.34
N LEU J 53 -29.45 64.60 1.01
CA LEU J 53 -30.53 64.08 1.83
C LEU J 53 -30.10 63.85 3.27
N ALA J 54 -28.90 63.29 3.46
CA ALA J 54 -28.44 63.01 4.81
C ALA J 54 -28.24 64.30 5.58
N TYR J 55 -27.50 65.25 5.02
CA TYR J 55 -27.18 66.49 5.72
C TYR J 55 -28.42 67.17 6.26
N SER J 56 -29.52 67.13 5.49
CA SER J 56 -30.74 67.77 5.95
C SER J 56 -31.40 66.97 7.06
N THR J 57 -31.77 65.72 6.77
CA THR J 57 -32.58 64.93 7.68
C THR J 57 -31.76 64.11 8.65
N LYS J 58 -30.45 64.29 8.67
CA LYS J 58 -29.62 63.63 9.67
C LYS J 58 -28.52 64.52 10.22
N GLY J 59 -28.23 65.65 9.59
CA GLY J 59 -27.21 66.55 10.08
C GLY J 59 -25.81 66.18 9.65
N LYS J 60 -25.59 64.91 9.33
CA LYS J 60 -24.25 64.38 9.08
C LYS J 60 -24.06 64.09 7.60
N LEU J 61 -22.79 63.86 7.24
CA LEU J 61 -22.35 63.56 5.89
C LEU J 61 -21.56 62.26 5.88
N TYR J 62 -21.38 61.69 4.70
CA TYR J 62 -20.75 60.38 4.59
C TYR J 62 -19.75 60.35 3.44
N THR J 63 -18.68 59.58 3.61
CA THR J 63 -17.67 59.46 2.58
C THR J 63 -18.24 58.77 1.35
N TYR J 64 -17.58 58.99 0.22
CA TYR J 64 -18.04 58.41 -1.03
C TYR J 64 -17.97 56.89 -1.02
N GLU J 65 -16.87 56.35 -0.50
CA GLU J 65 -16.71 54.90 -0.44
C GLU J 65 -17.82 54.27 0.39
N SER J 66 -18.21 54.93 1.48
CA SER J 66 -19.34 54.44 2.25
C SER J 66 -20.62 54.47 1.45
N ILE J 67 -20.85 55.57 0.72
CA ILE J 67 -22.12 55.73 0.00
C ILE J 67 -22.27 54.67 -1.07
N ASP J 68 -21.21 54.41 -1.83
CA ASP J 68 -21.37 53.39 -2.87
C ASP J 68 -21.17 51.98 -2.34
N ARG J 69 -20.63 51.82 -1.13
CA ARG J 69 -20.78 50.54 -0.45
C ARG J 69 -22.22 50.29 -0.09
N LEU J 70 -22.97 51.36 0.21
CA LEU J 70 -24.39 51.21 0.49
C LEU J 70 -25.16 50.83 -0.77
N PHE J 71 -24.90 51.52 -1.87
CA PHE J 71 -25.58 51.25 -3.12
C PHE J 71 -24.92 50.17 -3.94
N GLU J 72 -24.09 49.35 -3.31
CA GLU J 72 -23.38 48.30 -4.03
C GLU J 72 -24.32 47.43 -4.82
N ASP J 73 -25.47 47.09 -4.25
CA ASP J 73 -26.37 46.14 -4.89
C ASP J 73 -27.15 46.75 -6.04
N VAL J 74 -27.12 48.06 -6.22
CA VAL J 74 -27.79 48.68 -7.34
C VAL J 74 -26.80 49.22 -8.38
N PHE J 75 -25.64 49.70 -7.96
CA PHE J 75 -24.66 50.22 -8.90
C PHE J 75 -23.46 49.30 -9.09
N GLY J 76 -23.39 48.20 -8.37
CA GLY J 76 -22.29 47.27 -8.52
C GLY J 76 -21.02 47.78 -7.87
N SER J 77 -20.13 46.84 -7.60
CA SER J 77 -18.81 47.13 -7.10
C SER J 77 -17.92 45.94 -7.42
N GLU J 78 -16.70 45.95 -6.87
CA GLU J 78 -15.78 44.86 -7.11
C GLU J 78 -16.30 43.53 -6.62
N ASN J 79 -17.35 43.51 -5.81
CA ASN J 79 -17.89 42.28 -5.26
C ASN J 79 -19.33 42.04 -5.68
N LYS J 80 -19.81 42.74 -6.70
CA LYS J 80 -21.19 42.59 -7.12
C LYS J 80 -21.41 43.25 -8.47
N LYS J 81 -22.04 42.54 -9.41
CA LYS J 81 -22.34 43.14 -10.69
C LYS J 81 -23.46 44.16 -10.55
N SER J 82 -23.30 45.30 -11.21
CA SER J 82 -24.31 46.35 -11.16
C SER J 82 -25.64 45.81 -11.64
N ALA J 83 -26.69 46.05 -10.85
CA ALA J 83 -27.99 45.49 -11.16
C ALA J 83 -28.64 46.18 -12.34
N VAL J 84 -28.19 47.39 -12.67
CA VAL J 84 -28.76 48.16 -13.78
C VAL J 84 -27.73 48.22 -14.89
N ARG J 85 -28.14 47.84 -16.09
CA ARG J 85 -27.30 47.91 -17.26
C ARG J 85 -27.71 49.11 -18.10
N LEU J 86 -26.75 49.93 -18.48
CA LEU J 86 -27.01 51.04 -19.38
C LEU J 86 -26.81 50.60 -20.82
N GLU J 87 -27.49 51.30 -21.72
CA GLU J 87 -27.32 51.03 -23.14
C GLU J 87 -27.70 52.31 -23.88
N VAL J 88 -26.70 53.06 -24.31
CA VAL J 88 -26.92 54.31 -25.03
C VAL J 88 -27.14 53.99 -26.49
N ILE J 89 -28.24 54.49 -27.04
CA ILE J 89 -28.58 54.35 -28.45
C ILE J 89 -28.72 55.75 -29.01
N THR J 90 -27.82 56.12 -29.91
CA THR J 90 -27.81 57.46 -30.47
C THR J 90 -28.33 57.43 -31.90
N ASP J 91 -29.22 58.38 -32.21
CA ASP J 91 -29.69 58.55 -33.58
C ASP J 91 -28.60 59.17 -34.42
N GLU J 92 -28.50 58.73 -35.67
CA GLU J 92 -27.34 58.97 -36.51
C GLU J 92 -26.08 58.43 -35.83
N GLY J 93 -26.07 57.10 -35.69
CA GLY J 93 -24.92 56.40 -35.16
C GLY J 93 -24.09 55.81 -36.28
N ASN J 94 -23.91 56.60 -37.33
CA ASN J 94 -23.24 56.15 -38.54
C ASN J 94 -21.83 55.65 -38.23
N ASP J 95 -21.23 55.00 -39.22
CA ASP J 95 -19.85 54.53 -39.10
C ASP J 95 -18.86 55.67 -39.34
N ASN J 96 -19.09 56.80 -38.69
CA ASN J 96 -18.20 57.94 -38.90
C ASN J 96 -16.83 57.64 -38.33
N ARG J 97 -15.84 58.32 -38.89
CA ARG J 97 -14.45 58.14 -38.50
C ARG J 97 -13.65 59.23 -39.16
N PHE J 98 -12.70 59.81 -38.43
CA PHE J 98 -11.97 60.95 -38.97
C PHE J 98 -11.06 60.49 -40.09
N GLU J 99 -11.49 60.69 -41.32
CA GLU J 99 -10.73 60.31 -42.50
C GLU J 99 -10.12 61.57 -43.11
N LEU J 100 -8.80 61.62 -43.14
CA LEU J 100 -8.06 62.77 -43.66
C LEU J 100 -7.40 62.37 -44.98
N SER J 101 -7.86 62.96 -46.08
CA SER J 101 -7.45 62.51 -47.40
C SER J 101 -6.05 63.01 -47.75
N TYR J 102 -5.87 64.31 -47.89
CA TYR J 102 -4.58 64.88 -48.23
C TYR J 102 -4.39 66.17 -47.47
N VAL J 103 -3.14 66.47 -47.12
CA VAL J 103 -2.84 67.66 -46.35
C VAL J 103 -1.90 68.54 -47.16
N GLU J 104 -1.12 67.91 -48.03
CA GLU J 104 -0.30 68.59 -49.03
C GLU J 104 0.60 69.65 -48.39
N LEU J 105 1.47 69.20 -47.49
CA LEU J 105 2.31 70.21 -46.86
C LEU J 105 3.52 70.51 -47.73
N ASP J 106 4.48 69.59 -47.70
CA ASP J 106 5.63 69.56 -48.60
C ASP J 106 6.43 70.86 -48.64
N LYS J 107 5.96 71.88 -47.93
CA LYS J 107 6.62 73.18 -47.91
C LYS J 107 7.03 73.61 -46.52
N VAL J 108 6.11 73.52 -45.55
CA VAL J 108 6.43 73.83 -44.17
C VAL J 108 7.55 72.93 -43.67
N ILE J 109 7.63 71.72 -44.21
CA ILE J 109 8.74 70.82 -43.90
C ILE J 109 10.06 71.52 -44.19
N ASP J 110 10.20 72.04 -45.41
CA ASP J 110 11.42 72.79 -45.73
C ASP J 110 11.52 74.10 -44.98
N CYS J 111 10.40 74.62 -44.47
CA CYS J 111 10.47 75.81 -43.64
C CYS J 111 11.18 75.55 -42.33
N LEU J 112 10.78 74.51 -41.63
CA LEU J 112 11.22 74.30 -40.26
C LEU J 112 12.46 73.43 -40.15
N ARG J 113 12.97 72.91 -41.26
CA ARG J 113 14.18 72.11 -41.21
C ARG J 113 15.36 72.95 -40.75
N ASN J 114 16.42 72.26 -40.35
CA ASN J 114 17.68 72.87 -39.91
C ASN J 114 17.48 73.87 -38.79
N TYR J 115 16.36 73.79 -38.08
CA TYR J 115 16.05 74.75 -37.02
C TYR J 115 15.10 74.07 -36.03
N LYS J 116 14.54 74.87 -35.13
CA LYS J 116 13.50 74.41 -34.23
C LYS J 116 12.43 75.48 -34.15
N ARG J 117 11.18 75.09 -34.38
CA ARG J 117 10.08 76.03 -34.40
C ARG J 117 8.89 75.46 -33.66
N LYS J 118 8.11 76.33 -33.03
CA LYS J 118 6.87 75.91 -32.39
C LYS J 118 5.72 76.16 -33.35
N VAL J 119 5.58 75.23 -34.30
CA VAL J 119 4.54 75.36 -35.31
C VAL J 119 3.18 75.38 -34.65
N SER J 120 2.49 76.50 -34.75
CA SER J 120 1.16 76.64 -34.21
C SER J 120 0.14 76.43 -35.33
N LEU J 121 -1.13 76.58 -34.99
CA LEU J 121 -2.21 76.42 -35.94
C LEU J 121 -3.30 77.43 -35.64
N ASP J 122 -4.07 77.74 -36.68
CA ASP J 122 -5.15 78.72 -36.60
C ASP J 122 -6.12 78.42 -37.71
N PHE J 123 -7.38 78.81 -37.51
CA PHE J 123 -8.39 78.47 -38.49
C PHE J 123 -9.10 79.72 -38.97
N ILE J 124 -8.35 80.75 -39.33
CA ILE J 124 -8.97 82.01 -39.68
C ILE J 124 -9.73 81.86 -40.99
N ASP J 125 -11.05 82.03 -40.91
CA ASP J 125 -11.93 82.14 -42.08
C ASP J 125 -11.81 80.89 -42.97
N ASN J 126 -12.26 79.77 -42.41
CA ASN J 126 -12.23 78.45 -43.04
C ASN J 126 -10.97 78.22 -43.85
N THR J 127 -9.83 78.63 -43.31
CA THR J 127 -8.55 78.51 -44.00
C THR J 127 -7.51 78.16 -42.95
N LEU J 128 -7.18 76.88 -42.84
CA LEU J 128 -6.20 76.43 -41.86
C LEU J 128 -4.83 76.97 -42.24
N ILE J 129 -4.30 77.87 -41.43
CA ILE J 129 -2.96 78.40 -41.65
C ILE J 129 -2.02 77.76 -40.63
N ALA J 130 -0.82 77.45 -41.07
CA ALA J 130 0.18 76.82 -40.21
C ALA J 130 1.15 77.90 -39.75
N GLU J 131 0.75 78.64 -38.72
CA GLU J 131 1.62 79.65 -38.18
C GLU J 131 2.90 79.02 -37.64
N ILE J 132 4.02 79.67 -37.90
CA ILE J 132 5.32 79.25 -37.41
C ILE J 132 5.89 80.38 -36.57
N GLU J 133 6.31 80.05 -35.35
CA GLU J 133 6.85 81.07 -34.46
C GLU J 133 8.06 81.77 -35.06
N GLY J 134 8.72 81.14 -36.04
CA GLY J 134 9.78 81.78 -36.78
C GLY J 134 9.24 82.71 -37.84
N SER J 135 8.06 83.30 -37.57
CA SER J 135 7.45 84.34 -38.39
C SER J 135 7.15 83.82 -39.81
N THR J 136 6.22 82.88 -39.87
CA THR J 136 5.68 82.42 -41.15
C THR J 136 4.28 81.88 -40.91
N LYS J 137 3.38 82.13 -41.84
CA LYS J 137 1.97 81.78 -41.66
C LYS J 137 1.42 81.12 -42.91
N ILE J 138 2.13 80.12 -43.42
CA ILE J 138 1.76 79.39 -44.63
C ILE J 138 0.32 78.88 -44.54
N PRO J 139 -0.50 79.14 -45.54
CA PRO J 139 -1.88 78.62 -45.55
C PRO J 139 -1.93 77.18 -46.03
N ILE J 140 -2.33 76.28 -45.14
CA ILE J 140 -2.38 74.86 -45.46
C ILE J 140 -3.65 74.54 -46.23
N SER J 141 -3.54 73.65 -47.20
CA SER J 141 -4.67 73.20 -48.00
C SER J 141 -4.90 71.72 -47.71
N PHE J 142 -6.04 71.41 -47.10
CA PHE J 142 -6.33 70.05 -46.66
C PHE J 142 -7.75 69.68 -47.09
N LYS J 143 -8.04 68.40 -47.00
CA LYS J 143 -9.39 67.89 -47.21
C LYS J 143 -9.64 66.78 -46.20
N SER J 144 -10.66 66.95 -45.37
CA SER J 144 -11.00 66.00 -44.33
C SER J 144 -12.39 65.43 -44.56
N ASN J 145 -12.70 64.41 -43.77
CA ASN J 145 -13.99 63.74 -43.89
C ASN J 145 -15.12 64.63 -43.35
N LEU J 146 -14.94 65.19 -42.17
CA LEU J 146 -15.95 66.00 -41.53
C LEU J 146 -15.90 67.43 -42.06
N ASP J 147 -16.95 68.19 -41.76
CA ASP J 147 -17.05 69.57 -42.21
C ASP J 147 -17.60 70.44 -41.09
N ILE J 148 -17.14 71.68 -41.07
CA ILE J 148 -17.45 72.63 -40.00
C ILE J 148 -18.12 73.84 -40.64
N ASP J 149 -19.37 74.11 -40.23
CA ASP J 149 -20.15 75.13 -40.90
C ASP J 149 -19.79 76.55 -40.48
N LYS J 150 -18.68 76.73 -39.78
CA LYS J 150 -18.19 78.05 -39.38
C LYS J 150 -19.10 78.64 -38.31
N ILE J 151 -20.24 78.02 -38.07
CA ILE J 151 -20.95 78.25 -36.82
C ILE J 151 -20.16 77.68 -35.67
N ILE J 152 -19.59 76.49 -35.87
CA ILE J 152 -18.78 75.88 -34.82
C ILE J 152 -17.43 76.57 -34.72
N LYS J 153 -16.87 77.00 -35.86
CA LYS J 153 -15.64 77.78 -35.80
C LYS J 153 -15.85 79.07 -35.02
N ASP J 154 -16.98 79.73 -35.24
CA ASP J 154 -17.29 80.92 -34.48
C ASP J 154 -17.53 80.59 -33.02
N LEU J 155 -18.23 79.50 -32.74
CA LEU J 155 -18.45 79.09 -31.35
C LEU J 155 -17.14 78.90 -30.61
N VAL J 156 -16.17 78.26 -31.27
CA VAL J 156 -14.89 78.01 -30.62
C VAL J 156 -14.09 79.29 -30.50
N HIS J 157 -14.19 80.18 -31.49
CA HIS J 157 -13.33 81.35 -31.46
C HIS J 157 -13.87 82.43 -30.53
N ASN J 158 -15.18 82.54 -30.41
CA ASN J 158 -15.80 83.56 -29.59
C ASN J 158 -15.99 83.12 -28.15
N ASN J 159 -15.54 81.94 -27.80
CA ASN J 159 -15.67 81.40 -26.44
C ASN J 159 -14.29 81.36 -25.81
N LYS J 160 -14.08 82.22 -24.81
CA LYS J 160 -12.79 82.23 -24.13
C LYS J 160 -12.46 80.90 -23.48
N LEU J 161 -13.46 80.06 -23.23
CA LEU J 161 -13.20 78.77 -22.58
C LEU J 161 -12.68 77.74 -23.57
N LEU J 162 -13.45 77.47 -24.62
CA LEU J 162 -13.02 76.52 -25.64
C LEU J 162 -11.69 76.95 -26.24
N SER J 163 -11.57 78.22 -26.61
CA SER J 163 -10.33 78.72 -27.16
C SER J 163 -9.16 78.53 -26.21
N PHE J 164 -9.42 78.44 -24.92
CA PHE J 164 -8.33 78.20 -23.97
C PHE J 164 -7.86 76.76 -24.04
N GLU J 165 -8.76 75.81 -23.80
CA GLU J 165 -8.38 74.40 -23.87
C GLU J 165 -7.87 74.02 -25.25
N LEU J 166 -8.14 74.82 -26.27
CA LEU J 166 -7.54 74.59 -27.57
C LEU J 166 -6.06 74.92 -27.61
N LEU J 167 -5.51 75.50 -26.54
CA LEU J 167 -4.09 75.82 -26.53
C LEU J 167 -3.24 74.58 -26.66
N GLY J 168 -3.66 73.48 -26.05
CA GLY J 168 -2.85 72.27 -26.09
C GLY J 168 -2.88 71.57 -27.42
N PHE J 169 -3.99 71.68 -28.15
CA PHE J 169 -4.21 70.90 -29.36
C PHE J 169 -3.81 71.64 -30.63
N LYS J 170 -2.89 72.59 -30.56
CA LYS J 170 -2.62 73.40 -31.74
C LYS J 170 -1.14 73.64 -31.98
N SER J 171 -0.25 73.04 -31.21
CA SER J 171 1.15 73.44 -31.29
C SER J 171 2.05 72.23 -31.08
N VAL J 172 3.20 72.26 -31.75
CA VAL J 172 4.26 71.28 -31.57
C VAL J 172 5.60 72.00 -31.68
N GLU J 173 6.49 71.74 -30.75
CA GLU J 173 7.79 72.42 -30.71
C GLU J 173 8.84 71.59 -31.44
N ILE J 174 8.62 71.44 -32.75
CA ILE J 174 9.51 70.62 -33.56
C ILE J 174 10.94 71.14 -33.47
N ASP J 175 11.89 70.21 -33.39
CA ASP J 175 13.31 70.55 -33.36
C ASP J 175 13.98 69.72 -34.47
N ALA J 176 14.27 70.36 -35.59
CA ALA J 176 14.76 69.65 -36.77
C ALA J 176 16.13 70.12 -37.21
N THR J 177 16.85 70.85 -36.36
CA THR J 177 18.21 71.26 -36.72
C THR J 177 19.11 70.05 -36.89
N LYS J 178 18.95 69.05 -36.03
CA LYS J 178 19.56 67.74 -36.19
C LYS J 178 18.73 66.94 -37.18
N ILE J 179 18.82 65.61 -37.10
CA ILE J 179 18.18 64.67 -38.03
C ILE J 179 16.81 65.15 -38.46
N SER J 180 16.59 65.18 -39.77
CA SER J 180 15.35 65.68 -40.34
C SER J 180 15.05 64.92 -41.61
N ASP J 181 13.76 64.77 -41.91
CA ASP J 181 13.35 64.01 -43.09
C ASP J 181 11.92 64.39 -43.46
N LYS J 182 11.69 64.53 -44.76
CA LYS J 182 10.37 64.86 -45.25
C LYS J 182 9.35 63.77 -44.93
N LYS J 183 9.81 62.55 -44.66
CA LYS J 183 8.88 61.46 -44.42
C LYS J 183 8.36 61.47 -42.99
N ILE J 184 9.19 61.82 -42.02
CA ILE J 184 8.76 61.80 -40.63
C ILE J 184 8.08 63.12 -40.23
N LEU J 185 8.52 64.24 -40.78
CA LEU J 185 7.83 65.50 -40.51
C LEU J 185 6.44 65.48 -41.12
N LYS J 186 6.27 64.82 -42.26
CA LYS J 186 4.94 64.61 -42.80
C LYS J 186 4.05 63.90 -41.80
N GLU J 187 4.56 62.82 -41.19
CA GLU J 187 3.78 62.10 -40.20
C GLU J 187 3.44 62.97 -39.00
N ILE J 188 4.43 63.70 -38.49
CA ILE J 188 4.19 64.56 -37.33
C ILE J 188 3.10 65.58 -37.64
N LEU J 189 3.29 66.36 -38.69
CA LEU J 189 2.35 67.43 -38.97
C LEU J 189 1.00 66.88 -39.38
N ARG J 190 0.95 65.70 -39.99
CA ARG J 190 -0.33 65.11 -40.31
C ARG J 190 -1.07 64.70 -39.04
N ASP J 191 -0.37 64.12 -38.06
CA ASP J 191 -1.06 63.78 -36.83
C ASP J 191 -1.43 65.04 -36.06
N LEU J 192 -0.68 66.12 -36.23
CA LEU J 192 -1.02 67.38 -35.57
C LEU J 192 -2.28 67.99 -36.15
N ILE J 193 -2.38 68.05 -37.48
CA ILE J 193 -3.62 68.48 -38.11
C ILE J 193 -4.77 67.58 -37.69
N THR J 194 -4.52 66.28 -37.54
CA THR J 194 -5.55 65.40 -37.02
C THR J 194 -6.00 65.82 -35.63
N ASN J 195 -5.04 65.93 -34.71
CA ASN J 195 -5.30 66.28 -33.33
C ASN J 195 -5.98 67.63 -33.20
N TYR J 196 -5.81 68.51 -34.17
CA TYR J 196 -6.43 69.83 -34.12
C TYR J 196 -7.77 69.89 -34.83
N LEU J 197 -7.97 69.09 -35.88
CA LEU J 197 -9.22 69.11 -36.61
C LEU J 197 -10.29 68.27 -35.92
N GLU J 198 -9.90 67.21 -35.22
CA GLU J 198 -10.89 66.43 -34.49
C GLU J 198 -11.47 67.21 -33.34
N TYR J 199 -10.80 68.27 -32.89
CA TYR J 199 -11.37 69.14 -31.87
C TYR J 199 -12.68 69.74 -32.35
N PHE J 200 -12.78 70.05 -33.63
CA PHE J 200 -13.94 70.73 -34.18
C PHE J 200 -15.01 69.75 -34.66
N ASN J 201 -15.34 68.78 -33.85
CA ASN J 201 -16.47 67.90 -34.13
C ASN J 201 -17.65 68.24 -33.23
N ILE J 202 -17.75 69.50 -32.82
CA ILE J 202 -18.73 69.89 -31.83
C ILE J 202 -20.09 69.99 -32.49
N LYS J 203 -20.86 68.91 -32.47
CA LYS J 203 -22.24 69.03 -32.89
C LYS J 203 -23.03 69.74 -31.81
N GLN J 204 -24.25 70.13 -32.16
CA GLN J 204 -25.17 70.69 -31.18
C GLN J 204 -26.49 69.94 -31.30
N GLU J 205 -27.19 69.86 -30.17
CA GLU J 205 -28.42 69.09 -30.09
C GLU J 205 -28.21 67.65 -30.58
N VAL J 206 -27.38 66.93 -29.84
CA VAL J 206 -27.19 65.51 -30.07
C VAL J 206 -28.19 64.76 -29.19
N THR J 207 -29.18 64.15 -29.80
CA THR J 207 -30.16 63.36 -29.09
C THR J 207 -29.72 61.91 -29.03
N PHE J 208 -30.35 61.15 -28.15
CA PHE J 208 -30.09 59.73 -28.03
C PHE J 208 -31.13 59.12 -27.10
N THR J 209 -31.22 57.81 -27.15
CA THR J 209 -32.03 57.07 -26.20
C THR J 209 -31.12 56.51 -25.12
N LEU J 210 -31.69 56.21 -23.97
CA LEU J 210 -30.95 55.64 -22.86
C LEU J 210 -31.79 54.52 -22.28
N ASN J 211 -31.56 53.29 -22.75
CA ASN J 211 -32.21 52.16 -22.14
C ASN J 211 -31.57 51.84 -20.81
N ILE J 212 -32.38 51.36 -19.87
CA ILE J 212 -31.90 50.98 -18.55
C ILE J 212 -32.55 49.65 -18.23
N TYR J 213 -31.78 48.57 -18.35
CA TYR J 213 -32.32 47.26 -18.05
C TYR J 213 -32.14 46.97 -16.57
N LEU J 214 -32.78 45.91 -16.11
CA LEU J 214 -32.72 45.53 -14.71
C LEU J 214 -32.66 44.02 -14.63
N ASP J 215 -31.60 43.51 -14.01
CA ASP J 215 -31.60 42.11 -13.60
C ASP J 215 -32.63 42.00 -12.51
N LYS J 216 -33.81 41.50 -12.87
CA LYS J 216 -35.03 41.80 -12.11
C LYS J 216 -34.85 41.49 -10.63
N SER J 217 -34.72 40.21 -10.28
CA SER J 217 -34.42 39.96 -8.88
C SER J 217 -32.96 39.60 -8.69
N ARG J 218 -32.55 38.46 -9.25
CA ARG J 218 -31.23 37.86 -9.09
C ARG J 218 -31.00 37.42 -7.65
N GLU J 219 -31.71 38.08 -6.73
CA GLU J 219 -31.98 37.77 -5.34
C GLU J 219 -32.72 39.00 -4.84
N HIS J 220 -33.58 38.89 -3.83
CA HIS J 220 -34.23 40.10 -3.31
C HIS J 220 -33.73 40.39 -1.91
N LYS J 221 -32.76 41.29 -1.83
CA LYS J 221 -32.33 41.81 -0.54
C LYS J 221 -33.45 42.61 0.09
N GLN J 222 -33.34 42.82 1.41
CA GLN J 222 -34.43 43.42 2.15
C GLN J 222 -34.67 44.86 1.70
N ASN J 223 -33.60 45.61 1.42
CA ASN J 223 -33.73 47.04 1.16
C ASN J 223 -33.26 47.42 -0.23
N PHE J 224 -33.44 46.52 -1.20
CA PHE J 224 -32.97 46.80 -2.55
C PHE J 224 -33.89 47.79 -3.26
N GLU J 225 -35.18 47.44 -3.35
CA GLU J 225 -36.12 48.22 -4.15
C GLU J 225 -36.07 49.71 -3.83
N ASP J 226 -35.85 50.05 -2.57
CA ASP J 226 -35.90 51.44 -2.18
C ASP J 226 -34.63 52.18 -2.58
N LYS J 227 -33.47 51.54 -2.43
CA LYS J 227 -32.26 52.12 -2.97
C LYS J 227 -32.36 52.28 -4.48
N LEU J 228 -33.03 51.34 -5.14
CA LEU J 228 -33.24 51.45 -6.57
C LEU J 228 -34.05 52.70 -6.91
N LYS J 229 -35.16 52.91 -6.21
CA LYS J 229 -35.99 54.08 -6.47
C LYS J 229 -35.21 55.36 -6.19
N PHE J 230 -34.40 55.37 -5.14
CA PHE J 230 -33.61 56.58 -4.88
C PHE J 230 -32.58 56.80 -5.97
N ALA J 231 -31.96 55.72 -6.46
CA ALA J 231 -31.00 55.85 -7.55
C ALA J 231 -31.66 56.42 -8.79
N LEU J 232 -32.91 56.03 -9.07
CA LEU J 232 -33.62 56.59 -10.20
C LEU J 232 -33.93 58.06 -9.98
N TYR J 233 -34.31 58.43 -8.75
CA TYR J 233 -34.48 59.84 -8.42
C TYR J 233 -33.20 60.61 -8.74
N SER J 234 -32.06 60.04 -8.36
CA SER J 234 -30.81 60.75 -8.56
C SER J 234 -30.43 60.81 -10.02
N LEU J 235 -30.77 59.77 -10.79
CA LEU J 235 -30.58 59.84 -12.23
C LEU J 235 -31.36 61.00 -12.81
N LEU J 236 -32.62 61.13 -12.40
CA LEU J 236 -33.43 62.25 -12.85
C LEU J 236 -32.75 63.57 -12.51
N VAL J 237 -32.27 63.69 -11.28
CA VAL J 237 -31.60 64.93 -10.88
C VAL J 237 -30.43 65.20 -11.80
N PHE J 238 -29.58 64.21 -12.00
CA PHE J 238 -28.44 64.34 -12.91
C PHE J 238 -28.87 64.81 -14.28
N ILE J 239 -29.98 64.30 -14.79
CA ILE J 239 -30.43 64.77 -16.08
C ILE J 239 -30.88 66.22 -16.00
N LEU J 240 -31.45 66.62 -14.87
CA LEU J 240 -31.93 67.99 -14.71
C LEU J 240 -30.80 68.94 -14.37
N LEU J 241 -29.71 68.46 -13.82
CA LEU J 241 -28.61 69.31 -13.38
C LEU J 241 -27.31 68.75 -13.90
N GLY J 242 -26.58 69.55 -14.68
CA GLY J 242 -25.36 69.06 -15.27
C GLY J 242 -25.62 68.04 -16.36
N GLY J 243 -24.64 67.83 -17.23
CA GLY J 243 -24.80 66.92 -18.35
C GLY J 243 -23.57 66.10 -18.63
N ILE J 244 -23.45 65.60 -19.85
CA ILE J 244 -22.36 64.72 -20.20
C ILE J 244 -21.19 65.52 -20.77
N GLY J 245 -20.02 64.92 -20.75
CA GLY J 245 -18.88 65.44 -21.48
C GLY J 245 -18.04 66.40 -20.64
N ARG J 246 -17.10 67.02 -21.35
CA ARG J 246 -16.17 67.94 -20.73
C ARG J 246 -16.80 69.31 -20.57
N LYS J 247 -16.39 70.03 -19.52
CA LYS J 247 -16.91 71.36 -19.20
C LYS J 247 -18.44 71.35 -19.06
N THR J 248 -18.91 70.53 -18.14
CA THR J 248 -20.32 70.58 -17.80
C THR J 248 -20.61 71.63 -16.74
N SER J 249 -19.61 72.05 -15.98
CA SER J 249 -19.77 73.17 -15.08
C SER J 249 -19.86 74.49 -15.81
N ARG J 250 -19.73 74.49 -17.13
CA ARG J 250 -19.86 75.70 -17.93
C ARG J 250 -20.94 75.55 -18.99
N GLY J 251 -21.89 74.65 -18.79
CA GLY J 251 -23.05 74.54 -19.62
C GLY J 251 -22.97 73.56 -20.75
N PHE J 252 -21.77 73.12 -21.13
CA PHE J 252 -21.65 72.28 -22.30
C PHE J 252 -22.18 70.88 -22.03
N GLY J 253 -22.72 70.26 -23.07
CA GLY J 253 -23.27 68.93 -22.95
C GLY J 253 -24.40 68.86 -21.94
N SER J 254 -25.24 69.89 -21.91
CA SER J 254 -26.31 69.98 -20.93
C SER J 254 -27.48 69.12 -21.39
N LEU J 255 -27.90 68.20 -20.52
CA LEU J 255 -28.95 67.26 -20.87
C LEU J 255 -30.31 67.91 -20.75
N SER J 256 -31.28 67.32 -21.46
CA SER J 256 -32.66 67.83 -21.44
C SER J 256 -33.56 66.72 -21.93
N ILE J 257 -34.61 66.42 -21.17
CA ILE J 257 -35.46 65.29 -21.48
C ILE J 257 -36.26 65.56 -22.74
N ILE J 258 -36.15 64.65 -23.71
CA ILE J 258 -37.06 64.61 -24.84
C ILE J 258 -38.27 63.73 -24.56
N ASP J 259 -38.06 62.60 -23.89
CA ASP J 259 -39.13 61.64 -23.67
C ASP J 259 -38.70 60.69 -22.56
N VAL J 260 -39.70 60.07 -21.94
CA VAL J 260 -39.50 59.10 -20.86
C VAL J 260 -40.44 57.93 -21.12
N LYS J 261 -40.29 56.86 -20.35
CA LYS J 261 -41.09 55.66 -20.50
C LYS J 261 -40.84 54.75 -19.32
N CYS J 262 -41.84 53.93 -18.98
CA CYS J 262 -41.69 52.91 -17.97
C CYS J 262 -42.04 51.54 -18.55
N TYR J 263 -41.53 50.52 -17.89
CA TYR J 263 -41.87 49.15 -18.24
C TYR J 263 -42.03 48.26 -17.03
N ASP J 264 -41.94 48.80 -15.82
CA ASP J 264 -42.38 48.12 -14.60
C ASP J 264 -42.99 49.22 -13.73
N ASN J 265 -44.30 49.40 -13.85
CA ASN J 265 -44.96 50.51 -13.18
C ASN J 265 -44.71 50.48 -11.68
N SER J 266 -44.54 49.30 -11.10
CA SER J 266 -44.36 49.21 -9.66
C SER J 266 -43.05 49.80 -9.18
N ILE J 267 -42.21 50.31 -10.07
CA ILE J 267 -40.88 50.80 -9.71
C ILE J 267 -40.69 52.26 -10.14
N CYS J 268 -40.94 52.56 -11.42
CA CYS J 268 -40.49 53.81 -11.99
C CYS J 268 -41.60 54.81 -12.29
N LYS J 269 -42.87 54.42 -12.16
CA LYS J 269 -43.97 55.31 -12.53
C LYS J 269 -43.83 56.67 -11.85
N LYS J 270 -43.44 56.66 -10.58
CA LYS J 270 -43.22 57.89 -9.82
C LYS J 270 -42.11 58.74 -10.42
N ILE J 271 -41.28 58.15 -11.29
CA ILE J 271 -40.25 58.93 -11.97
C ILE J 271 -40.74 59.27 -13.36
N GLU J 272 -41.50 58.37 -13.99
CA GLU J 272 -41.99 58.67 -15.34
C GLU J 272 -42.89 59.90 -15.34
N ASP J 273 -43.84 59.95 -14.41
CA ASP J 273 -44.69 61.13 -14.35
C ASP J 273 -43.90 62.36 -13.94
N LEU J 274 -43.01 62.21 -12.96
CA LEU J 274 -42.24 63.33 -12.45
C LEU J 274 -41.27 63.88 -13.49
N ALA J 275 -40.93 63.09 -14.50
CA ALA J 275 -40.10 63.56 -15.59
C ALA J 275 -40.93 64.08 -16.75
N LYS J 276 -42.07 63.44 -17.03
CA LYS J 276 -43.03 64.02 -17.98
C LYS J 276 -43.38 65.43 -17.57
N ASN J 277 -43.36 65.71 -16.28
CA ASN J 277 -43.47 67.05 -15.76
C ASN J 277 -42.62 68.04 -16.57
N PHE J 278 -41.41 67.62 -16.94
CA PHE J 278 -40.48 68.49 -17.65
C PHE J 278 -40.64 68.42 -19.16
N LEU J 279 -41.65 67.71 -19.67
CA LEU J 279 -41.87 67.67 -21.11
C LEU J 279 -42.30 69.00 -21.69
N LYS J 280 -42.64 69.98 -20.87
CA LYS J 280 -43.00 71.30 -21.37
C LYS J 280 -42.86 72.27 -20.20
N ILE J 281 -41.96 73.23 -20.32
CA ILE J 281 -41.71 74.20 -19.27
C ILE J 281 -42.32 75.53 -19.68
N SER J 282 -43.05 76.16 -18.77
CA SER J 282 -43.75 77.40 -19.09
C SER J 282 -42.81 78.60 -18.98
N SER J 283 -42.28 78.84 -17.79
CA SER J 283 -41.47 80.03 -17.54
C SER J 283 -40.35 79.70 -16.57
N GLY J 284 -39.39 80.62 -16.49
CA GLY J 284 -38.25 80.41 -15.62
C GLY J 284 -38.65 80.23 -14.17
N ASN J 285 -39.62 81.02 -13.71
CA ASN J 285 -40.14 80.84 -12.36
C ASN J 285 -40.77 79.47 -12.20
N GLU J 286 -41.49 79.00 -13.21
CA GLU J 286 -42.13 77.70 -13.11
C GLU J 286 -41.11 76.58 -13.16
N LEU J 287 -40.03 76.76 -13.91
CA LEU J 287 -38.96 75.77 -13.90
C LEU J 287 -38.29 75.71 -12.55
N LYS J 288 -37.97 76.87 -11.96
CA LYS J 288 -37.40 76.87 -10.63
C LYS J 288 -38.36 76.23 -9.63
N SER J 289 -39.66 76.46 -9.80
CA SER J 289 -40.64 75.81 -8.95
C SER J 289 -40.55 74.29 -9.07
N LYS J 290 -40.44 73.78 -10.31
CA LYS J 290 -40.32 72.34 -10.49
C LYS J 290 -39.05 71.81 -9.84
N ILE J 291 -37.97 72.58 -9.89
CA ILE J 291 -36.72 72.13 -9.30
C ILE J 291 -36.84 72.06 -7.78
N GLU J 292 -37.37 73.13 -7.18
CA GLU J 292 -37.64 73.07 -5.74
C GLU J 292 -38.56 71.91 -5.42
N SER J 293 -39.51 71.60 -6.31
CA SER J 293 -40.44 70.52 -6.07
C SER J 293 -39.73 69.19 -6.01
N ILE J 294 -38.86 68.91 -6.98
CA ILE J 294 -38.17 67.63 -6.97
C ILE J 294 -37.24 67.52 -5.77
N LEU J 295 -36.52 68.60 -5.44
CA LEU J 295 -35.62 68.52 -4.30
C LEU J 295 -36.40 68.32 -3.00
N ASP J 296 -37.46 69.10 -2.81
CA ASP J 296 -38.34 68.92 -1.67
C ASP J 296 -38.82 67.48 -1.58
N CYS J 297 -39.30 66.94 -2.70
CA CYS J 297 -39.80 65.57 -2.73
C CYS J 297 -38.73 64.59 -2.29
N ILE J 298 -37.50 64.81 -2.74
CA ILE J 298 -36.39 63.99 -2.24
C ILE J 298 -36.27 64.14 -0.73
N LYS J 299 -36.60 65.32 -0.21
CA LYS J 299 -36.43 65.53 1.23
C LYS J 299 -37.65 65.12 2.06
N ASN J 300 -38.88 65.26 1.56
CA ASN J 300 -40.00 64.82 2.37
C ASN J 300 -41.03 63.98 1.62
N SER J 301 -41.18 64.20 0.31
CA SER J 301 -42.26 63.56 -0.45
C SER J 301 -41.82 62.27 -1.11
N CYS J 302 -40.88 61.55 -0.50
CA CYS J 302 -40.49 60.24 -0.99
C CYS J 302 -40.04 59.43 0.22
N ILE J 303 -39.32 58.34 -0.04
CA ILE J 303 -38.62 57.64 1.02
C ILE J 303 -37.47 58.53 1.50
N ASP J 304 -37.63 59.09 2.70
CA ASP J 304 -36.68 60.08 3.19
C ASP J 304 -35.69 59.51 4.20
N THR J 305 -36.08 58.51 4.97
CA THR J 305 -35.19 57.91 5.95
C THR J 305 -35.69 56.48 6.22
N LEU J 306 -34.99 55.51 5.63
CA LEU J 306 -35.36 54.11 5.81
C LEU J 306 -34.22 53.26 6.33
N TYR J 307 -33.00 53.54 5.87
CA TYR J 307 -31.85 52.68 6.09
C TYR J 307 -30.61 53.43 6.54
N ILE J 308 -30.63 54.76 6.54
CA ILE J 308 -29.48 55.55 6.99
C ILE J 308 -29.06 55.15 8.39
N GLU J 309 -30.01 54.69 9.20
CA GLU J 309 -29.72 54.19 10.53
C GLU J 309 -29.07 52.83 10.53
N ASN J 310 -28.63 52.32 9.39
CA ASN J 310 -27.94 51.04 9.32
C ASN J 310 -26.44 51.28 9.25
N ASN J 311 -25.67 50.44 9.95
CA ASN J 311 -24.25 50.69 10.16
C ASN J 311 -23.44 50.07 9.02
N ILE J 312 -23.55 50.71 7.86
CA ILE J 312 -22.63 50.47 6.75
C ILE J 312 -22.00 51.75 6.22
N LEU J 313 -22.62 52.90 6.45
CA LEU J 313 -22.06 54.18 6.04
C LEU J 313 -20.89 54.53 6.96
N SER J 314 -20.34 55.72 6.77
CA SER J 314 -19.26 56.19 7.61
C SER J 314 -19.25 57.70 7.59
N GLU J 315 -19.10 58.32 8.75
CA GLU J 315 -19.04 59.77 8.82
C GLU J 315 -17.80 60.27 8.10
N ILE J 316 -17.94 61.43 7.45
CA ILE J 316 -16.77 62.05 6.86
C ILE J 316 -15.83 62.49 7.98
N ASP J 317 -14.62 62.86 7.60
CA ASP J 317 -13.76 63.58 8.51
C ASP J 317 -13.49 64.95 7.93
N PRO J 318 -14.01 66.02 8.52
CA PRO J 318 -13.67 67.37 8.05
C PRO J 318 -12.18 67.61 8.15
N LYS J 319 -11.73 68.66 7.48
CA LYS J 319 -10.33 69.06 7.43
C LYS J 319 -9.50 68.05 6.66
N LYS J 320 -10.09 66.91 6.29
CA LYS J 320 -9.39 65.93 5.48
C LYS J 320 -10.20 65.37 4.33
N ASN J 321 -11.54 65.41 4.37
CA ASN J 321 -12.37 64.89 3.30
C ASN J 321 -13.32 65.97 2.82
N VAL J 322 -13.69 65.88 1.54
CA VAL J 322 -14.55 66.87 0.91
C VAL J 322 -15.65 66.15 0.15
N VAL J 323 -16.90 66.55 0.39
CA VAL J 323 -18.03 66.02 -0.36
C VAL J 323 -18.94 67.18 -0.73
N TYR J 324 -19.72 66.98 -1.79
CA TYR J 324 -20.54 68.03 -2.38
C TYR J 324 -22.00 67.65 -2.23
N PHE J 325 -22.77 68.48 -1.55
CA PHE J 325 -24.21 68.33 -1.50
C PHE J 325 -24.85 69.60 -2.04
N ILE J 326 -26.18 69.62 -2.07
CA ILE J 326 -26.92 70.69 -2.70
C ILE J 326 -27.62 71.53 -1.64
N ASN J 327 -27.65 72.83 -1.86
CA ASN J 327 -28.55 73.71 -1.14
C ASN J 327 -29.67 74.11 -2.08
N SER J 328 -30.88 73.67 -1.78
CA SER J 328 -32.00 73.82 -2.69
C SER J 328 -32.44 75.24 -2.86
N ASP J 329 -31.70 76.20 -2.32
CA ASP J 329 -32.07 77.61 -2.43
C ASP J 329 -31.29 78.35 -3.51
N LEU J 330 -30.20 77.77 -4.02
CA LEU J 330 -29.41 78.41 -5.04
C LEU J 330 -29.72 77.74 -6.38
N PHE J 331 -30.79 78.21 -7.03
CA PHE J 331 -31.19 77.69 -8.33
C PHE J 331 -31.84 78.84 -9.10
N GLU J 332 -31.01 79.59 -9.83
CA GLU J 332 -31.42 80.88 -10.38
C GLU J 332 -31.72 80.72 -11.87
N VAL J 333 -32.93 80.31 -12.16
CA VAL J 333 -33.34 80.04 -13.52
C VAL J 333 -33.66 81.34 -14.25
N LYS J 334 -33.38 81.37 -15.54
CA LYS J 334 -33.71 82.49 -16.41
C LYS J 334 -34.17 81.94 -17.74
N ARG J 335 -34.23 82.81 -18.75
CA ARG J 335 -34.51 82.42 -20.12
C ARG J 335 -33.44 83.03 -21.00
N ILE J 336 -33.07 82.32 -22.07
CA ILE J 336 -31.90 82.68 -22.86
C ILE J 336 -32.26 82.97 -24.32
N ASN J 337 -32.96 82.04 -24.98
CA ASN J 337 -33.36 82.14 -26.39
C ASN J 337 -32.18 82.44 -27.33
N ASP J 338 -30.94 82.30 -26.85
CA ASP J 338 -29.77 82.36 -27.72
C ASP J 338 -28.63 81.61 -27.01
N LYS J 339 -28.38 80.37 -27.43
CA LYS J 339 -27.54 79.48 -26.65
C LYS J 339 -26.05 79.76 -26.84
N GLU J 340 -25.63 80.03 -28.08
CA GLU J 340 -24.23 80.32 -28.32
C GLU J 340 -23.77 81.54 -27.55
N LYS J 341 -24.60 82.59 -27.53
CA LYS J 341 -24.23 83.82 -26.85
C LYS J 341 -23.98 83.57 -25.37
N VAL J 342 -24.91 82.89 -24.70
CA VAL J 342 -24.76 82.69 -23.28
C VAL J 342 -23.61 81.73 -22.98
N LEU J 343 -23.44 80.71 -23.83
CA LEU J 343 -22.31 79.80 -23.63
C LEU J 343 -21.00 80.55 -23.70
N ALA J 344 -20.91 81.54 -24.58
CA ALA J 344 -19.71 82.36 -24.62
C ALA J 344 -19.63 83.31 -23.42
N ASN J 345 -20.77 83.79 -22.94
CA ASN J 345 -20.78 84.78 -21.88
C ASN J 345 -20.50 84.19 -20.50
N ILE J 346 -20.65 82.88 -20.35
CA ILE J 346 -20.36 82.25 -19.05
C ILE J 346 -18.97 82.65 -18.57
N TYR J 347 -18.01 82.72 -19.50
CA TYR J 347 -16.67 83.14 -19.11
C TYR J 347 -16.67 84.53 -18.51
N LYS J 348 -17.55 85.41 -18.97
CA LYS J 348 -17.63 86.74 -18.40
C LYS J 348 -18.05 86.69 -16.94
N ALA J 349 -18.55 85.57 -16.47
CA ALA J 349 -18.94 85.39 -15.07
C ALA J 349 -17.90 84.63 -14.27
N VAL J 350 -17.34 83.55 -14.81
CA VAL J 350 -16.54 82.63 -14.00
C VAL J 350 -15.05 82.94 -14.07
N SER J 351 -14.67 84.11 -14.57
CA SER J 351 -13.26 84.49 -14.66
C SER J 351 -12.94 85.58 -13.66
N SER J 352 -11.67 85.66 -13.26
CA SER J 352 -11.26 86.69 -12.30
C SER J 352 -11.43 88.08 -12.87
N GLU J 353 -11.32 88.23 -14.19
CA GLU J 353 -11.47 89.52 -14.85
C GLU J 353 -12.63 89.51 -15.83
N GLY J 354 -13.75 88.93 -15.42
CA GLY J 354 -14.93 88.94 -16.26
C GLY J 354 -15.76 90.18 -16.01
N CYS J 355 -16.33 90.70 -17.08
CA CYS J 355 -17.23 91.84 -16.98
C CYS J 355 -18.37 91.55 -16.01
N CYS J 356 -19.02 90.40 -16.19
CA CYS J 356 -20.18 90.04 -15.37
C CYS J 356 -19.81 89.60 -13.97
N ILE J 357 -18.54 89.67 -13.59
CA ILE J 357 -18.15 89.49 -12.19
C ILE J 357 -17.34 90.67 -11.68
N LYS J 358 -16.72 91.45 -12.55
CA LYS J 358 -16.11 92.71 -12.13
C LYS J 358 -17.09 93.51 -11.30
N SER J 359 -18.33 93.65 -11.79
CA SER J 359 -19.29 94.56 -11.19
C SER J 359 -19.73 94.10 -9.80
N ILE J 360 -20.00 92.80 -9.65
CA ILE J 360 -20.66 92.35 -8.42
C ILE J 360 -19.72 92.41 -7.23
N ILE J 361 -18.45 92.08 -7.43
CA ILE J 361 -17.54 91.81 -6.33
C ILE J 361 -16.35 92.75 -6.39
N THR J 362 -16.60 94.03 -6.69
CA THR J 362 -15.50 94.92 -7.00
C THR J 362 -14.58 95.09 -5.81
N ASP J 363 -13.56 94.25 -5.72
CA ASP J 363 -12.48 94.48 -4.77
C ASP J 363 -11.12 94.22 -5.40
N LYS J 364 -11.10 93.32 -6.40
CA LYS J 364 -9.93 92.81 -7.10
C LYS J 364 -8.98 92.09 -6.15
N TYR J 365 -9.36 91.96 -4.89
CA TYR J 365 -8.72 91.05 -3.96
C TYR J 365 -9.71 90.12 -3.29
N VAL J 366 -11.01 90.26 -3.58
CA VAL J 366 -12.03 89.36 -3.05
C VAL J 366 -12.58 88.44 -4.13
N ARG J 367 -12.70 88.94 -5.36
CA ARG J 367 -13.11 88.09 -6.48
C ARG J 367 -12.27 86.83 -6.52
N LYS J 368 -10.95 86.97 -6.35
CA LYS J 368 -10.08 85.81 -6.32
C LYS J 368 -10.53 84.82 -5.26
N SER J 369 -10.89 85.32 -4.08
CA SER J 369 -11.31 84.43 -3.01
C SER J 369 -12.61 83.72 -3.36
N PHE J 370 -13.59 84.46 -3.86
CA PHE J 370 -14.87 83.84 -4.21
C PHE J 370 -14.69 82.77 -5.26
N LEU J 371 -13.81 83.01 -6.24
CA LEU J 371 -13.63 82.06 -7.31
C LEU J 371 -12.86 80.83 -6.83
N ILE J 372 -11.70 81.04 -6.21
CA ILE J 372 -10.94 79.93 -5.63
C ILE J 372 -11.81 79.09 -4.74
N ALA J 373 -12.78 79.72 -4.06
CA ALA J 373 -13.67 78.96 -3.21
C ALA J 373 -14.73 78.22 -4.01
N PHE J 374 -15.24 78.83 -5.07
CA PHE J 374 -16.38 78.28 -5.80
C PHE J 374 -16.10 77.94 -7.25
N GLY J 375 -15.06 78.50 -7.86
CA GLY J 375 -14.84 78.30 -9.27
C GLY J 375 -13.82 77.22 -9.59
N GLY J 376 -13.88 76.10 -8.89
CA GLY J 376 -12.94 75.03 -9.18
C GLY J 376 -11.54 75.39 -8.75
N TYR J 377 -10.56 74.91 -9.50
CA TYR J 377 -9.15 75.16 -9.21
C TYR J 377 -8.65 76.37 -9.97
N ARG J 378 -7.84 77.18 -9.29
CA ARG J 378 -7.17 78.31 -9.91
C ARG J 378 -5.69 78.26 -9.58
N LYS J 379 -4.87 78.76 -10.50
CA LYS J 379 -3.42 78.68 -10.36
C LYS J 379 -2.91 79.96 -9.73
N VAL J 380 -2.50 79.88 -8.46
CA VAL J 380 -1.95 81.03 -7.74
C VAL J 380 -0.60 80.64 -7.15
N GLU J 381 0.39 81.51 -7.32
CA GLU J 381 1.74 81.26 -6.83
C GLU J 381 2.22 82.50 -6.08
N LYS J 382 2.99 82.26 -5.03
CA LYS J 382 3.49 83.33 -4.17
C LYS J 382 4.57 84.12 -4.90
N ASP J 383 4.17 85.21 -5.56
CA ASP J 383 5.12 86.14 -6.13
C ASP J 383 5.04 87.51 -5.50
N LYS J 384 3.87 88.14 -5.50
CA LYS J 384 3.68 89.46 -4.91
C LYS J 384 2.85 89.33 -3.63
N GLY J 385 2.67 90.47 -2.94
CA GLY J 385 1.79 90.47 -1.80
C GLY J 385 0.41 90.06 -2.27
N LEU J 386 0.05 88.80 -1.98
CA LEU J 386 -1.05 88.15 -2.68
C LEU J 386 -1.64 87.09 -1.75
N ASP J 387 -2.28 86.08 -2.34
CA ASP J 387 -3.07 85.06 -1.68
C ASP J 387 -2.60 84.66 -0.29
N ILE J 388 -1.33 84.27 -0.16
CA ILE J 388 -0.83 83.87 1.16
C ILE J 388 -0.97 85.01 2.15
N GLY J 389 -0.97 86.25 1.67
CA GLY J 389 -1.28 87.36 2.54
C GLY J 389 -2.75 87.72 2.48
N PHE J 390 -3.27 87.93 1.27
CA PHE J 390 -4.55 88.61 1.14
C PHE J 390 -5.72 87.63 1.08
N ILE J 391 -5.68 86.68 0.14
CA ILE J 391 -6.80 85.74 0.02
C ILE J 391 -6.90 84.86 1.25
N LYS J 392 -5.76 84.51 1.84
CA LYS J 392 -5.75 83.74 3.08
C LYS J 392 -6.64 84.39 4.13
N ASN J 393 -6.68 85.72 4.20
CA ASN J 393 -7.60 86.40 5.10
C ASN J 393 -9.03 85.99 4.80
N TYR J 394 -9.49 86.25 3.58
CA TYR J 394 -10.87 86.03 3.20
C TYR J 394 -11.25 84.55 3.12
N LEU J 395 -10.30 83.65 3.27
CA LEU J 395 -10.61 82.22 3.33
C LEU J 395 -10.40 81.62 4.71
N CYS J 396 -9.48 82.15 5.50
CA CYS J 396 -9.30 81.64 6.85
C CYS J 396 -10.52 81.97 7.69
N GLU J 397 -11.04 80.96 8.39
CA GLU J 397 -12.27 81.13 9.15
C GLU J 397 -12.15 82.23 10.20
N THR J 398 -10.98 82.39 10.79
CA THR J 398 -10.76 83.47 11.74
C THR J 398 -10.57 84.76 10.95
N CYS J 399 -11.68 85.37 10.55
CA CYS J 399 -11.63 86.57 9.73
C CYS J 399 -12.81 87.47 10.08
N GLU J 400 -13.01 88.50 9.27
CA GLU J 400 -14.13 89.41 9.39
C GLU J 400 -15.16 89.10 8.31
N THR J 401 -16.43 89.31 8.65
CA THR J 401 -17.55 88.80 7.86
C THR J 401 -17.71 89.47 6.50
N VAL J 402 -16.84 90.41 6.11
CA VAL J 402 -16.97 91.02 4.79
C VAL J 402 -16.96 89.95 3.70
N SER J 403 -16.09 88.96 3.85
CA SER J 403 -16.10 87.76 3.01
C SER J 403 -16.64 86.64 3.89
N SER J 404 -17.94 86.38 3.79
CA SER J 404 -18.58 85.44 4.70
C SER J 404 -17.97 84.04 4.58
N PHE J 405 -17.80 83.56 3.35
CA PHE J 405 -17.32 82.21 3.15
C PHE J 405 -15.90 82.04 3.69
N ASN J 406 -15.61 80.85 4.18
CA ASN J 406 -14.31 80.55 4.76
C ASN J 406 -14.20 79.04 4.95
N ILE J 407 -12.99 78.54 4.82
CA ILE J 407 -12.76 77.09 4.79
C ILE J 407 -12.63 76.61 6.22
N VAL J 408 -12.69 75.28 6.42
CA VAL J 408 -12.64 74.74 7.78
C VAL J 408 -11.22 74.80 8.33
N ASP J 409 -10.30 74.03 7.74
CA ASP J 409 -8.95 73.88 8.27
C ASP J 409 -7.98 74.81 7.55
N PHE J 410 -8.41 75.99 7.17
CA PHE J 410 -7.59 76.92 6.41
C PHE J 410 -7.09 77.96 7.41
N LEU J 411 -5.86 77.77 7.89
CA LEU J 411 -5.32 78.57 8.97
C LEU J 411 -4.35 79.63 8.46
N LEU J 412 -4.18 80.67 9.29
CA LEU J 412 -3.25 81.74 8.99
C LEU J 412 -1.82 81.20 8.87
N SER J 413 -1.29 81.20 7.65
CA SER J 413 0.09 80.82 7.37
C SER J 413 0.43 79.40 7.80
N GLU J 414 -0.57 78.65 8.28
CA GLU J 414 -0.34 77.28 8.71
C GLU J 414 -1.50 76.37 8.31
N GLY J 415 -2.15 76.68 7.19
CA GLY J 415 -3.19 75.81 6.65
C GLY J 415 -2.66 74.42 6.42
N SER J 416 -3.21 73.43 7.11
CA SER J 416 -2.57 72.12 7.13
C SER J 416 -2.88 71.32 5.88
N PHE J 417 -4.15 71.00 5.66
CA PHE J 417 -4.52 70.18 4.52
C PHE J 417 -5.42 70.89 3.53
N MET J 418 -6.40 71.65 4.01
CA MET J 418 -7.26 72.38 3.08
C MET J 418 -6.51 73.45 2.32
N SER J 419 -5.39 73.95 2.86
CA SER J 419 -4.58 74.89 2.10
C SER J 419 -4.18 74.29 0.77
N ASP J 420 -3.65 73.05 0.79
CA ASP J 420 -3.22 72.43 -0.45
C ASP J 420 -4.41 72.11 -1.34
N TYR J 421 -5.41 71.40 -0.81
CA TYR J 421 -6.54 71.00 -1.65
C TYR J 421 -7.24 72.19 -2.27
N ILE J 422 -7.21 73.34 -1.61
CA ILE J 422 -7.85 74.52 -2.18
C ILE J 422 -6.91 75.28 -3.10
N LEU J 423 -5.61 75.24 -2.86
CA LEU J 423 -4.66 76.02 -3.63
C LEU J 423 -3.76 75.21 -4.55
N GLN J 424 -3.43 73.99 -4.20
CA GLN J 424 -2.44 73.23 -4.96
C GLN J 424 -2.99 71.98 -5.61
N TYR J 425 -4.22 71.57 -5.32
CA TYR J 425 -4.81 70.41 -5.95
C TYR J 425 -5.43 70.84 -7.28
N GLU J 426 -4.92 70.30 -8.38
CA GLU J 426 -5.29 70.79 -9.69
C GLU J 426 -6.65 70.29 -10.17
N HIS J 427 -7.11 69.15 -9.67
CA HIS J 427 -8.40 68.60 -10.10
C HIS J 427 -9.44 68.88 -9.02
N ARG J 428 -10.15 69.99 -9.19
CA ARG J 428 -11.23 70.35 -8.29
C ARG J 428 -12.38 70.91 -9.09
N ASN J 429 -13.54 70.26 -9.03
CA ASN J 429 -14.71 70.74 -9.75
C ASN J 429 -15.10 72.13 -9.28
N SER J 430 -15.88 72.81 -10.10
CA SER J 430 -16.43 74.11 -9.77
C SER J 430 -17.78 73.92 -9.09
N LEU J 431 -17.91 74.45 -7.87
CA LEU J 431 -19.22 74.45 -7.22
C LEU J 431 -20.21 75.28 -8.01
N LEU J 432 -19.78 76.42 -8.51
CA LEU J 432 -20.61 77.23 -9.38
C LEU J 432 -20.76 76.55 -10.72
N ARG J 433 -21.97 76.12 -11.04
CA ARG J 433 -22.23 75.40 -12.27
C ARG J 433 -23.41 76.04 -12.99
N PHE J 434 -23.53 75.70 -14.27
CA PHE J 434 -24.60 76.22 -15.10
C PHE J 434 -25.20 75.08 -15.91
N LYS J 435 -26.28 75.39 -16.61
CA LYS J 435 -26.97 74.40 -17.42
C LYS J 435 -27.93 75.14 -18.35
N LEU J 436 -28.31 74.47 -19.42
CA LEU J 436 -29.13 75.06 -20.46
C LEU J 436 -30.25 74.11 -20.88
N ILE J 437 -31.01 73.62 -19.91
CA ILE J 437 -32.15 72.76 -20.25
C ILE J 437 -33.12 73.52 -21.14
N SER J 438 -33.62 72.84 -22.16
CA SER J 438 -34.62 73.39 -23.06
C SER J 438 -35.13 72.26 -23.93
N ASP J 439 -36.44 72.04 -23.94
CA ASP J 439 -36.95 70.97 -24.79
C ASP J 439 -38.43 71.13 -25.08
N ASN J 440 -38.83 70.69 -26.27
CA ASN J 440 -40.21 70.47 -26.66
C ASN J 440 -40.97 71.77 -26.80
N SER J 441 -40.32 72.88 -26.49
CA SER J 441 -40.88 74.21 -26.67
C SER J 441 -39.73 75.16 -26.93
N ASN J 442 -39.88 75.99 -27.96
CA ASN J 442 -38.80 76.83 -28.46
C ASN J 442 -38.07 77.56 -27.35
N ASN J 443 -38.77 77.90 -26.27
CA ASN J 443 -38.15 78.64 -25.18
C ASN J 443 -37.07 77.81 -24.50
N SER J 444 -36.03 78.48 -24.04
CA SER J 444 -34.87 77.85 -23.45
C SER J 444 -34.49 78.58 -22.17
N TYR J 445 -33.99 77.83 -21.20
CA TYR J 445 -33.77 78.35 -19.86
C TYR J 445 -32.31 78.21 -19.49
N LEU J 446 -31.98 78.65 -18.28
CA LEU J 446 -30.60 78.62 -17.80
C LEU J 446 -30.66 78.41 -16.29
N ILE J 447 -30.37 77.19 -15.86
CA ILE J 447 -30.18 76.96 -14.43
C ILE J 447 -28.82 77.50 -14.03
N GLY J 448 -28.79 78.22 -12.92
CA GLY J 448 -27.51 78.54 -12.33
C GLY J 448 -27.56 78.18 -10.88
N TYR J 449 -26.77 77.18 -10.49
CA TYR J 449 -26.83 76.70 -9.12
C TYR J 449 -25.41 76.64 -8.57
N ILE J 450 -25.33 76.41 -7.26
CA ILE J 450 -24.04 76.33 -6.59
C ILE J 450 -24.11 75.18 -5.61
N LEU J 451 -23.33 74.14 -5.88
CA LEU J 451 -23.28 73.02 -4.96
C LEU J 451 -22.72 73.47 -3.62
N HIS J 452 -23.07 72.73 -2.58
CA HIS J 452 -22.61 73.02 -1.24
C HIS J 452 -21.55 72.01 -0.86
N SER J 453 -20.40 72.49 -0.44
CA SER J 453 -19.30 71.63 -0.06
C SER J 453 -19.36 71.33 1.43
N SER J 454 -18.48 70.44 1.86
CA SER J 454 -18.30 70.14 3.27
C SER J 454 -17.01 70.73 3.81
N TYR J 455 -16.46 71.74 3.15
CA TYR J 455 -15.31 72.47 3.68
C TYR J 455 -15.65 73.93 3.93
N PHE J 456 -16.92 74.26 4.03
CA PHE J 456 -17.39 75.55 4.49
C PHE J 456 -17.83 75.39 5.93
N LYS J 457 -17.16 76.06 6.86
CA LYS J 457 -17.57 76.03 8.25
C LYS J 457 -18.29 77.32 8.63
N LYS J 458 -18.59 78.14 7.62
CA LYS J 458 -19.40 79.33 7.77
C LYS J 458 -19.83 79.78 6.38
N ILE J 459 -21.13 79.97 6.17
CA ILE J 459 -21.64 80.30 4.85
C ILE J 459 -22.83 81.25 5.01
N ASP J 460 -22.85 82.31 4.21
CA ASP J 460 -23.96 83.26 4.16
C ASP J 460 -24.80 82.96 2.93
N ILE J 461 -25.86 82.16 3.12
CA ILE J 461 -26.66 81.72 1.99
C ILE J 461 -27.22 82.91 1.21
N LYS J 462 -27.71 83.93 1.92
CA LYS J 462 -28.37 85.03 1.24
C LYS J 462 -27.38 85.90 0.47
N TYR J 463 -26.13 85.95 0.92
CA TYR J 463 -25.14 86.76 0.22
C TYR J 463 -24.76 86.12 -1.11
N VAL J 464 -24.30 84.87 -1.07
CA VAL J 464 -23.93 84.20 -2.31
C VAL J 464 -25.15 84.01 -3.20
N ARG J 465 -26.35 83.93 -2.62
CA ARG J 465 -27.54 83.88 -3.45
C ARG J 465 -27.71 85.19 -4.20
N CYS J 466 -27.39 86.31 -3.56
CA CYS J 466 -27.37 87.59 -4.25
C CYS J 466 -26.36 87.59 -5.39
N ILE J 467 -25.15 87.12 -5.11
CA ILE J 467 -24.11 87.07 -6.14
C ILE J 467 -24.56 86.21 -7.30
N LEU J 468 -25.18 85.07 -7.01
CA LEU J 468 -25.56 84.12 -8.05
C LEU J 468 -26.72 84.67 -8.88
N GLU J 469 -27.67 85.34 -8.23
CA GLU J 469 -28.72 86.03 -8.96
C GLU J 469 -28.12 87.01 -9.95
N LYS J 470 -27.20 87.84 -9.46
CA LYS J 470 -26.60 88.85 -10.32
C LYS J 470 -25.83 88.21 -11.47
N LEU J 471 -25.11 87.12 -11.18
CA LEU J 471 -24.37 86.43 -12.23
C LEU J 471 -25.32 85.90 -13.30
N THR J 472 -26.29 85.09 -12.90
CA THR J 472 -27.29 84.56 -13.81
C THR J 472 -28.00 85.66 -14.59
N TYR J 473 -28.02 86.88 -14.07
CA TYR J 473 -28.61 87.97 -14.85
C TYR J 473 -27.63 88.51 -15.89
N CYS J 474 -26.38 88.76 -15.49
CA CYS J 474 -25.48 89.48 -16.38
C CYS J 474 -25.10 88.64 -17.60
N VAL J 475 -24.90 87.34 -17.42
CA VAL J 475 -24.48 86.49 -18.53
C VAL J 475 -25.50 86.52 -19.67
N ILE J 476 -26.73 86.87 -19.38
CA ILE J 476 -27.76 86.96 -20.41
C ILE J 476 -28.09 88.42 -20.68
N PHE K 10 -31.90 -95.77 15.00
CA PHE K 10 -31.17 -96.68 15.86
C PHE K 10 -29.77 -96.94 15.30
N LEU K 11 -28.91 -97.54 16.11
CA LEU K 11 -27.53 -97.79 15.71
C LEU K 11 -27.49 -98.67 14.48
N ASP K 12 -26.81 -98.20 13.43
CA ASP K 12 -26.70 -98.84 12.13
C ASP K 12 -28.06 -98.98 11.43
N TYR K 13 -29.13 -98.45 12.04
CA TYR K 13 -30.43 -98.33 11.40
C TYR K 13 -30.86 -96.87 11.35
N LYS K 14 -30.00 -95.95 11.76
CA LYS K 14 -30.28 -94.53 11.84
C LYS K 14 -30.46 -93.88 10.48
N ILE K 15 -30.24 -94.60 9.39
CA ILE K 15 -30.36 -94.00 8.07
C ILE K 15 -31.81 -93.58 7.82
N ILE K 16 -32.77 -94.40 8.25
CA ILE K 16 -34.18 -94.01 8.16
C ILE K 16 -34.42 -92.71 8.90
N ALA K 17 -33.62 -92.45 9.93
CA ALA K 17 -33.61 -91.13 10.56
C ALA K 17 -33.23 -90.05 9.57
N LEU K 18 -32.04 -90.17 8.97
CA LEU K 18 -31.53 -89.19 8.02
C LEU K 18 -32.27 -89.23 6.69
N LEU K 19 -33.11 -90.24 6.45
CA LEU K 19 -33.77 -90.41 5.17
C LEU K 19 -35.28 -90.41 5.27
N HIS K 20 -35.85 -90.13 6.46
CA HIS K 20 -37.28 -90.24 6.68
C HIS K 20 -38.09 -89.52 5.59
N ASP K 21 -37.55 -88.46 5.01
CA ASP K 21 -38.26 -87.78 3.97
C ASP K 21 -37.47 -87.79 2.67
N PRO K 22 -38.12 -87.96 1.54
CA PRO K 22 -37.48 -87.67 0.26
C PRO K 22 -37.30 -86.18 0.11
N PRO K 23 -36.14 -85.73 -0.36
CA PRO K 23 -35.92 -84.28 -0.46
C PRO K 23 -36.85 -83.59 -1.44
N ASN K 24 -37.64 -84.34 -2.20
CA ASN K 24 -38.78 -83.80 -2.92
C ASN K 24 -40.04 -83.88 -2.06
N LYS K 25 -39.92 -83.41 -0.82
CA LYS K 25 -41.04 -83.47 0.12
C LYS K 25 -42.01 -82.32 -0.09
N ALA K 26 -41.50 -81.13 -0.38
CA ALA K 26 -42.37 -80.00 -0.67
C ALA K 26 -43.08 -80.12 -2.00
N TRP K 27 -42.63 -81.03 -2.87
CA TRP K 27 -43.24 -81.19 -4.18
C TRP K 27 -44.40 -82.18 -4.19
N VAL K 28 -44.49 -83.04 -3.17
CA VAL K 28 -45.60 -83.98 -3.07
C VAL K 28 -46.64 -83.58 -2.05
N ILE K 29 -46.34 -82.59 -1.19
CA ILE K 29 -47.34 -82.07 -0.28
C ILE K 29 -48.42 -81.34 -1.08
N THR K 30 -49.66 -81.41 -0.59
CA THR K 30 -50.87 -80.86 -1.21
C THR K 30 -50.90 -81.02 -2.72
N GLY K 31 -50.46 -82.19 -3.21
CA GLY K 31 -50.58 -82.53 -4.61
C GLY K 31 -49.84 -81.63 -5.56
N ARG K 32 -48.79 -80.94 -5.10
CA ARG K 32 -47.99 -80.13 -6.02
C ARG K 32 -47.40 -80.97 -7.13
N ALA K 33 -47.13 -82.25 -6.86
CA ALA K 33 -46.82 -83.24 -7.89
C ALA K 33 -47.68 -84.46 -7.59
N ARG K 34 -48.76 -84.62 -8.35
CA ARG K 34 -49.73 -85.69 -8.11
C ARG K 34 -49.34 -87.01 -8.78
N ASN K 35 -48.51 -86.97 -9.82
CA ASN K 35 -48.13 -88.18 -10.53
C ASN K 35 -47.04 -88.98 -9.83
N LEU K 36 -46.45 -88.45 -8.75
CA LEU K 36 -45.39 -89.19 -8.08
C LEU K 36 -45.93 -90.38 -7.32
N THR K 37 -47.16 -90.29 -6.83
CA THR K 37 -47.81 -91.38 -6.13
C THR K 37 -48.83 -92.09 -7.03
N GLN K 38 -48.53 -92.20 -8.32
CA GLN K 38 -49.46 -92.78 -9.29
C GLN K 38 -48.94 -94.10 -9.87
N GLN K 39 -47.77 -94.09 -10.49
CA GLN K 39 -47.20 -95.31 -11.07
C GLN K 39 -46.29 -96.02 -10.08
N LEU K 40 -46.77 -96.24 -8.86
CA LEU K 40 -45.99 -96.85 -7.80
C LEU K 40 -46.56 -98.22 -7.46
N SER K 41 -45.68 -99.16 -7.15
CA SER K 41 -46.09 -100.54 -6.86
C SER K 41 -46.52 -100.69 -5.41
N ARG K 47 -51.48 -89.26 6.38
CA ARG K 47 -50.17 -89.02 5.77
C ARG K 47 -50.19 -89.36 4.28
N LYS K 48 -49.56 -88.51 3.48
CA LYS K 48 -49.49 -88.72 2.04
C LYS K 48 -48.06 -88.86 1.55
N HIS K 49 -47.18 -87.91 1.88
CA HIS K 49 -45.82 -87.94 1.40
C HIS K 49 -45.03 -89.11 1.94
N GLU K 50 -45.41 -89.66 3.09
CA GLU K 50 -44.63 -90.71 3.73
C GLU K 50 -44.62 -92.01 2.94
N LYS K 51 -45.47 -92.16 1.93
CA LYS K 51 -45.45 -93.36 1.11
C LYS K 51 -44.16 -93.46 0.31
N VAL K 52 -43.88 -92.46 -0.53
CA VAL K 52 -42.63 -92.44 -1.27
C VAL K 52 -41.45 -92.41 -0.32
N ALA K 53 -41.63 -91.79 0.86
CA ALA K 53 -40.65 -91.93 1.93
C ALA K 53 -40.45 -93.39 2.28
N LYS K 54 -41.56 -94.11 2.53
CA LYS K 54 -41.47 -95.54 2.79
C LYS K 54 -40.99 -96.31 1.57
N TYR K 55 -41.33 -95.83 0.37
CA TYR K 55 -40.85 -96.48 -0.84
C TYR K 55 -39.33 -96.33 -0.97
N ILE K 56 -38.82 -95.11 -0.78
CA ILE K 56 -37.40 -94.88 -1.02
C ILE K 56 -36.52 -95.46 0.09
N ILE K 57 -37.07 -95.70 1.28
CA ILE K 57 -36.34 -96.42 2.32
C ILE K 57 -36.52 -97.90 1.99
N ASN K 58 -35.65 -98.40 1.12
CA ASN K 58 -35.73 -99.75 0.59
C ASN K 58 -34.37 -100.41 0.74
N GLN K 59 -34.35 -101.72 0.51
CA GLN K 59 -33.17 -102.58 0.43
C GLN K 59 -32.42 -102.61 1.76
N LEU K 60 -32.83 -101.77 2.71
CA LEU K 60 -32.23 -101.74 4.03
C LEU K 60 -33.25 -101.97 5.13
N PHE K 61 -34.37 -101.24 5.11
CA PHE K 61 -35.40 -101.32 6.14
C PHE K 61 -36.55 -100.40 5.74
N GLY K 62 -37.71 -100.63 6.35
CA GLY K 62 -38.85 -99.76 6.19
C GLY K 62 -38.75 -98.54 7.07
N LYS K 63 -39.83 -98.18 7.76
CA LYS K 63 -39.83 -97.03 8.65
C LYS K 63 -39.68 -97.48 10.10
N ASN K 64 -39.18 -96.58 10.92
CA ASN K 64 -39.02 -96.77 12.37
C ASN K 64 -39.97 -95.86 13.13
N TYR K 65 -41.21 -95.75 12.64
CA TYR K 65 -42.16 -94.77 13.15
C TYR K 65 -42.85 -95.20 14.44
N SER K 66 -42.56 -96.37 14.99
CA SER K 66 -43.24 -96.80 16.22
C SER K 66 -42.91 -95.84 17.36
N GLU K 67 -41.67 -95.89 17.85
CA GLU K 67 -41.06 -94.72 18.48
C GLU K 67 -39.54 -94.88 18.30
N LYS K 68 -39.06 -94.47 17.13
CA LYS K 68 -37.64 -94.21 16.95
C LYS K 68 -37.48 -92.80 16.42
N VAL K 69 -38.27 -92.46 15.39
CA VAL K 69 -38.16 -91.19 14.70
C VAL K 69 -39.24 -90.20 15.12
N ASP K 70 -40.26 -90.63 15.85
CA ASP K 70 -41.42 -89.79 16.10
C ASP K 70 -41.05 -88.52 16.85
N ASN K 71 -40.63 -88.64 18.11
CA ASN K 71 -40.34 -87.45 18.88
C ASN K 71 -39.04 -86.80 18.44
N ALA K 72 -38.11 -87.58 17.88
CA ALA K 72 -36.90 -87.02 17.30
C ALA K 72 -37.25 -86.00 16.23
N ASP K 73 -38.11 -86.39 15.27
CA ASP K 73 -38.62 -85.40 14.32
C ASP K 73 -39.40 -84.30 15.04
N LYS K 74 -40.09 -84.65 16.14
CA LYS K 74 -40.81 -83.63 16.88
C LYS K 74 -39.87 -82.73 17.66
N LEU K 75 -38.80 -83.27 18.22
CA LEU K 75 -37.89 -82.49 19.06
C LEU K 75 -36.60 -82.12 18.33
N ALA K 76 -36.69 -81.92 17.02
CA ALA K 76 -35.57 -81.34 16.29
C ALA K 76 -36.07 -80.21 15.42
N SER K 77 -37.35 -80.27 15.04
CA SER K 77 -37.87 -79.32 14.05
C SER K 77 -38.08 -77.94 14.66
N SER K 78 -38.31 -77.87 15.97
CA SER K 78 -38.53 -76.61 16.70
C SER K 78 -39.64 -75.79 16.06
N ILE K 79 -40.49 -76.43 15.27
CA ILE K 79 -41.63 -75.76 14.66
C ILE K 79 -42.94 -76.40 15.01
N ASP K 80 -42.96 -77.67 15.41
CA ASP K 80 -44.17 -78.27 16.00
C ASP K 80 -44.79 -77.34 17.03
N ARG K 81 -43.96 -76.60 17.76
CA ARG K 81 -44.44 -75.61 18.69
C ARG K 81 -44.79 -74.28 18.03
N TYR K 82 -44.35 -74.07 16.78
CA TYR K 82 -44.59 -72.79 16.12
C TYR K 82 -45.90 -72.79 15.34
N LEU K 83 -46.07 -73.75 14.43
CA LEU K 83 -47.29 -73.86 13.63
C LEU K 83 -48.27 -74.87 14.22
N GLY K 84 -48.21 -75.09 15.53
CA GLY K 84 -49.18 -75.96 16.18
C GLY K 84 -48.87 -77.44 15.99
N SER K 85 -49.09 -78.24 17.04
CA SER K 85 -48.71 -79.64 17.00
C SER K 85 -49.56 -80.43 16.01
N ILE K 86 -50.77 -79.98 15.73
CA ILE K 86 -51.65 -80.71 14.82
C ILE K 86 -51.49 -80.21 13.39
N VAL K 87 -51.32 -78.90 13.21
CA VAL K 87 -51.07 -78.38 11.87
C VAL K 87 -49.69 -78.77 11.38
N TYR K 88 -48.72 -78.88 12.29
CA TYR K 88 -47.42 -79.41 11.91
C TYR K 88 -47.55 -80.79 11.29
N LYS K 89 -48.60 -81.52 11.65
CA LYS K 89 -48.83 -82.85 11.12
C LYS K 89 -50.14 -82.92 10.33
N GLU K 90 -50.49 -81.84 9.64
CA GLU K 90 -51.63 -81.83 8.73
C GLU K 90 -51.21 -81.00 7.53
N ARG K 91 -50.70 -81.68 6.49
CA ARG K 91 -50.19 -80.97 5.32
C ARG K 91 -51.26 -80.17 4.61
N SER K 92 -52.51 -80.62 4.68
CA SER K 92 -53.61 -80.01 3.95
C SER K 92 -54.14 -78.75 4.61
N LEU K 93 -53.41 -78.17 5.56
CA LEU K 93 -53.80 -76.91 6.16
C LEU K 93 -52.97 -75.78 5.58
N PHE K 94 -53.64 -74.72 5.14
CA PHE K 94 -53.05 -73.54 4.51
C PHE K 94 -52.53 -73.90 3.12
N GLU K 95 -52.62 -75.18 2.77
CA GLU K 95 -52.64 -75.67 1.39
C GLU K 95 -51.66 -74.93 0.48
N ASN K 96 -50.38 -75.00 0.84
CA ASN K 96 -49.37 -74.19 0.15
C ASN K 96 -48.84 -74.97 -1.05
N ARG K 97 -49.29 -74.59 -2.25
CA ARG K 97 -48.70 -75.11 -3.47
C ARG K 97 -47.41 -74.39 -3.82
N SER K 98 -47.19 -73.19 -3.28
CA SER K 98 -46.04 -72.36 -3.62
C SER K 98 -44.85 -72.77 -2.75
N ILE K 99 -43.78 -73.21 -3.39
CA ILE K 99 -42.60 -73.70 -2.68
C ILE K 99 -41.65 -72.52 -2.55
N PHE K 100 -41.82 -71.76 -1.46
CA PHE K 100 -40.92 -70.68 -1.11
C PHE K 100 -39.82 -71.24 -0.21
N LEU K 101 -38.57 -70.93 -0.54
CA LEU K 101 -37.47 -71.21 0.37
C LEU K 101 -37.18 -69.94 1.17
N LYS K 102 -37.00 -70.10 2.47
CA LYS K 102 -36.80 -68.96 3.35
C LYS K 102 -35.38 -68.98 3.92
N ASN K 103 -34.93 -67.81 4.35
CA ASN K 103 -33.68 -67.70 5.08
C ASN K 103 -33.88 -68.18 6.52
N ILE K 104 -32.86 -68.85 7.06
CA ILE K 104 -32.96 -69.32 8.43
C ILE K 104 -32.73 -68.17 9.41
N LEU K 105 -31.71 -67.35 9.16
CA LEU K 105 -31.43 -66.23 10.04
C LEU K 105 -32.35 -65.06 9.77
N LEU K 106 -32.58 -64.73 8.49
CA LEU K 106 -33.56 -63.72 8.14
C LEU K 106 -34.96 -64.32 8.07
N SER K 107 -35.91 -63.53 7.60
CA SER K 107 -37.26 -64.00 7.32
C SER K 107 -37.81 -63.50 5.99
N ASN K 108 -37.16 -62.52 5.36
CA ASN K 108 -37.64 -61.94 4.13
C ASN K 108 -36.93 -62.44 2.89
N ILE K 109 -35.66 -62.81 3.01
CA ILE K 109 -34.91 -63.35 1.88
C ILE K 109 -35.55 -64.67 1.47
N GLN K 110 -35.90 -64.78 0.19
CA GLN K 110 -36.63 -65.94 -0.32
C GLN K 110 -35.93 -66.51 -1.54
N ARG K 111 -36.43 -67.66 -1.99
CA ARG K 111 -36.04 -68.29 -3.24
C ARG K 111 -37.21 -69.11 -3.74
N ASP K 112 -37.44 -69.08 -5.05
CA ASP K 112 -38.52 -69.82 -5.66
C ASP K 112 -38.02 -71.15 -6.20
N ILE K 113 -38.83 -72.19 -6.04
CA ILE K 113 -38.46 -73.55 -6.45
C ILE K 113 -39.51 -74.05 -7.43
N GLY K 114 -39.06 -74.45 -8.63
CA GLY K 114 -39.98 -74.88 -9.66
C GLY K 114 -39.44 -75.90 -10.63
N ASN K 115 -40.30 -76.85 -11.02
CA ASN K 115 -40.09 -77.85 -12.08
C ASN K 115 -38.68 -78.45 -12.07
N LEU K 116 -38.09 -78.61 -10.90
CA LEU K 116 -36.77 -79.23 -10.75
C LEU K 116 -36.85 -80.16 -9.54
N PHE K 117 -37.17 -81.42 -9.79
CA PHE K 117 -37.42 -82.39 -8.72
C PHE K 117 -37.36 -83.77 -9.33
N PRO K 118 -36.96 -84.79 -8.55
CA PRO K 118 -37.02 -86.16 -9.06
C PRO K 118 -38.44 -86.59 -9.35
N LYS K 119 -38.58 -87.47 -10.34
CA LYS K 119 -39.87 -87.90 -10.84
C LYS K 119 -39.97 -89.42 -10.83
N ASP K 120 -41.22 -89.90 -10.87
CA ASP K 120 -41.56 -91.20 -10.29
C ASP K 120 -41.22 -92.36 -11.22
N LYS K 121 -40.46 -93.32 -10.68
CA LYS K 121 -40.29 -94.67 -11.23
C LYS K 121 -39.60 -94.71 -12.59
N SER K 122 -39.28 -93.54 -13.14
CA SER K 122 -38.42 -93.45 -14.31
C SER K 122 -37.33 -92.41 -14.16
N LYS K 123 -37.52 -91.41 -13.32
CA LYS K 123 -36.49 -90.44 -12.97
C LYS K 123 -35.97 -90.63 -11.56
N LEU K 124 -36.74 -91.29 -10.69
CA LEU K 124 -36.29 -91.58 -9.33
C LEU K 124 -35.16 -92.61 -9.30
N ASP K 125 -35.06 -93.44 -10.34
CA ASP K 125 -34.03 -94.47 -10.41
C ASP K 125 -32.76 -93.97 -11.08
N ASN K 126 -32.79 -92.78 -11.68
CA ASN K 126 -31.59 -92.23 -12.29
C ASN K 126 -30.49 -91.97 -11.28
N LEU K 127 -30.80 -91.99 -9.98
CA LEU K 127 -29.80 -91.73 -8.94
C LEU K 127 -29.75 -92.81 -7.87
N ILE K 128 -30.88 -93.42 -7.52
CA ILE K 128 -30.92 -94.33 -6.38
C ILE K 128 -29.98 -95.50 -6.57
N LEU K 129 -29.73 -95.91 -7.81
CA LEU K 129 -28.77 -96.97 -8.07
C LEU K 129 -27.35 -96.45 -8.25
N GLU K 130 -27.17 -95.13 -8.36
CA GLU K 130 -25.83 -94.60 -8.54
C GLU K 130 -25.02 -94.68 -7.26
N TYR K 131 -25.69 -94.67 -6.10
CA TYR K 131 -25.06 -95.14 -4.88
C TYR K 131 -24.54 -96.56 -5.08
N LYS K 132 -25.44 -97.45 -5.51
CA LYS K 132 -25.12 -98.85 -5.75
C LYS K 132 -24.17 -99.06 -6.91
N LYS K 133 -23.80 -97.99 -7.61
CA LYS K 133 -22.62 -98.05 -8.48
C LYS K 133 -21.33 -97.93 -7.70
N LEU K 134 -21.39 -97.38 -6.48
CA LEU K 134 -20.20 -97.15 -5.66
C LEU K 134 -20.36 -97.51 -4.20
N LEU K 135 -21.57 -97.70 -3.69
CA LEU K 135 -21.78 -97.99 -2.28
C LEU K 135 -21.80 -99.50 -2.01
N ASN K 136 -22.52 -100.26 -2.82
CA ASN K 136 -22.77 -101.67 -2.50
C ASN K 136 -21.53 -102.53 -2.69
N VAL K 137 -20.85 -102.38 -3.83
CA VAL K 137 -19.89 -103.37 -4.34
C VAL K 137 -18.85 -103.79 -3.30
N ILE K 138 -18.51 -102.89 -2.38
CA ILE K 138 -17.47 -103.19 -1.40
C ILE K 138 -17.96 -104.28 -0.43
N ASN K 139 -17.03 -105.11 0.01
CA ASN K 139 -17.36 -106.18 0.94
C ASN K 139 -17.62 -105.59 2.32
N LYS K 140 -18.82 -105.80 2.85
CA LYS K 140 -19.23 -105.15 4.09
C LYS K 140 -20.48 -105.82 4.63
N THR K 141 -20.49 -106.15 5.93
CA THR K 141 -21.68 -106.67 6.58
C THR K 141 -22.54 -105.51 7.09
N ASN K 142 -23.06 -104.75 6.13
CA ASN K 142 -23.99 -103.62 6.38
C ASN K 142 -23.51 -102.72 7.52
N LEU K 143 -22.21 -102.49 7.59
CA LEU K 143 -21.61 -101.77 8.70
C LEU K 143 -21.92 -100.27 8.59
N ILE K 144 -21.33 -99.48 9.50
CA ILE K 144 -21.60 -98.04 9.51
C ILE K 144 -20.77 -97.26 8.50
N LEU K 145 -19.85 -97.91 7.81
CA LEU K 145 -19.14 -97.21 6.74
C LEU K 145 -20.10 -96.75 5.67
N LYS K 146 -21.21 -97.46 5.49
CA LYS K 146 -22.29 -96.96 4.65
C LYS K 146 -22.82 -95.64 5.18
N TYR K 147 -23.10 -95.60 6.49
CA TYR K 147 -23.50 -94.35 7.13
C TYR K 147 -22.42 -93.29 7.00
N GLN K 148 -21.16 -93.71 7.08
CA GLN K 148 -20.04 -92.80 6.87
C GLN K 148 -19.81 -92.50 5.39
N LEU K 149 -20.52 -93.20 4.50
CA LEU K 149 -20.51 -92.89 3.08
C LEU K 149 -21.94 -92.54 2.62
N PHE K 150 -22.74 -92.01 3.53
CA PHE K 150 -24.05 -91.47 3.18
C PHE K 150 -24.21 -90.12 3.84
N TYR K 151 -23.50 -89.92 4.96
CA TYR K 151 -23.63 -88.70 5.73
C TYR K 151 -23.18 -87.48 4.94
N LEU K 152 -22.38 -87.66 3.91
CA LEU K 152 -21.89 -86.56 3.09
C LEU K 152 -22.30 -86.65 1.64
N ILE K 153 -22.15 -87.82 1.00
CA ILE K 153 -22.38 -87.90 -0.43
C ILE K 153 -23.85 -87.99 -0.79
N TYR K 154 -24.75 -87.94 0.19
CA TYR K 154 -26.16 -87.73 -0.15
C TYR K 154 -26.36 -86.34 -0.74
N GLU K 155 -25.86 -85.31 -0.04
CA GLU K 155 -25.84 -83.98 -0.61
C GLU K 155 -25.22 -83.98 -1.99
N LEU K 156 -24.20 -84.80 -2.19
CA LEU K 156 -23.47 -84.77 -3.46
C LEU K 156 -24.27 -85.42 -4.58
N VAL K 157 -24.88 -86.58 -4.33
CA VAL K 157 -25.68 -87.19 -5.38
C VAL K 157 -26.92 -86.36 -5.65
N TRP K 158 -27.36 -85.56 -4.68
CA TRP K 158 -28.49 -84.66 -4.93
C TRP K 158 -28.05 -83.50 -5.82
N ILE K 159 -27.10 -82.70 -5.34
CA ILE K 159 -26.73 -81.47 -6.03
C ILE K 159 -26.03 -81.76 -7.34
N ASP K 160 -25.41 -82.93 -7.48
CA ASP K 160 -24.86 -83.33 -8.77
C ASP K 160 -25.95 -83.72 -9.75
N SER K 161 -27.13 -84.08 -9.25
CA SER K 161 -28.28 -84.37 -10.09
C SER K 161 -29.10 -83.12 -10.37
N LYS K 162 -28.47 -81.95 -10.31
CA LYS K 162 -29.09 -80.64 -10.59
C LYS K 162 -30.51 -80.55 -10.05
N TYR K 163 -30.65 -80.85 -8.77
CA TYR K 163 -31.93 -80.81 -8.08
C TYR K 163 -31.90 -79.76 -6.98
N GLU K 164 -32.93 -78.91 -6.95
CA GLU K 164 -32.95 -77.78 -6.04
C GLU K 164 -33.36 -78.21 -4.63
N ASN K 165 -32.57 -77.82 -3.65
CA ASN K 165 -32.86 -78.11 -2.25
C ASN K 165 -34.17 -77.50 -1.83
N THR K 166 -35.12 -78.32 -1.51
CA THR K 166 -36.45 -77.88 -1.13
C THR K 166 -36.49 -77.52 0.34
N PRO K 167 -37.35 -76.59 0.73
CA PRO K 167 -37.53 -76.27 2.14
C PRO K 167 -38.28 -77.38 2.87
N SER K 168 -38.34 -77.26 4.19
CA SER K 168 -38.91 -78.33 5.00
C SER K 168 -40.43 -78.31 4.97
N ASP K 169 -41.04 -77.27 5.52
CA ASP K 169 -42.48 -77.22 5.67
C ASP K 169 -43.05 -76.10 4.81
N THR K 170 -44.01 -76.45 3.95
CA THR K 170 -44.65 -75.48 3.08
C THR K 170 -45.29 -74.34 3.86
N ARG K 171 -45.52 -74.52 5.15
CA ARG K 171 -46.00 -73.41 5.98
C ARG K 171 -44.84 -72.53 6.45
N ASN K 172 -43.90 -73.12 7.20
CA ASN K 172 -42.76 -72.41 7.75
C ASN K 172 -41.49 -72.93 7.11
N PRO K 173 -41.12 -72.43 5.94
CA PRO K 173 -39.97 -73.00 5.23
C PRO K 173 -38.64 -72.39 5.63
N THR K 174 -38.39 -72.23 6.93
CA THR K 174 -37.08 -71.79 7.39
C THR K 174 -36.19 -72.97 7.74
N HIS K 175 -36.14 -73.94 6.83
CA HIS K 175 -35.40 -75.19 7.04
C HIS K 175 -35.26 -75.93 5.71
N THR K 176 -34.04 -76.27 5.33
CA THR K 176 -33.84 -77.10 4.14
C THR K 176 -34.01 -78.56 4.52
N ILE K 177 -34.67 -79.31 3.63
CA ILE K 177 -34.96 -80.73 3.88
C ILE K 177 -33.72 -81.46 4.38
N PHE K 178 -32.58 -81.18 3.77
CA PHE K 178 -31.35 -81.81 4.25
C PHE K 178 -31.09 -81.45 5.70
N ASP K 179 -31.19 -80.16 6.03
CA ASP K 179 -30.99 -79.76 7.42
C ASP K 179 -32.03 -80.40 8.33
N HIS K 180 -33.27 -80.51 7.85
CA HIS K 180 -34.31 -81.16 8.64
C HIS K 180 -33.91 -82.59 8.98
N LEU K 181 -33.50 -83.36 7.98
CA LEU K 181 -33.21 -84.76 8.21
C LEU K 181 -31.92 -84.94 9.02
N TYR K 182 -30.96 -84.03 8.85
CA TYR K 182 -29.74 -84.13 9.62
C TYR K 182 -29.99 -83.80 11.08
N ALA K 183 -30.84 -82.81 11.35
CA ALA K 183 -31.25 -82.54 12.73
C ALA K 183 -32.03 -83.71 13.30
N THR K 184 -32.88 -84.33 12.49
CA THR K 184 -33.55 -85.54 12.89
C THR K 184 -32.55 -86.56 13.39
N ALA K 185 -31.63 -86.96 12.51
CA ALA K 185 -30.63 -87.97 12.86
C ALA K 185 -29.86 -87.58 14.10
N ALA K 186 -29.51 -86.29 14.23
CA ALA K 186 -28.78 -85.84 15.41
C ALA K 186 -29.59 -86.10 16.68
N MET K 187 -30.85 -85.65 16.70
CA MET K 187 -31.66 -85.81 17.91
C MET K 187 -31.98 -87.28 18.16
N MET K 188 -31.89 -88.13 17.13
CA MET K 188 -32.25 -89.53 17.29
C MET K 188 -31.43 -90.21 18.37
N ASN K 189 -30.17 -89.82 18.52
CA ASN K 189 -29.33 -90.40 19.57
C ASN K 189 -29.97 -90.25 20.93
N TRP K 190 -30.33 -89.01 21.29
CA TRP K 190 -30.98 -88.76 22.57
C TRP K 190 -32.33 -89.45 22.64
N ILE K 191 -33.14 -89.33 21.59
CA ILE K 191 -34.49 -89.89 21.67
C ILE K 191 -34.46 -91.40 21.79
N LEU K 192 -33.36 -92.04 21.40
CA LEU K 192 -33.22 -93.47 21.58
C LEU K 192 -32.69 -93.81 22.96
N SER K 193 -31.54 -93.21 23.32
CA SER K 193 -30.81 -93.68 24.50
C SER K 193 -31.61 -93.49 25.78
N LEU K 194 -32.42 -92.43 25.85
CA LEU K 194 -33.17 -92.14 27.07
C LEU K 194 -34.43 -93.00 27.14
N GLU K 195 -34.22 -94.31 27.01
CA GLU K 195 -35.26 -95.29 27.29
C GLU K 195 -34.69 -96.37 28.20
N LYS K 196 -33.40 -96.65 28.06
CA LYS K 196 -32.75 -97.75 28.77
C LYS K 196 -32.02 -97.26 30.01
N GLU K 197 -31.05 -96.36 29.83
CA GLU K 197 -30.32 -95.79 30.95
C GLU K 197 -30.70 -94.35 31.24
N ALA K 198 -31.26 -93.64 30.24
CA ALA K 198 -31.75 -92.29 30.41
C ALA K 198 -30.64 -91.33 30.84
N LYS K 199 -29.51 -91.41 30.15
CA LYS K 199 -28.40 -90.51 30.44
C LYS K 199 -27.73 -90.07 29.13
N GLY K 200 -28.55 -89.63 28.18
CA GLY K 200 -28.03 -88.96 27.00
C GLY K 200 -27.22 -87.75 27.39
N TYR K 201 -26.27 -87.35 26.55
CA TYR K 201 -25.36 -86.28 26.90
C TYR K 201 -25.23 -85.28 25.77
N LEU K 202 -24.73 -84.10 26.14
CA LEU K 202 -24.36 -83.03 25.20
C LEU K 202 -22.91 -82.68 25.52
N LEU K 203 -21.99 -83.27 24.77
CA LEU K 203 -20.58 -83.17 25.08
C LEU K 203 -19.96 -81.97 24.36
N GLY K 204 -19.18 -81.20 25.09
CA GLY K 204 -18.51 -80.05 24.52
C GLY K 204 -17.01 -80.09 24.71
N ILE K 205 -16.26 -80.17 23.62
CA ILE K 205 -14.81 -80.18 23.65
C ILE K 205 -14.32 -78.81 23.24
N ASP K 206 -13.29 -78.32 23.94
CA ASP K 206 -12.79 -76.99 23.66
C ASP K 206 -11.30 -76.95 23.96
N THR K 207 -10.58 -76.16 23.18
CA THR K 207 -9.14 -76.03 23.29
C THR K 207 -8.76 -74.68 23.88
N ILE K 208 -7.73 -74.67 24.71
CA ILE K 208 -7.35 -73.51 25.50
C ILE K 208 -6.16 -72.82 24.84
N GLY K 209 -6.28 -71.50 24.66
CA GLY K 209 -5.17 -70.70 24.19
C GLY K 209 -4.72 -71.06 22.79
N VAL K 210 -5.66 -71.03 21.83
CA VAL K 210 -5.32 -71.33 20.45
C VAL K 210 -4.29 -70.33 19.93
N ALA K 211 -4.67 -69.06 19.90
CA ALA K 211 -3.77 -68.03 19.37
C ALA K 211 -2.48 -67.97 20.18
N ASP K 212 -2.58 -68.09 21.50
CA ASP K 212 -1.41 -68.11 22.34
C ASP K 212 -0.46 -69.21 21.92
N PHE K 213 -0.99 -70.32 21.41
CA PHE K 213 -0.15 -71.41 20.97
C PHE K 213 0.42 -71.16 19.59
N ILE K 214 -0.46 -70.81 18.64
CA ILE K 214 -0.03 -70.57 17.26
C ILE K 214 1.09 -69.56 17.22
N SER K 215 0.99 -68.51 18.04
CA SER K 215 1.98 -67.45 18.00
C SER K 215 3.35 -67.88 18.49
N LYS K 216 3.50 -69.11 19.00
CA LYS K 216 4.77 -69.55 19.57
C LYS K 216 5.78 -70.00 18.54
N GLY K 217 5.56 -69.70 17.26
CA GLY K 217 6.45 -70.21 16.23
C GLY K 217 7.16 -69.15 15.41
N ARG K 218 7.89 -69.58 14.39
CA ARG K 218 8.63 -68.70 13.51
C ARG K 218 8.61 -69.30 12.11
N LYS K 219 9.13 -68.54 11.14
CA LYS K 219 9.40 -68.99 9.78
C LYS K 219 8.15 -69.33 9.00
N THR K 220 6.95 -69.16 9.56
CA THR K 220 5.66 -69.39 8.91
C THR K 220 5.40 -70.88 8.69
N ARG K 221 6.43 -71.71 8.87
CA ARG K 221 6.22 -73.15 8.85
C ARG K 221 5.72 -73.61 10.21
N ASP K 222 6.38 -73.16 11.26
CA ASP K 222 5.89 -73.38 12.62
C ASP K 222 4.48 -72.85 12.77
N LEU K 223 4.19 -71.69 12.18
CA LEU K 223 2.84 -71.13 12.24
C LEU K 223 1.83 -72.06 11.60
N TRP K 224 2.07 -72.44 10.35
CA TRP K 224 1.11 -73.28 9.64
C TRP K 224 0.89 -74.59 10.37
N ILE K 225 1.97 -75.24 10.79
CA ILE K 225 1.78 -76.52 11.44
C ILE K 225 1.23 -76.37 12.85
N SER K 226 1.39 -75.22 13.51
CA SER K 226 0.77 -75.04 14.80
C SER K 226 -0.74 -74.94 14.64
N SER K 227 -1.18 -74.12 13.68
CA SER K 227 -2.59 -74.07 13.35
C SER K 227 -3.10 -75.42 12.85
N TYR K 228 -2.21 -76.24 12.30
CA TYR K 228 -2.63 -77.56 11.85
C TYR K 228 -2.73 -78.53 13.01
N LEU K 229 -1.84 -78.40 13.99
CA LEU K 229 -1.87 -79.23 15.18
C LEU K 229 -3.15 -78.97 15.97
N VAL K 230 -3.48 -77.70 16.17
CA VAL K 230 -4.66 -77.38 16.99
C VAL K 230 -5.91 -77.98 16.38
N SER K 231 -5.91 -78.22 15.07
CA SER K 231 -7.06 -78.80 14.41
C SER K 231 -7.00 -80.31 14.35
N ALA K 232 -5.81 -80.87 14.12
CA ALA K 232 -5.68 -82.31 14.02
C ALA K 232 -5.88 -82.99 15.36
N LEU K 233 -5.16 -82.51 16.39
CA LEU K 233 -5.28 -83.11 17.71
C LEU K 233 -6.72 -83.13 18.19
N LEU K 234 -7.53 -82.20 17.71
CA LEU K 234 -8.96 -82.23 18.01
C LEU K 234 -9.70 -83.15 17.06
N TRP K 235 -9.24 -83.24 15.81
CA TRP K 235 -9.83 -84.19 14.88
C TRP K 235 -9.63 -85.62 15.36
N TYR K 236 -8.40 -85.95 15.76
CA TYR K 236 -8.10 -87.28 16.27
C TYR K 236 -9.04 -87.67 17.42
N VAL K 237 -9.55 -86.68 18.14
CA VAL K 237 -10.49 -86.97 19.22
C VAL K 237 -11.80 -87.51 18.66
N ILE K 238 -12.25 -86.97 17.52
CA ILE K 238 -13.51 -87.43 16.98
C ILE K 238 -13.33 -88.62 16.06
N THR K 239 -12.13 -88.85 15.52
CA THR K 239 -11.85 -90.11 14.86
C THR K 239 -12.16 -91.28 15.79
N TRP K 240 -11.71 -91.17 17.03
CA TRP K 240 -12.05 -92.11 18.08
C TRP K 240 -13.51 -91.97 18.51
N PHE K 241 -14.27 -91.15 17.79
CA PHE K 241 -15.68 -90.95 18.09
C PHE K 241 -16.57 -90.95 16.85
N ILE K 242 -16.00 -90.85 15.64
CA ILE K 242 -16.81 -90.89 14.43
C ILE K 242 -16.96 -92.31 13.92
N GLU K 243 -16.21 -93.26 14.47
CA GLU K 243 -16.41 -94.68 14.24
C GLU K 243 -16.79 -95.40 15.52
N GLU K 244 -16.21 -94.99 16.64
CA GLU K 244 -16.75 -95.37 17.94
C GLU K 244 -18.07 -94.64 18.12
N TYR K 245 -19.16 -95.39 18.07
CA TYR K 245 -20.53 -94.85 17.99
C TYR K 245 -20.71 -94.00 16.73
N GLY K 246 -19.97 -94.35 15.69
CA GLY K 246 -20.27 -93.91 14.35
C GLY K 246 -20.34 -92.41 14.14
N PRO K 247 -20.76 -92.02 12.93
CA PRO K 247 -20.93 -90.60 12.61
C PRO K 247 -22.26 -90.05 13.08
N ASP K 248 -22.56 -88.81 12.68
CA ASP K 248 -23.81 -88.08 12.93
C ASP K 248 -23.85 -87.52 14.34
N VAL K 249 -22.80 -87.72 15.12
CA VAL K 249 -22.75 -87.31 16.51
C VAL K 249 -22.14 -85.93 16.68
N ILE K 250 -21.08 -85.63 15.94
CA ILE K 250 -20.41 -84.35 16.08
C ILE K 250 -21.36 -83.24 15.62
N LEU K 251 -21.86 -82.48 16.58
CA LEU K 251 -23.06 -81.66 16.35
C LEU K 251 -22.73 -80.34 15.65
N PHE K 252 -21.96 -79.48 16.31
CA PHE K 252 -21.85 -78.13 15.75
C PHE K 252 -20.80 -78.04 14.66
N PRO K 253 -19.57 -78.54 14.84
CA PRO K 253 -18.68 -78.59 13.69
C PRO K 253 -19.18 -79.64 12.74
N SER K 254 -19.83 -79.22 11.67
CA SER K 254 -20.52 -80.18 10.83
C SER K 254 -19.55 -80.83 9.85
N LEU K 255 -19.96 -81.98 9.32
CA LEU K 255 -19.19 -82.70 8.34
C LEU K 255 -19.80 -82.60 6.94
N ARG K 256 -20.91 -81.87 6.81
CA ARG K 256 -21.60 -81.77 5.53
C ARG K 256 -20.70 -81.18 4.45
N PHE K 257 -19.78 -80.29 4.84
CA PHE K 257 -18.74 -79.78 3.93
C PHE K 257 -17.48 -79.63 4.79
N ASN K 258 -16.66 -80.67 4.82
CA ASN K 258 -15.53 -80.73 5.76
C ASN K 258 -14.36 -81.43 5.10
N GLN K 259 -13.34 -80.66 4.73
CA GLN K 259 -12.16 -81.21 4.08
C GLN K 259 -11.36 -82.13 4.98
N PHE K 260 -11.80 -82.38 6.22
CA PHE K 260 -11.18 -83.39 7.06
C PHE K 260 -12.00 -84.67 7.10
N TYR K 261 -13.33 -84.54 7.14
CA TYR K 261 -14.18 -85.72 6.99
C TYR K 261 -13.95 -86.40 5.66
N ALA K 262 -13.82 -85.61 4.59
CA ALA K 262 -13.56 -86.18 3.27
C ALA K 262 -12.28 -86.98 3.28
N PHE K 263 -11.15 -86.31 3.50
CA PHE K 263 -9.84 -86.96 3.57
C PHE K 263 -9.88 -88.26 4.37
N TYR K 264 -10.44 -88.19 5.59
CA TYR K 264 -10.54 -89.38 6.42
C TYR K 264 -11.34 -90.48 5.73
N LEU K 265 -12.44 -90.11 5.08
CA LEU K 265 -13.26 -91.09 4.37
C LEU K 265 -12.47 -91.75 3.24
N LEU K 266 -11.99 -90.94 2.31
CA LEU K 266 -11.24 -91.47 1.17
C LEU K 266 -10.04 -92.29 1.62
N GLU K 267 -9.50 -92.01 2.79
CA GLU K 267 -8.53 -92.92 3.38
C GLU K 267 -9.22 -94.10 4.06
N LYS K 268 -10.38 -93.88 4.67
CA LYS K 268 -11.13 -94.98 5.27
C LYS K 268 -11.64 -95.95 4.23
N LEU K 269 -11.82 -95.51 3.00
CA LEU K 269 -12.09 -96.44 1.90
C LEU K 269 -10.81 -97.00 1.31
N ARG K 270 -9.72 -96.98 2.10
CA ARG K 270 -8.49 -97.65 1.76
C ARG K 270 -8.07 -98.48 2.96
N LYS K 271 -7.74 -99.74 2.72
CA LYS K 271 -7.39 -100.73 3.73
C LYS K 271 -8.55 -101.04 4.68
N GLU K 272 -9.75 -100.52 4.40
CA GLU K 272 -10.96 -100.99 5.07
C GLU K 272 -11.98 -101.56 4.09
N GLY K 273 -12.38 -100.79 3.08
CA GLY K 273 -13.34 -101.24 2.09
C GLY K 273 -12.92 -100.89 0.67
N VAL K 274 -11.63 -101.02 0.39
CA VAL K 274 -11.01 -100.41 -0.79
C VAL K 274 -11.52 -101.10 -2.05
N SER K 275 -12.25 -100.34 -2.87
CA SER K 275 -12.47 -100.64 -4.28
C SER K 275 -11.86 -99.51 -5.12
N GLU K 276 -11.77 -99.75 -6.42
CA GLU K 276 -11.05 -98.82 -7.28
C GLU K 276 -11.96 -97.90 -8.08
N ASP K 277 -12.93 -98.45 -8.82
CA ASP K 277 -13.81 -97.61 -9.60
C ASP K 277 -14.68 -96.73 -8.72
N VAL K 278 -14.97 -97.20 -7.51
CA VAL K 278 -15.80 -96.44 -6.58
C VAL K 278 -15.15 -95.10 -6.25
N ILE K 279 -13.89 -95.14 -5.84
CA ILE K 279 -13.20 -93.91 -5.47
C ILE K 279 -12.97 -93.05 -6.70
N ASP K 280 -12.90 -93.66 -7.88
CA ASP K 280 -12.90 -92.86 -9.10
C ASP K 280 -14.20 -92.09 -9.24
N GLU K 281 -15.33 -92.74 -8.88
CA GLU K 281 -16.63 -92.08 -9.00
C GLU K 281 -16.79 -90.95 -8.00
N ILE K 282 -16.35 -91.16 -6.76
CA ILE K 282 -16.66 -90.23 -5.67
C ILE K 282 -15.56 -89.20 -5.47
N LYS K 283 -14.29 -89.60 -5.59
CA LYS K 283 -13.19 -88.66 -5.42
C LYS K 283 -13.34 -87.47 -6.35
N GLU K 284 -13.69 -87.72 -7.60
CA GLU K 284 -14.01 -86.62 -8.50
C GLU K 284 -15.30 -85.91 -8.07
N LEU K 285 -16.26 -86.68 -7.56
CA LEU K 285 -17.50 -86.08 -7.08
C LEU K 285 -17.27 -85.25 -5.84
N ILE K 286 -16.55 -85.82 -4.86
CA ILE K 286 -16.25 -85.07 -3.64
C ILE K 286 -15.31 -83.91 -3.93
N THR K 287 -14.55 -83.98 -5.03
CA THR K 287 -13.69 -82.87 -5.41
C THR K 287 -14.49 -81.62 -5.68
N LYS K 288 -15.62 -81.74 -6.37
CA LYS K 288 -16.35 -80.56 -6.81
C LYS K 288 -17.07 -79.87 -5.67
N TYR K 289 -17.82 -80.63 -4.87
CA TYR K 289 -18.77 -80.03 -3.96
C TYR K 289 -18.23 -79.84 -2.55
N ILE K 290 -17.06 -80.38 -2.24
CA ILE K 290 -16.43 -80.09 -0.95
C ILE K 290 -15.01 -79.56 -1.06
N PHE K 291 -14.26 -79.87 -2.12
CA PHE K 291 -12.85 -79.49 -2.13
C PHE K 291 -12.54 -78.42 -3.16
N ASN K 292 -12.94 -78.61 -4.41
CA ASN K 292 -12.81 -77.62 -5.49
C ASN K 292 -11.36 -77.33 -5.88
N GLY K 293 -10.40 -77.88 -5.14
CA GLY K 293 -9.00 -77.56 -5.36
C GLY K 293 -8.35 -78.61 -6.23
N ASP K 294 -7.82 -78.16 -7.39
CA ASP K 294 -7.14 -79.08 -8.31
C ASP K 294 -6.08 -79.89 -7.58
N ASP K 295 -5.33 -79.25 -6.70
CA ASP K 295 -4.49 -79.96 -5.75
C ASP K 295 -5.39 -80.55 -4.68
N LEU K 296 -5.85 -81.78 -4.89
CA LEU K 296 -6.83 -82.38 -4.00
C LEU K 296 -6.15 -82.76 -2.69
N PHE K 297 -6.89 -83.51 -1.87
CA PHE K 297 -6.28 -84.22 -0.75
C PHE K 297 -5.05 -84.98 -1.20
N GLU K 298 -5.15 -85.68 -2.32
CA GLU K 298 -3.98 -86.33 -2.89
C GLU K 298 -3.03 -85.30 -3.50
N ASN K 299 -1.86 -85.79 -3.89
CA ASN K 299 -0.74 -84.98 -4.38
C ASN K 299 -0.17 -84.14 -3.25
N LEU K 300 -0.83 -84.18 -2.08
CA LEU K 300 -0.28 -83.67 -0.84
C LEU K 300 -0.44 -84.72 0.24
N LYS K 301 -1.47 -85.56 0.09
CA LYS K 301 -1.76 -86.62 1.05
C LYS K 301 -2.14 -86.04 2.42
N ILE K 302 -2.69 -84.83 2.41
CA ILE K 302 -3.03 -84.06 3.61
C ILE K 302 -4.08 -83.00 3.24
N PRO K 303 -5.12 -82.81 4.03
CA PRO K 303 -5.99 -81.67 3.82
C PRO K 303 -5.22 -80.38 4.04
N PRO K 304 -5.19 -79.48 3.05
CA PRO K 304 -4.23 -78.37 3.10
C PRO K 304 -4.62 -77.24 4.04
N TYR K 305 -5.82 -77.24 4.60
CA TYR K 305 -6.31 -76.12 5.38
C TYR K 305 -6.80 -76.60 6.74
N PRO K 306 -6.23 -76.12 7.84
CA PRO K 306 -6.72 -76.52 9.16
C PRO K 306 -8.07 -75.87 9.44
N ILE K 307 -9.15 -76.63 9.33
CA ILE K 307 -10.49 -76.04 9.33
C ILE K 307 -11.31 -76.51 10.52
N ILE K 308 -10.67 -76.98 11.58
CA ILE K 308 -11.36 -77.37 12.81
C ILE K 308 -11.24 -76.20 13.78
N PRO K 309 -12.34 -75.68 14.28
CA PRO K 309 -12.27 -74.47 15.12
C PRO K 309 -11.73 -74.75 16.50
N GLY K 310 -12.18 -75.84 17.10
CA GLY K 310 -11.93 -76.10 18.50
C GLY K 310 -13.19 -75.94 19.32
N ARG K 311 -13.99 -74.93 18.97
CA ARG K 311 -15.29 -74.72 19.61
C ARG K 311 -16.27 -75.76 19.08
N ILE K 312 -16.07 -77.00 19.52
CA ILE K 312 -16.83 -78.13 19.01
C ILE K 312 -17.70 -78.67 20.13
N THR K 313 -18.84 -79.23 19.74
CA THR K 313 -19.76 -79.84 20.69
C THR K 313 -20.34 -81.10 20.07
N LEU K 314 -20.73 -82.03 20.94
CA LEU K 314 -21.17 -83.34 20.49
C LEU K 314 -22.40 -83.76 21.28
N ILE K 315 -23.21 -84.62 20.68
CA ILE K 315 -24.40 -85.17 21.31
C ILE K 315 -24.19 -86.67 21.51
N LEU K 316 -24.66 -87.18 22.64
CA LEU K 316 -24.24 -88.49 23.12
C LEU K 316 -25.42 -89.37 23.53
N PRO K 317 -25.38 -90.65 23.18
CA PRO K 317 -26.36 -91.61 23.72
C PRO K 317 -26.14 -91.92 25.19
N GLY K 318 -24.92 -92.34 25.55
CA GLY K 318 -24.66 -92.80 26.90
C GLY K 318 -24.34 -94.29 26.98
N LEU K 319 -23.92 -94.88 25.88
CA LEU K 319 -23.55 -96.28 25.83
C LEU K 319 -22.23 -96.45 25.08
N ILE K 320 -21.67 -97.65 25.15
CA ILE K 320 -20.37 -97.96 24.57
C ILE K 320 -20.40 -99.37 23.97
N ARG K 321 -19.91 -99.50 22.75
CA ARG K 321 -19.83 -100.78 22.06
C ARG K 321 -18.39 -101.29 22.10
N GLU K 322 -18.20 -102.53 22.54
CA GLU K 322 -16.90 -103.18 22.55
C GLU K 322 -16.76 -104.23 21.46
N GLY K 323 -17.54 -104.10 20.37
CA GLY K 323 -17.51 -105.06 19.29
C GLY K 323 -18.78 -105.90 19.24
N GLU K 324 -19.68 -105.56 18.34
CA GLU K 324 -20.96 -106.24 18.13
C GLU K 324 -21.83 -106.24 19.38
N GLU K 325 -21.47 -105.46 20.40
CA GLU K 325 -22.16 -105.51 21.68
C GLU K 325 -21.91 -104.20 22.41
N TYR K 326 -22.95 -103.42 22.61
CA TYR K 326 -22.84 -102.15 23.31
C TYR K 326 -23.38 -102.26 24.73
N LYS K 327 -22.71 -101.58 25.66
CA LYS K 327 -23.06 -101.61 27.08
C LYS K 327 -23.96 -100.43 27.38
N LYS K 328 -25.24 -100.69 27.62
CA LYS K 328 -26.19 -99.66 28.04
C LYS K 328 -25.95 -99.35 29.52
N VAL K 329 -24.73 -98.92 29.82
CA VAL K 329 -24.28 -98.68 31.18
C VAL K 329 -24.04 -97.18 31.36
N GLN K 330 -24.33 -96.70 32.56
CA GLN K 330 -24.26 -95.26 32.84
C GLN K 330 -22.86 -94.71 32.66
N ASP K 331 -21.95 -95.11 33.55
CA ASP K 331 -20.61 -94.51 33.62
C ASP K 331 -20.72 -92.99 33.51
N ASP K 332 -21.46 -92.41 34.45
CA ASP K 332 -21.92 -91.02 34.34
C ASP K 332 -20.83 -90.06 33.90
N ASN K 333 -19.71 -90.02 34.63
CA ASN K 333 -18.64 -89.07 34.34
C ASN K 333 -17.34 -89.78 33.98
N CYS K 334 -17.35 -91.10 33.89
CA CYS K 334 -16.17 -91.79 33.37
C CYS K 334 -16.22 -91.73 31.86
N PHE K 335 -16.45 -90.53 31.32
CA PHE K 335 -16.60 -90.30 29.90
C PHE K 335 -15.62 -89.29 29.35
N ILE K 336 -15.56 -88.08 29.95
CA ILE K 336 -14.75 -87.02 29.37
C ILE K 336 -13.27 -87.30 29.60
N SER K 337 -12.92 -87.98 30.69
CA SER K 337 -11.54 -88.39 30.89
C SER K 337 -11.10 -89.33 29.77
N LYS K 338 -12.03 -90.05 29.16
CA LYS K 338 -11.68 -90.84 27.99
C LYS K 338 -11.28 -89.94 26.83
N VAL K 339 -11.99 -88.83 26.63
CA VAL K 339 -11.61 -87.87 25.60
C VAL K 339 -10.23 -87.30 25.89
N LYS K 340 -9.97 -86.98 27.16
CA LYS K 340 -8.69 -86.40 27.52
C LYS K 340 -7.54 -87.39 27.29
N GLU K 341 -7.73 -88.65 27.71
CA GLU K 341 -6.70 -89.63 27.47
C GLU K 341 -6.54 -89.92 25.99
N ARG K 342 -7.60 -89.73 25.20
CA ARG K 342 -7.47 -89.90 23.75
C ARG K 342 -6.64 -88.78 23.15
N TYR K 343 -6.86 -87.54 23.60
CA TYR K 343 -6.04 -86.42 23.16
C TYR K 343 -4.57 -86.65 23.51
N ASN K 344 -4.32 -87.03 24.75
CA ASN K 344 -2.95 -87.34 25.15
C ASN K 344 -2.37 -88.45 24.29
N GLU K 345 -3.16 -89.48 24.00
CA GLU K 345 -2.66 -90.59 23.20
C GLU K 345 -2.38 -90.17 21.78
N GLY K 346 -3.14 -89.22 21.26
CA GLY K 346 -2.80 -88.67 19.95
C GLY K 346 -1.46 -87.97 19.96
N TRP K 347 -1.19 -87.20 21.02
CA TRP K 347 0.12 -86.56 21.11
C TRP K 347 1.24 -87.60 21.27
N ARG K 348 0.99 -88.62 22.08
CA ARG K 348 1.96 -89.71 22.22
C ARG K 348 2.21 -90.38 20.88
N LYS K 349 1.16 -90.58 20.09
CA LYS K 349 1.32 -91.19 18.77
C LYS K 349 2.15 -90.32 17.86
N LEU K 350 1.92 -89.01 17.88
CA LEU K 350 2.71 -88.12 17.05
C LEU K 350 4.18 -88.16 17.46
N ILE K 351 4.46 -88.20 18.76
CA ILE K 351 5.85 -88.27 19.20
C ILE K 351 6.46 -89.61 18.81
N GLU K 352 5.72 -90.69 18.95
CA GLU K 352 6.23 -91.99 18.54
C GLU K 352 6.52 -92.01 17.05
N GLY K 353 5.66 -91.38 16.25
CA GLY K 353 5.92 -91.31 14.83
C GLY K 353 7.14 -90.49 14.50
N LEU K 354 7.34 -89.38 15.21
CA LEU K 354 8.54 -88.58 15.03
C LEU K 354 9.78 -89.39 15.36
N ARG K 355 9.72 -90.17 16.43
CA ARG K 355 10.85 -91.03 16.80
C ARG K 355 11.13 -92.05 15.71
N CYS K 356 10.07 -92.70 15.20
CA CYS K 356 10.25 -93.68 14.14
C CYS K 356 10.85 -93.04 12.90
N TYR K 357 10.37 -91.85 12.53
CA TYR K 357 10.88 -91.19 11.33
C TYR K 357 12.31 -90.72 11.52
N SER K 358 12.71 -90.43 12.76
CA SER K 358 14.11 -90.11 13.01
C SER K 358 14.98 -91.35 12.89
N GLU K 359 14.46 -92.51 13.31
CA GLU K 359 15.23 -93.73 13.15
C GLU K 359 15.33 -94.13 11.68
N ARG K 360 14.25 -93.96 10.92
CA ARG K 360 14.31 -94.21 9.49
C ARG K 360 15.22 -93.23 8.79
N LYS K 361 15.32 -92.01 9.31
CA LYS K 361 16.27 -91.01 8.83
C LYS K 361 17.53 -90.97 9.68
N ARG K 362 17.92 -92.11 10.25
CA ARG K 362 19.01 -92.24 11.21
C ARG K 362 20.21 -91.38 10.84
N GLU K 363 20.52 -91.29 9.55
CA GLU K 363 21.67 -90.54 9.07
C GLU K 363 21.17 -89.37 8.23
N ASP K 364 20.88 -88.25 8.89
CA ASP K 364 20.64 -86.96 8.26
C ASP K 364 20.58 -85.90 9.34
N GLY K 365 21.26 -84.79 9.10
CA GLY K 365 21.47 -83.77 10.12
C GLY K 365 20.25 -83.35 10.90
N PHE K 366 19.29 -82.72 10.23
CA PHE K 366 18.09 -82.27 10.92
C PHE K 366 17.37 -83.42 11.61
N TRP K 367 17.58 -84.65 11.17
CA TRP K 367 17.02 -85.81 11.83
C TRP K 367 18.01 -86.51 12.73
N ASN K 368 19.31 -86.23 12.59
CA ASN K 368 20.27 -86.67 13.59
C ASN K 368 20.11 -85.89 14.89
N LEU K 369 19.35 -84.81 14.89
CA LEU K 369 19.06 -84.07 16.12
C LEU K 369 17.80 -84.58 16.80
N VAL K 370 16.70 -84.70 16.05
CA VAL K 370 15.47 -85.22 16.64
C VAL K 370 15.68 -86.65 17.10
N CYS K 371 16.47 -87.43 16.36
CA CYS K 371 16.87 -88.74 16.86
C CYS K 371 17.65 -88.64 18.15
N ARG K 372 18.35 -87.52 18.36
CA ARG K 372 19.12 -87.32 19.58
C ARG K 372 18.27 -86.78 20.71
N VAL K 373 17.41 -85.80 20.42
CA VAL K 373 16.62 -85.19 21.49
C VAL K 373 15.50 -86.12 21.95
N LEU K 374 14.86 -86.83 21.02
CA LEU K 374 13.79 -87.74 21.39
C LEU K 374 14.30 -88.92 22.22
N LYS K 375 15.60 -88.97 22.49
CA LYS K 375 16.14 -89.82 23.54
C LYS K 375 16.77 -89.04 24.67
N LEU K 376 17.18 -87.79 24.43
CA LEU K 376 17.73 -86.97 25.52
C LEU K 376 16.68 -86.71 26.58
N THR K 377 15.44 -86.51 26.18
CA THR K 377 14.35 -86.31 27.13
C THR K 377 13.06 -86.84 26.53
N GLU K 378 12.38 -87.69 27.30
CA GLU K 378 11.11 -88.26 26.87
C GLU K 378 10.07 -88.06 27.96
N ASP K 379 10.55 -88.07 29.21
CA ASP K 379 9.69 -87.78 30.35
C ASP K 379 8.97 -86.45 30.18
N LEU K 380 9.66 -85.45 29.63
CA LEU K 380 9.05 -84.14 29.46
C LEU K 380 7.99 -84.17 28.37
N LEU K 381 8.27 -84.80 27.26
CA LEU K 381 7.38 -84.77 26.10
C LEU K 381 6.15 -85.65 26.27
N GLN K 382 6.01 -86.33 27.40
CA GLN K 382 4.83 -87.17 27.61
C GLN K 382 3.55 -86.35 27.67
N THR K 383 3.62 -85.04 27.82
CA THR K 383 2.45 -84.19 27.95
C THR K 383 2.21 -83.41 26.68
N THR K 384 0.93 -83.18 26.38
CA THR K 384 0.56 -82.44 25.19
C THR K 384 1.12 -81.01 25.25
N PRO K 385 1.36 -80.40 24.10
CA PRO K 385 1.70 -78.97 24.08
C PRO K 385 0.49 -78.05 24.00
N LEU K 386 -0.71 -78.56 24.27
CA LEU K 386 -1.91 -77.74 24.24
C LEU K 386 -2.99 -78.42 25.07
N ASN K 387 -3.51 -77.71 26.07
CA ASN K 387 -4.53 -78.25 26.94
C ASN K 387 -5.92 -77.97 26.36
N ILE K 388 -6.82 -78.92 26.53
CA ILE K 388 -8.20 -78.75 26.15
C ILE K 388 -9.05 -78.53 27.39
N ARG K 389 -10.29 -78.09 27.18
CA ARG K 389 -11.20 -77.72 28.25
C ARG K 389 -12.55 -78.36 27.96
N VAL K 390 -12.92 -79.34 28.78
CA VAL K 390 -14.04 -80.23 28.50
C VAL K 390 -15.07 -80.11 29.61
N LYS K 391 -16.33 -79.97 29.23
CA LYS K 391 -17.48 -80.08 30.11
C LYS K 391 -18.41 -81.17 29.59
N GLN K 392 -19.48 -81.44 30.34
CA GLN K 392 -20.42 -82.49 29.97
C GLN K 392 -21.72 -82.26 30.72
N VAL K 393 -22.80 -82.00 30.00
CA VAL K 393 -24.10 -81.79 30.62
C VAL K 393 -24.98 -83.01 30.35
N SER K 394 -25.90 -83.26 31.27
CA SER K 394 -26.64 -84.52 31.33
C SER K 394 -28.13 -84.28 31.20
N VAL K 395 -28.81 -85.27 30.59
CA VAL K 395 -30.27 -85.26 30.46
C VAL K 395 -30.78 -86.66 30.81
N THR K 396 -31.98 -86.71 31.38
CA THR K 396 -32.60 -87.95 31.83
C THR K 396 -34.01 -88.05 31.27
N GLU K 397 -34.49 -89.29 31.10
CA GLU K 397 -35.81 -89.54 30.54
C GLU K 397 -36.92 -88.78 31.25
N ASP K 398 -36.72 -88.41 32.51
CA ASP K 398 -37.70 -87.58 33.20
C ASP K 398 -37.89 -86.21 32.56
N GLU K 399 -37.03 -85.84 31.60
CA GLU K 399 -37.14 -84.57 30.92
C GLU K 399 -37.56 -84.68 29.46
N ILE K 400 -37.71 -85.88 28.93
CA ILE K 400 -38.23 -86.04 27.57
C ILE K 400 -39.70 -86.47 27.60
N PHE K 401 -40.05 -87.41 28.46
CA PHE K 401 -41.38 -87.98 28.48
C PHE K 401 -41.99 -87.87 29.87
N ASN K 402 -43.32 -87.89 29.92
CA ASN K 402 -44.06 -87.93 31.17
C ASN K 402 -44.72 -89.31 31.25
N ASN K 403 -43.93 -90.27 31.71
CA ASN K 403 -44.26 -91.66 32.03
C ASN K 403 -44.50 -92.58 30.84
N ASN K 404 -44.83 -92.05 29.65
CA ASN K 404 -44.54 -92.80 28.43
C ASN K 404 -44.33 -91.91 27.22
N LYS K 405 -44.94 -90.73 27.23
CA LYS K 405 -45.20 -89.97 26.03
C LYS K 405 -44.55 -88.59 26.13
N LEU K 406 -44.38 -87.97 24.96
CA LEU K 406 -43.74 -86.66 24.83
C LEU K 406 -44.21 -85.70 25.91
N ARG K 407 -43.27 -85.24 26.71
CA ARG K 407 -43.57 -84.37 27.85
C ARG K 407 -43.63 -82.92 27.39
N SER K 408 -44.35 -82.12 28.17
CA SER K 408 -44.36 -80.68 27.95
C SER K 408 -42.98 -80.11 28.26
N ASP K 409 -42.72 -78.92 27.70
CA ASP K 409 -41.47 -78.20 27.83
C ASP K 409 -40.29 -78.93 27.20
N SER K 410 -40.53 -80.02 26.47
CA SER K 410 -39.46 -80.73 25.81
C SER K 410 -38.77 -79.88 24.75
N TRP K 411 -39.43 -78.86 24.22
CA TRP K 411 -38.76 -77.91 23.37
C TRP K 411 -37.74 -77.09 24.14
N LYS K 412 -37.99 -76.87 25.44
CA LYS K 412 -37.18 -75.95 26.22
C LYS K 412 -35.85 -76.57 26.64
N ILE K 413 -35.78 -77.90 26.73
CA ILE K 413 -34.65 -78.53 27.42
C ILE K 413 -33.36 -78.31 26.63
N TYR K 414 -33.35 -78.72 25.36
CA TYR K 414 -32.13 -78.61 24.56
C TYR K 414 -31.57 -77.19 24.62
N ASP K 415 -32.44 -76.19 24.51
CA ASP K 415 -32.02 -74.81 24.71
C ASP K 415 -31.42 -74.62 26.10
N ASN K 416 -32.11 -75.14 27.13
CA ASN K 416 -31.61 -75.00 28.49
C ASN K 416 -30.32 -75.78 28.68
N LYS K 417 -30.21 -76.94 28.03
CA LYS K 417 -28.96 -77.71 28.14
C LYS K 417 -27.80 -76.96 27.50
N TYR K 418 -28.03 -76.36 26.35
CA TYR K 418 -26.97 -75.60 25.71
C TYR K 418 -26.58 -74.39 26.54
N ARG K 419 -27.56 -73.74 27.16
CA ARG K 419 -27.24 -72.67 28.09
C ARG K 419 -26.39 -73.18 29.24
N GLN K 420 -26.73 -74.36 29.78
CA GLN K 420 -25.93 -74.95 30.85
C GLN K 420 -24.49 -75.15 30.39
N LEU K 421 -24.31 -75.68 29.19
CA LEU K 421 -22.97 -75.98 28.70
C LEU K 421 -22.17 -74.70 28.48
N VAL K 422 -22.79 -73.69 27.86
CA VAL K 422 -22.06 -72.45 27.63
C VAL K 422 -21.75 -71.75 28.94
N SER K 423 -22.59 -71.91 29.96
CA SER K 423 -22.28 -71.29 31.24
C SER K 423 -21.21 -72.07 32.00
N GLU K 424 -21.14 -73.38 31.79
CA GLU K 424 -20.01 -74.13 32.30
C GLU K 424 -18.72 -73.67 31.64
N PHE K 425 -18.77 -73.37 30.35
CA PHE K 425 -17.57 -72.92 29.66
C PHE K 425 -17.15 -71.54 30.14
N LYS K 426 -18.06 -70.57 30.07
CA LYS K 426 -17.74 -69.22 30.52
C LYS K 426 -17.36 -69.19 32.00
N LYS K 427 -17.68 -70.23 32.75
CA LYS K 427 -17.21 -70.33 34.13
C LYS K 427 -15.79 -70.88 34.19
N SER K 428 -15.35 -71.56 33.15
CA SER K 428 -13.98 -72.06 33.08
C SER K 428 -13.03 -71.10 32.40
N LYS K 429 -13.56 -70.13 31.64
CA LYS K 429 -12.69 -69.12 31.04
C LYS K 429 -12.05 -68.25 32.11
N LEU K 430 -12.67 -68.14 33.28
CA LEU K 430 -12.21 -67.25 34.32
C LEU K 430 -10.83 -67.63 34.86
N VAL K 431 -10.37 -68.85 34.60
CA VAL K 431 -9.03 -69.27 34.99
C VAL K 431 -8.35 -69.83 33.76
N LYS K 432 -7.25 -69.22 33.35
CA LYS K 432 -6.48 -69.70 32.21
C LYS K 432 -5.31 -70.53 32.72
N VAL K 433 -5.14 -71.72 32.14
CA VAL K 433 -4.08 -72.64 32.52
C VAL K 433 -3.22 -72.83 31.30
N THR K 434 -2.07 -72.17 31.26
CA THR K 434 -1.17 -72.35 30.14
C THR K 434 -0.64 -73.78 30.14
N PRO K 435 -0.64 -74.47 29.01
CA PRO K 435 -0.21 -75.88 29.01
C PRO K 435 1.18 -76.10 29.54
N GLU K 436 2.05 -75.10 29.46
CA GLU K 436 3.40 -75.25 30.01
C GLU K 436 3.35 -75.56 31.49
N SER K 437 2.33 -75.07 32.19
CA SER K 437 2.22 -75.31 33.62
C SER K 437 2.17 -76.80 33.94
N ARG K 438 1.72 -77.62 32.99
CA ARG K 438 1.58 -79.04 33.25
C ARG K 438 2.92 -79.71 33.47
N LEU K 439 3.96 -79.26 32.77
CA LEU K 439 5.26 -79.89 32.85
C LEU K 439 5.84 -79.78 34.26
N LYS K 440 6.82 -80.64 34.54
CA LYS K 440 7.49 -80.68 35.83
C LYS K 440 8.95 -80.33 35.62
N LEU K 441 9.38 -79.20 36.18
CA LEU K 441 10.73 -78.72 35.93
C LEU K 441 11.53 -78.40 37.18
N PHE K 442 10.97 -78.55 38.37
CA PHE K 442 11.69 -78.17 39.58
C PHE K 442 12.91 -79.06 39.80
N GLU K 443 12.84 -80.32 39.39
CA GLU K 443 13.98 -81.20 39.59
C GLU K 443 15.12 -80.86 38.64
N LEU K 444 14.79 -80.58 37.38
CA LEU K 444 15.82 -80.27 36.40
C LEU K 444 16.43 -78.90 36.67
N THR K 445 15.60 -77.86 36.70
CA THR K 445 16.10 -76.50 36.75
C THR K 445 16.74 -76.13 38.08
N LYS K 446 16.74 -77.04 39.06
CA LYS K 446 17.44 -76.77 40.31
C LYS K 446 18.83 -77.40 40.35
N PHE K 447 19.07 -78.44 39.58
CA PHE K 447 20.37 -79.10 39.52
C PHE K 447 20.89 -79.07 38.08
N ASP K 448 22.02 -79.74 37.87
CA ASP K 448 22.60 -79.87 36.54
C ASP K 448 21.94 -81.06 35.85
N LYS K 449 20.70 -80.85 35.39
CA LYS K 449 19.93 -81.91 34.79
C LYS K 449 19.35 -81.56 33.42
N LEU K 450 19.68 -80.41 32.87
CA LEU K 450 19.06 -80.01 31.62
C LEU K 450 19.86 -80.51 30.44
N PRO K 451 19.25 -81.19 29.48
CA PRO K 451 19.96 -81.64 28.27
C PRO K 451 20.12 -80.51 27.27
N GLN K 452 21.34 -79.99 27.16
CA GLN K 452 21.65 -78.94 26.21
C GLN K 452 22.56 -79.49 25.12
N ILE K 453 22.14 -79.35 23.90
CA ILE K 453 22.98 -79.60 22.74
C ILE K 453 23.60 -78.28 22.32
N GLY K 454 24.80 -78.33 21.76
CA GLY K 454 25.50 -77.10 21.44
C GLY K 454 26.05 -76.46 22.70
N GLU K 455 25.90 -75.14 22.78
CA GLU K 455 26.38 -74.41 23.95
C GLU K 455 25.53 -74.74 25.16
N LYS K 456 26.13 -75.42 26.13
CA LYS K 456 25.51 -75.61 27.45
C LYS K 456 25.74 -74.35 28.25
N SER K 457 24.69 -73.54 28.40
CA SER K 457 24.82 -72.26 29.09
C SER K 457 25.28 -72.46 30.52
N LYS K 458 26.41 -71.83 30.87
CA LYS K 458 26.98 -71.99 32.19
C LYS K 458 26.12 -71.38 33.29
N ARG K 459 25.07 -70.62 32.93
CA ARG K 459 24.20 -69.97 33.91
C ARG K 459 22.88 -70.71 34.08
N GLY K 460 22.94 -72.03 34.08
CA GLY K 460 21.75 -72.83 34.23
C GLY K 460 21.15 -73.24 32.91
N TYR K 461 20.53 -72.30 32.21
CA TYR K 461 19.86 -72.60 30.95
C TYR K 461 19.42 -71.30 30.32
N GLU K 462 18.86 -71.39 29.13
CA GLU K 462 18.24 -70.27 28.44
C GLU K 462 16.85 -70.68 28.00
N PHE K 463 16.11 -69.72 27.47
CA PHE K 463 14.74 -69.97 27.03
C PHE K 463 14.68 -70.15 25.52
N CYS K 464 13.58 -70.74 25.07
CA CYS K 464 13.37 -70.90 23.64
C CYS K 464 13.18 -69.55 22.97
N THR K 465 13.73 -69.40 21.78
CA THR K 465 13.51 -68.19 20.99
C THR K 465 12.22 -68.23 20.20
N SER K 466 11.44 -69.30 20.34
CA SER K 466 10.12 -69.38 19.73
C SER K 466 9.02 -69.48 20.77
N CYS K 467 9.12 -70.42 21.70
CA CYS K 467 8.15 -70.48 22.79
C CYS K 467 8.31 -69.30 23.73
N GLY K 468 9.56 -68.89 23.98
CA GLY K 468 9.86 -67.77 24.83
C GLY K 468 9.98 -68.10 26.30
N VAL K 469 9.23 -69.09 26.78
CA VAL K 469 9.09 -69.36 28.20
C VAL K 469 9.85 -70.61 28.62
N LEU K 470 9.89 -71.63 27.77
CA LEU K 470 10.44 -72.87 28.29
C LEU K 470 11.93 -72.98 28.02
N PRO K 471 12.66 -73.67 28.90
CA PRO K 471 14.10 -73.83 28.69
C PRO K 471 14.40 -74.62 27.42
N ALA K 472 15.17 -74.01 26.53
CA ALA K 472 15.53 -74.66 25.28
C ALA K 472 16.51 -75.80 25.54
N VAL K 473 16.52 -76.76 24.62
CA VAL K 473 17.42 -77.89 24.69
C VAL K 473 18.52 -77.85 23.64
N VAL K 474 18.41 -76.96 22.65
CA VAL K 474 19.38 -76.87 21.57
C VAL K 474 19.89 -75.43 21.50
N ILE K 475 21.17 -75.28 21.20
CA ILE K 475 21.81 -73.97 21.13
C ILE K 475 22.78 -73.99 19.95
N MET K 476 22.48 -73.25 18.89
CA MET K 476 23.45 -73.11 17.81
C MET K 476 24.20 -71.79 17.95
N PRO K 477 25.51 -71.79 17.77
CA PRO K 477 26.28 -70.55 17.96
C PRO K 477 25.81 -69.41 17.09
N LYS K 478 26.14 -68.19 17.48
CA LYS K 478 25.71 -67.03 16.72
C LYS K 478 26.64 -66.75 15.54
N GLU K 479 27.91 -66.48 15.82
CA GLU K 479 28.89 -66.27 14.75
C GLU K 479 30.29 -66.41 15.32
N ASP K 480 30.99 -67.49 14.96
CA ASP K 480 32.45 -67.54 14.99
C ASP K 480 32.99 -67.74 13.59
N GLU K 481 32.60 -68.83 12.92
CA GLU K 481 32.59 -68.90 11.47
C GLU K 481 31.34 -69.58 10.94
N LEU K 482 30.46 -70.05 11.82
CA LEU K 482 29.15 -70.63 11.51
C LEU K 482 29.26 -71.99 10.83
N GLU K 483 30.45 -72.54 10.68
CA GLU K 483 30.60 -73.93 10.22
C GLU K 483 31.31 -74.79 11.25
N LYS K 484 32.50 -74.38 11.71
CA LYS K 484 33.31 -75.24 12.58
C LYS K 484 32.58 -75.56 13.88
N LYS K 485 32.02 -74.52 14.52
CA LYS K 485 31.47 -74.67 15.86
C LYS K 485 30.38 -75.75 15.92
N LEU K 486 29.74 -76.03 14.80
CA LEU K 486 28.77 -77.13 14.76
C LEU K 486 29.48 -78.47 14.93
N ILE K 487 30.68 -78.60 14.35
CA ILE K 487 31.45 -79.82 14.54
C ILE K 487 32.04 -79.87 15.94
N ASP K 488 32.57 -78.74 16.42
CA ASP K 488 33.19 -78.72 17.74
C ASP K 488 32.22 -79.16 18.83
N LEU K 489 31.02 -78.61 18.83
CA LEU K 489 30.05 -78.89 19.88
C LEU K 489 29.06 -79.96 19.43
N GLY K 490 29.60 -81.15 19.17
CA GLY K 490 28.84 -82.38 19.01
C GLY K 490 27.52 -82.32 18.27
N ILE K 491 27.47 -81.66 17.12
CA ILE K 491 26.27 -81.63 16.30
C ILE K 491 26.58 -82.08 14.88
N ALA K 492 27.55 -81.43 14.25
CA ALA K 492 27.79 -81.60 12.83
C ALA K 492 28.68 -82.79 12.52
N ARG K 493 29.91 -82.79 13.02
CA ARG K 493 30.86 -83.90 12.96
C ARG K 493 31.22 -84.24 11.51
N ASP K 494 30.62 -83.55 10.56
CA ASP K 494 30.90 -83.71 9.14
C ASP K 494 30.21 -82.56 8.40
N GLU K 495 30.18 -82.65 7.08
CA GLU K 495 29.53 -81.62 6.26
C GLU K 495 28.20 -82.06 5.65
N LYS K 496 27.97 -83.37 5.51
CA LYS K 496 26.75 -83.84 4.86
C LYS K 496 25.51 -83.50 5.67
N ASP K 497 25.66 -83.20 6.96
CA ASP K 497 24.52 -82.96 7.83
C ASP K 497 24.41 -81.51 8.31
N VAL K 498 25.54 -80.84 8.55
CA VAL K 498 25.51 -79.42 8.88
C VAL K 498 24.78 -78.63 7.81
N ARG K 499 24.72 -79.15 6.58
CA ARG K 499 23.90 -78.54 5.55
C ARG K 499 22.44 -78.44 6.01
N SER K 500 21.82 -79.58 6.31
CA SER K 500 20.44 -79.56 6.78
C SER K 500 20.30 -78.77 8.07
N ILE K 501 21.32 -78.84 8.94
CA ILE K 501 21.29 -78.08 10.19
C ILE K 501 21.11 -76.60 9.90
N LYS K 502 22.06 -76.00 9.18
CA LYS K 502 21.96 -74.60 8.83
C LYS K 502 20.76 -74.30 7.95
N ASN K 503 20.19 -75.31 7.31
CA ASN K 503 19.08 -75.06 6.40
C ASN K 503 17.75 -74.97 7.12
N MET K 504 17.53 -75.80 8.14
CA MET K 504 16.21 -75.89 8.76
C MET K 504 16.09 -75.10 10.05
N ILE K 505 17.19 -74.82 10.75
CA ILE K 505 17.18 -74.00 11.95
C ILE K 505 18.37 -73.05 11.88
N SER K 506 18.09 -71.76 11.77
CA SER K 506 19.15 -70.78 11.57
C SER K 506 20.05 -70.68 12.80
N PRO K 507 21.34 -70.45 12.62
CA PRO K 507 22.22 -70.29 13.78
C PRO K 507 21.77 -69.15 14.67
N GLY K 508 22.10 -69.26 15.95
CA GLY K 508 21.57 -68.34 16.93
C GLY K 508 20.16 -68.64 17.36
N GLU K 509 19.68 -69.85 17.13
CA GLU K 509 18.34 -70.27 17.52
C GLU K 509 18.41 -71.14 18.77
N ARG K 510 17.38 -71.02 19.60
CA ARG K 510 17.23 -71.82 20.81
C ARG K 510 15.80 -72.34 20.85
N LEU K 511 15.65 -73.67 20.78
CA LEU K 511 14.34 -74.29 20.69
C LEU K 511 14.10 -75.18 21.90
N CYS K 512 12.94 -74.99 22.53
CA CYS K 512 12.49 -75.93 23.54
C CYS K 512 12.12 -77.23 22.86
N PRO K 513 11.88 -78.29 23.62
CA PRO K 513 11.42 -79.54 23.00
C PRO K 513 10.21 -79.34 22.09
N TRP K 514 9.23 -78.56 22.53
CA TRP K 514 7.99 -78.45 21.77
C TRP K 514 8.20 -77.68 20.46
N CYS K 515 8.92 -76.56 20.52
CA CYS K 515 9.20 -75.84 19.28
C CYS K 515 10.14 -76.62 18.39
N LEU K 516 11.01 -77.46 18.97
CA LEU K 516 11.83 -78.33 18.15
C LEU K 516 10.96 -79.32 17.39
N VAL K 517 9.97 -79.91 18.08
CA VAL K 517 9.00 -80.77 17.42
C VAL K 517 8.28 -80.00 16.32
N LYS K 518 7.99 -78.73 16.57
CA LYS K 518 7.31 -77.93 15.55
C LYS K 518 8.17 -77.75 14.32
N ARG K 519 9.45 -77.44 14.50
CA ARG K 519 10.33 -77.35 13.35
C ARG K 519 10.43 -78.68 12.61
N ALA K 520 10.49 -79.79 13.36
CA ALA K 520 10.52 -81.10 12.75
C ALA K 520 9.32 -81.33 11.87
N LEU K 521 8.12 -81.10 12.42
CA LEU K 521 6.91 -81.31 11.63
C LEU K 521 6.85 -80.36 10.44
N GLY K 522 7.25 -79.11 10.62
CA GLY K 522 7.33 -78.19 9.49
C GLY K 522 8.35 -78.58 8.45
N ALA K 523 9.24 -79.50 8.77
CA ALA K 523 10.10 -80.12 7.77
C ALA K 523 9.58 -81.46 7.29
N GLU K 524 8.43 -81.91 7.79
CA GLU K 524 7.85 -83.20 7.39
C GLU K 524 6.37 -83.21 7.74
N PRO K 525 5.54 -82.58 6.90
CA PRO K 525 4.12 -82.44 7.27
C PRO K 525 3.35 -83.74 7.27
N ARG K 526 3.72 -84.70 6.42
CA ARG K 526 2.93 -85.92 6.25
C ARG K 526 2.68 -86.63 7.57
N LEU K 527 3.60 -86.49 8.53
CA LEU K 527 3.45 -87.17 9.81
C LEU K 527 2.14 -86.84 10.50
N MET K 528 1.46 -85.77 10.09
CA MET K 528 0.20 -85.44 10.73
C MET K 528 -0.84 -86.54 10.50
N ARG K 529 -0.74 -87.26 9.38
CA ARG K 529 -1.59 -88.42 9.16
C ARG K 529 -1.62 -89.33 10.38
N ILE K 530 -0.50 -89.40 11.12
CA ILE K 530 -0.40 -90.27 12.28
C ILE K 530 -1.55 -90.06 13.24
N LEU K 531 -1.96 -88.80 13.43
CA LEU K 531 -3.12 -88.51 14.25
C LEU K 531 -4.28 -87.98 13.43
N LEU K 532 -4.12 -87.90 12.12
CA LEU K 532 -5.19 -87.40 11.28
C LEU K 532 -6.19 -88.48 10.89
N LEU K 533 -5.80 -89.75 11.00
CA LEU K 533 -6.71 -90.85 10.63
C LEU K 533 -7.48 -91.34 11.85
N GLY K 534 -6.77 -91.87 12.84
CA GLY K 534 -7.37 -92.16 14.13
C GLY K 534 -7.87 -93.58 14.23
N ASP K 535 -7.09 -94.45 14.89
CA ASP K 535 -7.37 -95.88 14.94
C ASP K 535 -7.88 -96.40 13.61
N LEU K 536 -7.13 -96.07 12.55
CA LEU K 536 -7.45 -96.53 11.21
C LEU K 536 -6.26 -97.13 10.49
N TYR K 537 -5.04 -96.87 10.94
CA TYR K 537 -3.85 -97.51 10.39
C TYR K 537 -3.00 -98.03 11.53
N SER K 538 -1.76 -98.40 11.22
CA SER K 538 -0.79 -98.73 12.27
C SER K 538 0.10 -97.52 12.50
N VAL K 539 0.61 -97.41 13.73
CA VAL K 539 1.49 -96.31 14.09
C VAL K 539 2.78 -96.31 13.27
N GLU K 540 3.05 -97.39 12.52
CA GLU K 540 4.18 -97.43 11.61
C GLU K 540 3.80 -97.53 10.15
N LYS K 541 2.58 -97.98 9.84
CA LYS K 541 2.15 -98.04 8.45
C LYS K 541 2.31 -96.69 7.75
N ILE K 542 1.90 -95.62 8.43
CA ILE K 542 1.93 -94.31 7.82
C ILE K 542 3.35 -93.87 7.52
N VAL K 543 4.24 -93.98 8.52
CA VAL K 543 5.62 -93.55 8.30
C VAL K 543 6.29 -94.44 7.25
N ASN K 544 5.84 -95.70 7.12
CA ASN K 544 6.35 -96.53 6.04
C ASN K 544 5.91 -95.99 4.68
N GLU K 545 4.63 -95.58 4.57
CA GLU K 545 4.18 -94.96 3.33
C GLU K 545 4.95 -93.67 3.06
N ILE K 546 5.36 -92.97 4.13
CA ILE K 546 6.08 -91.71 3.95
C ILE K 546 7.50 -91.98 3.45
N VAL K 547 8.13 -93.03 3.97
CA VAL K 547 9.50 -93.34 3.56
C VAL K 547 9.52 -93.73 2.08
N SER K 548 8.49 -94.43 1.62
CA SER K 548 8.41 -94.94 0.27
C SER K 548 8.06 -93.88 -0.77
N ARG K 549 8.17 -92.60 -0.40
CA ARG K 549 7.90 -91.49 -1.31
C ARG K 549 8.91 -90.39 -1.03
N ASP K 550 8.89 -89.37 -1.88
CA ASP K 550 9.73 -88.18 -1.69
C ASP K 550 8.91 -86.93 -1.96
N VAL K 551 7.72 -86.88 -1.37
CA VAL K 551 6.81 -85.76 -1.60
C VAL K 551 7.36 -84.54 -0.86
N LYS K 552 8.09 -83.70 -1.59
CA LYS K 552 8.64 -82.49 -1.01
C LYS K 552 7.57 -81.40 -0.95
N ILE K 553 7.53 -80.69 0.15
CA ILE K 553 6.56 -79.61 0.35
C ILE K 553 7.30 -78.31 0.57
N GLU K 554 6.97 -77.31 -0.24
CA GLU K 554 7.48 -75.96 -0.08
C GLU K 554 6.41 -75.14 0.63
N ILE K 555 6.84 -74.21 1.47
CA ILE K 555 5.91 -73.42 2.26
C ILE K 555 6.30 -71.95 2.16
N PRO K 556 5.36 -71.06 1.86
CA PRO K 556 5.71 -69.64 1.74
C PRO K 556 6.22 -69.06 3.04
N SER K 557 7.22 -68.20 2.92
CA SER K 557 7.73 -67.44 4.05
C SER K 557 7.02 -66.10 4.12
N THR K 558 7.53 -65.20 4.95
CA THR K 558 7.05 -63.83 4.93
C THR K 558 7.66 -63.05 3.78
N SER K 559 8.97 -63.19 3.59
CA SER K 559 9.61 -62.57 2.44
C SER K 559 9.12 -63.16 1.14
N ASP K 560 8.65 -64.42 1.16
CA ASP K 560 8.07 -65.01 -0.04
C ASP K 560 6.80 -64.29 -0.44
N ILE K 561 5.85 -64.18 0.49
CA ILE K 561 4.58 -63.54 0.18
C ILE K 561 4.74 -62.04 0.01
N ALA K 562 5.81 -61.46 0.53
CA ALA K 562 6.08 -60.05 0.27
C ALA K 562 6.54 -59.79 -1.16
N SER K 563 6.54 -60.79 -2.03
CA SER K 563 7.15 -60.65 -3.34
C SER K 563 6.33 -61.30 -4.44
N ILE K 564 5.01 -61.32 -4.29
CA ILE K 564 4.17 -61.93 -5.32
C ILE K 564 4.25 -61.13 -6.62
N LYS K 565 4.15 -59.81 -6.51
CA LYS K 565 4.07 -58.99 -7.70
C LYS K 565 5.36 -59.06 -8.50
N THR K 566 6.51 -59.03 -7.83
CA THR K 566 7.77 -59.12 -8.54
C THR K 566 7.97 -60.51 -9.13
N PHE K 567 7.51 -61.53 -8.42
CA PHE K 567 7.46 -62.87 -9.01
C PHE K 567 6.71 -62.84 -10.33
N GLU K 568 5.50 -62.28 -10.32
CA GLU K 568 4.69 -62.29 -11.53
C GLU K 568 5.24 -61.38 -12.62
N GLU K 569 6.01 -60.36 -12.25
CA GLU K 569 6.64 -59.54 -13.28
C GLU K 569 7.86 -60.23 -13.90
N MET K 570 8.60 -60.98 -13.11
CA MET K 570 9.62 -61.85 -13.69
C MET K 570 8.99 -62.91 -14.57
N ILE K 571 7.78 -63.35 -14.22
CA ILE K 571 7.11 -64.36 -15.02
C ILE K 571 6.61 -63.76 -16.33
N GLU K 572 6.07 -62.54 -16.29
CA GLU K 572 5.61 -61.91 -17.53
C GLU K 572 6.78 -61.43 -18.36
N LYS K 573 7.91 -61.13 -17.73
CA LYS K 573 9.15 -60.81 -18.44
C LYS K 573 10.07 -62.01 -18.54
N LYS K 574 9.50 -63.22 -18.60
CA LYS K 574 10.31 -64.43 -18.60
C LYS K 574 11.28 -64.49 -19.77
N ASN K 575 10.95 -63.86 -20.89
CA ASN K 575 11.69 -64.06 -22.12
C ASN K 575 12.84 -63.06 -22.31
N GLU K 576 12.86 -61.96 -21.57
CA GLU K 576 13.92 -60.97 -21.72
C GLU K 576 14.66 -60.73 -20.42
N ILE K 577 14.47 -61.59 -19.42
CA ILE K 577 15.08 -61.42 -18.12
C ILE K 577 16.15 -62.47 -17.85
N CYS K 578 15.96 -63.69 -18.33
CA CYS K 578 16.91 -64.75 -18.05
C CYS K 578 18.26 -64.50 -18.68
N GLU K 579 18.32 -63.67 -19.73
CA GLU K 579 19.61 -63.24 -20.26
C GLU K 579 20.41 -62.51 -19.20
N ASP K 580 19.86 -61.40 -18.68
CA ASP K 580 20.50 -60.72 -17.58
C ASP K 580 20.58 -61.59 -16.33
N LEU K 581 19.73 -62.61 -16.25
CA LEU K 581 19.80 -63.59 -15.18
C LEU K 581 20.75 -64.71 -15.58
N LYS K 582 20.68 -65.83 -14.86
CA LYS K 582 21.40 -67.09 -15.10
C LYS K 582 22.87 -67.01 -14.67
N GLU K 583 23.39 -65.86 -14.26
CA GLU K 583 24.68 -65.84 -13.59
C GLU K 583 24.54 -65.84 -12.08
N GLU K 584 23.32 -66.07 -11.56
CA GLU K 584 23.07 -66.25 -10.14
C GLU K 584 22.12 -67.40 -9.85
N GLU K 585 21.71 -68.16 -10.87
CA GLU K 585 20.89 -69.36 -10.71
C GLU K 585 19.52 -69.02 -10.12
N VAL K 586 18.79 -68.18 -10.85
CA VAL K 586 17.40 -67.90 -10.56
C VAL K 586 16.46 -68.41 -11.66
N CYS K 587 16.87 -68.31 -12.92
CA CYS K 587 16.11 -68.85 -14.04
C CYS K 587 16.27 -70.36 -14.18
N GLU K 588 16.78 -71.02 -13.14
CA GLU K 588 16.94 -72.46 -13.14
C GLU K 588 15.57 -73.12 -13.00
N LYS K 589 15.55 -74.44 -13.18
CA LYS K 589 14.32 -75.22 -13.08
C LYS K 589 14.54 -76.35 -12.08
N PRO K 590 13.74 -76.44 -11.03
CA PRO K 590 13.84 -77.56 -10.09
C PRO K 590 13.06 -78.77 -10.61
N SER K 591 13.80 -79.84 -10.89
CA SER K 591 13.19 -81.01 -11.50
C SER K 591 12.20 -81.72 -10.59
N GLU K 592 12.33 -81.55 -9.27
CA GLU K 592 11.43 -82.24 -8.36
C GLU K 592 10.04 -81.62 -8.40
N SER K 593 9.06 -82.39 -7.93
CA SER K 593 7.66 -81.97 -7.91
C SER K 593 7.31 -81.55 -6.49
N VAL K 594 7.67 -80.32 -6.14
CA VAL K 594 7.30 -79.76 -4.86
C VAL K 594 5.84 -79.30 -4.91
N LEU K 595 5.08 -79.64 -3.89
CA LEU K 595 3.66 -79.34 -3.84
C LEU K 595 3.38 -78.49 -2.60
N SER K 596 3.34 -77.19 -2.78
CA SER K 596 2.98 -76.29 -1.69
C SER K 596 1.48 -76.28 -1.46
N MET K 597 1.09 -75.93 -0.24
CA MET K 597 -0.32 -75.71 0.07
C MET K 597 -0.77 -74.30 -0.27
N TRP K 598 -0.02 -73.64 -1.14
CA TRP K 598 -0.25 -72.25 -1.53
C TRP K 598 -0.68 -72.23 -2.99
N GLN K 599 -1.99 -72.22 -3.21
CA GLN K 599 -2.57 -72.35 -4.54
C GLN K 599 -1.89 -71.47 -5.58
N TRP K 600 -1.49 -70.27 -5.19
CA TRP K 600 -0.81 -69.39 -6.15
C TRP K 600 0.49 -69.99 -6.62
N PHE K 601 1.17 -70.73 -5.75
CA PHE K 601 2.34 -71.48 -6.18
C PHE K 601 1.94 -72.62 -7.13
N ASN K 602 0.84 -73.29 -6.83
CA ASN K 602 0.38 -74.37 -7.70
C ASN K 602 -0.12 -73.87 -9.05
N LYS K 603 -0.53 -72.60 -9.13
CA LYS K 603 -0.87 -71.98 -10.40
C LYS K 603 0.35 -71.41 -11.11
N ASN K 604 1.53 -71.63 -10.56
CA ASN K 604 2.77 -71.13 -11.12
C ASN K 604 3.81 -72.23 -10.93
N TYR K 605 5.09 -71.86 -11.06
CA TYR K 605 6.26 -72.71 -10.82
C TYR K 605 6.48 -73.66 -11.99
N TYR K 606 5.56 -73.70 -12.95
CA TYR K 606 5.81 -74.28 -14.27
C TYR K 606 5.99 -73.17 -15.30
N ASN K 607 6.55 -72.05 -14.86
CA ASN K 607 6.85 -70.90 -15.72
C ASN K 607 8.33 -70.60 -15.70
N GLY K 608 9.13 -71.66 -15.81
CA GLY K 608 10.59 -71.55 -15.89
C GLY K 608 11.21 -70.64 -14.85
N ILE K 609 10.56 -70.54 -13.69
CA ILE K 609 11.01 -69.67 -12.61
C ILE K 609 11.08 -70.51 -11.34
N ASN K 610 12.23 -70.53 -10.69
CA ASN K 610 12.39 -71.29 -9.46
C ASN K 610 11.72 -70.52 -8.33
N LEU K 611 10.40 -70.64 -8.26
CA LEU K 611 9.65 -70.01 -7.18
C LEU K 611 9.92 -70.63 -5.83
N THR K 612 10.79 -71.65 -5.77
CA THR K 612 11.13 -72.33 -4.53
C THR K 612 12.35 -71.74 -3.86
N ILE K 613 12.58 -70.44 -4.02
CA ILE K 613 13.79 -69.80 -3.52
C ILE K 613 13.44 -68.97 -2.30
N ASP K 614 14.47 -68.38 -1.68
CA ASP K 614 14.31 -67.53 -0.51
C ASP K 614 14.62 -66.10 -0.92
N PRO K 615 13.62 -65.30 -1.29
CA PRO K 615 13.89 -63.94 -1.76
C PRO K 615 14.65 -63.11 -0.75
N GLU K 616 14.56 -63.49 0.52
CA GLU K 616 15.41 -62.89 1.54
C GLU K 616 16.88 -63.00 1.16
N GLU K 617 17.26 -64.13 0.55
CA GLU K 617 18.65 -64.34 0.18
C GLU K 617 19.07 -63.45 -0.99
N TYR K 618 18.22 -63.34 -2.02
CA TYR K 618 18.69 -62.71 -3.25
C TYR K 618 18.40 -61.22 -3.34
N TRP K 619 17.13 -60.84 -3.43
CA TRP K 619 16.79 -59.43 -3.64
C TRP K 619 16.20 -58.79 -2.39
N PHE K 620 16.29 -59.46 -1.26
CA PHE K 620 16.04 -58.84 0.04
C PHE K 620 17.27 -58.91 0.93
N SER K 621 18.40 -59.32 0.39
CA SER K 621 19.66 -59.32 1.12
C SER K 621 20.17 -57.88 1.25
N GLU K 622 21.39 -57.74 1.74
CA GLU K 622 22.01 -56.42 1.91
C GLU K 622 23.06 -56.12 0.85
N LYS K 623 23.65 -57.15 0.24
CA LYS K 623 24.67 -56.96 -0.78
C LYS K 623 24.20 -57.29 -2.19
N ARG K 624 23.23 -58.20 -2.33
CA ARG K 624 22.78 -58.63 -3.64
C ARG K 624 21.62 -57.79 -4.17
N ARG K 625 20.88 -57.09 -3.30
CA ARG K 625 19.79 -56.26 -3.79
C ARG K 625 20.32 -55.11 -4.65
N ARG K 626 21.44 -54.52 -4.26
CA ARG K 626 22.10 -53.53 -5.12
C ARG K 626 22.36 -54.10 -6.50
N TYR K 627 22.55 -55.42 -6.60
CA TYR K 627 22.56 -56.05 -7.90
C TYR K 627 21.19 -56.00 -8.54
N TYR K 628 20.20 -56.60 -7.89
CA TYR K 628 18.93 -56.83 -8.57
C TYR K 628 18.23 -55.54 -8.94
N PHE K 629 18.34 -54.50 -8.10
CA PHE K 629 17.72 -53.23 -8.45
C PHE K 629 18.25 -52.74 -9.79
N SER K 630 19.55 -52.88 -10.03
CA SER K 630 20.09 -52.57 -11.35
C SER K 630 19.38 -53.41 -12.41
N VAL K 631 19.35 -54.73 -12.19
CA VAL K 631 18.60 -55.62 -13.07
C VAL K 631 17.15 -55.16 -13.18
N PHE K 632 16.63 -54.54 -12.13
CA PHE K 632 15.27 -54.03 -12.19
C PHE K 632 15.22 -52.65 -12.84
N ARG K 633 16.24 -51.82 -12.61
CA ARG K 633 16.20 -50.45 -13.09
C ARG K 633 16.18 -50.38 -14.61
N ARG K 634 16.68 -51.42 -15.29
CA ARG K 634 16.69 -51.45 -16.74
C ARG K 634 15.64 -52.37 -17.33
N HIS K 635 14.95 -53.15 -16.51
CA HIS K 635 13.93 -54.05 -17.00
C HIS K 635 12.53 -53.64 -16.58
N ARG K 636 12.38 -52.41 -16.06
CA ARG K 636 11.07 -51.80 -15.83
C ARG K 636 10.21 -52.61 -14.86
N ILE K 637 10.81 -52.96 -13.72
CA ILE K 637 10.11 -53.63 -12.64
C ILE K 637 10.38 -52.87 -11.36
N THR K 638 9.33 -52.65 -10.56
CA THR K 638 9.50 -51.96 -9.29
C THR K 638 10.30 -52.83 -8.33
N PHE K 639 11.14 -52.19 -7.55
CA PHE K 639 11.81 -52.88 -6.46
C PHE K 639 10.75 -53.53 -5.57
N PRO K 640 10.98 -54.75 -5.11
CA PRO K 640 9.95 -55.45 -4.32
C PRO K 640 9.56 -54.67 -3.08
N SER K 641 8.41 -55.03 -2.53
CA SER K 641 7.87 -54.38 -1.35
C SER K 641 8.17 -55.22 -0.13
N PRO K 642 8.97 -54.74 0.81
CA PRO K 642 9.29 -55.51 2.02
C PRO K 642 8.14 -55.51 3.03
N TYR K 643 6.93 -55.75 2.54
CA TYR K 643 5.74 -55.73 3.37
C TYR K 643 4.72 -56.68 2.76
N TYR K 644 4.15 -57.52 3.62
CA TYR K 644 2.98 -58.32 3.29
C TYR K 644 1.85 -57.87 4.19
N ALA K 645 0.66 -58.39 3.94
CA ALA K 645 -0.47 -58.14 4.80
C ALA K 645 -0.83 -59.42 5.55
N LEU K 646 -1.47 -59.25 6.70
CA LEU K 646 -1.81 -60.37 7.58
C LEU K 646 -3.24 -60.14 8.04
N VAL K 647 -4.19 -60.65 7.29
CA VAL K 647 -5.60 -60.43 7.57
C VAL K 647 -6.11 -61.53 8.48
N ARG K 648 -6.98 -61.16 9.41
CA ARG K 648 -7.56 -62.11 10.34
C ARG K 648 -8.98 -61.67 10.62
N ALA K 649 -9.95 -62.51 10.29
CA ALA K 649 -11.35 -62.22 10.49
C ALA K 649 -11.84 -62.85 11.77
N ASP K 650 -13.07 -62.51 12.15
CA ASP K 650 -13.76 -63.13 13.25
C ASP K 650 -15.20 -62.66 13.24
N SER K 651 -16.11 -63.54 13.64
CA SER K 651 -17.53 -63.24 13.61
C SER K 651 -17.99 -62.68 14.94
N ASP K 652 -19.01 -61.83 14.89
CA ASP K 652 -19.56 -61.19 16.07
C ASP K 652 -20.63 -62.10 16.67
N TYR K 653 -20.44 -62.51 17.91
CA TYR K 653 -21.47 -63.17 18.69
C TYR K 653 -21.95 -64.46 18.05
N LEU K 654 -21.17 -65.04 17.14
CA LEU K 654 -21.55 -66.31 16.55
C LEU K 654 -21.71 -67.37 17.63
N GLY K 655 -20.73 -67.49 18.51
CA GLY K 655 -20.86 -68.36 19.67
C GLY K 655 -22.01 -67.98 20.57
N ASP K 656 -22.54 -66.76 20.45
CA ASP K 656 -23.73 -66.37 21.16
C ASP K 656 -24.95 -66.32 20.25
N LEU K 657 -24.75 -66.39 18.93
CA LEU K 657 -25.85 -66.68 18.01
C LEU K 657 -26.32 -68.12 18.16
N LEU K 658 -25.41 -69.02 18.51
CA LEU K 658 -25.80 -70.40 18.78
C LEU K 658 -26.75 -70.52 19.95
N GLU K 659 -26.89 -69.47 20.76
CA GLU K 659 -27.82 -69.48 21.87
C GLU K 659 -29.08 -68.68 21.58
N GLY K 660 -29.13 -68.01 20.44
CA GLY K 660 -30.34 -67.32 20.02
C GLY K 660 -30.44 -65.87 20.43
N LYS K 661 -29.48 -65.35 21.19
CA LYS K 661 -29.52 -63.96 21.60
C LYS K 661 -29.50 -63.04 20.39
N LEU K 662 -30.06 -61.84 20.56
CA LEU K 662 -30.19 -60.89 19.46
C LEU K 662 -28.95 -60.04 19.24
N THR K 663 -27.87 -60.32 19.96
CA THR K 663 -26.65 -59.54 19.77
C THR K 663 -26.11 -59.58 18.34
N PRO K 664 -26.14 -60.71 17.60
CA PRO K 664 -25.65 -60.65 16.23
C PRO K 664 -26.55 -59.85 15.31
N TYR K 665 -27.85 -59.85 15.55
CA TYR K 665 -28.76 -59.02 14.76
C TYR K 665 -28.52 -57.54 15.04
N LEU K 666 -28.34 -57.17 16.31
CA LEU K 666 -28.09 -55.79 16.72
C LEU K 666 -26.81 -55.78 17.54
N ALA K 667 -25.67 -55.66 16.88
CA ALA K 667 -24.39 -55.56 17.55
C ALA K 667 -24.17 -54.13 18.01
N GLY K 668 -24.18 -53.92 19.32
CA GLY K 668 -24.02 -52.59 19.87
C GLY K 668 -25.30 -52.05 20.45
N ILE K 669 -26.41 -52.27 19.75
CA ILE K 669 -27.71 -51.88 20.27
C ILE K 669 -28.12 -52.80 21.40
N ILE K 670 -28.20 -54.10 21.12
CA ILE K 670 -28.44 -55.12 22.13
C ILE K 670 -27.08 -55.73 22.44
N ASP K 671 -26.42 -55.24 23.47
CA ASP K 671 -25.10 -55.76 23.82
C ASP K 671 -25.27 -57.10 24.52
N SER K 672 -24.16 -57.69 24.97
CA SER K 672 -24.25 -58.96 25.68
C SER K 672 -24.91 -58.78 27.03
N GLY K 673 -24.30 -57.95 27.88
CA GLY K 673 -24.77 -57.76 29.25
C GLY K 673 -26.23 -57.43 29.37
N ASP K 674 -26.84 -56.96 28.30
CA ASP K 674 -28.27 -56.68 28.33
C ASP K 674 -29.10 -57.93 28.36
N TYR K 675 -28.60 -59.13 28.61
CA TYR K 675 -29.45 -60.30 28.78
C TYR K 675 -29.62 -60.70 30.24
N ALA K 676 -29.12 -59.90 31.17
CA ALA K 676 -29.50 -60.10 32.57
C ALA K 676 -30.88 -59.52 32.83
N ASN K 677 -31.03 -58.21 32.61
CA ASN K 677 -32.28 -57.51 32.85
C ASN K 677 -32.82 -56.98 31.52
N ILE K 678 -32.86 -57.85 30.51
CA ILE K 678 -33.25 -57.51 29.14
C ILE K 678 -34.58 -56.78 29.11
N SER K 679 -35.34 -56.85 30.21
CA SER K 679 -36.57 -56.07 30.30
C SER K 679 -36.33 -54.58 30.12
N GLU K 680 -35.12 -54.10 30.47
CA GLU K 680 -34.77 -52.71 30.21
C GLU K 680 -34.78 -52.42 28.71
N LYS K 681 -34.27 -53.36 27.91
CA LYS K 681 -34.21 -53.24 26.46
C LYS K 681 -35.41 -53.85 25.77
N LYS K 682 -36.58 -53.80 26.40
CA LYS K 682 -37.73 -54.53 25.88
C LYS K 682 -38.22 -53.97 24.55
N GLU K 683 -38.17 -52.65 24.37
CA GLU K 683 -38.87 -52.05 23.24
C GLU K 683 -38.30 -52.49 21.89
N GLU K 684 -37.06 -52.95 21.86
CA GLU K 684 -36.46 -53.36 20.60
C GLU K 684 -36.54 -54.87 20.38
N VAL K 685 -36.34 -55.65 21.44
CA VAL K 685 -36.37 -57.10 21.31
C VAL K 685 -37.71 -57.56 20.76
N ASN K 686 -38.80 -56.91 21.18
CA ASN K 686 -40.08 -57.15 20.54
C ASN K 686 -39.99 -56.90 19.04
N LYS K 687 -39.71 -55.65 18.66
CA LYS K 687 -39.65 -55.25 17.26
C LYS K 687 -38.82 -56.22 16.42
N LEU K 688 -37.86 -56.90 17.03
CA LEU K 688 -37.09 -57.90 16.31
C LEU K 688 -37.84 -59.22 16.21
N LEU K 689 -38.19 -59.81 17.36
CA LEU K 689 -38.68 -61.18 17.36
C LEU K 689 -40.07 -61.27 16.74
N GLU K 690 -40.98 -60.38 17.13
CA GLU K 690 -42.34 -60.47 16.61
C GLU K 690 -42.36 -60.25 15.11
N GLU K 691 -41.51 -59.34 14.62
CA GLU K 691 -41.42 -59.14 13.17
C GLU K 691 -40.87 -60.37 12.50
N TYR K 692 -39.79 -60.94 13.05
CA TYR K 692 -39.28 -62.20 12.55
C TYR K 692 -40.40 -63.22 12.40
N LEU K 693 -41.15 -63.41 13.48
CA LEU K 693 -42.18 -64.46 13.50
C LEU K 693 -43.27 -64.19 12.48
N VAL K 694 -43.81 -62.96 12.46
CA VAL K 694 -44.90 -62.67 11.54
C VAL K 694 -44.42 -62.76 10.10
N ASN K 695 -43.12 -62.60 9.86
CA ASN K 695 -42.56 -62.97 8.57
C ASN K 695 -42.13 -64.42 8.50
N ALA K 696 -41.86 -65.06 9.64
CA ALA K 696 -41.47 -66.46 9.66
C ALA K 696 -42.67 -67.32 9.30
N GLY K 697 -42.60 -67.99 8.15
CA GLY K 697 -43.67 -68.88 7.75
C GLY K 697 -44.58 -68.25 6.71
N SER K 698 -44.36 -68.60 5.44
CA SER K 698 -45.17 -68.03 4.37
C SER K 698 -46.47 -68.80 4.26
N GLY K 699 -47.21 -68.59 3.17
CA GLY K 699 -48.53 -69.17 3.02
C GLY K 699 -49.60 -68.30 3.66
N SER K 700 -50.55 -68.93 4.35
CA SER K 700 -51.63 -68.20 4.98
C SER K 700 -51.47 -68.05 6.49
N ILE K 701 -50.56 -68.80 7.11
CA ILE K 701 -50.29 -68.68 8.53
C ILE K 701 -49.90 -67.26 8.93
N VAL K 702 -49.61 -66.40 7.96
CA VAL K 702 -49.23 -65.03 8.27
C VAL K 702 -50.36 -64.31 9.00
N ASP K 703 -51.61 -64.62 8.65
CA ASP K 703 -52.75 -64.01 9.32
C ASP K 703 -53.04 -64.63 10.69
N TYR K 704 -52.19 -65.57 11.12
CA TYR K 704 -52.42 -66.32 12.34
C TYR K 704 -51.46 -65.88 13.44
N VAL K 705 -50.16 -66.00 13.19
CA VAL K 705 -49.17 -65.53 14.16
C VAL K 705 -49.33 -64.04 14.40
N LYS K 706 -49.91 -63.32 13.45
CA LYS K 706 -50.13 -61.89 13.61
C LYS K 706 -51.23 -61.58 14.61
N THR K 707 -52.19 -62.51 14.77
CA THR K 707 -53.28 -62.29 15.73
C THR K 707 -52.73 -62.18 17.15
N VAL K 708 -51.88 -63.13 17.52
CA VAL K 708 -51.45 -63.27 18.91
C VAL K 708 -50.20 -62.49 19.25
N LEU K 709 -49.52 -61.93 18.23
CA LEU K 709 -48.16 -61.41 18.43
C LEU K 709 -48.06 -60.50 19.64
N LYS K 710 -49.06 -59.64 19.85
CA LYS K 710 -49.04 -58.70 20.96
C LYS K 710 -50.07 -59.04 22.02
N CYS K 711 -50.88 -60.09 21.81
CA CYS K 711 -51.83 -60.55 22.81
C CYS K 711 -51.20 -60.80 24.17
N ILE K 712 -49.88 -60.93 24.23
CA ILE K 712 -49.23 -61.32 25.48
C ILE K 712 -49.50 -60.31 26.58
N ARG K 713 -49.50 -59.02 26.26
CA ARG K 713 -49.74 -58.00 27.28
C ARG K 713 -50.60 -56.84 26.81
N GLU K 714 -51.11 -56.85 25.57
CA GLU K 714 -51.94 -55.74 25.12
C GLU K 714 -53.14 -55.57 26.02
N ASN K 715 -54.04 -56.55 26.04
CA ASN K 715 -55.04 -56.66 27.09
C ASN K 715 -55.21 -58.09 27.58
N LEU K 716 -54.62 -59.08 26.90
CA LEU K 716 -54.79 -60.48 27.24
C LEU K 716 -53.64 -60.90 28.15
N ASN K 717 -53.97 -61.58 29.24
CA ASN K 717 -52.98 -62.14 30.15
C ASN K 717 -52.63 -63.54 29.67
N LYS K 718 -51.99 -64.35 30.51
CA LYS K 718 -51.66 -65.72 30.14
C LYS K 718 -52.91 -66.47 29.68
N CYS K 719 -52.73 -67.37 28.73
CA CYS K 719 -53.80 -68.21 28.17
C CYS K 719 -55.07 -67.41 27.93
N SER K 720 -54.91 -66.21 27.37
CA SER K 720 -56.05 -65.31 27.27
C SER K 720 -56.31 -64.84 25.84
N CYS K 721 -55.27 -64.68 25.02
CA CYS K 721 -55.53 -64.60 23.59
C CYS K 721 -56.00 -65.95 23.07
N ALA K 722 -55.52 -67.03 23.67
CA ALA K 722 -55.98 -68.37 23.30
C ALA K 722 -57.42 -68.61 23.73
N GLU K 723 -57.88 -67.91 24.78
CA GLU K 723 -59.24 -68.10 25.25
C GLU K 723 -60.25 -67.22 24.52
N LYS K 724 -59.79 -66.21 23.79
CA LYS K 724 -60.69 -65.31 23.08
C LYS K 724 -60.63 -65.46 21.57
N ILE K 725 -59.46 -65.67 21.01
CA ILE K 725 -59.27 -65.62 19.56
C ILE K 725 -59.63 -66.97 18.96
N TYR K 726 -60.72 -66.99 18.19
CA TYR K 726 -61.08 -68.11 17.32
C TYR K 726 -60.82 -67.78 15.86
N SER K 727 -60.03 -66.73 15.61
CA SER K 727 -60.04 -65.97 14.36
C SER K 727 -60.14 -66.84 13.11
N ASN K 728 -59.18 -67.73 12.92
CA ASN K 728 -59.06 -68.40 11.63
C ASN K 728 -59.01 -69.91 11.76
N GLU K 729 -58.54 -70.42 12.90
CA GLU K 729 -58.36 -71.85 13.07
C GLU K 729 -59.67 -72.59 12.80
N VAL K 730 -60.79 -72.07 13.32
CA VAL K 730 -62.09 -72.65 13.07
C VAL K 730 -62.41 -72.66 11.58
N ALA K 731 -61.79 -71.78 10.81
CA ALA K 731 -62.00 -71.76 9.37
C ALA K 731 -61.01 -72.63 8.61
N LYS K 732 -59.88 -72.98 9.21
CA LYS K 732 -58.96 -73.95 8.64
C LYS K 732 -59.35 -75.38 8.99
N VAL K 733 -60.56 -75.58 9.49
CA VAL K 733 -61.06 -76.89 9.91
C VAL K 733 -62.48 -77.02 9.37
N MET K 734 -63.17 -78.10 9.75
CA MET K 734 -64.54 -78.41 9.34
C MET K 734 -64.62 -78.92 7.90
N PHE K 735 -63.51 -79.41 7.38
CA PHE K 735 -63.47 -79.97 6.03
C PHE K 735 -63.70 -81.49 6.11
N ARG K 736 -63.36 -82.20 5.03
CA ARG K 736 -63.83 -83.56 4.79
C ARG K 736 -63.52 -84.56 5.90
N VAL K 737 -62.25 -84.94 6.03
CA VAL K 737 -61.83 -85.99 6.97
C VAL K 737 -60.58 -85.55 7.72
N ASN K 738 -60.19 -84.30 7.52
CA ASN K 738 -58.83 -83.86 7.85
C ASN K 738 -58.45 -84.19 9.29
N VAL K 739 -59.11 -83.55 10.25
CA VAL K 739 -58.79 -83.73 11.66
C VAL K 739 -60.03 -84.25 12.38
N GLU K 740 -59.84 -85.28 13.21
CA GLU K 740 -60.93 -85.95 13.90
C GLU K 740 -60.96 -85.64 15.39
N LYS K 741 -60.20 -84.64 15.83
CA LYS K 741 -60.19 -84.19 17.21
C LYS K 741 -60.72 -82.77 17.25
N ALA K 742 -61.91 -82.60 17.84
CA ALA K 742 -62.61 -81.32 17.80
C ALA K 742 -62.04 -80.27 18.74
N ASN K 743 -61.10 -80.64 19.61
CA ASN K 743 -60.54 -79.68 20.56
C ASN K 743 -59.67 -78.67 19.82
N VAL K 744 -60.21 -77.47 19.60
CA VAL K 744 -59.52 -76.45 18.82
C VAL K 744 -58.70 -75.52 19.69
N GLU K 745 -58.85 -75.59 21.01
CA GLU K 745 -58.02 -74.77 21.88
C GLU K 745 -56.54 -75.10 21.72
N GLU K 746 -56.23 -76.37 21.43
CA GLU K 746 -54.86 -76.81 21.26
C GLU K 746 -54.16 -76.09 20.11
N GLU K 747 -54.93 -75.48 19.20
CA GLU K 747 -54.32 -74.64 18.18
C GLU K 747 -53.59 -73.46 18.79
N VAL K 748 -54.13 -72.88 19.86
CA VAL K 748 -53.51 -71.72 20.50
C VAL K 748 -53.24 -71.93 21.97
N LYS K 749 -53.80 -72.96 22.62
CA LYS K 749 -53.62 -73.14 24.06
C LYS K 749 -52.14 -73.18 24.43
N ASN K 750 -51.31 -73.77 23.58
CA ASN K 750 -49.88 -73.82 23.83
C ASN K 750 -49.07 -72.96 22.87
N SER K 751 -49.63 -72.58 21.72
CA SER K 751 -48.92 -71.66 20.83
C SER K 751 -48.74 -70.30 21.50
N LEU K 752 -49.75 -69.86 22.25
CA LEU K 752 -49.61 -68.64 23.03
C LEU K 752 -48.44 -68.74 23.99
N GLU K 753 -48.29 -69.90 24.65
CA GLU K 753 -47.17 -70.06 25.58
C GLU K 753 -45.84 -70.10 24.84
N TYR K 754 -45.80 -70.72 23.67
CA TYR K 754 -44.60 -70.71 22.84
C TYR K 754 -44.15 -69.28 22.56
N PHE K 755 -45.05 -68.48 21.99
CA PHE K 755 -44.69 -67.11 21.64
C PHE K 755 -44.43 -66.27 22.88
N GLU K 756 -45.10 -66.59 24.00
CA GLU K 756 -44.85 -65.86 25.23
C GLU K 756 -43.45 -66.13 25.75
N THR K 757 -43.02 -67.39 25.71
CA THR K 757 -41.63 -67.70 26.03
C THR K 757 -40.68 -66.95 25.12
N ILE K 758 -40.97 -66.96 23.81
CA ILE K 758 -40.05 -66.34 22.86
C ILE K 758 -39.89 -64.85 23.15
N LEU K 759 -41.01 -64.14 23.29
CA LEU K 759 -40.97 -62.70 23.51
C LEU K 759 -40.91 -62.32 24.98
N ASN K 760 -40.72 -63.29 25.86
CA ASN K 760 -40.46 -63.04 27.28
C ASN K 760 -39.03 -63.31 27.66
N GLU K 761 -38.34 -64.17 26.93
CA GLU K 761 -36.94 -64.50 27.18
C GLU K 761 -36.00 -63.88 26.16
N GLY K 762 -36.52 -63.30 25.08
CA GLY K 762 -35.72 -62.50 24.18
C GLY K 762 -34.69 -63.26 23.37
N ARG K 763 -35.10 -64.36 22.74
CA ARG K 763 -34.20 -65.15 21.93
C ARG K 763 -35.00 -66.17 21.14
N ILE K 764 -34.36 -66.76 20.15
CA ILE K 764 -34.96 -67.85 19.39
C ILE K 764 -34.78 -69.14 20.17
N ILE K 765 -35.78 -70.01 20.11
CA ILE K 765 -35.72 -71.28 20.82
C ILE K 765 -34.70 -72.16 20.12
N VAL K 766 -33.54 -72.34 20.76
CA VAL K 766 -32.46 -73.13 20.18
C VAL K 766 -32.90 -74.58 20.04
N THR K 767 -32.48 -75.21 18.96
CA THR K 767 -32.78 -76.61 18.69
C THR K 767 -31.63 -77.19 17.89
N PRO K 768 -31.48 -78.51 17.87
CA PRO K 768 -30.46 -79.11 16.99
C PRO K 768 -30.55 -78.67 15.54
N ALA K 769 -31.75 -78.42 15.02
CA ALA K 769 -31.87 -77.97 13.63
C ALA K 769 -31.22 -76.61 13.44
N TRP K 770 -31.51 -75.68 14.34
CA TRP K 770 -30.85 -74.39 14.35
C TRP K 770 -29.34 -74.56 14.24
N HIS K 771 -28.78 -75.42 15.10
CA HIS K 771 -27.34 -75.57 15.17
C HIS K 771 -26.77 -76.22 13.92
N VAL K 772 -27.43 -77.25 13.39
CA VAL K 772 -26.87 -77.90 12.21
C VAL K 772 -27.00 -77.00 10.99
N SER K 773 -28.06 -76.20 10.92
CA SER K 773 -28.19 -75.25 9.83
C SER K 773 -27.07 -74.23 9.87
N ILE K 774 -26.86 -73.60 11.03
CA ILE K 774 -25.78 -72.62 11.14
C ILE K 774 -24.44 -73.30 10.91
N SER K 775 -24.33 -74.58 11.26
CA SER K 775 -23.08 -75.31 11.06
C SER K 775 -22.76 -75.43 9.57
N SER K 776 -23.69 -76.00 8.82
CA SER K 776 -23.49 -76.12 7.38
C SER K 776 -23.24 -74.75 6.75
N ALA K 777 -23.91 -73.72 7.27
CA ALA K 777 -23.69 -72.37 6.74
C ALA K 777 -22.25 -71.94 6.98
N LEU K 778 -21.73 -72.16 8.19
CA LEU K 778 -20.34 -71.84 8.47
C LEU K 778 -19.40 -72.60 7.57
N ASN K 779 -19.70 -73.87 7.30
CA ASN K 779 -18.83 -74.67 6.43
C ASN K 779 -18.81 -74.11 5.02
N ARG K 780 -19.99 -73.76 4.49
CA ARG K 780 -20.04 -73.18 3.16
C ARG K 780 -19.32 -71.84 3.11
N GLY K 781 -19.50 -71.01 4.14
CA GLY K 781 -18.75 -69.77 4.21
C GLY K 781 -17.26 -70.01 4.24
N LEU K 782 -16.82 -71.07 4.93
CA LEU K 782 -15.43 -71.46 4.86
C LEU K 782 -15.02 -71.67 3.43
N LEU K 783 -15.61 -72.67 2.77
CA LEU K 783 -15.23 -72.99 1.39
C LEU K 783 -15.17 -71.74 0.52
N VAL K 784 -16.14 -70.85 0.70
CA VAL K 784 -16.15 -69.61 -0.08
C VAL K 784 -14.92 -68.76 0.23
N GLU K 785 -14.64 -68.54 1.52
CA GLU K 785 -13.51 -67.68 1.86
C GLU K 785 -12.18 -68.32 1.49
N LEU K 786 -12.10 -69.64 1.56
CA LEU K 786 -10.91 -70.34 1.06
C LEU K 786 -10.69 -70.05 -0.41
N GLU K 787 -11.73 -70.26 -1.22
CA GLU K 787 -11.62 -69.98 -2.64
C GLU K 787 -11.34 -68.50 -2.88
N LEU K 788 -11.73 -67.63 -1.95
CA LEU K 788 -11.52 -66.20 -2.15
C LEU K 788 -10.08 -65.82 -1.86
N VAL K 789 -9.52 -66.33 -0.76
CA VAL K 789 -8.10 -66.14 -0.49
C VAL K 789 -7.27 -66.70 -1.64
N ASN K 790 -7.70 -67.84 -2.18
CA ASN K 790 -6.94 -68.43 -3.28
C ASN K 790 -7.15 -67.72 -4.60
N LYS K 791 -8.29 -67.05 -4.79
CA LYS K 791 -8.49 -66.24 -5.98
C LYS K 791 -7.54 -65.06 -5.98
N HIS K 792 -7.38 -64.45 -4.81
CA HIS K 792 -6.25 -63.56 -4.57
C HIS K 792 -5.00 -64.41 -4.40
N LYS K 793 -3.85 -63.76 -4.32
CA LYS K 793 -2.60 -64.50 -4.25
C LYS K 793 -2.19 -64.84 -2.83
N GLY K 794 -3.16 -64.97 -1.93
CA GLY K 794 -2.87 -65.13 -0.52
C GLY K 794 -2.47 -66.55 -0.14
N PHE K 795 -2.47 -66.79 1.16
CA PHE K 795 -2.10 -68.09 1.72
C PHE K 795 -2.83 -68.27 3.05
N VAL K 796 -3.65 -69.32 3.13
CA VAL K 796 -4.48 -69.52 4.31
C VAL K 796 -3.66 -70.14 5.43
N ILE K 797 -3.94 -69.72 6.66
CA ILE K 797 -3.31 -70.28 7.85
C ILE K 797 -4.32 -70.86 8.82
N TYR K 798 -5.60 -70.61 8.62
CA TYR K 798 -6.61 -71.10 9.57
C TYR K 798 -7.99 -70.98 8.95
N ALA K 799 -8.94 -71.67 9.57
CA ALA K 799 -10.37 -71.52 9.31
C ALA K 799 -11.10 -71.86 10.59
N GLY K 800 -12.40 -72.09 10.51
CA GLY K 800 -13.14 -72.52 11.67
C GLY K 800 -14.48 -71.86 11.85
N GLY K 801 -14.93 -71.12 10.85
CA GLY K 801 -16.21 -70.44 10.93
C GLY K 801 -16.17 -69.19 11.77
N ASP K 802 -15.71 -69.30 13.02
CA ASP K 802 -15.60 -68.13 13.87
C ASP K 802 -14.61 -67.12 13.29
N ASP K 803 -13.50 -67.60 12.73
CA ASP K 803 -12.44 -66.71 12.31
C ASP K 803 -11.80 -67.25 11.04
N LEU K 804 -10.74 -66.57 10.60
CA LEU K 804 -9.94 -66.98 9.45
C LEU K 804 -8.65 -66.17 9.50
N LEU K 805 -7.51 -66.87 9.46
CA LEU K 805 -6.21 -66.23 9.48
C LEU K 805 -5.48 -66.56 8.19
N ALA K 806 -4.95 -65.54 7.51
CA ALA K 806 -4.30 -65.76 6.23
C ALA K 806 -3.43 -64.57 5.88
N MET K 807 -2.30 -64.86 5.25
CA MET K 807 -1.43 -63.84 4.68
C MET K 807 -1.78 -63.60 3.23
N LEU K 808 -1.47 -62.40 2.75
CA LEU K 808 -1.72 -62.01 1.37
C LEU K 808 -1.07 -60.67 1.07
N PRO K 809 -0.66 -60.42 -0.18
CA PRO K 809 0.08 -59.19 -0.48
C PRO K 809 -0.73 -57.94 -0.17
N VAL K 810 0.00 -56.84 -0.02
CA VAL K 810 -0.59 -55.61 0.50
C VAL K 810 -1.57 -54.98 -0.48
N ASP K 811 -1.44 -55.26 -1.77
CA ASP K 811 -2.34 -54.62 -2.72
C ASP K 811 -3.71 -55.29 -2.77
N GLU K 812 -3.77 -56.59 -2.58
CA GLU K 812 -5.02 -57.33 -2.72
C GLU K 812 -5.78 -57.44 -1.41
N VAL K 813 -5.60 -56.50 -0.49
CA VAL K 813 -6.27 -56.61 0.81
C VAL K 813 -7.70 -56.08 0.73
N LEU K 814 -7.85 -54.79 0.43
CA LEU K 814 -9.13 -54.12 0.57
C LEU K 814 -10.22 -54.83 -0.21
N ASP K 815 -10.03 -54.95 -1.52
CA ASP K 815 -10.97 -55.69 -2.36
C ASP K 815 -11.28 -57.04 -1.74
N PHE K 816 -10.25 -57.79 -1.34
CA PHE K 816 -10.49 -59.07 -0.68
C PHE K 816 -11.46 -58.90 0.48
N ILE K 817 -11.13 -58.00 1.41
CA ILE K 817 -12.03 -57.72 2.52
C ILE K 817 -13.41 -57.36 1.98
N LYS K 818 -13.45 -56.44 1.02
CA LYS K 818 -14.73 -56.05 0.46
C LYS K 818 -15.43 -57.25 -0.16
N GLU K 819 -14.68 -58.12 -0.80
CA GLU K 819 -15.27 -59.33 -1.36
C GLU K 819 -15.49 -60.39 -0.30
N SER K 820 -14.76 -60.33 0.81
CA SER K 820 -14.93 -61.34 1.85
C SER K 820 -16.27 -61.16 2.56
N ARG K 821 -16.46 -60.01 3.20
CA ARG K 821 -17.69 -59.75 3.93
C ARG K 821 -18.91 -59.94 3.04
N ARG K 822 -18.91 -59.32 1.86
CA ARG K 822 -20.04 -59.46 0.96
C ARG K 822 -20.31 -60.92 0.63
N ALA K 823 -19.27 -61.74 0.53
CA ALA K 823 -19.49 -63.17 0.34
C ALA K 823 -19.99 -63.81 1.63
N PHE K 824 -19.37 -63.46 2.76
CA PHE K 824 -19.81 -63.98 4.05
C PHE K 824 -21.27 -63.67 4.31
N ALA K 825 -21.77 -62.56 3.77
CA ALA K 825 -23.18 -62.23 3.83
C ALA K 825 -23.95 -62.75 2.62
N GLY K 826 -23.36 -63.68 1.86
CA GLY K 826 -24.03 -64.29 0.74
C GLY K 826 -24.49 -63.31 -0.33
N PHE K 827 -23.56 -62.52 -0.85
CA PHE K 827 -23.85 -61.60 -1.96
C PHE K 827 -22.55 -61.41 -2.73
N GLY K 828 -22.48 -61.97 -3.93
CA GLY K 828 -21.26 -61.90 -4.71
C GLY K 828 -21.57 -61.60 -6.16
N THR K 829 -20.49 -61.38 -6.92
CA THR K 829 -20.59 -61.05 -8.32
C THR K 829 -20.09 -62.15 -9.24
N GLU K 830 -19.11 -62.94 -8.80
CA GLU K 830 -18.52 -63.97 -9.63
C GLU K 830 -18.74 -65.32 -8.99
N LYS K 831 -18.51 -66.37 -9.78
CA LYS K 831 -18.63 -67.72 -9.25
C LYS K 831 -17.41 -68.08 -8.42
N LEU K 832 -17.57 -69.13 -7.62
CA LEU K 832 -16.58 -69.59 -6.65
C LEU K 832 -16.25 -71.04 -6.90
N GLY K 833 -15.91 -71.35 -8.15
CA GLY K 833 -15.71 -72.72 -8.56
C GLY K 833 -17.04 -73.37 -8.88
N ASN K 834 -17.81 -73.66 -7.85
CA ASN K 834 -19.18 -74.14 -8.01
C ASN K 834 -20.18 -73.48 -7.08
N MET K 835 -19.72 -72.78 -6.03
CA MET K 835 -20.61 -72.01 -5.17
C MET K 835 -21.01 -70.76 -5.92
N CYS K 836 -21.98 -70.91 -6.83
CA CYS K 836 -22.45 -69.78 -7.60
C CYS K 836 -23.25 -68.88 -6.66
N LEU K 837 -22.56 -67.90 -6.06
CA LEU K 837 -23.15 -67.14 -4.97
C LEU K 837 -24.38 -66.38 -5.45
N GLU K 838 -25.30 -66.14 -4.51
CA GLU K 838 -26.55 -65.46 -4.79
C GLU K 838 -26.69 -64.24 -3.92
N ASN K 839 -27.89 -63.69 -3.83
CA ASN K 839 -28.18 -62.55 -2.97
C ASN K 839 -28.72 -62.99 -1.61
N GLY K 840 -28.02 -63.92 -0.98
CA GLY K 840 -28.47 -64.45 0.30
C GLY K 840 -28.38 -65.96 0.37
N PHE K 841 -27.93 -66.59 -0.70
CA PHE K 841 -27.77 -68.04 -0.75
C PHE K 841 -26.51 -68.38 -1.53
N VAL K 842 -26.04 -69.60 -1.36
CA VAL K 842 -24.74 -69.99 -1.94
C VAL K 842 -24.89 -70.62 -3.32
N ARG K 843 -25.97 -71.37 -3.52
CA ARG K 843 -26.37 -71.87 -4.84
C ARG K 843 -25.23 -72.61 -5.54
N ILE K 844 -24.89 -73.77 -4.98
CA ILE K 844 -24.19 -74.76 -5.79
C ILE K 844 -25.15 -75.19 -6.89
N ASN K 845 -24.62 -75.85 -7.93
CA ASN K 845 -25.38 -76.07 -9.16
C ASN K 845 -26.81 -76.52 -8.88
N ASN K 846 -27.77 -75.65 -9.19
CA ASN K 846 -29.17 -75.82 -8.80
C ASN K 846 -29.29 -76.26 -7.35
N ALA K 847 -28.74 -75.42 -6.48
CA ALA K 847 -28.92 -75.53 -5.04
C ALA K 847 -29.27 -74.15 -4.49
N TYR K 848 -29.75 -74.11 -3.24
CA TYR K 848 -29.93 -72.85 -2.54
C TYR K 848 -29.80 -73.13 -1.06
N TYR K 849 -28.62 -72.95 -0.53
CA TYR K 849 -28.56 -73.07 0.92
C TYR K 849 -28.48 -71.69 1.55
N PRO K 850 -29.11 -71.51 2.71
CA PRO K 850 -29.10 -70.18 3.34
C PRO K 850 -27.70 -69.76 3.77
N SER K 851 -27.46 -68.46 3.67
CA SER K 851 -26.18 -67.85 4.05
C SER K 851 -26.24 -67.41 5.51
N LEU K 852 -25.29 -66.56 5.91
CA LEU K 852 -25.24 -65.99 7.25
C LEU K 852 -25.44 -64.48 7.15
N PRO K 853 -26.58 -64.04 6.64
CA PRO K 853 -26.68 -62.65 6.16
C PRO K 853 -26.80 -61.63 7.27
N ILE K 854 -27.17 -62.01 8.49
CA ILE K 854 -27.41 -61.05 9.55
C ILE K 854 -26.24 -60.99 10.53
N VAL K 855 -25.55 -62.10 10.77
CA VAL K 855 -24.40 -62.07 11.66
C VAL K 855 -23.27 -61.29 11.00
N GLY K 856 -22.70 -60.35 11.74
CA GLY K 856 -21.64 -59.51 11.21
C GLY K 856 -20.32 -60.24 11.11
N ARG K 857 -19.28 -59.46 10.86
CA ARG K 857 -17.93 -59.98 10.69
C ARG K 857 -16.96 -58.83 10.91
N SER K 858 -15.79 -59.13 11.46
CA SER K 858 -14.82 -58.08 11.77
C SER K 858 -13.44 -58.57 11.35
N TYR K 859 -12.73 -57.74 10.61
CA TYR K 859 -11.41 -58.10 10.10
C TYR K 859 -10.33 -57.33 10.84
N SER K 860 -9.15 -57.95 10.91
CA SER K 860 -7.96 -57.32 11.45
C SER K 860 -6.85 -57.46 10.42
N VAL K 861 -6.17 -56.37 10.13
CA VAL K 861 -5.10 -56.37 9.14
C VAL K 861 -3.84 -55.79 9.77
N ILE K 862 -2.70 -56.39 9.47
CA ILE K 862 -1.41 -55.91 9.91
C ILE K 862 -0.51 -55.85 8.68
N ILE K 863 -0.08 -54.64 8.32
CA ILE K 863 0.89 -54.46 7.24
C ILE K 863 2.27 -54.58 7.87
N ALA K 864 2.87 -55.76 7.76
CA ALA K 864 4.05 -56.12 8.52
C ALA K 864 5.23 -56.33 7.59
N HIS K 865 6.34 -55.65 7.89
CA HIS K 865 7.62 -55.97 7.27
C HIS K 865 7.91 -57.45 7.44
N TYR K 866 8.58 -58.04 6.44
CA TYR K 866 8.70 -59.49 6.43
C TYR K 866 9.59 -60.01 7.56
N ALA K 867 10.60 -59.24 7.97
CA ALA K 867 11.55 -59.71 8.95
C ALA K 867 11.09 -59.51 10.38
N ASP K 868 9.81 -59.34 10.60
CA ASP K 868 9.33 -59.02 11.93
C ASP K 868 9.09 -60.29 12.74
N PRO K 869 9.10 -60.18 14.07
CA PRO K 869 8.97 -61.36 14.92
C PRO K 869 7.57 -61.95 14.95
N LEU K 870 7.31 -62.88 14.03
CA LEU K 870 6.00 -63.49 13.78
C LEU K 870 5.14 -63.65 15.03
N PHE K 871 5.74 -64.14 16.12
CA PHE K 871 5.04 -64.15 17.41
C PHE K 871 4.35 -62.84 17.69
N PHE K 872 5.11 -61.76 17.62
CA PHE K 872 4.57 -60.47 18.01
C PHE K 872 3.53 -59.98 17.01
N VAL K 873 3.78 -60.17 15.71
CA VAL K 873 2.81 -59.68 14.73
C VAL K 873 1.51 -60.45 14.83
N ILE K 874 1.56 -61.74 15.12
CA ILE K 874 0.34 -62.53 15.23
C ILE K 874 -0.41 -62.16 16.50
N ASN K 875 0.32 -62.02 17.62
CA ASN K 875 -0.36 -61.64 18.85
C ASN K 875 -0.97 -60.24 18.74
N ASP K 876 -0.33 -59.34 17.99
CA ASP K 876 -0.90 -58.03 17.78
C ASP K 876 -2.12 -58.09 16.88
N SER K 877 -2.08 -58.89 15.82
CA SER K 877 -3.27 -59.08 15.02
C SER K 877 -4.41 -59.66 15.82
N TYR K 878 -4.08 -60.43 16.87
CA TYR K 878 -5.13 -60.99 17.71
C TYR K 878 -5.71 -59.95 18.66
N ASN K 879 -4.84 -59.21 19.35
CA ASN K 879 -5.32 -58.25 20.33
C ASN K 879 -6.00 -57.06 19.65
N LEU K 880 -5.45 -56.57 18.55
CA LEU K 880 -6.05 -55.49 17.78
C LEU K 880 -7.41 -55.84 17.22
N LEU K 881 -7.79 -57.11 17.27
CA LEU K 881 -9.15 -57.51 16.93
C LEU K 881 -10.00 -57.83 18.16
N GLU K 882 -9.40 -58.36 19.21
CA GLU K 882 -10.17 -58.66 20.43
C GLU K 882 -10.55 -57.38 21.16
N GLU K 883 -9.56 -56.58 21.54
CA GLU K 883 -9.86 -55.32 22.21
C GLU K 883 -10.60 -54.39 21.26
N GLY K 884 -10.10 -54.24 20.03
CA GLY K 884 -10.80 -53.43 19.06
C GLY K 884 -12.24 -53.84 18.87
N LYS K 885 -12.53 -55.13 18.97
CA LYS K 885 -13.90 -55.59 18.79
C LYS K 885 -14.80 -55.08 19.91
N GLU K 886 -14.24 -54.81 21.09
CA GLU K 886 -15.03 -54.46 22.26
C GLU K 886 -14.84 -53.03 22.72
N ILE K 887 -13.96 -52.26 22.08
CA ILE K 887 -13.75 -50.87 22.46
C ILE K 887 -14.31 -49.88 21.43
N ILE K 888 -14.30 -50.22 20.15
CA ILE K 888 -14.73 -49.26 19.14
C ILE K 888 -16.25 -49.14 19.18
N ARG K 889 -16.73 -47.91 18.96
CA ARG K 889 -18.15 -47.65 18.77
C ARG K 889 -18.29 -46.64 17.64
N TYR K 890 -19.47 -46.63 17.03
CA TYR K 890 -19.72 -45.67 15.96
C TYR K 890 -21.21 -45.53 15.72
N ARG K 891 -21.58 -44.42 15.08
CA ARG K 891 -22.98 -44.10 14.85
C ARG K 891 -23.57 -44.98 13.77
N VAL K 892 -24.68 -45.61 14.09
CA VAL K 892 -25.40 -46.48 13.16
C VAL K 892 -26.87 -46.08 13.15
N MET K 893 -27.46 -46.04 11.97
CA MET K 893 -28.84 -45.58 11.82
C MET K 893 -29.81 -46.69 12.21
N TYR K 894 -30.35 -46.59 13.42
CA TYR K 894 -31.34 -47.55 13.91
C TYR K 894 -32.69 -47.11 13.39
N ASN K 895 -33.11 -47.66 12.26
CA ASN K 895 -34.38 -47.33 11.62
C ASN K 895 -34.48 -45.82 11.40
N GLY K 896 -33.53 -45.30 10.63
CA GLY K 896 -33.45 -43.87 10.40
C GLY K 896 -32.61 -43.15 11.43
N GLU K 897 -33.12 -43.05 12.66
CA GLU K 897 -32.38 -42.39 13.72
C GLU K 897 -31.12 -43.16 14.05
N TYR K 898 -30.10 -42.42 14.49
CA TYR K 898 -28.77 -42.99 14.72
C TYR K 898 -28.63 -43.48 16.15
N LYS K 899 -27.91 -44.59 16.31
CA LYS K 899 -27.49 -45.07 17.62
C LYS K 899 -26.02 -45.46 17.50
N ASP K 900 -25.50 -46.09 18.54
CA ASP K 900 -24.09 -46.42 18.64
C ASP K 900 -23.92 -47.92 18.51
N ALA K 901 -23.06 -48.34 17.59
CA ALA K 901 -22.78 -49.75 17.34
C ALA K 901 -21.43 -50.14 17.97
N LYS K 902 -21.17 -51.44 18.01
CA LYS K 902 -19.94 -51.93 18.65
C LYS K 902 -19.05 -52.71 17.70
N LYS K 903 -19.56 -53.77 17.07
CA LYS K 903 -18.77 -54.69 16.28
C LYS K 903 -18.80 -54.33 14.80
N ASP K 904 -18.37 -55.28 13.98
CA ASP K 904 -18.44 -55.20 12.51
C ASP K 904 -17.64 -54.00 11.99
N VAL K 905 -16.33 -54.08 12.19
CA VAL K 905 -15.39 -53.10 11.70
C VAL K 905 -14.23 -53.82 11.01
N ALA K 906 -13.36 -53.03 10.39
CA ALA K 906 -12.12 -53.50 9.81
C ALA K 906 -11.01 -52.59 10.29
N ILE K 907 -10.05 -53.15 11.00
CA ILE K 907 -8.96 -52.37 11.58
C ILE K 907 -7.71 -52.60 10.74
N PHE K 908 -6.95 -51.54 10.50
CA PHE K 908 -5.70 -51.63 9.77
C PHE K 908 -4.57 -51.15 10.67
N ARG K 909 -3.41 -51.77 10.51
CA ARG K 909 -2.26 -51.45 11.32
C ARG K 909 -1.03 -51.42 10.44
N TYR K 910 -0.34 -50.28 10.43
CA TYR K 910 0.91 -50.09 9.69
C TYR K 910 1.89 -49.50 10.68
N GLN K 911 2.55 -50.37 11.46
CA GLN K 911 3.48 -49.99 12.51
C GLN K 911 2.96 -48.81 13.32
N GLY K 912 1.89 -49.04 14.07
CA GLY K 912 1.28 -48.00 14.88
C GLY K 912 0.13 -47.32 14.19
N LEU K 913 0.37 -46.82 12.97
CA LEU K 913 -0.65 -46.10 12.22
C LEU K 913 -1.89 -46.97 12.04
N THR K 914 -3.00 -46.55 12.63
CA THR K 914 -4.19 -47.38 12.73
C THR K 914 -5.39 -46.63 12.16
N SER K 915 -6.39 -47.39 11.72
CA SER K 915 -7.62 -46.82 11.19
C SER K 915 -8.69 -47.89 11.21
N VAL K 916 -9.75 -47.65 11.95
CA VAL K 916 -10.87 -48.57 12.03
C VAL K 916 -11.92 -48.17 11.02
N ILE K 917 -12.31 -49.11 10.15
CA ILE K 917 -13.28 -48.85 9.12
C ILE K 917 -14.53 -49.68 9.40
N PRO K 918 -15.67 -49.06 9.67
CA PRO K 918 -16.91 -49.83 9.85
C PRO K 918 -17.29 -50.52 8.54
N LEU K 919 -18.27 -51.41 8.64
CA LEU K 919 -18.65 -52.20 7.49
C LEU K 919 -20.14 -52.24 7.20
N SER K 920 -21.01 -51.87 8.14
CA SER K 920 -22.44 -51.94 7.91
C SER K 920 -23.10 -50.58 7.96
N LEU K 921 -22.96 -49.84 9.06
CA LEU K 921 -23.59 -48.54 9.24
C LEU K 921 -25.11 -48.61 9.18
N LYS K 922 -25.67 -49.83 9.33
CA LYS K 922 -27.12 -50.03 9.31
C LYS K 922 -27.38 -51.23 10.21
N ARG K 923 -27.99 -51.00 11.38
CA ARG K 923 -27.73 -51.89 12.51
C ARG K 923 -28.31 -53.27 12.35
N PRO K 924 -29.59 -53.46 12.05
CA PRO K 924 -30.01 -54.80 11.62
C PRO K 924 -29.41 -55.00 10.23
N ILE K 925 -28.35 -55.81 10.15
CA ILE K 925 -27.43 -55.77 9.02
C ILE K 925 -28.19 -55.77 7.69
N VAL K 926 -29.19 -56.63 7.59
CA VAL K 926 -30.00 -56.76 6.39
C VAL K 926 -31.46 -56.79 6.78
N SER K 927 -32.27 -55.90 6.21
CA SER K 927 -33.71 -55.97 6.32
C SER K 927 -34.37 -55.82 4.96
N SER K 928 -33.59 -55.96 3.88
CA SER K 928 -34.10 -55.83 2.53
C SER K 928 -33.05 -56.36 1.57
N VAL K 929 -33.51 -56.90 0.44
CA VAL K 929 -32.61 -57.39 -0.58
C VAL K 929 -31.65 -56.29 -1.04
N SER K 930 -32.03 -55.03 -0.89
CA SER K 930 -31.18 -53.93 -1.28
C SER K 930 -30.18 -53.53 -0.19
N ASP K 931 -30.28 -54.12 1.00
CA ASP K 931 -29.28 -53.86 2.02
C ASP K 931 -27.92 -54.41 1.61
N PHE K 932 -27.92 -55.56 0.93
CA PHE K 932 -26.66 -56.20 0.56
C PHE K 932 -25.77 -55.28 -0.25
N ASN K 933 -26.36 -54.38 -1.04
CA ASN K 933 -25.55 -53.49 -1.86
C ASN K 933 -24.68 -52.57 -1.00
N GLU K 934 -25.15 -52.19 0.18
CA GLU K 934 -24.47 -51.21 1.01
C GLU K 934 -23.64 -51.87 2.12
N ILE K 935 -23.33 -53.15 1.99
CA ILE K 935 -22.42 -53.81 2.94
C ILE K 935 -20.99 -53.56 2.49
N ALA K 936 -20.17 -53.09 3.43
CA ALA K 936 -18.76 -52.79 3.18
C ALA K 936 -18.57 -51.78 2.06
N SER K 937 -19.57 -50.93 1.81
CA SER K 937 -19.50 -50.01 0.69
C SER K 937 -18.36 -49.00 0.87
N ILE K 938 -18.01 -48.68 2.11
CA ILE K 938 -16.91 -47.75 2.37
C ILE K 938 -15.62 -48.27 1.76
N ILE K 939 -15.41 -49.58 1.76
CA ILE K 939 -14.23 -50.14 1.13
C ILE K 939 -14.31 -49.93 -0.38
N ASP K 940 -15.51 -49.97 -0.95
CA ASP K 940 -15.64 -49.66 -2.37
C ASP K 940 -15.31 -48.19 -2.63
N VAL K 941 -15.68 -47.31 -1.69
CA VAL K 941 -15.27 -45.91 -1.79
C VAL K 941 -13.75 -45.81 -1.84
N ILE K 942 -13.07 -46.48 -0.90
CA ILE K 942 -11.61 -46.42 -0.85
C ILE K 942 -11.01 -46.98 -2.12
N LEU K 943 -11.59 -48.05 -2.66
CA LEU K 943 -11.06 -48.64 -3.88
C LEU K 943 -11.20 -47.70 -5.06
N GLU K 944 -12.36 -47.07 -5.21
CA GLU K 944 -12.53 -46.08 -6.26
C GLU K 944 -11.53 -44.96 -6.12
N LEU K 945 -11.34 -44.45 -4.89
CA LEU K 945 -10.42 -43.35 -4.68
C LEU K 945 -9.00 -43.76 -5.01
N LYS K 946 -8.64 -45.00 -4.68
CA LYS K 946 -7.30 -45.49 -5.01
C LYS K 946 -7.13 -45.58 -6.53
N LYS K 947 -8.16 -46.03 -7.24
CA LYS K 947 -8.09 -46.01 -8.69
C LYS K 947 -7.90 -44.60 -9.23
N ARG K 948 -8.65 -43.63 -8.70
CA ARG K 948 -8.50 -42.27 -9.22
C ARG K 948 -7.16 -41.65 -8.87
N ILE K 949 -6.54 -42.08 -7.78
CA ILE K 949 -5.25 -41.51 -7.42
C ILE K 949 -4.13 -42.18 -8.19
N ASP K 950 -4.19 -43.50 -8.39
CA ASP K 950 -3.10 -44.17 -9.06
C ASP K 950 -3.11 -43.88 -10.56
N GLU K 951 -4.30 -43.86 -11.17
CA GLU K 951 -4.42 -43.57 -12.59
C GLU K 951 -4.36 -42.09 -12.90
N GLY K 952 -4.13 -41.25 -11.89
CA GLY K 952 -3.85 -39.86 -12.13
C GLY K 952 -5.04 -39.04 -12.55
N ARG K 953 -6.16 -39.23 -11.84
CA ARG K 953 -7.26 -38.29 -11.93
C ARG K 953 -7.38 -37.42 -10.69
N ILE K 954 -6.71 -37.79 -9.61
CA ILE K 954 -6.70 -37.06 -8.35
C ILE K 954 -5.29 -37.10 -7.82
N SER K 955 -4.72 -35.93 -7.54
CA SER K 955 -3.33 -35.88 -7.10
C SER K 955 -3.18 -36.57 -5.75
N VAL K 956 -1.97 -37.09 -5.51
CA VAL K 956 -1.67 -37.76 -4.25
C VAL K 956 -1.90 -36.81 -3.08
N SER K 957 -1.59 -35.53 -3.26
CA SER K 957 -1.62 -34.57 -2.17
C SER K 957 -2.99 -34.47 -1.52
N LEU K 958 -4.03 -35.06 -2.11
CA LEU K 958 -5.32 -35.11 -1.44
C LEU K 958 -5.21 -35.76 -0.08
N LEU K 959 -4.35 -36.77 0.05
CA LEU K 959 -4.16 -37.44 1.33
C LEU K 959 -3.64 -36.46 2.38
N TYR K 960 -2.59 -35.73 2.05
CA TYR K 960 -1.98 -34.83 3.03
C TYR K 960 -2.76 -33.53 3.16
N ASP K 961 -3.43 -33.11 2.10
CA ASP K 961 -4.22 -31.89 2.17
C ASP K 961 -5.43 -32.03 3.06
N TYR K 962 -5.64 -33.19 3.67
CA TYR K 962 -6.78 -33.36 4.56
C TYR K 962 -6.55 -32.76 5.92
N GLU K 963 -5.29 -32.63 6.35
CA GLU K 963 -4.99 -32.06 7.66
C GLU K 963 -5.67 -30.71 7.85
N LYS K 964 -5.86 -29.97 6.77
CA LYS K 964 -6.45 -28.65 6.87
C LYS K 964 -7.96 -28.70 6.97
N TYR K 965 -8.59 -29.62 6.25
CA TYR K 965 -10.03 -29.79 6.32
C TYR K 965 -10.45 -30.67 7.49
N LYS K 966 -9.50 -31.20 8.26
CA LYS K 966 -9.85 -32.11 9.34
C LYS K 966 -10.76 -31.42 10.34
N HIS K 967 -10.25 -30.38 11.00
CA HIS K 967 -10.99 -29.76 12.08
C HIS K 967 -12.28 -29.12 11.59
N LEU K 968 -12.30 -28.61 10.35
CA LEU K 968 -13.52 -28.00 9.84
C LEU K 968 -14.62 -29.03 9.71
N ILE K 969 -14.35 -30.13 9.01
CA ILE K 969 -15.36 -31.16 8.81
C ILE K 969 -15.75 -31.80 10.13
N VAL K 970 -14.77 -32.01 11.01
CA VAL K 970 -15.05 -32.57 12.32
C VAL K 970 -15.96 -31.66 13.12
N ALA K 971 -15.80 -30.35 12.98
CA ALA K 971 -16.49 -29.39 13.82
C ALA K 971 -17.82 -28.95 13.25
N SER K 972 -18.24 -29.45 12.11
CA SER K 972 -19.50 -29.07 11.51
C SER K 972 -20.53 -30.16 11.77
N ASP K 973 -21.55 -29.82 12.56
CA ASP K 973 -22.66 -30.72 12.81
C ASP K 973 -23.76 -30.62 11.77
N GLU K 974 -23.55 -29.84 10.71
CA GLU K 974 -24.49 -29.75 9.61
C GLU K 974 -23.98 -30.60 8.46
N LYS K 975 -24.92 -31.17 7.69
CA LYS K 975 -24.57 -32.17 6.69
C LYS K 975 -24.06 -31.53 5.39
N TYR K 976 -24.87 -30.69 4.76
CA TYR K 976 -24.49 -30.16 3.45
C TYR K 976 -23.24 -29.28 3.54
N LEU K 977 -22.99 -28.69 4.70
CA LEU K 977 -21.80 -27.86 4.85
C LEU K 977 -20.54 -28.73 4.80
N THR K 978 -20.53 -29.84 5.54
CA THR K 978 -19.44 -30.80 5.39
C THR K 978 -19.38 -31.36 3.99
N GLU K 979 -20.53 -31.51 3.34
CA GLU K 979 -20.54 -31.99 1.97
C GLU K 979 -19.76 -31.06 1.07
N PHE K 980 -20.04 -29.76 1.13
CA PHE K 980 -19.28 -28.80 0.35
C PHE K 980 -17.81 -28.79 0.74
N LEU K 981 -17.53 -28.94 2.04
CA LEU K 981 -16.14 -28.96 2.49
C LEU K 981 -15.36 -30.11 1.88
N VAL K 982 -15.86 -31.33 2.04
CA VAL K 982 -15.16 -32.47 1.46
C VAL K 982 -15.14 -32.36 -0.05
N LYS K 983 -16.17 -31.75 -0.64
CA LYS K 983 -16.22 -31.63 -2.10
C LYS K 983 -15.11 -30.72 -2.61
N ASP K 984 -14.90 -29.59 -1.95
CA ASP K 984 -13.83 -28.72 -2.44
C ASP K 984 -12.45 -29.24 -2.04
N TRP K 985 -12.36 -30.00 -0.94
CA TRP K 985 -11.10 -30.66 -0.64
C TRP K 985 -10.74 -31.66 -1.73
N ILE K 986 -11.75 -32.32 -2.30
CA ILE K 986 -11.50 -33.22 -3.41
C ILE K 986 -11.16 -32.44 -4.67
N LYS K 987 -11.91 -31.37 -4.94
CA LYS K 987 -11.75 -30.64 -6.18
C LYS K 987 -10.42 -29.89 -6.24
N ARG K 988 -9.92 -29.41 -5.09
CA ARG K 988 -8.67 -28.65 -5.11
C ARG K 988 -7.52 -29.52 -5.59
N ASN K 989 -7.44 -30.75 -5.09
CA ASN K 989 -6.46 -31.72 -5.55
C ASN K 989 -7.12 -32.71 -6.51
N SER K 990 -7.54 -32.19 -7.67
CA SER K 990 -8.37 -32.94 -8.61
C SER K 990 -7.88 -32.78 -10.04
N LEU K 991 -6.63 -33.17 -10.30
CA LEU K 991 -5.89 -32.87 -11.53
C LEU K 991 -6.74 -32.72 -12.79
N ARG K 992 -7.73 -33.59 -12.98
CA ARG K 992 -8.61 -33.43 -14.13
C ARG K 992 -9.51 -32.21 -13.99
N LYS K 993 -10.03 -31.98 -12.79
CA LYS K 993 -10.85 -30.84 -12.33
C LYS K 993 -12.33 -30.92 -12.73
N HIS K 994 -12.79 -32.01 -13.35
CA HIS K 994 -14.24 -32.22 -13.47
C HIS K 994 -14.58 -33.69 -13.26
N VAL K 995 -13.98 -34.30 -12.24
CA VAL K 995 -14.27 -35.69 -11.88
C VAL K 995 -15.45 -35.70 -10.91
N GLU K 996 -16.10 -36.86 -10.79
CA GLU K 996 -17.31 -36.98 -10.00
C GLU K 996 -17.16 -37.90 -8.79
N PHE K 997 -15.92 -38.15 -8.35
CA PHE K 997 -15.73 -38.92 -7.13
C PHE K 997 -16.41 -38.19 -5.97
N THR K 998 -17.42 -38.83 -5.38
CA THR K 998 -18.28 -38.17 -4.40
C THR K 998 -18.53 -39.09 -3.23
N ILE K 999 -18.22 -38.62 -2.03
CA ILE K 999 -18.54 -39.37 -0.82
C ILE K 999 -20.04 -39.66 -0.79
N ASP K 1000 -20.40 -40.83 -0.27
CA ASP K 1000 -21.75 -41.34 -0.42
C ASP K 1000 -22.79 -40.55 0.35
N GLU K 1001 -22.42 -39.41 0.94
CA GLU K 1001 -23.35 -38.42 1.47
C GLU K 1001 -24.05 -38.88 2.74
N LYS K 1002 -23.86 -40.14 3.12
CA LYS K 1002 -24.31 -40.59 4.44
C LYS K 1002 -23.16 -40.65 5.43
N LEU K 1003 -21.93 -40.76 4.92
CA LEU K 1003 -20.76 -40.91 5.76
C LEU K 1003 -20.43 -39.65 6.54
N TYR K 1004 -21.07 -38.53 6.22
CA TYR K 1004 -20.86 -37.29 6.95
C TYR K 1004 -21.53 -37.39 8.31
N GLY K 1005 -20.74 -37.39 9.38
CA GLY K 1005 -21.27 -37.45 10.73
C GLY K 1005 -21.03 -38.75 11.44
N VAL K 1006 -20.60 -39.80 10.74
CA VAL K 1006 -20.33 -41.08 11.39
C VAL K 1006 -19.06 -40.93 12.21
N ARG K 1007 -19.21 -40.84 13.53
CA ARG K 1007 -18.08 -40.62 14.42
C ARG K 1007 -17.80 -41.88 15.21
N LEU K 1008 -16.52 -42.06 15.56
CA LEU K 1008 -16.06 -43.27 16.24
C LEU K 1008 -15.39 -42.88 17.55
N THR K 1009 -15.98 -43.32 18.66
CA THR K 1009 -15.43 -43.08 19.98
C THR K 1009 -14.72 -44.33 20.46
N ILE K 1010 -13.48 -44.17 20.91
CA ILE K 1010 -12.65 -45.29 21.36
C ILE K 1010 -12.09 -44.88 22.72
N GLU K 1011 -12.80 -45.20 23.78
CA GLU K 1011 -12.46 -44.74 25.11
C GLU K 1011 -11.79 -45.85 25.90
N ASN K 1012 -11.11 -45.45 26.97
CA ASN K 1012 -10.52 -46.38 27.94
C ASN K 1012 -9.39 -47.19 27.30
N TYR K 1013 -8.61 -46.55 26.44
CA TYR K 1013 -7.44 -47.19 25.86
C TYR K 1013 -6.59 -46.15 25.15
N PRO K 1014 -5.27 -46.24 25.24
CA PRO K 1014 -4.39 -45.19 24.72
C PRO K 1014 -4.03 -45.29 23.24
N ILE K 1015 -4.74 -46.07 22.43
CA ILE K 1015 -4.47 -46.07 21.00
C ILE K 1015 -5.02 -44.80 20.37
N LYS K 1016 -4.30 -44.26 19.39
CA LYS K 1016 -4.65 -43.01 18.75
C LYS K 1016 -5.49 -43.33 17.52
N ILE K 1017 -6.76 -42.97 17.56
CA ILE K 1017 -7.66 -43.23 16.43
C ILE K 1017 -8.38 -41.95 16.03
N PRO K 1018 -8.45 -41.63 14.75
CA PRO K 1018 -9.28 -40.51 14.31
C PRO K 1018 -10.73 -40.77 14.67
N ASN K 1019 -11.48 -39.69 14.85
CA ASN K 1019 -12.86 -39.83 15.31
C ASN K 1019 -13.85 -39.90 14.16
N ASP K 1020 -13.54 -39.28 13.02
CA ASP K 1020 -14.50 -39.15 11.93
C ASP K 1020 -14.16 -40.15 10.82
N LEU K 1021 -15.21 -40.57 10.12
CA LEU K 1021 -15.05 -41.60 9.09
C LEU K 1021 -14.13 -41.12 7.97
N ILE K 1022 -14.25 -39.86 7.58
CA ILE K 1022 -13.46 -39.36 6.46
C ILE K 1022 -11.98 -39.31 6.79
N SER K 1023 -11.63 -39.17 8.07
CA SER K 1023 -10.23 -39.23 8.45
C SER K 1023 -9.71 -40.66 8.49
N ASN K 1024 -10.55 -41.60 8.93
CA ASN K 1024 -10.15 -43.00 8.90
C ASN K 1024 -9.97 -43.50 7.48
N ILE K 1025 -10.75 -42.97 6.53
CA ILE K 1025 -10.58 -43.36 5.14
C ILE K 1025 -9.20 -42.96 4.64
N VAL K 1026 -8.78 -41.73 4.94
CA VAL K 1026 -7.48 -41.29 4.45
C VAL K 1026 -6.37 -41.98 5.22
N TYR K 1027 -6.58 -42.32 6.48
CA TYR K 1027 -5.59 -43.12 7.19
C TYR K 1027 -5.43 -44.49 6.56
N THR K 1028 -6.54 -45.11 6.17
CA THR K 1028 -6.47 -46.40 5.51
C THR K 1028 -5.75 -46.30 4.18
N LEU K 1029 -6.03 -45.25 3.41
CA LEU K 1029 -5.34 -45.07 2.15
C LEU K 1029 -3.85 -44.86 2.36
N ARG K 1030 -3.48 -44.06 3.35
CA ARG K 1030 -2.06 -43.85 3.63
C ARG K 1030 -1.40 -45.15 4.05
N ILE K 1031 -2.08 -45.95 4.86
CA ILE K 1031 -1.54 -47.24 5.27
C ILE K 1031 -1.29 -48.13 4.07
N ILE K 1032 -2.29 -48.26 3.19
CA ILE K 1032 -2.17 -49.15 2.05
C ILE K 1032 -1.04 -48.69 1.13
N TYR K 1033 -1.01 -47.39 0.82
CA TYR K 1033 0.07 -46.88 -0.04
C TYR K 1033 1.43 -47.10 0.58
N GLY K 1034 1.66 -46.57 1.78
CA GLY K 1034 2.94 -46.76 2.44
C GLY K 1034 3.32 -48.21 2.65
N GLY K 1035 2.35 -49.13 2.59
CA GLY K 1035 2.68 -50.53 2.63
C GLY K 1035 3.30 -51.03 1.34
N GLU K 1036 3.08 -50.34 0.23
CA GLU K 1036 3.61 -50.73 -1.07
C GLU K 1036 4.85 -49.95 -1.46
N LYS K 1037 5.72 -49.64 -0.50
CA LYS K 1037 6.96 -48.94 -0.79
C LYS K 1037 8.08 -49.32 0.19
N SER N 2 -20.17 -43.04 76.87
CA SER N 2 -19.30 -43.94 76.14
C SER N 2 -18.74 -43.29 74.88
N THR N 3 -19.08 -43.84 73.72
CA THR N 3 -18.66 -43.33 72.44
C THR N 3 -19.76 -43.60 71.42
N GLN N 4 -20.02 -42.61 70.57
CA GLN N 4 -21.11 -42.73 69.61
C GLN N 4 -20.80 -41.94 68.35
N ARG N 5 -21.05 -42.56 67.21
CA ARG N 5 -21.04 -41.88 65.91
C ARG N 5 -22.41 -42.03 65.27
N GLU N 6 -22.60 -41.35 64.15
CA GLU N 6 -23.84 -41.45 63.40
C GLU N 6 -23.53 -41.36 61.91
N TYR N 7 -23.67 -42.47 61.20
CA TYR N 7 -23.52 -42.48 59.76
C TYR N 7 -24.71 -41.81 59.10
N VAL N 8 -24.44 -40.86 58.21
CA VAL N 8 -25.47 -40.16 57.47
C VAL N 8 -25.37 -40.59 56.00
N PHE N 9 -26.42 -41.22 55.51
CA PHE N 9 -26.46 -41.63 54.12
C PHE N 9 -26.22 -40.45 53.19
N ILE N 10 -25.60 -40.71 52.05
CA ILE N 10 -25.38 -39.64 51.07
C ILE N 10 -26.04 -40.02 49.75
N PRO N 11 -27.35 -39.85 49.61
CA PRO N 11 -27.98 -40.00 48.30
C PRO N 11 -27.95 -38.70 47.52
N ILE N 12 -28.54 -38.69 46.32
CA ILE N 12 -28.58 -37.49 45.49
C ILE N 12 -29.76 -36.63 45.93
N THR N 13 -30.52 -37.09 46.91
CA THR N 13 -31.75 -36.45 47.32
C THR N 13 -31.51 -35.49 48.47
N ASN N 14 -32.46 -34.58 48.66
CA ASN N 14 -32.40 -33.61 49.75
C ASN N 14 -32.92 -34.21 51.04
N SER N 15 -32.44 -35.40 51.39
CA SER N 15 -32.82 -36.06 52.63
C SER N 15 -31.78 -35.86 53.73
N ILE N 16 -31.04 -34.76 53.65
CA ILE N 16 -29.93 -34.50 54.58
C ILE N 16 -30.21 -33.33 55.51
N THR N 17 -31.25 -32.53 55.24
CA THR N 17 -31.46 -31.30 56.01
C THR N 17 -31.81 -31.61 57.47
N ILE N 18 -32.92 -32.29 57.70
CA ILE N 18 -33.34 -32.54 59.08
C ILE N 18 -33.21 -34.02 59.40
N ASP N 19 -32.01 -34.43 59.81
CA ASP N 19 -31.79 -35.70 60.49
C ASP N 19 -30.74 -35.58 61.58
N VAL N 20 -30.11 -34.42 61.73
CA VAL N 20 -29.04 -34.20 62.69
C VAL N 20 -29.46 -33.10 63.65
N LYS N 21 -29.00 -33.21 64.89
CA LYS N 21 -29.17 -32.15 65.87
C LYS N 21 -27.84 -31.81 66.49
N ILE N 22 -27.00 -32.83 66.69
CA ILE N 22 -25.70 -32.67 67.33
C ILE N 22 -24.65 -32.44 66.24
N THR N 23 -24.23 -31.18 66.07
CA THR N 23 -23.38 -30.84 64.94
C THR N 23 -21.92 -31.20 65.19
N ILE N 24 -21.43 -31.05 66.42
CA ILE N 24 -20.07 -31.46 66.76
C ILE N 24 -20.13 -32.38 67.97
N GLY N 25 -20.72 -31.91 69.07
CA GLY N 25 -20.94 -32.72 70.24
C GLY N 25 -19.72 -32.87 71.12
N GLY N 26 -18.78 -33.72 70.69
CA GLY N 26 -17.53 -33.89 71.40
C GLY N 26 -16.42 -33.09 70.73
N SER N 27 -15.42 -33.78 70.20
CA SER N 27 -14.35 -33.10 69.48
C SER N 27 -13.87 -33.81 68.22
N ASP N 28 -14.20 -35.08 68.00
CA ASP N 28 -13.49 -35.90 67.03
C ASP N 28 -14.40 -36.37 65.91
N HIS N 29 -13.98 -36.12 64.67
CA HIS N 29 -14.55 -36.72 63.48
C HIS N 29 -13.55 -37.72 62.90
N ILE N 30 -14.06 -38.87 62.46
CA ILE N 30 -13.17 -39.88 61.89
C ILE N 30 -12.85 -39.56 60.43
N THR N 31 -13.79 -38.96 59.73
CA THR N 31 -13.57 -38.55 58.35
C THR N 31 -12.95 -37.16 58.30
N ASN N 32 -11.98 -36.98 57.40
CA ASN N 32 -11.22 -35.73 57.32
C ASN N 32 -10.99 -35.36 55.87
N ILE N 33 -11.35 -34.13 55.51
CA ILE N 33 -10.98 -33.58 54.21
C ILE N 33 -9.77 -32.68 54.41
N ASP N 34 -8.58 -33.24 54.21
CA ASP N 34 -7.33 -32.52 54.46
C ASP N 34 -6.49 -32.55 53.20
N GLU N 35 -6.72 -31.57 52.32
CA GLU N 35 -5.88 -31.28 51.17
C GLU N 35 -5.73 -32.46 50.23
N ARG N 36 -6.54 -33.50 50.40
CA ARG N 36 -6.53 -34.63 49.47
C ARG N 36 -7.93 -35.16 49.19
N GLY N 37 -8.97 -34.53 49.71
CA GLY N 37 -10.34 -34.98 49.55
C GLY N 37 -10.86 -35.61 50.84
N ILE N 38 -12.05 -36.19 50.73
CA ILE N 38 -12.62 -36.93 51.84
C ILE N 38 -11.84 -38.23 52.02
N HIS N 39 -11.80 -38.73 53.24
CA HIS N 39 -11.09 -39.96 53.56
C HIS N 39 -11.90 -40.72 54.62
N ASN N 40 -11.41 -41.90 55.00
CA ASN N 40 -12.01 -42.70 56.07
C ASN N 40 -13.50 -42.93 55.83
N VAL N 41 -13.86 -43.16 54.57
CA VAL N 41 -15.25 -43.27 54.16
C VAL N 41 -15.76 -44.68 54.38
N LEU N 42 -16.89 -44.82 55.08
CA LEU N 42 -17.48 -46.12 55.34
C LEU N 42 -18.45 -46.50 54.23
N VAL N 43 -18.35 -47.76 53.79
CA VAL N 43 -19.28 -48.34 52.83
C VAL N 43 -20.02 -49.49 53.51
N ILE N 44 -21.32 -49.58 53.25
CA ILE N 44 -22.15 -50.63 53.83
C ILE N 44 -22.71 -51.47 52.69
N THR N 45 -22.52 -52.78 52.75
CA THR N 45 -23.00 -53.68 51.73
C THR N 45 -24.27 -54.38 52.19
N GLY N 46 -25.10 -54.76 51.22
CA GLY N 46 -26.32 -55.47 51.51
C GLY N 46 -27.48 -54.61 51.98
N TYR N 47 -27.36 -53.29 51.86
CA TYR N 47 -28.41 -52.38 52.30
C TYR N 47 -29.01 -51.69 51.08
N ALA N 48 -29.86 -50.69 51.33
CA ALA N 48 -30.50 -49.97 50.24
C ALA N 48 -30.96 -48.61 50.73
N VAL N 49 -31.75 -47.94 49.90
CA VAL N 49 -32.24 -46.60 50.18
C VAL N 49 -33.76 -46.59 49.95
N ASP N 50 -34.41 -45.54 50.45
CA ASP N 50 -35.83 -45.27 50.22
C ASP N 50 -36.02 -43.79 49.91
N GLU N 51 -35.28 -43.30 48.90
CA GLU N 51 -34.99 -41.87 48.69
C GLU N 51 -36.15 -40.93 48.98
N LYS N 52 -37.39 -41.39 48.85
CA LYS N 52 -38.50 -40.61 49.37
C LYS N 52 -38.43 -40.65 50.90
N ASN N 53 -37.77 -39.64 51.49
CA ASN N 53 -37.30 -39.70 52.88
C ASN N 53 -36.38 -40.91 53.06
N GLY N 54 -35.26 -40.86 52.35
CA GLY N 54 -34.35 -41.97 52.23
C GLY N 54 -33.80 -42.53 53.52
N ARG N 55 -34.23 -43.73 53.88
CA ARG N 55 -33.68 -44.45 55.02
C ARG N 55 -33.23 -45.82 54.55
N LEU N 56 -32.28 -46.40 55.28
CA LEU N 56 -31.59 -47.60 54.82
C LEU N 56 -32.51 -48.80 54.88
N VAL N 57 -32.67 -49.47 53.74
CA VAL N 57 -33.56 -50.62 53.59
C VAL N 57 -32.71 -51.89 53.62
N PRO N 58 -33.16 -52.97 54.27
CA PRO N 58 -32.38 -54.21 54.29
C PRO N 58 -32.57 -55.00 53.01
N THR N 59 -31.47 -55.45 52.42
CA THR N 59 -31.47 -56.36 51.29
C THR N 59 -30.60 -57.57 51.62
N LEU N 60 -30.43 -58.44 50.63
CA LEU N 60 -29.56 -59.59 50.79
C LEU N 60 -28.54 -59.74 49.66
N ASP N 61 -28.55 -58.84 48.69
CA ASP N 61 -27.50 -58.79 47.67
C ASP N 61 -26.29 -58.02 48.21
N PRO N 62 -25.09 -58.59 48.18
CA PRO N 62 -23.92 -57.85 48.65
C PRO N 62 -23.40 -56.82 47.66
N CYS N 63 -23.70 -56.97 46.36
CA CYS N 63 -23.22 -56.01 45.37
C CYS N 63 -23.82 -54.63 45.58
N ASP N 64 -24.88 -54.52 46.38
CA ASP N 64 -25.44 -53.21 46.70
C ASP N 64 -24.59 -52.55 47.77
N TYR N 65 -24.18 -51.32 47.51
CA TYR N 65 -23.32 -50.56 48.40
C TYR N 65 -23.91 -49.18 48.65
N VAL N 66 -23.63 -48.63 49.82
CA VAL N 66 -24.03 -47.26 50.17
C VAL N 66 -22.85 -46.59 50.86
N LYS N 67 -22.31 -45.55 50.23
CA LYS N 67 -21.13 -44.85 50.70
C LYS N 67 -21.52 -43.51 51.34
N GLY N 68 -20.91 -43.20 52.49
CA GLY N 68 -21.22 -41.95 53.15
C GLY N 68 -20.18 -41.60 54.20
N ILE N 69 -20.51 -40.59 55.00
CA ILE N 69 -19.58 -40.01 55.97
C ILE N 69 -19.97 -40.43 57.38
N LEU N 70 -18.97 -40.50 58.26
CA LEU N 70 -19.15 -40.82 59.67
C LEU N 70 -18.87 -39.60 60.53
N VAL N 71 -19.85 -39.20 61.34
CA VAL N 71 -19.72 -38.09 62.27
C VAL N 71 -20.16 -38.59 63.64
N ALA N 72 -19.87 -37.79 64.67
CA ALA N 72 -20.14 -38.17 66.05
C ALA N 72 -21.47 -37.62 66.55
N GLY N 73 -22.20 -38.45 67.29
CA GLY N 73 -23.34 -37.96 68.04
C GLY N 73 -24.49 -38.94 68.02
N THR N 74 -25.64 -38.44 68.46
CA THR N 74 -26.89 -39.17 68.52
C THR N 74 -27.96 -38.36 67.79
N PRO N 75 -28.68 -38.95 66.85
CA PRO N 75 -29.55 -38.15 65.96
C PRO N 75 -30.89 -37.82 66.59
N GLN N 76 -31.09 -36.53 66.89
CA GLN N 76 -32.40 -35.89 66.95
C GLN N 76 -33.26 -36.26 68.15
N GLN N 77 -32.83 -37.23 68.96
CA GLN N 77 -33.62 -37.74 70.08
C GLN N 77 -35.05 -38.10 69.65
N ALA N 78 -35.26 -38.27 68.35
CA ALA N 78 -36.56 -38.65 67.79
C ALA N 78 -36.48 -40.00 67.10
N GLN N 79 -35.59 -40.86 67.57
CA GLN N 79 -35.29 -42.14 66.92
C GLN N 79 -35.09 -43.16 68.03
N SER N 80 -34.46 -44.28 67.68
CA SER N 80 -34.22 -45.46 68.52
C SER N 80 -35.48 -46.31 68.58
N ASN N 81 -36.46 -46.02 67.73
CA ASN N 81 -37.62 -46.88 67.55
C ASN N 81 -37.59 -47.64 66.23
N ASP N 82 -36.94 -47.09 65.20
CA ASP N 82 -36.79 -47.77 63.91
C ASP N 82 -35.39 -47.59 63.32
N PHE N 83 -34.47 -46.95 64.04
CA PHE N 83 -33.11 -46.76 63.56
C PHE N 83 -32.23 -47.93 64.02
N LEU N 84 -31.35 -48.38 63.13
CA LEU N 84 -30.49 -49.53 63.43
C LEU N 84 -29.38 -49.07 64.35
N THR N 85 -29.50 -49.41 65.62
CA THR N 85 -28.50 -49.07 66.62
C THR N 85 -27.64 -50.27 66.96
N LEU N 86 -26.33 -50.05 67.03
CA LEU N 86 -25.40 -51.11 67.43
C LEU N 86 -24.07 -50.48 67.81
N LYS N 87 -23.21 -51.30 68.41
CA LYS N 87 -21.86 -50.91 68.79
C LYS N 87 -20.86 -51.85 68.11
N LEU N 88 -19.97 -51.29 67.30
CA LEU N 88 -18.95 -52.03 66.59
C LEU N 88 -17.60 -51.42 66.90
N PRO N 89 -16.67 -52.17 67.52
CA PRO N 89 -15.42 -51.60 68.04
C PRO N 89 -14.25 -51.59 67.04
N ALA N 90 -14.30 -50.66 66.09
CA ALA N 90 -13.17 -50.20 65.27
C ALA N 90 -12.71 -51.16 64.18
N ASN N 91 -13.25 -52.38 64.10
CA ASN N 91 -12.81 -53.31 63.08
C ASN N 91 -13.93 -53.87 62.22
N LYS N 92 -15.17 -53.85 62.69
CA LYS N 92 -16.30 -54.30 61.91
C LYS N 92 -16.80 -53.22 60.96
N LEU N 93 -15.96 -52.25 60.63
CA LEU N 93 -16.25 -51.21 59.68
C LEU N 93 -15.21 -51.24 58.58
N TYR N 94 -15.64 -50.97 57.35
CA TYR N 94 -14.75 -50.95 56.20
C TYR N 94 -14.68 -49.52 55.68
N LEU N 95 -13.57 -48.84 55.99
CA LEU N 95 -13.40 -47.45 55.63
C LEU N 95 -12.65 -47.31 54.31
N ILE N 96 -12.92 -46.20 53.61
CA ILE N 96 -12.24 -45.85 52.36
C ILE N 96 -11.28 -44.71 52.65
N ARG N 97 -10.01 -44.88 52.26
CA ARG N 97 -8.95 -43.92 52.54
C ARG N 97 -8.79 -43.70 54.05
N LYS N 98 -8.42 -44.77 54.74
CA LYS N 98 -8.15 -44.67 56.17
C LYS N 98 -6.93 -43.79 56.40
N LYS N 99 -7.09 -42.75 57.22
CA LYS N 99 -6.01 -41.82 57.52
C LYS N 99 -5.55 -41.91 58.97
N GLY N 100 -6.49 -41.87 59.92
CA GLY N 100 -6.17 -42.13 61.31
C GLY N 100 -6.53 -43.55 61.71
N ASN N 101 -6.48 -43.80 63.01
CA ASN N 101 -6.84 -45.08 63.58
C ASN N 101 -7.96 -44.89 64.60
N ILE N 102 -8.63 -45.99 64.95
CA ILE N 102 -9.74 -45.96 65.88
C ILE N 102 -9.36 -46.70 67.15
N SER N 103 -9.95 -46.28 68.27
CA SER N 103 -9.54 -46.73 69.60
C SER N 103 -10.37 -47.92 70.10
N ASP N 104 -10.90 -48.75 69.20
CA ASP N 104 -11.56 -50.00 69.57
C ASP N 104 -12.74 -49.78 70.52
N ASP N 105 -13.54 -48.74 70.28
CA ASP N 105 -14.75 -48.51 71.05
C ASP N 105 -15.65 -47.55 70.29
N LEU N 106 -16.82 -48.02 69.87
CA LEU N 106 -17.75 -47.16 69.16
C LEU N 106 -19.13 -47.79 69.07
N LYS N 107 -20.16 -47.02 69.42
CA LYS N 107 -21.54 -47.35 69.10
C LYS N 107 -21.93 -46.60 67.84
N ILE N 108 -22.67 -47.27 66.95
CA ILE N 108 -23.09 -46.69 65.68
C ILE N 108 -24.60 -46.57 65.65
N TYR N 109 -25.08 -45.44 65.12
CA TYR N 109 -26.49 -45.22 64.85
C TYR N 109 -26.71 -45.20 63.35
N ILE N 110 -27.71 -45.95 62.89
CA ILE N 110 -27.98 -46.09 61.47
C ILE N 110 -29.42 -45.69 61.18
N PRO N 111 -29.67 -44.81 60.21
CA PRO N 111 -31.05 -44.51 59.83
C PRO N 111 -31.67 -45.67 59.09
N TYR N 112 -32.53 -46.42 59.78
CA TYR N 112 -33.06 -47.68 59.28
C TYR N 112 -34.57 -47.57 59.08
N SER N 113 -35.08 -48.34 58.12
CA SER N 113 -36.49 -48.35 57.78
C SER N 113 -36.98 -49.79 57.64
N SER N 114 -38.26 -49.92 57.32
CA SER N 114 -38.92 -51.22 57.32
C SER N 114 -38.35 -52.13 56.24
N PRO N 115 -38.47 -53.45 56.40
CA PRO N 115 -38.06 -54.36 55.33
C PRO N 115 -38.87 -54.22 54.04
N ASP N 116 -40.04 -53.59 54.09
CA ASP N 116 -40.79 -53.19 52.89
C ASP N 116 -41.12 -54.39 52.00
N ALA N 117 -41.94 -55.29 52.54
CA ALA N 117 -42.35 -56.51 51.85
C ALA N 117 -43.64 -56.33 51.07
N ARG N 118 -43.71 -55.31 50.20
CA ARG N 118 -44.87 -55.14 49.32
C ARG N 118 -44.47 -54.84 47.88
N ASN N 119 -43.19 -54.67 47.60
CA ASN N 119 -42.73 -54.51 46.22
C ASN N 119 -41.27 -54.91 46.14
N SER N 120 -40.91 -55.61 45.06
CA SER N 120 -39.54 -56.03 44.85
C SER N 120 -38.60 -54.83 44.88
N MET N 121 -37.46 -55.00 45.53
CA MET N 121 -36.49 -53.91 45.65
C MET N 121 -35.49 -53.93 44.49
N LYS N 122 -36.02 -53.98 43.26
CA LYS N 122 -35.19 -53.96 42.06
C LYS N 122 -34.39 -52.67 42.03
N THR N 123 -33.07 -52.79 42.15
CA THR N 123 -32.22 -51.67 42.53
C THR N 123 -31.22 -51.35 41.43
N LYS N 124 -30.77 -50.10 41.39
CA LYS N 124 -29.88 -49.59 40.36
C LYS N 124 -28.99 -48.50 40.95
N PRO N 125 -27.70 -48.46 40.61
CA PRO N 125 -26.80 -47.49 41.23
C PRO N 125 -27.16 -46.05 40.91
N VAL N 126 -26.37 -45.14 41.47
CA VAL N 126 -26.52 -43.70 41.31
C VAL N 126 -25.17 -43.11 40.92
N SER N 127 -25.13 -42.44 39.77
CA SER N 127 -23.95 -41.69 39.35
C SER N 127 -24.14 -40.23 39.73
N ILE N 128 -23.17 -39.68 40.45
CA ILE N 128 -23.28 -38.33 40.99
C ILE N 128 -23.03 -37.32 39.88
N SER N 129 -24.09 -36.83 39.26
CA SER N 129 -24.03 -35.87 38.17
C SER N 129 -24.71 -34.57 38.61
N ASP N 130 -24.75 -33.60 37.69
CA ASP N 130 -25.47 -32.35 37.90
C ASP N 130 -24.96 -31.64 39.16
N ASP N 131 -23.70 -31.23 39.10
CA ASP N 131 -22.95 -30.74 40.26
C ASP N 131 -23.69 -29.66 41.04
N THR N 132 -24.76 -29.11 40.47
CA THR N 132 -25.67 -28.29 41.25
C THR N 132 -26.11 -29.02 42.52
N ILE N 133 -26.50 -30.29 42.38
CA ILE N 133 -26.81 -31.08 43.57
C ILE N 133 -25.57 -31.29 44.40
N VAL N 134 -24.40 -31.36 43.78
CA VAL N 134 -23.17 -31.46 44.56
C VAL N 134 -22.90 -30.14 45.28
N ASN N 135 -23.14 -29.02 44.58
CA ASN N 135 -23.01 -27.71 45.22
C ASN N 135 -23.90 -27.62 46.46
N ASN N 136 -25.11 -28.18 46.38
CA ASN N 136 -26.01 -28.13 47.52
C ASN N 136 -25.67 -29.17 48.59
N ILE N 137 -25.10 -30.31 48.20
CA ILE N 137 -24.83 -31.38 49.15
C ILE N 137 -23.54 -31.15 49.92
N ILE N 138 -22.59 -30.39 49.37
CA ILE N 138 -21.43 -29.99 50.17
C ILE N 138 -21.85 -29.03 51.27
N LYS N 139 -22.90 -28.24 51.03
CA LYS N 139 -23.40 -27.35 52.06
C LYS N 139 -24.30 -28.08 53.05
N GLU N 140 -25.14 -28.99 52.55
CA GLU N 140 -26.18 -29.59 53.38
C GLU N 140 -25.59 -30.40 54.53
N VAL N 141 -24.49 -31.12 54.29
CA VAL N 141 -23.87 -31.96 55.30
C VAL N 141 -22.44 -31.52 55.61
N PHE N 142 -21.66 -31.16 54.59
CA PHE N 142 -20.27 -30.78 54.81
C PHE N 142 -20.10 -29.33 55.18
N ASP N 143 -21.20 -28.61 55.41
CA ASP N 143 -21.17 -27.28 56.01
C ASP N 143 -22.01 -27.17 57.26
N LYS N 144 -22.93 -28.10 57.51
CA LYS N 144 -23.67 -28.11 58.76
C LYS N 144 -23.06 -29.09 59.76
N ILE N 145 -22.09 -29.89 59.33
CA ILE N 145 -21.25 -30.67 60.24
C ILE N 145 -19.77 -30.31 60.07
N TYR N 146 -19.31 -30.17 58.84
CA TYR N 146 -17.94 -29.76 58.56
C TYR N 146 -17.90 -28.25 58.35
N ASN N 147 -18.20 -27.54 59.45
CA ASN N 147 -18.22 -26.09 59.43
C ASN N 147 -16.90 -25.47 59.04
N ILE N 148 -15.80 -26.24 59.09
CA ILE N 148 -14.50 -25.74 58.70
C ILE N 148 -14.45 -25.44 57.21
N THR N 149 -15.45 -25.87 56.45
CA THR N 149 -15.54 -25.53 55.04
C THR N 149 -15.65 -24.02 54.86
N GLN N 150 -14.96 -23.49 53.86
CA GLN N 150 -14.81 -22.05 53.66
C GLN N 150 -14.25 -21.37 54.92
N LYS N 151 -13.44 -22.10 55.67
CA LYS N 151 -12.61 -21.54 56.73
C LYS N 151 -11.14 -21.90 56.54
N GLU N 152 -10.86 -23.11 56.11
CA GLU N 152 -9.50 -23.57 55.82
C GLU N 152 -9.36 -24.13 54.42
N LYS N 153 -10.41 -24.73 53.88
CA LYS N 153 -10.35 -25.36 52.55
C LYS N 153 -10.76 -24.34 51.49
N VAL N 154 -9.77 -23.82 50.76
CA VAL N 154 -10.06 -23.02 49.57
C VAL N 154 -10.12 -23.87 48.31
N LYS N 155 -9.73 -25.14 48.38
CA LYS N 155 -9.62 -26.00 47.21
C LYS N 155 -10.91 -26.83 47.04
N ILE N 156 -12.02 -26.10 46.96
CA ILE N 156 -13.32 -26.74 46.82
C ILE N 156 -13.40 -27.51 45.50
N GLU N 157 -12.58 -27.12 44.51
CA GLU N 157 -12.51 -27.87 43.27
C GLU N 157 -12.12 -29.32 43.48
N LYS N 158 -11.47 -29.63 44.60
CA LYS N 158 -11.10 -31.01 44.88
C LYS N 158 -12.19 -31.71 45.68
N VAL N 159 -12.80 -31.01 46.63
CA VAL N 159 -13.77 -31.59 47.56
C VAL N 159 -15.06 -31.96 46.85
N LYS N 160 -15.12 -31.68 45.55
CA LYS N 160 -16.26 -32.05 44.72
C LYS N 160 -15.94 -33.18 43.75
N GLU N 161 -14.69 -33.30 43.33
CA GLU N 161 -14.33 -34.35 42.39
C GLU N 161 -14.43 -35.72 43.04
N ASP N 162 -14.04 -35.84 44.31
CA ASP N 162 -14.26 -37.09 45.05
C ASP N 162 -15.74 -37.41 45.13
N ILE N 163 -16.59 -36.37 45.12
CA ILE N 163 -18.03 -36.61 45.08
C ILE N 163 -18.46 -37.05 43.69
N LYS N 164 -17.69 -36.69 42.66
CA LYS N 164 -18.00 -37.23 41.34
C LYS N 164 -17.49 -38.66 41.17
N GLU N 165 -16.45 -39.05 41.90
CA GLU N 165 -15.76 -40.31 41.64
C GLU N 165 -15.84 -41.33 42.78
N LEU N 166 -15.90 -40.90 44.03
CA LEU N 166 -15.79 -41.84 45.14
C LEU N 166 -17.14 -42.31 45.67
N PHE N 167 -18.20 -41.52 45.52
CA PHE N 167 -19.45 -41.80 46.20
C PHE N 167 -20.54 -42.22 45.22
N SER N 168 -21.20 -43.33 45.54
CA SER N 168 -22.34 -43.83 44.80
C SER N 168 -23.13 -44.75 45.71
N TYR N 169 -24.25 -45.26 45.19
CA TYR N 169 -25.10 -46.19 45.93
C TYR N 169 -26.17 -46.70 44.97
N TYR N 170 -26.67 -47.89 45.26
CA TYR N 170 -27.76 -48.48 44.50
C TYR N 170 -29.09 -47.89 44.97
N ALA N 171 -29.90 -47.43 44.02
CA ALA N 171 -31.18 -46.80 44.31
C ALA N 171 -32.30 -47.73 43.90
N LEU N 172 -33.30 -47.86 44.77
CA LEU N 172 -34.39 -48.79 44.52
C LEU N 172 -35.34 -48.26 43.45
N GLU N 173 -35.42 -46.94 43.28
CA GLU N 173 -36.35 -46.28 42.35
C GLU N 173 -37.80 -46.69 42.60
N GLN N 174 -38.11 -47.11 43.83
CA GLN N 174 -39.45 -47.55 44.18
C GLN N 174 -39.83 -47.08 45.58
N SER O 2 -49.05 -65.58 46.96
CA SER O 2 -48.35 -66.12 45.81
C SER O 2 -47.39 -67.23 46.21
N THR O 3 -46.15 -67.13 45.75
CA THR O 3 -45.10 -68.11 46.05
C THR O 3 -44.12 -67.50 47.04
N GLN O 4 -43.89 -68.21 48.14
CA GLN O 4 -43.05 -67.71 49.22
C GLN O 4 -42.13 -68.82 49.71
N ARG O 5 -41.00 -68.39 50.27
CA ARG O 5 -40.02 -69.31 50.85
C ARG O 5 -39.44 -68.70 52.12
N GLU O 6 -38.67 -69.50 52.84
CA GLU O 6 -38.09 -69.07 54.12
C GLU O 6 -36.62 -69.45 54.16
N TYR O 7 -35.80 -68.55 54.70
CA TYR O 7 -34.42 -68.88 55.00
C TYR O 7 -34.33 -69.44 56.42
N VAL O 8 -33.41 -70.37 56.63
CA VAL O 8 -33.22 -70.99 57.93
C VAL O 8 -31.73 -71.18 58.18
N PHE O 9 -31.22 -70.58 59.24
CA PHE O 9 -29.82 -70.72 59.60
C PHE O 9 -29.46 -72.19 59.85
N ILE O 10 -28.17 -72.49 59.77
CA ILE O 10 -27.68 -73.83 60.01
C ILE O 10 -26.54 -73.75 61.02
N PRO O 11 -26.82 -73.58 62.30
CA PRO O 11 -25.75 -73.43 63.29
C PRO O 11 -25.25 -74.75 63.84
N ILE O 12 -24.34 -74.70 64.80
CA ILE O 12 -23.88 -75.87 65.53
C ILE O 12 -24.54 -75.97 66.91
N THR O 13 -25.41 -75.03 67.25
CA THR O 13 -26.13 -75.03 68.50
C THR O 13 -27.57 -75.48 68.28
N ASN O 14 -28.17 -76.00 69.34
CA ASN O 14 -29.50 -76.58 69.24
C ASN O 14 -30.60 -75.52 69.29
N SER O 15 -30.48 -74.53 68.41
CA SER O 15 -31.55 -73.59 68.10
C SER O 15 -32.24 -73.96 66.80
N ILE O 16 -32.29 -75.27 66.50
CA ILE O 16 -32.65 -75.75 65.18
C ILE O 16 -33.95 -76.55 65.19
N THR O 17 -34.39 -77.04 66.35
CA THR O 17 -35.47 -78.02 66.40
C THR O 17 -36.75 -77.50 65.77
N ILE O 18 -37.35 -76.47 66.36
CA ILE O 18 -38.66 -75.98 65.95
C ILE O 18 -38.48 -74.57 65.40
N ASP O 19 -38.27 -74.48 64.09
CA ASP O 19 -38.27 -73.21 63.38
C ASP O 19 -39.14 -73.23 62.13
N VAL O 20 -39.48 -74.40 61.61
CA VAL O 20 -40.21 -74.54 60.36
C VAL O 20 -41.65 -74.88 60.69
N LYS O 21 -42.53 -74.59 59.75
CA LYS O 21 -43.93 -75.00 59.87
C LYS O 21 -44.42 -75.85 58.72
N ILE O 22 -44.09 -75.49 57.49
CA ILE O 22 -44.56 -76.19 56.30
C ILE O 22 -43.37 -76.84 55.61
N THR O 23 -43.55 -78.08 55.15
CA THR O 23 -42.45 -78.86 54.59
C THR O 23 -42.34 -78.73 53.08
N ILE O 24 -43.46 -78.63 52.36
CA ILE O 24 -43.46 -78.60 50.91
C ILE O 24 -43.96 -77.26 50.37
N GLY O 25 -44.98 -76.69 51.01
CA GLY O 25 -45.48 -75.39 50.60
C GLY O 25 -46.21 -75.48 49.28
N GLY O 26 -45.44 -75.72 48.21
CA GLY O 26 -45.98 -76.03 46.91
C GLY O 26 -45.62 -77.45 46.52
N SER O 27 -44.72 -77.59 45.54
CA SER O 27 -44.17 -78.88 45.16
C SER O 27 -42.65 -78.88 45.11
N ASP O 28 -42.02 -77.76 45.44
CA ASP O 28 -40.59 -77.58 45.21
C ASP O 28 -40.04 -76.60 46.23
N HIS O 29 -38.74 -76.71 46.48
CA HIS O 29 -38.01 -75.77 47.31
C HIS O 29 -36.78 -75.29 46.56
N ILE O 30 -36.26 -74.13 46.98
CA ILE O 30 -35.07 -73.59 46.33
C ILE O 30 -33.87 -74.51 46.56
N THR O 31 -33.67 -74.93 47.81
CA THR O 31 -32.55 -75.80 48.15
C THR O 31 -32.83 -77.19 47.61
N ASN O 32 -32.12 -77.56 46.53
CA ASN O 32 -32.26 -78.86 45.90
C ASN O 32 -31.07 -79.73 46.26
N ILE O 33 -31.32 -81.02 46.43
CA ILE O 33 -30.25 -81.99 46.66
C ILE O 33 -30.46 -83.18 45.74
N ASP O 34 -29.76 -83.19 44.61
CA ASP O 34 -29.91 -84.22 43.58
C ASP O 34 -28.55 -84.83 43.30
N GLU O 35 -28.32 -86.05 43.82
CA GLU O 35 -27.26 -86.98 43.43
C GLU O 35 -25.86 -86.38 43.40
N ARG O 36 -25.69 -85.15 43.91
CA ARG O 36 -24.37 -84.54 44.00
C ARG O 36 -24.13 -83.78 45.28
N GLY O 37 -25.11 -83.67 46.17
CA GLY O 37 -25.01 -82.84 47.35
C GLY O 37 -25.96 -81.66 47.27
N ILE O 38 -25.79 -80.74 48.23
CA ILE O 38 -26.73 -79.64 48.39
C ILE O 38 -26.47 -78.57 47.34
N HIS O 39 -27.54 -77.92 46.89
CA HIS O 39 -27.47 -76.80 45.97
C HIS O 39 -28.20 -75.61 46.56
N ASN O 40 -28.07 -74.46 45.88
CA ASN O 40 -28.82 -73.24 46.19
C ASN O 40 -28.74 -72.87 47.67
N VAL O 41 -27.53 -72.95 48.23
CA VAL O 41 -27.31 -72.53 49.61
C VAL O 41 -27.12 -71.01 49.63
N LEU O 42 -28.00 -70.32 50.35
CA LEU O 42 -27.97 -68.86 50.40
C LEU O 42 -27.10 -68.40 51.57
N VAL O 43 -26.30 -67.37 51.32
CA VAL O 43 -25.46 -66.76 52.34
C VAL O 43 -25.97 -65.36 52.61
N ILE O 44 -25.99 -64.98 53.88
CA ILE O 44 -26.39 -63.64 54.30
C ILE O 44 -25.14 -62.93 54.80
N THR O 45 -24.64 -62.01 54.00
CA THR O 45 -23.41 -61.30 54.30
C THR O 45 -23.72 -60.00 55.03
N GLY O 46 -22.81 -59.62 55.92
CA GLY O 46 -22.98 -58.42 56.71
C GLY O 46 -23.70 -58.62 58.03
N TYR O 47 -24.16 -59.83 58.34
CA TYR O 47 -24.93 -60.09 59.54
C TYR O 47 -24.37 -61.31 60.27
N ALA O 48 -24.42 -61.26 61.60
CA ALA O 48 -23.89 -62.34 62.45
C ALA O 48 -25.02 -62.96 63.27
N VAL O 49 -24.67 -63.99 64.03
CA VAL O 49 -25.67 -64.83 64.68
C VAL O 49 -25.64 -64.58 66.19
N ASP O 50 -26.63 -65.12 66.88
CA ASP O 50 -26.79 -65.03 68.33
C ASP O 50 -27.04 -66.44 68.89
N GLU O 51 -26.09 -67.35 68.61
CA GLU O 51 -26.28 -68.80 68.67
C GLU O 51 -27.23 -69.30 69.75
N LYS O 52 -27.17 -68.72 70.95
CA LYS O 52 -28.17 -69.01 71.97
C LYS O 52 -29.49 -68.39 71.51
N ASN O 53 -30.39 -69.23 71.00
CA ASN O 53 -31.49 -68.78 70.16
C ASN O 53 -30.90 -68.04 68.95
N GLY O 54 -30.17 -68.80 68.15
CA GLY O 54 -29.37 -68.27 67.07
C GLY O 54 -30.15 -67.43 66.09
N ARG O 55 -29.95 -66.12 66.13
CA ARG O 55 -30.71 -65.20 65.32
C ARG O 55 -29.78 -64.15 64.71
N LEU O 56 -30.28 -63.53 63.63
CA LEU O 56 -29.44 -62.70 62.78
C LEU O 56 -29.20 -61.35 63.45
N VAL O 57 -27.96 -61.11 63.86
CA VAL O 57 -27.56 -59.84 64.46
C VAL O 57 -27.18 -58.90 63.33
N PRO O 58 -27.88 -57.77 63.15
CA PRO O 58 -27.55 -56.89 62.02
C PRO O 58 -26.26 -56.11 62.23
N THR O 59 -25.21 -56.51 61.51
CA THR O 59 -23.94 -55.80 61.53
C THR O 59 -23.75 -55.02 60.24
N LEU O 60 -22.67 -54.25 60.18
CA LEU O 60 -22.28 -53.56 58.96
C LEU O 60 -21.01 -54.11 58.36
N ASP O 61 -20.33 -55.00 59.07
CA ASP O 61 -19.10 -55.61 58.57
C ASP O 61 -19.40 -56.53 57.40
N PRO O 62 -18.82 -56.29 56.22
CA PRO O 62 -18.98 -57.25 55.13
C PRO O 62 -18.18 -58.53 55.32
N CYS O 63 -17.27 -58.57 56.30
CA CYS O 63 -16.56 -59.82 56.56
C CYS O 63 -17.48 -60.87 57.16
N ASP O 64 -18.56 -60.45 57.81
CA ASP O 64 -19.48 -61.38 58.46
C ASP O 64 -20.43 -61.98 57.44
N TYR O 65 -20.45 -63.30 57.34
CA TYR O 65 -21.40 -64.01 56.51
C TYR O 65 -21.98 -65.18 57.28
N VAL O 66 -23.24 -65.50 56.99
CA VAL O 66 -23.92 -66.65 57.55
C VAL O 66 -24.65 -67.37 56.43
N LYS O 67 -24.72 -68.70 56.53
CA LYS O 67 -25.29 -69.53 55.49
C LYS O 67 -26.52 -70.28 56.02
N GLY O 68 -27.45 -70.55 55.10
CA GLY O 68 -28.62 -71.35 55.43
C GLY O 68 -29.30 -71.80 54.15
N ILE O 69 -30.25 -72.71 54.31
CA ILE O 69 -30.99 -73.26 53.17
C ILE O 69 -32.34 -72.58 53.09
N LEU O 70 -32.93 -72.65 51.91
CA LEU O 70 -34.17 -71.95 51.59
C LEU O 70 -35.28 -72.96 51.31
N VAL O 71 -36.39 -72.82 52.03
CA VAL O 71 -37.56 -73.66 51.84
C VAL O 71 -38.82 -72.80 51.98
N ALA O 72 -39.94 -73.37 51.54
CA ALA O 72 -41.19 -72.64 51.48
C ALA O 72 -41.90 -72.64 52.83
N GLY O 73 -42.54 -71.53 53.15
CA GLY O 73 -43.40 -71.46 54.32
C GLY O 73 -43.13 -70.22 55.14
N THR O 74 -44.13 -69.86 55.95
CA THR O 74 -44.03 -68.77 56.89
C THR O 74 -43.88 -69.37 58.28
N PRO O 75 -42.89 -68.96 59.06
CA PRO O 75 -42.50 -69.74 60.25
C PRO O 75 -43.51 -69.73 61.38
N GLN O 76 -44.14 -70.87 61.63
CA GLN O 76 -44.88 -71.23 62.84
C GLN O 76 -46.10 -70.35 63.13
N GLN O 77 -46.38 -69.34 62.30
CA GLN O 77 -47.58 -68.51 62.42
C GLN O 77 -47.73 -67.89 63.83
N ALA O 78 -46.59 -67.54 64.43
CA ALA O 78 -46.60 -66.77 65.66
C ALA O 78 -45.48 -65.73 65.64
N GLN O 79 -45.17 -65.19 64.46
CA GLN O 79 -43.94 -64.45 64.24
C GLN O 79 -44.26 -63.26 63.34
N SER O 80 -43.24 -62.71 62.69
CA SER O 80 -43.26 -61.60 61.72
C SER O 80 -43.28 -60.22 62.38
N ASN O 81 -43.10 -60.14 63.70
CA ASN O 81 -42.74 -58.88 64.35
C ASN O 81 -41.30 -58.90 64.85
N ASP O 82 -40.52 -59.91 64.46
CA ASP O 82 -39.10 -59.96 64.73
C ASP O 82 -38.29 -60.54 63.58
N PHE O 83 -38.93 -60.86 62.46
CA PHE O 83 -38.31 -61.53 61.33
C PHE O 83 -38.21 -60.59 60.13
N LEU O 84 -37.48 -61.06 59.11
CA LEU O 84 -37.29 -60.29 57.88
C LEU O 84 -38.13 -60.92 56.78
N THR O 85 -39.25 -60.28 56.47
CA THR O 85 -40.07 -60.63 55.32
C THR O 85 -39.83 -59.62 54.21
N LEU O 86 -39.49 -60.11 53.03
CA LEU O 86 -39.14 -59.25 51.91
C LEU O 86 -39.45 -59.97 50.61
N LYS O 87 -39.23 -59.26 49.49
CA LYS O 87 -39.51 -59.77 48.16
C LYS O 87 -38.46 -59.27 47.19
N LEU O 88 -37.69 -60.19 46.61
CA LEU O 88 -36.65 -59.82 45.66
C LEU O 88 -36.76 -60.64 44.39
N PRO O 89 -36.51 -60.02 43.23
CA PRO O 89 -36.74 -60.73 41.97
C PRO O 89 -35.65 -61.71 41.58
N ALA O 90 -35.23 -62.56 42.52
CA ALA O 90 -34.43 -63.75 42.25
C ALA O 90 -33.05 -63.46 41.65
N ASN O 91 -32.70 -62.18 41.47
CA ASN O 91 -31.38 -61.83 40.97
C ASN O 91 -30.47 -61.22 42.02
N LYS O 92 -31.02 -60.81 43.16
CA LYS O 92 -30.25 -60.10 44.19
C LYS O 92 -30.08 -60.96 45.44
N LEU O 93 -29.83 -62.24 45.26
CA LEU O 93 -29.59 -63.17 46.36
C LEU O 93 -28.28 -63.90 46.12
N TYR O 94 -27.40 -63.86 47.11
CA TYR O 94 -26.11 -64.55 46.98
C TYR O 94 -26.33 -66.03 47.24
N LEU O 95 -26.68 -66.75 46.19
CA LEU O 95 -26.95 -68.18 46.26
C LEU O 95 -25.76 -68.94 45.70
N ILE O 96 -25.24 -69.88 46.48
CA ILE O 96 -24.11 -70.70 46.08
C ILE O 96 -24.62 -71.99 45.47
N ARG O 97 -23.90 -72.49 44.46
CA ARG O 97 -24.23 -73.74 43.78
C ARG O 97 -25.55 -73.65 43.04
N LYS O 98 -25.74 -72.51 42.36
CA LYS O 98 -26.91 -72.32 41.50
C LYS O 98 -27.01 -73.44 40.48
N LYS O 99 -28.09 -74.21 40.55
CA LYS O 99 -28.31 -75.33 39.63
C LYS O 99 -29.35 -74.99 38.57
N GLY O 100 -30.55 -74.61 38.97
CA GLY O 100 -31.61 -74.27 38.04
C GLY O 100 -31.78 -72.77 37.88
N ASN O 101 -32.99 -72.37 37.52
CA ASN O 101 -33.38 -70.98 37.41
C ASN O 101 -34.60 -70.70 38.29
N ILE O 102 -34.85 -69.42 38.51
CA ILE O 102 -36.03 -68.96 39.23
C ILE O 102 -36.79 -68.02 38.31
N SER O 103 -38.09 -67.84 38.59
CA SER O 103 -39.01 -67.06 37.78
C SER O 103 -38.86 -65.55 37.96
N ASP O 104 -37.72 -65.10 38.50
CA ASP O 104 -37.43 -63.67 38.68
C ASP O 104 -38.37 -63.02 39.69
N ASP O 105 -38.84 -63.80 40.67
CA ASP O 105 -39.68 -63.28 41.74
C ASP O 105 -39.70 -64.31 42.86
N LEU O 106 -39.53 -63.86 44.10
CA LEU O 106 -39.52 -64.78 45.22
C LEU O 106 -39.68 -64.03 46.54
N LYS O 107 -40.58 -64.53 47.38
CA LYS O 107 -40.84 -63.99 48.70
C LYS O 107 -40.10 -64.83 49.72
N ILE O 108 -39.33 -64.18 50.60
CA ILE O 108 -38.39 -64.85 51.47
C ILE O 108 -38.68 -64.45 52.91
N TYR O 109 -38.39 -65.37 53.83
CA TYR O 109 -38.44 -65.10 55.27
C TYR O 109 -37.08 -65.39 55.89
N ILE O 110 -36.66 -64.53 56.81
CA ILE O 110 -35.36 -64.67 57.46
C ILE O 110 -35.50 -64.55 58.97
N PRO O 111 -34.92 -65.47 59.75
CA PRO O 111 -34.90 -65.31 61.21
C PRO O 111 -34.01 -64.17 61.66
N TYR O 112 -34.61 -63.12 62.21
CA TYR O 112 -33.92 -61.87 62.51
C TYR O 112 -33.87 -61.64 64.01
N SER O 113 -32.86 -60.89 64.45
CA SER O 113 -32.67 -60.57 65.86
C SER O 113 -32.55 -59.07 66.06
N SER O 114 -32.79 -58.66 67.29
CA SER O 114 -32.44 -57.30 67.68
C SER O 114 -30.94 -57.19 67.90
N PRO O 115 -30.35 -56.04 67.59
CA PRO O 115 -28.89 -55.90 67.72
C PRO O 115 -28.38 -56.10 69.14
N ASP O 116 -29.23 -55.96 70.16
CA ASP O 116 -28.82 -55.95 71.56
C ASP O 116 -27.79 -54.84 71.79
N ALA O 117 -28.26 -53.61 71.66
CA ALA O 117 -27.40 -52.44 71.67
C ALA O 117 -26.84 -52.14 73.05
N ARG O 118 -26.00 -53.05 73.57
CA ARG O 118 -25.34 -52.84 74.86
C ARG O 118 -23.90 -53.32 74.90
N ASN O 119 -23.40 -53.96 73.85
CA ASN O 119 -22.09 -54.60 73.90
C ASN O 119 -21.36 -54.44 72.57
N SER O 120 -20.05 -54.65 72.60
CA SER O 120 -19.21 -54.52 71.42
C SER O 120 -19.13 -55.86 70.70
N MET O 121 -19.63 -55.89 69.46
CA MET O 121 -19.77 -57.13 68.72
C MET O 121 -18.44 -57.67 68.24
N LYS O 122 -17.61 -58.15 69.17
CA LYS O 122 -16.33 -58.79 68.83
C LYS O 122 -16.65 -60.20 68.34
N THR O 123 -16.93 -60.30 67.04
CA THR O 123 -17.45 -61.54 66.48
C THR O 123 -16.33 -62.56 66.27
N LYS O 124 -16.74 -63.76 65.83
CA LYS O 124 -15.81 -64.83 65.50
C LYS O 124 -16.51 -65.91 64.69
N PRO O 125 -15.91 -66.40 63.61
CA PRO O 125 -16.52 -67.48 62.84
C PRO O 125 -16.24 -68.87 63.42
N VAL O 126 -17.20 -69.76 63.17
CA VAL O 126 -17.17 -71.13 63.66
C VAL O 126 -17.39 -72.06 62.47
N SER O 127 -16.70 -73.20 62.46
CA SER O 127 -16.81 -74.17 61.39
C SER O 127 -17.59 -75.39 61.83
N ILE O 128 -18.08 -76.16 60.86
CA ILE O 128 -18.89 -77.34 61.13
C ILE O 128 -17.95 -78.54 61.20
N SER O 129 -17.72 -79.03 62.42
CA SER O 129 -16.94 -80.23 62.68
C SER O 129 -17.75 -81.13 63.60
N ASP O 130 -17.10 -82.13 64.21
CA ASP O 130 -17.75 -83.02 65.18
C ASP O 130 -18.92 -83.75 64.53
N ASP O 131 -18.57 -84.64 63.60
CA ASP O 131 -19.55 -85.36 62.79
C ASP O 131 -20.72 -85.90 63.62
N THR O 132 -20.49 -86.14 64.91
CA THR O 132 -21.60 -86.50 65.79
C THR O 132 -22.70 -85.44 65.76
N ILE O 133 -22.31 -84.16 65.76
CA ILE O 133 -23.28 -83.10 65.53
C ILE O 133 -23.78 -83.13 64.10
N VAL O 134 -22.87 -83.32 63.13
CA VAL O 134 -23.27 -83.44 61.74
C VAL O 134 -24.22 -84.61 61.54
N ASN O 135 -24.13 -85.64 62.37
CA ASN O 135 -25.05 -86.77 62.25
C ASN O 135 -26.43 -86.43 62.80
N ASN O 136 -26.51 -86.00 64.06
CA ASN O 136 -27.83 -85.72 64.63
C ASN O 136 -28.42 -84.42 64.15
N ILE O 137 -27.74 -83.69 63.26
CA ILE O 137 -28.39 -82.57 62.60
C ILE O 137 -28.94 -82.99 61.24
N ILE O 138 -28.46 -84.11 60.69
CA ILE O 138 -29.00 -84.64 59.44
C ILE O 138 -30.51 -84.84 59.56
N LYS O 139 -30.96 -85.38 60.69
CA LYS O 139 -32.37 -85.71 60.85
C LYS O 139 -33.22 -84.46 61.02
N GLU O 140 -32.80 -83.56 61.92
CA GLU O 140 -33.68 -82.48 62.34
C GLU O 140 -33.96 -81.49 61.22
N VAL O 141 -33.05 -81.37 60.25
CA VAL O 141 -33.16 -80.36 59.21
C VAL O 141 -33.42 -80.98 57.84
N PHE O 142 -32.87 -82.16 57.57
CA PHE O 142 -32.97 -82.76 56.23
C PHE O 142 -33.97 -83.90 56.15
N ASP O 143 -34.74 -84.14 57.21
CA ASP O 143 -35.80 -85.15 57.16
C ASP O 143 -37.19 -84.54 57.23
N LYS O 144 -37.46 -83.73 58.25
CA LYS O 144 -38.75 -83.06 58.35
C LYS O 144 -38.96 -82.06 57.23
N ILE O 145 -37.92 -81.77 56.45
CA ILE O 145 -37.99 -80.79 55.38
C ILE O 145 -37.86 -81.45 54.01
N TYR O 146 -36.98 -82.43 53.86
CA TYR O 146 -36.79 -83.12 52.58
C TYR O 146 -37.02 -84.60 52.80
N ASN O 147 -38.22 -85.06 52.42
CA ASN O 147 -38.57 -86.46 52.55
C ASN O 147 -37.88 -87.35 51.53
N ILE O 148 -37.33 -86.76 50.46
CA ILE O 148 -36.65 -87.55 49.44
C ILE O 148 -35.42 -88.24 49.99
N THR O 149 -34.86 -87.74 51.09
CA THR O 149 -33.70 -88.36 51.70
C THR O 149 -34.02 -89.78 52.16
N GLN O 150 -32.99 -90.62 52.20
CA GLN O 150 -33.09 -92.05 52.49
C GLN O 150 -33.85 -92.82 51.42
N LYS O 151 -34.27 -92.16 50.35
CA LYS O 151 -34.82 -92.81 49.17
C LYS O 151 -34.01 -92.54 47.91
N GLU O 152 -33.68 -91.28 47.63
CA GLU O 152 -32.85 -90.94 46.49
C GLU O 152 -31.40 -90.64 46.86
N LYS O 153 -31.15 -90.15 48.07
CA LYS O 153 -29.79 -89.87 48.51
C LYS O 153 -29.25 -91.10 49.22
N VAL O 154 -28.75 -92.05 48.43
CA VAL O 154 -27.99 -93.16 49.00
C VAL O 154 -26.61 -92.70 49.45
N LYS O 155 -26.12 -91.59 48.89
CA LYS O 155 -24.80 -91.06 49.22
C LYS O 155 -24.90 -90.06 50.37
N ILE O 156 -25.33 -90.56 51.53
CA ILE O 156 -25.33 -89.72 52.72
C ILE O 156 -23.91 -89.31 53.08
N GLU O 157 -22.95 -90.23 52.94
CA GLU O 157 -21.56 -89.91 53.24
C GLU O 157 -21.01 -88.82 52.32
N LYS O 158 -21.59 -88.66 51.13
CA LYS O 158 -21.19 -87.55 50.27
C LYS O 158 -21.83 -86.24 50.73
N VAL O 159 -23.10 -86.30 51.15
CA VAL O 159 -23.77 -85.12 51.68
C VAL O 159 -23.46 -84.90 53.15
N LYS O 160 -22.51 -85.65 53.72
CA LYS O 160 -22.04 -85.36 55.07
C LYS O 160 -20.86 -84.39 55.03
N GLU O 161 -19.89 -84.65 54.16
CA GLU O 161 -18.67 -83.83 54.14
C GLU O 161 -19.00 -82.38 53.79
N ASP O 162 -19.97 -82.17 52.89
CA ASP O 162 -20.27 -80.81 52.47
C ASP O 162 -20.77 -79.97 53.63
N ILE O 163 -21.51 -80.58 54.55
CA ILE O 163 -21.91 -79.88 55.77
C ILE O 163 -20.68 -79.33 56.49
N LYS O 164 -19.61 -80.11 56.52
CA LYS O 164 -18.38 -79.72 57.20
C LYS O 164 -17.46 -78.86 56.34
N GLU O 165 -17.80 -78.64 55.07
CA GLU O 165 -16.97 -77.81 54.20
C GLU O 165 -17.73 -76.70 53.50
N LEU O 166 -19.06 -76.80 53.37
CA LEU O 166 -19.82 -75.78 52.69
C LEU O 166 -20.40 -74.74 53.64
N PHE O 167 -21.00 -75.17 54.74
CA PHE O 167 -21.74 -74.28 55.63
C PHE O 167 -20.83 -73.78 56.75
N SER O 168 -20.82 -72.46 56.94
CA SER O 168 -20.09 -71.81 58.02
C SER O 168 -20.71 -70.44 58.24
N TYR O 169 -20.28 -69.78 59.31
CA TYR O 169 -20.84 -68.47 59.67
C TYR O 169 -20.00 -67.87 60.79
N TYR O 170 -20.34 -66.63 61.16
CA TYR O 170 -19.72 -65.90 62.27
C TYR O 170 -20.66 -65.88 63.46
N ALA O 171 -20.10 -65.55 64.63
CA ALA O 171 -20.87 -65.48 65.86
C ALA O 171 -20.32 -64.39 66.76
N LEU O 172 -21.21 -63.80 67.57
CA LEU O 172 -20.82 -62.73 68.48
C LEU O 172 -19.84 -63.21 69.54
N GLU O 173 -20.12 -64.37 70.13
CA GLU O 173 -19.33 -64.90 71.23
C GLU O 173 -19.24 -63.90 72.38
N GLN O 174 -20.40 -63.50 72.88
CA GLN O 174 -20.49 -62.55 74.00
C GLN O 174 -21.44 -63.04 75.08
N SER P 2 15.53 80.92 -71.97
CA SER P 2 15.15 79.63 -71.44
C SER P 2 13.66 79.36 -71.65
N THR P 3 13.10 78.51 -70.81
CA THR P 3 11.68 78.19 -70.84
C THR P 3 10.95 79.07 -69.82
N GLN P 4 9.75 79.50 -70.20
CA GLN P 4 9.00 80.49 -69.45
C GLN P 4 7.62 79.96 -69.13
N ARG P 5 7.10 80.33 -67.97
CA ARG P 5 5.70 80.11 -67.62
C ARG P 5 5.07 81.41 -67.16
N GLU P 6 3.80 81.59 -67.49
CA GLU P 6 3.04 82.75 -67.07
C GLU P 6 1.87 82.29 -66.22
N TYR P 7 1.76 82.85 -65.02
CA TYR P 7 0.69 82.48 -64.10
C TYR P 7 -0.66 82.95 -64.62
N VAL P 8 -1.70 82.21 -64.27
CA VAL P 8 -3.07 82.60 -64.59
C VAL P 8 -3.90 82.54 -63.31
N PHE P 9 -4.30 83.71 -62.82
CA PHE P 9 -5.30 83.80 -61.78
C PHE P 9 -6.56 83.06 -62.20
N ILE P 10 -7.13 82.30 -61.28
CA ILE P 10 -8.33 81.52 -61.58
C ILE P 10 -9.46 81.95 -60.66
N PRO P 11 -10.08 83.10 -60.91
CA PRO P 11 -11.14 83.58 -60.01
C PRO P 11 -12.52 83.10 -60.41
N ILE P 12 -13.54 83.59 -59.72
CA ILE P 12 -14.92 83.31 -60.08
C ILE P 12 -15.48 84.46 -60.92
N THR P 13 -14.57 85.27 -61.45
CA THR P 13 -14.94 86.42 -62.27
C THR P 13 -14.34 86.30 -63.66
N ASN P 14 -15.00 86.94 -64.63
CA ASN P 14 -14.68 86.79 -66.05
C ASN P 14 -13.78 87.93 -66.53
N SER P 15 -12.50 87.84 -66.18
CA SER P 15 -11.47 88.75 -66.68
C SER P 15 -10.29 88.00 -67.27
N ILE P 16 -10.56 86.88 -67.94
CA ILE P 16 -9.51 85.94 -68.33
C ILE P 16 -9.48 85.68 -69.84
N THR P 17 -10.42 86.22 -70.61
CA THR P 17 -10.53 85.87 -72.02
C THR P 17 -9.29 86.30 -72.80
N ILE P 18 -9.06 87.61 -72.91
CA ILE P 18 -7.90 88.09 -73.64
C ILE P 18 -6.82 88.55 -72.67
N ASP P 19 -5.97 87.61 -72.25
CA ASP P 19 -4.81 87.94 -71.45
C ASP P 19 -3.56 87.19 -71.90
N VAL P 20 -3.68 86.31 -72.89
CA VAL P 20 -2.55 85.54 -73.39
C VAL P 20 -2.59 85.60 -74.91
N LYS P 21 -1.40 85.54 -75.52
CA LYS P 21 -1.27 85.38 -76.96
C LYS P 21 -0.80 83.99 -77.35
N ILE P 22 -0.60 83.09 -76.39
CA ILE P 22 0.03 81.80 -76.62
C ILE P 22 -0.95 80.70 -76.23
N THR P 23 -1.11 79.72 -77.11
CA THR P 23 -2.02 78.61 -76.84
C THR P 23 -1.31 77.48 -76.12
N ILE P 24 -0.15 77.06 -76.64
CA ILE P 24 0.67 76.03 -76.00
C ILE P 24 2.10 76.51 -75.76
N GLY P 25 2.73 77.04 -76.80
CA GLY P 25 4.07 77.59 -76.66
C GLY P 25 5.14 76.52 -76.58
N GLY P 26 5.22 75.84 -75.44
CA GLY P 26 6.10 74.71 -75.24
C GLY P 26 5.37 73.40 -75.47
N SER P 27 5.93 72.33 -74.92
CA SER P 27 5.29 71.02 -74.99
C SER P 27 4.88 70.48 -73.63
N ASP P 28 5.33 71.10 -72.55
CA ASP P 28 5.00 70.68 -71.20
C ASP P 28 4.50 71.88 -70.41
N HIS P 29 3.44 71.68 -69.63
CA HIS P 29 3.01 72.63 -68.62
C HIS P 29 3.22 72.01 -67.25
N ILE P 30 3.44 72.85 -66.25
CA ILE P 30 3.59 72.35 -64.88
C ILE P 30 2.29 71.67 -64.45
N THR P 31 1.19 72.41 -64.45
CA THR P 31 -0.10 71.83 -64.13
C THR P 31 -0.48 70.75 -65.12
N ASN P 32 -0.87 69.59 -64.60
CA ASN P 32 -1.32 68.48 -65.42
C ASN P 32 -2.67 68.02 -64.90
N ILE P 33 -3.47 67.44 -65.80
CA ILE P 33 -4.78 66.89 -65.47
C ILE P 33 -4.83 65.49 -66.06
N ASP P 34 -4.72 64.47 -65.20
CA ASP P 34 -4.60 63.08 -65.67
C ASP P 34 -5.43 62.15 -64.79
N GLU P 35 -6.69 61.95 -65.20
CA GLU P 35 -7.58 60.92 -64.67
C GLU P 35 -7.74 60.99 -63.15
N ARG P 36 -7.31 62.08 -62.53
CA ARG P 36 -7.44 62.22 -61.09
C ARG P 36 -7.89 63.60 -60.65
N GLY P 37 -8.10 64.53 -61.56
CA GLY P 37 -8.34 65.92 -61.22
C GLY P 37 -7.19 66.80 -61.66
N ILE P 38 -7.07 67.93 -60.98
CA ILE P 38 -6.00 68.88 -61.30
C ILE P 38 -4.76 68.54 -60.47
N HIS P 39 -3.59 68.89 -61.00
CA HIS P 39 -2.33 68.56 -60.34
C HIS P 39 -1.34 69.70 -60.49
N ASN P 40 -0.33 69.70 -59.61
CA ASN P 40 0.82 70.59 -59.66
C ASN P 40 0.45 72.07 -59.53
N VAL P 41 -0.74 72.38 -58.99
CA VAL P 41 -1.20 73.75 -58.93
C VAL P 41 -0.23 74.59 -58.10
N LEU P 42 0.05 75.80 -58.59
CA LEU P 42 0.83 76.76 -57.84
C LEU P 42 -0.09 77.65 -57.02
N VAL P 43 0.39 78.05 -55.85
CA VAL P 43 -0.32 78.98 -54.98
C VAL P 43 0.57 80.17 -54.72
N ILE P 44 0.06 81.36 -55.03
CA ILE P 44 0.77 82.60 -54.76
C ILE P 44 0.17 83.20 -53.50
N THR P 45 0.98 83.30 -52.47
CA THR P 45 0.55 83.85 -51.18
C THR P 45 1.00 85.29 -51.06
N GLY P 46 0.36 86.01 -50.14
CA GLY P 46 0.66 87.40 -49.91
C GLY P 46 -0.13 88.38 -50.77
N TYR P 47 -0.83 87.91 -51.79
CA TYR P 47 -1.54 88.77 -52.72
C TYR P 47 -3.02 88.41 -52.73
N ALA P 48 -3.82 89.36 -53.20
CA ALA P 48 -5.24 89.15 -53.45
C ALA P 48 -5.52 89.45 -54.92
N VAL P 49 -6.74 89.18 -55.37
CA VAL P 49 -7.09 89.38 -56.76
C VAL P 49 -7.88 90.68 -56.89
N ASP P 50 -7.98 91.16 -58.12
CA ASP P 50 -8.58 92.45 -58.46
C ASP P 50 -9.62 92.26 -59.55
N GLU P 51 -10.58 91.35 -59.29
CA GLU P 51 -11.46 90.74 -60.29
C GLU P 51 -11.81 91.60 -61.49
N LYS P 52 -12.18 92.87 -61.27
CA LYS P 52 -12.31 93.82 -62.38
C LYS P 52 -10.91 94.15 -62.88
N ASN P 53 -10.54 93.57 -64.03
CA ASN P 53 -9.14 93.42 -64.40
C ASN P 53 -8.41 92.60 -63.34
N GLY P 54 -8.82 91.33 -63.24
CA GLY P 54 -8.29 90.44 -62.24
C GLY P 54 -6.78 90.28 -62.30
N ARG P 55 -6.09 90.93 -61.38
CA ARG P 55 -4.64 90.81 -61.27
C ARG P 55 -4.27 90.77 -59.80
N LEU P 56 -3.14 90.15 -59.51
CA LEU P 56 -2.76 89.86 -58.14
C LEU P 56 -2.33 91.14 -57.45
N VAL P 57 -3.26 91.76 -56.73
CA VAL P 57 -2.98 92.96 -55.96
C VAL P 57 -2.01 92.59 -54.85
N PRO P 58 -0.82 93.14 -54.83
CA PRO P 58 0.16 92.78 -53.81
C PRO P 58 -0.15 93.46 -52.49
N THR P 59 -0.71 92.70 -51.57
CA THR P 59 -0.82 93.12 -50.17
C THR P 59 0.31 92.46 -49.38
N LEU P 60 0.27 92.62 -48.07
CA LEU P 60 1.39 92.15 -47.25
C LEU P 60 1.04 91.00 -46.33
N ASP P 61 -0.23 90.71 -46.14
CA ASP P 61 -0.62 89.73 -45.13
C ASP P 61 -0.32 88.32 -45.62
N PRO P 62 0.34 87.49 -44.80
CA PRO P 62 0.69 86.14 -45.26
C PRO P 62 -0.51 85.23 -45.45
N CYS P 63 -1.64 85.51 -44.80
CA CYS P 63 -2.83 84.68 -44.98
C CYS P 63 -3.49 84.91 -46.34
N ASP P 64 -3.05 85.92 -47.09
CA ASP P 64 -3.66 86.30 -48.35
C ASP P 64 -3.02 85.50 -49.48
N TYR P 65 -3.83 84.73 -50.19
CA TYR P 65 -3.32 83.76 -51.15
C TYR P 65 -4.25 83.70 -52.35
N VAL P 66 -3.70 83.28 -53.48
CA VAL P 66 -4.45 83.02 -54.69
C VAL P 66 -4.00 81.69 -55.26
N LYS P 67 -4.93 80.95 -55.86
CA LYS P 67 -4.65 79.64 -56.41
C LYS P 67 -4.96 79.64 -57.90
N GLY P 68 -3.94 79.41 -58.72
CA GLY P 68 -4.12 79.27 -60.15
C GLY P 68 -2.98 78.47 -60.72
N ILE P 69 -3.12 78.10 -61.99
CA ILE P 69 -2.20 77.17 -62.63
C ILE P 69 -1.14 77.95 -63.40
N LEU P 70 -0.08 77.24 -63.79
CA LEU P 70 1.01 77.82 -64.57
C LEU P 70 0.96 77.29 -66.00
N VAL P 71 0.92 78.21 -66.96
CA VAL P 71 1.02 77.89 -68.37
C VAL P 71 2.25 78.60 -68.93
N ALA P 72 2.85 78.00 -69.95
CA ALA P 72 4.09 78.51 -70.52
C ALA P 72 3.83 79.59 -71.55
N GLY P 73 4.64 80.63 -71.53
CA GLY P 73 4.57 81.63 -72.58
C GLY P 73 5.14 82.98 -72.13
N THR P 74 4.96 83.96 -73.02
CA THR P 74 5.40 85.33 -72.90
C THR P 74 4.20 86.25 -73.11
N PRO P 75 4.02 87.28 -72.28
CA PRO P 75 2.72 87.97 -72.25
C PRO P 75 2.46 88.93 -73.39
N GLN P 76 1.67 88.47 -74.37
CA GLN P 76 0.81 89.29 -75.22
C GLN P 76 1.55 90.36 -76.01
N GLN P 77 2.87 90.44 -75.83
CA GLN P 77 3.71 91.50 -76.41
C GLN P 77 3.05 92.86 -76.21
N ALA P 78 2.30 93.00 -75.10
CA ALA P 78 1.65 94.26 -74.75
C ALA P 78 1.78 94.54 -73.26
N GLN P 79 2.61 93.78 -72.56
CA GLN P 79 2.76 93.87 -71.11
C GLN P 79 4.25 93.72 -70.82
N SER P 80 4.57 93.37 -69.57
CA SER P 80 5.89 93.40 -68.93
C SER P 80 6.17 94.82 -68.48
N ASN P 81 5.17 95.69 -68.52
CA ASN P 81 5.21 96.99 -67.87
C ASN P 81 4.55 96.98 -66.50
N ASP P 82 3.74 95.97 -66.19
CA ASP P 82 3.13 95.82 -64.88
C ASP P 82 3.10 94.36 -64.43
N PHE P 83 4.09 93.58 -64.82
CA PHE P 83 4.08 92.14 -64.54
C PHE P 83 5.21 91.73 -63.63
N LEU P 84 4.92 90.74 -62.79
CA LEU P 84 5.91 90.16 -61.88
C LEU P 84 6.72 89.10 -62.62
N THR P 85 7.49 89.57 -63.60
CA THR P 85 8.39 88.67 -64.31
C THR P 85 9.54 88.31 -63.38
N LEU P 86 9.80 87.01 -63.23
CA LEU P 86 10.87 86.55 -62.36
C LEU P 86 11.14 85.09 -62.63
N LYS P 87 12.30 84.64 -62.15
CA LYS P 87 12.85 83.33 -62.48
C LYS P 87 13.25 82.63 -61.19
N LEU P 88 12.77 81.41 -61.00
CA LEU P 88 13.04 80.68 -59.77
C LEU P 88 13.49 79.26 -60.06
N PRO P 89 14.26 78.64 -59.12
CA PRO P 89 14.75 77.27 -59.32
C PRO P 89 13.78 76.16 -58.90
N ALA P 90 12.51 76.30 -59.28
CA ALA P 90 11.54 75.20 -59.26
C ALA P 90 11.31 74.55 -57.91
N ASN P 91 11.88 75.13 -56.84
CA ASN P 91 11.60 74.66 -55.49
C ASN P 91 10.80 75.66 -54.68
N LYS P 92 10.88 76.94 -55.00
CA LYS P 92 10.14 77.97 -54.31
C LYS P 92 8.74 78.15 -54.84
N LEU P 93 8.27 77.23 -55.68
CA LEU P 93 6.91 77.27 -56.20
C LEU P 93 6.04 76.45 -55.27
N TYR P 94 5.15 77.12 -54.55
CA TYR P 94 4.28 76.46 -53.58
C TYR P 94 3.26 75.63 -54.35
N LEU P 95 3.67 74.43 -54.75
CA LEU P 95 2.85 73.56 -55.59
C LEU P 95 1.96 72.68 -54.73
N ILE P 96 0.70 72.56 -55.12
CA ILE P 96 -0.30 71.80 -54.39
C ILE P 96 -0.73 70.65 -55.28
N ARG P 97 -0.81 69.45 -54.71
CA ARG P 97 -1.13 68.23 -55.44
C ARG P 97 -0.13 67.99 -56.56
N LYS P 98 1.14 67.93 -56.18
CA LYS P 98 2.21 67.66 -57.13
C LYS P 98 2.05 66.26 -57.70
N LYS P 99 1.95 66.16 -59.02
CA LYS P 99 2.02 64.90 -59.72
C LYS P 99 3.37 64.66 -60.37
N GLY P 100 3.99 65.72 -60.89
CA GLY P 100 5.31 65.65 -61.47
C GLY P 100 6.32 66.53 -60.74
N ASN P 101 7.58 66.40 -61.15
CA ASN P 101 8.68 67.19 -60.63
C ASN P 101 9.20 68.13 -61.71
N ILE P 102 9.81 69.23 -61.27
CA ILE P 102 10.23 70.29 -62.18
C ILE P 102 11.75 70.31 -62.24
N SER P 103 12.29 71.02 -63.25
CA SER P 103 13.68 70.93 -63.66
C SER P 103 14.56 72.06 -63.10
N ASP P 104 14.32 72.51 -61.88
CA ASP P 104 15.23 73.37 -61.11
C ASP P 104 15.47 74.72 -61.76
N ASP P 105 14.68 75.11 -62.76
CA ASP P 105 14.79 76.47 -63.30
C ASP P 105 13.58 76.75 -64.20
N LEU P 106 13.13 78.00 -64.18
CA LEU P 106 11.97 78.43 -64.95
C LEU P 106 11.79 79.93 -64.80
N LYS P 107 11.04 80.53 -65.72
CA LYS P 107 10.72 81.94 -65.70
C LYS P 107 9.23 82.11 -65.48
N ILE P 108 8.84 83.02 -64.58
CA ILE P 108 7.45 83.17 -64.18
C ILE P 108 7.01 84.61 -64.46
N TYR P 109 5.94 84.75 -65.24
CA TYR P 109 5.24 86.02 -65.41
C TYR P 109 3.91 85.93 -64.66
N ILE P 110 3.61 86.95 -63.87
CA ILE P 110 2.39 86.92 -63.06
C ILE P 110 1.55 88.16 -63.36
N PRO P 111 0.24 88.03 -63.47
CA PRO P 111 -0.59 89.23 -63.65
C PRO P 111 -0.54 90.09 -62.39
N TYR P 112 0.21 91.18 -62.47
CA TYR P 112 0.53 92.02 -61.32
C TYR P 112 -0.07 93.40 -61.51
N SER P 113 -0.27 94.10 -60.40
CA SER P 113 -0.71 95.49 -60.44
C SER P 113 -0.05 96.25 -59.32
N SER P 114 -0.05 97.58 -59.46
CA SER P 114 0.45 98.44 -58.42
C SER P 114 -0.41 98.30 -57.16
N PRO P 115 0.15 98.59 -55.99
CA PRO P 115 -0.64 98.51 -54.76
C PRO P 115 -1.94 99.31 -54.80
N ASP P 116 -1.98 100.41 -55.55
CA ASP P 116 -3.13 101.32 -55.57
C ASP P 116 -3.39 101.84 -54.15
N ALA P 117 -2.41 102.57 -53.63
CA ALA P 117 -2.41 102.99 -52.24
C ALA P 117 -3.39 104.14 -52.00
N ARG P 118 -4.67 103.90 -52.29
CA ARG P 118 -5.70 104.90 -52.05
C ARG P 118 -6.86 104.39 -51.22
N ASN P 119 -7.10 103.09 -51.19
CA ASN P 119 -8.16 102.50 -50.39
C ASN P 119 -7.58 101.33 -49.61
N SER P 120 -7.99 101.20 -48.37
CA SER P 120 -7.55 100.08 -47.54
C SER P 120 -8.06 98.79 -48.17
N MET P 121 -7.14 97.95 -48.65
CA MET P 121 -7.51 96.80 -49.46
C MET P 121 -8.20 95.73 -48.61
N LYS P 122 -9.39 96.03 -48.13
CA LYS P 122 -10.12 95.09 -47.30
C LYS P 122 -10.40 93.83 -48.11
N THR P 123 -9.73 92.74 -47.74
CA THR P 123 -9.76 91.50 -48.50
C THR P 123 -10.61 90.46 -47.77
N LYS P 124 -11.34 89.68 -48.54
CA LYS P 124 -12.22 88.65 -47.99
C LYS P 124 -12.08 87.39 -48.82
N PRO P 125 -12.49 86.23 -48.28
CA PRO P 125 -12.40 84.99 -49.05
C PRO P 125 -13.39 84.92 -50.19
N VAL P 126 -12.99 84.19 -51.24
CA VAL P 126 -13.84 83.93 -52.39
C VAL P 126 -13.69 82.47 -52.77
N SER P 127 -14.82 81.80 -52.97
CA SER P 127 -14.82 80.38 -53.31
C SER P 127 -15.42 80.19 -54.69
N ILE P 128 -15.04 79.08 -55.32
CA ILE P 128 -15.52 78.73 -56.65
C ILE P 128 -16.66 77.74 -56.45
N SER P 129 -17.88 78.26 -56.38
CA SER P 129 -19.08 77.45 -56.34
C SER P 129 -20.02 77.95 -57.44
N ASP P 130 -21.24 77.41 -57.47
CA ASP P 130 -22.25 77.80 -58.45
C ASP P 130 -21.73 77.57 -59.88
N ASP P 131 -21.61 76.28 -60.20
CA ASP P 131 -20.87 75.79 -61.36
C ASP P 131 -21.19 76.50 -62.67
N THR P 132 -22.25 77.31 -62.69
CA THR P 132 -22.44 78.24 -63.80
C THR P 132 -21.16 78.98 -64.12
N ILE P 133 -20.43 79.42 -63.08
CA ILE P 133 -19.12 80.00 -63.28
C ILE P 133 -18.05 78.93 -63.47
N VAL P 134 -18.37 77.68 -63.18
CA VAL P 134 -17.43 76.60 -63.49
C VAL P 134 -17.63 76.11 -64.92
N ASN P 135 -18.88 75.96 -65.34
CA ASN P 135 -19.13 75.42 -66.68
C ASN P 135 -18.48 76.27 -67.75
N ASN P 136 -18.64 77.60 -67.65
CA ASN P 136 -18.10 78.48 -68.69
C ASN P 136 -16.59 78.55 -68.64
N ILE P 137 -15.98 78.50 -67.45
CA ILE P 137 -14.52 78.57 -67.41
C ILE P 137 -13.89 77.25 -67.85
N ILE P 138 -14.67 76.16 -67.88
CA ILE P 138 -14.19 74.95 -68.54
C ILE P 138 -13.79 75.27 -69.97
N LYS P 139 -14.55 76.15 -70.63
CA LYS P 139 -14.23 76.57 -71.98
C LYS P 139 -13.15 77.66 -71.99
N GLU P 140 -13.41 78.78 -71.30
CA GLU P 140 -12.64 79.99 -71.50
C GLU P 140 -11.15 79.77 -71.30
N VAL P 141 -10.77 78.99 -70.29
CA VAL P 141 -9.38 78.75 -69.95
C VAL P 141 -9.01 77.28 -70.01
N PHE P 142 -9.88 76.41 -69.50
CA PHE P 142 -9.55 74.98 -69.47
C PHE P 142 -9.67 74.33 -70.83
N ASP P 143 -10.32 74.98 -71.79
CA ASP P 143 -10.36 74.49 -73.16
C ASP P 143 -9.47 75.29 -74.10
N LYS P 144 -9.22 76.56 -73.79
CA LYS P 144 -8.30 77.36 -74.60
C LYS P 144 -6.87 76.87 -74.49
N ILE P 145 -6.52 76.24 -73.36
CA ILE P 145 -5.15 75.81 -73.10
C ILE P 145 -5.06 74.29 -73.01
N TYR P 146 -5.98 73.66 -72.29
CA TYR P 146 -5.97 72.21 -72.14
C TYR P 146 -7.00 71.63 -73.10
N ASN P 147 -6.62 71.62 -74.38
CA ASN P 147 -7.42 70.95 -75.41
C ASN P 147 -7.63 69.48 -75.10
N ILE P 148 -6.73 68.87 -74.32
CA ILE P 148 -6.89 67.48 -73.94
C ILE P 148 -8.15 67.26 -73.12
N THR P 149 -8.74 68.32 -72.60
CA THR P 149 -10.06 68.24 -72.00
C THR P 149 -11.08 67.83 -73.06
N GLN P 150 -12.12 67.13 -72.62
CA GLN P 150 -13.17 66.58 -73.47
C GLN P 150 -12.66 65.52 -74.44
N LYS P 151 -11.37 65.16 -74.35
CA LYS P 151 -10.77 64.26 -75.32
C LYS P 151 -10.06 63.09 -74.63
N GLU P 152 -9.56 63.32 -73.43
CA GLU P 152 -8.92 62.26 -72.66
C GLU P 152 -9.53 62.08 -71.28
N LYS P 153 -9.93 63.16 -70.63
CA LYS P 153 -10.56 63.10 -69.31
C LYS P 153 -12.07 62.99 -69.50
N VAL P 154 -12.50 61.80 -69.91
CA VAL P 154 -13.91 61.58 -70.26
C VAL P 154 -14.81 61.52 -69.04
N LYS P 155 -14.25 61.56 -67.83
CA LYS P 155 -15.04 61.77 -66.62
C LYS P 155 -14.90 63.23 -66.18
N ILE P 156 -15.57 64.11 -66.92
CA ILE P 156 -15.53 65.54 -66.64
C ILE P 156 -16.00 65.82 -65.22
N GLU P 157 -16.95 65.03 -64.71
CA GLU P 157 -17.50 65.26 -63.38
C GLU P 157 -16.40 65.30 -62.32
N LYS P 158 -15.33 64.54 -62.51
CA LYS P 158 -14.19 64.61 -61.60
C LYS P 158 -13.55 66.00 -61.66
N VAL P 159 -13.33 66.51 -62.86
CA VAL P 159 -12.77 67.87 -63.00
C VAL P 159 -13.81 68.94 -62.74
N LYS P 160 -15.09 68.58 -62.74
CA LYS P 160 -16.13 69.56 -62.47
C LYS P 160 -16.27 69.88 -61.00
N GLU P 161 -15.71 69.04 -60.12
CA GLU P 161 -15.77 69.31 -58.68
C GLU P 161 -14.45 69.83 -58.11
N ASP P 162 -13.32 69.30 -58.59
CA ASP P 162 -12.04 69.64 -57.99
C ASP P 162 -11.75 71.12 -58.08
N ILE P 163 -12.24 71.77 -59.14
CA ILE P 163 -12.14 73.22 -59.23
C ILE P 163 -12.92 73.87 -58.08
N LYS P 164 -14.06 73.31 -57.73
CA LYS P 164 -14.94 73.89 -56.72
C LYS P 164 -14.49 73.60 -55.30
N GLU P 165 -13.38 72.89 -55.11
CA GLU P 165 -12.96 72.54 -53.76
C GLU P 165 -11.48 72.85 -53.55
N LEU P 166 -10.71 72.85 -54.63
CA LEU P 166 -9.29 73.15 -54.52
C LEU P 166 -9.00 74.63 -54.71
N PHE P 167 -9.59 75.24 -55.74
CA PHE P 167 -9.26 76.61 -56.11
C PHE P 167 -10.12 77.57 -55.31
N SER P 168 -9.50 78.21 -54.32
CA SER P 168 -10.10 79.33 -53.62
C SER P 168 -9.05 80.42 -53.53
N TYR P 169 -9.50 81.64 -53.25
CA TYR P 169 -8.60 82.78 -53.32
C TYR P 169 -9.19 83.92 -52.53
N TYR P 170 -8.35 84.92 -52.25
CA TYR P 170 -8.78 86.13 -51.58
C TYR P 170 -8.90 87.27 -52.58
N ALA P 171 -10.00 88.01 -52.49
CA ALA P 171 -10.24 89.18 -53.33
C ALA P 171 -10.52 90.39 -52.46
N LEU P 172 -10.37 91.57 -53.04
CA LEU P 172 -10.73 92.78 -52.33
C LEU P 172 -12.23 93.01 -52.29
N GLU P 173 -12.95 92.48 -53.28
CA GLU P 173 -14.40 92.61 -53.38
C GLU P 173 -14.83 94.07 -53.30
N GLN P 174 -14.04 94.95 -53.90
CA GLN P 174 -14.35 96.38 -53.90
C GLN P 174 -14.19 96.97 -55.28
N SER Q 2 -29.49 116.61 -3.03
CA SER Q 2 -28.16 116.16 -3.40
C SER Q 2 -28.04 116.01 -4.91
N THR Q 3 -27.50 114.89 -5.35
CA THR Q 3 -27.34 114.58 -6.76
C THR Q 3 -28.60 113.90 -7.27
N GLN Q 4 -28.97 114.22 -8.50
CA GLN Q 4 -30.24 113.77 -9.07
C GLN Q 4 -29.98 113.18 -10.45
N ARG Q 5 -30.21 111.88 -10.59
CA ARG Q 5 -30.04 111.18 -11.85
C ARG Q 5 -31.40 110.80 -12.41
N GLU Q 6 -31.43 110.57 -13.73
CA GLU Q 6 -32.67 110.23 -14.43
C GLU Q 6 -32.40 109.06 -15.35
N TYR Q 7 -33.31 108.09 -15.35
CA TYR Q 7 -33.13 106.87 -16.12
C TYR Q 7 -33.76 107.02 -17.49
N VAL Q 8 -33.06 106.51 -18.52
CA VAL Q 8 -33.58 106.49 -19.88
C VAL Q 8 -33.35 105.10 -20.45
N PHE Q 9 -34.40 104.28 -20.45
CA PHE Q 9 -34.33 102.93 -20.97
C PHE Q 9 -34.05 102.94 -22.48
N ILE Q 10 -33.61 101.80 -22.99
CA ILE Q 10 -33.19 101.69 -24.39
C ILE Q 10 -34.08 100.70 -25.13
N PRO Q 11 -35.26 101.09 -25.60
CA PRO Q 11 -36.09 100.18 -26.38
C PRO Q 11 -35.65 100.12 -27.83
N ILE Q 12 -36.42 99.43 -28.69
CA ILE Q 12 -36.13 99.42 -30.11
C ILE Q 12 -37.00 100.46 -30.80
N THR Q 13 -37.75 101.22 -30.01
CA THR Q 13 -38.63 102.27 -30.51
C THR Q 13 -38.12 103.64 -30.09
N ASN Q 14 -38.55 104.65 -30.82
CA ASN Q 14 -38.19 106.03 -30.52
C ASN Q 14 -39.20 106.71 -29.61
N SER Q 15 -39.55 106.03 -28.52
CA SER Q 15 -40.24 106.65 -27.40
C SER Q 15 -39.27 107.33 -26.45
N ILE Q 16 -38.11 107.74 -26.95
CA ILE Q 16 -37.04 108.33 -26.18
C ILE Q 16 -36.84 109.80 -26.53
N THR Q 17 -37.88 110.46 -27.04
CA THR Q 17 -37.74 111.80 -27.60
C THR Q 17 -37.78 112.90 -26.53
N ILE Q 18 -38.89 113.03 -25.83
CA ILE Q 18 -39.07 114.09 -24.83
C ILE Q 18 -39.36 113.40 -23.51
N ASP Q 19 -38.31 113.18 -22.73
CA ASP Q 19 -38.46 112.70 -21.36
C ASP Q 19 -37.51 113.42 -20.40
N VAL Q 20 -36.60 114.25 -20.91
CA VAL Q 20 -35.48 114.77 -20.14
C VAL Q 20 -35.30 116.24 -20.52
N LYS Q 21 -34.63 116.98 -19.63
CA LYS Q 21 -34.26 118.36 -19.90
C LYS Q 21 -32.80 118.67 -19.60
N ILE Q 22 -32.13 117.89 -18.75
CA ILE Q 22 -30.77 118.19 -18.32
C ILE Q 22 -29.77 117.43 -19.19
N THR Q 23 -28.76 118.14 -19.68
CA THR Q 23 -27.74 117.54 -20.54
C THR Q 23 -26.48 117.17 -19.76
N ILE Q 24 -25.90 118.14 -19.04
CA ILE Q 24 -24.80 117.84 -18.13
C ILE Q 24 -25.21 118.26 -16.72
N GLY Q 25 -25.57 119.53 -16.56
CA GLY Q 25 -26.05 120.03 -15.29
C GLY Q 25 -24.95 120.18 -14.27
N GLY Q 26 -24.40 119.06 -13.82
CA GLY Q 26 -23.27 119.06 -12.92
C GLY Q 26 -21.97 118.84 -13.67
N SER Q 27 -21.24 117.78 -13.32
CA SER Q 27 -19.99 117.44 -13.98
C SER Q 27 -19.88 115.99 -14.40
N ASP Q 28 -20.55 115.05 -13.72
CA ASP Q 28 -20.36 113.62 -13.97
C ASP Q 28 -21.70 112.95 -14.25
N HIS Q 29 -21.71 112.10 -15.27
CA HIS Q 29 -22.80 111.18 -15.53
C HIS Q 29 -22.37 109.77 -15.13
N ILE Q 30 -23.34 108.95 -14.72
CA ILE Q 30 -23.02 107.60 -14.28
C ILE Q 30 -22.44 106.79 -15.43
N THR Q 31 -23.23 106.57 -16.47
CA THR Q 31 -22.74 105.84 -17.64
C THR Q 31 -21.71 106.69 -18.38
N ASN Q 32 -20.59 106.07 -18.74
CA ASN Q 32 -19.53 106.75 -19.46
C ASN Q 32 -19.20 105.96 -20.73
N ILE Q 33 -18.41 106.58 -21.60
CA ILE Q 33 -17.86 105.92 -22.77
C ILE Q 33 -16.43 106.40 -22.93
N ASP Q 34 -15.46 105.55 -22.61
CA ASP Q 34 -14.04 105.90 -22.66
C ASP Q 34 -13.26 104.75 -23.28
N GLU Q 35 -13.11 104.80 -24.60
CA GLU Q 35 -12.20 103.96 -25.39
C GLU Q 35 -12.30 102.47 -25.05
N ARG Q 36 -13.38 102.08 -24.38
CA ARG Q 36 -13.64 100.67 -24.13
C ARG Q 36 -15.11 100.30 -24.21
N GLY Q 37 -15.99 101.24 -24.53
CA GLY Q 37 -17.40 100.98 -24.70
C GLY Q 37 -18.22 101.69 -23.64
N ILE Q 38 -19.51 101.32 -23.58
CA ILE Q 38 -20.38 101.83 -22.53
C ILE Q 38 -19.92 101.26 -21.20
N HIS Q 39 -20.21 101.98 -20.12
CA HIS Q 39 -19.80 101.57 -18.79
C HIS Q 39 -20.86 102.01 -17.78
N ASN Q 40 -20.87 101.32 -16.65
CA ASN Q 40 -21.77 101.63 -15.54
C ASN Q 40 -23.23 101.67 -16.01
N VAL Q 41 -23.62 100.61 -16.71
CA VAL Q 41 -25.00 100.49 -17.19
C VAL Q 41 -25.85 99.91 -16.08
N LEU Q 42 -27.09 100.39 -15.97
CA LEU Q 42 -28.02 99.89 -14.96
C LEU Q 42 -29.04 98.97 -15.59
N VAL Q 43 -29.34 97.86 -14.90
CA VAL Q 43 -30.37 96.94 -15.31
C VAL Q 43 -31.50 97.02 -14.29
N ILE Q 44 -32.71 97.30 -14.75
CA ILE Q 44 -33.90 97.29 -13.93
C ILE Q 44 -34.56 95.95 -14.11
N THR Q 45 -34.64 95.19 -13.03
CA THR Q 45 -35.18 93.83 -13.05
C THR Q 45 -36.63 93.84 -12.59
N GLY Q 46 -37.32 92.76 -12.91
CA GLY Q 46 -38.67 92.58 -12.41
C GLY Q 46 -39.69 93.55 -12.95
N TYR Q 47 -39.39 94.23 -14.05
CA TYR Q 47 -40.30 95.17 -14.69
C TYR Q 47 -40.46 94.81 -16.16
N ALA Q 48 -41.24 95.63 -16.87
CA ALA Q 48 -41.44 95.44 -18.30
C ALA Q 48 -41.66 96.80 -18.95
N VAL Q 49 -41.59 96.82 -20.28
CA VAL Q 49 -41.75 98.04 -21.04
C VAL Q 49 -43.00 97.94 -21.92
N ASP Q 50 -43.43 99.09 -22.43
CA ASP Q 50 -44.76 99.29 -23.01
C ASP Q 50 -44.64 100.06 -24.34
N GLU Q 51 -43.86 99.53 -25.27
CA GLU Q 51 -43.25 100.26 -26.38
C GLU Q 51 -44.09 101.41 -26.94
N LYS Q 52 -45.41 101.25 -27.03
CA LYS Q 52 -46.26 102.39 -27.40
C LYS Q 52 -46.17 103.41 -26.28
N ASN Q 53 -45.39 104.47 -26.51
CA ASN Q 53 -44.85 105.30 -25.44
C ASN Q 53 -44.29 104.42 -24.34
N GLY Q 54 -43.25 103.67 -24.70
CA GLY Q 54 -42.58 102.77 -23.79
C GLY Q 54 -42.31 103.39 -22.44
N ARG Q 55 -42.57 102.62 -21.38
CA ARG Q 55 -42.27 103.02 -20.02
C ARG Q 55 -42.29 101.78 -19.14
N LEU Q 56 -41.75 101.92 -17.94
CA LEU Q 56 -41.66 100.80 -17.01
C LEU Q 56 -43.03 100.52 -16.41
N VAL Q 57 -43.58 99.35 -16.71
CA VAL Q 57 -44.75 98.83 -16.00
C VAL Q 57 -44.25 97.87 -14.92
N PRO Q 58 -44.61 98.06 -13.66
CA PRO Q 58 -44.04 97.21 -12.60
C PRO Q 58 -44.69 95.84 -12.55
N THR Q 59 -43.98 94.83 -13.04
CA THR Q 59 -44.52 93.48 -12.95
C THR Q 59 -43.96 92.79 -11.70
N LEU Q 60 -44.45 91.58 -11.45
CA LEU Q 60 -43.99 90.77 -10.32
C LEU Q 60 -43.23 89.54 -10.79
N ASP Q 61 -42.77 89.55 -12.04
CA ASP Q 61 -41.95 88.48 -12.58
C ASP Q 61 -40.49 88.86 -12.46
N PRO Q 62 -39.71 88.19 -11.61
CA PRO Q 62 -38.28 88.54 -11.49
C PRO Q 62 -37.52 88.39 -12.79
N CYS Q 63 -37.89 87.42 -13.63
CA CYS Q 63 -37.10 87.14 -14.83
C CYS Q 63 -37.04 88.33 -15.77
N ASP Q 64 -38.11 89.10 -15.85
CA ASP Q 64 -38.16 90.23 -16.77
C ASP Q 64 -37.25 91.35 -16.27
N TYR Q 65 -36.42 91.89 -17.17
CA TYR Q 65 -35.46 92.92 -16.82
C TYR Q 65 -35.40 93.94 -17.93
N VAL Q 66 -34.97 95.15 -17.59
CA VAL Q 66 -34.82 96.24 -18.54
C VAL Q 66 -33.45 96.87 -18.33
N LYS Q 67 -32.80 97.21 -19.44
CA LYS Q 67 -31.49 97.87 -19.41
C LYS Q 67 -31.58 99.25 -20.03
N GLY Q 68 -30.93 100.22 -19.39
CA GLY Q 68 -30.89 101.57 -19.92
C GLY Q 68 -29.79 102.35 -19.23
N ILE Q 69 -29.42 103.47 -19.86
CA ILE Q 69 -28.31 104.29 -19.39
C ILE Q 69 -28.82 105.34 -18.42
N LEU Q 70 -27.92 105.80 -17.55
CA LEU Q 70 -28.23 106.77 -16.51
C LEU Q 70 -27.59 108.10 -16.85
N VAL Q 71 -28.42 109.11 -17.04
CA VAL Q 71 -27.97 110.49 -17.15
C VAL Q 71 -28.40 111.23 -15.90
N ALA Q 72 -27.59 112.21 -15.50
CA ALA Q 72 -27.93 113.03 -14.34
C ALA Q 72 -28.88 114.15 -14.73
N GLY Q 73 -29.80 114.48 -13.84
CA GLY Q 73 -30.67 115.62 -14.07
C GLY Q 73 -32.02 115.44 -13.39
N THR Q 74 -33.06 115.89 -14.10
CA THR Q 74 -34.43 115.88 -13.60
C THR Q 74 -35.36 115.95 -14.80
N PRO Q 75 -36.51 115.27 -14.78
CA PRO Q 75 -37.32 115.16 -16.00
C PRO Q 75 -38.24 116.32 -16.28
N GLN Q 76 -37.92 117.12 -17.31
CA GLN Q 76 -38.90 117.92 -18.04
C GLN Q 76 -39.64 118.96 -17.22
N GLN Q 77 -39.37 119.03 -15.92
CA GLN Q 77 -39.95 120.02 -15.01
C GLN Q 77 -41.48 120.10 -15.14
N ALA Q 78 -42.11 118.96 -15.40
CA ALA Q 78 -43.57 118.89 -15.43
C ALA Q 78 -44.06 117.60 -14.78
N GLN Q 79 -43.27 117.00 -13.91
CA GLN Q 79 -43.48 115.63 -13.45
C GLN Q 79 -43.18 115.57 -11.95
N SER Q 80 -42.92 114.36 -11.47
CA SER Q 80 -43.06 113.87 -10.09
C SER Q 80 -44.50 113.44 -9.88
N ASN Q 81 -45.29 113.40 -10.95
CA ASN Q 81 -46.63 112.83 -10.95
C ASN Q 81 -46.66 111.39 -11.43
N ASP Q 82 -45.73 111.01 -12.29
CA ASP Q 82 -45.81 109.72 -12.98
C ASP Q 82 -44.44 109.04 -13.08
N PHE Q 83 -43.43 109.54 -12.37
CA PHE Q 83 -42.08 109.00 -12.44
C PHE Q 83 -41.62 108.57 -11.06
N LEU Q 84 -40.88 107.47 -10.99
CA LEU Q 84 -40.46 106.89 -9.72
C LEU Q 84 -39.28 107.67 -9.17
N THR Q 85 -39.60 108.72 -8.42
CA THR Q 85 -38.60 109.42 -7.64
C THR Q 85 -38.21 108.58 -6.43
N LEU Q 86 -36.91 108.51 -6.15
CA LEU Q 86 -36.42 107.65 -5.09
C LEU Q 86 -34.96 107.96 -4.79
N LYS Q 87 -34.56 107.64 -3.56
CA LYS Q 87 -33.21 107.90 -3.06
C LYS Q 87 -32.60 106.58 -2.59
N LEU Q 88 -31.50 106.18 -3.21
CA LEU Q 88 -30.80 104.94 -2.88
C LEU Q 88 -29.32 105.21 -2.70
N PRO Q 89 -28.66 104.45 -1.82
CA PRO Q 89 -27.24 104.71 -1.55
C PRO Q 89 -26.29 104.10 -2.57
N ALA Q 90 -26.66 104.16 -3.85
CA ALA Q 90 -25.73 103.99 -4.97
C ALA Q 90 -25.00 102.65 -4.99
N ASN Q 91 -25.33 101.75 -4.05
CA ASN Q 91 -24.73 100.43 -4.05
C ASN Q 91 -25.76 99.33 -4.11
N LYS Q 92 -27.04 99.65 -4.01
CA LYS Q 92 -28.11 98.70 -4.26
C LYS Q 92 -28.50 98.65 -5.73
N LEU Q 93 -27.92 99.51 -6.56
CA LEU Q 93 -28.29 99.60 -7.96
C LEU Q 93 -27.52 98.58 -8.76
N TYR Q 94 -28.23 97.85 -9.63
CA TYR Q 94 -27.64 96.76 -10.40
C TYR Q 94 -26.84 97.32 -11.57
N LEU Q 95 -25.76 98.01 -11.22
CA LEU Q 95 -24.89 98.61 -12.21
C LEU Q 95 -24.00 97.55 -12.83
N ILE Q 96 -24.28 97.18 -14.08
CA ILE Q 96 -23.46 96.19 -14.77
C ILE Q 96 -22.27 96.89 -15.40
N ARG Q 97 -21.17 96.14 -15.54
CA ARG Q 97 -19.92 96.68 -16.10
C ARG Q 97 -19.45 97.88 -15.28
N LYS Q 98 -19.42 97.70 -13.96
CA LYS Q 98 -19.02 98.77 -13.05
C LYS Q 98 -17.60 99.22 -13.34
N LYS Q 99 -17.45 100.47 -13.75
CA LYS Q 99 -16.15 101.02 -14.12
C LYS Q 99 -15.51 101.83 -13.00
N GLY Q 100 -16.29 102.65 -12.30
CA GLY Q 100 -15.79 103.44 -11.20
C GLY Q 100 -16.40 103.04 -9.87
N ASN Q 101 -16.38 103.98 -8.94
CA ASN Q 101 -17.05 103.83 -7.65
C ASN Q 101 -17.89 105.06 -7.35
N ILE Q 102 -19.09 104.84 -6.81
CA ILE Q 102 -20.05 105.91 -6.59
C ILE Q 102 -20.09 106.24 -5.09
N SER Q 103 -20.48 107.49 -4.80
CA SER Q 103 -20.37 108.08 -3.46
C SER Q 103 -21.57 107.77 -2.58
N ASP Q 104 -22.29 106.66 -2.84
CA ASP Q 104 -23.24 106.06 -1.91
C ASP Q 104 -24.46 106.93 -1.60
N ASP Q 105 -24.81 107.86 -2.51
CA ASP Q 105 -25.99 108.68 -2.37
C ASP Q 105 -26.46 109.09 -3.75
N LEU Q 106 -27.77 109.05 -3.98
CA LEU Q 106 -28.28 109.28 -5.33
C LEU Q 106 -29.79 109.49 -5.28
N LYS Q 107 -30.29 110.16 -6.31
CA LYS Q 107 -31.72 110.40 -6.51
C LYS Q 107 -32.03 110.07 -7.96
N ILE Q 108 -32.92 109.10 -8.18
CA ILE Q 108 -33.17 108.55 -9.50
C ILE Q 108 -34.64 108.74 -9.86
N TYR Q 109 -34.90 109.28 -11.04
CA TYR Q 109 -36.24 109.39 -11.59
C TYR Q 109 -36.35 108.46 -12.79
N ILE Q 110 -37.42 107.69 -12.83
CA ILE Q 110 -37.55 106.58 -13.78
C ILE Q 110 -38.84 106.76 -14.57
N PRO Q 111 -38.80 106.64 -15.91
CA PRO Q 111 -40.04 106.76 -16.68
C PRO Q 111 -40.96 105.59 -16.40
N TYR Q 112 -41.97 105.83 -15.58
CA TYR Q 112 -42.80 104.80 -15.00
C TYR Q 112 -44.22 104.92 -15.54
N SER Q 113 -44.82 103.79 -15.88
CA SER Q 113 -46.16 103.76 -16.44
C SER Q 113 -47.12 103.12 -15.44
N SER Q 114 -48.39 103.08 -15.84
CA SER Q 114 -49.38 102.47 -14.95
C SER Q 114 -49.54 100.99 -15.28
N PRO Q 115 -49.74 100.16 -14.25
CA PRO Q 115 -49.84 98.71 -14.49
C PRO Q 115 -50.99 98.31 -15.40
N ASP Q 116 -52.02 99.15 -15.57
CA ASP Q 116 -53.14 98.88 -16.46
C ASP Q 116 -53.79 97.53 -16.11
N ALA Q 117 -54.40 97.49 -14.93
CA ALA Q 117 -54.98 96.26 -14.43
C ALA Q 117 -56.26 95.90 -15.17
N ARG Q 118 -56.13 95.52 -16.44
CA ARG Q 118 -57.26 95.10 -17.25
C ARG Q 118 -57.02 93.83 -18.03
N ASN Q 119 -55.77 93.49 -18.36
CA ASN Q 119 -55.46 92.44 -19.31
C ASN Q 119 -54.26 91.63 -18.85
N SER Q 120 -54.12 90.43 -19.41
CA SER Q 120 -53.00 89.57 -19.08
C SER Q 120 -51.73 90.11 -19.72
N MET Q 121 -50.77 90.54 -18.89
CA MET Q 121 -49.54 91.17 -19.38
C MET Q 121 -48.52 90.10 -19.73
N LYS Q 122 -48.75 89.45 -20.87
CA LYS Q 122 -47.78 88.52 -21.44
C LYS Q 122 -46.68 89.33 -22.13
N THR Q 123 -45.48 89.29 -21.58
CA THR Q 123 -44.37 90.02 -22.16
C THR Q 123 -43.64 89.17 -23.20
N LYS Q 124 -42.76 89.83 -23.95
CA LYS Q 124 -41.92 89.17 -24.94
C LYS Q 124 -40.51 89.74 -24.85
N PRO Q 125 -39.49 88.92 -25.02
CA PRO Q 125 -38.13 89.43 -25.01
C PRO Q 125 -37.77 90.01 -26.37
N VAL Q 126 -37.00 91.10 -26.34
CA VAL Q 126 -36.63 91.82 -27.55
C VAL Q 126 -35.16 92.20 -27.47
N SER Q 127 -34.41 91.87 -28.51
CA SER Q 127 -33.03 92.30 -28.67
C SER Q 127 -32.94 93.34 -29.78
N ILE Q 128 -32.03 94.29 -29.62
CA ILE Q 128 -31.91 95.42 -30.52
C ILE Q 128 -31.12 94.95 -31.74
N SER Q 129 -31.83 94.70 -32.83
CA SER Q 129 -31.28 94.30 -34.12
C SER Q 129 -31.62 95.37 -35.16
N ASP Q 130 -31.37 95.06 -36.43
CA ASP Q 130 -31.67 95.97 -37.54
C ASP Q 130 -30.93 97.31 -37.37
N ASP Q 131 -29.62 97.21 -37.54
CA ASP Q 131 -28.66 98.22 -37.09
C ASP Q 131 -29.04 99.66 -37.42
N THR Q 132 -29.96 99.87 -38.36
CA THR Q 132 -30.51 101.22 -38.55
C THR Q 132 -31.08 101.77 -37.24
N ILE Q 133 -31.61 100.88 -36.40
CA ILE Q 133 -32.12 101.30 -35.10
C ILE Q 133 -31.00 101.88 -34.25
N VAL Q 134 -29.88 101.15 -34.14
CA VAL Q 134 -28.75 101.67 -33.38
C VAL Q 134 -28.25 102.96 -34.02
N ASN Q 135 -28.22 103.00 -35.35
CA ASN Q 135 -27.81 104.19 -36.09
C ASN Q 135 -28.55 105.41 -35.57
N ASN Q 136 -29.88 105.38 -35.63
CA ASN Q 136 -30.61 106.59 -35.27
C ASN Q 136 -30.66 106.82 -33.77
N ILE Q 137 -30.70 105.76 -32.95
CA ILE Q 137 -30.76 106.00 -31.51
C ILE Q 137 -29.45 106.57 -30.98
N ILE Q 138 -28.32 106.36 -31.68
CA ILE Q 138 -27.08 107.01 -31.25
C ILE Q 138 -27.25 108.52 -31.26
N LYS Q 139 -27.78 109.08 -32.34
CA LYS Q 139 -28.01 110.52 -32.34
C LYS Q 139 -29.24 110.89 -31.51
N GLU Q 140 -30.11 109.93 -31.22
CA GLU Q 140 -31.26 110.22 -30.38
C GLU Q 140 -30.86 110.48 -28.92
N VAL Q 141 -29.99 109.63 -28.37
CA VAL Q 141 -29.61 109.72 -26.96
C VAL Q 141 -28.09 109.84 -26.79
N PHE Q 142 -27.32 109.07 -27.55
CA PHE Q 142 -25.87 109.14 -27.40
C PHE Q 142 -25.27 110.40 -27.99
N ASP Q 143 -26.08 111.25 -28.62
CA ASP Q 143 -25.65 112.60 -29.02
C ASP Q 143 -26.30 113.68 -28.18
N LYS Q 144 -27.60 113.56 -27.92
CA LYS Q 144 -28.29 114.60 -27.16
C LYS Q 144 -27.77 114.72 -25.73
N ILE Q 145 -26.99 113.75 -25.27
CA ILE Q 145 -26.27 113.84 -24.01
C ILE Q 145 -24.76 113.81 -24.23
N TYR Q 146 -24.28 112.79 -24.94
CA TYR Q 146 -22.83 112.58 -25.11
C TYR Q 146 -22.38 113.26 -26.40
N ASN Q 147 -22.10 114.55 -26.29
CA ASN Q 147 -21.47 115.28 -27.38
C ASN Q 147 -20.03 114.84 -27.60
N ILE Q 148 -19.50 113.99 -26.73
CA ILE Q 148 -18.20 113.36 -26.96
C ILE Q 148 -18.21 112.52 -28.23
N THR Q 149 -19.40 112.10 -28.67
CA THR Q 149 -19.51 111.39 -29.93
C THR Q 149 -19.01 112.26 -31.08
N GLN Q 150 -18.12 111.69 -31.90
CA GLN Q 150 -17.43 112.41 -32.96
C GLN Q 150 -16.54 113.52 -32.40
N LYS Q 151 -15.95 113.28 -31.23
CA LYS Q 151 -14.92 114.15 -30.66
C LYS Q 151 -13.63 113.40 -30.35
N GLU Q 152 -13.72 112.21 -29.76
CA GLU Q 152 -12.56 111.36 -29.52
C GLU Q 152 -12.80 109.97 -30.09
N LYS Q 153 -14.06 109.54 -30.08
CA LYS Q 153 -14.43 108.16 -30.35
C LYS Q 153 -14.39 107.91 -31.86
N VAL Q 154 -13.24 107.45 -32.35
CA VAL Q 154 -13.12 107.02 -33.74
C VAL Q 154 -13.48 105.55 -33.91
N LYS Q 155 -13.65 104.82 -32.80
CA LYS Q 155 -14.00 103.40 -32.83
C LYS Q 155 -15.51 103.20 -32.70
N ILE Q 156 -16.26 103.86 -33.60
CA ILE Q 156 -17.72 103.83 -33.51
C ILE Q 156 -18.25 102.40 -33.65
N GLU Q 157 -17.47 101.51 -34.28
CA GLU Q 157 -17.92 100.14 -34.44
C GLU Q 157 -18.13 99.47 -33.09
N LYS Q 158 -17.25 99.73 -32.13
CA LYS Q 158 -17.38 99.09 -30.82
C LYS Q 158 -18.60 99.62 -30.07
N VAL Q 159 -18.81 100.94 -30.10
CA VAL Q 159 -19.97 101.51 -29.41
C VAL Q 159 -21.26 101.17 -30.12
N LYS Q 160 -21.21 100.72 -31.37
CA LYS Q 160 -22.41 100.17 -31.99
C LYS Q 160 -22.62 98.72 -31.58
N GLU Q 161 -21.53 97.94 -31.54
CA GLU Q 161 -21.63 96.52 -31.21
C GLU Q 161 -22.08 96.32 -29.77
N ASP Q 162 -21.62 97.17 -28.85
CA ASP Q 162 -22.00 96.97 -27.46
C ASP Q 162 -23.49 97.18 -27.24
N ILE Q 163 -24.10 98.11 -27.97
CA ILE Q 163 -25.55 98.22 -27.92
C ILE Q 163 -26.20 97.07 -28.65
N LYS Q 164 -25.59 96.61 -29.75
CA LYS Q 164 -26.15 95.48 -30.48
C LYS Q 164 -26.22 94.22 -29.63
N GLU Q 165 -25.30 94.05 -28.68
CA GLU Q 165 -25.25 92.84 -27.86
C GLU Q 165 -25.46 93.08 -26.37
N LEU Q 166 -25.85 94.27 -25.95
CA LEU Q 166 -25.85 94.59 -24.53
C LEU Q 166 -27.27 94.73 -23.96
N PHE Q 167 -28.09 95.60 -24.55
CA PHE Q 167 -29.39 95.93 -24.01
C PHE Q 167 -30.45 94.99 -24.59
N SER Q 168 -31.14 94.27 -23.71
CA SER Q 168 -32.32 93.52 -24.08
C SER Q 168 -33.32 93.63 -22.94
N TYR Q 169 -34.58 93.38 -23.26
CA TYR Q 169 -35.65 93.61 -22.29
C TYR Q 169 -36.87 92.78 -22.68
N TYR Q 170 -37.83 92.74 -21.77
CA TYR Q 170 -39.13 92.13 -22.02
C TYR Q 170 -40.16 93.23 -22.20
N ALA Q 171 -40.86 93.21 -23.33
CA ALA Q 171 -41.82 94.25 -23.69
C ALA Q 171 -43.22 93.71 -23.53
N LEU Q 172 -44.13 94.59 -23.08
CA LEU Q 172 -45.52 94.19 -22.87
C LEU Q 172 -46.12 93.57 -24.13
N GLU Q 173 -45.81 94.14 -25.29
CA GLU Q 173 -46.33 93.66 -26.56
C GLU Q 173 -47.86 93.57 -26.52
N GLN Q 174 -48.49 94.67 -26.15
CA GLN Q 174 -49.94 94.78 -26.16
C GLN Q 174 -50.35 96.13 -26.74
N SER R 2 -4.18 112.15 -42.05
CA SER R 2 -3.97 110.79 -41.58
C SER R 2 -2.57 110.60 -41.01
N THR R 3 -2.30 109.39 -40.54
CA THR R 3 -0.99 109.00 -40.02
C THR R 3 -0.46 107.85 -40.85
N GLN R 4 0.82 107.92 -41.22
CA GLN R 4 1.44 106.91 -42.07
C GLN R 4 2.75 106.46 -41.48
N ARG R 5 3.11 105.20 -41.75
CA ARG R 5 4.31 104.59 -41.19
C ARG R 5 5.26 104.15 -42.29
N GLU R 6 6.48 103.81 -41.89
CA GLU R 6 7.53 103.39 -42.80
C GLU R 6 8.23 102.16 -42.25
N TYR R 7 8.42 101.16 -43.11
CA TYR R 7 9.11 99.94 -42.73
C TYR R 7 10.60 100.05 -43.07
N VAL R 8 11.45 99.87 -42.08
CA VAL R 8 12.89 99.87 -42.27
C VAL R 8 13.41 98.45 -42.14
N PHE R 9 13.97 97.93 -43.22
CA PHE R 9 14.66 96.64 -43.20
C PHE R 9 15.81 96.67 -42.21
N ILE R 10 16.11 95.49 -41.64
CA ILE R 10 17.19 95.38 -40.66
C ILE R 10 18.16 94.29 -41.08
N PRO R 11 19.11 94.57 -41.97
CA PRO R 11 20.09 93.54 -42.37
C PRO R 11 21.33 93.55 -41.48
N ILE R 12 22.32 92.72 -41.82
CA ILE R 12 23.62 92.78 -41.17
C ILE R 12 24.52 93.69 -41.99
N THR R 13 23.93 94.43 -42.92
CA THR R 13 24.66 95.34 -43.78
C THR R 13 24.11 96.75 -43.60
N ASN R 14 24.89 97.72 -44.08
CA ASN R 14 24.53 99.14 -43.92
C ASN R 14 23.89 99.68 -45.20
N SER R 15 22.60 99.42 -45.35
CA SER R 15 21.78 100.03 -46.39
C SER R 15 20.73 100.97 -45.82
N ILE R 16 21.03 101.60 -44.69
CA ILE R 16 20.04 102.37 -43.94
C ILE R 16 20.58 103.74 -43.55
N THR R 17 21.68 104.19 -44.15
CA THR R 17 22.33 105.41 -43.71
C THR R 17 21.39 106.60 -43.78
N ILE R 18 20.75 106.81 -44.93
CA ILE R 18 19.80 107.89 -45.14
C ILE R 18 18.66 107.33 -45.97
N ASP R 19 17.54 106.98 -45.33
CA ASP R 19 16.44 106.35 -46.04
C ASP R 19 15.06 106.88 -45.67
N VAL R 20 14.94 107.79 -44.70
CA VAL R 20 13.65 108.33 -44.29
C VAL R 20 13.80 109.83 -44.07
N LYS R 21 12.71 110.45 -43.66
CA LYS R 21 12.70 111.89 -43.39
C LYS R 21 12.14 112.17 -42.01
N ILE R 22 11.18 111.36 -41.58
CA ILE R 22 10.40 111.62 -40.39
C ILE R 22 10.95 110.73 -39.28
N THR R 23 11.79 111.31 -38.43
CA THR R 23 12.31 110.59 -37.27
C THR R 23 11.26 110.46 -36.19
N ILE R 24 10.47 111.52 -35.95
CA ILE R 24 9.26 111.40 -35.16
C ILE R 24 8.06 111.89 -35.96
N GLY R 25 8.03 113.19 -36.29
CA GLY R 25 6.98 113.74 -37.11
C GLY R 25 5.64 113.82 -36.41
N GLY R 26 5.04 112.66 -36.16
CA GLY R 26 3.75 112.61 -35.52
C GLY R 26 3.85 112.66 -34.01
N SER R 27 3.11 111.78 -33.34
CA SER R 27 3.15 111.69 -31.88
C SER R 27 3.37 110.28 -31.37
N ASP R 28 3.25 109.27 -32.21
CA ASP R 28 3.31 107.88 -31.77
C ASP R 28 3.93 107.01 -32.86
N HIS R 29 4.92 106.22 -32.48
CA HIS R 29 5.47 105.16 -33.33
C HIS R 29 4.87 103.83 -32.90
N ILE R 30 4.54 103.00 -33.88
CA ILE R 30 3.97 101.68 -33.57
C ILE R 30 5.01 100.81 -32.88
N THR R 31 6.18 100.67 -33.49
CA THR R 31 7.23 99.84 -32.92
C THR R 31 7.92 100.58 -31.77
N ASN R 32 8.07 99.90 -30.65
CA ASN R 32 8.68 100.49 -29.46
C ASN R 32 9.60 99.47 -28.80
N ILE R 33 10.42 99.95 -27.87
CA ILE R 33 11.29 99.11 -27.05
C ILE R 33 11.06 99.53 -25.61
N ASP R 34 10.22 98.79 -24.89
CA ASP R 34 9.82 99.13 -23.53
C ASP R 34 10.25 98.00 -22.59
N GLU R 35 11.52 98.02 -22.17
CA GLU R 35 12.05 97.18 -21.11
C GLU R 35 11.76 95.70 -21.29
N ARG R 36 11.31 95.32 -22.50
CA ARG R 36 10.96 93.92 -22.75
C ARG R 36 11.41 93.47 -24.13
N GLY R 37 12.25 94.23 -24.81
CA GLY R 37 12.61 93.97 -26.19
C GLY R 37 11.87 94.88 -27.14
N ILE R 38 12.02 94.58 -28.41
CA ILE R 38 11.31 95.30 -29.46
C ILE R 38 9.92 94.72 -29.59
N HIS R 39 8.93 95.59 -29.83
CA HIS R 39 7.53 95.16 -29.78
C HIS R 39 6.80 95.68 -31.01
N ASN R 40 5.67 95.02 -31.30
CA ASN R 40 4.93 95.26 -32.54
C ASN R 40 5.82 95.06 -33.77
N VAL R 41 6.78 94.13 -33.66
CA VAL R 41 7.73 93.92 -34.75
C VAL R 41 6.98 93.38 -35.96
N LEU R 42 7.32 93.91 -37.13
CA LEU R 42 6.63 93.55 -38.36
C LEU R 42 7.46 92.58 -39.17
N VAL R 43 6.77 91.69 -39.87
CA VAL R 43 7.38 90.71 -40.76
C VAL R 43 6.61 90.70 -42.06
N ILE R 44 7.33 90.71 -43.17
CA ILE R 44 6.72 90.61 -44.49
C ILE R 44 7.27 89.36 -45.15
N THR R 45 6.44 88.34 -45.27
CA THR R 45 6.88 87.07 -45.84
C THR R 45 7.00 87.19 -47.35
N GLY R 46 7.62 86.17 -47.95
CA GLY R 46 7.74 86.10 -49.38
C GLY R 46 8.61 87.15 -50.02
N TYR R 47 9.46 87.82 -49.27
CA TYR R 47 10.39 88.79 -49.81
C TYR R 47 11.79 88.50 -49.31
N ALA R 48 12.78 88.79 -50.14
CA ALA R 48 14.18 88.65 -49.78
C ALA R 48 14.80 90.03 -49.61
N VAL R 49 16.10 90.06 -49.36
CA VAL R 49 16.83 91.31 -49.25
C VAL R 49 17.79 91.42 -50.43
N ASP R 50 18.16 92.65 -50.74
CA ASP R 50 18.96 92.98 -51.92
C ASP R 50 20.08 93.93 -51.51
N GLU R 51 20.91 93.51 -50.56
CA GLU R 51 21.92 94.35 -49.92
C GLU R 51 22.54 95.38 -50.88
N LYS R 52 22.78 94.98 -52.12
CA LYS R 52 23.11 95.91 -53.19
C LYS R 52 21.84 96.67 -53.55
N ASN R 53 21.71 97.90 -53.04
CA ASN R 53 20.43 98.61 -53.00
C ASN R 53 19.43 97.84 -52.12
N GLY R 54 19.81 97.73 -50.85
CA GLY R 54 19.05 96.94 -49.89
C GLY R 54 17.60 97.36 -49.77
N ARG R 55 16.71 96.54 -50.33
CA ARG R 55 15.28 96.74 -50.24
C ARG R 55 14.60 95.38 -50.19
N LEU R 56 13.30 95.36 -50.40
CA LEU R 56 12.53 94.12 -50.37
C LEU R 56 12.35 93.61 -51.79
N VAL R 57 12.99 92.48 -52.10
CA VAL R 57 12.84 91.88 -53.42
C VAL R 57 11.56 91.05 -53.41
N PRO R 58 10.71 91.18 -54.41
CA PRO R 58 9.50 90.34 -54.44
C PRO R 58 9.82 88.94 -54.91
N THR R 59 9.89 87.99 -53.99
CA THR R 59 9.97 86.59 -54.37
C THR R 59 8.63 85.92 -54.08
N LEU R 60 8.56 84.62 -54.34
CA LEU R 60 7.30 83.90 -54.29
C LEU R 60 7.26 82.81 -53.23
N ASP R 61 8.40 82.35 -52.75
CA ASP R 61 8.41 81.32 -51.73
C ASP R 61 7.75 81.86 -50.47
N PRO R 62 6.68 81.23 -49.98
CA PRO R 62 6.05 81.72 -48.75
C PRO R 62 6.93 81.58 -47.53
N CYS R 63 8.06 80.91 -47.65
CA CYS R 63 8.92 80.68 -46.51
C CYS R 63 10.01 81.73 -46.40
N ASP R 64 10.13 82.61 -47.40
CA ASP R 64 11.01 83.76 -47.33
C ASP R 64 10.34 84.87 -46.54
N TYR R 65 11.14 85.67 -45.85
CA TYR R 65 10.57 86.70 -44.99
C TYR R 65 11.65 87.67 -44.56
N VAL R 66 11.24 88.91 -44.32
CA VAL R 66 12.10 89.96 -43.79
C VAL R 66 11.47 90.48 -42.51
N LYS R 67 12.29 90.62 -41.48
CA LYS R 67 11.81 91.02 -40.16
C LYS R 67 12.45 92.34 -39.76
N GLY R 68 11.65 93.39 -39.74
CA GLY R 68 12.12 94.71 -39.36
C GLY R 68 11.12 95.43 -38.48
N ILE R 69 11.22 96.76 -38.41
CA ILE R 69 10.35 97.54 -37.54
C ILE R 69 9.61 98.57 -38.38
N LEU R 70 8.50 99.05 -37.82
CA LEU R 70 7.62 100.01 -38.47
C LEU R 70 7.68 101.33 -37.71
N VAL R 71 7.98 102.42 -38.42
CA VAL R 71 8.10 103.74 -37.82
C VAL R 71 7.29 104.72 -38.66
N ALA R 72 6.73 105.72 -37.98
CA ALA R 72 5.82 106.66 -38.64
C ALA R 72 6.57 107.63 -39.53
N GLY R 73 6.07 107.86 -40.73
CA GLY R 73 6.55 108.95 -41.54
C GLY R 73 6.67 108.56 -43.00
N THR R 74 7.17 109.52 -43.79
CA THR R 74 7.41 109.45 -45.22
C THR R 74 8.92 109.36 -45.49
N PRO R 75 9.34 108.48 -46.39
CA PRO R 75 10.77 108.27 -46.59
C PRO R 75 11.45 109.31 -47.46
N GLN R 76 12.16 110.25 -46.84
CA GLN R 76 13.25 110.99 -47.46
C GLN R 76 12.84 111.85 -48.64
N GLN R 77 11.57 111.78 -49.04
CA GLN R 77 11.06 112.42 -50.26
C GLN R 77 12.07 112.36 -51.40
N ALA R 78 12.50 111.13 -51.69
CA ALA R 78 13.36 110.86 -52.84
C ALA R 78 12.96 109.56 -53.53
N GLN R 79 11.76 109.06 -53.27
CA GLN R 79 11.37 107.72 -53.70
C GLN R 79 9.87 107.75 -54.01
N SER R 80 9.25 106.57 -53.99
CA SER R 80 7.86 106.25 -54.32
C SER R 80 7.69 106.03 -55.82
N ASN R 81 8.75 106.17 -56.61
CA ASN R 81 8.78 105.59 -57.94
C ASN R 81 9.19 104.12 -57.91
N ASP R 82 9.72 103.64 -56.77
CA ASP R 82 10.01 102.23 -56.59
C ASP R 82 9.78 101.75 -55.15
N PHE R 83 9.17 102.56 -54.29
CA PHE R 83 8.71 102.12 -52.98
C PHE R 83 7.22 101.82 -53.03
N LEU R 84 6.85 100.59 -52.69
CA LEU R 84 5.45 100.17 -52.74
C LEU R 84 4.72 100.74 -51.53
N THR R 85 4.15 101.93 -51.72
CA THR R 85 3.23 102.46 -50.73
C THR R 85 1.91 101.69 -50.77
N LEU R 86 1.27 101.57 -49.61
CA LEU R 86 0.00 100.87 -49.53
C LEU R 86 -0.72 101.28 -48.25
N LYS R 87 -1.99 100.92 -48.18
CA LYS R 87 -2.84 101.28 -47.04
C LYS R 87 -3.57 100.03 -46.57
N LEU R 88 -3.34 99.65 -45.32
CA LEU R 88 -3.94 98.46 -44.74
C LEU R 88 -4.67 98.82 -43.46
N PRO R 89 -5.74 98.10 -43.13
CA PRO R 89 -6.51 98.45 -41.93
C PRO R 89 -5.93 97.85 -40.66
N ALA R 90 -4.61 97.91 -40.52
CA ALA R 90 -3.91 97.66 -39.26
C ALA R 90 -4.11 96.25 -38.71
N ASN R 91 -4.79 95.39 -39.44
CA ASN R 91 -4.94 93.99 -39.03
C ASN R 91 -4.37 93.02 -40.03
N LYS R 92 -3.77 93.50 -41.12
CA LYS R 92 -3.13 92.63 -42.09
C LYS R 92 -1.63 92.53 -41.89
N LEU R 93 -1.06 93.33 -40.98
CA LEU R 93 0.38 93.30 -40.74
C LEU R 93 0.67 92.23 -39.70
N TYR R 94 1.36 91.17 -40.11
CA TYR R 94 1.71 90.11 -39.19
C TYR R 94 2.74 90.62 -38.21
N LEU R 95 2.27 91.09 -37.05
CA LEU R 95 3.14 91.71 -36.06
C LEU R 95 3.61 90.68 -35.05
N ILE R 96 4.86 90.84 -34.62
CA ILE R 96 5.43 90.06 -33.52
C ILE R 96 5.43 90.93 -32.28
N ARG R 97 5.11 90.32 -31.14
CA ARG R 97 5.15 91.00 -29.84
C ARG R 97 4.28 92.26 -29.87
N LYS R 98 2.99 92.02 -30.06
CA LYS R 98 2.03 93.12 -30.19
C LYS R 98 1.81 93.79 -28.85
N LYS R 99 2.61 94.82 -28.56
CA LYS R 99 2.57 95.45 -27.24
C LYS R 99 1.23 96.11 -26.97
N GLY R 100 0.52 96.54 -28.00
CA GLY R 100 -0.74 97.24 -27.78
C GLY R 100 -1.77 97.10 -28.87
N ASN R 101 -2.50 98.18 -29.13
CA ASN R 101 -3.55 98.23 -30.14
C ASN R 101 -3.22 99.30 -31.18
N ILE R 102 -3.91 99.23 -32.31
CA ILE R 102 -3.67 100.10 -33.45
C ILE R 102 -4.96 100.81 -33.82
N SER R 103 -4.89 101.69 -34.82
CA SER R 103 -6.00 102.54 -35.21
C SER R 103 -6.85 101.92 -36.32
N ASP R 104 -6.73 100.62 -36.53
CA ASP R 104 -7.55 99.86 -37.48
C ASP R 104 -7.47 100.36 -38.91
N ASP R 105 -6.51 101.25 -39.20
CA ASP R 105 -6.28 101.72 -40.56
C ASP R 105 -4.96 102.47 -40.63
N LEU R 106 -4.15 102.19 -41.65
CA LEU R 106 -2.85 102.83 -41.76
C LEU R 106 -2.32 102.69 -43.18
N LYS R 107 -1.62 103.72 -43.62
CA LYS R 107 -0.96 103.73 -44.93
C LYS R 107 0.52 103.45 -44.73
N ILE R 108 1.06 102.52 -45.52
CA ILE R 108 2.38 101.96 -45.30
C ILE R 108 3.20 102.11 -46.57
N TYR R 109 4.50 102.38 -46.41
CA TYR R 109 5.45 102.45 -47.51
C TYR R 109 6.45 101.29 -47.36
N ILE R 110 6.75 100.63 -48.47
CA ILE R 110 7.57 99.43 -48.48
C ILE R 110 8.75 99.65 -49.41
N PRO R 111 9.98 99.47 -48.95
CA PRO R 111 11.14 99.59 -49.85
C PRO R 111 11.20 98.45 -50.84
N TYR R 112 10.85 98.73 -52.09
CA TYR R 112 10.65 97.69 -53.09
C TYR R 112 11.71 97.80 -54.17
N SER R 113 12.01 96.66 -54.79
CA SER R 113 12.91 96.60 -55.93
C SER R 113 12.27 95.78 -57.03
N SER R 114 12.69 96.06 -58.26
CA SER R 114 12.22 95.27 -59.38
C SER R 114 12.67 93.82 -59.20
N PRO R 115 11.87 92.86 -59.66
CA PRO R 115 12.21 91.45 -59.44
C PRO R 115 13.52 91.01 -60.06
N ASP R 116 14.13 91.84 -60.91
CA ASP R 116 15.38 91.50 -61.60
C ASP R 116 15.23 90.17 -62.32
N ALA R 117 14.36 90.17 -63.33
CA ALA R 117 14.04 88.95 -64.05
C ALA R 117 15.12 88.64 -65.08
N ARG R 118 16.37 88.68 -64.65
CA ARG R 118 17.49 88.19 -65.45
C ARG R 118 18.17 86.99 -64.81
N ASN R 119 18.28 86.96 -63.49
CA ASN R 119 18.93 85.88 -62.77
C ASN R 119 17.92 85.21 -61.86
N SER R 120 17.98 83.89 -61.81
CA SER R 120 17.11 83.15 -60.91
C SER R 120 17.47 83.49 -59.46
N MET R 121 16.46 83.85 -58.68
CA MET R 121 16.65 84.18 -57.27
C MET R 121 16.84 82.89 -56.48
N LYS R 122 18.10 82.57 -56.21
CA LYS R 122 18.43 81.56 -55.22
C LYS R 122 18.43 82.22 -53.85
N THR R 123 17.28 82.22 -53.19
CA THR R 123 17.17 82.85 -51.88
C THR R 123 17.88 82.01 -50.83
N LYS R 124 18.55 82.69 -49.91
CA LYS R 124 19.32 82.00 -48.88
C LYS R 124 19.07 82.69 -47.55
N PRO R 125 19.02 81.92 -46.46
CA PRO R 125 18.74 82.53 -45.15
C PRO R 125 19.95 83.26 -44.63
N VAL R 126 19.69 84.29 -43.83
CA VAL R 126 20.72 85.08 -43.17
C VAL R 126 20.21 85.50 -41.80
N SER R 127 20.99 85.20 -40.77
CA SER R 127 20.68 85.61 -39.42
C SER R 127 21.42 86.91 -39.11
N ILE R 128 21.38 87.29 -37.83
CA ILE R 128 22.24 88.36 -37.33
C ILE R 128 23.18 87.76 -36.30
N SER R 129 24.45 87.71 -36.67
CA SER R 129 25.55 87.35 -35.77
C SER R 129 26.50 88.54 -35.73
N ASP R 130 27.68 88.34 -35.13
CA ASP R 130 28.72 89.36 -35.12
C ASP R 130 28.21 90.65 -34.45
N ASP R 131 28.01 90.53 -33.13
CA ASP R 131 27.43 91.59 -32.32
C ASP R 131 28.02 92.97 -32.59
N THR R 132 29.22 93.04 -33.17
CA THR R 132 29.72 94.32 -33.67
C THR R 132 28.73 94.93 -34.67
N ILE R 133 28.13 94.10 -35.52
CA ILE R 133 27.04 94.57 -36.37
C ILE R 133 25.87 95.03 -35.52
N VAL R 134 25.62 94.34 -34.40
CA VAL R 134 24.57 94.78 -33.50
C VAL R 134 24.97 96.04 -32.74
N ASN R 135 26.25 96.37 -32.68
CA ASN R 135 26.68 97.56 -31.96
C ASN R 135 26.27 98.83 -32.70
N ASN R 136 26.57 98.92 -33.99
CA ASN R 136 26.25 100.14 -34.74
C ASN R 136 24.81 100.15 -35.24
N ILE R 137 24.14 99.00 -35.28
CA ILE R 137 22.77 98.98 -35.79
C ILE R 137 21.84 99.72 -34.85
N ILE R 138 22.20 99.82 -33.56
CA ILE R 138 21.39 100.58 -32.63
C ILE R 138 21.45 102.06 -32.96
N LYS R 139 22.67 102.58 -33.18
CA LYS R 139 22.86 104.01 -33.36
C LYS R 139 22.22 104.51 -34.64
N GLU R 140 22.23 103.70 -35.70
CA GLU R 140 21.78 104.16 -37.00
C GLU R 140 20.25 104.13 -37.12
N VAL R 141 19.61 103.13 -36.52
CA VAL R 141 18.18 102.92 -36.68
C VAL R 141 17.44 103.03 -35.35
N PHE R 142 17.90 102.32 -34.33
CA PHE R 142 17.20 102.29 -33.05
C PHE R 142 17.51 103.48 -32.17
N ASP R 143 18.45 104.33 -32.58
CA ASP R 143 18.74 105.57 -31.86
C ASP R 143 18.31 106.80 -32.61
N LYS R 144 18.43 106.80 -33.94
CA LYS R 144 17.96 107.95 -34.72
C LYS R 144 16.44 108.03 -34.75
N ILE R 145 15.76 106.89 -34.71
CA ILE R 145 14.30 106.89 -34.62
C ILE R 145 13.86 107.02 -33.17
N TYR R 146 14.52 106.32 -32.26
CA TYR R 146 14.15 106.31 -30.84
C TYR R 146 15.24 107.01 -30.04
N ASN R 147 14.96 108.25 -29.62
CA ASN R 147 15.83 108.89 -28.65
C ASN R 147 15.77 108.21 -27.29
N ILE R 148 14.88 107.23 -27.12
CA ILE R 148 14.70 106.57 -25.83
C ILE R 148 16.00 105.95 -25.35
N THR R 149 16.86 105.51 -26.28
CA THR R 149 18.19 105.08 -25.91
C THR R 149 18.93 106.23 -25.24
N GLN R 150 19.54 105.93 -24.10
CA GLN R 150 20.10 106.95 -23.21
C GLN R 150 19.04 107.94 -22.76
N LYS R 151 17.81 107.46 -22.61
CA LYS R 151 16.78 108.19 -21.90
C LYS R 151 16.19 107.27 -20.83
N GLU R 152 16.07 105.98 -21.15
CA GLU R 152 15.60 104.99 -20.19
C GLU R 152 16.47 103.73 -20.14
N LYS R 153 16.94 103.25 -21.28
CA LYS R 153 17.45 101.89 -21.40
C LYS R 153 18.92 101.81 -20.98
N VAL R 154 19.14 101.64 -19.66
CA VAL R 154 20.41 101.13 -19.19
C VAL R 154 20.54 99.64 -19.44
N LYS R 155 19.41 98.97 -19.69
CA LYS R 155 19.39 97.54 -20.00
C LYS R 155 19.62 97.29 -21.49
N ILE R 156 20.73 97.84 -21.99
CA ILE R 156 21.08 97.72 -23.40
C ILE R 156 21.24 96.26 -23.81
N GLU R 157 21.69 95.41 -22.88
CA GLU R 157 21.83 93.98 -23.15
C GLU R 157 20.53 93.39 -23.70
N LYS R 158 19.38 93.93 -23.29
CA LYS R 158 18.12 93.48 -23.85
C LYS R 158 18.03 93.86 -25.32
N VAL R 159 18.50 95.05 -25.67
CA VAL R 159 18.60 95.46 -27.07
C VAL R 159 19.73 94.70 -27.78
N LYS R 160 20.55 93.97 -27.04
CA LYS R 160 21.63 93.18 -27.64
C LYS R 160 21.25 91.71 -27.84
N GLU R 161 20.34 91.19 -27.01
CA GLU R 161 19.91 89.81 -27.17
C GLU R 161 18.81 89.69 -28.22
N ASP R 162 17.91 90.68 -28.30
CA ASP R 162 16.76 90.58 -29.19
C ASP R 162 17.18 90.64 -30.66
N ILE R 163 18.06 91.58 -31.01
CA ILE R 163 18.59 91.59 -32.36
C ILE R 163 19.37 90.33 -32.67
N LYS R 164 19.80 89.60 -31.64
CA LYS R 164 20.49 88.34 -31.85
C LYS R 164 19.52 87.19 -32.11
N GLU R 165 18.28 87.31 -31.70
CA GLU R 165 17.31 86.24 -31.93
C GLU R 165 16.09 86.68 -32.74
N LEU R 166 15.47 87.81 -32.39
CA LEU R 166 14.19 88.18 -32.98
C LEU R 166 14.34 88.67 -34.40
N PHE R 167 15.53 89.05 -34.83
CA PHE R 167 15.78 89.54 -36.18
C PHE R 167 16.47 88.47 -37.01
N SER R 168 15.76 87.93 -38.00
CA SER R 168 16.34 87.07 -39.01
C SER R 168 15.64 87.37 -40.33
N TYR R 169 16.21 86.88 -41.41
CA TYR R 169 15.66 87.14 -42.73
C TYR R 169 16.36 86.23 -43.74
N TYR R 170 15.96 86.37 -44.99
CA TYR R 170 16.60 85.67 -46.09
C TYR R 170 17.28 86.68 -46.99
N ALA R 171 18.30 86.21 -47.71
CA ALA R 171 19.11 87.08 -48.54
C ALA R 171 19.45 86.39 -49.85
N LEU R 172 19.64 87.19 -50.90
CA LEU R 172 20.01 86.64 -52.19
C LEU R 172 21.51 86.58 -52.37
N GLU R 173 22.22 87.63 -51.95
CA GLU R 173 23.66 87.78 -52.16
C GLU R 173 24.01 87.87 -53.65
N GLN R 174 23.11 88.47 -54.42
CA GLN R 174 23.27 88.56 -55.87
C GLN R 174 22.99 89.96 -56.38
N SER S 2 -63.01 88.75 -12.88
CA SER S 2 -62.79 87.31 -12.80
C SER S 2 -62.42 86.89 -11.39
N THR S 3 -61.20 86.40 -11.23
CA THR S 3 -60.67 85.96 -9.94
C THR S 3 -59.65 86.96 -9.44
N GLN S 4 -59.84 87.42 -8.20
CA GLN S 4 -58.99 88.42 -7.59
C GLN S 4 -58.31 87.84 -6.36
N ARG S 5 -57.05 88.17 -6.18
CA ARG S 5 -56.31 87.78 -4.98
C ARG S 5 -55.62 89.00 -4.39
N GLU S 6 -55.47 88.99 -3.06
CA GLU S 6 -54.87 90.08 -2.33
C GLU S 6 -53.64 89.54 -1.61
N TYR S 7 -52.47 90.01 -2.03
CA TYR S 7 -51.22 89.58 -1.41
C TYR S 7 -51.02 90.32 -0.10
N VAL S 8 -51.02 89.59 0.99
CA VAL S 8 -50.79 90.16 2.32
C VAL S 8 -49.36 89.79 2.73
N PHE S 9 -48.55 90.81 2.97
CA PHE S 9 -47.18 90.60 3.41
C PHE S 9 -47.18 89.89 4.77
N ILE S 10 -45.99 89.43 5.16
CA ILE S 10 -45.84 88.81 6.47
C ILE S 10 -44.62 89.41 7.17
N PRO S 11 -44.81 90.47 7.95
CA PRO S 11 -43.71 90.98 8.77
C PRO S 11 -43.77 90.40 10.18
N ILE S 12 -42.75 90.72 10.99
CA ILE S 12 -42.74 90.35 12.40
C ILE S 12 -43.48 91.42 13.17
N THR S 13 -44.18 92.31 12.46
CA THR S 13 -44.95 93.38 13.06
C THR S 13 -46.43 93.13 12.85
N ASN S 14 -47.24 93.65 13.78
CA ASN S 14 -48.69 93.48 13.70
C ASN S 14 -49.29 94.52 12.76
N SER S 15 -48.70 94.66 11.58
CA SER S 15 -49.21 95.54 10.54
C SER S 15 -50.15 94.83 9.58
N ILE S 16 -50.75 93.72 10.01
CA ILE S 16 -51.61 92.90 9.17
C ILE S 16 -52.95 92.60 9.83
N THR S 17 -53.25 93.20 10.97
CA THR S 17 -54.46 92.88 11.72
C THR S 17 -55.71 93.20 10.91
N ILE S 18 -55.96 94.48 10.67
CA ILE S 18 -57.06 94.87 9.78
C ILE S 18 -56.46 95.45 8.52
N ASP S 19 -56.14 94.58 7.57
CA ASP S 19 -55.73 94.99 6.23
C ASP S 19 -56.44 94.20 5.14
N VAL S 20 -56.91 93.00 5.42
CA VAL S 20 -57.86 92.29 4.58
C VAL S 20 -59.17 92.20 5.35
N LYS S 21 -60.27 92.26 4.63
CA LYS S 21 -61.59 92.02 5.22
C LYS S 21 -62.20 90.71 4.78
N ILE S 22 -61.60 90.02 3.82
CA ILE S 22 -62.21 88.88 3.16
C ILE S 22 -61.54 87.62 3.68
N THR S 23 -62.31 86.83 4.45
CA THR S 23 -61.86 85.56 4.99
C THR S 23 -62.20 84.39 4.08
N ILE S 24 -63.36 84.44 3.43
CA ILE S 24 -63.73 83.37 2.51
C ILE S 24 -63.84 83.94 1.10
N GLY S 25 -64.78 84.86 0.89
CA GLY S 25 -64.82 85.66 -0.32
C GLY S 25 -65.09 84.83 -1.57
N GLY S 26 -64.10 84.05 -1.95
CA GLY S 26 -64.20 83.05 -2.98
C GLY S 26 -64.31 81.66 -2.38
N SER S 27 -63.73 80.68 -3.07
CA SER S 27 -63.78 79.30 -2.62
C SER S 27 -62.46 78.81 -2.05
N ASP S 28 -61.36 79.54 -2.24
CA ASP S 28 -60.08 79.13 -1.72
C ASP S 28 -59.10 80.30 -1.81
N HIS S 29 -57.98 80.16 -1.12
CA HIS S 29 -56.85 81.07 -1.25
C HIS S 29 -55.68 80.28 -1.83
N ILE S 30 -54.80 80.98 -2.56
CA ILE S 30 -53.71 80.28 -3.23
C ILE S 30 -52.82 79.59 -2.22
N THR S 31 -52.39 80.33 -1.19
CA THR S 31 -51.66 79.71 -0.09
C THR S 31 -52.54 78.65 0.58
N ASN S 32 -51.92 77.53 0.98
CA ASN S 32 -52.67 76.41 1.53
C ASN S 32 -51.88 75.71 2.63
N ILE S 33 -52.60 74.95 3.44
CA ILE S 33 -52.01 74.15 4.51
C ILE S 33 -52.69 72.79 4.54
N ASP S 34 -52.02 71.75 4.02
CA ASP S 34 -52.59 70.40 3.96
C ASP S 34 -51.58 69.40 4.50
N GLU S 35 -51.53 69.25 5.82
CA GLU S 35 -50.83 68.18 6.52
C GLU S 35 -49.36 68.08 6.17
N ARG S 36 -48.83 69.02 5.41
CA ARG S 36 -47.43 68.99 5.01
C ARG S 36 -46.75 70.35 5.11
N GLY S 37 -47.45 71.36 5.58
CA GLY S 37 -46.91 72.69 5.70
C GLY S 37 -47.59 73.67 4.77
N ILE S 38 -47.18 74.92 4.87
CA ILE S 38 -47.73 75.98 4.05
C ILE S 38 -47.19 75.86 2.63
N HIS S 39 -48.01 76.20 1.65
CA HIS S 39 -47.64 75.97 0.25
C HIS S 39 -48.09 77.14 -0.61
N ASN S 40 -47.52 77.19 -1.81
CA ASN S 40 -47.85 78.21 -2.81
C ASN S 40 -47.64 79.62 -2.27
N VAL S 41 -46.58 79.80 -1.49
CA VAL S 41 -46.25 81.12 -0.96
C VAL S 41 -45.83 82.03 -2.12
N LEU S 42 -46.20 83.30 -2.04
CA LEU S 42 -45.76 84.27 -3.04
C LEU S 42 -44.52 85.00 -2.58
N VAL S 43 -43.59 85.19 -3.51
CA VAL S 43 -42.34 85.90 -3.26
C VAL S 43 -42.14 86.90 -4.37
N ILE S 44 -41.90 88.16 -4.00
CA ILE S 44 -41.62 89.23 -4.96
C ILE S 44 -40.22 89.75 -4.68
N THR S 45 -39.51 90.11 -5.74
CA THR S 45 -38.14 90.61 -5.63
C THR S 45 -38.10 92.10 -5.93
N GLY S 46 -37.01 92.73 -5.49
CA GLY S 46 -36.81 94.14 -5.75
C GLY S 46 -37.65 95.06 -4.91
N TYR S 47 -37.99 94.66 -3.68
CA TYR S 47 -38.84 95.45 -2.81
C TYR S 47 -38.39 95.27 -1.37
N ALA S 48 -39.09 95.94 -0.45
CA ALA S 48 -38.76 95.87 0.96
C ALA S 48 -39.95 96.38 1.76
N VAL S 49 -39.84 96.28 3.08
CA VAL S 49 -40.90 96.74 3.97
C VAL S 49 -40.38 97.87 4.85
N ASP S 50 -41.33 98.60 5.43
CA ASP S 50 -41.10 99.82 6.20
C ASP S 50 -41.80 99.67 7.55
N GLU S 51 -41.44 98.61 8.27
CA GLU S 51 -42.26 97.92 9.26
C GLU S 51 -43.21 98.82 10.04
N LYS S 52 -42.82 100.06 10.32
CA LYS S 52 -43.78 100.99 10.90
C LYS S 52 -44.91 101.23 9.91
N ASN S 53 -46.10 100.68 10.20
CA ASN S 53 -47.23 100.72 9.27
C ASN S 53 -46.87 100.08 7.94
N GLY S 54 -46.66 98.77 7.99
CA GLY S 54 -46.13 98.00 6.87
C GLY S 54 -46.76 98.25 5.52
N ARG S 55 -45.95 98.75 4.59
CA ARG S 55 -46.30 98.82 3.18
C ARG S 55 -45.04 98.56 2.37
N LEU S 56 -45.20 97.94 1.20
CA LEU S 56 -44.06 97.53 0.39
C LEU S 56 -43.54 98.74 -0.37
N VAL S 57 -42.31 99.16 -0.05
CA VAL S 57 -41.69 100.33 -0.68
C VAL S 57 -40.85 99.86 -1.87
N PRO S 58 -40.94 100.52 -3.02
CA PRO S 58 -40.19 100.05 -4.19
C PRO S 58 -38.71 100.40 -4.09
N THR S 59 -37.88 99.44 -4.43
CA THR S 59 -36.45 99.66 -4.64
C THR S 59 -36.04 99.00 -5.95
N LEU S 60 -34.77 99.14 -6.28
CA LEU S 60 -34.24 98.56 -7.51
C LEU S 60 -33.12 97.56 -7.25
N ASP S 61 -32.91 97.18 -6.00
CA ASP S 61 -31.97 96.11 -5.66
C ASP S 61 -32.66 94.77 -5.84
N PRO S 62 -32.19 93.92 -6.75
CA PRO S 62 -32.77 92.58 -6.86
C PRO S 62 -32.50 91.70 -5.65
N CYS S 63 -31.57 92.08 -4.78
CA CYS S 63 -31.22 91.29 -3.62
C CYS S 63 -32.00 91.67 -2.37
N ASP S 64 -33.20 92.21 -2.53
CA ASP S 64 -34.15 92.35 -1.43
C ASP S 64 -35.50 91.81 -1.87
N TYR S 65 -36.19 91.14 -0.96
CA TYR S 65 -37.39 90.40 -1.31
C TYR S 65 -38.40 90.52 -0.17
N VAL S 66 -39.58 89.97 -0.42
CA VAL S 66 -40.64 89.91 0.58
C VAL S 66 -41.45 88.65 0.35
N LYS S 67 -41.59 87.84 1.39
CA LYS S 67 -42.34 86.59 1.33
C LYS S 67 -43.65 86.74 2.10
N GLY S 68 -44.76 86.47 1.42
CA GLY S 68 -46.05 86.51 2.06
C GLY S 68 -46.99 85.55 1.38
N ILE S 69 -48.22 85.49 1.88
CA ILE S 69 -49.20 84.54 1.41
C ILE S 69 -50.22 85.25 0.53
N LEU S 70 -51.12 84.46 -0.06
CA LEU S 70 -52.08 84.94 -1.05
C LEU S 70 -53.48 84.57 -0.60
N VAL S 71 -54.37 85.56 -0.58
CA VAL S 71 -55.77 85.36 -0.25
C VAL S 71 -56.62 85.95 -1.37
N ALA S 72 -57.76 85.32 -1.64
CA ALA S 72 -58.63 85.71 -2.74
C ALA S 72 -59.66 86.72 -2.25
N GLY S 73 -59.66 87.91 -2.83
CA GLY S 73 -60.68 88.89 -2.51
C GLY S 73 -60.22 90.31 -2.81
N THR S 74 -60.90 91.25 -2.16
CA THR S 74 -60.63 92.67 -2.30
C THR S 74 -60.39 93.25 -0.92
N PRO S 75 -59.32 94.02 -0.71
CA PRO S 75 -58.93 94.43 0.64
C PRO S 75 -59.81 95.55 1.18
N GLN S 76 -60.73 95.19 2.07
CA GLN S 76 -61.31 96.14 3.02
C GLN S 76 -62.18 97.19 2.35
N GLN S 77 -62.25 97.17 1.02
CA GLN S 77 -63.07 98.10 0.23
C GLN S 77 -62.82 99.55 0.61
N ALA S 78 -61.67 99.83 1.24
CA ALA S 78 -61.31 101.19 1.63
C ALA S 78 -59.96 101.58 1.04
N GLN S 79 -59.71 101.23 -0.22
CA GLN S 79 -58.37 101.22 -0.80
C GLN S 79 -58.47 101.75 -2.22
N SER S 80 -57.46 101.44 -3.03
CA SER S 80 -57.26 101.86 -4.41
C SER S 80 -56.66 103.25 -4.52
N ASN S 81 -56.03 103.74 -3.46
CA ASN S 81 -55.16 104.90 -3.58
C ASN S 81 -53.68 104.55 -3.45
N ASP S 82 -53.34 103.50 -2.70
CA ASP S 82 -51.95 103.04 -2.64
C ASP S 82 -51.87 101.53 -2.72
N PHE S 83 -52.79 100.90 -3.44
CA PHE S 83 -52.72 99.47 -3.70
C PHE S 83 -52.44 99.23 -5.17
N LEU S 84 -51.94 98.03 -5.47
CA LEU S 84 -51.49 97.69 -6.81
C LEU S 84 -52.29 96.49 -7.32
N THR S 85 -53.35 96.79 -8.05
CA THR S 85 -54.09 95.78 -8.78
C THR S 85 -53.38 95.46 -10.10
N LEU S 86 -53.26 94.18 -10.43
CA LEU S 86 -52.54 93.79 -11.63
C LEU S 86 -52.98 92.38 -12.05
N LYS S 87 -52.89 92.13 -13.35
CA LYS S 87 -53.28 90.85 -13.92
C LYS S 87 -52.04 90.13 -14.47
N LEU S 88 -51.83 88.91 -14.02
CA LEU S 88 -50.69 88.09 -14.40
C LEU S 88 -51.18 86.77 -14.97
N PRO S 89 -50.43 86.17 -15.90
CA PRO S 89 -50.85 84.88 -16.46
C PRO S 89 -50.39 83.69 -15.64
N ALA S 90 -50.46 83.80 -14.30
CA ALA S 90 -50.38 82.67 -13.39
C ALA S 90 -49.05 81.90 -13.43
N ASN S 91 -48.07 82.40 -14.18
CA ASN S 91 -46.74 81.81 -14.16
C ASN S 91 -45.65 82.80 -13.80
N LYS S 92 -45.93 84.10 -13.86
CA LYS S 92 -44.96 85.13 -13.54
C LYS S 92 -44.81 85.35 -12.05
N LEU S 93 -45.26 84.41 -11.23
CA LEU S 93 -45.17 84.53 -9.77
C LEU S 93 -44.09 83.57 -9.28
N TYR S 94 -43.02 84.12 -8.72
CA TYR S 94 -41.99 83.29 -8.13
C TYR S 94 -42.51 82.73 -6.81
N LEU S 95 -43.17 81.58 -6.87
CA LEU S 95 -43.81 80.98 -5.72
C LEU S 95 -42.90 79.97 -5.04
N ILE S 96 -43.21 79.66 -3.78
CA ILE S 96 -42.49 78.66 -3.02
C ILE S 96 -43.45 77.51 -2.71
N ARG S 97 -42.99 76.28 -2.97
CA ARG S 97 -43.72 75.07 -2.58
C ARG S 97 -45.11 75.02 -3.20
N LYS S 98 -45.14 74.91 -4.52
CA LYS S 98 -46.41 74.71 -5.21
C LYS S 98 -46.99 73.34 -4.89
N LYS S 99 -48.32 73.25 -4.83
CA LYS S 99 -49.01 71.99 -4.61
C LYS S 99 -49.91 71.60 -5.78
N GLY S 100 -50.80 72.50 -6.20
CA GLY S 100 -51.66 72.27 -7.35
C GLY S 100 -51.31 73.19 -8.50
N ASN S 101 -52.29 73.38 -9.37
CA ASN S 101 -52.15 74.24 -10.54
C ASN S 101 -52.76 75.61 -10.29
N ILE S 102 -52.58 76.50 -11.25
CA ILE S 102 -53.18 77.83 -11.21
C ILE S 102 -53.84 78.09 -12.57
N SER S 103 -54.92 78.88 -12.55
CA SER S 103 -55.90 78.93 -13.62
C SER S 103 -55.56 79.92 -14.73
N ASP S 104 -54.28 80.17 -14.97
CA ASP S 104 -53.78 80.97 -16.09
C ASP S 104 -54.25 82.41 -16.07
N ASP S 105 -54.78 82.90 -14.95
CA ASP S 105 -55.15 84.31 -14.84
C ASP S 105 -55.33 84.64 -13.36
N LEU S 106 -55.00 85.88 -13.00
CA LEU S 106 -55.11 86.34 -11.63
C LEU S 106 -55.11 87.86 -11.60
N LYS S 107 -55.89 88.44 -10.69
CA LYS S 107 -55.86 89.87 -10.42
C LYS S 107 -55.40 90.06 -8.98
N ILE S 108 -54.15 90.49 -8.82
CA ILE S 108 -53.49 90.52 -7.52
C ILE S 108 -53.47 91.95 -7.02
N TYR S 109 -53.73 92.13 -5.72
CA TYR S 109 -53.63 93.42 -5.06
C TYR S 109 -52.34 93.45 -4.24
N ILE S 110 -51.57 94.52 -4.41
CA ILE S 110 -50.31 94.68 -3.69
C ILE S 110 -50.37 95.95 -2.86
N PRO S 111 -50.16 95.89 -1.56
CA PRO S 111 -50.09 97.12 -0.77
C PRO S 111 -48.85 97.92 -1.14
N TYR S 112 -49.05 99.03 -1.82
CA TYR S 112 -47.96 99.83 -2.35
C TYR S 112 -47.71 101.04 -1.46
N SER S 113 -46.47 101.55 -1.51
CA SER S 113 -46.09 102.74 -0.79
C SER S 113 -45.26 103.64 -1.70
N SER S 114 -45.36 104.95 -1.45
CA SER S 114 -44.52 105.90 -2.15
C SER S 114 -43.07 105.73 -1.72
N PRO S 115 -42.11 105.89 -2.64
CA PRO S 115 -40.70 105.68 -2.28
C PRO S 115 -40.21 106.61 -1.19
N ASP S 116 -40.82 107.80 -1.04
CA ASP S 116 -40.49 108.73 0.04
C ASP S 116 -39.02 109.14 -0.01
N ALA S 117 -38.66 109.84 -1.08
CA ALA S 117 -37.27 110.21 -1.32
C ALA S 117 -36.82 111.36 -0.43
N ARG S 118 -36.64 111.09 0.86
CA ARG S 118 -35.97 112.04 1.75
C ARG S 118 -34.93 111.39 2.63
N ASN S 119 -35.05 110.08 2.92
CA ASN S 119 -34.01 109.34 3.63
C ASN S 119 -33.67 108.12 2.81
N SER S 120 -32.40 107.71 2.88
CA SER S 120 -31.93 106.62 2.04
C SER S 120 -32.65 105.32 2.39
N MET S 121 -33.00 104.56 1.36
CA MET S 121 -33.71 103.29 1.53
C MET S 121 -32.74 102.16 1.87
N LYS S 122 -31.95 102.40 2.90
CA LYS S 122 -31.01 101.39 3.39
C LYS S 122 -31.82 100.22 3.94
N THR S 123 -31.69 99.06 3.28
CA THR S 123 -32.49 97.89 3.62
C THR S 123 -31.75 97.02 4.60
N LYS S 124 -32.51 96.31 5.43
CA LYS S 124 -31.95 95.42 6.44
C LYS S 124 -32.69 94.09 6.41
N PRO S 125 -32.01 92.99 6.65
CA PRO S 125 -32.66 91.69 6.66
C PRO S 125 -33.38 91.42 7.98
N VAL S 126 -34.49 90.70 7.89
CA VAL S 126 -35.28 90.31 9.06
C VAL S 126 -35.64 88.84 8.95
N SER S 127 -35.30 88.07 9.98
CA SER S 127 -35.72 86.68 10.11
C SER S 127 -36.75 86.58 11.21
N ILE S 128 -37.71 85.67 11.02
CA ILE S 128 -38.83 85.53 11.94
C ILE S 128 -38.38 84.64 13.10
N SER S 129 -38.11 85.28 14.24
CA SER S 129 -37.73 84.64 15.49
C SER S 129 -38.66 85.14 16.59
N ASP S 130 -38.29 84.89 17.85
CA ASP S 130 -39.05 85.38 19.00
C ASP S 130 -40.45 84.79 19.02
N ASP S 131 -40.51 83.50 19.35
CA ASP S 131 -41.69 82.65 19.29
C ASP S 131 -42.96 83.37 19.75
N THR S 132 -42.85 84.31 20.68
CA THR S 132 -44.00 85.14 21.01
C THR S 132 -44.49 85.88 19.78
N ILE S 133 -43.57 86.47 19.00
CA ILE S 133 -43.93 87.03 17.70
C ILE S 133 -44.37 85.94 16.74
N VAL S 134 -44.00 84.70 17.00
CA VAL S 134 -44.43 83.60 16.15
C VAL S 134 -45.73 82.98 16.65
N ASN S 135 -45.96 82.96 17.96
CA ASN S 135 -47.19 82.38 18.47
C ASN S 135 -48.37 83.30 18.20
N ASN S 136 -48.25 84.58 18.59
CA ASN S 136 -49.32 85.53 18.31
C ASN S 136 -49.62 85.62 16.82
N ILE S 137 -48.59 85.47 15.99
CA ILE S 137 -48.78 85.54 14.54
C ILE S 137 -49.53 84.32 14.01
N ILE S 138 -49.84 83.34 14.86
CA ILE S 138 -50.72 82.26 14.44
C ILE S 138 -52.18 82.64 14.65
N LYS S 139 -52.50 83.14 15.84
CA LYS S 139 -53.90 83.47 16.13
C LYS S 139 -54.33 84.77 15.46
N GLU S 140 -53.41 85.73 15.32
CA GLU S 140 -53.77 87.01 14.74
C GLU S 140 -54.23 86.87 13.30
N VAL S 141 -53.40 86.26 12.46
CA VAL S 141 -53.65 86.18 11.03
C VAL S 141 -54.12 84.79 10.62
N PHE S 142 -53.33 83.76 10.91
CA PHE S 142 -53.65 82.42 10.44
C PHE S 142 -54.97 81.89 10.97
N ASP S 143 -55.42 82.37 12.13
CA ASP S 143 -56.73 82.01 12.64
C ASP S 143 -57.84 82.91 12.11
N LYS S 144 -57.50 84.09 11.58
CA LYS S 144 -58.51 84.97 11.01
C LYS S 144 -58.90 84.54 9.61
N ILE S 145 -57.92 84.18 8.78
CA ILE S 145 -58.16 83.84 7.38
C ILE S 145 -58.32 82.34 7.19
N TYR S 146 -57.37 81.56 7.69
CA TYR S 146 -57.43 80.10 7.59
C TYR S 146 -58.00 79.57 8.89
N ASN S 147 -59.31 79.76 9.06
CA ASN S 147 -59.98 79.25 10.25
C ASN S 147 -59.90 77.73 10.36
N ILE S 148 -59.44 77.05 9.30
CA ILE S 148 -59.16 75.62 9.36
C ILE S 148 -58.19 75.30 10.49
N THR S 149 -57.39 76.29 10.90
CA THR S 149 -56.43 76.09 11.98
C THR S 149 -57.15 75.64 13.24
N GLN S 150 -56.61 74.57 13.86
CA GLN S 150 -57.16 73.91 15.03
C GLN S 150 -58.51 73.27 14.77
N LYS S 151 -59.08 73.47 13.59
CA LYS S 151 -60.29 72.76 13.17
C LYS S 151 -59.99 71.51 12.37
N GLU S 152 -58.86 71.48 11.68
CA GLU S 152 -58.29 70.28 11.09
C GLU S 152 -56.85 70.06 11.52
N LYS S 153 -56.06 71.12 11.65
CA LYS S 153 -54.63 71.02 11.94
C LYS S 153 -54.42 70.87 13.44
N VAL S 154 -54.41 69.61 13.90
CA VAL S 154 -53.91 69.32 15.23
C VAL S 154 -52.39 69.43 15.29
N LYS S 155 -51.73 69.54 14.15
CA LYS S 155 -50.27 69.64 14.06
C LYS S 155 -49.84 71.10 13.90
N ILE S 156 -50.01 71.87 14.97
CA ILE S 156 -49.50 73.24 14.98
C ILE S 156 -47.98 73.23 14.98
N GLU S 157 -47.39 72.20 15.58
CA GLU S 157 -45.94 72.13 15.71
C GLU S 157 -45.24 72.15 14.36
N LYS S 158 -45.90 71.67 13.31
CA LYS S 158 -45.28 71.71 11.99
C LYS S 158 -45.37 73.12 11.40
N VAL S 159 -46.57 73.69 11.37
CA VAL S 159 -46.72 75.03 10.78
C VAL S 159 -46.02 76.11 11.58
N LYS S 160 -45.87 75.93 12.89
CA LYS S 160 -45.14 76.91 13.69
C LYS S 160 -43.66 76.89 13.34
N GLU S 161 -43.08 75.71 13.18
CA GLU S 161 -41.69 75.62 12.74
C GLU S 161 -41.52 76.22 11.36
N ASP S 162 -42.53 76.09 10.50
CA ASP S 162 -42.39 76.63 9.15
C ASP S 162 -42.38 78.16 9.14
N ILE S 163 -43.11 78.80 10.06
CA ILE S 163 -43.13 80.25 10.10
C ILE S 163 -41.74 80.80 10.40
N LYS S 164 -41.08 80.24 11.41
CA LYS S 164 -39.76 80.74 11.78
C LYS S 164 -38.69 80.39 10.74
N GLU S 165 -38.91 79.34 9.95
CA GLU S 165 -37.88 78.85 9.03
C GLU S 165 -38.13 79.22 7.58
N LEU S 166 -39.39 79.33 7.16
CA LEU S 166 -39.66 79.65 5.76
C LEU S 166 -39.70 81.15 5.52
N PHE S 167 -40.42 81.88 6.36
CA PHE S 167 -40.78 83.25 6.07
C PHE S 167 -39.67 84.20 6.46
N SER S 168 -39.39 85.15 5.57
CA SER S 168 -38.45 86.23 5.83
C SER S 168 -38.68 87.31 4.79
N TYR S 169 -37.95 88.41 4.94
CA TYR S 169 -38.10 89.59 4.09
C TYR S 169 -37.03 90.59 4.45
N TYR S 170 -36.85 91.62 3.65
CA TYR S 170 -35.91 92.69 3.94
C TYR S 170 -36.68 93.98 4.19
N ALA S 171 -36.17 94.80 5.09
CA ALA S 171 -36.90 95.94 5.61
C ALA S 171 -36.10 97.23 5.43
N LEU S 172 -36.82 98.32 5.13
CA LEU S 172 -36.21 99.63 5.28
C LEU S 172 -35.74 99.86 6.71
N GLU S 173 -36.59 99.55 7.68
CA GLU S 173 -36.27 99.62 9.11
C GLU S 173 -35.80 101.01 9.51
N GLN S 174 -36.50 102.03 9.04
CA GLN S 174 -36.19 103.42 9.38
C GLN S 174 -37.46 104.16 9.81
N SER T 2 33.08 -11.18 -55.95
CA SER T 2 32.64 -10.99 -54.57
C SER T 2 33.82 -10.68 -53.66
N THR T 3 33.70 -11.07 -52.39
CA THR T 3 34.77 -10.89 -51.41
C THR T 3 35.07 -12.23 -50.75
N GLN T 4 36.37 -12.49 -50.54
CA GLN T 4 36.84 -13.71 -49.90
C GLN T 4 37.42 -13.36 -48.54
N ARG T 5 37.15 -14.20 -47.55
CA ARG T 5 37.84 -14.14 -46.27
C ARG T 5 38.38 -15.51 -45.92
N GLU T 6 39.49 -15.51 -45.18
CA GLU T 6 40.13 -16.75 -44.78
C GLU T 6 40.35 -16.72 -43.28
N TYR T 7 39.86 -17.74 -42.59
CA TYR T 7 39.91 -17.81 -41.15
C TYR T 7 41.28 -18.32 -40.71
N VAL T 8 42.01 -17.53 -39.94
CA VAL T 8 43.26 -17.96 -39.34
C VAL T 8 42.94 -18.28 -37.88
N PHE T 9 43.53 -19.35 -37.38
CA PHE T 9 43.26 -19.80 -36.03
C PHE T 9 44.31 -19.25 -35.08
N ILE T 10 43.92 -19.08 -33.82
CA ILE T 10 44.79 -18.50 -32.81
C ILE T 10 45.05 -19.51 -31.70
N PRO T 11 45.87 -20.53 -31.93
CA PRO T 11 46.18 -21.48 -30.86
C PRO T 11 47.41 -21.06 -30.07
N ILE T 12 47.83 -21.90 -29.11
CA ILE T 12 49.06 -21.64 -28.39
C ILE T 12 50.24 -22.06 -29.26
N THR T 13 49.95 -22.54 -30.45
CA THR T 13 50.96 -23.09 -31.35
C THR T 13 51.13 -22.21 -32.57
N ASN T 14 52.38 -22.06 -33.00
CA ASN T 14 52.75 -21.13 -34.06
C ASN T 14 52.73 -21.79 -35.43
N SER T 15 51.88 -22.79 -35.62
CA SER T 15 51.80 -23.47 -36.90
C SER T 15 51.11 -22.62 -37.96
N ILE T 16 50.96 -21.32 -37.69
CA ILE T 16 50.28 -20.37 -38.55
C ILE T 16 51.24 -19.51 -39.34
N THR T 17 52.52 -19.91 -39.40
CA THR T 17 53.52 -19.10 -40.12
C THR T 17 53.24 -19.09 -41.62
N ILE T 18 52.86 -20.23 -42.19
CA ILE T 18 52.47 -20.31 -43.60
C ILE T 18 51.08 -20.93 -43.64
N ASP T 19 50.06 -20.09 -43.84
CA ASP T 19 48.73 -20.58 -44.16
C ASP T 19 48.03 -19.75 -45.23
N VAL T 20 48.72 -18.84 -45.92
CA VAL T 20 48.11 -18.01 -46.95
C VAL T 20 49.17 -17.64 -47.98
N LYS T 21 48.71 -17.08 -49.09
CA LYS T 21 49.55 -16.36 -50.04
C LYS T 21 49.10 -14.93 -50.27
N ILE T 22 47.88 -14.57 -49.87
CA ILE T 22 47.38 -13.21 -50.00
C ILE T 22 47.35 -12.59 -48.60
N THR T 23 48.05 -11.47 -48.44
CA THR T 23 48.12 -10.85 -47.13
C THR T 23 46.84 -10.10 -46.79
N ILE T 24 46.32 -9.31 -47.72
CA ILE T 24 45.04 -8.62 -47.53
C ILE T 24 44.13 -8.91 -48.72
N GLY T 25 44.64 -8.67 -49.92
CA GLY T 25 43.82 -8.85 -51.12
C GLY T 25 42.91 -7.66 -51.34
N GLY T 26 41.89 -7.53 -50.52
CA GLY T 26 41.03 -6.37 -50.57
C GLY T 26 41.69 -5.17 -49.91
N SER T 27 40.90 -4.42 -49.14
CA SER T 27 41.42 -3.29 -48.38
C SER T 27 40.86 -3.24 -46.96
N ASP T 28 40.28 -4.33 -46.48
CA ASP T 28 39.53 -4.33 -45.24
C ASP T 28 39.70 -5.66 -44.54
N HIS T 29 39.23 -5.71 -43.29
CA HIS T 29 39.26 -6.93 -42.49
C HIS T 29 38.06 -6.93 -41.57
N ILE T 30 37.30 -8.02 -41.60
CA ILE T 30 36.17 -8.17 -40.67
C ILE T 30 36.66 -7.97 -39.25
N THR T 31 37.77 -8.60 -38.90
CA THR T 31 38.41 -8.37 -37.61
C THR T 31 39.05 -6.98 -37.59
N ASN T 32 39.02 -6.34 -36.43
CA ASN T 32 39.58 -5.00 -36.26
C ASN T 32 40.23 -4.88 -34.89
N ILE T 33 41.02 -3.82 -34.71
CA ILE T 33 41.54 -3.46 -33.39
C ILE T 33 41.49 -1.95 -33.26
N ASP T 34 40.47 -1.42 -32.58
CA ASP T 34 40.22 0.02 -32.54
C ASP T 34 40.06 0.48 -31.09
N GLU T 35 41.18 0.87 -30.47
CA GLU T 35 41.20 1.65 -29.24
C GLU T 35 40.55 0.92 -28.06
N ARG T 36 40.00 -0.26 -28.29
CA ARG T 36 39.29 -0.98 -27.23
C ARG T 36 39.56 -2.47 -27.24
N GLY T 37 40.45 -2.94 -28.10
CA GLY T 37 40.66 -4.36 -28.27
C GLY T 37 40.00 -4.87 -29.54
N ILE T 38 40.19 -6.16 -29.78
CA ILE T 38 39.79 -6.76 -31.04
C ILE T 38 38.27 -6.75 -31.18
N HIS T 39 37.80 -6.91 -32.40
CA HIS T 39 36.38 -7.01 -32.70
C HIS T 39 36.16 -8.04 -33.80
N ASN T 40 34.98 -8.66 -33.78
CA ASN T 40 34.56 -9.60 -34.82
C ASN T 40 35.45 -10.84 -34.85
N VAL T 41 35.71 -11.42 -33.68
CA VAL T 41 36.37 -12.71 -33.63
C VAL T 41 35.36 -13.79 -34.00
N LEU T 42 35.74 -14.68 -34.90
CA LEU T 42 34.85 -15.74 -35.36
C LEU T 42 35.08 -17.00 -34.53
N VAL T 43 34.00 -17.60 -34.06
CA VAL T 43 34.06 -18.82 -33.28
C VAL T 43 33.34 -19.91 -34.04
N ILE T 44 34.01 -21.04 -34.21
CA ILE T 44 33.46 -22.18 -34.92
C ILE T 44 33.29 -23.31 -33.91
N THR T 45 32.05 -23.66 -33.62
CA THR T 45 31.76 -24.72 -32.68
C THR T 45 31.71 -26.06 -33.41
N GLY T 46 32.10 -27.12 -32.70
CA GLY T 46 32.09 -28.44 -33.25
C GLY T 46 33.40 -28.89 -33.85
N TYR T 47 34.42 -28.04 -33.86
CA TYR T 47 35.71 -28.38 -34.42
C TYR T 47 36.77 -28.29 -33.34
N ALA T 48 37.79 -29.13 -33.46
CA ALA T 48 38.90 -29.14 -32.52
C ALA T 48 40.20 -28.96 -33.28
N VAL T 49 41.22 -28.50 -32.56
CA VAL T 49 42.48 -28.14 -33.20
C VAL T 49 43.44 -29.32 -33.11
N ASP T 50 44.36 -29.36 -34.07
CA ASP T 50 45.28 -30.48 -34.30
C ASP T 50 46.70 -29.94 -34.31
N GLU T 51 47.07 -29.31 -33.19
CA GLU T 51 48.18 -28.36 -33.09
C GLU T 51 49.38 -28.66 -33.99
N LYS T 52 49.75 -29.93 -34.14
CA LYS T 52 50.74 -30.31 -35.13
C LYS T 52 50.11 -30.14 -36.50
N ASN T 53 50.36 -28.99 -37.12
CA ASN T 53 49.59 -28.53 -38.27
C ASN T 53 48.11 -28.43 -37.89
N GLY T 54 47.85 -27.45 -37.02
CA GLY T 54 46.52 -27.24 -36.47
C GLY T 54 45.47 -27.03 -37.53
N ARG T 55 44.64 -28.05 -37.74
CA ARG T 55 43.53 -27.97 -38.67
C ARG T 55 42.27 -28.39 -37.93
N LEU T 56 41.16 -27.74 -38.29
CA LEU T 56 39.93 -27.91 -37.52
C LEU T 56 39.36 -29.28 -37.80
N VAL T 57 39.69 -30.24 -36.94
CA VAL T 57 39.19 -31.59 -37.08
C VAL T 57 37.72 -31.62 -36.70
N PRO T 58 36.85 -32.05 -37.60
CA PRO T 58 35.41 -32.01 -37.28
C PRO T 58 35.00 -33.07 -36.28
N THR T 59 34.82 -32.67 -35.03
CA THR T 59 34.12 -33.50 -34.07
C THR T 59 32.64 -33.12 -34.10
N LEU T 60 31.86 -33.73 -33.22
CA LEU T 60 30.44 -33.41 -33.15
C LEU T 60 30.04 -32.84 -31.81
N ASP T 61 31.00 -32.44 -30.97
CA ASP T 61 30.68 -31.93 -29.65
C ASP T 61 30.50 -30.42 -29.74
N PRO T 62 29.30 -29.89 -29.58
CA PRO T 62 29.13 -28.43 -29.57
C PRO T 62 29.89 -27.74 -28.45
N CYS T 63 30.41 -28.49 -27.47
CA CYS T 63 31.30 -27.91 -26.48
C CYS T 63 32.71 -27.73 -27.01
N ASP T 64 33.02 -28.31 -28.16
CA ASP T 64 34.35 -28.20 -28.76
C ASP T 64 34.31 -27.08 -29.79
N TYR T 65 35.19 -26.09 -29.64
CA TYR T 65 35.11 -24.92 -30.48
C TYR T 65 36.48 -24.26 -30.58
N VAL T 66 36.70 -23.57 -31.70
CA VAL T 66 37.95 -22.85 -31.96
C VAL T 66 37.60 -21.42 -32.32
N LYS T 67 38.28 -20.47 -31.70
CA LYS T 67 38.10 -19.06 -32.01
C LYS T 67 39.28 -18.58 -32.82
N GLY T 68 39.00 -17.85 -33.90
CA GLY T 68 40.05 -17.28 -34.72
C GLY T 68 39.49 -16.14 -35.55
N ILE T 69 40.39 -15.33 -36.07
CA ILE T 69 40.01 -14.08 -36.72
C ILE T 69 39.87 -14.31 -38.21
N LEU T 70 39.03 -13.49 -38.84
CA LEU T 70 38.77 -13.57 -40.27
C LEU T 70 39.53 -12.49 -41.00
N VAL T 71 40.41 -12.89 -41.90
CA VAL T 71 41.10 -11.96 -42.78
C VAL T 71 40.68 -12.26 -44.21
N ALA T 72 40.61 -11.22 -45.02
CA ALA T 72 40.37 -11.40 -46.45
C ALA T 72 41.64 -11.94 -47.10
N GLY T 73 41.49 -12.97 -47.93
CA GLY T 73 42.63 -13.54 -48.58
C GLY T 73 42.31 -14.87 -49.24
N THR T 74 43.37 -15.51 -49.73
CA THR T 74 43.27 -16.80 -50.38
C THR T 74 44.57 -17.55 -50.08
N PRO T 75 44.48 -18.76 -49.55
CA PRO T 75 45.70 -19.49 -49.14
C PRO T 75 46.41 -20.24 -50.25
N GLN T 76 47.54 -19.71 -50.70
CA GLN T 76 48.65 -20.45 -51.29
C GLN T 76 48.31 -21.25 -52.55
N GLN T 77 47.05 -21.27 -52.96
CA GLN T 77 46.62 -21.90 -54.22
C GLN T 77 47.05 -23.37 -54.32
N ALA T 78 47.55 -23.97 -53.23
CA ALA T 78 47.96 -25.37 -53.21
C ALA T 78 47.09 -26.19 -52.28
N GLN T 79 45.87 -25.73 -52.04
CA GLN T 79 44.98 -26.31 -51.04
C GLN T 79 43.59 -26.33 -51.66
N SER T 80 42.58 -26.45 -50.79
CA SER T 80 41.18 -26.76 -51.07
C SER T 80 41.01 -28.25 -51.35
N ASN T 81 42.10 -29.02 -51.43
CA ASN T 81 42.04 -30.44 -51.17
C ASN T 81 41.88 -30.73 -49.68
N ASP T 82 42.04 -29.71 -48.84
CA ASP T 82 41.93 -29.87 -47.40
C ASP T 82 41.28 -28.67 -46.72
N PHE T 83 40.53 -27.85 -47.45
CA PHE T 83 39.87 -26.68 -46.88
C PHE T 83 38.38 -26.75 -47.10
N LEU T 84 37.63 -26.11 -46.20
CA LEU T 84 36.17 -26.10 -46.27
C LEU T 84 35.69 -24.80 -46.91
N THR T 85 35.99 -24.64 -48.20
CA THR T 85 35.54 -23.46 -48.90
C THR T 85 34.03 -23.50 -49.05
N LEU T 86 33.35 -22.49 -48.51
CA LEU T 86 31.90 -22.45 -48.51
C LEU T 86 31.43 -21.00 -48.51
N LYS T 87 30.18 -20.81 -48.92
CA LYS T 87 29.59 -19.48 -49.04
C LYS T 87 28.59 -19.27 -47.91
N LEU T 88 28.72 -18.13 -47.23
CA LEU T 88 27.96 -17.89 -46.01
C LEU T 88 27.40 -16.48 -46.00
N PRO T 89 26.11 -16.34 -45.74
CA PRO T 89 25.50 -15.01 -45.80
C PRO T 89 25.77 -14.14 -44.57
N ALA T 90 26.99 -14.19 -44.06
CA ALA T 90 27.53 -13.23 -43.09
C ALA T 90 26.71 -13.09 -41.81
N ASN T 91 25.62 -13.85 -41.70
CA ASN T 91 24.82 -13.87 -40.49
C ASN T 91 24.85 -15.21 -39.80
N LYS T 92 25.09 -16.29 -40.54
CA LYS T 92 25.33 -17.59 -39.94
C LYS T 92 26.66 -17.66 -39.23
N LEU T 93 27.45 -16.60 -39.28
CA LEU T 93 28.75 -16.56 -38.62
C LEU T 93 28.56 -16.25 -37.15
N TYR T 94 28.93 -17.20 -36.29
CA TYR T 94 28.88 -16.99 -34.85
C TYR T 94 30.06 -16.10 -34.46
N LEU T 95 29.84 -14.80 -34.58
CA LEU T 95 30.87 -13.80 -34.37
C LEU T 95 30.80 -13.24 -32.95
N ILE T 96 31.98 -12.98 -32.39
CA ILE T 96 32.11 -12.45 -31.05
C ILE T 96 32.67 -11.04 -31.13
N ARG T 97 32.29 -10.20 -30.16
CA ARG T 97 32.67 -8.80 -30.13
C ARG T 97 32.27 -8.11 -31.43
N LYS T 98 31.05 -8.40 -31.88
CA LYS T 98 30.53 -7.81 -33.10
C LYS T 98 30.52 -6.30 -33.02
N LYS T 99 31.04 -5.64 -34.06
CA LYS T 99 30.96 -4.19 -34.14
C LYS T 99 30.12 -3.73 -35.33
N GLY T 100 30.52 -4.10 -36.55
CA GLY T 100 29.84 -3.60 -37.73
C GLY T 100 29.04 -4.68 -38.44
N ASN T 101 28.24 -4.24 -39.40
CA ASN T 101 27.46 -5.13 -40.24
C ASN T 101 28.24 -5.46 -41.50
N ILE T 102 28.01 -6.66 -42.03
CA ILE T 102 28.92 -7.28 -42.97
C ILE T 102 28.28 -7.33 -44.36
N SER T 103 29.05 -7.81 -45.33
CA SER T 103 28.70 -7.85 -46.74
C SER T 103 27.62 -8.88 -47.07
N ASP T 104 26.96 -9.46 -46.07
CA ASP T 104 25.83 -10.36 -46.25
C ASP T 104 26.15 -11.58 -47.09
N ASP T 105 27.42 -11.79 -47.45
CA ASP T 105 27.84 -12.97 -48.17
C ASP T 105 29.36 -13.00 -48.22
N LEU T 106 29.93 -14.18 -47.99
CA LEU T 106 31.38 -14.31 -48.00
C LEU T 106 31.77 -15.69 -48.52
N LYS T 107 33.04 -15.81 -48.86
CA LYS T 107 33.66 -17.07 -49.22
C LYS T 107 34.75 -17.32 -48.19
N ILE T 108 34.51 -18.28 -47.30
CA ILE T 108 35.36 -18.52 -46.14
C ILE T 108 36.24 -19.73 -46.42
N TYR T 109 37.49 -19.65 -45.98
CA TYR T 109 38.43 -20.74 -46.09
C TYR T 109 38.85 -21.17 -44.69
N ILE T 110 38.77 -22.47 -44.43
CA ILE T 110 39.04 -23.01 -43.11
C ILE T 110 40.18 -24.02 -43.20
N PRO T 111 41.14 -23.98 -42.29
CA PRO T 111 42.11 -25.09 -42.22
C PRO T 111 41.45 -26.34 -41.70
N TYR T 112 41.17 -27.27 -42.60
CA TYR T 112 40.35 -28.43 -42.30
C TYR T 112 41.17 -29.71 -42.42
N SER T 113 40.72 -30.75 -41.74
CA SER T 113 41.43 -32.01 -41.74
C SER T 113 40.43 -33.16 -41.65
N SER T 114 40.94 -34.36 -41.90
CA SER T 114 40.18 -35.57 -41.71
C SER T 114 40.18 -35.96 -40.23
N PRO T 115 39.15 -36.67 -39.78
CA PRO T 115 39.11 -37.09 -38.37
C PRO T 115 40.18 -38.11 -38.02
N ASP T 116 40.77 -38.80 -38.99
CA ASP T 116 41.76 -39.86 -38.74
C ASP T 116 41.18 -40.91 -37.77
N ALA T 117 40.22 -41.65 -38.30
CA ALA T 117 39.40 -42.52 -37.48
C ALA T 117 40.21 -43.71 -36.95
N ARG T 118 41.19 -43.43 -36.10
CA ARG T 118 41.95 -44.47 -35.42
C ARG T 118 42.28 -44.14 -33.98
N ASN T 119 41.82 -43.00 -33.47
CA ASN T 119 42.16 -42.58 -32.11
C ASN T 119 41.05 -41.67 -31.60
N SER T 120 40.36 -42.10 -30.55
CA SER T 120 39.23 -41.35 -30.03
C SER T 120 39.66 -39.97 -29.54
N MET T 121 38.98 -38.94 -30.01
CA MET T 121 39.40 -37.55 -29.81
C MET T 121 39.09 -37.10 -28.38
N LYS T 122 39.99 -37.43 -27.47
CA LYS T 122 39.90 -36.90 -26.11
C LYS T 122 40.42 -35.47 -26.14
N THR T 123 39.50 -34.54 -26.39
CA THR T 123 39.83 -33.14 -26.53
C THR T 123 39.99 -32.46 -25.17
N LYS T 124 40.94 -31.54 -25.11
CA LYS T 124 41.20 -30.81 -23.88
C LYS T 124 41.07 -29.30 -24.12
N PRO T 125 40.29 -28.61 -23.30
CA PRO T 125 40.21 -27.14 -23.43
C PRO T 125 41.56 -26.51 -23.12
N VAL T 126 41.97 -25.58 -23.97
CA VAL T 126 43.27 -24.94 -23.86
C VAL T 126 43.08 -23.44 -23.89
N SER T 127 43.63 -22.76 -22.90
CA SER T 127 43.68 -21.31 -22.86
C SER T 127 45.09 -20.84 -23.13
N ILE T 128 45.22 -19.60 -23.61
CA ILE T 128 46.52 -19.06 -23.98
C ILE T 128 47.17 -18.47 -22.73
N SER T 129 48.24 -19.11 -22.27
CA SER T 129 49.04 -18.65 -21.14
C SER T 129 50.50 -18.59 -21.58
N ASP T 130 51.43 -18.50 -20.62
CA ASP T 130 52.86 -18.49 -20.91
C ASP T 130 53.22 -17.32 -21.84
N ASP T 131 53.12 -16.13 -21.25
CA ASP T 131 53.07 -14.85 -21.95
C ASP T 131 54.01 -14.74 -23.14
N THR T 132 55.14 -15.47 -23.12
CA THR T 132 56.01 -15.51 -24.30
C THR T 132 55.24 -15.94 -25.53
N ILE T 133 54.23 -16.79 -25.36
CA ILE T 133 53.39 -17.17 -26.48
C ILE T 133 52.59 -15.97 -26.98
N VAL T 134 52.10 -15.14 -26.08
CA VAL T 134 51.43 -13.92 -26.51
C VAL T 134 52.42 -12.99 -27.22
N ASN T 135 53.63 -12.88 -26.67
CA ASN T 135 54.66 -12.02 -27.26
C ASN T 135 54.89 -12.40 -28.71
N ASN T 136 55.16 -13.68 -28.97
CA ASN T 136 55.46 -14.09 -30.33
C ASN T 136 54.21 -14.05 -31.21
N ILE T 137 53.05 -14.46 -30.69
CA ILE T 137 51.82 -14.44 -31.46
C ILE T 137 51.47 -13.04 -31.92
N ILE T 138 51.92 -12.02 -31.18
CA ILE T 138 51.81 -10.65 -31.68
C ILE T 138 52.48 -10.56 -33.04
N LYS T 139 53.72 -11.05 -33.12
CA LYS T 139 54.50 -10.90 -34.34
C LYS T 139 53.97 -11.78 -35.48
N GLU T 140 53.58 -13.02 -35.21
CA GLU T 140 53.23 -13.90 -36.32
C GLU T 140 52.01 -13.40 -37.07
N VAL T 141 50.90 -13.16 -36.36
CA VAL T 141 49.64 -12.81 -36.99
C VAL T 141 49.35 -11.31 -36.87
N PHE T 142 49.59 -10.71 -35.71
CA PHE T 142 49.14 -9.34 -35.50
C PHE T 142 50.16 -8.32 -35.98
N ASP T 143 51.21 -8.75 -36.66
CA ASP T 143 52.10 -7.85 -37.37
C ASP T 143 52.20 -8.18 -38.85
N LYS T 144 52.19 -9.45 -39.21
CA LYS T 144 52.14 -9.82 -40.62
C LYS T 144 50.83 -9.40 -41.27
N ILE T 145 49.75 -9.36 -40.50
CA ILE T 145 48.44 -8.97 -40.99
C ILE T 145 48.11 -7.54 -40.60
N TYR T 146 48.23 -7.22 -39.32
CA TYR T 146 48.00 -5.86 -38.84
C TYR T 146 49.35 -5.18 -38.69
N ASN T 147 49.94 -4.83 -39.84
CA ASN T 147 51.08 -3.93 -39.83
C ASN T 147 50.73 -2.61 -39.18
N ILE T 148 49.44 -2.30 -39.06
CA ILE T 148 49.00 -1.11 -38.33
C ILE T 148 49.45 -1.17 -36.88
N THR T 149 49.61 -2.38 -36.33
CA THR T 149 50.31 -2.50 -35.07
C THR T 149 51.75 -2.05 -35.26
N GLN T 150 52.24 -1.25 -34.30
CA GLN T 150 53.54 -0.60 -34.34
C GLN T 150 53.64 0.44 -35.46
N LYS T 151 52.55 0.71 -36.17
CA LYS T 151 52.54 1.74 -37.22
C LYS T 151 51.54 2.83 -36.89
N GLU T 152 50.46 2.46 -36.22
CA GLU T 152 49.53 3.38 -35.59
C GLU T 152 49.30 3.04 -34.13
N LYS T 153 49.32 1.76 -33.80
CA LYS T 153 49.08 1.28 -32.44
C LYS T 153 50.40 1.17 -31.69
N VAL T 154 50.52 1.93 -30.59
CA VAL T 154 51.52 1.60 -29.58
C VAL T 154 50.91 0.86 -28.41
N LYS T 155 49.58 0.94 -28.24
CA LYS T 155 48.89 0.34 -27.10
C LYS T 155 48.73 -1.17 -27.28
N ILE T 156 49.85 -1.87 -27.43
CA ILE T 156 49.79 -3.31 -27.67
C ILE T 156 49.40 -4.05 -26.40
N GLU T 157 49.58 -3.42 -25.24
CA GLU T 157 49.31 -4.10 -23.98
C GLU T 157 47.87 -4.58 -23.88
N LYS T 158 46.92 -3.78 -24.34
CA LYS T 158 45.54 -4.21 -24.34
C LYS T 158 45.32 -5.34 -25.34
N VAL T 159 46.04 -5.31 -26.46
CA VAL T 159 45.89 -6.32 -27.50
C VAL T 159 46.57 -7.59 -27.01
N LYS T 160 47.28 -7.49 -25.90
CA LYS T 160 47.80 -8.68 -25.24
C LYS T 160 46.83 -9.19 -24.20
N GLU T 161 46.29 -8.28 -23.38
CA GLU T 161 45.37 -8.67 -22.33
C GLU T 161 44.08 -9.25 -22.89
N ASP T 162 43.70 -8.89 -24.11
CA ASP T 162 42.50 -9.50 -24.68
C ASP T 162 42.79 -10.82 -25.38
N ILE T 163 43.99 -10.98 -25.95
CA ILE T 163 44.37 -12.30 -26.45
C ILE T 163 44.38 -13.30 -25.32
N LYS T 164 44.96 -12.92 -24.18
CA LYS T 164 45.07 -13.86 -23.08
C LYS T 164 43.72 -14.31 -22.53
N GLU T 165 42.62 -13.69 -22.95
CA GLU T 165 41.31 -13.98 -22.40
C GLU T 165 40.24 -14.25 -23.44
N LEU T 166 40.54 -14.10 -24.73
CA LEU T 166 39.50 -14.19 -25.75
C LEU T 166 39.63 -15.41 -26.64
N PHE T 167 40.84 -15.92 -26.86
CA PHE T 167 41.05 -17.04 -27.76
C PHE T 167 41.34 -18.28 -26.92
N SER T 168 40.27 -18.97 -26.53
CA SER T 168 40.36 -20.23 -25.81
C SER T 168 39.67 -21.29 -26.65
N TYR T 169 40.30 -22.45 -26.74
CA TYR T 169 39.85 -23.46 -27.68
C TYR T 169 40.09 -24.83 -27.06
N TYR T 170 39.79 -25.86 -27.84
CA TYR T 170 39.97 -27.23 -27.41
C TYR T 170 40.95 -27.94 -28.34
N ALA T 171 41.91 -28.63 -27.74
CA ALA T 171 42.96 -29.31 -28.48
C ALA T 171 42.80 -30.82 -28.33
N LEU T 172 43.12 -31.54 -29.40
CA LEU T 172 43.00 -33.00 -29.39
C LEU T 172 44.00 -33.63 -28.44
N GLU T 173 45.23 -33.12 -28.42
CA GLU T 173 46.34 -33.74 -27.68
C GLU T 173 46.65 -35.13 -28.22
N GLN T 174 46.28 -35.40 -29.46
CA GLN T 174 46.47 -36.70 -30.07
C GLN T 174 47.21 -36.60 -31.40
N SER U 2 66.34 -12.85 -9.82
CA SER U 2 64.96 -13.19 -9.52
C SER U 2 64.67 -13.02 -8.04
N THR U 3 63.39 -12.83 -7.73
CA THR U 3 62.94 -12.65 -6.35
C THR U 3 62.82 -14.01 -5.68
N GLN U 4 63.78 -14.32 -4.79
CA GLN U 4 63.82 -15.58 -4.09
C GLN U 4 63.62 -15.33 -2.61
N ARG U 5 63.01 -16.30 -1.92
CA ARG U 5 62.63 -16.12 -0.53
C ARG U 5 63.32 -17.12 0.38
N GLU U 6 63.28 -16.82 1.67
CA GLU U 6 63.87 -17.64 2.71
C GLU U 6 62.82 -17.95 3.76
N TYR U 7 62.45 -19.22 3.88
CA TYR U 7 61.44 -19.65 4.85
C TYR U 7 62.11 -19.96 6.19
N VAL U 8 61.76 -19.21 7.22
CA VAL U 8 62.30 -19.47 8.55
C VAL U 8 61.19 -20.09 9.40
N PHE U 9 61.42 -21.33 9.80
CA PHE U 9 60.52 -22.02 10.72
C PHE U 9 60.52 -21.32 12.08
N ILE U 10 59.46 -21.53 12.84
CA ILE U 10 59.34 -20.89 14.16
C ILE U 10 59.12 -21.96 15.23
N PRO U 11 60.18 -22.56 15.76
CA PRO U 11 60.03 -23.47 16.89
C PRO U 11 60.13 -22.74 18.23
N ILE U 12 60.05 -23.48 19.33
CA ILE U 12 60.31 -22.89 20.65
C ILE U 12 61.79 -22.76 20.95
N THR U 13 62.66 -23.24 20.07
CA THR U 13 64.08 -23.37 20.38
C THR U 13 64.86 -22.16 19.87
N ASN U 14 66.12 -22.10 20.29
CA ASN U 14 67.04 -21.02 19.96
C ASN U 14 67.90 -21.35 18.74
N SER U 15 67.27 -21.84 17.67
CA SER U 15 67.96 -22.18 16.44
C SER U 15 67.73 -21.15 15.34
N ILE U 16 67.43 -19.90 15.72
CA ILE U 16 67.07 -18.86 14.78
C ILE U 16 67.99 -17.65 14.88
N THR U 17 69.06 -17.73 15.66
CA THR U 17 69.86 -16.54 15.96
C THR U 17 70.78 -16.17 14.81
N ILE U 18 71.51 -17.14 14.25
CA ILE U 18 72.34 -16.88 13.09
C ILE U 18 71.94 -17.83 11.95
N ASP U 19 70.98 -17.40 11.14
CA ASP U 19 70.49 -18.23 10.06
C ASP U 19 70.21 -17.47 8.78
N VAL U 20 70.36 -16.16 8.75
CA VAL U 20 69.89 -15.36 7.63
C VAL U 20 71.05 -14.58 7.03
N LYS U 21 71.01 -14.41 5.71
CA LYS U 21 71.92 -13.53 4.99
C LYS U 21 71.27 -12.22 4.59
N ILE U 22 69.98 -12.24 4.28
CA ILE U 22 69.27 -11.07 3.78
C ILE U 22 68.27 -10.63 4.83
N THR U 23 68.58 -9.54 5.52
CA THR U 23 67.65 -9.00 6.50
C THR U 23 66.47 -8.32 5.81
N ILE U 24 66.73 -7.44 4.85
CA ILE U 24 65.69 -6.97 3.94
C ILE U 24 66.11 -7.28 2.51
N GLY U 25 67.19 -6.66 2.06
CA GLY U 25 67.77 -6.99 0.77
C GLY U 25 66.88 -6.60 -0.38
N GLY U 26 65.75 -7.29 -0.51
CA GLY U 26 64.76 -7.00 -1.54
C GLY U 26 63.88 -5.83 -1.15
N SER U 27 62.76 -5.70 -1.87
CA SER U 27 61.89 -4.55 -1.72
C SER U 27 60.53 -4.91 -1.14
N ASP U 28 60.41 -6.05 -0.47
CA ASP U 28 59.13 -6.56 -0.02
C ASP U 28 59.37 -7.79 0.86
N HIS U 29 58.27 -8.33 1.38
CA HIS U 29 58.26 -9.62 2.05
C HIS U 29 56.86 -10.21 1.95
N ILE U 30 56.78 -11.50 1.65
CA ILE U 30 55.49 -12.17 1.59
C ILE U 30 54.80 -12.07 2.94
N THR U 31 55.55 -12.23 4.02
CA THR U 31 55.00 -12.02 5.35
C THR U 31 54.87 -10.53 5.63
N ASN U 32 53.72 -10.13 6.19
CA ASN U 32 53.47 -8.75 6.53
C ASN U 32 53.03 -8.64 7.98
N ILE U 33 53.16 -7.44 8.53
CA ILE U 33 52.65 -7.12 9.85
C ILE U 33 52.17 -5.67 9.83
N ASP U 34 50.89 -5.45 10.16
CA ASP U 34 50.40 -4.08 10.29
C ASP U 34 49.17 -4.10 11.22
N GLU U 35 49.40 -3.75 12.49
CA GLU U 35 48.38 -3.32 13.44
C GLU U 35 47.21 -4.30 13.55
N ARG U 36 47.35 -5.46 12.91
CA ARG U 36 46.33 -6.50 12.99
C ARG U 36 46.98 -7.87 13.09
N GLY U 37 48.29 -7.92 13.29
CA GLY U 37 49.01 -9.16 13.46
C GLY U 37 49.77 -9.53 12.21
N ILE U 38 50.42 -10.69 12.29
CA ILE U 38 51.17 -11.22 11.16
C ILE U 38 50.20 -11.49 10.01
N HIS U 39 50.73 -11.67 8.81
CA HIS U 39 49.91 -11.98 7.65
C HIS U 39 50.67 -12.89 6.70
N ASN U 40 49.91 -13.65 5.91
CA ASN U 40 50.45 -14.53 4.89
C ASN U 40 51.53 -15.45 5.46
N VAL U 41 51.16 -16.21 6.49
CA VAL U 41 52.05 -17.18 7.10
C VAL U 41 52.02 -18.46 6.29
N LEU U 42 53.20 -18.93 5.88
CA LEU U 42 53.33 -20.18 5.14
C LEU U 42 53.37 -21.35 6.10
N VAL U 43 52.67 -22.42 5.76
CA VAL U 43 52.62 -23.62 6.58
C VAL U 43 52.90 -24.82 5.69
N ILE U 44 53.83 -25.67 6.11
CA ILE U 44 54.31 -26.78 5.30
C ILE U 44 53.86 -28.07 5.96
N THR U 45 53.02 -28.82 5.27
CA THR U 45 52.53 -30.09 5.78
C THR U 45 53.54 -31.20 5.53
N GLY U 46 53.29 -32.34 6.14
CA GLY U 46 54.12 -33.51 5.92
C GLY U 46 55.53 -33.40 6.45
N TYR U 47 55.83 -32.42 7.28
CA TYR U 47 57.17 -32.23 7.82
C TYR U 47 57.12 -32.06 9.33
N ALA U 48 58.25 -32.27 9.96
CA ALA U 48 58.42 -32.05 11.39
C ALA U 48 59.75 -31.38 11.65
N VAL U 49 59.92 -30.85 12.85
CA VAL U 49 61.11 -30.08 13.19
C VAL U 49 62.03 -30.92 14.06
N ASP U 50 63.33 -30.62 13.98
CA ASP U 50 64.41 -31.45 14.53
C ASP U 50 65.37 -30.59 15.33
N GLU U 51 64.85 -29.87 16.33
CA GLU U 51 65.53 -28.79 17.04
C GLU U 51 67.04 -29.00 17.24
N LYS U 52 67.48 -30.22 17.51
CA LYS U 52 68.91 -30.53 17.50
C LYS U 52 69.37 -30.46 16.05
N ASN U 53 70.06 -29.37 15.71
CA ASN U 53 70.20 -28.93 14.33
C ASN U 53 68.81 -28.75 13.72
N GLY U 54 68.09 -27.77 14.27
CA GLY U 54 66.70 -27.56 13.93
C GLY U 54 66.45 -27.37 12.46
N ARG U 55 65.89 -28.39 11.82
CA ARG U 55 65.54 -28.33 10.41
C ARG U 55 64.36 -29.27 10.17
N LEU U 56 63.76 -29.14 8.99
CA LEU U 56 62.53 -29.85 8.69
C LEU U 56 62.84 -31.25 8.17
N VAL U 57 62.51 -32.26 8.95
CA VAL U 57 62.65 -33.65 8.53
C VAL U 57 61.39 -34.04 7.79
N PRO U 58 61.48 -34.45 6.53
CA PRO U 58 60.28 -34.83 5.78
C PRO U 58 59.76 -36.18 6.22
N THR U 59 58.67 -36.16 6.98
CA THR U 59 57.89 -37.36 7.23
C THR U 59 56.86 -37.49 6.12
N LEU U 60 55.94 -38.43 6.25
CA LEU U 60 54.88 -38.58 5.27
C LEU U 60 53.49 -38.44 5.88
N ASP U 61 53.40 -38.24 7.19
CA ASP U 61 52.14 -38.03 7.87
C ASP U 61 51.63 -36.64 7.56
N PRO U 62 50.56 -36.50 6.78
CA PRO U 62 50.02 -35.16 6.53
C PRO U 62 49.56 -34.46 7.78
N CYS U 63 49.23 -35.20 8.85
CA CYS U 63 48.89 -34.55 10.10
C CYS U 63 50.08 -33.82 10.71
N ASP U 64 51.29 -34.21 10.35
CA ASP U 64 52.46 -33.51 10.83
C ASP U 64 52.69 -32.27 9.99
N TYR U 65 53.10 -31.19 10.63
CA TYR U 65 53.33 -29.95 9.91
C TYR U 65 54.18 -29.03 10.75
N VAL U 66 54.54 -27.90 10.16
CA VAL U 66 55.31 -26.86 10.82
C VAL U 66 55.00 -25.54 10.14
N LYS U 67 54.72 -24.51 10.92
CA LYS U 67 54.38 -23.21 10.40
C LYS U 67 55.60 -22.29 10.48
N GLY U 68 55.57 -21.23 9.69
CA GLY U 68 56.66 -20.27 9.70
C GLY U 68 56.37 -19.15 8.74
N ILE U 69 57.28 -18.18 8.69
CA ILE U 69 57.09 -16.98 7.89
C ILE U 69 58.01 -17.04 6.68
N LEU U 70 57.75 -16.13 5.75
CA LEU U 70 58.52 -16.04 4.51
C LEU U 70 59.09 -14.63 4.36
N VAL U 71 60.39 -14.57 4.08
CA VAL U 71 61.07 -13.34 3.71
C VAL U 71 61.93 -13.64 2.48
N ALA U 72 62.21 -12.60 1.72
CA ALA U 72 63.06 -12.75 0.55
C ALA U 72 64.53 -12.76 0.98
N GLY U 73 65.27 -13.76 0.49
CA GLY U 73 66.66 -13.85 0.88
C GLY U 73 67.32 -15.12 0.38
N THR U 74 68.38 -15.49 1.07
CA THR U 74 69.27 -16.61 0.78
C THR U 74 69.89 -16.98 2.11
N PRO U 75 70.11 -18.26 2.37
CA PRO U 75 70.64 -18.65 3.68
C PRO U 75 72.13 -18.40 3.86
N GLN U 76 72.47 -17.30 4.55
CA GLN U 76 73.73 -17.12 5.26
C GLN U 76 74.96 -17.20 4.36
N GLN U 77 74.75 -17.43 3.06
CA GLN U 77 75.83 -17.55 2.07
C GLN U 77 76.91 -18.54 2.52
N ALA U 78 76.46 -19.63 3.14
CA ALA U 78 77.36 -20.71 3.54
C ALA U 78 76.73 -22.08 3.30
N GLN U 79 75.82 -22.18 2.33
CA GLN U 79 74.88 -23.29 2.25
C GLN U 79 74.56 -23.60 0.80
N SER U 80 73.39 -24.21 0.58
CA SER U 80 72.92 -24.79 -0.69
C SER U 80 73.46 -26.19 -0.91
N ASN U 81 73.92 -26.83 0.15
CA ASN U 81 74.23 -28.26 0.16
C ASN U 81 73.33 -29.02 1.10
N ASP U 82 72.45 -28.33 1.82
CA ASP U 82 71.63 -28.94 2.86
C ASP U 82 70.20 -28.43 2.86
N PHE U 83 69.82 -27.57 1.91
CA PHE U 83 68.51 -26.97 1.89
C PHE U 83 67.75 -27.40 0.64
N LEU U 84 66.44 -27.42 0.73
CA LEU U 84 65.58 -27.72 -0.40
C LEU U 84 65.16 -26.40 -1.02
N THR U 85 65.63 -26.15 -2.24
CA THR U 85 65.25 -24.97 -2.99
C THR U 85 64.40 -25.40 -4.20
N LEU U 86 63.28 -24.72 -4.41
CA LEU U 86 62.44 -25.05 -5.54
C LEU U 86 61.61 -23.83 -5.92
N LYS U 87 61.13 -23.85 -7.15
CA LYS U 87 60.41 -22.73 -7.75
C LYS U 87 58.94 -23.10 -7.89
N LEU U 88 58.10 -22.46 -7.09
CA LEU U 88 56.66 -22.71 -7.04
C LEU U 88 55.89 -21.53 -7.60
N PRO U 89 54.81 -21.76 -8.31
CA PRO U 89 54.04 -20.65 -8.88
C PRO U 89 53.12 -19.98 -7.87
N ALA U 90 53.61 -19.79 -6.65
CA ALA U 90 53.06 -18.83 -5.71
C ALA U 90 51.59 -19.04 -5.33
N ASN U 91 50.96 -20.09 -5.85
CA ASN U 91 49.58 -20.37 -5.52
C ASN U 91 49.36 -21.77 -4.98
N LYS U 92 50.32 -22.66 -5.14
CA LYS U 92 50.28 -23.93 -4.42
C LYS U 92 50.71 -23.79 -2.97
N LEU U 93 51.16 -22.60 -2.56
CA LEU U 93 51.68 -22.40 -1.22
C LEU U 93 50.53 -22.37 -0.22
N TYR U 94 50.57 -23.29 0.73
CA TYR U 94 49.58 -23.29 1.81
C TYR U 94 49.89 -22.11 2.72
N LEU U 95 49.15 -21.02 2.55
CA LEU U 95 49.33 -19.82 3.36
C LEU U 95 48.11 -19.63 4.24
N ILE U 96 48.32 -19.57 5.54
CA ILE U 96 47.23 -19.25 6.46
C ILE U 96 47.17 -17.75 6.60
N ARG U 97 45.97 -17.22 6.82
CA ARG U 97 45.75 -15.80 6.94
C ARG U 97 46.19 -15.07 5.67
N LYS U 98 45.57 -15.45 4.56
CA LYS U 98 45.87 -14.89 3.26
C LYS U 98 45.49 -13.41 3.20
N LYS U 99 46.48 -12.53 3.24
CA LYS U 99 46.22 -11.10 3.12
C LYS U 99 46.59 -10.56 1.75
N GLY U 100 47.82 -10.74 1.33
CA GLY U 100 48.26 -10.19 0.06
C GLY U 100 48.01 -11.14 -1.09
N ASN U 101 48.16 -10.60 -2.29
CA ASN U 101 48.14 -11.38 -3.52
C ASN U 101 49.58 -11.57 -3.99
N ILE U 102 49.86 -12.75 -4.56
CA ILE U 102 51.21 -13.09 -4.96
C ILE U 102 51.27 -13.19 -6.48
N SER U 103 52.44 -12.91 -7.04
CA SER U 103 52.61 -12.71 -8.47
C SER U 103 52.85 -14.01 -9.23
N ASP U 104 52.37 -15.14 -8.70
CA ASP U 104 52.29 -16.40 -9.43
C ASP U 104 53.65 -16.94 -9.84
N ASP U 105 54.72 -16.54 -9.16
CA ASP U 105 56.03 -17.10 -9.41
C ASP U 105 56.92 -16.89 -8.20
N LEU U 106 57.59 -17.96 -7.79
CA LEU U 106 58.37 -17.95 -6.55
C LEU U 106 59.54 -18.91 -6.67
N LYS U 107 60.54 -18.68 -5.82
CA LYS U 107 61.61 -19.62 -5.59
C LYS U 107 61.84 -19.70 -4.08
N ILE U 108 61.74 -20.91 -3.53
CA ILE U 108 61.60 -21.09 -2.09
C ILE U 108 62.76 -21.93 -1.58
N TYR U 109 63.52 -21.37 -0.65
CA TYR U 109 64.58 -22.09 0.07
C TYR U 109 64.00 -22.65 1.35
N ILE U 110 64.36 -23.90 1.66
CA ILE U 110 63.76 -24.58 2.80
C ILE U 110 64.85 -25.16 3.70
N PRO U 111 64.87 -24.82 4.98
CA PRO U 111 65.85 -25.41 5.88
C PRO U 111 65.54 -26.87 6.15
N TYR U 112 66.29 -27.76 5.51
CA TYR U 112 65.96 -29.17 5.47
C TYR U 112 67.04 -30.00 6.15
N SER U 113 66.61 -31.08 6.78
CA SER U 113 67.52 -32.06 7.36
C SER U 113 67.29 -33.40 6.71
N SER U 114 68.39 -34.08 6.39
CA SER U 114 68.27 -35.44 5.86
C SER U 114 67.44 -36.28 6.83
N PRO U 115 66.65 -37.22 6.31
CA PRO U 115 65.68 -37.91 7.18
C PRO U 115 66.31 -38.64 8.36
N ASP U 116 67.55 -39.11 8.22
CA ASP U 116 68.26 -39.86 9.26
C ASP U 116 67.46 -41.10 9.66
N ALA U 117 67.37 -42.02 8.70
CA ALA U 117 66.53 -43.20 8.86
C ALA U 117 67.14 -44.20 9.82
N ARG U 118 67.21 -43.83 11.11
CA ARG U 118 67.74 -44.71 12.13
C ARG U 118 66.80 -44.93 13.31
N ASN U 119 65.61 -44.34 13.29
CA ASN U 119 64.70 -44.44 14.42
C ASN U 119 63.30 -44.05 13.98
N SER U 120 62.30 -44.65 14.61
CA SER U 120 60.92 -44.26 14.37
C SER U 120 60.70 -42.82 14.81
N MET U 121 60.16 -41.99 13.93
CA MET U 121 59.99 -40.57 14.21
C MET U 121 58.56 -40.29 14.65
N LYS U 122 58.23 -40.74 15.86
CA LYS U 122 56.95 -40.35 16.44
C LYS U 122 56.98 -38.87 16.75
N THR U 123 56.02 -38.13 16.19
CA THR U 123 56.01 -36.68 16.28
C THR U 123 55.18 -36.21 17.47
N LYS U 124 55.43 -34.97 17.88
CA LYS U 124 54.71 -34.38 19.00
C LYS U 124 54.27 -32.97 18.64
N PRO U 125 52.98 -32.65 18.81
CA PRO U 125 52.51 -31.27 18.59
C PRO U 125 52.86 -30.39 19.78
N VAL U 126 53.62 -29.34 19.53
CA VAL U 126 54.07 -28.42 20.58
C VAL U 126 53.80 -27.00 20.12
N SER U 127 53.02 -26.26 20.92
CA SER U 127 52.74 -24.86 20.66
C SER U 127 53.80 -23.98 21.31
N ILE U 128 53.68 -22.68 21.07
CA ILE U 128 54.64 -21.71 21.57
C ILE U 128 54.15 -21.23 22.93
N SER U 129 54.78 -21.72 23.98
CA SER U 129 54.57 -21.25 25.34
C SER U 129 55.89 -20.67 25.85
N ASP U 130 55.95 -20.41 27.16
CA ASP U 130 57.13 -19.82 27.78
C ASP U 130 57.47 -18.48 27.13
N ASP U 131 56.54 -17.53 27.28
CA ASP U 131 56.61 -16.27 26.56
C ASP U 131 57.94 -15.54 26.73
N THR U 132 58.77 -15.92 27.71
CA THR U 132 60.15 -15.45 27.69
C THR U 132 60.84 -15.91 26.41
N ILE U 133 60.52 -17.12 25.94
CA ILE U 133 60.95 -17.51 24.60
C ILE U 133 60.35 -16.58 23.56
N VAL U 134 59.07 -16.24 23.71
CA VAL U 134 58.46 -15.27 22.80
C VAL U 134 59.14 -13.92 22.97
N ASN U 135 59.38 -13.51 24.22
CA ASN U 135 59.96 -12.20 24.47
C ASN U 135 61.36 -12.06 23.90
N ASN U 136 62.07 -13.18 23.70
CA ASN U 136 63.37 -13.04 23.05
C ASN U 136 63.29 -13.25 21.54
N ILE U 137 62.40 -14.13 21.07
CA ILE U 137 62.29 -14.31 19.63
C ILE U 137 61.68 -13.10 18.95
N ILE U 138 61.06 -12.20 19.70
CA ILE U 138 60.82 -10.86 19.15
C ILE U 138 62.11 -10.29 18.59
N LYS U 139 63.15 -10.27 19.43
CA LYS U 139 64.43 -9.69 19.06
C LYS U 139 65.22 -10.58 18.12
N GLU U 140 64.95 -11.87 18.11
CA GLU U 140 65.77 -12.80 17.36
C GLU U 140 65.32 -12.94 15.91
N VAL U 141 64.01 -12.86 15.64
CA VAL U 141 63.54 -12.99 14.26
C VAL U 141 62.62 -11.84 13.87
N PHE U 142 61.62 -11.54 14.70
CA PHE U 142 60.63 -10.54 14.32
C PHE U 142 61.13 -9.11 14.48
N ASP U 143 62.34 -8.92 15.00
CA ASP U 143 63.02 -7.63 14.98
C ASP U 143 64.15 -7.56 13.98
N LYS U 144 64.99 -8.60 13.93
CA LYS U 144 66.13 -8.60 13.03
C LYS U 144 65.71 -8.47 11.58
N ILE U 145 64.64 -9.15 11.18
CA ILE U 145 64.11 -9.01 9.83
C ILE U 145 63.22 -7.77 9.74
N TYR U 146 62.34 -7.59 10.71
CA TYR U 146 61.40 -6.48 10.71
C TYR U 146 61.95 -5.38 11.62
N ASN U 147 62.86 -4.57 11.05
CA ASN U 147 63.27 -3.36 11.72
C ASN U 147 62.13 -2.35 11.83
N ILE U 148 61.00 -2.61 11.17
CA ILE U 148 59.81 -1.81 11.41
C ILE U 148 59.27 -2.03 12.82
N THR U 149 59.45 -3.24 13.36
CA THR U 149 59.20 -3.45 14.78
C THR U 149 60.22 -2.67 15.59
N GLN U 150 59.76 -2.03 16.67
CA GLN U 150 60.50 -1.01 17.41
C GLN U 150 60.63 0.28 16.61
N LYS U 151 59.89 0.43 15.51
CA LYS U 151 59.89 1.67 14.76
C LYS U 151 58.49 2.13 14.39
N GLU U 152 57.55 1.20 14.26
CA GLU U 152 56.16 1.56 13.96
C GLU U 152 55.20 1.16 15.05
N LYS U 153 55.16 -0.11 15.43
CA LYS U 153 54.11 -0.63 16.29
C LYS U 153 54.40 -0.26 17.74
N VAL U 154 53.44 0.43 18.36
CA VAL U 154 53.46 0.60 19.81
C VAL U 154 52.76 -0.55 20.51
N LYS U 155 52.13 -1.45 19.75
CA LYS U 155 51.42 -2.60 20.31
C LYS U 155 52.21 -3.86 19.95
N ILE U 156 53.14 -4.22 20.84
CA ILE U 156 53.96 -5.40 20.63
C ILE U 156 53.22 -6.66 21.07
N GLU U 157 52.35 -6.55 22.07
CA GLU U 157 51.68 -7.73 22.61
C GLU U 157 50.84 -8.43 21.56
N LYS U 158 50.38 -7.71 20.52
CA LYS U 158 49.59 -8.37 19.48
C LYS U 158 50.44 -9.36 18.70
N VAL U 159 51.58 -8.91 18.17
CA VAL U 159 52.45 -9.81 17.44
C VAL U 159 53.13 -10.81 18.36
N LYS U 160 53.15 -10.52 19.67
CA LYS U 160 53.59 -11.52 20.63
C LYS U 160 52.58 -12.65 20.74
N GLU U 161 51.32 -12.31 20.95
CA GLU U 161 50.29 -13.34 21.11
C GLU U 161 50.09 -14.11 19.83
N ASP U 162 50.23 -13.45 18.68
CA ASP U 162 50.13 -14.18 17.43
C ASP U 162 51.21 -15.25 17.33
N ILE U 163 52.41 -14.97 17.83
CA ILE U 163 53.43 -16.00 17.91
C ILE U 163 53.02 -17.08 18.90
N LYS U 164 52.58 -16.66 20.09
CA LYS U 164 52.26 -17.59 21.16
C LYS U 164 51.13 -18.56 20.79
N GLU U 165 50.24 -18.16 19.89
CA GLU U 165 49.09 -19.00 19.58
C GLU U 165 49.08 -19.56 18.16
N LEU U 166 49.71 -18.89 17.21
CA LEU U 166 49.50 -19.21 15.81
C LEU U 166 50.47 -20.24 15.28
N PHE U 167 51.70 -20.27 15.80
CA PHE U 167 52.74 -21.12 15.25
C PHE U 167 52.86 -22.40 16.05
N SER U 168 51.91 -23.30 15.84
CA SER U 168 52.05 -24.67 16.31
C SER U 168 52.89 -25.43 15.31
N TYR U 169 53.36 -26.60 15.71
CA TYR U 169 54.15 -27.45 14.81
C TYR U 169 54.22 -28.84 15.40
N TYR U 170 55.01 -29.69 14.75
CA TYR U 170 55.23 -31.06 15.18
C TYR U 170 56.72 -31.33 15.21
N ALA U 171 57.20 -31.93 16.28
CA ALA U 171 58.61 -32.15 16.50
C ALA U 171 58.90 -33.63 16.61
N LEU U 172 60.13 -34.01 16.24
CA LEU U 172 60.57 -35.38 16.41
C LEU U 172 60.51 -35.79 17.87
N GLU U 173 60.98 -34.91 18.76
CA GLU U 173 61.00 -35.15 20.20
C GLU U 173 61.73 -36.45 20.54
N GLN U 174 62.76 -36.74 19.75
CA GLN U 174 63.64 -37.88 20.00
C GLN U 174 65.06 -37.50 19.66
N SER V 2 -11.78 -38.35 -45.82
CA SER V 2 -11.39 -37.22 -44.98
C SER V 2 -12.44 -36.95 -43.91
N THR V 3 -12.28 -35.83 -43.20
CA THR V 3 -13.23 -35.41 -42.19
C THR V 3 -14.00 -34.22 -42.78
N GLN V 4 -15.03 -34.51 -43.55
CA GLN V 4 -15.73 -33.49 -44.34
C GLN V 4 -16.70 -32.72 -43.46
N ARG V 5 -16.40 -31.44 -43.24
CA ARG V 5 -17.29 -30.52 -42.56
C ARG V 5 -17.78 -29.48 -43.55
N GLU V 6 -18.99 -28.98 -43.33
CA GLU V 6 -19.58 -27.99 -44.21
C GLU V 6 -20.04 -26.79 -43.39
N TYR V 7 -19.90 -25.60 -43.97
CA TYR V 7 -20.21 -24.36 -43.27
C TYR V 7 -21.63 -23.94 -43.62
N VAL V 8 -22.47 -23.79 -42.60
CA VAL V 8 -23.87 -23.43 -42.78
C VAL V 8 -24.07 -22.00 -42.29
N PHE V 9 -24.54 -21.15 -43.19
CA PHE V 9 -24.79 -19.76 -42.87
C PHE V 9 -25.97 -19.65 -41.91
N ILE V 10 -25.92 -18.64 -41.04
CA ILE V 10 -26.97 -18.42 -40.05
C ILE V 10 -27.51 -17.00 -40.17
N PRO V 11 -28.26 -16.68 -41.23
CA PRO V 11 -28.78 -15.32 -41.37
C PRO V 11 -30.17 -15.17 -40.78
N ILE V 12 -30.72 -13.95 -40.83
CA ILE V 12 -32.07 -13.70 -40.34
C ILE V 12 -33.14 -14.16 -41.32
N THR V 13 -32.76 -14.55 -42.52
CA THR V 13 -33.69 -15.01 -43.54
C THR V 13 -33.88 -16.52 -43.43
N ASN V 14 -35.08 -16.97 -43.77
CA ASN V 14 -35.38 -18.40 -43.77
C ASN V 14 -35.14 -19.03 -45.14
N SER V 15 -33.93 -18.79 -45.68
CA SER V 15 -33.43 -19.53 -46.83
C SER V 15 -32.50 -20.65 -46.41
N ILE V 16 -32.65 -21.14 -45.18
CA ILE V 16 -31.64 -21.98 -44.55
C ILE V 16 -32.14 -23.38 -44.22
N THR V 17 -33.45 -23.63 -44.31
CA THR V 17 -34.02 -24.85 -43.73
C THR V 17 -33.35 -26.11 -44.27
N ILE V 18 -33.26 -26.23 -45.58
CA ILE V 18 -32.79 -27.46 -46.22
C ILE V 18 -31.62 -27.10 -47.13
N ASP V 19 -30.40 -27.27 -46.62
CA ASP V 19 -29.21 -27.24 -47.46
C ASP V 19 -28.16 -28.28 -47.11
N VAL V 20 -28.26 -28.94 -45.97
CA VAL V 20 -27.30 -29.97 -45.57
C VAL V 20 -27.96 -31.33 -45.69
N LYS V 21 -27.17 -32.32 -46.11
CA LYS V 21 -27.64 -33.69 -46.25
C LYS V 21 -27.51 -34.51 -44.97
N ILE V 22 -26.63 -34.13 -44.06
CA ILE V 22 -26.24 -34.96 -42.93
C ILE V 22 -26.68 -34.29 -41.65
N THR V 23 -27.41 -35.03 -40.82
CA THR V 23 -27.79 -34.53 -39.49
C THR V 23 -26.57 -34.49 -38.57
N ILE V 24 -25.99 -35.66 -38.28
CA ILE V 24 -24.76 -35.74 -37.53
C ILE V 24 -23.72 -36.42 -38.42
N GLY V 25 -23.98 -37.68 -38.77
CA GLY V 25 -23.11 -38.43 -39.66
C GLY V 25 -21.85 -38.90 -38.97
N GLY V 26 -20.97 -37.95 -38.64
CA GLY V 26 -19.79 -38.25 -37.85
C GLY V 26 -20.13 -38.43 -36.39
N SER V 27 -19.10 -38.42 -35.56
CA SER V 27 -19.27 -38.62 -34.12
C SER V 27 -19.16 -37.32 -33.34
N ASP V 28 -19.06 -36.18 -34.03
CA ASP V 28 -18.74 -34.93 -33.37
C ASP V 28 -19.23 -33.76 -34.21
N HIS V 29 -19.48 -32.64 -33.54
CA HIS V 29 -19.66 -31.36 -34.19
C HIS V 29 -18.65 -30.39 -33.61
N ILE V 30 -17.86 -29.76 -34.49
CA ILE V 30 -16.92 -28.73 -34.05
C ILE V 30 -17.63 -27.71 -33.18
N THR V 31 -18.80 -27.29 -33.61
CA THR V 31 -19.61 -26.32 -32.85
C THR V 31 -20.50 -27.08 -31.89
N ASN V 32 -20.22 -26.97 -30.59
CA ASN V 32 -20.92 -27.75 -29.59
C ASN V 32 -21.62 -26.84 -28.59
N ILE V 33 -22.77 -27.31 -28.10
CA ILE V 33 -23.56 -26.57 -27.14
C ILE V 33 -23.44 -27.26 -25.79
N ASP V 34 -22.65 -26.67 -24.89
CA ASP V 34 -22.42 -27.25 -23.57
C ASP V 34 -22.41 -26.16 -22.49
N GLU V 35 -23.59 -25.88 -21.93
CA GLU V 35 -23.73 -25.09 -20.70
C GLU V 35 -23.09 -23.71 -20.79
N ARG V 36 -22.66 -23.32 -21.99
CA ARG V 36 -22.24 -21.96 -22.27
C ARG V 36 -22.74 -21.49 -23.62
N GLY V 37 -23.54 -22.29 -24.30
CA GLY V 37 -23.97 -21.98 -25.64
C GLY V 37 -23.10 -22.65 -26.69
N ILE V 38 -23.20 -22.12 -27.90
CA ILE V 38 -22.46 -22.63 -29.03
C ILE V 38 -20.99 -22.27 -28.88
N HIS V 39 -20.11 -23.12 -29.39
CA HIS V 39 -18.67 -22.91 -29.29
C HIS V 39 -18.04 -23.14 -30.66
N ASN V 40 -16.75 -22.80 -30.74
CA ASN V 40 -15.94 -22.99 -31.95
C ASN V 40 -16.66 -22.45 -33.19
N VAL V 41 -17.21 -21.25 -33.06
CA VAL V 41 -17.97 -20.65 -34.14
C VAL V 41 -17.01 -20.16 -35.21
N LEU V 42 -17.33 -20.44 -36.47
CA LEU V 42 -16.48 -20.06 -37.58
C LEU V 42 -16.91 -18.70 -38.14
N VAL V 43 -15.95 -17.95 -38.67
CA VAL V 43 -16.20 -16.67 -39.29
C VAL V 43 -15.42 -16.60 -40.59
N ILE V 44 -16.11 -16.28 -41.68
CA ILE V 44 -15.50 -16.07 -42.98
C ILE V 44 -15.54 -14.59 -43.28
N THR V 45 -14.40 -14.01 -43.59
CA THR V 45 -14.28 -12.60 -43.88
C THR V 45 -14.19 -12.38 -45.39
N GLY V 46 -14.37 -11.13 -45.79
CA GLY V 46 -14.38 -10.78 -47.19
C GLY V 46 -15.58 -11.28 -47.96
N TYR V 47 -16.50 -11.99 -47.32
CA TYR V 47 -17.68 -12.51 -47.99
C TYR V 47 -18.93 -11.87 -47.41
N ALA V 48 -19.97 -11.84 -48.24
CA ALA V 48 -21.30 -11.44 -47.81
C ALA V 48 -22.28 -12.50 -48.29
N VAL V 49 -23.52 -12.41 -47.83
CA VAL V 49 -24.53 -13.39 -48.17
C VAL V 49 -25.39 -12.83 -49.31
N ASP V 50 -26.22 -13.70 -49.89
CA ASP V 50 -26.98 -13.42 -51.10
C ASP V 50 -28.47 -13.64 -50.82
N GLU V 51 -28.97 -12.97 -49.77
CA GLU V 51 -30.15 -13.37 -49.03
C GLU V 51 -31.22 -14.08 -49.85
N LYS V 52 -31.58 -13.53 -51.01
CA LYS V 52 -32.48 -14.24 -51.92
C LYS V 52 -31.65 -15.28 -52.65
N ASN V 53 -31.86 -16.56 -52.30
CA ASN V 53 -30.87 -17.61 -52.50
C ASN V 53 -29.60 -17.28 -51.73
N GLY V 54 -29.73 -17.24 -50.41
CA GLY V 54 -28.66 -16.86 -49.54
C GLY V 54 -27.42 -17.73 -49.64
N ARG V 55 -26.36 -17.19 -50.21
CA ARG V 55 -25.08 -17.89 -50.31
C ARG V 55 -23.96 -16.88 -50.16
N LEU V 56 -22.78 -17.38 -49.82
CA LEU V 56 -21.62 -16.52 -49.57
C LEU V 56 -21.11 -15.93 -50.88
N VAL V 57 -21.21 -14.62 -51.00
CA VAL V 57 -20.69 -13.90 -52.16
C VAL V 57 -19.38 -13.23 -51.76
N PRO V 58 -18.28 -13.45 -52.49
CA PRO V 58 -16.98 -12.92 -52.08
C PRO V 58 -16.84 -11.46 -52.46
N THR V 59 -16.79 -10.58 -51.47
CA THR V 59 -16.40 -9.21 -51.70
C THR V 59 -14.88 -9.12 -51.57
N LEU V 60 -14.36 -7.91 -51.62
CA LEU V 60 -12.94 -7.68 -51.37
C LEU V 60 -12.71 -6.88 -50.10
N ASP V 61 -13.75 -6.31 -49.51
CA ASP V 61 -13.58 -5.51 -48.32
C ASP V 61 -13.33 -6.45 -47.15
N PRO V 62 -12.15 -6.40 -46.55
CA PRO V 62 -11.84 -7.34 -45.47
C PRO V 62 -12.68 -7.10 -44.23
N CYS V 63 -13.57 -6.11 -44.28
CA CYS V 63 -14.34 -5.74 -43.12
C CYS V 63 -15.75 -6.32 -43.17
N ASP V 64 -16.07 -7.07 -44.21
CA ASP V 64 -17.33 -7.78 -44.35
C ASP V 64 -17.11 -9.24 -44.00
N TYR V 65 -17.94 -9.77 -43.12
CA TYR V 65 -17.76 -11.14 -42.66
C TYR V 65 -19.07 -11.89 -42.71
N VAL V 66 -18.98 -13.20 -42.53
CA VAL V 66 -20.14 -14.08 -42.39
C VAL V 66 -19.85 -15.05 -41.25
N LYS V 67 -20.82 -15.26 -40.39
CA LYS V 67 -20.67 -16.15 -39.25
C LYS V 67 -21.59 -17.36 -39.39
N GLY V 68 -21.16 -18.47 -38.80
CA GLY V 68 -21.96 -19.68 -38.84
C GLY V 68 -21.27 -20.78 -38.07
N ILE V 69 -21.88 -21.96 -38.10
CA ILE V 69 -21.36 -23.12 -37.38
C ILE V 69 -20.78 -24.10 -38.38
N LEU V 70 -19.73 -24.80 -37.96
CA LEU V 70 -19.12 -25.85 -38.75
C LEU V 70 -19.65 -27.19 -38.25
N VAL V 71 -20.30 -27.94 -39.13
CA VAL V 71 -20.98 -29.16 -38.77
C VAL V 71 -20.66 -30.24 -39.79
N ALA V 72 -20.69 -31.48 -39.33
CA ALA V 72 -20.42 -32.62 -40.19
C ALA V 72 -21.56 -32.80 -41.19
N GLY V 73 -21.26 -32.56 -42.47
CA GLY V 73 -22.27 -32.69 -43.50
C GLY V 73 -21.69 -32.43 -44.87
N THR V 74 -22.38 -32.91 -45.88
CA THR V 74 -22.03 -32.65 -47.27
C THR V 74 -23.31 -32.42 -48.05
N PRO V 75 -23.45 -31.30 -48.74
CA PRO V 75 -24.79 -30.77 -49.00
C PRO V 75 -25.59 -31.46 -50.10
N GLN V 76 -26.58 -32.25 -49.68
CA GLN V 76 -27.72 -32.68 -50.50
C GLN V 76 -27.34 -33.52 -51.72
N GLN V 77 -26.04 -33.72 -51.94
CA GLN V 77 -25.51 -34.42 -53.12
C GLN V 77 -26.28 -34.06 -54.39
N ALA V 78 -26.37 -32.76 -54.62
CA ALA V 78 -26.88 -32.21 -55.88
C ALA V 78 -26.11 -30.95 -56.26
N GLN V 79 -25.01 -30.67 -55.57
CA GLN V 79 -24.36 -29.39 -55.60
C GLN V 79 -22.85 -29.65 -55.61
N SER V 80 -22.08 -28.63 -55.25
CA SER V 80 -20.61 -28.56 -55.31
C SER V 80 -20.18 -28.24 -56.74
N ASN V 81 -21.11 -28.06 -57.65
CA ASN V 81 -20.83 -27.44 -58.94
C ASN V 81 -20.66 -25.94 -58.83
N ASP V 82 -20.95 -25.37 -57.65
CA ASP V 82 -20.80 -23.94 -57.42
C ASP V 82 -20.27 -23.64 -56.02
N PHE V 83 -19.79 -24.62 -55.27
CA PHE V 83 -19.43 -24.45 -53.86
C PHE V 83 -17.91 -24.42 -53.74
N LEU V 84 -17.38 -23.35 -53.16
CA LEU V 84 -15.94 -23.18 -53.00
C LEU V 84 -15.44 -24.15 -51.95
N THR V 85 -15.20 -25.38 -52.39
CA THR V 85 -14.67 -26.40 -51.50
C THR V 85 -13.15 -26.28 -51.43
N LEU V 86 -12.61 -26.28 -50.21
CA LEU V 86 -11.17 -26.20 -50.02
C LEU V 86 -10.83 -26.91 -48.70
N LYS V 87 -9.54 -27.19 -48.53
CA LYS V 87 -9.06 -27.97 -47.41
C LYS V 87 -7.94 -27.21 -46.70
N LEU V 88 -8.09 -27.04 -45.39
CA LEU V 88 -7.14 -26.30 -44.58
C LEU V 88 -6.68 -27.15 -43.41
N PRO V 89 -5.48 -26.93 -42.92
CA PRO V 89 -4.98 -27.69 -41.78
C PRO V 89 -5.56 -27.24 -40.44
N ALA V 90 -6.87 -26.97 -40.42
CA ALA V 90 -7.63 -26.79 -39.20
C ALA V 90 -7.19 -25.61 -38.35
N ASN V 91 -6.17 -24.87 -38.80
CA ASN V 91 -5.64 -23.76 -38.03
C ASN V 91 -5.91 -22.41 -38.65
N LYS V 92 -5.99 -22.35 -39.98
CA LYS V 92 -6.22 -21.08 -40.68
C LYS V 92 -7.66 -20.62 -40.57
N LEU V 93 -8.43 -21.19 -39.65
CA LEU V 93 -9.83 -20.86 -39.47
C LEU V 93 -10.00 -19.83 -38.36
N TYR V 94 -10.77 -18.80 -38.63
CA TYR V 94 -11.21 -17.86 -37.61
C TYR V 94 -12.28 -18.55 -36.76
N LEU V 95 -11.93 -18.92 -35.54
CA LEU V 95 -12.84 -19.62 -34.65
C LEU V 95 -13.14 -18.77 -33.44
N ILE V 96 -14.40 -18.51 -33.21
CA ILE V 96 -14.85 -17.82 -32.00
C ILE V 96 -15.23 -18.86 -30.97
N ARG V 97 -15.05 -18.54 -29.70
CA ARG V 97 -15.44 -19.40 -28.59
C ARG V 97 -14.79 -20.77 -28.72
N LYS V 98 -13.48 -20.76 -28.91
CA LYS V 98 -12.72 -22.00 -28.92
C LYS V 98 -12.80 -22.67 -27.56
N LYS V 99 -13.20 -23.94 -27.53
CA LYS V 99 -13.07 -24.73 -26.32
C LYS V 99 -12.19 -25.96 -26.50
N GLY V 100 -12.52 -26.83 -27.46
CA GLY V 100 -11.69 -27.96 -27.76
C GLY V 100 -10.55 -27.59 -28.69
N ASN V 101 -9.98 -28.61 -29.31
CA ASN V 101 -8.96 -28.39 -30.33
C ASN V 101 -9.12 -29.38 -31.47
N ILE V 102 -8.52 -29.03 -32.60
CA ILE V 102 -8.79 -29.70 -33.86
C ILE V 102 -7.55 -30.47 -34.29
N SER V 103 -7.76 -31.44 -35.20
CA SER V 103 -6.77 -32.46 -35.52
C SER V 103 -5.81 -32.02 -36.61
N ASP V 104 -5.59 -30.72 -36.79
CA ASP V 104 -4.60 -30.17 -37.71
C ASP V 104 -4.90 -30.49 -39.18
N ASP V 105 -6.11 -30.94 -39.51
CA ASP V 105 -6.48 -31.16 -40.90
C ASP V 105 -7.98 -31.32 -41.04
N LEU V 106 -8.56 -30.62 -42.01
CA LEU V 106 -9.99 -30.65 -42.27
C LEU V 106 -10.26 -30.49 -43.76
N LYS V 107 -11.55 -30.35 -44.09
CA LYS V 107 -12.02 -30.12 -45.45
C LYS V 107 -13.37 -29.42 -45.35
N ILE V 108 -13.54 -28.35 -46.12
CA ILE V 108 -14.67 -27.45 -45.96
C ILE V 108 -15.41 -27.28 -47.28
N TYR V 109 -16.72 -27.08 -47.19
CA TYR V 109 -17.57 -26.82 -48.35
C TYR V 109 -18.35 -25.55 -48.09
N ILE V 110 -18.18 -24.56 -48.95
CA ILE V 110 -18.71 -23.21 -48.76
C ILE V 110 -19.88 -22.99 -49.72
N PRO V 111 -21.06 -22.60 -49.24
CA PRO V 111 -22.15 -22.25 -50.15
C PRO V 111 -21.88 -20.94 -50.87
N TYR V 112 -21.54 -21.04 -52.15
CA TYR V 112 -20.97 -19.95 -52.91
C TYR V 112 -21.88 -19.56 -54.07
N SER V 113 -21.75 -18.31 -54.51
CA SER V 113 -22.42 -17.83 -55.71
C SER V 113 -21.45 -17.01 -56.54
N SER V 114 -21.71 -16.97 -57.84
CA SER V 114 -20.93 -16.12 -58.73
C SER V 114 -20.98 -14.68 -58.23
N PRO V 115 -19.92 -13.89 -58.46
CA PRO V 115 -19.87 -12.53 -57.91
C PRO V 115 -20.93 -11.59 -58.46
N ASP V 116 -21.70 -11.99 -59.47
CA ASP V 116 -22.74 -11.16 -60.07
C ASP V 116 -22.15 -9.82 -60.54
N ALA V 117 -21.30 -9.92 -61.56
CA ALA V 117 -20.68 -8.73 -62.12
C ALA V 117 -21.69 -7.95 -62.94
N ARG V 118 -22.78 -7.53 -62.29
CA ARG V 118 -23.83 -6.77 -62.95
C ARG V 118 -24.43 -5.68 -62.08
N ASN V 119 -23.93 -5.49 -60.86
CA ASN V 119 -24.41 -4.43 -59.99
C ASN V 119 -23.39 -4.21 -58.90
N SER V 120 -23.39 -2.98 -58.35
CA SER V 120 -22.46 -2.65 -57.28
C SER V 120 -22.71 -3.55 -56.08
N MET V 121 -21.62 -4.06 -55.50
CA MET V 121 -21.74 -4.86 -54.28
C MET V 121 -21.69 -3.93 -53.07
N LYS V 122 -22.76 -3.15 -52.92
CA LYS V 122 -22.97 -2.32 -51.75
C LYS V 122 -23.46 -3.21 -50.63
N THR V 123 -22.59 -3.53 -49.69
CA THR V 123 -22.93 -4.45 -48.60
C THR V 123 -23.37 -3.68 -47.37
N LYS V 124 -24.28 -4.29 -46.62
CA LYS V 124 -24.76 -3.72 -45.38
C LYS V 124 -24.84 -4.80 -44.31
N PRO V 125 -24.50 -4.46 -43.07
CA PRO V 125 -24.49 -5.48 -42.01
C PRO V 125 -25.90 -5.76 -41.53
N VAL V 126 -26.17 -7.03 -41.25
CA VAL V 126 -27.48 -7.45 -40.76
C VAL V 126 -27.30 -8.08 -39.39
N SER V 127 -28.15 -7.67 -38.45
CA SER V 127 -28.16 -8.23 -37.11
C SER V 127 -29.42 -9.04 -36.91
N ILE V 128 -29.33 -10.07 -36.08
CA ILE V 128 -30.47 -10.92 -35.78
C ILE V 128 -31.29 -10.23 -34.69
N SER V 129 -32.36 -9.57 -35.11
CA SER V 129 -33.33 -8.94 -34.23
C SER V 129 -34.63 -9.75 -34.26
N ASP V 130 -35.62 -9.31 -33.49
CA ASP V 130 -36.93 -9.95 -33.45
C ASP V 130 -36.80 -11.43 -33.05
N ASP V 131 -36.47 -11.62 -31.77
CA ASP V 131 -36.18 -12.94 -31.21
C ASP V 131 -37.23 -13.99 -31.58
N THR V 132 -38.39 -13.55 -32.06
CA THR V 132 -39.30 -14.48 -32.73
C THR V 132 -38.60 -15.21 -33.86
N ILE V 133 -37.78 -14.49 -34.64
CA ILE V 133 -36.97 -15.11 -35.67
C ILE V 133 -36.02 -16.13 -35.06
N VAL V 134 -35.44 -15.81 -33.91
CA VAL V 134 -34.54 -16.75 -33.24
C VAL V 134 -35.29 -18.02 -32.86
N ASN V 135 -36.48 -17.86 -32.27
CA ASN V 135 -37.29 -19.01 -31.90
C ASN V 135 -37.56 -19.90 -33.11
N ASN V 136 -38.06 -19.31 -34.19
CA ASN V 136 -38.42 -20.14 -35.32
C ASN V 136 -37.19 -20.70 -36.02
N ILE V 137 -36.05 -20.02 -35.92
CA ILE V 137 -34.81 -20.54 -36.50
C ILE V 137 -34.36 -21.78 -35.75
N ILE V 138 -34.32 -21.70 -34.41
CA ILE V 138 -33.98 -22.87 -33.61
C ILE V 138 -34.97 -23.99 -33.86
N LYS V 139 -36.24 -23.66 -34.12
CA LYS V 139 -37.18 -24.68 -34.55
C LYS V 139 -36.85 -25.20 -35.95
N GLU V 140 -36.14 -24.41 -36.75
CA GLU V 140 -35.85 -24.80 -38.12
C GLU V 140 -34.58 -25.64 -38.20
N VAL V 141 -33.44 -25.07 -37.82
CA VAL V 141 -32.14 -25.65 -38.10
C VAL V 141 -31.50 -26.26 -36.87
N PHE V 142 -31.46 -25.53 -35.76
CA PHE V 142 -30.84 -26.05 -34.55
C PHE V 142 -31.66 -27.14 -33.88
N ASP V 143 -32.83 -27.48 -34.41
CA ASP V 143 -33.51 -28.72 -34.10
C ASP V 143 -33.29 -29.78 -35.17
N LYS V 144 -32.68 -29.41 -36.30
CA LYS V 144 -32.34 -30.36 -37.34
C LYS V 144 -30.85 -30.67 -37.41
N ILE V 145 -30.01 -29.87 -36.75
CA ILE V 145 -28.58 -30.13 -36.70
C ILE V 145 -28.17 -30.69 -35.35
N TYR V 146 -28.76 -30.20 -34.27
CA TYR V 146 -28.53 -30.70 -32.92
C TYR V 146 -29.87 -31.14 -32.35
N ASN V 147 -30.15 -32.44 -32.45
CA ASN V 147 -31.25 -33.01 -31.69
C ASN V 147 -30.98 -32.92 -30.20
N ILE V 148 -29.72 -32.71 -29.80
CA ILE V 148 -29.37 -32.51 -28.40
C ILE V 148 -30.14 -31.34 -27.80
N THR V 149 -30.51 -30.38 -28.63
CA THR V 149 -31.44 -29.36 -28.17
C THR V 149 -32.71 -30.02 -27.68
N GLN V 150 -33.19 -29.58 -26.52
CA GLN V 150 -34.30 -30.22 -25.80
C GLN V 150 -33.91 -31.59 -25.28
N LYS V 151 -32.67 -31.74 -24.82
CA LYS V 151 -32.25 -32.97 -24.13
C LYS V 151 -31.61 -32.71 -22.78
N GLU V 152 -30.77 -31.68 -22.67
CA GLU V 152 -30.15 -31.30 -21.41
C GLU V 152 -30.34 -29.83 -21.08
N LYS V 153 -30.57 -28.99 -22.09
CA LYS V 153 -30.62 -27.55 -21.90
C LYS V 153 -32.07 -27.12 -21.71
N VAL V 154 -32.49 -27.03 -20.44
CA VAL V 154 -33.70 -26.28 -20.12
C VAL V 154 -33.39 -24.79 -20.00
N LYS V 155 -32.10 -24.43 -19.99
CA LYS V 155 -31.67 -23.05 -20.09
C LYS V 155 -31.67 -22.60 -21.55
N ILE V 156 -32.83 -22.74 -22.18
CA ILE V 156 -33.00 -22.37 -23.58
C ILE V 156 -32.88 -20.86 -23.74
N GLU V 157 -33.20 -20.10 -22.69
CA GLU V 157 -32.94 -18.66 -22.74
C GLU V 157 -31.48 -18.36 -23.06
N LYS V 158 -30.57 -19.24 -22.64
CA LYS V 158 -29.17 -19.08 -23.01
C LYS V 158 -28.98 -19.30 -24.50
N VAL V 159 -29.58 -20.36 -25.06
CA VAL V 159 -29.43 -20.63 -26.49
C VAL V 159 -30.26 -19.68 -27.34
N LYS V 160 -31.05 -18.80 -26.71
CA LYS V 160 -31.64 -17.68 -27.43
C LYS V 160 -30.69 -16.49 -27.47
N GLU V 161 -30.30 -16.02 -26.28
CA GLU V 161 -29.47 -14.82 -26.20
C GLU V 161 -28.11 -15.03 -26.84
N ASP V 162 -27.57 -16.25 -26.76
CA ASP V 162 -26.24 -16.48 -27.33
C ASP V 162 -26.24 -16.26 -28.83
N ILE V 163 -27.30 -16.65 -29.52
CA ILE V 163 -27.39 -16.41 -30.95
C ILE V 163 -27.83 -14.98 -31.22
N LYS V 164 -28.73 -14.44 -30.40
CA LYS V 164 -29.14 -13.05 -30.56
C LYS V 164 -27.97 -12.08 -30.49
N GLU V 165 -26.94 -12.41 -29.71
CA GLU V 165 -25.79 -11.55 -29.56
C GLU V 165 -24.47 -12.18 -29.98
N LEU V 166 -24.51 -13.28 -30.73
CA LEU V 166 -23.29 -13.90 -31.25
C LEU V 166 -23.26 -13.92 -32.77
N PHE V 167 -24.31 -14.43 -33.41
CA PHE V 167 -24.29 -14.63 -34.84
C PHE V 167 -24.71 -13.36 -35.57
N SER V 168 -23.97 -13.01 -36.61
CA SER V 168 -24.28 -11.86 -37.44
C SER V 168 -23.55 -12.03 -38.75
N TYR V 169 -23.81 -11.12 -39.69
CA TYR V 169 -23.29 -11.28 -41.04
C TYR V 169 -23.55 -10.02 -41.82
N TYR V 170 -22.89 -9.93 -42.98
CA TYR V 170 -23.08 -8.83 -43.92
C TYR V 170 -23.82 -9.36 -45.14
N ALA V 171 -24.82 -8.60 -45.60
CA ALA V 171 -25.57 -8.94 -46.79
C ALA V 171 -25.43 -7.82 -47.81
N LEU V 172 -25.80 -8.12 -49.05
CA LEU V 172 -25.76 -7.07 -50.07
C LEU V 172 -26.93 -6.10 -49.91
N GLU V 173 -27.99 -6.53 -49.24
CA GLU V 173 -29.20 -5.71 -49.10
C GLU V 173 -29.66 -5.18 -50.45
N GLN V 174 -29.57 -6.04 -51.46
CA GLN V 174 -29.96 -5.67 -52.83
C GLN V 174 -30.60 -6.86 -53.54
N SER W 2 -54.78 8.00 -33.33
CA SER W 2 -53.93 8.96 -32.66
C SER W 2 -54.57 9.47 -31.37
N THR W 3 -53.95 10.47 -30.76
CA THR W 3 -54.44 11.04 -29.51
C THR W 3 -54.48 12.55 -29.59
N GLN W 4 -54.86 13.17 -28.48
CA GLN W 4 -54.98 14.62 -28.40
C GLN W 4 -54.59 15.07 -26.99
N ARG W 5 -54.05 16.28 -26.89
CA ARG W 5 -53.64 16.82 -25.60
C ARG W 5 -54.18 18.24 -25.43
N GLU W 6 -54.19 18.69 -24.18
CA GLU W 6 -54.61 20.03 -23.82
C GLU W 6 -53.49 20.69 -23.03
N TYR W 7 -53.03 21.84 -23.50
CA TYR W 7 -52.03 22.60 -22.77
C TYR W 7 -52.71 23.55 -21.78
N VAL W 8 -52.05 23.78 -20.66
CA VAL W 8 -52.57 24.67 -19.63
C VAL W 8 -51.41 25.46 -19.02
N PHE W 9 -51.55 26.77 -18.99
CA PHE W 9 -50.63 27.67 -18.33
C PHE W 9 -50.63 27.44 -16.82
N ILE W 10 -49.54 27.86 -16.17
CA ILE W 10 -49.39 27.71 -14.73
C ILE W 10 -48.96 29.04 -14.10
N PRO W 11 -49.84 30.03 -13.99
CA PRO W 11 -49.43 31.31 -13.39
C PRO W 11 -49.70 31.38 -11.89
N ILE W 12 -49.32 32.51 -11.28
CA ILE W 12 -49.60 32.75 -9.86
C ILE W 12 -51.01 33.26 -9.63
N THR W 13 -51.82 33.37 -10.67
CA THR W 13 -53.15 33.94 -10.55
C THR W 13 -54.21 32.85 -10.57
N ASN W 14 -55.43 33.25 -10.23
CA ASN W 14 -56.59 32.36 -10.22
C ASN W 14 -57.24 32.28 -11.60
N SER W 15 -56.42 32.02 -12.62
CA SER W 15 -56.92 31.74 -13.96
C SER W 15 -56.81 30.28 -14.32
N ILE W 16 -56.54 29.42 -13.34
CA ILE W 16 -56.18 28.03 -13.58
C ILE W 16 -57.36 27.09 -13.38
N THR W 17 -58.49 27.57 -12.88
CA THR W 17 -59.57 26.66 -12.48
C THR W 17 -60.13 25.88 -13.67
N ILE W 18 -60.83 26.55 -14.59
CA ILE W 18 -61.55 25.86 -15.64
C ILE W 18 -61.24 26.58 -16.96
N ASP W 19 -60.25 26.07 -17.68
CA ASP W 19 -60.13 26.24 -19.12
C ASP W 19 -60.08 24.88 -19.81
N VAL W 20 -60.34 23.81 -19.07
CA VAL W 20 -60.22 22.43 -19.53
C VAL W 20 -61.43 21.66 -19.03
N LYS W 21 -61.86 20.69 -19.83
CA LYS W 21 -63.04 19.89 -19.51
C LYS W 21 -62.72 18.46 -19.14
N ILE W 22 -61.73 17.83 -19.78
CA ILE W 22 -61.40 16.43 -19.55
C ILE W 22 -60.25 16.33 -18.57
N THR W 23 -60.33 15.37 -17.67
CA THR W 23 -59.35 15.17 -16.60
C THR W 23 -58.37 14.04 -16.90
N ILE W 24 -58.85 12.92 -17.44
CA ILE W 24 -57.97 11.79 -17.74
C ILE W 24 -57.98 11.48 -19.23
N GLY W 25 -59.17 11.33 -19.80
CA GLY W 25 -59.30 11.18 -21.24
C GLY W 25 -58.94 9.82 -21.78
N GLY W 26 -57.65 9.51 -21.83
CA GLY W 26 -57.20 8.23 -22.33
C GLY W 26 -56.58 7.38 -21.25
N SER W 27 -55.35 6.92 -21.49
CA SER W 27 -54.61 6.21 -20.47
C SER W 27 -53.38 6.96 -19.98
N ASP W 28 -52.80 7.84 -20.80
CA ASP W 28 -51.54 8.49 -20.47
C ASP W 28 -51.59 9.98 -20.76
N HIS W 29 -51.23 10.76 -19.76
CA HIS W 29 -50.89 12.16 -19.94
C HIS W 29 -49.38 12.27 -20.14
N ILE W 30 -48.98 13.23 -20.97
CA ILE W 30 -47.56 13.41 -21.24
C ILE W 30 -46.81 13.76 -19.97
N THR W 31 -47.31 14.75 -19.23
CA THR W 31 -46.64 15.17 -18.01
C THR W 31 -46.89 14.17 -16.89
N ASN W 32 -45.83 13.75 -16.22
CA ASN W 32 -45.90 12.76 -15.17
C ASN W 32 -45.13 13.26 -13.95
N ILE W 33 -45.56 12.82 -12.77
CA ILE W 33 -44.82 13.00 -11.53
C ILE W 33 -44.51 11.61 -10.99
N ASP W 34 -43.24 11.20 -11.11
CA ASP W 34 -42.82 9.86 -10.71
C ASP W 34 -41.61 9.97 -9.79
N GLU W 35 -41.87 10.19 -8.51
CA GLU W 35 -40.89 10.14 -7.42
C GLU W 35 -39.63 10.95 -7.69
N ARG W 36 -39.67 11.82 -8.69
CA ARG W 36 -38.60 12.79 -8.92
C ARG W 36 -39.13 14.16 -9.29
N GLY W 37 -40.44 14.34 -9.40
CA GLY W 37 -41.04 15.61 -9.74
C GLY W 37 -41.74 15.55 -11.08
N ILE W 38 -42.18 16.71 -11.55
CA ILE W 38 -42.91 16.77 -12.81
C ILE W 38 -41.95 16.45 -13.95
N HIS W 39 -42.48 15.82 -14.98
CA HIS W 39 -41.69 15.40 -16.13
C HIS W 39 -42.43 15.76 -17.41
N ASN W 40 -41.66 15.82 -18.51
CA ASN W 40 -42.22 16.07 -19.83
C ASN W 40 -42.97 17.41 -19.87
N VAL W 41 -42.46 18.39 -19.12
CA VAL W 41 -43.05 19.72 -19.13
C VAL W 41 -42.85 20.36 -20.50
N LEU W 42 -43.87 21.02 -21.01
CA LEU W 42 -43.79 21.72 -22.28
C LEU W 42 -43.46 23.19 -22.03
N VAL W 43 -42.50 23.71 -22.80
CA VAL W 43 -42.17 25.13 -22.79
C VAL W 43 -42.57 25.71 -24.14
N ILE W 44 -43.20 26.87 -24.11
CA ILE W 44 -43.54 27.59 -25.33
C ILE W 44 -42.98 29.01 -25.22
N THR W 45 -42.21 29.41 -26.22
CA THR W 45 -41.64 30.74 -26.28
C THR W 45 -42.43 31.58 -27.28
N GLY W 46 -42.08 32.86 -27.37
CA GLY W 46 -42.81 33.78 -28.21
C GLY W 46 -44.22 34.06 -27.76
N TYR W 47 -44.69 33.43 -26.69
CA TYR W 47 -46.02 33.64 -26.17
C TYR W 47 -45.96 34.16 -24.75
N ALA W 48 -46.95 34.97 -24.37
CA ALA W 48 -47.13 35.42 -23.00
C ALA W 48 -48.51 34.98 -22.54
N VAL W 49 -48.77 35.13 -21.25
CA VAL W 49 -50.04 34.70 -20.68
C VAL W 49 -50.92 35.91 -20.46
N ASP W 50 -52.22 35.67 -20.31
CA ASP W 50 -53.26 36.71 -20.29
C ASP W 50 -54.14 36.50 -19.07
N GLU W 51 -53.50 36.44 -17.89
CA GLU W 51 -54.12 36.04 -16.62
C GLU W 51 -55.57 36.47 -16.46
N LYS W 52 -55.91 37.68 -16.92
CA LYS W 52 -57.31 38.11 -16.98
C LYS W 52 -57.96 37.44 -18.18
N ASN W 53 -58.76 36.40 -17.92
CA ASN W 53 -59.20 35.45 -18.94
C ASN W 53 -57.99 34.77 -19.57
N GLY W 54 -57.30 33.99 -18.75
CA GLY W 54 -56.03 33.36 -19.08
C GLY W 54 -55.94 32.65 -20.41
N ARG W 55 -55.07 33.15 -21.29
CA ARG W 55 -54.80 32.55 -22.59
C ARG W 55 -53.40 32.96 -23.00
N LEU W 56 -52.83 32.18 -23.92
CA LEU W 56 -51.48 32.47 -24.42
C LEU W 56 -51.57 33.48 -25.57
N VAL W 57 -51.12 34.70 -25.31
CA VAL W 57 -51.13 35.74 -26.32
C VAL W 57 -49.96 35.51 -27.27
N PRO W 58 -50.19 35.34 -28.56
CA PRO W 58 -49.09 35.13 -29.51
C PRO W 58 -48.34 36.42 -29.76
N THR W 59 -47.16 36.54 -29.16
CA THR W 59 -46.27 37.65 -29.41
C THR W 59 -45.18 37.22 -30.38
N LEU W 60 -44.23 38.12 -30.62
CA LEU W 60 -43.11 37.82 -31.51
C LEU W 60 -41.77 37.82 -30.81
N ASP W 61 -41.65 38.48 -29.68
CA ASP W 61 -40.41 38.50 -28.92
C ASP W 61 -40.05 37.08 -28.51
N PRO W 62 -38.87 36.58 -28.88
CA PRO W 62 -38.51 35.20 -28.48
C PRO W 62 -38.17 35.06 -27.01
N CYS W 63 -37.85 36.15 -26.30
CA CYS W 63 -37.46 36.03 -24.91
C CYS W 63 -38.62 35.64 -23.99
N ASP W 64 -39.83 36.11 -24.27
CA ASP W 64 -40.95 35.78 -23.41
C ASP W 64 -41.41 34.35 -23.66
N TYR W 65 -41.94 33.73 -22.60
CA TYR W 65 -42.29 32.32 -22.64
C TYR W 65 -43.27 32.03 -21.51
N VAL W 66 -44.07 30.99 -21.69
CA VAL W 66 -45.00 30.51 -20.67
C VAL W 66 -44.95 28.98 -20.66
N LYS W 67 -44.56 28.41 -19.53
CA LYS W 67 -44.47 26.96 -19.40
C LYS W 67 -45.72 26.41 -18.74
N GLY W 68 -46.07 25.18 -19.11
CA GLY W 68 -47.25 24.55 -18.57
C GLY W 68 -47.16 23.03 -18.64
N ILE W 69 -48.26 22.38 -18.32
CA ILE W 69 -48.34 20.93 -18.27
C ILE W 69 -49.42 20.44 -19.22
N LEU W 70 -49.33 19.16 -19.60
CA LEU W 70 -50.15 18.60 -20.66
C LEU W 70 -51.07 17.51 -20.12
N VAL W 71 -52.32 17.49 -20.61
CA VAL W 71 -53.26 16.42 -20.36
C VAL W 71 -54.06 16.17 -21.64
N ALA W 72 -54.57 14.95 -21.76
CA ALA W 72 -55.34 14.55 -22.94
C ALA W 72 -56.81 14.97 -22.80
N GLY W 73 -57.37 15.48 -23.89
CA GLY W 73 -58.77 15.86 -23.90
C GLY W 73 -59.04 16.94 -24.90
N THR W 74 -60.29 17.41 -24.89
CA THR W 74 -60.78 18.41 -25.82
C THR W 74 -61.39 19.58 -25.03
N PRO W 75 -61.27 20.80 -25.54
CA PRO W 75 -61.56 21.97 -24.70
C PRO W 75 -63.04 22.33 -24.57
N GLN W 76 -63.64 21.98 -23.43
CA GLN W 76 -64.83 22.65 -22.91
C GLN W 76 -66.03 22.63 -23.85
N GLN W 77 -65.90 22.01 -25.01
CA GLN W 77 -67.00 21.92 -26.00
C GLN W 77 -67.62 23.28 -26.30
N ALA W 78 -66.82 24.33 -26.20
CA ALA W 78 -67.28 25.67 -26.56
C ALA W 78 -66.19 26.49 -27.24
N GLN W 79 -65.18 25.84 -27.81
CA GLN W 79 -64.04 26.53 -28.40
C GLN W 79 -63.66 25.77 -29.67
N SER W 80 -62.41 25.96 -30.12
CA SER W 80 -61.82 25.62 -31.41
C SER W 80 -62.11 26.71 -32.44
N ASN W 81 -62.63 27.86 -32.00
CA ASN W 81 -62.65 29.07 -32.83
C ASN W 81 -61.65 30.10 -32.38
N ASP W 82 -61.21 30.05 -31.12
CA ASP W 82 -60.24 30.99 -30.56
C ASP W 82 -59.08 30.27 -29.90
N PHE W 83 -58.70 29.12 -30.44
CA PHE W 83 -57.59 28.31 -29.93
C PHE W 83 -56.60 28.01 -31.04
N LEU W 84 -55.32 27.91 -30.67
CA LEU W 84 -54.30 27.41 -31.59
C LEU W 84 -54.28 25.89 -31.48
N THR W 85 -55.04 25.24 -32.34
CA THR W 85 -55.12 23.80 -32.38
C THR W 85 -54.22 23.26 -33.48
N LEU W 86 -53.33 22.34 -33.13
CA LEU W 86 -52.36 21.81 -34.08
C LEU W 86 -51.81 20.51 -33.55
N LYS W 87 -51.21 19.73 -34.45
CA LYS W 87 -50.72 18.39 -34.15
C LYS W 87 -49.22 18.34 -34.45
N LEU W 88 -48.44 17.92 -33.46
CA LEU W 88 -46.99 17.90 -33.59
C LEU W 88 -46.45 16.52 -33.25
N PRO W 89 -45.38 16.07 -33.93
CA PRO W 89 -45.01 14.66 -33.82
C PRO W 89 -44.14 14.38 -32.61
N ALA W 90 -44.47 14.97 -31.47
CA ALA W 90 -43.91 14.64 -30.17
C ALA W 90 -42.39 14.80 -30.10
N ASN W 91 -41.76 15.25 -31.19
CA ASN W 91 -40.35 15.53 -31.18
C ASN W 91 -40.03 16.97 -31.55
N LYS W 92 -41.02 17.73 -32.01
CA LYS W 92 -40.85 19.15 -32.22
C LYS W 92 -41.29 19.96 -31.00
N LEU W 93 -41.44 19.30 -29.84
CA LEU W 93 -41.88 19.95 -28.62
C LEU W 93 -40.68 20.31 -27.76
N TYR W 94 -40.70 21.52 -27.21
CA TYR W 94 -39.71 21.95 -26.23
C TYR W 94 -40.01 21.26 -24.92
N LEU W 95 -39.68 19.97 -24.85
CA LEU W 95 -39.96 19.19 -23.66
C LEU W 95 -38.80 19.27 -22.69
N ILE W 96 -39.13 19.33 -21.40
CA ILE W 96 -38.17 19.37 -20.32
C ILE W 96 -38.31 18.11 -19.48
N ARG W 97 -37.18 17.55 -19.07
CA ARG W 97 -37.15 16.37 -18.20
C ARG W 97 -37.94 15.23 -18.82
N LYS W 98 -37.54 14.85 -20.04
CA LYS W 98 -38.18 13.77 -20.76
C LYS W 98 -38.06 12.47 -19.97
N LYS W 99 -39.17 11.98 -19.43
CA LYS W 99 -39.14 10.75 -18.66
C LYS W 99 -39.09 9.54 -19.57
N GLY W 100 -40.12 9.38 -20.41
CA GLY W 100 -40.11 8.37 -21.44
C GLY W 100 -40.07 8.99 -22.83
N ASN W 101 -40.29 8.14 -23.83
CA ASN W 101 -40.48 8.60 -25.19
C ASN W 101 -41.97 8.62 -25.53
N ILE W 102 -42.33 9.47 -26.48
CA ILE W 102 -43.71 9.69 -26.85
C ILE W 102 -43.91 9.21 -28.28
N SER W 103 -45.16 8.85 -28.61
CA SER W 103 -45.50 8.06 -29.79
C SER W 103 -45.32 8.82 -31.10
N ASP W 104 -44.71 10.01 -31.08
CA ASP W 104 -44.43 10.81 -32.27
C ASP W 104 -45.69 11.19 -33.05
N ASP W 105 -46.84 11.14 -32.39
CA ASP W 105 -48.08 11.70 -32.93
C ASP W 105 -48.81 12.37 -31.79
N LEU W 106 -49.07 13.66 -31.92
CA LEU W 106 -49.62 14.40 -30.79
C LEU W 106 -50.30 15.67 -31.28
N LYS W 107 -51.60 15.78 -31.01
CA LYS W 107 -52.35 16.99 -31.30
C LYS W 107 -52.63 17.69 -29.99
N ILE W 108 -52.26 18.97 -29.90
CA ILE W 108 -52.30 19.71 -28.66
C ILE W 108 -53.23 20.92 -28.83
N TYR W 109 -54.01 21.18 -27.79
CA TYR W 109 -54.90 22.33 -27.75
C TYR W 109 -54.34 23.33 -26.74
N ILE W 110 -54.25 24.60 -27.14
CA ILE W 110 -53.63 25.64 -26.33
C ILE W 110 -54.58 26.82 -26.21
N PRO W 111 -54.70 27.46 -25.05
CA PRO W 111 -55.55 28.64 -24.94
C PRO W 111 -55.01 29.85 -25.70
N TYR W 112 -55.66 30.19 -26.80
CA TYR W 112 -55.26 31.33 -27.61
C TYR W 112 -56.12 32.55 -27.28
N SER W 113 -55.57 33.72 -27.55
CA SER W 113 -56.32 34.96 -27.52
C SER W 113 -55.76 35.90 -28.56
N SER W 114 -56.64 36.63 -29.23
CA SER W 114 -56.19 37.60 -30.21
C SER W 114 -55.25 38.61 -29.53
N PRO W 115 -54.17 39.00 -30.19
CA PRO W 115 -53.19 39.89 -29.54
C PRO W 115 -53.74 41.23 -29.08
N ASP W 116 -54.99 41.57 -29.45
CA ASP W 116 -55.68 42.75 -28.92
C ASP W 116 -54.89 44.03 -29.23
N ALA W 117 -54.89 44.38 -30.52
CA ALA W 117 -54.15 45.56 -30.94
C ALA W 117 -54.88 46.84 -30.53
N ARG W 118 -55.10 46.99 -29.23
CA ARG W 118 -55.69 48.21 -28.68
C ARG W 118 -54.83 48.80 -27.57
N ASN W 119 -53.60 48.32 -27.41
CA ASN W 119 -52.64 48.81 -26.44
C ASN W 119 -51.31 48.14 -26.72
N SER W 120 -50.23 48.82 -26.32
CA SER W 120 -48.90 48.25 -26.48
C SER W 120 -48.73 47.10 -25.49
N MET W 121 -48.36 45.92 -25.99
CA MET W 121 -48.25 44.73 -25.16
C MET W 121 -46.97 44.81 -24.33
N LYS W 122 -47.12 45.35 -23.13
CA LYS W 122 -46.02 45.46 -22.19
C LYS W 122 -46.03 44.23 -21.30
N THR W 123 -45.28 43.21 -21.70
CA THR W 123 -45.17 41.98 -20.93
C THR W 123 -44.02 42.06 -19.94
N LYS W 124 -44.13 41.29 -18.87
CA LYS W 124 -43.14 41.30 -17.81
C LYS W 124 -42.97 39.89 -17.26
N PRO W 125 -41.76 39.55 -16.80
CA PRO W 125 -41.54 38.20 -16.27
C PRO W 125 -42.12 38.03 -14.88
N VAL W 126 -42.80 36.91 -14.68
CA VAL W 126 -43.50 36.63 -13.42
C VAL W 126 -43.02 35.28 -12.92
N SER W 127 -42.30 35.29 -11.80
CA SER W 127 -41.87 34.07 -11.15
C SER W 127 -42.83 33.74 -10.01
N ILE W 128 -43.02 32.45 -9.76
CA ILE W 128 -44.00 31.97 -8.79
C ILE W 128 -43.34 31.96 -7.42
N SER W 129 -43.80 32.85 -6.53
CA SER W 129 -43.37 32.89 -5.14
C SER W 129 -44.58 32.95 -4.22
N ASP W 130 -44.36 33.19 -2.93
CA ASP W 130 -45.43 33.26 -1.93
C ASP W 130 -46.20 31.93 -1.86
N ASP W 131 -45.49 30.94 -1.31
CA ASP W 131 -45.85 29.53 -1.34
C ASP W 131 -47.32 29.18 -1.10
N THR W 132 -48.05 30.01 -0.34
CA THR W 132 -49.48 29.74 -0.20
C THR W 132 -50.17 29.76 -1.56
N ILE W 133 -49.68 30.59 -2.48
CA ILE W 133 -50.13 30.51 -3.88
C ILE W 133 -49.86 29.11 -4.43
N VAL W 134 -48.70 28.55 -4.13
CA VAL W 134 -48.36 27.21 -4.62
C VAL W 134 -49.30 26.18 -4.00
N ASN W 135 -49.66 26.36 -2.73
CA ASN W 135 -50.59 25.44 -2.09
C ASN W 135 -51.98 25.56 -2.67
N ASN W 136 -52.37 26.75 -3.15
CA ASN W 136 -53.67 26.87 -3.78
C ASN W 136 -53.67 26.24 -5.18
N ILE W 137 -52.58 26.43 -5.93
CA ILE W 137 -52.53 25.90 -7.29
C ILE W 137 -52.23 24.40 -7.32
N ILE W 138 -51.69 23.84 -6.24
CA ILE W 138 -51.54 22.40 -6.17
C ILE W 138 -52.89 21.73 -5.96
N LYS W 139 -53.83 22.44 -5.33
CA LYS W 139 -55.15 21.89 -5.09
C LYS W 139 -56.10 22.15 -6.25
N GLU W 140 -55.99 23.32 -6.90
CA GLU W 140 -56.95 23.67 -7.94
C GLU W 140 -56.81 22.76 -9.15
N VAL W 141 -55.58 22.46 -9.57
CA VAL W 141 -55.37 21.65 -10.77
C VAL W 141 -54.45 20.46 -10.52
N PHE W 142 -53.34 20.65 -9.81
CA PHE W 142 -52.45 19.52 -9.56
C PHE W 142 -53.13 18.41 -8.78
N ASP W 143 -54.22 18.71 -8.08
CA ASP W 143 -55.10 17.68 -7.53
C ASP W 143 -56.20 17.29 -8.49
N LYS W 144 -56.82 18.28 -9.14
CA LYS W 144 -57.84 18.05 -10.16
C LYS W 144 -57.30 17.29 -11.37
N ILE W 145 -55.98 17.18 -11.50
CA ILE W 145 -55.35 16.43 -12.59
C ILE W 145 -54.71 15.16 -12.08
N TYR W 146 -53.80 15.26 -11.13
CA TYR W 146 -53.06 14.11 -10.61
C TYR W 146 -53.61 13.76 -9.23
N ASN W 147 -54.44 12.71 -9.19
CA ASN W 147 -54.93 12.21 -7.92
C ASN W 147 -53.80 11.67 -7.05
N ILE W 148 -52.62 11.44 -7.64
CA ILE W 148 -51.49 10.87 -6.90
C ILE W 148 -51.09 11.76 -5.72
N THR W 149 -51.46 13.04 -5.74
CA THR W 149 -51.29 13.88 -4.57
C THR W 149 -52.12 13.34 -3.43
N GLN W 150 -51.44 12.99 -2.33
CA GLN W 150 -52.05 12.30 -1.20
C GLN W 150 -52.52 10.90 -1.56
N LYS W 151 -51.81 10.24 -2.48
CA LYS W 151 -52.07 8.83 -2.78
C LYS W 151 -50.78 8.03 -2.72
N GLU W 152 -49.66 8.67 -3.05
CA GLU W 152 -48.33 8.11 -2.85
C GLU W 152 -47.35 9.11 -2.27
N LYS W 153 -47.57 10.40 -2.51
CA LYS W 153 -46.57 11.43 -2.24
C LYS W 153 -46.61 11.84 -0.78
N VAL W 154 -45.51 11.56 -0.08
CA VAL W 154 -45.21 12.22 1.19
C VAL W 154 -44.19 13.33 1.00
N LYS W 155 -43.41 13.29 -0.08
CA LYS W 155 -42.43 14.33 -0.39
C LYS W 155 -43.04 15.43 -1.27
N ILE W 156 -44.21 15.93 -0.87
CA ILE W 156 -44.85 16.99 -1.62
C ILE W 156 -44.03 18.26 -1.56
N GLU W 157 -43.29 18.46 -0.47
CA GLU W 157 -42.34 19.56 -0.37
C GLU W 157 -41.28 19.51 -1.45
N LYS W 158 -41.16 18.39 -2.17
CA LYS W 158 -40.28 18.30 -3.31
C LYS W 158 -40.94 18.86 -4.57
N VAL W 159 -42.20 18.48 -4.80
CA VAL W 159 -42.92 19.02 -5.96
C VAL W 159 -43.27 20.48 -5.73
N LYS W 160 -43.44 20.90 -4.49
CA LYS W 160 -43.69 22.32 -4.23
C LYS W 160 -42.49 23.17 -4.64
N GLU W 161 -41.29 22.71 -4.30
CA GLU W 161 -40.10 23.54 -4.51
C GLU W 161 -39.63 23.50 -5.96
N ASP W 162 -39.72 22.34 -6.62
CA ASP W 162 -39.31 22.32 -8.01
C ASP W 162 -40.30 23.07 -8.90
N ILE W 163 -41.57 23.15 -8.49
CA ILE W 163 -42.49 24.08 -9.13
C ILE W 163 -42.10 25.51 -8.82
N LYS W 164 -41.74 25.78 -7.57
CA LYS W 164 -41.30 27.12 -7.17
C LYS W 164 -40.17 27.62 -8.04
N GLU W 165 -39.21 26.76 -8.35
CA GLU W 165 -38.01 27.16 -9.07
C GLU W 165 -38.09 26.96 -10.58
N LEU W 166 -38.94 26.07 -11.07
CA LEU W 166 -38.99 25.81 -12.50
C LEU W 166 -39.99 26.72 -13.20
N PHE W 167 -41.26 26.63 -12.82
CA PHE W 167 -42.33 27.27 -13.57
C PHE W 167 -42.20 28.79 -13.52
N SER W 168 -41.91 29.39 -14.65
CA SER W 168 -41.94 30.83 -14.81
C SER W 168 -42.68 31.14 -16.11
N TYR W 169 -42.97 32.41 -16.33
CA TYR W 169 -43.79 32.81 -17.46
C TYR W 169 -43.72 34.32 -17.61
N TYR W 170 -44.38 34.83 -18.65
CA TYR W 170 -44.46 36.24 -18.93
C TYR W 170 -45.92 36.64 -19.09
N ALA W 171 -46.29 37.77 -18.48
CA ALA W 171 -47.66 38.23 -18.49
C ALA W 171 -47.72 39.70 -18.88
N LEU W 172 -48.86 40.11 -19.42
CA LEU W 172 -49.03 41.51 -19.80
C LEU W 172 -49.17 42.41 -18.58
N GLU W 173 -49.61 41.86 -17.45
CA GLU W 173 -49.84 42.59 -16.20
C GLU W 173 -50.81 43.76 -16.38
N GLN W 174 -51.66 43.69 -17.39
CA GLN W 174 -52.66 44.72 -17.64
C GLN W 174 -54.03 44.11 -17.90
N SER X 2 36.31 -53.43 -33.40
CA SER X 2 35.75 -52.48 -32.45
C SER X 2 34.23 -52.51 -32.48
N THR X 3 33.64 -51.32 -32.54
CA THR X 3 32.21 -51.16 -32.77
C THR X 3 31.99 -50.11 -33.84
N GLN X 4 31.15 -50.43 -34.82
CA GLN X 4 30.87 -49.52 -35.92
C GLN X 4 29.40 -49.12 -35.89
N ARG X 5 29.16 -47.82 -35.80
CA ARG X 5 27.81 -47.28 -35.83
C ARG X 5 27.70 -46.29 -36.98
N GLU X 6 26.51 -46.26 -37.57
CA GLU X 6 26.28 -45.55 -38.80
C GLU X 6 25.19 -44.52 -38.59
N TYR X 7 25.56 -43.25 -38.64
CA TYR X 7 24.55 -42.21 -38.51
C TYR X 7 23.62 -42.23 -39.71
N VAL X 8 22.33 -42.06 -39.46
CA VAL X 8 21.35 -42.03 -40.52
C VAL X 8 20.32 -40.94 -40.19
N PHE X 9 20.31 -39.89 -41.00
CA PHE X 9 19.36 -38.80 -40.90
C PHE X 9 17.93 -39.31 -41.04
N ILE X 10 16.98 -38.43 -40.76
CA ILE X 10 15.58 -38.74 -41.00
C ILE X 10 14.89 -37.51 -41.60
N PRO X 11 14.89 -37.36 -42.93
CA PRO X 11 14.22 -36.21 -43.54
C PRO X 11 12.77 -36.52 -43.89
N ILE X 12 12.08 -35.58 -44.53
CA ILE X 12 10.76 -35.86 -45.08
C ILE X 12 10.93 -36.32 -46.51
N THR X 13 12.17 -36.54 -46.93
CA THR X 13 12.47 -36.91 -48.30
C THR X 13 12.83 -38.39 -48.37
N ASN X 14 12.41 -39.03 -49.46
CA ASN X 14 12.76 -40.42 -49.73
C ASN X 14 14.16 -40.48 -50.37
N SER X 15 15.12 -39.87 -49.66
CA SER X 15 16.52 -39.93 -50.01
C SER X 15 17.26 -40.90 -49.09
N ILE X 16 16.54 -41.89 -48.59
CA ILE X 16 17.00 -42.70 -47.47
C ILE X 16 16.77 -44.19 -47.66
N THR X 17 15.91 -44.60 -48.60
CA THR X 17 15.46 -45.99 -48.66
C THR X 17 16.63 -46.95 -48.80
N ILE X 18 17.45 -46.79 -49.84
CA ILE X 18 18.56 -47.71 -50.07
C ILE X 18 19.88 -47.02 -49.70
N ASP X 19 20.28 -47.15 -48.44
CA ASP X 19 21.56 -46.60 -48.00
C ASP X 19 22.32 -47.46 -47.01
N VAL X 20 21.69 -48.45 -46.37
CA VAL X 20 22.29 -49.13 -45.23
C VAL X 20 22.62 -50.56 -45.62
N LYS X 21 23.66 -51.10 -44.99
CA LYS X 21 24.04 -52.49 -45.20
C LYS X 21 23.63 -53.40 -44.07
N ILE X 22 23.95 -53.07 -42.83
CA ILE X 22 23.63 -53.91 -41.68
C ILE X 22 22.28 -53.46 -41.13
N THR X 23 21.40 -54.43 -40.88
CA THR X 23 20.15 -54.13 -40.19
C THR X 23 20.39 -54.04 -38.69
N ILE X 24 20.87 -55.12 -38.09
CA ILE X 24 21.22 -55.13 -36.67
C ILE X 24 22.66 -55.61 -36.52
N GLY X 25 22.99 -56.74 -37.13
CA GLY X 25 24.36 -57.22 -37.14
C GLY X 25 24.82 -57.73 -35.80
N GLY X 26 24.97 -56.81 -34.86
CA GLY X 26 25.24 -57.16 -33.48
C GLY X 26 23.96 -57.45 -32.74
N SER X 27 23.95 -57.10 -31.45
CA SER X 27 22.76 -57.25 -30.63
C SER X 27 22.31 -55.93 -30.01
N ASP X 28 22.87 -54.81 -30.45
CA ASP X 28 22.72 -53.57 -29.69
C ASP X 28 22.87 -52.37 -30.60
N HIS X 29 21.80 -51.61 -30.75
CA HIS X 29 21.82 -50.31 -31.39
C HIS X 29 21.92 -49.22 -30.34
N ILE X 30 22.36 -48.05 -30.77
CA ILE X 30 22.37 -46.90 -29.87
C ILE X 30 20.99 -46.29 -29.76
N THR X 31 20.31 -46.12 -30.89
CA THR X 31 18.92 -45.73 -30.86
C THR X 31 18.05 -46.92 -30.49
N ASN X 32 16.99 -46.65 -29.73
CA ASN X 32 16.19 -47.71 -29.16
C ASN X 32 14.71 -47.37 -29.35
N ILE X 33 13.86 -48.38 -29.18
CA ILE X 33 12.43 -48.17 -29.11
C ILE X 33 11.88 -49.04 -27.98
N ASP X 34 11.63 -48.43 -26.83
CA ASP X 34 11.24 -49.17 -25.63
C ASP X 34 10.10 -48.45 -24.94
N GLU X 35 8.87 -48.76 -25.33
CA GLU X 35 7.63 -48.45 -24.61
C GLU X 35 7.53 -46.98 -24.19
N ARG X 36 8.39 -46.13 -24.74
CA ARG X 36 8.34 -44.70 -24.46
C ARG X 36 8.59 -43.89 -25.73
N GLY X 37 8.77 -44.56 -26.87
CA GLY X 37 9.21 -43.91 -28.07
C GLY X 37 10.69 -44.10 -28.30
N ILE X 38 11.21 -43.34 -29.25
CA ILE X 38 12.61 -43.45 -29.62
C ILE X 38 13.48 -42.93 -28.47
N HIS X 39 14.68 -43.49 -28.37
CA HIS X 39 15.60 -43.11 -27.31
C HIS X 39 16.99 -42.94 -27.89
N ASN X 40 17.75 -42.03 -27.29
CA ASN X 40 19.15 -41.79 -27.64
C ASN X 40 19.30 -41.34 -29.09
N VAL X 41 18.47 -40.39 -29.48
CA VAL X 41 18.60 -39.75 -30.78
C VAL X 41 19.89 -38.95 -30.82
N LEU X 42 20.58 -39.00 -31.95
CA LEU X 42 21.76 -38.17 -32.14
C LEU X 42 21.37 -36.86 -32.81
N VAL X 43 22.08 -35.80 -32.46
CA VAL X 43 21.89 -34.49 -33.07
C VAL X 43 23.26 -33.97 -33.47
N ILE X 44 23.37 -33.49 -34.70
CA ILE X 44 24.61 -32.95 -35.24
C ILE X 44 24.35 -31.50 -35.55
N THR X 45 25.01 -30.61 -34.82
CA THR X 45 24.84 -29.18 -35.03
C THR X 45 25.96 -28.64 -35.88
N GLY X 46 25.65 -27.58 -36.63
CA GLY X 46 26.56 -27.03 -37.60
C GLY X 46 26.50 -27.68 -38.95
N TYR X 47 25.57 -28.60 -39.16
CA TYR X 47 25.40 -29.30 -40.41
C TYR X 47 23.97 -29.14 -40.90
N ALA X 48 23.76 -29.40 -42.18
CA ALA X 48 22.43 -29.32 -42.76
C ALA X 48 22.35 -30.27 -43.94
N VAL X 49 21.14 -30.73 -44.23
CA VAL X 49 20.95 -31.74 -45.26
C VAL X 49 20.98 -31.08 -46.63
N ASP X 50 21.13 -31.92 -47.66
CA ASP X 50 21.17 -31.49 -49.05
C ASP X 50 20.19 -32.36 -49.85
N GLU X 51 18.92 -32.34 -49.44
CA GLU X 51 17.93 -33.39 -49.69
C GLU X 51 18.12 -34.15 -51.01
N LYS X 52 18.34 -33.44 -52.11
CA LYS X 52 18.66 -34.13 -53.36
C LYS X 52 20.00 -34.84 -53.17
N ASN X 53 19.95 -36.16 -53.01
CA ASN X 53 21.05 -36.92 -52.42
C ASN X 53 21.31 -36.40 -51.01
N GLY X 54 20.35 -36.66 -50.13
CA GLY X 54 20.37 -36.12 -48.79
C GLY X 54 21.61 -36.49 -47.99
N ARG X 55 22.50 -35.52 -47.80
CA ARG X 55 23.67 -35.68 -46.98
C ARG X 55 23.92 -34.39 -46.22
N LEU X 56 24.80 -34.47 -45.23
CA LEU X 56 24.99 -33.38 -44.27
C LEU X 56 26.05 -32.42 -44.81
N VAL X 57 25.60 -31.28 -45.32
CA VAL X 57 26.53 -30.24 -45.73
C VAL X 57 27.03 -29.51 -44.50
N PRO X 58 28.33 -29.42 -44.30
CA PRO X 58 28.85 -28.74 -43.11
C PRO X 58 28.78 -27.23 -43.30
N THR X 59 27.83 -26.62 -42.62
CA THR X 59 27.85 -25.16 -42.46
C THR X 59 28.65 -24.83 -41.21
N LEU X 60 28.70 -23.54 -40.89
CA LEU X 60 29.36 -23.12 -39.67
C LEU X 60 28.38 -22.64 -38.62
N ASP X 61 27.12 -22.46 -38.98
CA ASP X 61 26.10 -21.94 -38.10
C ASP X 61 25.76 -22.98 -37.04
N PRO X 62 26.09 -22.72 -35.77
CA PRO X 62 25.67 -23.63 -34.70
C PRO X 62 24.17 -23.70 -34.53
N CYS X 63 23.42 -22.83 -35.20
CA CYS X 63 21.97 -22.92 -35.16
C CYS X 63 21.44 -24.02 -36.07
N ASP X 64 22.24 -24.51 -36.99
CA ASP X 64 21.81 -25.54 -37.93
C ASP X 64 22.10 -26.92 -37.36
N TYR X 65 21.09 -27.78 -37.31
CA TYR X 65 21.22 -29.08 -36.69
C TYR X 65 20.45 -30.12 -37.49
N VAL X 66 20.88 -31.37 -37.35
CA VAL X 66 20.27 -32.50 -38.03
C VAL X 66 20.04 -33.59 -37.00
N LYS X 67 18.82 -34.09 -36.92
CA LYS X 67 18.45 -35.14 -35.98
C LYS X 67 18.21 -36.43 -36.74
N GLY X 68 19.09 -37.41 -36.52
CA GLY X 68 18.93 -38.73 -37.13
C GLY X 68 19.34 -39.80 -36.15
N ILE X 69 18.91 -41.03 -36.45
CA ILE X 69 19.14 -42.15 -35.56
C ILE X 69 20.52 -42.74 -35.83
N LEU X 70 20.99 -43.53 -34.88
CA LEU X 70 22.26 -44.26 -34.99
C LEU X 70 21.97 -45.74 -35.11
N VAL X 71 22.51 -46.35 -36.16
CA VAL X 71 22.45 -47.79 -36.35
C VAL X 71 23.88 -48.32 -36.37
N ALA X 72 24.04 -49.58 -35.98
CA ALA X 72 25.33 -50.25 -36.13
C ALA X 72 25.43 -50.80 -37.54
N GLY X 73 26.49 -50.47 -38.24
CA GLY X 73 26.67 -50.91 -39.60
C GLY X 73 27.65 -50.05 -40.35
N THR X 74 27.89 -50.44 -41.60
CA THR X 74 28.83 -49.78 -42.48
C THR X 74 28.10 -49.39 -43.75
N PRO X 75 28.56 -48.35 -44.46
CA PRO X 75 27.77 -47.85 -45.60
C PRO X 75 27.79 -48.74 -46.83
N GLN X 76 27.05 -49.84 -46.78
CA GLN X 76 26.72 -50.63 -47.97
C GLN X 76 27.95 -51.17 -48.71
N GLN X 77 29.14 -50.92 -48.18
CA GLN X 77 30.40 -51.34 -48.79
C GLN X 77 30.47 -50.92 -50.27
N ALA X 78 29.95 -49.72 -50.54
CA ALA X 78 30.11 -49.06 -51.82
C ALA X 78 30.34 -47.57 -51.60
N GLN X 79 30.97 -47.23 -50.48
CA GLN X 79 31.01 -45.88 -49.95
C GLN X 79 32.33 -45.71 -49.20
N SER X 80 32.36 -44.76 -48.27
CA SER X 80 33.47 -44.35 -47.41
C SER X 80 34.39 -43.33 -48.08
N ASN X 81 34.02 -42.80 -49.24
CA ASN X 81 34.67 -41.60 -49.75
C ASN X 81 33.79 -40.37 -49.60
N ASP X 82 32.46 -40.55 -49.61
CA ASP X 82 31.51 -39.47 -49.37
C ASP X 82 30.87 -39.60 -48.00
N PHE X 83 31.59 -40.17 -47.03
CA PHE X 83 31.11 -40.33 -45.68
C PHE X 83 32.10 -39.74 -44.70
N LEU X 84 31.60 -39.49 -43.48
CA LEU X 84 32.41 -38.92 -42.41
C LEU X 84 32.73 -40.03 -41.43
N THR X 85 33.98 -40.45 -41.41
CA THR X 85 34.43 -41.50 -40.52
C THR X 85 35.15 -40.89 -39.33
N LEU X 86 34.69 -41.20 -38.12
CA LEU X 86 35.33 -40.66 -36.93
C LEU X 86 34.94 -41.50 -35.72
N LYS X 87 35.88 -41.62 -34.80
CA LYS X 87 35.70 -42.43 -33.59
C LYS X 87 35.72 -41.51 -32.38
N LEU X 88 34.64 -41.55 -31.61
CA LEU X 88 34.37 -40.60 -30.54
C LEU X 88 34.05 -41.35 -29.26
N PRO X 89 34.47 -40.84 -28.10
CA PRO X 89 34.29 -41.62 -26.87
C PRO X 89 32.92 -41.48 -26.24
N ALA X 90 31.87 -41.50 -27.06
CA ALA X 90 30.50 -41.78 -26.62
C ALA X 90 29.96 -40.87 -25.54
N ASN X 91 30.76 -39.91 -25.08
CA ASN X 91 30.26 -38.86 -24.20
C ASN X 91 30.30 -37.51 -24.88
N LYS X 92 30.81 -37.45 -26.10
CA LYS X 92 30.70 -36.28 -26.95
C LYS X 92 29.49 -36.33 -27.87
N LEU X 93 28.86 -37.49 -28.00
CA LEU X 93 27.68 -37.61 -28.85
C LEU X 93 26.56 -36.79 -28.24
N TYR X 94 26.15 -35.74 -28.93
CA TYR X 94 25.05 -34.92 -28.44
C TYR X 94 23.74 -35.68 -28.61
N LEU X 95 23.34 -36.38 -27.56
CA LEU X 95 22.19 -37.28 -27.60
C LEU X 95 20.96 -36.64 -26.96
N ILE X 96 19.79 -37.08 -27.41
CA ILE X 96 18.51 -36.65 -26.87
C ILE X 96 17.77 -37.89 -26.43
N ARG X 97 16.80 -37.72 -25.54
CA ARG X 97 15.94 -38.81 -25.09
C ARG X 97 16.77 -39.95 -24.51
N LYS X 98 17.82 -39.60 -23.76
CA LYS X 98 18.74 -40.59 -23.26
C LYS X 98 18.02 -41.62 -22.41
N LYS X 99 18.30 -42.89 -22.69
CA LYS X 99 17.74 -44.00 -21.92
C LYS X 99 18.79 -44.81 -21.19
N GLY X 100 19.84 -45.24 -21.89
CA GLY X 100 20.89 -46.05 -21.30
C GLY X 100 22.20 -45.29 -21.17
N ASN X 101 23.26 -46.07 -21.01
CA ASN X 101 24.62 -45.53 -20.97
C ASN X 101 25.45 -46.19 -22.06
N ILE X 102 26.47 -45.48 -22.53
CA ILE X 102 27.20 -45.86 -23.73
C ILE X 102 28.61 -46.30 -23.37
N SER X 103 29.27 -46.96 -24.32
CA SER X 103 30.51 -47.69 -24.09
C SER X 103 31.75 -46.84 -24.31
N ASP X 104 31.66 -45.53 -24.13
CA ASP X 104 32.78 -44.58 -24.07
C ASP X 104 33.79 -44.75 -25.22
N ASP X 105 33.42 -45.47 -26.29
CA ASP X 105 34.23 -45.50 -27.49
C ASP X 105 33.46 -46.10 -28.66
N LEU X 106 33.28 -45.33 -29.74
CA LEU X 106 32.44 -45.75 -30.85
C LEU X 106 32.99 -45.19 -32.15
N LYS X 107 32.78 -45.94 -33.24
CA LYS X 107 33.07 -45.48 -34.58
C LYS X 107 31.77 -45.01 -35.22
N ILE X 108 31.80 -43.82 -35.83
CA ILE X 108 30.61 -43.18 -36.35
C ILE X 108 30.83 -42.83 -37.81
N TYR X 109 29.94 -43.29 -38.67
CA TYR X 109 29.90 -42.91 -40.07
C TYR X 109 28.71 -42.02 -40.32
N ILE X 110 28.94 -40.86 -40.91
CA ILE X 110 27.88 -39.88 -41.14
C ILE X 110 27.81 -39.55 -42.62
N PRO X 111 26.62 -39.58 -43.23
CA PRO X 111 26.48 -39.11 -44.61
C PRO X 111 26.97 -37.68 -44.77
N TYR X 112 28.07 -37.52 -45.50
CA TYR X 112 28.78 -36.26 -45.58
C TYR X 112 28.81 -35.80 -47.02
N SER X 113 29.13 -34.52 -47.21
CA SER X 113 29.24 -33.99 -48.56
C SER X 113 30.23 -32.84 -48.56
N SER X 114 30.70 -32.52 -49.76
CA SER X 114 31.58 -31.38 -49.93
C SER X 114 30.78 -30.10 -49.80
N PRO X 115 31.43 -29.00 -49.39
CA PRO X 115 30.69 -27.75 -49.19
C PRO X 115 30.18 -27.14 -50.49
N ASP X 116 30.95 -27.20 -51.57
CA ASP X 116 30.56 -26.63 -52.87
C ASP X 116 30.30 -25.13 -52.76
N ALA X 117 31.39 -24.38 -52.60
CA ALA X 117 31.31 -22.93 -52.45
C ALA X 117 30.83 -22.27 -53.73
N ARG X 118 29.56 -22.51 -54.07
CA ARG X 118 28.95 -21.95 -55.28
C ARG X 118 27.59 -21.32 -55.01
N ASN X 119 27.07 -21.42 -53.79
CA ASN X 119 25.76 -20.87 -53.47
C ASN X 119 25.71 -20.55 -51.98
N SER X 120 24.91 -19.54 -51.63
CA SER X 120 24.64 -19.26 -50.24
C SER X 120 23.74 -20.34 -49.67
N MET X 121 24.21 -21.02 -48.62
CA MET X 121 23.50 -22.16 -48.06
C MET X 121 22.46 -21.67 -47.06
N LYS X 122 21.49 -20.92 -47.60
CA LYS X 122 20.37 -20.44 -46.79
C LYS X 122 19.55 -21.64 -46.37
N THR X 123 19.63 -21.98 -45.08
CA THR X 123 18.98 -23.16 -44.54
C THR X 123 17.59 -22.84 -44.02
N LYS X 124 16.70 -23.82 -44.10
CA LYS X 124 15.34 -23.65 -43.65
C LYS X 124 15.00 -24.73 -42.64
N PRO X 125 14.45 -24.38 -41.48
CA PRO X 125 14.06 -25.40 -40.50
C PRO X 125 12.86 -26.18 -41.01
N VAL X 126 13.07 -27.48 -41.21
CA VAL X 126 12.06 -28.33 -41.84
C VAL X 126 11.61 -29.36 -40.82
N SER X 127 10.46 -29.14 -40.21
CA SER X 127 9.89 -30.12 -39.31
C SER X 127 9.26 -31.26 -40.12
N ILE X 128 8.90 -32.32 -39.43
CA ILE X 128 8.42 -33.54 -40.07
C ILE X 128 6.95 -33.71 -39.70
N SER X 129 6.08 -33.30 -40.62
CA SER X 129 4.65 -33.53 -40.58
C SER X 129 4.28 -34.35 -41.81
N ASP X 130 2.98 -34.40 -42.13
CA ASP X 130 2.48 -35.16 -43.27
C ASP X 130 2.76 -36.65 -43.10
N ASP X 131 2.03 -37.21 -42.13
CA ASP X 131 2.08 -38.62 -41.73
C ASP X 131 2.22 -39.58 -42.91
N THR X 132 1.71 -39.19 -44.08
CA THR X 132 1.97 -39.96 -45.28
C THR X 132 3.46 -40.14 -45.51
N ILE X 133 4.27 -39.16 -45.09
CA ILE X 133 5.72 -39.34 -45.07
C ILE X 133 6.17 -40.05 -43.80
N VAL X 134 5.27 -40.25 -42.84
CA VAL X 134 5.61 -40.96 -41.61
C VAL X 134 5.23 -42.44 -41.70
N ASN X 135 3.97 -42.72 -42.04
CA ASN X 135 3.51 -44.11 -42.07
C ASN X 135 4.39 -44.96 -42.98
N ASN X 136 4.92 -44.37 -44.05
CA ASN X 136 5.78 -45.12 -44.94
C ASN X 136 7.17 -45.33 -44.35
N ILE X 137 7.80 -44.25 -43.88
CA ILE X 137 9.17 -44.33 -43.36
C ILE X 137 9.26 -45.27 -42.18
N ILE X 138 8.15 -45.49 -41.45
CA ILE X 138 8.13 -46.54 -40.45
C ILE X 138 8.51 -47.87 -41.07
N LYS X 139 8.07 -48.11 -42.31
CA LYS X 139 8.51 -49.30 -43.02
C LYS X 139 9.92 -49.11 -43.59
N GLU X 140 10.21 -47.94 -44.16
CA GLU X 140 11.44 -47.77 -44.91
C GLU X 140 12.67 -47.79 -44.01
N VAL X 141 12.54 -47.44 -42.74
CA VAL X 141 13.69 -47.53 -41.84
C VAL X 141 13.35 -48.30 -40.57
N PHE X 142 12.29 -47.89 -39.87
CA PHE X 142 11.98 -48.48 -38.57
C PHE X 142 11.38 -49.87 -38.67
N ASP X 143 11.28 -50.42 -39.88
CA ASP X 143 11.01 -51.83 -40.06
C ASP X 143 12.17 -52.57 -40.72
N LYS X 144 12.99 -51.88 -41.51
CA LYS X 144 14.19 -52.49 -42.03
C LYS X 144 15.23 -52.70 -40.94
N ILE X 145 15.19 -51.89 -39.88
CA ILE X 145 16.21 -51.91 -38.85
C ILE X 145 15.67 -52.45 -37.54
N TYR X 146 14.41 -52.15 -37.22
CA TYR X 146 13.77 -52.61 -36.00
C TYR X 146 12.54 -53.42 -36.41
N ASN X 147 12.73 -54.72 -36.65
CA ASN X 147 11.58 -55.59 -36.94
C ASN X 147 10.58 -55.60 -35.80
N ILE X 148 11.04 -55.33 -34.58
CA ILE X 148 10.22 -55.34 -33.38
C ILE X 148 8.99 -54.45 -33.57
N THR X 149 9.08 -53.50 -34.48
CA THR X 149 7.90 -52.75 -34.89
C THR X 149 6.86 -53.70 -35.46
N GLN X 150 5.65 -53.66 -34.88
CA GLN X 150 4.58 -54.63 -35.11
C GLN X 150 4.90 -56.00 -34.51
N LYS X 151 5.80 -56.05 -33.54
CA LYS X 151 6.08 -57.27 -32.80
C LYS X 151 5.93 -57.09 -31.30
N GLU X 152 6.25 -55.91 -30.78
CA GLU X 152 6.09 -55.60 -29.37
C GLU X 152 5.47 -54.25 -29.10
N LYS X 153 5.41 -53.35 -30.09
CA LYS X 153 4.95 -51.98 -29.88
C LYS X 153 3.56 -51.81 -30.48
N VAL X 154 2.55 -52.15 -29.68
CA VAL X 154 1.18 -51.83 -30.04
C VAL X 154 0.99 -50.33 -30.22
N LYS X 155 1.86 -49.54 -29.62
CA LYS X 155 1.77 -48.08 -29.71
C LYS X 155 2.50 -47.57 -30.96
N ILE X 156 1.95 -47.96 -32.11
CA ILE X 156 2.36 -47.33 -33.36
C ILE X 156 2.06 -45.85 -33.32
N GLU X 157 0.95 -45.48 -32.67
CA GLU X 157 0.66 -44.08 -32.42
C GLU X 157 1.83 -43.38 -31.72
N LYS X 158 2.44 -44.05 -30.74
CA LYS X 158 3.56 -43.46 -30.02
C LYS X 158 4.74 -43.23 -30.94
N VAL X 159 5.23 -44.29 -31.58
CA VAL X 159 6.33 -44.16 -32.51
C VAL X 159 5.98 -43.31 -33.70
N LYS X 160 4.69 -43.10 -33.96
CA LYS X 160 4.30 -42.08 -34.92
C LYS X 160 4.26 -40.68 -34.30
N GLU X 161 3.70 -40.55 -33.10
CA GLU X 161 3.51 -39.24 -32.49
C GLU X 161 4.83 -38.51 -32.23
N ASP X 162 5.90 -39.24 -32.00
CA ASP X 162 7.17 -38.62 -31.65
C ASP X 162 7.98 -38.26 -32.89
N ILE X 163 8.07 -39.17 -33.87
CA ILE X 163 8.75 -38.83 -35.12
C ILE X 163 8.09 -37.63 -35.79
N LYS X 164 6.80 -37.42 -35.52
CA LYS X 164 6.15 -36.20 -36.01
C LYS X 164 6.76 -34.95 -35.38
N GLU X 165 7.39 -35.10 -34.22
CA GLU X 165 7.94 -33.97 -33.50
C GLU X 165 9.41 -34.12 -33.13
N LEU X 166 9.86 -35.34 -32.85
CA LEU X 166 11.21 -35.52 -32.34
C LEU X 166 12.26 -35.23 -33.40
N PHE X 167 11.98 -35.56 -34.65
CA PHE X 167 12.97 -35.47 -35.71
C PHE X 167 12.75 -34.20 -36.52
N SER X 168 13.78 -33.37 -36.60
CA SER X 168 13.76 -32.17 -37.40
C SER X 168 15.15 -31.95 -37.94
N TYR X 169 15.30 -30.93 -38.78
CA TYR X 169 16.57 -30.66 -39.42
C TYR X 169 16.47 -29.33 -40.14
N TYR X 170 17.61 -28.83 -40.58
CA TYR X 170 17.68 -27.66 -41.43
C TYR X 170 18.04 -28.11 -42.84
N ALA X 171 17.21 -27.74 -43.81
CA ALA X 171 17.43 -28.10 -45.19
C ALA X 171 17.95 -26.90 -45.95
N LEU X 172 18.87 -27.15 -46.88
CA LEU X 172 19.28 -26.09 -47.79
C LEU X 172 18.16 -25.70 -48.73
N GLU X 173 17.35 -26.68 -49.15
CA GLU X 173 16.30 -26.49 -50.13
C GLU X 173 16.85 -25.88 -51.43
N GLN X 174 18.01 -26.37 -51.83
CA GLN X 174 18.56 -26.08 -53.15
C GLN X 174 19.11 -27.36 -53.75
N SER Y 2 65.19 -56.47 10.83
CA SER Y 2 63.76 -56.22 10.72
C SER Y 2 63.26 -56.41 9.28
N THR Y 3 62.24 -55.64 8.92
CA THR Y 3 61.67 -55.69 7.58
C THR Y 3 61.60 -54.27 7.02
N GLN Y 4 61.95 -54.13 5.75
CA GLN Y 4 61.99 -52.84 5.08
C GLN Y 4 61.13 -52.91 3.84
N ARG Y 5 60.21 -51.97 3.69
CA ARG Y 5 59.26 -51.96 2.59
C ARG Y 5 59.70 -51.02 1.48
N GLU Y 6 59.09 -51.20 0.32
CA GLU Y 6 59.38 -50.39 -0.86
C GLU Y 6 58.09 -49.82 -1.40
N TYR Y 7 58.07 -48.51 -1.62
CA TYR Y 7 56.93 -47.85 -2.23
C TYR Y 7 57.26 -47.54 -3.68
N VAL Y 8 56.41 -48.01 -4.59
CA VAL Y 8 56.60 -47.77 -6.01
C VAL Y 8 55.37 -47.01 -6.51
N PHE Y 9 55.62 -45.84 -7.07
CA PHE Y 9 54.60 -45.09 -7.79
C PHE Y 9 53.91 -45.98 -8.81
N ILE Y 10 52.68 -45.65 -9.15
CA ILE Y 10 52.00 -46.35 -10.24
C ILE Y 10 51.40 -45.34 -11.21
N PRO Y 11 52.22 -44.66 -12.01
CA PRO Y 11 51.68 -43.81 -13.06
C PRO Y 11 51.39 -44.61 -14.32
N ILE Y 12 50.75 -43.98 -15.31
CA ILE Y 12 50.48 -44.67 -16.57
C ILE Y 12 51.73 -44.89 -17.39
N THR Y 13 52.84 -44.27 -17.02
CA THR Y 13 54.10 -44.47 -17.71
C THR Y 13 54.74 -45.78 -17.28
N ASN Y 14 55.39 -46.45 -18.22
CA ASN Y 14 56.07 -47.70 -17.92
C ASN Y 14 57.44 -47.44 -17.31
N SER Y 15 57.50 -46.55 -16.33
CA SER Y 15 58.73 -46.23 -15.61
C SER Y 15 58.80 -46.97 -14.28
N ILE Y 16 58.14 -48.13 -14.20
CA ILE Y 16 57.92 -48.80 -12.93
C ILE Y 16 58.44 -50.23 -12.90
N THR Y 17 58.72 -50.83 -14.06
CA THR Y 17 59.01 -52.26 -14.16
C THR Y 17 60.20 -52.68 -13.29
N ILE Y 18 61.38 -52.19 -13.60
CA ILE Y 18 62.61 -52.71 -13.02
C ILE Y 18 63.24 -51.70 -12.05
N ASP Y 19 62.85 -51.79 -10.78
CA ASP Y 19 63.42 -50.89 -9.77
C ASP Y 19 63.73 -51.58 -8.45
N VAL Y 20 63.40 -52.85 -8.30
CA VAL Y 20 63.60 -53.59 -7.05
C VAL Y 20 64.02 -55.02 -7.41
N LYS Y 21 64.79 -55.64 -6.51
CA LYS Y 21 65.23 -57.00 -6.76
C LYS Y 21 64.37 -57.99 -6.00
N ILE Y 22 63.89 -57.59 -4.84
CA ILE Y 22 63.13 -58.48 -3.96
C ILE Y 22 61.68 -58.45 -4.40
N THR Y 23 61.17 -59.62 -4.80
CA THR Y 23 59.77 -59.79 -5.15
C THR Y 23 58.96 -60.28 -3.95
N ILE Y 24 59.51 -61.21 -3.19
CA ILE Y 24 58.92 -61.59 -1.91
C ILE Y 24 59.94 -61.34 -0.81
N GLY Y 25 61.08 -62.04 -0.86
CA GLY Y 25 62.17 -61.76 0.05
C GLY Y 25 61.85 -62.13 1.47
N GLY Y 26 60.94 -61.36 2.08
CA GLY Y 26 60.53 -61.59 3.45
C GLY Y 26 59.39 -62.58 3.57
N SER Y 27 58.34 -62.21 4.30
CA SER Y 27 57.23 -63.10 4.55
C SER Y 27 55.86 -62.48 4.32
N ASP Y 28 55.79 -61.23 3.84
CA ASP Y 28 54.50 -60.60 3.63
C ASP Y 28 54.68 -59.34 2.80
N HIS Y 29 53.55 -58.80 2.34
CA HIS Y 29 53.49 -57.55 1.60
C HIS Y 29 52.42 -56.68 2.23
N ILE Y 30 52.72 -55.40 2.46
CA ILE Y 30 51.73 -54.51 3.04
C ILE Y 30 50.51 -54.40 2.15
N THR Y 31 50.72 -54.05 0.89
CA THR Y 31 49.62 -54.02 -0.06
C THR Y 31 49.21 -55.45 -0.40
N ASN Y 32 47.91 -55.64 -0.64
CA ASN Y 32 47.36 -56.98 -0.87
C ASN Y 32 46.36 -56.95 -2.01
N ILE Y 33 45.93 -58.13 -2.43
CA ILE Y 33 44.81 -58.30 -3.34
C ILE Y 33 43.97 -59.49 -2.88
N ASP Y 34 42.83 -59.22 -2.25
CA ASP Y 34 42.03 -60.28 -1.61
C ASP Y 34 40.56 -60.16 -2.03
N GLU Y 35 40.23 -60.72 -3.20
CA GLU Y 35 38.86 -61.02 -3.63
C GLU Y 35 37.94 -59.82 -3.53
N ARG Y 36 38.50 -58.65 -3.25
CA ARG Y 36 37.75 -57.40 -3.24
C ARG Y 36 38.51 -56.27 -3.89
N GLY Y 37 39.74 -56.51 -4.35
CA GLY Y 37 40.56 -55.47 -4.91
C GLY Y 37 41.84 -55.28 -4.13
N ILE Y 38 42.53 -54.20 -4.40
CA ILE Y 38 43.79 -53.89 -3.74
C ILE Y 38 43.48 -53.33 -2.37
N HIS Y 39 44.38 -53.53 -1.41
CA HIS Y 39 44.14 -53.06 -0.06
C HIS Y 39 45.43 -52.46 0.51
N ASN Y 40 45.25 -51.55 1.45
CA ASN Y 40 46.36 -50.90 2.15
C ASN Y 40 47.25 -50.12 1.20
N VAL Y 41 46.66 -49.54 0.14
CA VAL Y 41 47.41 -48.67 -0.75
C VAL Y 41 47.97 -47.49 0.04
N LEU Y 42 49.18 -47.07 -0.32
CA LEU Y 42 49.78 -45.90 0.30
C LEU Y 42 49.51 -44.66 -0.55
N VAL Y 43 49.37 -43.52 0.11
CA VAL Y 43 49.24 -42.23 -0.55
C VAL Y 43 50.30 -41.30 0.02
N ILE Y 44 51.11 -40.74 -0.86
CA ILE Y 44 52.17 -39.83 -0.46
C ILE Y 44 51.74 -38.43 -0.86
N THR Y 45 51.39 -37.62 0.13
CA THR Y 45 50.89 -36.29 -0.12
C THR Y 45 52.02 -35.29 -0.17
N GLY Y 46 51.84 -34.25 -0.98
CA GLY Y 46 52.84 -33.21 -1.11
C GLY Y 46 53.92 -33.50 -2.12
N TYR Y 47 53.85 -34.62 -2.83
CA TYR Y 47 54.82 -34.97 -3.86
C TYR Y 47 54.11 -35.20 -5.18
N ALA Y 48 54.82 -34.94 -6.27
CA ALA Y 48 54.34 -35.25 -7.61
C ALA Y 48 55.40 -36.06 -8.34
N VAL Y 49 54.97 -36.81 -9.34
CA VAL Y 49 55.90 -37.67 -10.07
C VAL Y 49 56.66 -36.84 -11.10
N ASP Y 50 57.73 -37.44 -11.62
CA ASP Y 50 58.61 -36.81 -12.60
C ASP Y 50 58.83 -37.74 -13.77
N GLU Y 51 57.73 -38.18 -14.40
CA GLU Y 51 57.69 -39.29 -15.36
C GLU Y 51 58.89 -39.39 -16.29
N LYS Y 52 59.50 -38.27 -16.66
CA LYS Y 52 60.83 -38.31 -17.27
C LYS Y 52 61.83 -38.67 -16.18
N ASN Y 53 62.13 -39.96 -16.05
CA ASN Y 53 62.69 -40.54 -14.83
C ASN Y 53 61.73 -40.35 -13.67
N GLY Y 54 60.60 -41.05 -13.78
CA GLY Y 54 59.51 -40.91 -12.84
C GLY Y 54 59.86 -41.19 -11.40
N ARG Y 55 60.00 -40.13 -10.61
CA ARG Y 55 60.28 -40.23 -9.18
C ARG Y 55 59.56 -39.09 -8.48
N LEU Y 56 59.30 -39.27 -7.19
CA LEU Y 56 58.48 -38.32 -6.45
C LEU Y 56 59.28 -37.07 -6.19
N VAL Y 57 59.05 -36.04 -6.98
CA VAL Y 57 59.68 -34.74 -6.72
C VAL Y 57 58.90 -34.04 -5.62
N PRO Y 58 59.55 -33.58 -4.57
CA PRO Y 58 58.85 -32.97 -3.45
C PRO Y 58 58.46 -31.52 -3.75
N THR Y 59 57.17 -31.30 -3.94
CA THR Y 59 56.62 -29.96 -3.87
C THR Y 59 56.16 -29.69 -2.44
N LEU Y 60 55.43 -28.59 -2.27
CA LEU Y 60 54.90 -28.26 -0.95
C LEU Y 60 53.40 -28.07 -0.97
N ASP Y 61 52.75 -28.33 -2.09
CA ASP Y 61 51.30 -28.26 -2.15
C ASP Y 61 50.71 -29.47 -1.45
N PRO Y 62 49.88 -29.29 -0.43
CA PRO Y 62 49.18 -30.44 0.17
C PRO Y 62 48.17 -31.07 -0.74
N CYS Y 63 47.88 -30.48 -1.89
CA CYS Y 63 46.95 -31.07 -2.85
C CYS Y 63 47.62 -31.98 -3.85
N ASP Y 64 48.94 -32.03 -3.85
CA ASP Y 64 49.67 -32.96 -4.70
C ASP Y 64 49.86 -34.27 -3.96
N TYR Y 65 49.53 -35.38 -4.62
CA TYR Y 65 49.59 -36.67 -3.99
C TYR Y 65 49.93 -37.72 -5.03
N VAL Y 66 50.73 -38.70 -4.61
CA VAL Y 66 51.08 -39.85 -5.44
C VAL Y 66 50.61 -41.10 -4.74
N LYS Y 67 49.91 -41.96 -5.47
CA LYS Y 67 49.41 -43.22 -4.92
C LYS Y 67 50.14 -44.38 -5.57
N GLY Y 68 50.60 -45.31 -4.74
CA GLY Y 68 51.30 -46.48 -5.23
C GLY Y 68 50.99 -47.69 -4.39
N ILE Y 69 51.98 -48.57 -4.27
CA ILE Y 69 51.85 -49.77 -3.45
C ILE Y 69 53.13 -49.95 -2.66
N LEU Y 70 52.98 -50.38 -1.41
CA LEU Y 70 54.11 -50.77 -0.59
C LEU Y 70 54.37 -52.25 -0.76
N VAL Y 71 55.63 -52.61 -0.97
CA VAL Y 71 56.04 -53.99 -1.11
C VAL Y 71 57.37 -54.16 -0.39
N ALA Y 72 57.57 -55.31 0.23
CA ALA Y 72 58.85 -55.60 0.85
C ALA Y 72 59.92 -55.71 -0.22
N GLY Y 73 61.05 -55.05 0.00
CA GLY Y 73 62.10 -55.08 -1.00
C GLY Y 73 63.20 -54.08 -0.65
N THR Y 74 64.05 -53.86 -1.65
CA THR Y 74 65.24 -53.03 -1.58
C THR Y 74 65.54 -52.66 -3.03
N PRO Y 75 65.87 -51.40 -3.32
CA PRO Y 75 65.92 -50.97 -4.72
C PRO Y 75 67.14 -51.44 -5.49
N GLN Y 76 66.96 -52.50 -6.29
CA GLN Y 76 67.82 -52.87 -7.40
C GLN Y 76 69.28 -53.13 -6.99
N GLN Y 77 69.59 -52.96 -5.72
CA GLN Y 77 70.96 -52.93 -5.21
C GLN Y 77 71.88 -52.17 -6.17
N ALA Y 78 71.42 -51.00 -6.59
CA ALA Y 78 72.25 -50.06 -7.34
C ALA Y 78 71.94 -48.63 -6.91
N GLN Y 79 71.43 -48.46 -5.68
CA GLN Y 79 70.78 -47.22 -5.26
C GLN Y 79 71.21 -46.96 -3.81
N SER Y 80 70.40 -46.17 -3.11
CA SER Y 80 70.60 -45.55 -1.79
C SER Y 80 71.31 -44.21 -1.94
N ASN Y 81 71.55 -43.74 -3.16
CA ASN Y 81 71.97 -42.38 -3.42
C ASN Y 81 70.85 -41.52 -3.96
N ASP Y 82 69.77 -42.12 -4.47
CA ASP Y 82 68.65 -41.37 -5.01
C ASP Y 82 67.31 -41.99 -4.62
N PHE Y 83 67.20 -42.45 -3.38
CA PHE Y 83 65.94 -42.93 -2.82
C PHE Y 83 65.69 -42.26 -1.48
N LEU Y 84 64.41 -42.02 -1.20
CA LEU Y 84 64.00 -41.38 0.05
C LEU Y 84 63.80 -42.47 1.10
N THR Y 85 64.69 -42.50 2.09
CA THR Y 85 64.61 -43.48 3.16
C THR Y 85 64.22 -42.79 4.46
N LEU Y 86 63.40 -43.47 5.25
CA LEU Y 86 62.89 -42.94 6.50
C LEU Y 86 62.15 -44.05 7.23
N LYS Y 87 62.26 -44.05 8.56
CA LYS Y 87 61.66 -45.08 9.41
C LYS Y 87 60.56 -44.46 10.26
N LEU Y 88 59.36 -45.02 10.18
CA LEU Y 88 58.18 -44.50 10.82
C LEU Y 88 57.47 -45.61 11.58
N PRO Y 89 56.63 -45.26 12.56
CA PRO Y 89 55.88 -46.29 13.27
C PRO Y 89 54.59 -46.70 12.59
N ALA Y 90 54.62 -46.83 11.26
CA ALA Y 90 53.65 -47.61 10.51
C ALA Y 90 52.20 -47.18 10.68
N ASN Y 91 51.95 -46.15 11.48
CA ASN Y 91 50.62 -45.57 11.58
C ASN Y 91 50.59 -44.15 11.06
N LYS Y 92 51.75 -43.54 10.83
CA LYS Y 92 51.88 -42.27 10.17
C LYS Y 92 51.56 -42.36 8.68
N LEU Y 93 51.18 -43.53 8.20
CA LEU Y 93 51.04 -43.79 6.78
C LEU Y 93 49.59 -43.57 6.35
N TYR Y 94 49.40 -42.68 5.38
CA TYR Y 94 48.09 -42.49 4.78
C TYR Y 94 47.75 -43.71 3.96
N LEU Y 95 47.00 -44.64 4.54
CA LEU Y 95 46.70 -45.90 3.89
C LEU Y 95 45.26 -45.92 3.39
N ILE Y 96 45.06 -46.48 2.20
CA ILE Y 96 43.76 -46.50 1.54
C ILE Y 96 43.22 -47.92 1.56
N ARG Y 97 41.94 -48.05 1.90
CA ARG Y 97 41.28 -49.34 1.99
C ARG Y 97 42.03 -50.26 2.96
N LYS Y 98 42.18 -49.76 4.19
CA LYS Y 98 42.90 -50.50 5.21
C LYS Y 98 42.29 -51.88 5.41
N LYS Y 99 43.13 -52.91 5.37
CA LYS Y 99 42.69 -54.29 5.48
C LYS Y 99 43.01 -54.87 6.85
N GLY Y 100 44.26 -54.79 7.28
CA GLY Y 100 44.67 -55.26 8.58
C GLY Y 100 45.46 -54.22 9.37
N ASN Y 101 46.07 -54.69 10.44
CA ASN Y 101 46.96 -53.87 11.25
C ASN Y 101 48.41 -54.10 10.83
N ILE Y 102 49.26 -53.13 11.12
CA ILE Y 102 50.66 -53.16 10.71
C ILE Y 102 51.55 -53.26 11.95
N SER Y 103 52.76 -53.75 11.74
CA SER Y 103 53.70 -54.10 12.80
C SER Y 103 54.23 -52.91 13.58
N ASP Y 104 53.83 -51.68 13.23
CA ASP Y 104 54.16 -50.47 13.98
C ASP Y 104 55.66 -50.22 14.08
N ASP Y 105 56.44 -50.69 13.10
CA ASP Y 105 57.83 -50.30 12.97
C ASP Y 105 58.30 -50.63 11.57
N LEU Y 106 58.82 -49.63 10.87
CA LEU Y 106 59.08 -49.83 9.45
C LEU Y 106 59.95 -48.71 8.90
N LYS Y 107 60.90 -49.08 8.05
CA LYS Y 107 61.69 -48.15 7.26
C LYS Y 107 61.26 -48.28 5.81
N ILE Y 108 61.00 -47.15 5.16
CA ILE Y 108 60.41 -47.12 3.83
C ILE Y 108 61.36 -46.45 2.86
N TYR Y 109 61.59 -47.08 1.72
CA TYR Y 109 62.28 -46.47 0.60
C TYR Y 109 61.27 -45.81 -0.32
N ILE Y 110 61.62 -44.62 -0.81
CA ILE Y 110 60.76 -43.90 -1.75
C ILE Y 110 61.62 -43.30 -2.85
N PRO Y 111 61.27 -43.51 -4.12
CA PRO Y 111 62.02 -42.90 -5.21
C PRO Y 111 62.02 -41.38 -5.12
N TYR Y 112 63.19 -40.81 -4.92
CA TYR Y 112 63.33 -39.41 -4.57
C TYR Y 112 64.10 -38.68 -5.67
N SER Y 113 63.86 -37.38 -5.77
CA SER Y 113 64.59 -36.51 -6.67
C SER Y 113 64.83 -35.17 -6.00
N SER Y 114 65.97 -34.57 -6.30
CA SER Y 114 66.20 -33.22 -5.84
C SER Y 114 65.20 -32.28 -6.52
N PRO Y 115 64.72 -31.26 -5.82
CA PRO Y 115 63.71 -30.38 -6.40
C PRO Y 115 64.14 -29.76 -7.72
N ASP Y 116 65.43 -29.51 -7.93
CA ASP Y 116 65.94 -28.91 -9.15
C ASP Y 116 65.32 -27.54 -9.39
N ALA Y 117 65.72 -26.59 -8.54
CA ALA Y 117 65.15 -25.26 -8.55
C ALA Y 117 65.55 -24.52 -9.82
N ARG Y 118 64.92 -24.89 -10.93
CA ARG Y 118 65.17 -24.28 -12.22
C ARG Y 118 63.90 -23.83 -12.93
N ASN Y 119 62.74 -24.33 -12.53
CA ASN Y 119 61.51 -24.10 -13.27
C ASN Y 119 60.35 -24.09 -12.30
N SER Y 120 59.24 -23.48 -12.71
CA SER Y 120 58.01 -23.55 -11.94
C SER Y 120 57.47 -24.97 -11.99
N MET Y 121 57.04 -25.47 -10.83
CA MET Y 121 56.55 -26.85 -10.74
C MET Y 121 55.03 -26.87 -10.79
N LYS Y 122 54.50 -26.50 -11.95
CA LYS Y 122 53.07 -26.64 -12.19
C LYS Y 122 52.75 -28.12 -12.32
N THR Y 123 51.84 -28.61 -11.48
CA THR Y 123 51.47 -30.00 -11.49
C THR Y 123 50.08 -30.16 -12.10
N LYS Y 124 49.82 -31.37 -12.59
CA LYS Y 124 48.60 -31.67 -13.29
C LYS Y 124 48.11 -33.03 -12.83
N PRO Y 125 46.82 -33.18 -12.58
CA PRO Y 125 46.31 -34.48 -12.13
C PRO Y 125 46.26 -35.45 -13.29
N VAL Y 126 46.60 -36.70 -12.99
CA VAL Y 126 46.57 -37.77 -13.98
C VAL Y 126 45.89 -38.98 -13.36
N SER Y 127 44.98 -39.58 -14.11
CA SER Y 127 44.37 -40.84 -13.71
C SER Y 127 44.66 -41.89 -14.76
N ILE Y 128 44.71 -43.14 -14.33
CA ILE Y 128 45.07 -44.24 -15.21
C ILE Y 128 43.83 -44.72 -15.95
N SER Y 129 43.83 -44.56 -17.27
CA SER Y 129 42.76 -45.03 -18.14
C SER Y 129 43.37 -45.75 -19.34
N ASP Y 130 42.57 -46.03 -20.37
CA ASP Y 130 43.05 -46.71 -21.58
C ASP Y 130 43.62 -48.08 -21.23
N ASP Y 131 42.70 -48.99 -20.89
CA ASP Y 131 43.04 -50.25 -20.23
C ASP Y 131 44.18 -51.01 -20.91
N THR Y 132 44.52 -50.65 -22.16
CA THR Y 132 45.79 -51.13 -22.72
C THR Y 132 46.96 -50.66 -21.87
N ILE Y 133 46.85 -49.49 -21.27
CA ILE Y 133 47.86 -49.06 -20.29
C ILE Y 133 47.66 -49.79 -18.98
N VAL Y 134 46.42 -50.19 -18.68
CA VAL Y 134 46.18 -50.99 -17.49
C VAL Y 134 46.64 -52.43 -17.70
N ASN Y 135 46.43 -52.97 -18.91
CA ASN Y 135 46.70 -54.38 -19.14
C ASN Y 135 48.15 -54.73 -18.87
N ASN Y 136 49.09 -53.96 -19.45
CA ASN Y 136 50.50 -54.33 -19.35
C ASN Y 136 51.04 -54.10 -17.95
N ILE Y 137 50.65 -53.00 -17.30
CA ILE Y 137 51.20 -52.68 -15.99
C ILE Y 137 50.87 -53.76 -14.99
N ILE Y 138 49.70 -54.39 -15.10
CA ILE Y 138 49.40 -55.54 -14.25
C ILE Y 138 50.38 -56.65 -14.51
N LYS Y 139 50.73 -56.90 -15.77
CA LYS Y 139 51.75 -57.89 -16.06
C LYS Y 139 53.12 -57.41 -15.58
N GLU Y 140 53.40 -56.12 -15.72
CA GLU Y 140 54.77 -55.63 -15.59
C GLU Y 140 55.20 -55.50 -14.13
N VAL Y 141 54.27 -55.22 -13.22
CA VAL Y 141 54.63 -55.15 -11.80
C VAL Y 141 53.76 -56.09 -10.98
N PHE Y 142 52.45 -56.09 -11.22
CA PHE Y 142 51.56 -56.88 -10.38
C PHE Y 142 51.81 -58.38 -10.54
N ASP Y 143 51.94 -58.86 -11.78
CA ASP Y 143 52.19 -60.28 -11.98
C ASP Y 143 53.55 -60.71 -11.47
N LYS Y 144 54.58 -59.89 -11.69
CA LYS Y 144 55.89 -60.20 -11.14
C LYS Y 144 55.84 -60.34 -9.63
N ILE Y 145 55.17 -59.40 -8.96
CA ILE Y 145 55.25 -59.28 -7.52
C ILE Y 145 54.17 -60.12 -6.83
N TYR Y 146 52.94 -60.05 -7.32
CA TYR Y 146 51.84 -60.80 -6.73
C TYR Y 146 51.58 -62.01 -7.62
N ASN Y 147 52.36 -63.06 -7.39
CA ASN Y 147 52.22 -64.29 -8.16
C ASN Y 147 50.83 -64.88 -8.04
N ILE Y 148 50.19 -64.71 -6.89
CA ILE Y 148 48.84 -65.24 -6.66
C ILE Y 148 47.85 -64.70 -7.68
N THR Y 149 48.19 -63.62 -8.37
CA THR Y 149 47.42 -63.20 -9.53
C THR Y 149 47.39 -64.31 -10.56
N GLN Y 150 46.19 -64.66 -11.02
CA GLN Y 150 45.88 -65.81 -11.87
C GLN Y 150 45.92 -67.12 -11.09
N LYS Y 151 46.13 -67.06 -9.78
CA LYS Y 151 46.16 -68.26 -8.95
C LYS Y 151 44.96 -68.40 -8.03
N GLU Y 152 44.33 -67.30 -7.65
CA GLU Y 152 43.02 -67.37 -7.01
C GLU Y 152 41.98 -66.55 -7.74
N LYS Y 153 42.36 -65.40 -8.27
CA LYS Y 153 41.42 -64.38 -8.72
C LYS Y 153 41.35 -64.37 -10.25
N VAL Y 154 40.34 -65.08 -10.77
CA VAL Y 154 39.89 -64.80 -12.13
C VAL Y 154 39.29 -63.41 -12.23
N LYS Y 155 39.08 -62.74 -11.09
CA LYS Y 155 38.51 -61.40 -11.07
C LYS Y 155 39.58 -60.39 -11.39
N ILE Y 156 40.33 -60.63 -12.46
CA ILE Y 156 41.18 -59.58 -13.02
C ILE Y 156 40.31 -58.40 -13.43
N GLU Y 157 39.11 -58.68 -13.93
CA GLU Y 157 38.16 -57.62 -14.25
C GLU Y 157 37.92 -56.72 -13.05
N LYS Y 158 37.98 -57.26 -11.83
CA LYS Y 158 37.93 -56.41 -10.66
C LYS Y 158 39.26 -55.73 -10.41
N VAL Y 159 40.35 -56.50 -10.37
CA VAL Y 159 41.68 -55.93 -10.16
C VAL Y 159 42.07 -54.98 -11.28
N LYS Y 160 41.49 -55.10 -12.46
CA LYS Y 160 41.80 -54.17 -13.53
C LYS Y 160 41.09 -52.84 -13.34
N GLU Y 161 39.79 -52.88 -13.04
CA GLU Y 161 39.03 -51.63 -12.99
C GLU Y 161 39.45 -50.76 -11.82
N ASP Y 162 39.69 -51.35 -10.65
CA ASP Y 162 39.90 -50.54 -9.46
C ASP Y 162 41.20 -49.77 -9.56
N ILE Y 163 42.20 -50.32 -10.25
CA ILE Y 163 43.41 -49.56 -10.54
C ILE Y 163 43.02 -48.24 -11.19
N LYS Y 164 42.09 -48.28 -12.14
CA LYS Y 164 41.61 -47.06 -12.78
C LYS Y 164 40.81 -46.18 -11.83
N GLU Y 165 40.23 -46.76 -10.78
CA GLU Y 165 39.43 -46.00 -9.83
C GLU Y 165 40.17 -45.68 -8.55
N LEU Y 166 41.34 -46.27 -8.32
CA LEU Y 166 42.08 -46.06 -7.10
C LEU Y 166 43.36 -45.26 -7.31
N PHE Y 167 44.04 -45.46 -8.43
CA PHE Y 167 45.38 -44.94 -8.60
C PHE Y 167 45.32 -43.67 -9.44
N SER Y 168 45.56 -42.54 -8.79
CA SER Y 168 45.65 -41.25 -9.44
C SER Y 168 46.79 -40.51 -8.78
N TYR Y 169 47.26 -39.46 -9.44
CA TYR Y 169 48.45 -38.78 -8.95
C TYR Y 169 48.57 -37.43 -9.66
N TYR Y 170 49.49 -36.62 -9.17
CA TYR Y 170 49.82 -35.35 -9.79
C TYR Y 170 51.14 -35.48 -10.53
N ALA Y 171 51.17 -34.99 -11.76
CA ALA Y 171 52.33 -35.11 -12.63
C ALA Y 171 52.91 -33.74 -12.92
N LEU Y 172 54.23 -33.67 -12.96
CA LEU Y 172 54.89 -32.40 -13.25
C LEU Y 172 54.73 -31.99 -14.71
N GLU Y 173 54.81 -32.96 -15.62
CA GLU Y 173 54.73 -32.70 -17.06
C GLU Y 173 55.76 -31.66 -17.48
N GLN Y 174 56.96 -31.75 -16.91
CA GLN Y 174 58.06 -30.86 -17.23
C GLN Y 174 59.39 -31.60 -17.09
N SER Z 2 -19.70 2.60 -67.73
CA SER Z 2 -18.75 3.05 -66.72
C SER Z 2 -17.33 2.67 -67.08
N THR Z 3 -16.42 2.79 -66.11
CA THR Z 3 -15.01 2.50 -66.31
C THR Z 3 -14.65 1.23 -65.55
N GLN Z 4 -13.66 0.51 -66.07
CA GLN Z 4 -13.25 -0.77 -65.52
C GLN Z 4 -11.74 -0.83 -65.36
N ARG Z 5 -11.30 -1.31 -64.20
CA ARG Z 5 -9.89 -1.52 -63.89
C ARG Z 5 -9.60 -3.02 -63.83
N GLU Z 6 -8.32 -3.34 -63.71
CA GLU Z 6 -7.85 -4.72 -63.70
C GLU Z 6 -6.80 -4.89 -62.63
N TYR Z 7 -6.98 -5.88 -61.76
CA TYR Z 7 -5.99 -6.13 -60.72
C TYR Z 7 -4.86 -7.00 -61.25
N VAL Z 8 -3.63 -6.59 -60.97
CA VAL Z 8 -2.46 -7.39 -61.22
C VAL Z 8 -1.72 -7.58 -59.91
N PHE Z 9 -1.40 -8.83 -59.60
CA PHE Z 9 -0.66 -9.16 -58.39
C PHE Z 9 0.82 -9.21 -58.69
N ILE Z 10 1.63 -8.87 -57.69
CA ILE Z 10 3.06 -8.72 -57.90
C ILE Z 10 3.83 -9.68 -57.01
N PRO Z 11 3.90 -10.96 -57.35
CA PRO Z 11 4.82 -11.87 -56.66
C PRO Z 11 6.18 -11.87 -57.34
N ILE Z 12 7.09 -12.73 -56.87
CA ILE Z 12 8.46 -12.72 -57.40
C ILE Z 12 8.65 -13.62 -58.61
N THR Z 13 7.59 -14.22 -59.13
CA THR Z 13 7.71 -15.18 -60.22
C THR Z 13 7.30 -14.54 -61.54
N ASN Z 14 7.73 -15.18 -62.63
CA ASN Z 14 7.45 -14.70 -63.99
C ASN Z 14 6.22 -15.37 -64.60
N SER Z 15 5.09 -15.32 -63.91
CA SER Z 15 3.82 -15.76 -64.47
C SER Z 15 2.93 -14.60 -64.88
N ILE Z 16 3.42 -13.36 -64.73
CA ILE Z 16 2.65 -12.17 -65.05
C ILE Z 16 3.13 -11.52 -66.33
N THR Z 17 3.84 -12.26 -67.19
CA THR Z 17 4.30 -11.71 -68.46
C THR Z 17 3.15 -11.14 -69.27
N ILE Z 18 2.06 -11.90 -69.38
CA ILE Z 18 0.83 -11.44 -70.01
C ILE Z 18 -0.32 -11.72 -69.05
N ASP Z 19 -0.94 -10.66 -68.55
CA ASP Z 19 -2.23 -10.78 -67.88
C ASP Z 19 -3.22 -9.81 -68.50
N VAL Z 20 -2.76 -8.61 -68.85
CA VAL Z 20 -3.63 -7.54 -69.31
C VAL Z 20 -3.29 -7.21 -70.76
N LYS Z 21 -4.33 -6.93 -71.55
CA LYS Z 21 -4.19 -6.48 -72.92
C LYS Z 21 -4.39 -4.98 -73.08
N ILE Z 22 -5.42 -4.43 -72.45
CA ILE Z 22 -5.72 -3.01 -72.55
C ILE Z 22 -4.79 -2.28 -71.60
N THR Z 23 -3.69 -1.75 -72.14
CA THR Z 23 -2.75 -0.99 -71.33
C THR Z 23 -3.44 0.22 -70.71
N ILE Z 24 -4.08 1.05 -71.54
CA ILE Z 24 -4.76 2.24 -71.04
C ILE Z 24 -6.24 2.21 -71.39
N GLY Z 25 -6.55 2.29 -72.68
CA GLY Z 25 -7.95 2.36 -73.09
C GLY Z 25 -8.50 3.75 -72.83
N GLY Z 26 -8.64 4.09 -71.56
CA GLY Z 26 -8.89 5.46 -71.15
C GLY Z 26 -7.59 6.22 -70.98
N SER Z 27 -7.47 6.97 -69.89
CA SER Z 27 -6.22 7.69 -69.64
C SER Z 27 -5.76 7.67 -68.19
N ASP Z 28 -6.51 7.10 -67.25
CA ASP Z 28 -6.20 7.21 -65.83
C ASP Z 28 -5.91 5.83 -65.25
N HIS Z 29 -4.96 5.78 -64.33
CA HIS Z 29 -4.69 4.62 -63.51
C HIS Z 29 -4.96 4.94 -62.04
N ILE Z 30 -5.36 3.92 -61.29
CA ILE Z 30 -5.45 4.06 -59.84
C ILE Z 30 -4.05 4.18 -59.25
N THR Z 31 -3.23 3.16 -59.45
CA THR Z 31 -1.89 3.13 -58.89
C THR Z 31 -0.99 4.09 -59.66
N ASN Z 32 -0.58 5.16 -59.01
CA ASN Z 32 0.23 6.21 -59.62
C ASN Z 32 1.64 6.16 -59.04
N ILE Z 33 2.58 6.70 -59.81
CA ILE Z 33 3.96 6.86 -59.35
C ILE Z 33 4.45 8.25 -59.73
N ASP Z 34 4.55 9.14 -58.75
CA ASP Z 34 4.92 10.54 -58.98
C ASP Z 34 5.70 11.06 -57.79
N GLU Z 35 7.03 11.11 -57.94
CA GLU Z 35 7.96 11.87 -57.09
C GLU Z 35 7.91 11.47 -55.62
N ARG Z 36 7.08 10.49 -55.28
CA ARG Z 36 7.01 9.99 -53.90
C ARG Z 36 6.90 8.48 -53.87
N GLY Z 37 7.09 7.81 -54.99
CA GLY Z 37 6.93 6.37 -55.02
C GLY Z 37 5.53 5.98 -55.46
N ILE Z 38 5.04 4.89 -54.90
CA ILE Z 38 3.78 4.30 -55.35
C ILE Z 38 2.63 4.87 -54.53
N HIS Z 39 1.41 4.77 -55.06
CA HIS Z 39 0.23 5.27 -54.39
C HIS Z 39 -0.95 4.36 -54.69
N ASN Z 40 -1.83 4.20 -53.70
CA ASN Z 40 -3.08 3.46 -53.84
C ASN Z 40 -2.83 1.99 -54.20
N VAL Z 41 -1.83 1.40 -53.57
CA VAL Z 41 -1.55 -0.01 -53.75
C VAL Z 41 -2.69 -0.84 -53.19
N LEU Z 42 -3.27 -1.70 -54.02
CA LEU Z 42 -4.36 -2.55 -53.58
C LEU Z 42 -3.82 -3.81 -52.89
N VAL Z 43 -4.38 -4.12 -51.73
CA VAL Z 43 -4.09 -5.36 -51.03
C VAL Z 43 -5.39 -6.13 -50.92
N ILE Z 44 -5.33 -7.43 -51.21
CA ILE Z 44 -6.49 -8.30 -51.14
C ILE Z 44 -6.24 -9.33 -50.07
N THR Z 45 -7.14 -9.42 -49.12
CA THR Z 45 -7.00 -10.32 -47.98
C THR Z 45 -7.68 -11.65 -48.27
N GLY Z 46 -7.49 -12.59 -47.35
CA GLY Z 46 -8.17 -13.87 -47.40
C GLY Z 46 -7.73 -14.81 -48.49
N TYR Z 47 -6.83 -14.40 -49.38
CA TYR Z 47 -6.39 -15.21 -50.50
C TYR Z 47 -4.87 -15.20 -50.56
N ALA Z 48 -4.32 -16.11 -51.36
CA ALA Z 48 -2.88 -16.28 -51.46
C ALA Z 48 -2.47 -16.29 -52.93
N VAL Z 49 -1.20 -16.62 -53.17
CA VAL Z 49 -0.63 -16.65 -54.50
C VAL Z 49 -0.43 -18.12 -54.89
N ASP Z 50 -0.40 -18.37 -56.20
CA ASP Z 50 -0.24 -19.69 -56.78
C ASP Z 50 0.91 -19.70 -57.78
N GLU Z 51 2.09 -19.26 -57.34
CA GLU Z 51 3.24 -18.99 -58.18
C GLU Z 51 3.40 -19.97 -59.34
N LYS Z 52 3.28 -21.27 -59.07
CA LYS Z 52 3.23 -22.26 -60.13
C LYS Z 52 1.88 -22.14 -60.81
N ASN Z 53 1.89 -21.60 -62.04
CA ASN Z 53 0.69 -21.05 -62.68
C ASN Z 53 0.14 -19.90 -61.84
N GLY Z 54 0.95 -18.85 -61.75
CA GLY Z 54 0.70 -17.72 -60.88
C GLY Z 54 -0.67 -17.07 -60.97
N ARG Z 55 -1.40 -17.08 -59.86
CA ARG Z 55 -2.71 -16.46 -59.75
C ARG Z 55 -3.06 -16.33 -58.27
N LEU Z 56 -4.32 -16.01 -58.00
CA LEU Z 56 -4.79 -15.85 -56.62
C LEU Z 56 -5.73 -16.98 -56.26
N VAL Z 57 -5.21 -18.00 -55.56
CA VAL Z 57 -6.06 -19.06 -55.03
C VAL Z 57 -6.70 -18.59 -53.73
N PRO Z 58 -8.02 -18.71 -53.59
CA PRO Z 58 -8.69 -18.25 -52.37
C PRO Z 58 -8.52 -19.26 -51.25
N THR Z 59 -8.13 -18.78 -50.09
CA THR Z 59 -8.27 -19.51 -48.84
C THR Z 59 -9.30 -18.80 -47.99
N LEU Z 60 -9.42 -19.20 -46.72
CA LEU Z 60 -10.35 -18.54 -45.84
C LEU Z 60 -9.68 -17.72 -44.75
N ASP Z 61 -8.39 -17.91 -44.54
CA ASP Z 61 -7.71 -17.26 -43.43
C ASP Z 61 -7.63 -15.76 -43.64
N PRO Z 62 -8.00 -14.94 -42.65
CA PRO Z 62 -7.94 -13.49 -42.84
C PRO Z 62 -6.56 -12.91 -42.70
N CYS Z 63 -5.60 -13.65 -42.14
CA CYS Z 63 -4.25 -13.12 -41.99
C CYS Z 63 -3.48 -13.15 -43.30
N ASP Z 64 -3.83 -14.05 -44.21
CA ASP Z 64 -3.16 -14.09 -45.51
C ASP Z 64 -3.64 -12.94 -46.38
N TYR Z 65 -2.77 -12.50 -47.28
CA TYR Z 65 -3.08 -11.34 -48.10
C TYR Z 65 -2.14 -11.30 -49.30
N VAL Z 66 -2.58 -10.63 -50.35
CA VAL Z 66 -1.80 -10.43 -51.56
C VAL Z 66 -1.75 -8.95 -51.86
N LYS Z 67 -0.60 -8.48 -52.33
CA LYS Z 67 -0.39 -7.07 -52.63
C LYS Z 67 -0.11 -6.91 -54.12
N GLY Z 68 -0.81 -5.97 -54.75
CA GLY Z 68 -0.63 -5.70 -56.16
C GLY Z 68 -1.13 -4.31 -56.48
N ILE Z 69 -0.89 -3.90 -57.73
CA ILE Z 69 -1.28 -2.57 -58.17
C ILE Z 69 -2.54 -2.70 -59.02
N LEU Z 70 -3.28 -1.60 -59.09
CA LEU Z 70 -4.55 -1.54 -59.80
C LEU Z 70 -4.36 -0.71 -61.06
N VAL Z 71 -4.29 -1.38 -62.20
CA VAL Z 71 -4.16 -0.72 -63.49
C VAL Z 71 -5.40 -1.02 -64.32
N ALA Z 72 -5.93 0.00 -64.98
CA ALA Z 72 -7.15 -0.16 -65.74
C ALA Z 72 -6.91 -1.06 -66.95
N GLY Z 73 -8.00 -1.59 -67.50
CA GLY Z 73 -7.92 -2.34 -68.73
C GLY Z 73 -8.94 -3.46 -68.75
N THR Z 74 -8.69 -4.44 -69.61
CA THR Z 74 -9.48 -5.65 -69.71
C THR Z 74 -8.48 -6.75 -70.07
N PRO Z 75 -8.46 -7.85 -69.34
CA PRO Z 75 -7.34 -8.79 -69.45
C PRO Z 75 -7.38 -9.74 -70.65
N GLN Z 76 -6.58 -9.45 -71.67
CA GLN Z 76 -6.09 -10.45 -72.62
C GLN Z 76 -7.18 -11.15 -73.44
N GLN Z 77 -8.44 -10.89 -73.12
CA GLN Z 77 -9.57 -11.53 -73.81
C GLN Z 77 -9.38 -13.05 -73.92
N ALA Z 78 -8.84 -13.63 -72.84
CA ALA Z 78 -8.64 -15.08 -72.76
C ALA Z 78 -9.08 -15.60 -71.40
N GLN Z 79 -10.15 -15.04 -70.85
CA GLN Z 79 -10.48 -15.17 -69.44
C GLN Z 79 -11.99 -15.13 -69.30
N SER Z 80 -12.45 -14.77 -68.09
CA SER Z 80 -13.82 -14.77 -67.58
C SER Z 80 -14.24 -16.16 -67.14
N ASN Z 81 -13.46 -17.19 -67.43
CA ASN Z 81 -13.64 -18.51 -66.84
C ASN Z 81 -12.72 -18.74 -65.65
N ASP Z 82 -11.80 -17.81 -65.39
CA ASP Z 82 -10.81 -17.97 -64.34
C ASP Z 82 -10.63 -16.71 -63.51
N PHE Z 83 -11.42 -15.67 -63.73
CA PHE Z 83 -11.28 -14.41 -63.00
C PHE Z 83 -12.53 -14.13 -62.18
N LEU Z 84 -12.36 -13.33 -61.14
CA LEU Z 84 -13.48 -12.86 -60.33
C LEU Z 84 -13.74 -11.40 -60.70
N THR Z 85 -14.71 -11.22 -61.59
CA THR Z 85 -15.17 -9.87 -61.92
C THR Z 85 -16.22 -9.42 -60.92
N LEU Z 86 -16.17 -8.15 -60.55
CA LEU Z 86 -17.08 -7.67 -59.52
C LEU Z 86 -17.07 -6.15 -59.49
N LYS Z 87 -18.15 -5.58 -58.94
CA LYS Z 87 -18.37 -4.14 -58.91
C LYS Z 87 -18.38 -3.65 -57.47
N LEU Z 88 -17.44 -2.77 -57.14
CA LEU Z 88 -17.32 -2.23 -55.79
C LEU Z 88 -17.28 -0.71 -55.83
N PRO Z 89 -17.85 -0.05 -54.83
CA PRO Z 89 -17.88 1.42 -54.84
C PRO Z 89 -16.62 2.05 -54.29
N ALA Z 90 -15.45 1.55 -54.71
CA ALA Z 90 -14.18 2.25 -54.54
C ALA Z 90 -13.78 2.48 -53.09
N ASN Z 91 -14.66 2.14 -52.15
CA ASN Z 91 -14.35 2.26 -50.74
C ASN Z 91 -14.25 0.91 -50.05
N LYS Z 92 -14.72 -0.16 -50.69
CA LYS Z 92 -14.49 -1.51 -50.24
C LYS Z 92 -13.14 -2.03 -50.68
N LEU Z 93 -12.18 -1.14 -50.94
CA LEU Z 93 -10.87 -1.52 -51.44
C LEU Z 93 -9.82 -1.19 -50.39
N TYR Z 94 -8.94 -2.15 -50.13
CA TYR Z 94 -7.88 -2.01 -49.14
C TYR Z 94 -6.67 -1.41 -49.85
N LEU Z 95 -6.61 -0.08 -49.90
CA LEU Z 95 -5.53 0.60 -50.58
C LEU Z 95 -4.43 1.01 -49.60
N ILE Z 96 -3.21 1.14 -50.12
CA ILE Z 96 -2.08 1.64 -49.34
C ILE Z 96 -1.57 2.93 -49.98
N ARG Z 97 -1.31 3.92 -49.14
CA ARG Z 97 -0.81 5.23 -49.58
C ARG Z 97 -1.77 5.87 -50.57
N LYS Z 98 -2.98 6.15 -50.09
CA LYS Z 98 -3.95 6.88 -50.87
C LYS Z 98 -3.39 8.26 -51.21
N LYS Z 99 -3.58 8.69 -52.45
CA LYS Z 99 -3.25 10.05 -52.85
C LYS Z 99 -4.49 10.81 -53.31
N GLY Z 100 -5.23 10.30 -54.28
CA GLY Z 100 -6.41 10.94 -54.79
C GLY Z 100 -7.66 10.09 -54.60
N ASN Z 101 -8.81 10.75 -54.66
CA ASN Z 101 -10.09 10.08 -54.49
C ASN Z 101 -10.43 9.28 -55.74
N ILE Z 102 -11.34 8.33 -55.59
CA ILE Z 102 -11.73 7.44 -56.68
C ILE Z 102 -13.17 7.76 -57.07
N SER Z 103 -13.60 7.19 -58.19
CA SER Z 103 -14.87 7.55 -58.82
C SER Z 103 -16.08 6.86 -58.18
N ASP Z 104 -15.93 6.29 -56.99
CA ASP Z 104 -17.02 5.74 -56.19
C ASP Z 104 -17.76 4.59 -56.87
N ASP Z 105 -17.25 4.09 -58.00
CA ASP Z 105 -17.83 2.90 -58.63
C ASP Z 105 -16.86 2.32 -59.66
N LEU Z 106 -16.52 1.05 -59.52
CA LEU Z 106 -15.52 0.43 -60.39
C LEU Z 106 -15.88 -1.01 -60.64
N LYS Z 107 -15.11 -1.63 -61.54
CA LYS Z 107 -15.20 -3.06 -61.82
C LYS Z 107 -13.79 -3.56 -62.07
N ILE Z 108 -13.40 -4.63 -61.37
CA ILE Z 108 -12.00 -5.05 -61.32
C ILE Z 108 -11.90 -6.53 -61.67
N TYR Z 109 -10.82 -6.89 -62.37
CA TYR Z 109 -10.54 -8.26 -62.76
C TYR Z 109 -9.48 -8.84 -61.82
N ILE Z 110 -9.80 -9.97 -61.20
CA ILE Z 110 -8.93 -10.61 -60.22
C ILE Z 110 -8.40 -11.91 -60.79
N PRO Z 111 -7.10 -12.08 -60.94
CA PRO Z 111 -6.58 -13.36 -61.44
C PRO Z 111 -6.80 -14.48 -60.45
N TYR Z 112 -7.78 -15.33 -60.73
CA TYR Z 112 -8.35 -16.25 -59.76
C TYR Z 112 -8.02 -17.69 -60.16
N SER Z 113 -8.11 -18.60 -59.20
CA SER Z 113 -7.91 -20.02 -59.45
C SER Z 113 -8.85 -20.85 -58.59
N SER Z 114 -8.86 -22.14 -58.85
CA SER Z 114 -9.74 -23.05 -58.14
C SER Z 114 -9.04 -23.56 -56.87
N PRO Z 115 -9.82 -23.81 -55.81
CA PRO Z 115 -9.20 -24.21 -54.54
C PRO Z 115 -8.62 -25.61 -54.55
N ASP Z 116 -9.27 -26.58 -55.19
CA ASP Z 116 -8.77 -27.96 -55.24
C ASP Z 116 -8.64 -28.56 -53.84
N ALA Z 117 -9.80 -28.85 -53.26
CA ALA Z 117 -9.84 -29.38 -51.90
C ALA Z 117 -9.30 -30.81 -51.83
N ARG Z 118 -8.05 -30.97 -52.25
CA ARG Z 118 -7.37 -32.26 -52.14
C ARG Z 118 -5.96 -32.10 -51.60
N ASN Z 119 -5.58 -30.92 -51.12
CA ASN Z 119 -4.24 -30.67 -50.63
C ASN Z 119 -4.31 -29.48 -49.68
N SER Z 120 -3.94 -29.70 -48.43
CA SER Z 120 -4.00 -28.64 -47.43
C SER Z 120 -3.10 -27.50 -47.83
N MET Z 121 -3.66 -26.29 -47.91
CA MET Z 121 -2.93 -25.10 -48.34
C MET Z 121 -2.09 -24.57 -47.19
N LYS Z 122 -0.89 -25.15 -47.05
CA LYS Z 122 0.09 -24.68 -46.08
C LYS Z 122 0.75 -23.40 -46.58
N THR Z 123 0.17 -22.25 -46.27
CA THR Z 123 0.68 -20.99 -46.78
C THR Z 123 1.92 -20.57 -46.01
N LYS Z 124 2.77 -19.78 -46.66
CA LYS Z 124 3.99 -19.31 -46.03
C LYS Z 124 4.38 -17.98 -46.65
N PRO Z 125 4.63 -16.95 -45.85
CA PRO Z 125 4.85 -15.61 -46.39
C PRO Z 125 6.12 -15.54 -47.21
N VAL Z 126 6.10 -14.68 -48.23
CA VAL Z 126 7.24 -14.44 -49.09
C VAL Z 126 7.40 -12.94 -49.22
N SER Z 127 8.62 -12.45 -49.00
CA SER Z 127 8.94 -11.05 -49.22
C SER Z 127 9.42 -10.89 -50.66
N ILE Z 128 10.01 -9.73 -50.94
CA ILE Z 128 10.68 -9.49 -52.21
C ILE Z 128 12.13 -9.13 -51.90
N SER Z 129 13.03 -10.08 -52.14
CA SER Z 129 14.46 -9.88 -52.00
C SER Z 129 15.14 -10.39 -53.26
N ASP Z 130 16.48 -10.34 -53.27
CA ASP Z 130 17.28 -10.63 -54.45
C ASP Z 130 16.91 -9.67 -55.59
N ASP Z 131 17.31 -8.41 -55.37
CA ASP Z 131 16.84 -7.26 -56.15
C ASP Z 131 16.93 -7.43 -57.66
N THR Z 132 17.67 -8.42 -58.15
CA THR Z 132 17.58 -8.75 -59.57
C THR Z 132 16.19 -9.27 -59.91
N ILE Z 133 15.56 -9.99 -58.98
CA ILE Z 133 14.15 -10.36 -59.14
C ILE Z 133 13.30 -9.11 -59.31
N VAL Z 134 13.63 -8.04 -58.58
CA VAL Z 134 12.94 -6.77 -58.78
C VAL Z 134 13.33 -6.15 -60.10
N ASN Z 135 14.59 -6.30 -60.51
CA ASN Z 135 15.07 -5.63 -61.71
C ASN Z 135 14.31 -6.11 -62.95
N ASN Z 136 13.92 -7.38 -62.98
CA ASN Z 136 13.11 -7.85 -64.10
C ASN Z 136 11.67 -7.38 -63.97
N ILE Z 137 11.19 -7.23 -62.74
CA ILE Z 137 9.79 -6.87 -62.53
C ILE Z 137 9.46 -5.51 -63.12
N ILE Z 138 10.30 -4.51 -62.83
CA ILE Z 138 10.12 -3.19 -63.42
C ILE Z 138 10.24 -3.27 -64.94
N LYS Z 139 11.12 -4.14 -65.44
CA LYS Z 139 11.20 -4.36 -66.88
C LYS Z 139 9.94 -5.07 -67.38
N GLU Z 140 9.46 -6.05 -66.60
CA GLU Z 140 8.36 -6.88 -67.08
C GLU Z 140 7.04 -6.11 -67.13
N VAL Z 141 6.64 -5.51 -66.01
CA VAL Z 141 5.29 -4.98 -65.85
C VAL Z 141 5.30 -3.46 -65.75
N PHE Z 142 6.30 -2.87 -65.09
CA PHE Z 142 6.27 -1.42 -64.91
C PHE Z 142 6.56 -0.66 -66.19
N ASP Z 143 7.15 -1.30 -67.19
CA ASP Z 143 7.45 -0.66 -68.45
C ASP Z 143 6.43 -0.95 -69.55
N LYS Z 144 5.66 -2.02 -69.42
CA LYS Z 144 4.52 -2.23 -70.32
C LYS Z 144 3.27 -1.49 -69.84
N ILE Z 145 3.33 -0.87 -68.66
CA ILE Z 145 2.23 -0.06 -68.15
C ILE Z 145 2.64 1.40 -68.00
N TYR Z 146 3.59 1.67 -67.10
CA TYR Z 146 4.08 3.03 -66.90
C TYR Z 146 5.26 3.26 -67.82
N ASN Z 147 4.95 3.47 -69.10
CA ASN Z 147 5.99 3.75 -70.10
C ASN Z 147 6.82 4.97 -69.71
N ILE Z 148 6.26 5.88 -68.91
CA ILE Z 148 7.00 7.02 -68.39
C ILE Z 148 8.17 6.60 -67.52
N THR Z 149 8.22 5.33 -67.12
CA THR Z 149 9.38 4.81 -66.40
C THR Z 149 10.66 5.06 -67.20
N GLN Z 150 11.69 5.55 -66.52
CA GLN Z 150 12.95 5.95 -67.14
C GLN Z 150 12.75 7.04 -68.20
N LYS Z 151 11.65 7.77 -68.10
CA LYS Z 151 11.41 8.95 -68.95
C LYS Z 151 11.24 10.22 -68.14
N GLU Z 152 10.45 10.20 -67.07
CA GLU Z 152 10.29 11.34 -66.18
C GLU Z 152 10.71 11.02 -64.75
N LYS Z 153 10.25 9.91 -64.19
CA LYS Z 153 10.63 9.54 -62.83
C LYS Z 153 12.08 9.11 -62.84
N VAL Z 154 12.96 10.11 -62.98
CA VAL Z 154 14.40 9.87 -62.90
C VAL Z 154 14.82 9.26 -61.58
N LYS Z 155 13.92 9.26 -60.60
CA LYS Z 155 14.13 8.58 -59.33
C LYS Z 155 13.76 7.10 -59.50
N ILE Z 156 14.62 6.39 -60.24
CA ILE Z 156 14.40 4.98 -60.48
C ILE Z 156 14.44 4.20 -59.19
N GLU Z 157 15.31 4.63 -58.26
CA GLU Z 157 15.43 3.94 -56.97
C GLU Z 157 14.11 3.94 -56.22
N LYS Z 158 13.34 5.05 -56.30
CA LYS Z 158 12.17 5.21 -55.46
C LYS Z 158 11.15 4.10 -55.70
N VAL Z 159 11.09 3.59 -56.94
CA VAL Z 159 10.25 2.43 -57.22
C VAL Z 159 10.99 1.12 -57.05
N LYS Z 160 12.31 1.16 -56.94
CA LYS Z 160 13.08 -0.06 -56.71
C LYS Z 160 13.27 -0.33 -55.23
N GLU Z 161 13.31 0.71 -54.41
CA GLU Z 161 13.50 0.52 -52.98
C GLU Z 161 12.19 0.08 -52.31
N ASP Z 162 11.06 0.64 -52.73
CA ASP Z 162 9.81 0.39 -52.02
C ASP Z 162 9.31 -1.03 -52.27
N ILE Z 163 9.51 -1.55 -53.49
CA ILE Z 163 9.05 -2.89 -53.82
C ILE Z 163 9.60 -3.91 -52.83
N LYS Z 164 10.83 -3.69 -52.36
CA LYS Z 164 11.42 -4.58 -51.37
C LYS Z 164 10.65 -4.55 -50.06
N GLU Z 165 10.05 -3.41 -49.71
CA GLU Z 165 9.36 -3.27 -48.43
C GLU Z 165 7.86 -3.13 -48.57
N LEU Z 166 7.37 -2.59 -49.67
CA LEU Z 166 5.93 -2.37 -49.81
C LEU Z 166 5.20 -3.62 -50.23
N PHE Z 167 5.84 -4.49 -51.00
CA PHE Z 167 5.17 -5.64 -51.60
C PHE Z 167 5.63 -6.91 -50.90
N SER Z 168 4.70 -7.52 -50.15
CA SER Z 168 4.90 -8.85 -49.58
C SER Z 168 3.58 -9.59 -49.72
N TYR Z 169 3.66 -10.91 -49.75
CA TYR Z 169 2.47 -11.71 -50.00
C TYR Z 169 2.61 -13.04 -49.28
N TYR Z 170 1.58 -13.87 -49.44
CA TYR Z 170 1.58 -15.23 -48.93
C TYR Z 170 1.33 -16.19 -50.08
N ALA Z 171 2.13 -17.23 -50.17
CA ALA Z 171 2.00 -18.23 -51.21
C ALA Z 171 1.75 -19.59 -50.58
N LEU Z 172 0.88 -20.38 -51.22
CA LEU Z 172 0.55 -21.70 -50.69
C LEU Z 172 1.75 -22.62 -50.64
N GLU Z 173 2.83 -22.28 -51.35
CA GLU Z 173 4.12 -22.97 -51.27
C GLU Z 173 3.99 -24.46 -51.60
N GLN Z 174 2.91 -24.82 -52.29
CA GLN Z 174 2.76 -26.15 -52.86
C GLN Z 174 2.11 -26.03 -54.23
N SER AA 2 -51.35 55.91 -35.78
CA SER AA 2 -50.00 56.37 -35.45
C SER AA 2 -48.99 55.88 -36.49
N THR AA 3 -48.31 54.78 -36.17
CA THR AA 3 -47.41 54.10 -37.09
C THR AA 3 -47.79 52.64 -37.16
N GLN AA 4 -48.13 52.17 -38.36
CA GLN AA 4 -48.54 50.78 -38.55
C GLN AA 4 -47.62 50.16 -39.58
N ARG AA 5 -46.92 49.10 -39.19
CA ARG AA 5 -45.91 48.47 -40.02
C ARG AA 5 -46.42 47.17 -40.63
N GLU AA 6 -45.96 46.89 -41.83
CA GLU AA 6 -46.38 45.72 -42.59
C GLU AA 6 -45.22 44.75 -42.72
N TYR AA 7 -45.39 43.56 -42.17
CA TYR AA 7 -44.42 42.49 -42.32
C TYR AA 7 -44.68 41.74 -43.61
N VAL AA 8 -43.62 41.39 -44.31
CA VAL AA 8 -43.72 40.56 -45.51
C VAL AA 8 -42.68 39.45 -45.39
N PHE AA 9 -43.16 38.21 -45.32
CA PHE AA 9 -42.30 37.04 -45.38
C PHE AA 9 -41.49 37.07 -46.66
N ILE AA 10 -40.22 36.68 -46.56
CA ILE AA 10 -39.35 36.64 -47.74
C ILE AA 10 -38.80 35.23 -47.97
N PRO AA 11 -39.64 34.25 -48.30
CA PRO AA 11 -39.11 32.95 -48.71
C PRO AA 11 -38.76 32.96 -50.18
N ILE AA 12 -38.42 31.81 -50.75
CA ILE AA 12 -37.99 31.77 -52.14
C ILE AA 12 -39.18 31.63 -53.07
N THR AA 13 -40.39 31.80 -52.55
CA THR AA 13 -41.61 31.76 -53.34
C THR AA 13 -42.03 33.17 -53.74
N ASN AA 14 -43.04 33.25 -54.61
CA ASN AA 14 -43.48 34.51 -55.21
C ASN AA 14 -44.78 35.02 -54.62
N SER AA 15 -45.02 34.83 -53.32
CA SER AA 15 -46.28 35.23 -52.70
C SER AA 15 -46.22 36.61 -52.07
N ILE AA 16 -45.45 37.52 -52.68
CA ILE AA 16 -45.23 38.86 -52.14
C ILE AA 16 -45.56 39.90 -53.20
N THR AA 17 -46.00 39.45 -54.37
CA THR AA 17 -46.21 40.35 -55.50
C THR AA 17 -47.25 41.41 -55.17
N ILE AA 18 -48.48 41.00 -54.86
CA ILE AA 18 -49.58 41.93 -54.61
C ILE AA 18 -50.15 41.57 -53.24
N ASP AA 19 -49.57 42.15 -52.19
CA ASP AA 19 -50.05 41.87 -50.85
C ASP AA 19 -50.06 43.09 -49.92
N VAL AA 20 -49.60 44.25 -50.39
CA VAL AA 20 -49.61 45.48 -49.59
C VAL AA 20 -50.15 46.60 -50.47
N LYS AA 21 -50.68 47.64 -49.81
CA LYS AA 21 -51.26 48.77 -50.52
C LYS AA 21 -50.51 50.08 -50.34
N ILE AA 22 -49.89 50.31 -49.20
CA ILE AA 22 -49.10 51.51 -48.97
C ILE AA 22 -47.69 51.19 -49.42
N THR AA 23 -47.42 51.40 -50.71
CA THR AA 23 -46.06 51.25 -51.22
C THR AA 23 -45.12 52.25 -50.55
N ILE AA 24 -45.53 53.52 -50.50
CA ILE AA 24 -44.72 54.55 -49.86
C ILE AA 24 -45.53 55.21 -48.75
N GLY AA 25 -46.57 55.94 -49.14
CA GLY AA 25 -47.42 56.63 -48.18
C GLY AA 25 -46.72 57.83 -47.56
N GLY AA 26 -45.74 57.56 -46.71
CA GLY AA 26 -44.96 58.60 -46.07
C GLY AA 26 -43.53 58.59 -46.55
N SER AA 27 -42.56 58.73 -45.63
CA SER AA 27 -41.16 58.73 -46.02
C SER AA 27 -40.26 57.98 -45.05
N ASP AA 28 -40.81 57.09 -44.23
CA ASP AA 28 -40.03 56.36 -43.24
C ASP AA 28 -40.30 54.87 -43.35
N HIS AA 29 -39.28 54.08 -43.01
CA HIS AA 29 -39.37 52.64 -43.06
C HIS AA 29 -38.67 52.03 -41.85
N ILE AA 30 -39.01 50.78 -41.55
CA ILE AA 30 -38.23 50.01 -40.59
C ILE AA 30 -36.97 49.47 -41.25
N THR AA 31 -37.14 48.69 -42.31
CA THR AA 31 -36.01 48.24 -43.10
C THR AA 31 -35.53 49.34 -44.02
N ASN AA 32 -34.22 49.46 -44.16
CA ASN AA 32 -33.65 50.46 -45.06
C ASN AA 32 -32.58 49.84 -45.95
N ILE AA 33 -31.92 50.68 -46.76
CA ILE AA 33 -30.77 50.26 -47.55
C ILE AA 33 -29.82 51.44 -47.71
N ASP AA 34 -28.63 51.35 -47.11
CA ASP AA 34 -27.60 52.38 -47.25
C ASP AA 34 -26.25 51.73 -47.51
N GLU AA 35 -25.96 51.46 -48.78
CA GLU AA 35 -24.62 51.22 -49.30
C GLU AA 35 -23.90 50.05 -48.61
N ARG AA 36 -24.55 49.38 -47.66
CA ARG AA 36 -23.87 48.35 -46.89
C ARG AA 36 -24.76 47.13 -46.65
N GLY AA 37 -26.01 47.15 -47.08
CA GLY AA 37 -26.86 45.98 -47.01
C GLY AA 37 -28.23 46.31 -46.44
N ILE AA 38 -28.98 45.24 -46.19
CA ILE AA 38 -30.34 45.36 -45.67
C ILE AA 38 -30.29 45.63 -44.18
N HIS AA 39 -30.48 46.89 -43.79
CA HIS AA 39 -30.43 47.27 -42.39
C HIS AA 39 -31.80 47.10 -41.75
N ASN AA 40 -31.79 46.69 -40.48
CA ASN AA 40 -33.00 46.45 -39.71
C ASN AA 40 -33.90 45.42 -40.38
N VAL AA 41 -33.39 44.20 -40.42
CA VAL AA 41 -34.16 43.04 -40.85
C VAL AA 41 -34.90 42.49 -39.64
N LEU AA 42 -36.04 41.86 -39.86
CA LEU AA 42 -36.82 41.28 -38.77
C LEU AA 42 -36.80 39.77 -38.86
N VAL AA 43 -36.79 39.12 -37.71
CA VAL AA 43 -36.81 37.66 -37.60
C VAL AA 43 -37.84 37.27 -36.56
N ILE AA 44 -38.65 36.27 -36.86
CA ILE AA 44 -39.66 35.77 -35.94
C ILE AA 44 -39.40 34.30 -35.71
N THR AA 45 -39.51 33.87 -34.45
CA THR AA 45 -39.24 32.49 -34.08
C THR AA 45 -40.53 31.69 -33.95
N GLY AA 46 -40.40 30.38 -34.01
CA GLY AA 46 -41.51 29.48 -33.81
C GLY AA 46 -42.56 29.48 -34.89
N TYR AA 47 -42.27 30.05 -36.06
CA TYR AA 47 -43.21 30.08 -37.18
C TYR AA 47 -42.51 29.67 -38.46
N ALA AA 48 -43.25 29.03 -39.35
CA ALA AA 48 -42.73 28.61 -40.65
C ALA AA 48 -43.72 29.05 -41.73
N VAL AA 49 -43.32 28.92 -42.98
CA VAL AA 49 -44.07 29.45 -44.10
C VAL AA 49 -44.87 28.35 -44.75
N ASP AA 50 -45.85 28.75 -45.59
CA ASP AA 50 -46.84 27.86 -46.18
C ASP AA 50 -46.99 28.17 -47.66
N GLU AA 51 -45.88 28.04 -48.40
CA GLU AA 51 -45.68 28.55 -49.76
C GLU AA 51 -46.91 28.55 -50.65
N LYS AA 52 -47.78 27.55 -50.54
CA LYS AA 52 -49.03 27.57 -51.28
C LYS AA 52 -49.87 28.71 -50.71
N ASN AA 53 -49.85 29.85 -51.41
CA ASN AA 53 -50.28 31.12 -50.84
C ASN AA 53 -49.59 31.34 -49.50
N GLY AA 54 -48.27 31.54 -49.60
CA GLY AA 54 -47.38 31.63 -48.45
C GLY AA 54 -47.89 32.43 -47.27
N ARG AA 55 -47.87 31.82 -46.09
CA ARG AA 55 -48.26 32.49 -44.86
C ARG AA 55 -47.55 31.81 -43.70
N LEU AA 56 -47.50 32.50 -42.58
CA LEU AA 56 -46.77 32.02 -41.42
C LEU AA 56 -47.68 31.20 -40.53
N VAL AA 57 -47.52 29.88 -40.59
CA VAL AA 57 -48.30 28.97 -39.75
C VAL AA 57 -47.69 28.97 -38.35
N PRO AA 58 -48.48 28.96 -37.31
CA PRO AA 58 -47.91 28.93 -35.95
C PRO AA 58 -47.54 27.52 -35.54
N THR AA 59 -46.24 27.29 -35.38
CA THR AA 59 -45.77 26.09 -34.72
C THR AA 59 -45.18 26.49 -33.37
N LEU AA 60 -44.56 25.52 -32.69
CA LEU AA 60 -44.06 25.76 -31.35
C LEU AA 60 -42.62 25.30 -31.20
N ASP AA 61 -41.86 25.29 -32.29
CA ASP AA 61 -40.47 24.87 -32.25
C ASP AA 61 -39.58 26.10 -32.13
N PRO AA 62 -38.70 26.18 -31.13
CA PRO AA 62 -37.81 27.33 -31.00
C PRO AA 62 -36.75 27.40 -32.08
N CYS AA 63 -36.54 26.31 -32.83
CA CYS AA 63 -35.61 26.36 -33.95
C CYS AA 63 -36.26 26.88 -35.22
N ASP AA 64 -37.60 26.96 -35.26
CA ASP AA 64 -38.30 27.41 -36.45
C ASP AA 64 -38.32 28.94 -36.50
N TYR AA 65 -37.79 29.51 -37.58
CA TYR AA 65 -37.73 30.95 -37.71
C TYR AA 65 -37.86 31.34 -39.17
N VAL AA 66 -38.19 32.61 -39.40
CA VAL AA 66 -38.30 33.19 -40.73
C VAL AA 66 -37.69 34.59 -40.69
N LYS AA 67 -37.10 35.00 -41.80
CA LYS AA 67 -36.48 36.32 -41.91
C LYS AA 67 -37.22 37.12 -42.97
N GLY AA 68 -37.82 38.23 -42.55
CA GLY AA 68 -38.50 39.12 -43.47
C GLY AA 68 -38.19 40.57 -43.19
N ILE AA 69 -38.96 41.48 -43.78
CA ILE AA 69 -38.74 42.91 -43.59
C ILE AA 69 -40.05 43.58 -43.22
N LEU AA 70 -39.93 44.74 -42.59
CA LEU AA 70 -41.06 45.52 -42.10
C LEU AA 70 -41.15 46.82 -42.90
N VAL AA 71 -42.33 47.09 -43.47
CA VAL AA 71 -42.57 48.29 -44.25
C VAL AA 71 -43.90 48.89 -43.82
N ALA AA 72 -44.11 50.15 -44.19
CA ALA AA 72 -45.34 50.85 -43.84
C ALA AA 72 -46.44 50.50 -44.83
N GLY AA 73 -47.44 49.76 -44.38
CA GLY AA 73 -48.49 49.32 -45.29
C GLY AA 73 -49.62 48.63 -44.57
N THR AA 74 -50.66 48.33 -45.35
CA THR AA 74 -51.86 47.65 -44.90
C THR AA 74 -52.34 46.82 -46.09
N PRO AA 75 -52.67 45.53 -45.88
CA PRO AA 75 -52.85 44.62 -47.02
C PRO AA 75 -54.23 44.67 -47.68
N GLN AA 76 -54.28 45.17 -48.91
CA GLN AA 76 -55.36 44.93 -49.85
C GLN AA 76 -56.70 45.53 -49.42
N GLN AA 77 -56.76 46.06 -48.20
CA GLN AA 77 -57.97 46.68 -47.64
C GLN AA 77 -59.17 45.74 -47.64
N ALA AA 78 -58.96 44.48 -48.03
CA ALA AA 78 -59.98 43.43 -47.99
C ALA AA 78 -59.55 42.29 -47.09
N GLN AA 79 -58.80 42.60 -46.04
CA GLN AA 79 -58.12 41.62 -45.20
C GLN AA 79 -58.29 42.11 -43.76
N SER AA 80 -57.40 41.61 -42.88
CA SER AA 80 -57.50 41.67 -41.42
C SER AA 80 -58.45 40.61 -40.90
N ASN AA 81 -58.79 39.64 -41.75
CA ASN AA 81 -59.35 38.38 -41.34
C ASN AA 81 -58.31 37.26 -41.34
N ASP AA 82 -57.07 37.56 -41.75
CA ASP AA 82 -56.02 36.56 -41.88
C ASP AA 82 -54.67 37.05 -41.39
N PHE AA 83 -54.58 38.25 -40.83
CA PHE AA 83 -53.34 38.81 -40.33
C PHE AA 83 -53.43 39.03 -38.84
N LEU AA 84 -52.28 38.98 -38.16
CA LEU AA 84 -52.21 39.24 -36.72
C LEU AA 84 -51.85 40.70 -36.50
N THR AA 85 -52.88 41.52 -36.35
CA THR AA 85 -52.65 42.90 -35.97
C THR AA 85 -52.22 42.96 -34.50
N LEU AA 86 -51.11 43.64 -34.24
CA LEU AA 86 -50.63 43.77 -32.87
C LEU AA 86 -49.71 44.98 -32.79
N LYS AA 87 -49.62 45.55 -31.60
CA LYS AA 87 -48.81 46.72 -31.33
C LYS AA 87 -47.80 46.38 -30.24
N LEU AA 88 -46.53 46.68 -30.51
CA LEU AA 88 -45.43 46.31 -29.63
C LEU AA 88 -44.56 47.53 -29.37
N PRO AA 89 -43.91 47.59 -28.21
CA PRO AA 89 -43.10 48.77 -27.89
C PRO AA 89 -41.68 48.74 -28.47
N ALA AA 90 -41.55 48.34 -29.73
CA ALA AA 90 -40.31 48.51 -30.49
C ALA AA 90 -39.11 47.80 -29.91
N ASN AA 91 -39.29 47.05 -28.82
CA ASN AA 91 -38.23 46.23 -28.27
C ASN AA 91 -38.57 44.75 -28.25
N LYS AA 92 -39.83 44.40 -28.49
CA LYS AA 92 -40.24 43.03 -28.75
C LYS AA 92 -39.98 42.61 -30.19
N LEU AA 93 -39.16 43.38 -30.90
CA LEU AA 93 -38.80 43.11 -32.28
C LEU AA 93 -37.37 42.60 -32.32
N TYR AA 94 -37.18 41.38 -32.79
CA TYR AA 94 -35.84 40.83 -32.92
C TYR AA 94 -35.31 41.22 -34.29
N LEU AA 95 -34.46 42.25 -34.31
CA LEU AA 95 -34.04 42.90 -35.55
C LEU AA 95 -32.54 42.73 -35.76
N ILE AA 96 -32.17 42.26 -36.96
CA ILE AA 96 -30.78 42.09 -37.34
C ILE AA 96 -30.33 43.32 -38.11
N ARG AA 97 -29.02 43.54 -38.13
CA ARG AA 97 -28.42 44.64 -38.87
C ARG AA 97 -29.06 45.97 -38.50
N LYS AA 98 -29.27 46.18 -37.20
CA LYS AA 98 -29.96 47.36 -36.72
C LYS AA 98 -29.20 48.62 -37.10
N LYS AA 99 -29.94 49.64 -37.54
CA LYS AA 99 -29.36 50.95 -37.82
C LYS AA 99 -30.02 52.05 -37.01
N GLY AA 100 -31.34 52.20 -37.09
CA GLY AA 100 -32.03 53.34 -36.54
C GLY AA 100 -32.68 53.07 -35.20
N ASN AA 101 -32.72 54.10 -34.36
CA ASN AA 101 -33.36 54.04 -33.06
C ASN AA 101 -34.86 54.20 -33.22
N ILE AA 102 -35.61 53.15 -32.91
CA ILE AA 102 -37.03 53.11 -33.17
C ILE AA 102 -37.75 54.11 -32.27
N SER AA 103 -38.99 54.44 -32.65
CA SER AA 103 -39.79 55.44 -31.96
C SER AA 103 -40.59 54.85 -30.80
N ASP AA 104 -40.13 53.75 -30.21
CA ASP AA 104 -40.63 53.16 -28.98
C ASP AA 104 -42.02 52.54 -29.15
N ASP AA 105 -42.65 52.67 -30.31
CA ASP AA 105 -43.99 52.11 -30.50
C ASP AA 105 -44.21 51.81 -31.97
N LEU AA 106 -44.96 50.73 -32.23
CA LEU AA 106 -45.28 50.30 -33.59
C LEU AA 106 -46.59 49.54 -33.58
N LYS AA 107 -47.07 49.21 -34.78
CA LYS AA 107 -48.21 48.33 -34.96
C LYS AA 107 -47.94 47.49 -36.20
N ILE AA 108 -48.05 46.16 -36.05
CA ILE AA 108 -47.54 45.23 -37.05
C ILE AA 108 -48.69 44.35 -37.55
N TYR AA 109 -48.75 44.16 -38.86
CA TYR AA 109 -49.62 43.18 -39.47
C TYR AA 109 -48.76 42.03 -40.00
N ILE AA 110 -49.14 40.81 -39.66
CA ILE AA 110 -48.34 39.63 -39.93
C ILE AA 110 -49.09 38.76 -40.93
N PRO AA 111 -48.50 38.42 -42.06
CA PRO AA 111 -49.16 37.47 -42.96
C PRO AA 111 -49.23 36.10 -42.31
N TYR AA 112 -50.43 35.72 -41.90
CA TYR AA 112 -50.63 34.61 -40.98
C TYR AA 112 -51.56 33.58 -41.60
N SER AA 113 -51.29 32.31 -41.33
CA SER AA 113 -52.18 31.23 -41.69
C SER AA 113 -52.66 30.53 -40.42
N SER AA 114 -53.65 29.68 -40.59
CA SER AA 114 -54.16 28.90 -39.47
C SER AA 114 -53.29 27.68 -39.24
N PRO AA 115 -53.31 27.12 -38.04
CA PRO AA 115 -52.39 26.01 -37.72
C PRO AA 115 -52.60 24.75 -38.54
N ASP AA 116 -53.73 24.59 -39.23
CA ASP AA 116 -54.01 23.43 -40.06
C ASP AA 116 -53.86 22.13 -39.25
N ALA AA 117 -54.79 21.98 -38.30
CA ALA AA 117 -54.79 20.81 -37.42
C ALA AA 117 -55.37 19.58 -38.13
N ARG AA 118 -54.67 19.18 -39.20
CA ARG AA 118 -55.00 17.95 -39.89
C ARG AA 118 -53.80 17.05 -40.14
N ASN AA 119 -52.59 17.60 -40.23
CA ASN AA 119 -51.38 16.81 -40.41
C ASN AA 119 -50.25 17.50 -39.66
N SER AA 120 -49.32 16.72 -39.13
CA SER AA 120 -48.21 17.28 -38.37
C SER AA 120 -47.34 18.12 -39.28
N MET AA 121 -46.94 19.30 -38.80
CA MET AA 121 -46.17 20.27 -39.59
C MET AA 121 -44.68 20.01 -39.42
N LYS AA 122 -44.25 18.86 -39.91
CA LYS AA 122 -42.82 18.56 -39.99
C LYS AA 122 -42.19 19.49 -41.02
N THR AA 123 -41.35 20.42 -40.56
CA THR AA 123 -40.79 21.44 -41.42
C THR AA 123 -39.36 21.10 -41.82
N LYS AA 124 -38.79 21.96 -42.66
CA LYS AA 124 -37.43 21.83 -43.15
C LYS AA 124 -36.96 23.21 -43.58
N PRO AA 125 -35.74 23.59 -43.21
CA PRO AA 125 -35.25 24.92 -43.60
C PRO AA 125 -35.03 25.01 -45.10
N VAL AA 126 -35.02 26.24 -45.60
CA VAL AA 126 -34.71 26.53 -46.99
C VAL AA 126 -33.82 27.76 -47.03
N SER AA 127 -32.79 27.71 -47.88
CA SER AA 127 -31.85 28.81 -48.04
C SER AA 127 -32.13 29.54 -49.35
N ILE AA 128 -31.61 30.75 -49.44
CA ILE AA 128 -31.84 31.61 -50.60
C ILE AA 128 -30.67 31.43 -51.56
N SER AA 129 -30.91 30.69 -52.64
CA SER AA 129 -29.95 30.49 -53.72
C SER AA 129 -30.70 30.61 -55.04
N ASP AA 130 -30.08 30.17 -56.14
CA ASP AA 130 -30.71 30.19 -57.46
C ASP AA 130 -31.12 31.61 -57.84
N ASP AA 131 -30.09 32.42 -58.11
CA ASP AA 131 -30.21 33.86 -58.26
C ASP AA 131 -31.43 34.30 -59.07
N THR AA 132 -31.94 33.45 -59.96
CA THR AA 132 -33.24 33.72 -60.56
C THR AA 132 -34.31 33.95 -59.50
N ILE AA 133 -34.09 33.48 -58.27
CA ILE AA 133 -35.02 33.76 -57.19
C ILE AA 133 -34.72 35.11 -56.55
N VAL AA 134 -33.48 35.58 -56.59
CA VAL AA 134 -33.20 36.91 -56.07
C VAL AA 134 -33.35 37.96 -57.16
N ASN AA 135 -33.14 37.59 -58.41
CA ASN AA 135 -33.25 38.55 -59.51
C ASN AA 135 -34.64 39.14 -59.57
N ASN AA 136 -35.67 38.29 -59.55
CA ASN AA 136 -37.03 38.78 -59.73
C ASN AA 136 -37.52 39.54 -58.51
N ILE AA 137 -37.33 38.98 -57.31
CA ILE AA 137 -37.89 39.59 -56.10
C ILE AA 137 -37.37 41.01 -55.92
N ILE AA 138 -36.14 41.27 -56.36
CA ILE AA 138 -35.61 42.63 -56.30
C ILE AA 138 -36.56 43.60 -57.01
N LYS AA 139 -37.07 43.20 -58.17
CA LYS AA 139 -38.07 44.00 -58.85
C LYS AA 139 -39.47 43.79 -58.31
N GLU AA 140 -39.70 42.72 -57.54
CA GLU AA 140 -41.04 42.46 -57.02
C GLU AA 140 -41.32 43.21 -55.73
N VAL AA 141 -40.34 43.26 -54.82
CA VAL AA 141 -40.52 43.90 -53.52
C VAL AA 141 -39.50 45.01 -53.29
N PHE AA 142 -38.23 44.74 -53.61
CA PHE AA 142 -37.19 45.70 -53.29
C PHE AA 142 -37.14 46.89 -54.25
N ASP AA 143 -37.60 46.73 -55.49
CA ASP AA 143 -37.72 47.85 -56.40
C ASP AA 143 -39.13 48.36 -56.56
N LYS AA 144 -40.13 47.52 -56.31
CA LYS AA 144 -41.51 48.01 -56.22
C LYS AA 144 -41.67 48.99 -55.07
N ILE AA 145 -40.91 48.82 -53.99
CA ILE AA 145 -40.94 49.72 -52.85
C ILE AA 145 -39.82 50.75 -52.92
N TYR AA 146 -38.57 50.29 -52.84
CA TYR AA 146 -37.43 51.20 -52.84
C TYR AA 146 -37.09 51.54 -54.29
N ASN AA 147 -37.93 52.38 -54.90
CA ASN AA 147 -37.62 52.89 -56.23
C ASN AA 147 -36.34 53.71 -56.25
N ILE AA 148 -35.85 54.13 -55.08
CA ILE AA 148 -34.59 54.84 -55.00
C ILE AA 148 -33.43 53.94 -55.42
N THR AA 149 -33.60 52.63 -55.27
CA THR AA 149 -32.69 51.69 -55.92
C THR AA 149 -32.80 51.84 -57.44
N GLN AA 150 -31.68 51.63 -58.12
CA GLN AA 150 -31.45 51.97 -59.52
C GLN AA 150 -31.37 53.49 -59.70
N LYS AA 151 -31.69 54.27 -58.66
CA LYS AA 151 -31.57 55.71 -58.68
C LYS AA 151 -30.57 56.24 -57.64
N GLU AA 152 -30.33 55.51 -56.57
CA GLU AA 152 -29.24 55.74 -55.63
C GLU AA 152 -28.25 54.59 -55.57
N LYS AA 153 -28.74 53.36 -55.62
CA LYS AA 153 -27.92 52.16 -55.52
C LYS AA 153 -27.82 51.52 -56.90
N VAL AA 154 -26.59 51.28 -57.35
CA VAL AA 154 -26.37 50.59 -58.61
C VAL AA 154 -25.79 49.19 -58.42
N LYS AA 155 -25.08 48.95 -57.32
CA LYS AA 155 -24.54 47.62 -57.04
C LYS AA 155 -25.60 46.73 -56.38
N ILE AA 156 -26.64 46.43 -57.16
CA ILE AA 156 -27.62 45.45 -56.72
C ILE AA 156 -26.95 44.11 -56.47
N GLU AA 157 -25.83 43.86 -57.17
CA GLU AA 157 -25.02 42.68 -56.90
C GLU AA 157 -24.63 42.59 -55.43
N LYS AA 158 -24.32 43.73 -54.80
CA LYS AA 158 -24.04 43.72 -53.37
C LYS AA 158 -25.23 43.19 -52.60
N VAL AA 159 -26.41 43.77 -52.83
CA VAL AA 159 -27.63 43.25 -52.22
C VAL AA 159 -27.91 41.82 -52.65
N LYS AA 160 -27.52 41.43 -53.88
CA LYS AA 160 -27.70 40.05 -54.30
C LYS AA 160 -26.89 39.08 -53.44
N GLU AA 161 -25.90 39.59 -52.71
CA GLU AA 161 -25.11 38.73 -51.84
C GLU AA 161 -25.86 38.44 -50.54
N ASP AA 162 -26.16 39.48 -49.77
CA ASP AA 162 -26.71 39.26 -48.43
C ASP AA 162 -28.15 38.75 -48.49
N ILE AA 163 -28.86 38.98 -49.60
CA ILE AA 163 -30.13 38.27 -49.77
C ILE AA 163 -29.88 36.78 -49.91
N LYS AA 164 -28.84 36.40 -50.65
CA LYS AA 164 -28.46 35.01 -50.75
C LYS AA 164 -27.92 34.46 -49.44
N GLU AA 165 -27.50 35.34 -48.52
CA GLU AA 165 -26.85 34.93 -47.29
C GLU AA 165 -27.68 35.20 -46.05
N LEU AA 166 -28.03 36.47 -45.81
CA LEU AA 166 -28.61 36.85 -44.52
C LEU AA 166 -29.97 36.22 -44.30
N PHE AA 167 -30.85 36.29 -45.28
CA PHE AA 167 -32.21 35.80 -45.12
C PHE AA 167 -32.24 34.28 -45.21
N SER AA 168 -33.00 33.66 -44.30
CA SER AA 168 -33.33 32.25 -44.40
C SER AA 168 -34.65 32.04 -43.67
N TYR AA 169 -35.10 30.79 -43.62
CA TYR AA 169 -36.40 30.47 -43.05
C TYR AA 169 -36.57 28.97 -43.03
N TYR AA 170 -37.65 28.53 -42.38
CA TYR AA 170 -38.09 27.16 -42.40
C TYR AA 170 -39.40 27.07 -43.17
N ALA AA 171 -39.59 25.97 -43.89
CA ALA AA 171 -40.77 25.79 -44.71
C ALA AA 171 -41.42 24.44 -44.38
N LEU AA 172 -42.73 24.39 -44.55
CA LEU AA 172 -43.46 23.17 -44.26
C LEU AA 172 -43.15 22.07 -45.26
N GLU AA 173 -43.01 22.42 -46.54
CA GLU AA 173 -42.78 21.48 -47.64
C GLU AA 173 -43.98 20.56 -47.87
N GLN AA 174 -45.11 20.84 -47.25
CA GLN AA 174 -46.32 20.05 -47.46
C GLN AA 174 -47.52 20.95 -47.72
N SER BA 2 54.64 -57.39 63.10
CA SER BA 2 53.83 -57.25 61.90
C SER BA 2 54.70 -57.24 60.64
N THR BA 3 54.09 -56.90 59.51
CA THR BA 3 54.78 -56.88 58.23
C THR BA 3 54.86 -55.45 57.71
N GLN BA 4 56.02 -55.11 57.17
CA GLN BA 4 56.27 -53.80 56.58
C GLN BA 4 56.56 -53.99 55.11
N ARG BA 5 55.99 -53.14 54.28
CA ARG BA 5 56.26 -53.14 52.84
C ARG BA 5 56.81 -51.79 52.41
N GLU BA 6 57.51 -51.79 51.29
CA GLU BA 6 58.03 -50.57 50.70
C GLU BA 6 57.59 -50.53 49.25
N TYR BA 7 56.73 -49.57 48.90
CA TYR BA 7 56.24 -49.47 47.55
C TYR BA 7 57.32 -48.94 46.63
N VAL BA 8 57.50 -49.61 45.49
CA VAL BA 8 58.45 -49.20 44.47
C VAL BA 8 57.69 -48.97 43.17
N PHE BA 9 57.82 -47.77 42.63
CA PHE BA 9 57.16 -47.43 41.37
C PHE BA 9 57.84 -48.13 40.20
N ILE BA 10 57.15 -48.19 39.08
CA ILE BA 10 57.65 -48.84 37.88
C ILE BA 10 57.70 -47.84 36.73
N PRO BA 11 58.75 -47.03 36.62
CA PRO BA 11 58.85 -46.10 35.50
C PRO BA 11 59.56 -46.71 34.31
N ILE BA 12 59.77 -45.93 33.25
CA ILE BA 12 60.55 -46.40 32.11
C ILE BA 12 62.04 -46.20 32.31
N THR BA 13 62.44 -45.51 33.37
CA THR BA 13 63.82 -45.06 33.54
C THR BA 13 64.58 -45.97 34.49
N ASN BA 14 65.90 -45.90 34.40
CA ASN BA 14 66.79 -46.76 35.17
C ASN BA 14 67.15 -46.16 36.53
N SER BA 15 66.12 -45.72 37.25
CA SER BA 15 66.24 -45.30 38.65
C SER BA 15 65.80 -46.41 39.60
N ILE BA 16 66.05 -47.65 39.23
CA ILE BA 16 65.41 -48.79 39.85
C ILE BA 16 66.40 -49.79 40.45
N THR BA 17 67.67 -49.78 40.02
CA THR BA 17 68.60 -50.84 40.37
C THR BA 17 68.80 -50.94 41.88
N ILE BA 18 69.38 -49.91 42.49
CA ILE BA 18 69.80 -49.95 43.89
C ILE BA 18 68.97 -48.92 44.63
N ASP BA 19 67.84 -49.36 45.19
CA ASP BA 19 66.99 -48.50 46.00
C ASP BA 19 66.52 -49.17 47.28
N VAL BA 20 66.68 -50.48 47.42
CA VAL BA 20 66.17 -51.22 48.57
C VAL BA 20 67.25 -52.20 49.03
N LYS BA 21 67.31 -52.39 50.35
CA LYS BA 21 68.27 -53.29 50.96
C LYS BA 21 67.78 -54.72 51.07
N ILE BA 22 66.46 -54.93 51.13
CA ILE BA 22 65.89 -56.25 51.39
C ILE BA 22 65.15 -56.71 50.15
N THR BA 23 65.42 -57.93 49.71
CA THR BA 23 64.68 -58.51 48.61
C THR BA 23 63.44 -59.24 49.12
N ILE BA 24 63.62 -60.21 50.02
CA ILE BA 24 62.52 -61.00 50.56
C ILE BA 24 62.21 -60.60 52.00
N GLY BA 25 63.16 -60.78 52.91
CA GLY BA 25 62.98 -60.37 54.29
C GLY BA 25 61.99 -61.25 55.04
N GLY BA 26 60.72 -61.15 54.66
CA GLY BA 26 59.68 -62.01 55.21
C GLY BA 26 59.54 -63.29 54.42
N SER BA 27 58.32 -63.63 54.03
CA SER BA 27 58.10 -64.82 53.22
C SER BA 27 57.07 -64.62 52.12
N ASP BA 28 56.53 -63.42 51.93
CA ASP BA 28 55.49 -63.20 50.95
C ASP BA 28 55.47 -61.73 50.54
N HIS BA 29 54.77 -61.46 49.44
CA HIS BA 29 54.57 -60.10 48.97
C HIS BA 29 53.17 -60.01 48.36
N ILE BA 30 52.63 -58.79 48.36
CA ILE BA 30 51.27 -58.57 47.90
C ILE BA 30 51.19 -58.76 46.39
N THR BA 31 52.02 -58.03 45.67
CA THR BA 31 52.07 -58.14 44.22
C THR BA 31 52.46 -59.56 43.82
N ASN BA 32 51.52 -60.29 43.23
CA ASN BA 32 51.75 -61.65 42.78
C ASN BA 32 51.66 -61.73 41.27
N ILE BA 33 52.34 -62.71 40.70
CA ILE BA 33 52.31 -62.95 39.26
C ILE BA 33 51.89 -64.42 39.09
N ASP BA 34 50.59 -64.64 38.90
CA ASP BA 34 50.02 -65.98 38.93
C ASP BA 34 49.28 -66.24 37.62
N GLU BA 35 50.05 -66.64 36.59
CA GLU BA 35 49.57 -67.18 35.32
C GLU BA 35 48.46 -66.34 34.68
N ARG BA 36 48.25 -65.14 35.19
CA ARG BA 36 47.28 -64.21 34.62
C ARG BA 36 47.81 -62.79 34.53
N GLY BA 37 48.97 -62.49 35.09
CA GLY BA 37 49.47 -61.15 35.13
C GLY BA 37 49.78 -60.67 36.54
N ILE BA 38 49.72 -59.37 36.74
CA ILE BA 38 50.09 -58.75 37.98
C ILE BA 38 48.82 -58.46 38.79
N HIS BA 39 48.96 -58.42 40.10
CA HIS BA 39 47.80 -58.26 40.97
C HIS BA 39 48.14 -57.33 42.13
N ASN BA 40 47.11 -56.65 42.64
CA ASN BA 40 47.20 -55.79 43.82
C ASN BA 40 48.23 -54.68 43.62
N VAL BA 41 48.17 -54.02 42.46
CA VAL BA 41 49.07 -52.90 42.20
C VAL BA 41 48.61 -51.68 42.99
N LEU BA 42 49.46 -51.21 43.90
CA LEU BA 42 49.16 -50.02 44.67
C LEU BA 42 49.27 -48.77 43.80
N VAL BA 43 48.17 -48.03 43.69
CA VAL BA 43 48.12 -46.81 42.90
C VAL BA 43 47.93 -45.65 43.85
N ILE BA 44 48.83 -44.66 43.77
CA ILE BA 44 48.83 -43.52 44.67
C ILE BA 44 48.60 -42.26 43.85
N THR BA 45 47.53 -41.55 44.16
CA THR BA 45 47.24 -40.31 43.46
C THR BA 45 47.82 -39.12 44.23
N GLY BA 46 47.75 -37.95 43.61
CA GLY BA 46 48.29 -36.76 44.22
C GLY BA 46 49.80 -36.71 44.31
N TYR BA 47 50.50 -37.65 43.69
CA TYR BA 47 51.96 -37.68 43.70
C TYR BA 47 52.46 -37.71 42.27
N ALA BA 48 53.66 -37.16 42.06
CA ALA BA 48 54.23 -37.03 40.74
C ALA BA 48 55.60 -37.69 40.69
N VAL BA 49 55.97 -38.14 39.51
CA VAL BA 49 57.26 -38.80 39.30
C VAL BA 49 58.33 -37.76 39.07
N ASP BA 50 59.54 -38.05 39.57
CA ASP BA 50 60.67 -37.13 39.56
C ASP BA 50 61.88 -37.83 38.94
N GLU BA 51 61.69 -38.33 37.71
CA GLU BA 51 62.58 -39.28 37.04
C GLU BA 51 64.06 -39.04 37.30
N LYS BA 52 64.51 -37.79 37.33
CA LYS BA 52 65.88 -37.51 37.76
C LYS BA 52 65.95 -37.70 39.27
N ASN BA 53 66.65 -38.76 39.70
CA ASN BA 53 66.56 -39.25 41.07
C ASN BA 53 65.11 -39.64 41.39
N GLY BA 54 64.66 -40.70 40.71
CA GLY BA 54 63.27 -41.10 40.71
C GLY BA 54 62.63 -41.24 42.07
N ARG BA 55 61.75 -40.30 42.40
CA ARG BA 55 60.99 -40.32 43.64
C ARG BA 55 59.63 -39.70 43.37
N LEU BA 56 58.71 -39.90 44.31
CA LEU BA 56 57.31 -39.54 44.10
C LEU BA 56 57.01 -38.24 44.83
N VAL BA 57 57.15 -37.13 44.11
CA VAL BA 57 56.86 -35.81 44.68
C VAL BA 57 55.36 -35.66 44.88
N PRO BA 58 54.89 -35.46 46.11
CA PRO BA 58 53.47 -35.23 46.33
C PRO BA 58 53.04 -33.91 45.68
N THR BA 59 52.16 -34.01 44.70
CA THR BA 59 51.55 -32.85 44.09
C THR BA 59 50.21 -32.56 44.78
N LEU BA 60 49.53 -31.52 44.32
CA LEU BA 60 48.20 -31.21 44.81
C LEU BA 60 47.14 -31.44 43.74
N ASP BA 61 47.40 -32.36 42.81
CA ASP BA 61 46.45 -32.72 41.77
C ASP BA 61 45.98 -34.14 41.98
N PRO BA 62 44.67 -34.36 42.13
CA PRO BA 62 44.17 -35.74 42.24
C PRO BA 62 44.27 -36.54 40.96
N CYS BA 63 44.77 -35.96 39.88
CA CYS BA 63 44.92 -36.69 38.63
C CYS BA 63 46.32 -37.25 38.42
N ASP BA 64 47.25 -36.98 39.33
CA ASP BA 64 48.62 -37.45 39.19
C ASP BA 64 48.79 -38.72 40.02
N TYR BA 65 48.85 -39.86 39.34
CA TYR BA 65 48.90 -41.15 40.00
C TYR BA 65 50.15 -41.91 39.57
N VAL BA 66 50.66 -42.73 40.48
CA VAL BA 66 51.86 -43.53 40.26
C VAL BA 66 51.50 -44.99 40.47
N LYS BA 67 52.01 -45.86 39.60
CA LYS BA 67 51.62 -47.27 39.59
C LYS BA 67 52.88 -48.14 39.66
N GLY BA 68 53.05 -48.84 40.78
CA GLY BA 68 54.18 -49.73 40.96
C GLY BA 68 53.77 -50.90 41.82
N ILE BA 69 54.73 -51.79 42.09
CA ILE BA 69 54.46 -53.02 42.82
C ILE BA 69 54.78 -52.81 44.29
N LEU BA 70 54.26 -53.71 45.12
CA LEU BA 70 54.41 -53.63 46.57
C LEU BA 70 55.26 -54.79 47.06
N VAL BA 71 56.39 -54.47 47.70
CA VAL BA 71 57.33 -55.47 48.19
C VAL BA 71 57.76 -55.08 49.60
N ALA BA 72 58.08 -56.09 50.39
CA ALA BA 72 58.55 -55.88 51.75
C ALA BA 72 60.06 -55.66 51.76
N GLY BA 73 60.52 -54.65 52.48
CA GLY BA 73 61.94 -54.39 52.56
C GLY BA 73 62.25 -53.05 53.17
N THR BA 74 63.46 -52.97 53.74
CA THR BA 74 64.06 -51.79 54.36
C THR BA 74 64.95 -51.08 53.35
N PRO BA 75 64.85 -49.76 53.24
CA PRO BA 75 65.54 -49.09 52.13
C PRO BA 75 67.02 -48.89 52.34
N GLN BA 76 67.84 -49.73 51.71
CA GLN BA 76 69.23 -49.46 51.38
C GLN BA 76 70.08 -49.08 52.60
N GLN BA 77 69.46 -49.11 53.79
CA GLN BA 77 70.03 -48.60 55.03
C GLN BA 77 70.77 -47.28 54.82
N ALA BA 78 70.20 -46.41 53.99
CA ALA BA 78 70.66 -45.04 53.82
C ALA BA 78 69.49 -44.08 53.79
N GLN BA 79 68.35 -44.49 54.30
CA GLN BA 79 67.08 -43.80 54.12
C GLN BA 79 66.34 -43.81 55.46
N SER BA 80 65.03 -43.59 55.41
CA SER BA 80 64.12 -43.21 56.49
C SER BA 80 64.24 -41.71 56.69
N ASN BA 81 65.14 -41.04 55.97
CA ASN BA 81 65.21 -39.59 55.94
C ASN BA 81 64.25 -38.99 54.93
N ASP BA 82 64.19 -39.55 53.73
CA ASP BA 82 63.36 -39.01 52.65
C ASP BA 82 62.35 -40.04 52.15
N PHE BA 83 62.08 -41.07 52.92
CA PHE BA 83 61.08 -42.07 52.56
C PHE BA 83 59.85 -41.88 53.44
N LEU BA 84 58.69 -41.75 52.81
CA LEU BA 84 57.46 -41.45 53.53
C LEU BA 84 57.03 -42.69 54.31
N THR BA 85 57.61 -42.85 55.49
CA THR BA 85 57.27 -43.98 56.33
C THR BA 85 55.88 -43.77 56.90
N LEU BA 86 54.98 -44.72 56.64
CA LEU BA 86 53.61 -44.62 57.11
C LEU BA 86 53.06 -46.02 57.36
N LYS BA 87 51.96 -46.07 58.10
CA LYS BA 87 51.32 -47.33 58.48
C LYS BA 87 49.83 -47.22 58.19
N LEU BA 88 49.36 -48.03 57.25
CA LEU BA 88 47.98 -48.00 56.78
C LEU BA 88 47.32 -49.34 56.97
N PRO BA 89 46.00 -49.36 57.25
CA PRO BA 89 45.33 -50.64 57.55
C PRO BA 89 44.83 -51.41 56.34
N ALA BA 90 45.61 -51.44 55.25
CA ALA BA 90 45.41 -52.40 54.17
C ALA BA 90 44.05 -52.33 53.50
N ASN BA 91 43.21 -51.38 53.92
CA ASN BA 91 41.93 -51.16 53.26
C ASN BA 91 41.80 -49.75 52.73
N LYS BA 92 42.78 -48.89 53.00
CA LYS BA 92 42.82 -47.55 52.44
C LYS BA 92 43.74 -47.48 51.23
N LEU BA 93 44.24 -48.61 50.76
CA LEU BA 93 45.07 -48.67 49.57
C LEU BA 93 44.23 -48.89 48.34
N TYR BA 94 44.54 -48.15 47.28
CA TYR BA 94 43.85 -48.31 46.00
C TYR BA 94 44.63 -49.33 45.17
N LEU BA 95 44.13 -50.55 45.16
CA LEU BA 95 44.78 -51.67 44.49
C LEU BA 95 44.04 -52.03 43.21
N ILE BA 96 44.78 -52.51 42.22
CA ILE BA 96 44.23 -52.81 40.90
C ILE BA 96 44.37 -54.30 40.64
N ARG BA 97 43.32 -54.90 40.07
CA ARG BA 97 43.33 -56.31 39.71
C ARG BA 97 43.68 -57.17 40.91
N LYS BA 98 43.02 -56.89 42.03
CA LYS BA 98 43.28 -57.61 43.27
C LYS BA 98 43.03 -59.11 43.07
N LYS BA 99 43.83 -59.93 43.74
CA LYS BA 99 43.58 -61.36 43.80
C LYS BA 99 43.29 -61.81 45.22
N GLY BA 100 44.19 -61.56 46.16
CA GLY BA 100 44.05 -62.01 47.52
C GLY BA 100 43.73 -60.88 48.49
N ASN BA 101 43.75 -61.22 49.77
CA ASN BA 101 43.49 -60.27 50.84
C ASN BA 101 44.80 -59.81 51.45
N ILE BA 102 44.74 -58.71 52.19
CA ILE BA 102 45.93 -58.09 52.74
C ILE BA 102 45.86 -58.17 54.27
N SER BA 103 47.00 -57.94 54.91
CA SER BA 103 47.23 -58.23 56.32
C SER BA 103 46.59 -57.23 57.27
N ASP BA 104 45.67 -56.40 56.79
CA ASP BA 104 44.86 -55.49 57.61
C ASP BA 104 45.67 -54.41 58.29
N ASP BA 105 47.00 -54.39 58.11
CA ASP BA 105 47.84 -53.25 58.50
C ASP BA 105 49.24 -53.44 57.96
N LEU BA 106 49.82 -52.36 57.42
CA LEU BA 106 51.16 -52.43 56.86
C LEU BA 106 51.88 -51.11 57.08
N LYS BA 107 53.17 -51.20 57.38
CA LYS BA 107 54.03 -50.03 57.50
C LYS BA 107 54.70 -49.80 56.14
N ILE BA 108 54.47 -48.64 55.54
CA ILE BA 108 54.80 -48.41 54.14
C ILE BA 108 55.88 -47.35 54.03
N TYR BA 109 56.77 -47.52 53.05
CA TYR BA 109 57.89 -46.63 52.79
C TYR BA 109 57.79 -46.14 51.35
N ILE BA 110 57.83 -44.84 51.16
CA ILE BA 110 57.57 -44.22 49.86
C ILE BA 110 58.76 -43.33 49.49
N PRO BA 111 59.40 -43.53 48.34
CA PRO BA 111 60.45 -42.61 47.90
C PRO BA 111 59.91 -41.21 47.67
N TYR BA 112 60.42 -40.24 48.42
CA TYR BA 112 59.88 -38.89 48.42
C TYR BA 112 60.96 -37.89 48.05
N SER BA 113 60.55 -36.81 47.40
CA SER BA 113 61.40 -35.66 47.15
C SER BA 113 60.73 -34.40 47.68
N SER BA 114 61.56 -33.42 48.04
CA SER BA 114 61.06 -32.15 48.53
C SER BA 114 60.28 -31.44 47.43
N PRO BA 115 59.36 -30.54 47.80
CA PRO BA 115 58.58 -29.83 46.76
C PRO BA 115 59.42 -29.04 45.76
N ASP BA 116 60.61 -28.58 46.15
CA ASP BA 116 61.48 -27.79 45.26
C ASP BA 116 60.75 -26.56 44.74
N ALA BA 117 60.48 -25.64 45.65
CA ALA BA 117 59.64 -24.48 45.33
C ALA BA 117 60.38 -23.49 44.45
N ARG BA 118 60.84 -23.93 43.28
CA ARG BA 118 61.59 -23.06 42.39
C ARG BA 118 61.22 -23.27 40.92
N ASN BA 119 60.25 -24.12 40.61
CA ASN BA 119 59.84 -24.37 39.24
C ASN BA 119 58.44 -24.95 39.25
N SER BA 120 57.55 -24.34 38.46
CA SER BA 120 56.13 -24.73 38.49
C SER BA 120 55.96 -26.19 38.07
N MET BA 121 55.19 -26.92 38.86
CA MET BA 121 55.02 -28.36 38.65
C MET BA 121 53.96 -28.60 37.58
N LYS BA 122 54.37 -28.48 36.33
CA LYS BA 122 53.51 -28.80 35.19
C LYS BA 122 53.71 -30.27 34.85
N THR BA 123 53.08 -31.12 35.66
CA THR BA 123 53.24 -32.56 35.52
C THR BA 123 52.59 -33.04 34.23
N LYS BA 124 53.25 -34.01 33.58
CA LYS BA 124 52.80 -34.52 32.30
C LYS BA 124 52.79 -36.03 32.33
N PRO BA 125 51.82 -36.66 31.69
CA PRO BA 125 51.71 -38.12 31.74
C PRO BA 125 52.76 -38.80 30.87
N VAL BA 126 53.19 -39.97 31.33
CA VAL BA 126 54.20 -40.76 30.64
C VAL BA 126 53.80 -42.23 30.72
N SER BA 127 53.80 -42.92 29.58
CA SER BA 127 53.42 -44.32 29.52
C SER BA 127 54.65 -45.18 29.31
N ILE BA 128 54.46 -46.49 29.46
CA ILE BA 128 55.54 -47.46 29.29
C ILE BA 128 55.53 -47.92 27.83
N SER BA 129 56.55 -47.51 27.09
CA SER BA 129 56.73 -47.92 25.70
C SER BA 129 58.16 -48.43 25.50
N ASP BA 130 58.53 -48.62 24.23
CA ASP BA 130 59.88 -49.04 23.85
C ASP BA 130 60.24 -50.38 24.48
N ASP BA 131 59.57 -51.42 23.96
CA ASP BA 131 59.51 -52.75 24.55
C ASP BA 131 60.81 -53.28 25.14
N THR BA 132 61.95 -52.90 24.56
CA THR BA 132 63.22 -53.32 25.17
C THR BA 132 63.43 -52.62 26.50
N ILE BA 133 62.86 -51.43 26.69
CA ILE BA 133 62.82 -50.84 28.03
C ILE BA 133 62.05 -51.74 28.98
N VAL BA 134 60.90 -52.23 28.54
CA VAL BA 134 60.14 -53.19 29.33
C VAL BA 134 61.02 -54.38 29.69
N ASN BA 135 61.77 -54.89 28.72
CA ASN BA 135 62.58 -56.08 28.93
C ASN BA 135 63.68 -55.82 29.97
N ASN BA 136 64.43 -54.74 29.79
CA ASN BA 136 65.50 -54.47 30.75
C ASN BA 136 64.97 -54.13 32.13
N ILE BA 137 63.77 -53.54 32.23
CA ILE BA 137 63.21 -53.36 33.57
C ILE BA 137 62.80 -54.70 34.17
N ILE BA 138 62.23 -55.61 33.35
CA ILE BA 138 61.98 -56.97 33.83
C ILE BA 138 63.27 -57.57 34.37
N LYS BA 139 64.37 -57.33 33.68
CA LYS BA 139 65.67 -57.80 34.14
C LYS BA 139 66.17 -57.03 35.35
N GLU BA 140 65.52 -55.90 35.67
CA GLU BA 140 65.94 -55.10 36.81
C GLU BA 140 65.01 -55.22 38.01
N VAL BA 141 63.71 -55.50 37.80
CA VAL BA 141 62.76 -55.69 38.89
C VAL BA 141 62.10 -57.06 38.83
N PHE BA 142 61.55 -57.43 37.69
CA PHE BA 142 60.79 -58.67 37.62
C PHE BA 142 61.67 -59.90 37.61
N ASP BA 143 62.98 -59.72 37.72
CA ASP BA 143 63.93 -60.79 37.94
C ASP BA 143 64.80 -60.57 39.16
N LYS BA 144 65.05 -59.32 39.56
CA LYS BA 144 65.93 -59.06 40.68
C LYS BA 144 65.21 -59.16 42.03
N ILE BA 145 64.06 -58.51 42.17
CA ILE BA 145 63.25 -58.63 43.38
C ILE BA 145 62.32 -59.83 43.31
N TYR BA 146 61.85 -60.17 42.11
CA TYR BA 146 61.01 -61.33 41.87
C TYR BA 146 61.79 -62.34 41.02
N ASN BA 147 62.51 -63.23 41.70
CA ASN BA 147 63.18 -64.31 40.99
C ASN BA 147 62.20 -65.33 40.43
N ILE BA 148 60.90 -65.17 40.69
CA ILE BA 148 59.91 -66.15 40.22
C ILE BA 148 59.90 -66.22 38.70
N THR BA 149 60.10 -65.09 38.03
CA THR BA 149 60.25 -65.11 36.58
C THR BA 149 61.55 -65.80 36.20
N GLN BA 150 61.55 -66.42 35.01
CA GLN BA 150 62.67 -67.16 34.47
C GLN BA 150 63.03 -68.37 35.34
N LYS BA 151 62.21 -68.70 36.32
CA LYS BA 151 62.36 -69.89 37.15
C LYS BA 151 61.29 -70.94 36.87
N GLU BA 152 60.02 -70.58 37.04
CA GLU BA 152 58.91 -71.38 36.55
C GLU BA 152 58.19 -70.74 35.38
N LYS BA 153 58.54 -69.50 35.05
CA LYS BA 153 57.84 -68.74 34.02
C LYS BA 153 58.39 -69.06 32.63
N VAL BA 154 57.49 -69.36 31.72
CA VAL BA 154 57.76 -69.36 30.28
C VAL BA 154 56.81 -68.40 29.56
N LYS BA 155 55.85 -67.83 30.29
CA LYS BA 155 54.88 -66.88 29.74
C LYS BA 155 55.37 -65.45 29.95
N ILE BA 156 56.55 -65.16 29.40
CA ILE BA 156 57.14 -63.84 29.58
C ILE BA 156 56.49 -62.83 28.65
N GLU BA 157 56.08 -63.25 27.45
CA GLU BA 157 55.41 -62.33 26.54
C GLU BA 157 54.11 -61.81 27.13
N LYS BA 158 53.43 -62.61 27.96
CA LYS BA 158 52.18 -62.15 28.55
C LYS BA 158 52.43 -61.08 29.61
N VAL BA 159 53.36 -61.34 30.52
CA VAL BA 159 53.68 -60.38 31.57
C VAL BA 159 54.41 -59.19 30.97
N LYS BA 160 54.74 -59.28 29.69
CA LYS BA 160 55.23 -58.12 28.96
C LYS BA 160 54.08 -57.30 28.37
N GLU BA 161 53.19 -57.95 27.63
CA GLU BA 161 52.10 -57.22 26.98
C GLU BA 161 51.14 -56.63 27.99
N ASP BA 162 51.02 -57.23 29.18
CA ASP BA 162 50.09 -56.69 30.17
C ASP BA 162 50.68 -55.48 30.88
N ILE BA 163 51.96 -55.53 31.25
CA ILE BA 163 52.61 -54.36 31.80
C ILE BA 163 52.71 -53.26 30.75
N LYS BA 164 52.65 -53.62 29.47
CA LYS BA 164 52.60 -52.63 28.41
C LYS BA 164 51.40 -51.71 28.53
N GLU BA 165 50.41 -52.04 29.36
CA GLU BA 165 49.24 -51.18 29.53
C GLU BA 165 48.98 -50.86 30.98
N LEU BA 166 49.33 -51.78 31.88
CA LEU BA 166 48.87 -51.68 33.26
C LEU BA 166 49.50 -50.51 34.01
N PHE BA 167 50.74 -50.15 33.69
CA PHE BA 167 51.49 -49.19 34.48
C PHE BA 167 51.63 -47.89 33.72
N SER BA 168 51.41 -46.77 34.42
CA SER BA 168 51.65 -45.44 33.90
C SER BA 168 51.80 -44.50 35.08
N TYR BA 169 52.05 -43.23 34.79
CA TYR BA 169 52.34 -42.25 35.83
C TYR BA 169 52.38 -40.87 35.22
N TYR BA 170 52.56 -39.87 36.07
CA TYR BA 170 52.77 -38.49 35.67
C TYR BA 170 54.15 -38.04 36.13
N ALA BA 171 54.93 -37.48 35.22
CA ALA BA 171 56.27 -37.03 35.50
C ALA BA 171 56.31 -35.51 35.52
N LEU BA 172 57.22 -34.97 36.35
CA LEU BA 172 57.35 -33.52 36.47
C LEU BA 172 57.82 -32.90 35.15
N GLU BA 173 58.56 -33.66 34.36
CA GLU BA 173 59.14 -33.19 33.09
C GLU BA 173 59.94 -31.91 33.29
N GLN BA 174 60.79 -31.93 34.31
CA GLN BA 174 61.73 -30.85 34.56
C GLN BA 174 63.16 -31.40 34.58
N SER CA 2 55.48 -11.72 42.43
CA SER CA 2 54.15 -12.23 42.10
C SER CA 2 53.24 -12.18 43.32
N THR CA 3 52.52 -13.28 43.56
CA THR CA 3 51.64 -13.41 44.70
C THR CA 3 51.78 -14.81 45.28
N GLN CA 4 51.54 -14.92 46.59
CA GLN CA 4 51.70 -16.18 47.31
C GLN CA 4 50.47 -16.42 48.16
N ARG CA 5 49.94 -17.63 48.11
CA ARG CA 5 48.69 -17.97 48.78
C ARG CA 5 48.92 -18.87 49.99
N GLU CA 6 47.97 -18.82 50.92
CA GLU CA 6 48.03 -19.58 52.17
C GLU CA 6 46.72 -20.34 52.35
N TYR CA 7 46.81 -21.67 52.32
CA TYR CA 7 45.66 -22.53 52.50
C TYR CA 7 45.59 -23.01 53.94
N VAL CA 8 44.42 -22.87 54.55
CA VAL CA 8 44.21 -23.33 55.92
C VAL CA 8 43.12 -24.38 55.90
N PHE CA 9 43.27 -25.40 56.74
CA PHE CA 9 42.25 -26.43 56.89
C PHE CA 9 41.08 -25.88 57.69
N ILE CA 10 39.91 -26.48 57.48
CA ILE CA 10 38.69 -26.08 58.18
C ILE CA 10 38.18 -27.23 59.02
N PRO CA 11 38.77 -27.51 60.17
CA PRO CA 11 38.26 -28.59 61.02
C PRO CA 11 37.11 -28.09 61.88
N ILE CA 12 36.61 -28.94 62.77
CA ILE CA 12 35.73 -28.46 63.83
C ILE CA 12 36.52 -28.03 65.05
N THR CA 13 37.82 -28.28 65.08
CA THR CA 13 38.67 -27.98 66.22
C THR CA 13 39.34 -26.64 66.03
N ASN CA 14 39.64 -25.99 67.15
CA ASN CA 14 40.18 -24.64 67.12
C ASN CA 14 41.71 -24.62 67.10
N SER CA 15 42.29 -25.39 66.18
CA SER CA 15 43.73 -25.36 65.94
C SER CA 15 44.11 -24.36 64.86
N ILE CA 16 43.33 -23.30 64.71
CA ILE CA 16 43.43 -22.40 63.57
C ILE CA 16 43.81 -20.98 63.96
N THR CA 17 43.70 -20.63 65.25
CA THR CA 17 43.79 -19.23 65.65
C THR CA 17 45.14 -18.61 65.33
N ILE CA 18 46.22 -19.32 65.64
CA ILE CA 18 47.57 -18.84 65.36
C ILE CA 18 48.21 -19.82 64.37
N ASP CA 19 48.05 -19.52 63.07
CA ASP CA 19 48.75 -20.25 62.02
C ASP CA 19 49.16 -19.37 60.85
N VAL CA 20 48.80 -18.09 60.83
CA VAL CA 20 49.08 -17.21 59.71
C VAL CA 20 49.56 -15.87 60.26
N LYS CA 21 50.10 -15.04 59.38
CA LYS CA 21 50.56 -13.70 59.74
C LYS CA 21 49.89 -12.66 58.86
N ILE CA 22 49.56 -13.04 57.63
CA ILE CA 22 49.09 -12.12 56.61
C ILE CA 22 47.57 -12.17 56.55
N THR CA 23 46.93 -11.03 56.80
CA THR CA 23 45.50 -10.90 56.57
C THR CA 23 45.20 -10.65 55.10
N ILE CA 24 45.91 -9.71 54.49
CA ILE CA 24 45.74 -9.45 53.06
C ILE CA 24 47.10 -9.52 52.37
N GLY CA 25 48.10 -8.83 52.91
CA GLY CA 25 49.42 -8.80 52.31
C GLY CA 25 49.43 -7.95 51.05
N GLY CA 26 48.77 -8.46 50.00
CA GLY CA 26 48.56 -7.69 48.80
C GLY CA 26 47.20 -7.02 48.82
N SER CA 27 46.33 -7.39 47.87
CA SER CA 27 44.97 -6.87 47.85
C SER CA 27 43.92 -7.91 47.51
N ASP CA 28 44.30 -9.16 47.25
CA ASP CA 28 43.38 -10.14 46.69
C ASP CA 28 43.49 -11.47 47.42
N HIS CA 29 42.45 -12.28 47.25
CA HIS CA 29 42.43 -13.67 47.70
C HIS CA 29 41.67 -14.50 46.67
N ILE CA 30 42.03 -15.79 46.59
CA ILE CA 30 41.35 -16.68 45.66
C ILE CA 30 39.90 -16.90 46.07
N THR CA 31 39.69 -17.23 47.33
CA THR CA 31 38.33 -17.42 47.83
C THR CA 31 37.66 -16.07 48.05
N ASN CA 32 36.55 -15.84 47.35
CA ASN CA 32 35.83 -14.59 47.44
C ASN CA 32 34.47 -14.82 48.08
N ILE CA 33 33.88 -13.72 48.57
CA ILE CA 33 32.54 -13.73 49.15
C ILE CA 33 31.83 -12.51 48.59
N ASP CA 34 30.85 -12.73 47.71
CA ASP CA 34 30.08 -11.63 47.14
C ASP CA 34 28.60 -11.94 47.32
N GLU CA 35 28.08 -11.68 48.52
CA GLU CA 35 26.67 -11.79 48.86
C GLU CA 35 26.07 -13.14 48.44
N ARG CA 36 26.92 -14.15 48.23
CA ARG CA 36 26.43 -15.45 47.81
C ARG CA 36 27.15 -16.59 48.52
N GLY CA 37 28.02 -16.30 49.47
CA GLY CA 37 28.76 -17.32 50.18
C GLY CA 37 30.24 -17.29 49.80
N ILE CA 38 30.94 -18.31 50.27
CA ILE CA 38 32.35 -18.50 49.96
C ILE CA 38 32.46 -19.32 48.68
N HIS CA 39 33.34 -18.89 47.79
CA HIS CA 39 33.49 -19.51 46.48
C HIS CA 39 34.97 -19.73 46.17
N ASN CA 40 35.22 -20.51 45.12
CA ASN CA 40 36.57 -20.90 44.72
C ASN CA 40 37.30 -21.63 45.83
N VAL CA 41 36.55 -22.36 46.66
CA VAL CA 41 37.15 -23.11 47.76
C VAL CA 41 37.88 -24.33 47.21
N LEU CA 42 39.09 -24.57 47.71
CA LEU CA 42 39.88 -25.71 47.28
C LEU CA 42 39.77 -26.87 48.26
N VAL CA 43 39.78 -28.09 47.73
CA VAL CA 43 39.68 -29.30 48.51
C VAL CA 43 40.94 -30.12 48.28
N ILE CA 44 41.62 -30.47 49.36
CA ILE CA 44 42.85 -31.25 49.31
C ILE CA 44 42.50 -32.71 49.56
N THR CA 45 42.77 -33.55 48.56
CA THR CA 45 42.48 -34.98 48.63
C THR CA 45 43.66 -35.71 49.25
N GLY CA 46 43.37 -36.92 49.74
CA GLY CA 46 44.39 -37.80 50.25
C GLY CA 46 45.18 -37.28 51.44
N TYR CA 47 44.90 -36.09 51.92
CA TYR CA 47 45.54 -35.56 53.12
C TYR CA 47 44.51 -35.42 54.22
N ALA CA 48 44.96 -35.57 55.47
CA ALA CA 48 44.06 -35.56 56.61
C ALA CA 48 44.67 -34.73 57.72
N VAL CA 49 43.97 -34.65 58.84
CA VAL CA 49 44.41 -33.84 59.96
C VAL CA 49 44.57 -34.72 61.20
N ASP CA 50 45.27 -34.16 62.19
CA ASP CA 50 45.61 -34.82 63.45
C ASP CA 50 45.30 -33.87 64.61
N GLU CA 51 44.05 -33.40 64.64
CA GLU CA 51 43.65 -32.06 65.08
C GLU CA 51 44.53 -31.44 66.17
N LYS CA 52 45.03 -32.23 67.11
CA LYS CA 52 46.03 -31.71 68.05
C LYS CA 52 47.26 -31.36 67.25
N ASN CA 53 47.40 -30.08 66.92
CA ASN CA 53 48.29 -29.59 65.86
C ASN CA 53 48.07 -30.42 64.60
N GLY CA 54 46.80 -30.58 64.24
CA GLY CA 54 46.45 -31.25 63.02
C GLY CA 54 46.81 -30.43 61.80
N ARG CA 55 47.76 -30.92 61.03
CA ARG CA 55 48.16 -30.28 59.79
C ARG CA 55 47.81 -31.23 58.66
N LEU CA 56 48.26 -30.92 57.46
CA LEU CA 56 47.92 -31.78 56.33
C LEU CA 56 48.68 -33.10 56.42
N VAL CA 57 48.12 -34.05 57.17
CA VAL CA 57 48.69 -35.38 57.29
C VAL CA 57 48.38 -36.15 56.02
N PRO CA 58 49.37 -36.51 55.23
CA PRO CA 58 49.07 -37.18 53.96
C PRO CA 58 48.78 -38.66 54.15
N THR CA 59 47.61 -39.10 53.70
CA THR CA 59 47.25 -40.50 53.64
C THR CA 59 47.38 -40.95 52.19
N LEU CA 60 47.21 -42.24 51.93
CA LEU CA 60 47.21 -42.73 50.57
C LEU CA 60 45.82 -43.14 50.10
N ASP CA 61 44.78 -42.69 50.80
CA ASP CA 61 43.42 -43.00 50.43
C ASP CA 61 42.81 -41.81 49.69
N PRO CA 62 42.24 -42.01 48.50
CA PRO CA 62 41.64 -40.87 47.80
C PRO CA 62 40.40 -40.34 48.49
N CYS CA 63 39.58 -41.20 49.11
CA CYS CA 63 38.37 -40.74 49.78
C CYS CA 63 38.71 -39.81 50.94
N ASP CA 64 39.85 -40.00 51.57
CA ASP CA 64 40.31 -39.06 52.58
C ASP CA 64 40.61 -37.72 51.92
N TYR CA 65 40.08 -36.64 52.51
CA TYR CA 65 40.35 -35.31 51.99
C TYR CA 65 40.15 -34.29 53.10
N VAL CA 66 40.29 -33.01 52.72
CA VAL CA 66 40.02 -31.89 53.60
C VAL CA 66 39.69 -30.68 52.73
N LYS CA 67 38.96 -29.73 53.30
CA LYS CA 67 38.53 -28.54 52.60
C LYS CA 67 39.09 -27.31 53.31
N GLY CA 68 39.42 -26.28 52.53
CA GLY CA 68 39.99 -25.10 53.15
C GLY CA 68 39.89 -23.86 52.29
N ILE CA 69 40.28 -22.75 52.90
CA ILE CA 69 40.18 -21.43 52.29
C ILE CA 69 41.54 -21.04 51.73
N LEU CA 70 41.57 -20.68 50.45
CA LEU CA 70 42.80 -20.24 49.78
C LEU CA 70 42.84 -18.73 49.76
N VAL CA 71 43.57 -18.15 50.71
CA VAL CA 71 43.85 -16.72 50.73
C VAL CA 71 45.34 -16.53 50.57
N ALA CA 72 45.74 -15.33 50.16
CA ALA CA 72 47.15 -15.01 50.05
C ALA CA 72 47.78 -14.87 51.43
N GLY CA 73 49.02 -15.33 51.55
CA GLY CA 73 49.73 -15.17 52.81
C GLY CA 73 50.94 -16.05 53.01
N THR CA 74 51.94 -15.52 53.71
CA THR CA 74 53.07 -16.30 54.19
C THR CA 74 52.93 -16.47 55.70
N PRO CA 75 52.90 -17.68 56.20
CA PRO CA 75 52.57 -17.87 57.62
C PRO CA 75 53.71 -17.54 58.56
N GLN CA 76 53.60 -16.39 59.22
CA GLN CA 76 54.32 -16.08 60.45
C GLN CA 76 55.84 -16.00 60.29
N GLN CA 77 56.33 -16.24 59.07
CA GLN CA 77 57.75 -16.13 58.72
C GLN CA 77 58.67 -16.74 59.78
N ALA CA 78 58.18 -17.82 60.40
CA ALA CA 78 58.96 -18.59 61.36
C ALA CA 78 58.82 -20.08 61.09
N GLN CA 79 58.34 -20.44 59.91
CA GLN CA 79 57.98 -21.81 59.56
C GLN CA 79 58.47 -22.06 58.14
N SER CA 80 57.91 -23.08 57.50
CA SER CA 80 58.23 -23.60 56.17
C SER CA 80 59.44 -24.53 56.24
N ASN CA 81 59.97 -24.78 57.42
CA ASN CA 81 60.83 -25.93 57.65
C ASN CA 81 60.05 -27.24 57.59
N ASP CA 82 58.72 -27.16 57.50
CA ASP CA 82 57.88 -28.35 57.44
C ASP CA 82 56.73 -28.20 56.46
N PHE CA 83 56.65 -27.10 55.73
CA PHE CA 83 55.47 -26.78 54.93
C PHE CA 83 55.65 -27.18 53.48
N LEU CA 84 54.53 -27.42 52.81
CA LEU CA 84 54.50 -27.70 51.37
C LEU CA 84 54.52 -26.38 50.61
N THR CA 85 55.72 -25.79 50.52
CA THR CA 85 55.91 -24.61 49.68
C THR CA 85 56.10 -25.07 48.24
N LEU CA 86 55.31 -24.51 47.33
CA LEU CA 86 55.15 -25.12 46.02
C LEU CA 86 54.57 -24.11 45.04
N LYS CA 87 54.63 -24.47 43.76
CA LYS CA 87 54.15 -23.64 42.66
C LYS CA 87 53.45 -24.54 41.66
N LEU CA 88 52.13 -24.47 41.62
CA LEU CA 88 51.30 -25.26 40.72
C LEU CA 88 50.84 -24.39 39.56
N PRO CA 89 50.62 -24.97 38.38
CA PRO CA 89 50.10 -24.17 37.28
C PRO CA 89 48.59 -23.98 37.36
N ALA CA 90 48.10 -23.72 38.57
CA ALA CA 90 46.83 -23.06 38.81
C ALA CA 90 45.61 -23.85 38.31
N ASN CA 91 45.82 -24.97 37.62
CA ASN CA 91 44.71 -25.78 37.14
C ASN CA 91 44.69 -27.16 37.76
N LYS CA 92 45.81 -27.63 38.28
CA LYS CA 92 45.87 -28.91 38.97
C LYS CA 92 45.18 -28.88 40.32
N LEU CA 93 44.51 -27.78 40.63
CA LEU CA 93 43.83 -27.60 41.90
C LEU CA 93 42.45 -28.23 41.86
N TYR CA 94 41.93 -28.55 43.04
CA TYR CA 94 40.56 -29.02 43.18
C TYR CA 94 39.71 -27.87 43.71
N LEU CA 95 39.38 -26.94 42.82
CA LEU CA 95 38.64 -25.75 43.21
C LEU CA 95 37.14 -26.02 43.14
N ILE CA 96 36.43 -25.62 44.18
CA ILE CA 96 34.98 -25.76 44.25
C ILE CA 96 34.36 -24.38 44.11
N ARG CA 97 33.25 -24.30 43.38
CA ARG CA 97 32.55 -23.04 43.12
C ARG CA 97 33.46 -22.07 42.36
N LYS CA 98 33.86 -22.50 41.16
CA LYS CA 98 34.77 -21.71 40.35
C LYS CA 98 34.02 -20.51 39.80
N LYS CA 99 34.09 -19.40 40.53
CA LYS CA 99 33.56 -18.13 40.06
C LYS CA 99 34.63 -17.26 39.42
N GLY CA 100 35.82 -17.21 40.01
CA GLY CA 100 36.92 -16.44 39.48
C GLY CA 100 37.93 -17.31 38.77
N ASN CA 101 38.61 -16.72 37.79
CA ASN CA 101 39.61 -17.41 37.00
C ASN CA 101 41.01 -17.08 37.52
N ILE CA 102 41.91 -18.05 37.37
CA ILE CA 102 43.22 -18.01 37.99
C ILE CA 102 44.26 -17.63 36.93
N SER CA 103 45.39 -17.10 37.40
CA SER CA 103 46.41 -16.46 36.58
C SER CA 103 47.49 -17.43 36.11
N ASP CA 104 47.19 -18.73 36.03
CA ASP CA 104 48.04 -19.75 35.42
C ASP CA 104 49.27 -20.10 36.29
N ASP CA 105 49.50 -19.36 37.36
CA ASP CA 105 50.61 -19.69 38.25
C ASP CA 105 50.42 -19.02 39.59
N LEU CA 106 50.97 -19.64 40.64
CA LEU CA 106 50.83 -19.15 42.00
C LEU CA 106 51.73 -19.96 42.92
N LYS CA 107 52.20 -19.31 43.99
CA LYS CA 107 53.02 -19.95 45.01
C LYS CA 107 52.19 -20.13 46.27
N ILE CA 108 52.22 -21.34 46.85
CA ILE CA 108 51.31 -21.72 47.92
C ILE CA 108 52.12 -22.27 49.09
N TYR CA 109 51.62 -22.03 50.30
CA TYR CA 109 52.17 -22.59 51.52
C TYR CA 109 51.12 -23.48 52.17
N ILE CA 110 51.54 -24.65 52.62
CA ILE CA 110 50.63 -25.62 53.22
C ILE CA 110 51.12 -26.05 54.60
N PRO CA 111 50.27 -26.02 55.63
CA PRO CA 111 50.67 -26.60 56.92
C PRO CA 111 50.74 -28.11 56.85
N TYR CA 112 51.95 -28.64 56.83
CA TYR CA 112 52.18 -30.06 56.57
C TYR CA 112 52.67 -30.75 57.84
N SER CA 113 52.06 -31.89 58.16
CA SER CA 113 52.31 -32.60 59.40
C SER CA 113 53.29 -33.74 59.17
N SER CA 114 53.65 -34.40 60.27
CA SER CA 114 54.55 -35.53 60.20
C SER CA 114 53.79 -36.81 59.81
N PRO CA 115 54.43 -37.68 59.04
CA PRO CA 115 53.84 -39.02 58.83
C PRO CA 115 53.59 -39.76 60.13
N ASP CA 116 54.54 -39.73 61.07
CA ASP CA 116 54.39 -40.35 62.40
C ASP CA 116 53.98 -41.82 62.27
N ALA CA 117 54.88 -42.60 61.70
CA ALA CA 117 54.60 -44.01 61.43
C ALA CA 117 54.73 -44.85 62.70
N ARG CA 118 53.73 -44.80 63.56
CA ARG CA 118 53.74 -45.60 64.78
C ARG CA 118 52.40 -46.20 65.14
N ASN CA 119 51.37 -46.03 64.31
CA ASN CA 119 50.04 -46.52 64.63
C ASN CA 119 49.19 -46.48 63.37
N SER CA 120 48.07 -47.20 63.42
CA SER CA 120 47.12 -47.16 62.31
C SER CA 120 46.50 -45.78 62.20
N MET CA 121 46.39 -45.28 60.97
CA MET CA 121 45.77 -43.99 60.70
C MET CA 121 44.30 -44.18 60.33
N LYS CA 122 43.55 -44.77 61.26
CA LYS CA 122 42.15 -45.06 60.98
C LYS CA 122 41.35 -43.77 60.95
N THR CA 123 41.22 -43.18 59.77
CA THR CA 123 40.54 -41.90 59.66
C THR CA 123 39.03 -42.06 59.86
N LYS CA 124 38.38 -40.93 60.12
CA LYS CA 124 36.95 -40.88 60.33
C LYS CA 124 36.40 -39.65 59.64
N PRO CA 125 35.27 -39.76 58.96
CA PRO CA 125 34.64 -38.57 58.38
C PRO CA 125 34.18 -37.62 59.47
N VAL CA 126 34.59 -36.37 59.34
CA VAL CA 126 34.24 -35.34 60.33
C VAL CA 126 33.42 -34.26 59.64
N SER CA 127 32.31 -33.90 60.26
CA SER CA 127 31.45 -32.83 59.77
C SER CA 127 31.49 -31.66 60.75
N ILE CA 128 31.46 -30.46 60.19
CA ILE CA 128 31.51 -29.23 60.99
C ILE CA 128 30.07 -28.90 61.39
N SER CA 129 29.72 -29.29 62.62
CA SER CA 129 28.42 -29.02 63.22
C SER CA 129 28.63 -28.20 64.48
N ASP CA 130 27.56 -28.04 65.27
CA ASP CA 130 27.60 -27.25 66.50
C ASP CA 130 28.02 -25.81 66.20
N ASP CA 131 27.11 -25.13 65.50
CA ASP CA 131 27.35 -23.81 64.91
C ASP CA 131 28.05 -22.84 65.85
N THR CA 132 27.94 -23.05 67.17
CA THR CA 132 28.75 -22.25 68.10
C THR CA 132 30.22 -22.32 67.74
N ILE CA 133 30.74 -23.53 67.52
CA ILE CA 133 32.10 -23.69 67.01
C ILE CA 133 32.25 -23.14 65.60
N VAL CA 134 31.15 -22.71 64.98
CA VAL CA 134 31.23 -22.06 63.69
C VAL CA 134 31.07 -20.55 63.83
N ASN CA 135 30.10 -20.09 64.63
CA ASN CA 135 29.92 -18.66 64.81
C ASN CA 135 31.20 -18.00 65.28
N ASN CA 136 32.03 -18.74 66.02
CA ASN CA 136 33.34 -18.22 66.38
C ASN CA 136 34.33 -18.35 65.24
N ILE CA 137 34.22 -19.39 64.41
CA ILE CA 137 35.15 -19.50 63.29
C ILE CA 137 34.89 -18.40 62.27
N ILE CA 138 33.67 -17.86 62.24
CA ILE CA 138 33.44 -16.61 61.52
C ILE CA 138 34.28 -15.50 62.13
N LYS CA 139 34.49 -15.56 63.44
CA LYS CA 139 35.30 -14.56 64.11
C LYS CA 139 36.75 -14.97 64.20
N GLU CA 140 37.03 -16.26 64.35
CA GLU CA 140 38.39 -16.71 64.60
C GLU CA 140 39.24 -16.68 63.33
N VAL CA 141 38.65 -16.93 62.17
CA VAL CA 141 39.35 -16.89 60.90
C VAL CA 141 38.69 -15.94 59.89
N PHE CA 142 37.36 -15.90 59.87
CA PHE CA 142 36.69 -15.07 58.87
C PHE CA 142 36.68 -13.58 59.24
N ASP CA 143 36.73 -13.24 60.52
CA ASP CA 143 36.82 -11.83 60.93
C ASP CA 143 38.24 -11.36 61.20
N LYS CA 144 39.14 -12.24 61.62
CA LYS CA 144 40.54 -11.85 61.72
C LYS CA 144 41.20 -11.69 60.37
N ILE CA 145 40.50 -12.02 59.29
CA ILE CA 145 40.99 -11.83 57.93
C ILE CA 145 40.12 -10.84 57.17
N TYR CA 146 38.86 -11.18 56.95
CA TYR CA 146 38.00 -10.42 56.05
C TYR CA 146 37.33 -9.30 56.84
N ASN CA 147 37.83 -8.07 56.65
CA ASN CA 147 37.22 -6.91 57.29
C ASN CA 147 35.85 -6.59 56.72
N ILE CA 148 35.60 -6.99 55.48
CA ILE CA 148 34.28 -6.80 54.87
C ILE CA 148 33.22 -7.50 55.69
N THR CA 149 33.60 -8.55 56.41
CA THR CA 149 32.69 -9.17 57.35
C THR CA 149 32.28 -8.17 58.42
N GLN CA 150 30.98 -8.16 58.74
CA GLN CA 150 30.39 -7.17 59.64
C GLN CA 150 30.65 -5.75 59.13
N LYS CA 151 30.81 -5.62 57.82
CA LYS CA 151 30.77 -4.34 57.13
C LYS CA 151 29.76 -4.35 55.99
N GLU CA 152 29.69 -5.44 55.22
CA GLU CA 152 28.78 -5.55 54.11
C GLU CA 152 27.80 -6.71 54.23
N LYS CA 153 28.19 -7.79 54.89
CA LYS CA 153 27.36 -8.99 54.96
C LYS CA 153 26.19 -8.76 55.90
N VAL CA 154 25.00 -8.61 55.34
CA VAL CA 154 23.78 -8.59 56.13
C VAL CA 154 23.13 -9.97 56.20
N LYS CA 155 23.43 -10.84 55.24
CA LYS CA 155 22.93 -12.22 55.25
C LYS CA 155 23.95 -13.15 55.89
N ILE CA 156 24.17 -12.92 57.19
CA ILE CA 156 25.11 -13.76 57.95
C ILE CA 156 24.62 -15.20 58.01
N GLU CA 157 23.30 -15.40 58.03
CA GLU CA 157 22.76 -16.75 57.98
C GLU CA 157 23.21 -17.51 56.73
N LYS CA 158 23.46 -16.79 55.63
CA LYS CA 158 23.91 -17.45 54.42
C LYS CA 158 25.35 -17.96 54.57
N VAL CA 159 26.26 -17.09 55.00
CA VAL CA 159 27.63 -17.52 55.28
C VAL CA 159 27.70 -18.42 56.50
N LYS CA 160 26.60 -18.58 57.21
CA LYS CA 160 26.53 -19.50 58.35
C LYS CA 160 26.01 -20.87 57.95
N GLU CA 161 25.01 -20.92 57.08
CA GLU CA 161 24.41 -22.20 56.71
C GLU CA 161 25.29 -23.00 55.77
N ASP CA 162 26.04 -22.33 54.91
CA ASP CA 162 26.79 -23.01 53.86
C ASP CA 162 27.97 -23.79 54.43
N ILE CA 163 28.69 -23.18 55.38
CA ILE CA 163 29.92 -23.79 55.89
C ILE CA 163 29.63 -25.15 56.51
N LYS CA 164 28.49 -25.29 57.17
CA LYS CA 164 28.11 -26.57 57.75
C LYS CA 164 28.12 -27.68 56.71
N GLU CA 165 27.58 -27.41 55.52
CA GLU CA 165 27.40 -28.44 54.51
C GLU CA 165 28.42 -28.38 53.38
N LEU CA 166 28.93 -27.19 53.05
CA LEU CA 166 29.96 -27.12 52.02
C LEU CA 166 31.28 -27.68 52.53
N PHE CA 167 31.63 -27.42 53.78
CA PHE CA 167 32.90 -27.83 54.35
C PHE CA 167 32.72 -29.12 55.13
N SER CA 168 33.60 -30.09 54.85
CA SER CA 168 33.66 -31.34 55.61
C SER CA 168 35.00 -31.98 55.32
N TYR CA 169 35.39 -32.94 56.16
CA TYR CA 169 36.72 -33.52 56.03
C TYR CA 169 36.78 -34.83 56.78
N TYR CA 170 37.93 -35.49 56.64
CA TYR CA 170 38.25 -36.72 57.37
C TYR CA 170 39.42 -36.46 58.29
N ALA CA 171 39.39 -37.09 59.46
CA ALA CA 171 40.45 -36.94 60.45
C ALA CA 171 40.81 -38.30 61.03
N LEU CA 172 42.07 -38.44 61.41
CA LEU CA 172 42.48 -39.63 62.15
C LEU CA 172 41.75 -39.73 63.48
N GLU CA 173 41.55 -38.59 64.14
CA GLU CA 173 40.96 -38.52 65.49
C GLU CA 173 41.70 -39.44 66.46
N GLN CA 174 43.01 -39.60 66.24
CA GLN CA 174 43.87 -40.38 67.11
C GLN CA 174 45.19 -39.64 67.30
N SER DA 2 -33.11 -11.12 48.36
CA SER DA 2 -31.66 -11.17 48.19
C SER DA 2 -31.03 -9.82 48.51
N THR DA 3 -29.96 -9.49 47.79
CA THR DA 3 -29.22 -8.26 48.01
C THR DA 3 -29.71 -7.17 47.08
N GLN DA 4 -29.38 -5.94 47.44
CA GLN DA 4 -29.82 -4.75 46.73
C GLN DA 4 -28.65 -3.79 46.62
N ARG DA 5 -28.69 -2.93 45.61
CA ARG DA 5 -27.71 -1.87 45.48
C ARG DA 5 -28.42 -0.59 45.02
N GLU DA 6 -27.93 0.54 45.51
CA GLU DA 6 -28.49 1.84 45.17
C GLU DA 6 -27.45 2.65 44.39
N TYR DA 7 -27.53 2.58 43.07
CA TYR DA 7 -26.67 3.36 42.21
C TYR DA 7 -26.90 4.85 42.44
N VAL DA 8 -25.81 5.62 42.49
CA VAL DA 8 -25.88 7.03 42.83
C VAL DA 8 -25.11 7.82 41.78
N PHE DA 9 -25.66 8.97 41.39
CA PHE DA 9 -25.01 9.85 40.44
C PHE DA 9 -23.77 10.51 41.05
N ILE DA 10 -22.77 10.75 40.22
CA ILE DA 10 -21.59 11.49 40.65
C ILE DA 10 -21.30 12.62 39.67
N PRO DA 11 -22.11 13.68 39.64
CA PRO DA 11 -21.73 14.88 38.89
C PRO DA 11 -20.84 15.78 39.70
N ILE DA 12 -20.52 16.96 39.17
CA ILE DA 12 -19.65 17.89 39.88
C ILE DA 12 -20.49 18.76 40.81
N THR DA 13 -21.71 18.34 41.06
CA THR DA 13 -22.61 19.03 41.96
C THR DA 13 -22.71 18.28 43.28
N ASN DA 14 -22.96 19.03 44.35
CA ASN DA 14 -23.11 18.44 45.68
C ASN DA 14 -24.57 18.18 46.01
N SER DA 15 -25.30 17.53 45.09
CA SER DA 15 -26.66 17.11 45.32
C SER DA 15 -26.74 15.69 45.84
N ILE DA 16 -25.68 15.24 46.52
CA ILE DA 16 -25.42 13.82 46.72
C ILE DA 16 -25.32 13.43 48.19
N THR DA 17 -25.22 14.39 49.10
CA THR DA 17 -24.90 14.10 50.50
C THR DA 17 -25.92 13.19 51.17
N ILE DA 18 -27.15 13.67 51.36
CA ILE DA 18 -28.14 12.89 52.08
C ILE DA 18 -29.20 12.34 51.12
N ASP DA 19 -28.94 11.15 50.60
CA ASP DA 19 -29.93 10.36 49.88
C ASP DA 19 -29.93 8.91 50.31
N VAL DA 20 -28.98 8.50 51.15
CA VAL DA 20 -28.81 7.12 51.57
C VAL DA 20 -28.68 7.06 53.08
N LYS DA 21 -29.26 6.01 53.68
CA LYS DA 21 -29.04 5.71 55.09
C LYS DA 21 -28.41 4.35 55.34
N ILE DA 22 -28.33 3.47 54.34
CA ILE DA 22 -27.62 2.21 54.48
C ILE DA 22 -26.28 2.38 53.80
N THR DA 23 -25.23 2.54 54.61
CA THR DA 23 -23.89 2.70 54.06
C THR DA 23 -23.33 1.36 53.60
N ILE DA 24 -23.37 0.35 54.47
CA ILE DA 24 -22.83 -0.97 54.19
C ILE DA 24 -23.92 -2.03 54.23
N GLY DA 25 -24.79 -1.97 55.25
CA GLY DA 25 -25.87 -2.93 55.38
C GLY DA 25 -25.40 -4.27 55.88
N GLY DA 26 -24.69 -5.00 55.04
CA GLY DA 26 -24.11 -6.27 55.43
C GLY DA 26 -22.59 -6.17 55.53
N SER DA 27 -21.89 -6.70 54.52
CA SER DA 27 -20.44 -6.58 54.48
C SER DA 27 -19.87 -6.34 53.09
N ASP DA 28 -20.71 -6.17 52.06
CA ASP DA 28 -20.21 -6.18 50.70
C ASP DA 28 -20.76 -4.99 49.91
N HIS DA 29 -20.07 -4.69 48.82
CA HIS DA 29 -20.49 -3.67 47.85
C HIS DA 29 -20.06 -4.13 46.47
N ILE DA 30 -20.42 -3.32 45.47
CA ILE DA 30 -19.95 -3.57 44.12
C ILE DA 30 -18.73 -2.72 43.83
N THR DA 31 -18.89 -1.41 43.90
CA THR DA 31 -17.80 -0.50 43.56
C THR DA 31 -16.67 -0.66 44.56
N ASN DA 32 -15.52 -1.12 44.08
CA ASN DA 32 -14.38 -1.40 44.93
C ASN DA 32 -13.30 -0.34 44.77
N ILE DA 33 -12.54 -0.15 45.83
CA ILE DA 33 -11.35 0.71 45.82
C ILE DA 33 -10.24 -0.15 46.41
N ASP DA 34 -9.52 -0.86 45.54
CA ASP DA 34 -8.52 -1.84 45.98
C ASP DA 34 -7.17 -1.45 45.39
N GLU DA 35 -6.52 -0.47 46.02
CA GLU DA 35 -5.11 -0.16 45.85
C GLU DA 35 -4.71 0.08 44.40
N ARG DA 36 -5.68 0.26 43.50
CA ARG DA 36 -5.39 0.42 42.09
C ARG DA 36 -6.33 1.42 41.43
N GLY DA 37 -6.89 2.35 42.19
CA GLY DA 37 -7.91 3.23 41.67
C GLY DA 37 -9.28 2.78 42.13
N ILE DA 38 -10.23 2.69 41.21
CA ILE DA 38 -11.55 2.16 41.50
C ILE DA 38 -11.78 0.95 40.63
N HIS DA 39 -12.67 0.06 41.08
CA HIS DA 39 -13.09 -1.07 40.29
C HIS DA 39 -14.61 -1.19 40.34
N ASN DA 40 -15.17 -1.84 39.34
CA ASN DA 40 -16.61 -2.12 39.30
C ASN DA 40 -17.42 -0.83 39.30
N VAL DA 41 -17.32 -0.09 38.21
CA VAL DA 41 -18.11 1.12 38.00
C VAL DA 41 -19.18 0.82 36.96
N LEU DA 42 -20.41 1.29 37.22
CA LEU DA 42 -21.53 1.06 36.33
C LEU DA 42 -21.78 2.27 35.44
N VAL DA 43 -22.24 2.02 34.22
CA VAL DA 43 -22.56 3.07 33.26
C VAL DA 43 -23.94 2.79 32.67
N ILE DA 44 -24.83 3.75 32.77
CA ILE DA 44 -26.20 3.64 32.26
C ILE DA 44 -26.32 4.56 31.07
N THR DA 45 -26.75 4.01 29.94
CA THR DA 45 -26.90 4.75 28.71
C THR DA 45 -28.37 5.12 28.49
N GLY DA 46 -28.59 6.22 27.78
CA GLY DA 46 -29.91 6.76 27.60
C GLY DA 46 -30.38 7.69 28.70
N TYR DA 47 -29.66 7.76 29.81
CA TYR DA 47 -30.09 8.50 30.98
C TYR DA 47 -29.11 9.64 31.28
N ALA DA 48 -29.66 10.83 31.50
CA ALA DA 48 -28.87 12.04 31.74
C ALA DA 48 -29.29 12.66 33.08
N VAL DA 49 -28.45 13.57 33.58
CA VAL DA 49 -28.66 14.19 34.88
C VAL DA 49 -29.09 15.64 34.72
N ASP DA 50 -29.60 16.20 35.82
CA ASP DA 50 -30.34 17.46 35.84
C ASP DA 50 -29.85 18.32 37.01
N GLU DA 51 -28.56 18.62 37.03
CA GLU DA 51 -27.76 18.94 38.22
C GLU DA 51 -28.50 19.65 39.35
N LYS DA 52 -29.37 20.62 39.03
CA LYS DA 52 -30.27 21.18 40.04
C LYS DA 52 -31.34 20.14 40.33
N ASN DA 53 -31.16 19.38 41.41
CA ASN DA 53 -31.81 18.08 41.60
C ASN DA 53 -31.37 17.12 40.50
N GLY DA 54 -30.06 16.86 40.48
CA GLY DA 54 -29.49 16.01 39.46
C GLY DA 54 -29.92 14.57 39.59
N ARG DA 55 -30.85 14.14 38.73
CA ARG DA 55 -31.33 12.78 38.74
C ARG DA 55 -31.26 12.22 37.33
N LEU DA 56 -31.24 10.90 37.23
CA LEU DA 56 -31.19 10.25 35.94
C LEU DA 56 -32.48 10.49 35.17
N VAL DA 57 -32.37 11.19 34.05
CA VAL DA 57 -33.50 11.54 33.21
C VAL DA 57 -33.50 10.63 31.99
N PRO DA 58 -34.62 10.01 31.64
CA PRO DA 58 -34.64 9.09 30.49
C PRO DA 58 -34.69 9.85 29.17
N THR DA 59 -33.56 9.87 28.49
CA THR DA 59 -33.45 10.39 27.13
C THR DA 59 -33.36 9.22 26.16
N LEU DA 60 -33.41 9.52 24.87
CA LEU DA 60 -33.44 8.46 23.89
C LEU DA 60 -32.17 8.34 23.05
N ASP DA 61 -31.33 9.35 23.03
CA ASP DA 61 -30.09 9.24 22.28
C ASP DA 61 -29.14 8.28 22.98
N PRO DA 62 -28.60 7.29 22.28
CA PRO DA 62 -27.71 6.32 22.94
C PRO DA 62 -26.44 6.94 23.51
N CYS DA 63 -26.01 8.08 22.98
CA CYS DA 63 -24.84 8.73 23.55
C CYS DA 63 -25.08 9.19 24.98
N ASP DA 64 -26.31 9.55 25.32
CA ASP DA 64 -26.59 10.13 26.63
C ASP DA 64 -26.41 9.07 27.70
N TYR DA 65 -25.33 9.18 28.46
CA TYR DA 65 -25.00 8.22 29.50
C TYR DA 65 -24.55 8.95 30.76
N VAL DA 66 -24.59 8.22 31.88
CA VAL DA 66 -24.11 8.72 33.16
C VAL DA 66 -23.37 7.59 33.86
N LYS DA 67 -22.19 7.92 34.38
CA LYS DA 67 -21.38 6.96 35.13
C LYS DA 67 -21.55 7.22 36.61
N GLY DA 68 -21.56 6.16 37.39
CA GLY DA 68 -21.63 6.29 38.84
C GLY DA 68 -21.28 4.98 39.50
N ILE DA 69 -21.47 4.93 40.81
CA ILE DA 69 -21.03 3.81 41.63
C ILE DA 69 -22.24 3.11 42.22
N LEU DA 70 -22.11 1.79 42.40
CA LEU DA 70 -23.18 0.94 42.90
C LEU DA 70 -22.84 0.53 44.34
N VAL DA 71 -23.59 1.05 45.30
CA VAL DA 71 -23.46 0.69 46.70
C VAL DA 71 -24.76 0.07 47.16
N ALA DA 72 -24.65 -0.81 48.15
CA ALA DA 72 -25.74 -1.70 48.54
C ALA DA 72 -26.63 -1.06 49.61
N GLY DA 73 -27.92 -1.41 49.58
CA GLY DA 73 -28.88 -0.93 50.54
C GLY DA 73 -30.11 -0.40 49.84
N THR DA 74 -30.78 0.53 50.50
CA THR DA 74 -31.99 1.18 50.03
C THR DA 74 -31.89 2.68 50.28
N PRO DA 75 -32.47 3.50 49.42
CA PRO DA 75 -32.28 4.95 49.58
C PRO DA 75 -33.15 5.57 50.66
N GLN DA 76 -32.56 5.79 51.83
CA GLN DA 76 -33.06 6.75 52.82
C GLN DA 76 -34.43 6.39 53.37
N GLN DA 77 -35.07 5.36 52.82
CA GLN DA 77 -36.51 5.14 52.98
C GLN DA 77 -37.25 6.47 52.94
N ALA DA 78 -36.92 7.26 51.91
CA ALA DA 78 -37.64 8.50 51.61
C ALA DA 78 -38.08 8.53 50.17
N GLN DA 79 -38.18 7.37 49.54
CA GLN DA 79 -38.51 7.24 48.12
C GLN DA 79 -39.29 5.95 47.97
N SER DA 80 -39.29 5.39 46.75
CA SER DA 80 -40.20 4.36 46.23
C SER DA 80 -41.46 5.01 45.69
N ASN DA 81 -41.39 6.30 45.37
CA ASN DA 81 -42.45 7.04 44.71
C ASN DA 81 -42.04 7.55 43.34
N ASP DA 82 -40.74 7.57 43.03
CA ASP DA 82 -40.29 8.03 41.72
C ASP DA 82 -39.10 7.24 41.16
N PHE DA 83 -38.58 6.24 41.86
CA PHE DA 83 -37.36 5.56 41.45
C PHE DA 83 -37.68 4.25 40.75
N LEU DA 84 -36.79 3.86 39.85
CA LEU DA 84 -36.95 2.61 39.10
C LEU DA 84 -36.21 1.48 39.80
N THR DA 85 -36.77 1.07 40.93
CA THR DA 85 -36.33 -0.18 41.53
C THR DA 85 -36.58 -1.32 40.55
N LEU DA 86 -35.56 -2.14 40.33
CA LEU DA 86 -35.70 -3.21 39.35
C LEU DA 86 -34.64 -4.28 39.61
N LYS DA 87 -34.85 -5.45 39.01
CA LYS DA 87 -34.01 -6.61 39.24
C LYS DA 87 -33.62 -7.25 37.92
N LEU DA 88 -32.32 -7.26 37.62
CA LEU DA 88 -31.76 -7.83 36.42
C LEU DA 88 -30.69 -8.83 36.81
N PRO DA 89 -30.36 -9.78 35.93
CA PRO DA 89 -29.47 -10.87 36.35
C PRO DA 89 -28.01 -10.45 36.43
N ALA DA 90 -27.74 -9.27 36.98
CA ALA DA 90 -26.42 -8.84 37.40
C ALA DA 90 -25.39 -8.84 36.28
N ASN DA 91 -25.80 -9.23 35.07
CA ASN DA 91 -24.91 -9.31 33.93
C ASN DA 91 -25.35 -8.43 32.77
N LYS DA 92 -26.60 -7.99 32.75
CA LYS DA 92 -26.96 -6.85 31.93
C LYS DA 92 -26.34 -5.57 32.45
N LEU DA 93 -25.74 -5.63 33.63
CA LEU DA 93 -25.14 -4.48 34.30
C LEU DA 93 -23.88 -4.09 33.55
N TYR DA 94 -23.95 -2.99 32.80
CA TYR DA 94 -22.85 -2.55 31.95
C TYR DA 94 -21.74 -1.98 32.84
N LEU DA 95 -20.97 -2.89 33.41
CA LEU DA 95 -19.92 -2.55 34.36
C LEU DA 95 -18.67 -2.10 33.64
N ILE DA 96 -17.93 -1.21 34.29
CA ILE DA 96 -16.68 -0.65 33.76
C ILE DA 96 -15.56 -1.00 34.72
N ARG DA 97 -14.48 -1.56 34.18
CA ARG DA 97 -13.35 -2.01 34.98
C ARG DA 97 -13.82 -3.02 36.03
N LYS DA 98 -14.30 -4.15 35.54
CA LYS DA 98 -14.79 -5.21 36.41
C LYS DA 98 -13.65 -5.77 37.26
N LYS DA 99 -13.97 -6.09 38.52
CA LYS DA 99 -13.03 -6.80 39.37
C LYS DA 99 -13.57 -8.16 39.81
N GLY DA 100 -14.78 -8.21 40.36
CA GLY DA 100 -15.39 -9.45 40.79
C GLY DA 100 -16.54 -9.87 39.89
N ASN DA 101 -17.07 -11.06 40.17
CA ASN DA 101 -18.21 -11.62 39.45
C ASN DA 101 -19.41 -11.69 40.39
N ILE DA 102 -20.53 -11.20 39.92
CA ILE DA 102 -21.73 -11.04 40.74
C ILE DA 102 -22.59 -12.28 40.62
N SER DA 103 -23.37 -12.55 41.66
CA SER DA 103 -24.04 -13.84 41.84
C SER DA 103 -25.40 -13.87 41.16
N ASP DA 104 -25.54 -13.13 40.06
CA ASP DA 104 -26.65 -13.30 39.13
C ASP DA 104 -27.96 -12.77 39.71
N ASP DA 105 -27.89 -11.66 40.44
CA ASP DA 105 -29.08 -10.98 40.94
C ASP DA 105 -28.69 -9.63 41.50
N LEU DA 106 -29.63 -8.69 41.45
CA LEU DA 106 -29.47 -7.39 42.07
C LEU DA 106 -30.79 -6.64 42.01
N LYS DA 107 -31.05 -5.83 43.03
CA LYS DA 107 -32.18 -4.91 43.07
C LYS DA 107 -31.61 -3.50 43.04
N ILE DA 108 -31.79 -2.81 41.91
CA ILE DA 108 -31.15 -1.53 41.67
C ILE DA 108 -32.19 -0.42 41.81
N TYR DA 109 -31.92 0.52 42.69
CA TYR DA 109 -32.68 1.76 42.76
C TYR DA 109 -31.97 2.83 41.96
N ILE DA 110 -32.67 3.42 41.01
CA ILE DA 110 -32.09 4.43 40.12
C ILE DA 110 -32.68 5.78 40.51
N PRO DA 111 -31.85 6.77 40.87
CA PRO DA 111 -32.39 8.11 41.14
C PRO DA 111 -32.94 8.73 39.86
N TYR DA 112 -34.27 8.78 39.77
CA TYR DA 112 -34.96 9.07 38.54
C TYR DA 112 -35.64 10.42 38.64
N SER DA 113 -35.65 11.14 37.53
CA SER DA 113 -36.39 12.39 37.39
C SER DA 113 -37.41 12.22 36.28
N SER DA 114 -38.63 12.71 36.52
CA SER DA 114 -39.65 12.68 35.49
C SER DA 114 -39.11 13.36 34.22
N PRO DA 115 -39.51 12.88 33.04
CA PRO DA 115 -38.97 13.45 31.80
C PRO DA 115 -39.10 14.96 31.69
N ASP DA 116 -40.14 15.54 32.30
CA ASP DA 116 -40.41 16.97 32.20
C ASP DA 116 -40.50 17.39 30.73
N ALA DA 117 -41.54 16.90 30.06
CA ALA DA 117 -41.73 17.11 28.63
C ALA DA 117 -42.22 18.52 28.34
N ARG DA 118 -41.30 19.48 28.45
CA ARG DA 118 -41.63 20.86 28.13
C ARG DA 118 -40.50 21.60 27.43
N ASN DA 119 -39.43 20.92 27.02
CA ASN DA 119 -38.35 21.56 26.31
C ASN DA 119 -37.50 20.48 25.65
N SER DA 120 -36.76 20.88 24.62
CA SER DA 120 -35.81 19.99 23.99
C SER DA 120 -34.72 19.60 24.98
N MET DA 121 -34.55 18.30 25.18
CA MET DA 121 -33.52 17.79 26.09
C MET DA 121 -32.16 17.86 25.39
N LYS DA 122 -31.72 19.09 25.14
CA LYS DA 122 -30.42 19.34 24.54
C LYS DA 122 -29.37 19.26 25.63
N THR DA 123 -28.87 18.06 25.86
CA THR DA 123 -27.83 17.81 26.85
C THR DA 123 -26.46 17.81 26.19
N LYS DA 124 -25.43 17.98 27.03
CA LYS DA 124 -24.07 18.09 26.55
C LYS DA 124 -23.14 17.28 27.44
N PRO DA 125 -22.15 16.61 26.86
CA PRO DA 125 -21.23 15.79 27.66
C PRO DA 125 -20.39 16.66 28.56
N VAL DA 126 -20.49 16.44 29.86
CA VAL DA 126 -19.76 17.21 30.86
C VAL DA 126 -18.78 16.29 31.55
N SER DA 127 -17.55 16.76 31.68
CA SER DA 127 -16.51 16.07 32.44
C SER DA 127 -16.38 16.71 33.81
N ILE DA 128 -15.33 16.34 34.52
CA ILE DA 128 -15.09 16.80 35.89
C ILE DA 128 -13.84 17.64 35.92
N SER DA 129 -13.95 18.85 36.48
CA SER DA 129 -12.79 19.73 36.66
C SER DA 129 -12.82 20.34 38.06
N ASP DA 130 -11.93 21.29 38.33
CA ASP DA 130 -11.92 22.07 39.58
C ASP DA 130 -11.81 21.12 40.78
N ASP DA 131 -10.59 20.58 40.93
CA ASP DA 131 -10.31 19.48 41.84
C ASP DA 131 -10.91 19.65 43.23
N THR DA 132 -11.29 20.87 43.63
CA THR DA 132 -12.00 21.02 44.90
C THR DA 132 -13.30 20.23 44.90
N ILE DA 133 -13.92 20.07 43.73
CA ILE DA 133 -15.13 19.26 43.64
C ILE DA 133 -14.79 17.79 43.84
N VAL DA 134 -13.64 17.36 43.33
CA VAL DA 134 -13.18 16.00 43.59
C VAL DA 134 -12.96 15.81 45.09
N ASN DA 135 -12.39 16.83 45.74
CA ASN DA 135 -12.19 16.76 47.18
C ASN DA 135 -13.51 16.60 47.92
N ASN DA 136 -14.49 17.45 47.58
CA ASN DA 136 -15.77 17.37 48.28
C ASN DA 136 -16.47 16.05 48.02
N ILE DA 137 -16.36 15.52 46.79
CA ILE DA 137 -17.06 14.29 46.48
C ILE DA 137 -16.39 13.10 47.17
N ILE DA 138 -15.06 13.12 47.29
CA ILE DA 138 -14.39 12.10 48.08
C ILE DA 138 -14.82 12.19 49.54
N LYS DA 139 -14.90 13.41 50.06
CA LYS DA 139 -15.31 13.59 51.45
C LYS DA 139 -16.74 13.14 51.68
N GLU DA 140 -17.61 13.27 50.68
CA GLU DA 140 -19.05 13.18 50.96
C GLU DA 140 -19.58 11.76 50.81
N VAL DA 141 -19.17 11.05 49.77
CA VAL DA 141 -19.66 9.70 49.50
C VAL DA 141 -18.56 8.65 49.58
N PHE DA 142 -17.37 8.97 49.08
CA PHE DA 142 -16.28 8.02 49.21
C PHE DA 142 -15.74 7.93 50.63
N ASP DA 143 -16.30 8.70 51.55
CA ASP DA 143 -15.99 8.59 52.97
C ASP DA 143 -17.19 8.14 53.79
N LYS DA 144 -18.32 8.84 53.69
CA LYS DA 144 -19.47 8.50 54.52
C LYS DA 144 -19.96 7.09 54.23
N ILE DA 145 -19.85 6.63 52.99
CA ILE DA 145 -20.13 5.23 52.69
C ILE DA 145 -18.88 4.38 52.90
N TYR DA 146 -17.78 4.77 52.28
CA TYR DA 146 -16.51 4.07 52.41
C TYR DA 146 -15.69 4.75 53.51
N ASN DA 147 -16.08 4.50 54.75
CA ASN DA 147 -15.32 4.99 55.89
C ASN DA 147 -13.95 4.34 55.98
N ILE DA 148 -13.75 3.20 55.33
CA ILE DA 148 -12.45 2.55 55.32
C ILE DA 148 -11.40 3.42 54.64
N THR DA 149 -11.82 4.29 53.73
CA THR DA 149 -10.90 5.26 53.13
C THR DA 149 -10.41 6.23 54.21
N GLN DA 150 -9.28 6.88 53.91
CA GLN DA 150 -8.53 7.68 54.86
C GLN DA 150 -8.01 6.88 56.04
N LYS DA 151 -8.16 5.55 56.00
CA LYS DA 151 -7.63 4.65 57.01
C LYS DA 151 -6.66 3.68 56.36
N GLU DA 152 -6.91 3.38 55.09
CA GLU DA 152 -6.12 2.42 54.32
C GLU DA 152 -5.32 3.07 53.21
N LYS DA 153 -5.95 3.93 52.41
CA LYS DA 153 -5.32 4.49 51.21
C LYS DA 153 -4.67 5.81 51.57
N VAL DA 154 -3.34 5.81 51.71
CA VAL DA 154 -2.61 7.07 51.84
C VAL DA 154 -2.30 7.68 50.49
N LYS DA 155 -2.42 6.92 49.41
CA LYS DA 155 -2.32 7.46 48.06
C LYS DA 155 -3.70 7.81 47.51
N ILE DA 156 -4.46 8.62 48.27
CA ILE DA 156 -5.72 9.15 47.79
C ILE DA 156 -5.52 9.94 46.50
N GLU DA 157 -4.29 10.40 46.26
CA GLU DA 157 -3.98 11.04 44.98
C GLU DA 157 -4.36 10.17 43.80
N LYS DA 158 -4.24 8.85 43.94
CA LYS DA 158 -4.59 7.96 42.83
C LYS DA 158 -6.10 7.88 42.63
N VAL DA 159 -6.86 7.69 43.71
CA VAL DA 159 -8.31 7.69 43.61
C VAL DA 159 -8.86 9.06 43.26
N LYS DA 160 -8.02 10.09 43.25
CA LYS DA 160 -8.41 11.39 42.72
C LYS DA 160 -8.09 11.51 41.22
N GLU DA 161 -6.86 11.16 40.84
CA GLU DA 161 -6.43 11.30 39.45
C GLU DA 161 -7.17 10.35 38.52
N ASP DA 162 -7.68 9.23 39.02
CA ASP DA 162 -8.47 8.38 38.15
C ASP DA 162 -9.89 8.90 37.97
N ILE DA 163 -10.47 9.54 38.99
CA ILE DA 163 -11.75 10.19 38.82
C ILE DA 163 -11.63 11.35 37.85
N LYS DA 164 -10.49 12.06 37.90
CA LYS DA 164 -10.31 13.25 37.07
C LYS DA 164 -10.41 12.95 35.58
N GLU DA 165 -10.33 11.68 35.18
CA GLU DA 165 -10.36 11.33 33.75
C GLU DA 165 -11.41 10.28 33.45
N LEU DA 166 -11.71 9.42 34.42
CA LEU DA 166 -12.60 8.29 34.20
C LEU DA 166 -14.06 8.69 34.24
N PHE DA 167 -14.48 9.38 35.30
CA PHE DA 167 -15.89 9.68 35.49
C PHE DA 167 -16.34 10.80 34.56
N SER DA 168 -17.48 10.58 33.93
CA SER DA 168 -18.11 11.58 33.09
C SER DA 168 -19.61 11.32 33.11
N TYR DA 169 -20.37 12.28 32.62
CA TYR DA 169 -21.82 12.19 32.68
C TYR DA 169 -22.41 13.16 31.68
N TYR DA 170 -23.68 12.93 31.36
CA TYR DA 170 -24.44 13.82 30.50
C TYR DA 170 -25.38 14.64 31.35
N ALA DA 171 -25.07 15.91 31.51
CA ALA DA 171 -25.93 16.85 32.20
C ALA DA 171 -26.94 17.40 31.22
N LEU DA 172 -28.22 17.37 31.61
CA LEU DA 172 -29.26 17.77 30.68
C LEU DA 172 -29.19 19.27 30.38
N GLU DA 173 -28.58 20.04 31.29
CA GLU DA 173 -28.35 21.47 31.09
C GLU DA 173 -29.67 22.22 30.93
N GLN DA 174 -30.61 21.96 31.84
CA GLN DA 174 -31.87 22.68 31.90
C GLN DA 174 -32.27 22.90 33.35
N SER EA 2 18.76 24.65 48.45
CA SER EA 2 18.70 24.09 47.11
C SER EA 2 19.74 24.75 46.20
N THR EA 3 19.42 24.83 44.92
CA THR EA 3 20.30 25.40 43.91
C THR EA 3 19.84 26.79 43.52
N GLN EA 4 20.79 27.62 43.11
CA GLN EA 4 20.51 28.96 42.61
C GLN EA 4 21.18 29.18 41.27
N ARG EA 5 20.42 29.76 40.35
CA ARG EA 5 20.93 30.18 39.05
C ARG EA 5 20.37 31.56 38.74
N GLU EA 6 21.22 32.42 38.20
CA GLU EA 6 20.86 33.80 37.89
C GLU EA 6 20.87 33.99 36.38
N TYR EA 7 19.89 34.74 35.88
CA TYR EA 7 19.83 35.02 34.45
C TYR EA 7 20.63 36.27 34.12
N VAL EA 8 21.41 36.18 33.06
CA VAL EA 8 22.25 37.28 32.61
C VAL EA 8 21.93 37.55 31.15
N PHE EA 9 21.32 38.71 30.87
CA PHE EA 9 21.09 39.15 29.51
C PHE EA 9 22.42 39.33 28.79
N ILE EA 10 22.37 39.28 27.47
CA ILE EA 10 23.59 39.47 26.68
C ILE EA 10 23.33 40.53 25.62
N PRO EA 11 23.33 41.81 25.99
CA PRO EA 11 23.20 42.87 25.00
C PRO EA 11 24.56 43.33 24.49
N ILE EA 12 24.58 44.36 23.65
CA ILE EA 12 25.81 44.96 23.19
C ILE EA 12 26.18 46.18 24.02
N THR EA 13 25.57 46.35 25.19
CA THR EA 13 25.86 47.47 26.07
C THR EA 13 26.44 46.98 27.39
N ASN EA 14 27.14 47.88 28.07
CA ASN EA 14 27.78 47.56 29.34
C ASN EA 14 26.86 47.84 30.52
N SER EA 15 25.66 47.29 30.47
CA SER EA 15 24.76 47.25 31.62
C SER EA 15 24.77 45.89 32.29
N ILE EA 16 25.78 45.08 31.98
CA ILE EA 16 25.94 43.75 32.56
C ILE EA 16 27.20 43.61 33.39
N THR EA 17 28.14 44.56 33.29
CA THR EA 17 29.48 44.41 33.85
C THR EA 17 29.46 43.89 35.29
N ILE EA 18 28.72 44.56 36.17
CA ILE EA 18 28.60 44.13 37.56
C ILE EA 18 27.13 43.81 37.82
N ASP EA 19 26.77 42.56 37.59
CA ASP EA 19 25.51 42.01 38.05
C ASP EA 19 25.68 40.60 38.60
N VAL EA 20 26.88 40.04 38.56
CA VAL EA 20 27.14 38.67 38.98
C VAL EA 20 28.06 38.67 40.18
N LYS EA 21 27.72 37.85 41.17
CA LYS EA 21 28.50 37.70 42.37
C LYS EA 21 29.18 36.35 42.50
N ILE EA 22 28.57 35.29 41.96
CA ILE EA 22 29.14 33.95 42.01
C ILE EA 22 29.47 33.53 40.59
N THR EA 23 30.73 33.19 40.35
CA THR EA 23 31.14 32.65 39.06
C THR EA 23 30.63 31.22 38.89
N ILE EA 24 31.05 30.33 39.78
CA ILE EA 24 30.56 28.95 39.74
C ILE EA 24 29.99 28.58 41.10
N GLY EA 25 30.83 28.60 42.13
CA GLY EA 25 30.42 28.18 43.45
C GLY EA 25 30.33 26.67 43.54
N GLY EA 26 29.59 26.07 42.61
CA GLY EA 26 29.44 24.63 42.54
C GLY EA 26 30.34 23.98 41.50
N SER EA 27 29.78 23.09 40.69
CA SER EA 27 30.54 22.38 39.66
C SER EA 27 29.78 22.19 38.35
N ASP EA 28 28.69 22.92 38.14
CA ASP EA 28 27.91 22.77 36.91
C ASP EA 28 27.10 24.04 36.69
N HIS EA 29 26.44 24.09 35.53
CA HIS EA 29 25.50 25.16 35.20
C HIS EA 29 24.48 24.62 34.21
N ILE EA 30 23.55 25.48 33.83
CA ILE EA 30 22.66 25.18 32.72
C ILE EA 30 23.36 25.45 31.39
N THR EA 31 23.83 26.67 31.21
CA THR EA 31 24.60 26.99 30.03
C THR EA 31 25.89 26.18 30.00
N ASN EA 32 26.29 25.75 28.80
CA ASN EA 32 27.50 24.98 28.63
C ASN EA 32 28.26 25.48 27.41
N ILE EA 33 29.55 25.14 27.36
CA ILE EA 33 30.38 25.44 26.20
C ILE EA 33 31.28 24.25 25.93
N ASP EA 34 30.98 23.49 24.88
CA ASP EA 34 31.69 22.23 24.59
C ASP EA 34 32.23 22.27 23.16
N GLU EA 35 33.37 22.93 22.98
CA GLU EA 35 34.20 22.79 21.79
C GLU EA 35 33.46 23.10 20.49
N ARG EA 36 32.22 23.57 20.60
CA ARG EA 36 31.43 23.93 19.42
C ARG EA 36 30.61 25.19 19.65
N GLY EA 37 30.80 25.87 20.77
CA GLY EA 37 30.06 27.06 21.08
C GLY EA 37 29.15 26.88 22.29
N ILE EA 38 28.15 27.74 22.37
CA ILE EA 38 27.28 27.82 23.53
C ILE EA 38 26.10 26.88 23.34
N HIS EA 39 25.72 26.19 24.41
CA HIS EA 39 24.59 25.29 24.38
C HIS EA 39 23.74 25.52 25.63
N ASN EA 40 22.50 25.06 25.57
CA ASN EA 40 21.54 25.19 26.67
C ASN EA 40 21.35 26.65 27.07
N VAL EA 41 21.00 27.48 26.09
CA VAL EA 41 20.77 28.90 26.33
C VAL EA 41 19.29 29.12 26.59
N LEU EA 42 18.98 29.94 27.58
CA LEU EA 42 17.60 30.30 27.86
C LEU EA 42 17.20 31.52 27.06
N VAL EA 43 15.92 31.59 26.70
CA VAL EA 43 15.34 32.75 26.04
C VAL EA 43 14.13 33.20 26.83
N ILE EA 44 14.07 34.48 27.14
CA ILE EA 44 12.97 35.08 27.88
C ILE EA 44 12.18 35.97 26.93
N THR EA 45 10.90 35.67 26.76
CA THR EA 45 10.03 36.43 25.88
C THR EA 45 9.24 37.47 26.67
N GLY EA 46 8.56 38.34 25.94
CA GLY EA 46 7.73 39.35 26.55
C GLY EA 46 8.48 40.46 27.26
N TYR EA 47 9.80 40.39 27.36
CA TYR EA 47 10.59 41.42 28.00
C TYR EA 47 11.54 42.04 26.98
N ALA EA 48 12.05 43.23 27.31
CA ALA EA 48 13.02 43.91 26.48
C ALA EA 48 14.05 44.58 27.38
N VAL EA 49 15.04 45.21 26.77
CA VAL EA 49 16.17 45.76 27.50
C VAL EA 49 15.97 47.26 27.69
N ASP EA 50 16.59 47.79 28.75
CA ASP EA 50 16.51 49.19 29.15
C ASP EA 50 17.92 49.72 29.40
N GLU EA 51 18.78 49.58 28.39
CA GLU EA 51 20.24 49.63 28.49
C GLU EA 51 20.77 50.62 29.52
N LYS EA 52 20.12 51.77 29.68
CA LYS EA 52 20.45 52.65 30.80
C LYS EA 52 20.01 51.93 32.06
N ASN EA 53 20.92 51.18 32.68
CA ASN EA 53 20.58 50.12 33.63
C ASN EA 53 19.66 49.09 32.94
N GLY EA 54 20.27 48.39 31.98
CA GLY EA 54 19.56 47.38 31.23
C GLY EA 54 18.94 46.30 32.08
N ARG EA 55 17.62 46.33 32.20
CA ARG EA 55 16.87 45.29 32.88
C ARG EA 55 15.69 44.90 32.02
N LEU EA 56 15.15 43.72 32.29
CA LEU EA 56 14.10 43.16 31.44
C LEU EA 56 12.80 43.89 31.73
N VAL EA 57 12.56 44.96 30.99
CA VAL EA 57 11.31 45.72 31.15
C VAL EA 57 10.14 44.85 30.71
N PRO EA 58 9.10 44.71 31.53
CA PRO EA 58 7.99 43.84 31.16
C PRO EA 58 7.05 44.53 30.18
N THR EA 59 6.83 43.89 29.04
CA THR EA 59 5.79 44.29 28.10
C THR EA 59 4.99 43.05 27.72
N LEU EA 60 4.02 43.23 26.83
CA LEU EA 60 3.07 42.16 26.55
C LEU EA 60 3.13 41.64 25.12
N ASP EA 61 3.97 42.21 24.28
CA ASP EA 61 4.16 41.65 22.95
C ASP EA 61 4.93 40.34 23.08
N PRO EA 62 4.36 39.21 22.66
CA PRO EA 62 5.13 37.95 22.69
C PRO EA 62 6.38 37.99 21.86
N CYS EA 63 6.61 39.05 21.08
CA CYS EA 63 7.75 39.13 20.21
C CYS EA 63 8.95 39.81 20.85
N ASP EA 64 8.74 40.69 21.82
CA ASP EA 64 9.85 41.32 22.51
C ASP EA 64 10.49 40.30 23.42
N TYR EA 65 11.61 39.73 22.98
CA TYR EA 65 12.32 38.73 23.76
C TYR EA 65 13.76 39.16 23.94
N VAL EA 66 14.43 38.50 24.88
CA VAL EA 66 15.84 38.72 25.16
C VAL EA 66 16.49 37.36 25.35
N LYS EA 67 17.76 37.27 24.96
CA LYS EA 67 18.51 36.03 25.03
C LYS EA 67 19.69 36.19 25.99
N GLY EA 68 19.91 35.17 26.82
CA GLY EA 68 21.02 35.19 27.74
C GLY EA 68 21.32 33.79 28.23
N ILE EA 69 22.46 33.66 28.89
CA ILE EA 69 22.90 32.38 29.42
C ILE EA 69 22.50 32.29 30.89
N LEU EA 70 22.49 31.06 31.40
CA LEU EA 70 22.10 30.79 32.78
C LEU EA 70 23.27 30.18 33.53
N VAL EA 71 23.86 30.96 34.42
CA VAL EA 71 24.89 30.48 35.34
C VAL EA 71 24.34 30.58 36.76
N ALA EA 72 25.02 29.90 37.67
CA ALA EA 72 24.60 29.87 39.06
C ALA EA 72 25.01 31.14 39.78
N GLY EA 73 24.41 31.34 40.96
CA GLY EA 73 24.79 32.46 41.81
C GLY EA 73 23.63 33.30 42.27
N THR EA 74 23.88 34.26 43.14
CA THR EA 74 22.88 35.22 43.55
C THR EA 74 23.57 36.59 43.53
N PRO EA 75 22.92 37.60 42.97
CA PRO EA 75 23.63 38.85 42.67
C PRO EA 75 23.71 39.84 43.82
N GLN EA 76 24.92 40.05 44.32
CA GLN EA 76 25.30 41.27 45.03
C GLN EA 76 24.60 41.48 46.37
N GLN EA 77 23.63 40.62 46.69
CA GLN EA 77 22.88 40.65 47.95
C GLN EA 77 22.31 42.03 48.26
N ALA EA 78 22.30 42.93 47.28
CA ALA EA 78 21.69 44.24 47.41
C ALA EA 78 20.53 44.39 46.44
N GLN EA 79 20.08 43.29 45.88
CA GLN EA 79 19.00 43.25 44.91
C GLN EA 79 18.14 42.05 45.26
N SER EA 80 17.30 41.63 44.32
CA SER EA 80 16.19 40.70 44.45
C SER EA 80 15.01 41.36 45.15
N ASN EA 81 15.17 42.58 45.68
CA ASN EA 81 14.04 43.46 45.93
C ASN EA 81 13.48 44.01 44.64
N ASP EA 82 14.25 43.92 43.55
CA ASP EA 82 13.82 44.39 42.24
C ASP EA 82 14.20 43.40 41.14
N PHE EA 83 14.61 42.19 41.49
CA PHE EA 83 14.90 41.14 40.52
C PHE EA 83 13.86 40.04 40.62
N LEU EA 84 13.64 39.34 39.51
CA LEU EA 84 12.62 38.29 39.47
C LEU EA 84 13.19 37.01 40.05
N THR EA 85 12.73 36.65 41.23
CA THR EA 85 13.06 35.37 41.84
C THR EA 85 11.88 34.42 41.67
N LEU EA 86 12.16 33.21 41.21
CA LEU EA 86 11.09 32.27 40.89
C LEU EA 86 11.66 30.88 40.75
N LYS EA 87 10.84 29.88 41.05
CA LYS EA 87 11.22 28.48 40.97
C LYS EA 87 10.34 27.78 39.93
N LEU EA 88 10.98 27.09 38.99
CA LEU EA 88 10.31 26.40 37.91
C LEU EA 88 10.77 24.95 37.87
N PRO EA 89 9.94 24.04 37.35
CA PRO EA 89 10.33 22.64 37.34
C PRO EA 89 11.24 22.27 36.16
N ALA EA 90 12.23 23.12 35.89
CA ALA EA 90 13.35 22.79 35.02
C ALA EA 90 12.96 22.51 33.57
N ASN EA 91 11.67 22.53 33.27
CA ASN EA 91 11.19 22.26 31.93
C ASN EA 91 10.40 23.40 31.33
N LYS EA 92 9.79 24.25 32.13
CA LYS EA 92 9.03 25.39 31.67
C LYS EA 92 9.91 26.54 31.23
N LEU EA 93 11.17 26.28 30.93
CA LEU EA 93 12.07 27.29 30.42
C LEU EA 93 12.24 27.10 28.92
N TYR EA 94 12.42 28.21 28.21
CA TYR EA 94 12.60 28.19 26.76
C TYR EA 94 14.09 28.07 26.47
N LEU EA 95 14.56 26.84 26.37
CA LEU EA 95 15.98 26.56 26.25
C LEU EA 95 16.40 26.43 24.78
N ILE EA 96 17.53 27.01 24.44
CA ILE EA 96 18.08 26.95 23.09
C ILE EA 96 19.24 25.97 23.10
N ARG EA 97 19.25 25.06 22.12
CA ARG EA 97 20.29 24.04 22.01
C ARG EA 97 20.35 23.18 23.28
N LYS EA 98 19.25 22.47 23.53
CA LYS EA 98 19.20 21.56 24.67
C LYS EA 98 20.21 20.44 24.50
N LYS EA 99 20.91 20.11 25.59
CA LYS EA 99 21.94 19.08 25.58
C LYS EA 99 21.58 17.90 26.47
N GLY EA 100 21.28 18.15 27.75
CA GLY EA 100 20.95 17.07 28.64
C GLY EA 100 19.72 17.36 29.46
N ASN EA 101 19.34 16.43 30.33
CA ASN EA 101 18.20 16.63 31.22
C ASN EA 101 18.55 17.67 32.27
N ILE EA 102 17.52 18.27 32.86
CA ILE EA 102 17.69 19.32 33.84
C ILE EA 102 17.40 18.73 35.21
N SER EA 103 17.69 19.51 36.26
CA SER EA 103 17.65 19.03 37.64
C SER EA 103 16.23 18.91 38.20
N ASP EA 104 15.21 18.98 37.35
CA ASP EA 104 13.82 18.78 37.75
C ASP EA 104 13.39 19.71 38.89
N ASP EA 105 14.18 20.75 39.13
CA ASP EA 105 13.89 21.82 40.08
C ASP EA 105 14.94 22.89 39.88
N LEU EA 106 14.55 24.14 40.11
CA LEU EA 106 15.47 25.22 39.80
C LEU EA 106 14.92 26.52 40.38
N LYS EA 107 15.83 27.37 40.85
CA LYS EA 107 15.52 28.73 41.23
C LYS EA 107 16.19 29.68 40.24
N ILE EA 108 15.48 30.72 39.84
CA ILE EA 108 15.92 31.61 38.78
C ILE EA 108 15.89 33.06 39.27
N TYR EA 109 16.93 33.81 38.94
CA TYR EA 109 17.01 35.22 39.25
C TYR EA 109 17.18 36.01 37.97
N ILE EA 110 16.36 37.05 37.81
CA ILE EA 110 16.27 37.80 36.56
C ILE EA 110 16.33 39.29 36.85
N PRO EA 111 17.14 40.05 36.12
CA PRO EA 111 17.14 41.51 36.31
C PRO EA 111 15.85 42.14 35.81
N TYR EA 112 14.99 42.54 36.73
CA TYR EA 112 13.67 43.08 36.41
C TYR EA 112 13.67 44.60 36.58
N SER EA 113 13.05 45.29 35.64
CA SER EA 113 12.91 46.74 35.69
C SER EA 113 11.47 47.12 35.97
N SER EA 114 11.28 48.35 36.45
CA SER EA 114 9.94 48.83 36.71
C SER EA 114 9.18 49.02 35.40
N PRO EA 115 7.88 48.71 35.38
CA PRO EA 115 7.10 48.96 34.17
C PRO EA 115 7.15 50.40 33.70
N ASP EA 116 7.07 51.36 34.63
CA ASP EA 116 7.25 52.77 34.34
C ASP EA 116 6.26 53.27 33.29
N ALA EA 117 4.98 53.23 33.68
CA ALA EA 117 3.90 53.58 32.76
C ALA EA 117 3.78 55.09 32.56
N ARG EA 118 4.85 55.72 32.09
CA ARG EA 118 4.85 57.15 31.82
C ARG EA 118 5.10 57.48 30.35
N ASN EA 119 5.57 56.52 29.56
CA ASN EA 119 5.96 56.78 28.18
C ASN EA 119 5.66 55.55 27.35
N SER EA 120 5.37 55.77 26.07
CA SER EA 120 5.05 54.67 25.17
C SER EA 120 6.27 53.79 24.96
N MET EA 121 6.16 52.53 25.39
CA MET EA 121 7.21 51.55 25.16
C MET EA 121 7.24 51.20 23.67
N LYS EA 122 8.32 51.59 23.00
CA LYS EA 122 8.54 51.23 21.60
C LYS EA 122 9.88 50.50 21.54
N THR EA 123 9.84 49.18 21.68
CA THR EA 123 11.07 48.41 21.69
C THR EA 123 11.60 48.27 20.28
N LYS EA 124 12.90 48.05 20.17
CA LYS EA 124 13.58 48.01 18.89
C LYS EA 124 14.46 46.77 18.83
N PRO EA 125 14.31 45.94 17.81
CA PRO EA 125 15.15 44.74 17.71
C PRO EA 125 16.58 45.11 17.34
N VAL EA 126 17.51 44.70 18.19
CA VAL EA 126 18.93 44.92 17.95
C VAL EA 126 19.66 43.60 18.07
N SER EA 127 20.35 43.20 17.02
CA SER EA 127 21.20 42.02 17.06
C SER EA 127 22.60 42.42 17.51
N ILE EA 128 23.44 41.42 17.72
CA ILE EA 128 24.81 41.64 18.17
C ILE EA 128 25.71 41.69 16.95
N SER EA 129 26.18 42.89 16.64
CA SER EA 129 27.15 43.14 15.58
C SER EA 129 28.39 43.76 16.21
N ASP EA 130 29.27 44.29 15.37
CA ASP EA 130 30.43 45.06 15.82
C ASP EA 130 31.32 44.23 16.74
N ASP EA 131 31.93 43.20 16.14
CA ASP EA 131 32.65 42.16 16.86
C ASP EA 131 33.65 42.69 17.88
N THR EA 132 34.00 43.98 17.81
CA THR EA 132 34.63 44.63 18.95
C THR EA 132 33.75 44.48 20.19
N ILE EA 133 32.44 44.56 20.00
CA ILE EA 133 31.53 44.28 21.10
C ILE EA 133 31.66 42.84 21.55
N VAL EA 134 31.80 41.90 20.61
CA VAL EA 134 31.96 40.51 21.01
C VAL EA 134 33.21 40.34 21.87
N ASN EA 135 34.29 41.04 21.51
CA ASN EA 135 35.51 40.97 22.30
C ASN EA 135 35.30 41.53 23.70
N ASN EA 136 34.68 42.71 23.80
CA ASN EA 136 34.52 43.29 25.13
C ASN EA 136 33.46 42.58 25.96
N ILE EA 137 32.56 41.83 25.33
CA ILE EA 137 31.62 41.02 26.12
C ILE EA 137 32.26 39.73 26.57
N ILE EA 138 33.11 39.12 25.73
CA ILE EA 138 33.88 37.97 26.18
C ILE EA 138 34.78 38.38 27.34
N LYS EA 139 35.31 39.60 27.29
CA LYS EA 139 36.06 40.12 28.42
C LYS EA 139 35.14 40.41 29.61
N GLU EA 140 33.90 40.81 29.36
CA GLU EA 140 32.96 41.11 30.43
C GLU EA 140 32.62 39.86 31.23
N VAL EA 141 32.19 38.81 30.53
CA VAL EA 141 31.65 37.61 31.17
C VAL EA 141 32.51 36.39 30.90
N PHE EA 142 32.85 36.13 29.63
CA PHE EA 142 33.52 34.89 29.29
C PHE EA 142 34.98 34.84 29.75
N ASP EA 143 35.43 35.84 30.50
CA ASP EA 143 36.71 35.75 31.20
C ASP EA 143 36.56 35.87 32.71
N LYS EA 144 35.71 36.80 33.18
CA LYS EA 144 35.47 36.94 34.61
C LYS EA 144 34.64 35.78 35.16
N ILE EA 145 33.86 35.12 34.31
CA ILE EA 145 33.08 33.95 34.69
C ILE EA 145 33.63 32.70 34.01
N TYR EA 146 33.57 32.66 32.68
CA TYR EA 146 33.93 31.45 31.93
C TYR EA 146 35.45 31.36 31.81
N ASN EA 147 36.09 31.11 32.95
CA ASN EA 147 37.54 30.93 32.98
C ASN EA 147 37.96 29.71 32.16
N ILE EA 148 37.02 28.85 31.79
CA ILE EA 148 37.33 27.72 30.92
C ILE EA 148 37.79 28.22 29.55
N THR EA 149 37.25 29.35 29.10
CA THR EA 149 37.83 30.04 27.97
C THR EA 149 39.20 30.59 28.37
N GLN EA 150 40.11 30.66 27.39
CA GLN EA 150 41.52 30.93 27.62
C GLN EA 150 42.17 29.83 28.46
N LYS EA 151 41.51 28.70 28.61
CA LYS EA 151 42.04 27.56 29.36
C LYS EA 151 41.96 26.30 28.51
N GLU EA 152 40.93 26.23 27.68
CA GLU EA 152 40.71 25.10 26.78
C GLU EA 152 40.50 25.53 25.33
N LYS EA 153 39.84 26.66 25.10
CA LYS EA 153 39.42 27.07 23.77
C LYS EA 153 40.39 28.14 23.25
N VAL EA 154 41.23 27.77 22.28
CA VAL EA 154 41.84 28.76 21.41
C VAL EA 154 40.88 29.20 20.31
N LYS EA 155 39.72 28.54 20.21
CA LYS EA 155 38.71 28.83 19.20
C LYS EA 155 37.89 30.04 19.61
N ILE EA 156 38.58 31.18 19.75
CA ILE EA 156 37.88 32.42 20.06
C ILE EA 156 37.03 32.87 18.88
N GLU EA 157 37.45 32.52 17.66
CA GLU EA 157 36.64 32.86 16.49
C GLU EA 157 35.36 32.04 16.46
N LYS EA 158 35.41 30.78 16.92
CA LYS EA 158 34.20 29.97 16.99
C LYS EA 158 33.16 30.64 17.89
N VAL EA 159 33.52 30.88 19.15
CA VAL EA 159 32.57 31.53 20.06
C VAL EA 159 32.21 32.94 19.63
N LYS EA 160 33.11 33.63 18.92
CA LYS EA 160 32.78 34.96 18.44
C LYS EA 160 31.69 34.92 17.38
N GLU EA 161 31.90 34.12 16.33
CA GLU EA 161 30.87 33.99 15.30
C GLU EA 161 29.60 33.38 15.86
N ASP EA 162 29.71 32.59 16.93
CA ASP EA 162 28.50 32.03 17.53
C ASP EA 162 27.72 33.05 18.33
N ILE EA 163 28.41 33.94 19.04
CA ILE EA 163 27.71 35.00 19.76
C ILE EA 163 27.17 36.04 18.78
N LYS EA 164 27.82 36.19 17.62
CA LYS EA 164 27.34 37.17 16.66
C LYS EA 164 26.00 36.79 16.06
N GLU EA 165 25.59 35.53 16.16
CA GLU EA 165 24.31 35.11 15.63
C GLU EA 165 23.34 34.60 16.68
N LEU EA 166 23.77 33.76 17.62
CA LEU EA 166 22.84 33.12 18.54
C LEU EA 166 22.24 34.11 19.52
N PHE EA 167 22.84 35.28 19.68
CA PHE EA 167 22.36 36.25 20.65
C PHE EA 167 21.86 37.50 19.92
N SER EA 168 20.53 37.61 19.83
CA SER EA 168 19.86 38.84 19.43
C SER EA 168 18.76 39.08 20.45
N TYR EA 169 18.13 40.25 20.37
CA TYR EA 169 17.18 40.66 21.39
C TYR EA 169 16.41 41.86 20.86
N TYR EA 170 15.48 42.34 21.68
CA TYR EA 170 14.82 43.62 21.45
C TYR EA 170 15.14 44.54 22.62
N ALA EA 171 15.09 45.85 22.37
CA ALA EA 171 15.34 46.84 23.42
C ALA EA 171 14.57 48.11 23.10
N LEU EA 172 14.13 48.80 24.17
CA LEU EA 172 13.36 50.01 23.99
C LEU EA 172 14.23 51.17 23.54
N GLU EA 173 15.39 51.33 24.19
CA GLU EA 173 16.24 52.50 24.00
C GLU EA 173 15.49 53.79 24.30
N GLN EA 174 14.49 53.71 25.18
CA GLN EA 174 13.69 54.87 25.54
C GLN EA 174 13.96 55.27 26.98
N SER FA 2 52.22 37.94 -5.77
CA SER FA 2 51.12 38.48 -6.56
C SER FA 2 51.62 38.97 -7.91
N THR FA 3 50.88 38.63 -8.97
CA THR FA 3 51.23 39.03 -10.33
C THR FA 3 50.58 40.37 -10.64
N GLN FA 4 51.40 41.35 -10.99
CA GLN FA 4 50.97 42.74 -11.13
C GLN FA 4 50.44 43.00 -12.54
N ARG FA 5 49.48 43.91 -12.63
CA ARG FA 5 48.82 44.23 -13.88
C ARG FA 5 48.74 45.74 -14.06
N GLU FA 6 48.28 46.14 -15.25
CA GLU FA 6 48.10 47.54 -15.61
C GLU FA 6 46.86 47.67 -16.48
N TYR FA 7 46.09 48.74 -16.25
CA TYR FA 7 44.86 49.00 -16.98
C TYR FA 7 45.09 50.10 -18.01
N VAL FA 8 44.95 49.75 -19.29
CA VAL FA 8 45.16 50.69 -20.38
C VAL FA 8 43.87 50.83 -21.17
N PHE FA 9 43.26 52.01 -21.08
CA PHE FA 9 41.96 52.22 -21.71
C PHE FA 9 42.10 52.25 -23.23
N ILE FA 10 40.98 52.03 -23.91
CA ILE FA 10 40.96 51.99 -25.37
C ILE FA 10 40.03 53.10 -25.88
N PRO FA 11 40.50 54.35 -25.89
CA PRO FA 11 39.65 55.45 -26.37
C PRO FA 11 39.83 55.73 -27.85
N ILE FA 12 39.21 56.81 -28.33
CA ILE FA 12 39.36 57.23 -29.70
C ILE FA 12 40.44 58.31 -29.80
N THR FA 13 41.17 58.53 -28.71
CA THR FA 13 42.25 59.50 -28.69
C THR FA 13 43.60 58.79 -28.74
N ASN FA 14 44.56 59.40 -29.42
CA ASN FA 14 45.89 58.82 -29.60
C ASN FA 14 46.79 59.19 -28.41
N SER FA 15 46.47 58.61 -27.26
CA SER FA 15 47.25 58.76 -26.03
C SER FA 15 47.64 57.43 -25.44
N ILE FA 16 47.32 56.32 -26.11
CA ILE FA 16 47.82 55.00 -25.73
C ILE FA 16 49.28 54.83 -26.09
N THR FA 17 49.87 55.86 -26.72
CA THR FA 17 51.14 55.75 -27.43
C THR FA 17 52.27 55.21 -26.56
N ILE FA 18 52.70 55.97 -25.55
CA ILE FA 18 53.84 55.59 -24.73
C ILE FA 18 53.41 55.68 -23.26
N ASP FA 19 52.96 54.56 -22.71
CA ASP FA 19 52.90 54.40 -21.27
C ASP FA 19 53.24 53.00 -20.80
N VAL FA 20 53.49 52.06 -21.72
CA VAL FA 20 53.82 50.69 -21.36
C VAL FA 20 55.30 50.47 -21.61
N LYS FA 21 55.85 49.51 -20.86
CA LYS FA 21 57.26 49.14 -21.01
C LYS FA 21 57.37 47.61 -21.00
N ILE FA 22 56.41 46.96 -20.36
CA ILE FA 22 56.38 45.50 -20.22
C ILE FA 22 55.45 44.96 -21.28
N THR FA 23 56.00 44.28 -22.29
CA THR FA 23 55.17 43.70 -23.34
C THR FA 23 54.48 42.44 -22.86
N ILE FA 24 55.20 41.60 -22.12
CA ILE FA 24 54.61 40.43 -21.49
C ILE FA 24 54.91 40.46 -20.00
N GLY FA 25 56.20 40.43 -19.66
CA GLY FA 25 56.60 40.36 -18.26
C GLY FA 25 56.56 38.93 -17.74
N GLY FA 26 55.35 38.43 -17.50
CA GLY FA 26 55.18 37.04 -17.16
C GLY FA 26 55.06 36.21 -18.42
N SER FA 27 53.96 35.46 -18.55
CA SER FA 27 53.70 34.70 -19.76
C SER FA 27 52.25 34.83 -20.22
N ASP FA 28 51.50 35.79 -19.69
CA ASP FA 28 50.07 35.87 -19.95
C ASP FA 28 49.53 37.22 -19.48
N HIS FA 29 48.43 37.63 -20.09
CA HIS FA 29 47.64 38.75 -19.62
C HIS FA 29 46.37 38.22 -18.98
N ILE FA 30 45.64 39.11 -18.30
CA ILE FA 30 44.31 38.75 -17.80
C ILE FA 30 43.28 38.92 -18.90
N THR FA 31 43.18 40.12 -19.46
CA THR FA 31 42.32 40.35 -20.61
C THR FA 31 42.79 39.48 -21.77
N ASN FA 32 41.93 38.54 -22.18
CA ASN FA 32 42.29 37.53 -23.15
C ASN FA 32 41.37 37.57 -24.36
N ILE FA 33 41.83 36.96 -25.44
CA ILE FA 33 41.08 36.84 -26.69
C ILE FA 33 41.06 35.37 -27.08
N ASP FA 34 39.87 34.78 -27.20
CA ASP FA 34 39.73 33.38 -27.60
C ASP FA 34 38.70 33.27 -28.73
N GLU FA 35 39.16 33.46 -29.96
CA GLU FA 35 38.49 33.09 -31.20
C GLU FA 35 37.02 33.51 -31.27
N ARG FA 36 36.57 34.34 -30.35
CA ARG FA 36 35.16 34.74 -30.30
C ARG FA 36 34.96 36.22 -30.05
N GLY FA 37 35.92 36.91 -29.43
CA GLY FA 37 35.79 38.29 -29.02
C GLY FA 37 36.71 38.54 -27.85
N ILE FA 38 36.84 39.79 -27.42
CA ILE FA 38 37.70 40.10 -26.29
C ILE FA 38 36.99 39.69 -25.00
N HIS FA 39 37.72 39.00 -24.13
CA HIS FA 39 37.14 38.45 -22.92
C HIS FA 39 37.71 39.12 -21.68
N ASN FA 40 36.96 39.04 -20.59
CA ASN FA 40 37.39 39.55 -19.28
C ASN FA 40 37.73 41.04 -19.35
N VAL FA 41 36.99 41.77 -20.19
CA VAL FA 41 37.24 43.20 -20.38
C VAL FA 41 36.87 43.94 -19.11
N LEU FA 42 37.80 44.74 -18.61
CA LEU FA 42 37.61 45.45 -17.35
C LEU FA 42 36.91 46.79 -17.60
N VAL FA 43 35.91 47.09 -16.78
CA VAL FA 43 35.16 48.33 -16.85
C VAL FA 43 35.18 48.97 -15.46
N ILE FA 44 35.45 50.27 -15.42
CA ILE FA 44 35.46 51.03 -14.17
C ILE FA 44 34.49 52.18 -14.31
N THR FA 45 33.70 52.40 -13.27
CA THR FA 45 32.71 53.46 -13.25
C THR FA 45 33.14 54.58 -12.32
N GLY FA 46 32.46 55.71 -12.43
CA GLY FA 46 32.81 56.88 -11.66
C GLY FA 46 33.93 57.72 -12.22
N TYR FA 47 34.52 57.32 -13.34
CA TYR FA 47 35.65 58.02 -13.93
C TYR FA 47 35.32 58.45 -15.35
N ALA FA 48 36.11 59.39 -15.86
CA ALA FA 48 36.02 59.84 -17.24
C ALA FA 48 37.43 60.06 -17.78
N VAL FA 49 37.52 60.34 -19.07
CA VAL FA 49 38.80 60.54 -19.73
C VAL FA 49 38.99 62.04 -19.98
N ASP FA 50 40.24 62.42 -20.26
CA ASP FA 50 40.66 63.82 -20.38
C ASP FA 50 41.33 64.03 -21.73
N GLU FA 51 40.62 63.71 -22.81
CA GLU FA 51 41.16 63.41 -24.14
C GLU FA 51 42.43 64.18 -24.51
N LYS FA 52 42.50 65.47 -24.18
CA LYS FA 52 43.75 66.20 -24.36
C LYS FA 52 44.71 65.71 -23.29
N ASN FA 53 45.61 64.80 -23.66
CA ASN FA 53 46.34 63.95 -22.72
C ASN FA 53 45.34 63.15 -21.87
N GLY FA 54 44.60 62.28 -22.55
CA GLY FA 54 43.55 61.51 -21.93
C GLY FA 54 44.00 60.70 -20.73
N ARG FA 55 43.58 61.13 -19.54
CA ARG FA 55 43.89 60.43 -18.31
C ARG FA 55 42.65 60.43 -17.42
N LEU FA 56 42.47 59.35 -16.67
CA LEU FA 56 41.23 59.11 -15.95
C LEU FA 56 41.08 60.08 -14.78
N VAL FA 57 40.10 60.97 -14.88
CA VAL FA 57 39.73 61.86 -13.79
C VAL FA 57 38.63 61.19 -12.98
N PRO FA 58 38.70 61.19 -11.66
CA PRO FA 58 37.59 60.65 -10.86
C PRO FA 58 36.47 61.65 -10.65
N THR FA 59 35.27 61.33 -11.10
CA THR FA 59 34.11 62.18 -10.97
C THR FA 59 33.05 61.50 -10.10
N LEU FA 60 31.97 62.24 -9.82
CA LEU FA 60 30.94 61.80 -8.88
C LEU FA 60 29.70 61.27 -9.57
N ASP FA 61 29.87 60.59 -10.70
CA ASP FA 61 28.74 60.04 -11.45
C ASP FA 61 28.90 58.54 -11.60
N PRO FA 62 28.04 57.73 -10.98
CA PRO FA 62 28.13 56.27 -11.14
C PRO FA 62 27.86 55.79 -12.56
N CYS FA 63 27.35 56.67 -13.43
CA CYS FA 63 27.25 56.35 -14.85
C CYS FA 63 28.50 56.72 -15.63
N ASP FA 64 29.35 57.58 -15.10
CA ASP FA 64 30.60 57.91 -15.78
C ASP FA 64 31.52 56.71 -15.73
N TYR FA 65 31.80 56.12 -16.89
CA TYR FA 65 32.50 54.86 -16.95
C TYR FA 65 33.46 54.86 -18.12
N VAL FA 66 34.59 54.17 -17.94
CA VAL FA 66 35.58 53.98 -18.99
C VAL FA 66 35.91 52.50 -19.07
N LYS FA 67 36.04 51.98 -20.29
CA LYS FA 67 36.45 50.61 -20.52
C LYS FA 67 37.86 50.58 -21.08
N GLY FA 68 38.50 49.43 -20.95
CA GLY FA 68 39.81 49.22 -21.51
C GLY FA 68 40.20 47.77 -21.41
N ILE FA 69 41.50 47.52 -21.51
CA ILE FA 69 42.05 46.18 -21.31
C ILE FA 69 43.12 46.25 -20.22
N LEU FA 70 43.03 45.31 -19.28
CA LEU FA 70 43.98 45.20 -18.19
C LEU FA 70 45.11 44.28 -18.62
N VAL FA 71 46.32 44.82 -18.69
CA VAL FA 71 47.47 44.09 -19.22
C VAL FA 71 48.49 43.90 -18.11
N ALA FA 72 49.45 43.01 -18.37
CA ALA FA 72 50.55 42.77 -17.44
C ALA FA 72 51.65 43.79 -17.67
N GLY FA 73 51.87 44.66 -16.69
CA GLY FA 73 52.95 45.62 -16.81
C GLY FA 73 52.96 46.60 -15.66
N THR FA 74 54.07 47.33 -15.58
CA THR FA 74 54.27 48.47 -14.69
C THR FA 74 54.91 49.60 -15.49
N PRO FA 75 54.42 50.83 -15.33
CA PRO FA 75 54.78 51.88 -16.28
C PRO FA 75 56.13 52.55 -16.04
N GLN FA 76 57.14 52.17 -16.82
CA GLN FA 76 58.17 53.09 -17.29
C GLN FA 76 59.04 53.71 -16.20
N GLN FA 77 58.71 53.47 -14.93
CA GLN FA 77 59.26 54.26 -13.82
C GLN FA 77 59.24 55.75 -14.16
N ALA FA 78 58.18 56.19 -14.82
CA ALA FA 78 57.91 57.61 -15.06
C ALA FA 78 56.62 58.03 -14.37
N GLN FA 79 56.15 57.21 -13.45
CA GLN FA 79 54.85 57.39 -12.80
C GLN FA 79 55.03 57.04 -11.32
N SER FA 80 53.92 56.72 -10.65
CA SER FA 80 53.76 56.51 -9.21
C SER FA 80 53.72 57.85 -8.49
N ASN FA 81 53.96 58.95 -9.20
CA ASN FA 81 53.59 60.27 -8.70
C ASN FA 81 52.19 60.67 -9.18
N ASP FA 82 51.74 60.12 -10.31
CA ASP FA 82 50.42 60.44 -10.83
C ASP FA 82 49.65 59.23 -11.33
N PHE FA 83 50.17 58.01 -11.18
CA PHE FA 83 49.46 56.80 -11.52
C PHE FA 83 48.99 56.12 -10.25
N LEU FA 84 47.68 55.93 -10.14
CA LEU FA 84 47.08 55.40 -8.92
C LEU FA 84 47.27 53.90 -8.88
N THR FA 85 48.00 53.42 -7.88
CA THR FA 85 48.22 51.99 -7.72
C THR FA 85 47.28 51.42 -6.67
N LEU FA 86 46.68 50.27 -6.98
CA LEU FA 86 45.78 49.60 -6.04
C LEU FA 86 45.95 48.10 -6.16
N LYS FA 87 45.40 47.39 -5.18
CA LYS FA 87 45.49 45.93 -5.13
C LYS FA 87 44.13 45.40 -4.71
N LEU FA 88 43.48 44.66 -5.61
CA LEU FA 88 42.12 44.22 -5.36
C LEU FA 88 42.05 42.70 -5.29
N PRO FA 89 41.19 42.16 -4.43
CA PRO FA 89 41.06 40.70 -4.33
C PRO FA 89 40.17 40.11 -5.42
N ALA FA 90 40.40 40.51 -6.67
CA ALA FA 90 39.95 39.78 -7.85
C ALA FA 90 38.44 39.60 -7.96
N ASN FA 91 37.70 40.14 -7.01
CA ASN FA 91 36.24 40.13 -7.08
C ASN FA 91 35.65 41.51 -7.06
N LYS FA 92 36.45 42.54 -6.77
CA LYS FA 92 36.00 43.92 -6.84
C LYS FA 92 36.33 44.55 -8.19
N LEU FA 93 36.35 43.74 -9.25
CA LEU FA 93 36.62 44.21 -10.60
C LEU FA 93 35.37 43.98 -11.45
N TYR FA 94 35.03 44.95 -12.28
CA TYR FA 94 33.84 44.87 -13.11
C TYR FA 94 34.27 44.41 -14.49
N LEU FA 95 34.35 43.10 -14.67
CA LEU FA 95 34.78 42.51 -15.93
C LEU FA 95 33.56 42.15 -16.77
N ILE FA 96 33.60 42.53 -18.04
CA ILE FA 96 32.56 42.16 -19.00
C ILE FA 96 33.06 40.96 -19.79
N ARG FA 97 32.16 40.00 -20.01
CA ARG FA 97 32.48 38.75 -20.69
C ARG FA 97 33.53 37.96 -19.89
N LYS FA 98 33.21 37.74 -18.63
CA LYS FA 98 34.07 36.94 -17.75
C LYS FA 98 34.09 35.50 -18.22
N LYS FA 99 35.28 34.99 -18.52
CA LYS FA 99 35.46 33.64 -19.01
C LYS FA 99 36.25 32.76 -18.05
N GLY FA 100 37.44 33.21 -17.64
CA GLY FA 100 38.28 32.45 -16.74
C GLY FA 100 38.15 32.90 -15.30
N ASN FA 101 39.08 32.42 -14.48
CA ASN FA 101 39.13 32.75 -13.07
C ASN FA 101 40.33 33.64 -12.76
N ILE FA 102 40.23 34.37 -11.67
CA ILE FA 102 41.32 35.24 -11.19
C ILE FA 102 41.70 34.77 -9.80
N SER FA 103 42.96 35.00 -9.44
CA SER FA 103 43.57 34.36 -8.27
C SER FA 103 43.77 35.31 -7.09
N ASP FA 104 42.82 36.20 -6.84
CA ASP FA 104 42.65 36.90 -5.57
C ASP FA 104 43.76 37.91 -5.28
N ASP FA 105 44.73 38.09 -6.17
CA ASP FA 105 45.81 39.04 -5.93
C ASP FA 105 46.15 39.76 -7.23
N LEU FA 106 45.65 40.98 -7.35
CA LEU FA 106 45.87 41.81 -8.53
C LEU FA 106 46.34 43.19 -8.13
N LYS FA 107 47.49 43.59 -8.65
CA LYS FA 107 47.98 44.96 -8.50
C LYS FA 107 47.70 45.72 -9.78
N ILE FA 108 47.12 46.90 -9.65
CA ILE FA 108 46.68 47.70 -10.79
C ILE FA 108 47.31 49.08 -10.68
N TYR FA 109 47.60 49.69 -11.83
CA TYR FA 109 48.02 51.07 -11.90
C TYR FA 109 47.13 51.80 -12.90
N ILE FA 110 46.65 52.98 -12.52
CA ILE FA 110 45.61 53.69 -13.24
C ILE FA 110 46.23 54.93 -13.87
N PRO FA 111 46.15 55.10 -15.19
CA PRO FA 111 46.55 56.38 -15.79
C PRO FA 111 45.61 57.49 -15.38
N TYR FA 112 46.08 58.38 -14.51
CA TYR FA 112 45.22 59.27 -13.76
C TYR FA 112 45.57 60.73 -14.04
N SER FA 113 44.56 61.58 -13.95
CA SER FA 113 44.73 63.03 -14.02
C SER FA 113 44.13 63.66 -12.77
N SER FA 114 44.75 64.75 -12.31
CA SER FA 114 44.28 65.44 -11.13
C SER FA 114 42.87 66.00 -11.36
N PRO FA 115 42.13 66.26 -10.28
CA PRO FA 115 40.77 66.79 -10.45
C PRO FA 115 40.70 68.11 -11.20
N ASP FA 116 41.72 68.95 -11.11
CA ASP FA 116 41.76 70.24 -11.78
C ASP FA 116 40.46 71.02 -11.53
N ALA FA 117 40.25 71.36 -10.27
CA ALA FA 117 38.99 71.95 -9.84
C ALA FA 117 38.85 73.39 -10.34
N ARG FA 118 38.60 73.57 -11.63
CA ARG FA 118 38.31 74.88 -12.17
C ARG FA 118 37.20 74.87 -13.21
N ASN FA 119 36.66 73.70 -13.55
CA ASN FA 119 35.66 73.62 -14.60
C ASN FA 119 34.64 72.54 -14.24
N SER FA 120 33.37 72.83 -14.51
CA SER FA 120 32.33 71.83 -14.32
C SER FA 120 32.57 70.66 -15.26
N MET FA 121 32.72 69.46 -14.70
CA MET FA 121 33.15 68.29 -15.47
C MET FA 121 32.01 67.85 -16.38
N LYS FA 122 31.90 68.52 -17.52
CA LYS FA 122 30.81 68.23 -18.46
C LYS FA 122 31.06 66.88 -19.13
N THR FA 123 30.36 65.86 -18.66
CA THR FA 123 30.57 64.51 -19.14
C THR FA 123 29.67 64.20 -20.32
N LYS FA 124 30.22 63.50 -21.32
CA LYS FA 124 29.51 63.17 -22.53
C LYS FA 124 29.95 61.80 -23.02
N PRO FA 125 29.02 60.97 -23.48
CA PRO FA 125 29.39 59.64 -23.98
C PRO FA 125 30.24 59.72 -25.23
N VAL FA 126 31.20 58.82 -25.32
CA VAL FA 126 32.05 58.70 -26.51
C VAL FA 126 32.20 57.22 -26.83
N SER FA 127 31.80 56.84 -28.04
CA SER FA 127 32.03 55.51 -28.58
C SER FA 127 33.05 55.58 -29.69
N ILE FA 128 33.41 54.43 -30.23
CA ILE FA 128 34.43 54.33 -31.27
C ILE FA 128 33.77 54.43 -32.64
N SER FA 129 34.33 55.28 -33.50
CA SER FA 129 33.92 55.39 -34.90
C SER FA 129 35.15 55.66 -35.75
N ASP FA 130 34.96 56.04 -37.01
CA ASP FA 130 36.06 56.36 -37.93
C ASP FA 130 37.01 55.16 -38.04
N ASP FA 131 36.49 54.12 -38.71
CA ASP FA 131 37.11 52.81 -38.79
C ASP FA 131 38.60 52.82 -39.07
N THR FA 132 39.10 53.84 -39.78
CA THR FA 132 40.53 53.92 -40.05
C THR FA 132 41.33 53.99 -38.75
N ILE FA 133 40.74 54.55 -37.69
CA ILE FA 133 41.38 54.49 -36.38
C ILE FA 133 41.23 53.12 -35.75
N VAL FA 134 40.11 52.43 -36.00
CA VAL FA 134 39.97 51.07 -35.50
C VAL FA 134 40.98 50.12 -36.14
N ASN FA 135 41.60 50.53 -37.24
CA ASN FA 135 42.73 49.78 -37.78
C ASN FA 135 43.98 49.97 -36.95
N ASN FA 136 44.34 51.23 -36.66
CA ASN FA 136 45.59 51.46 -35.94
C ASN FA 136 45.46 51.26 -34.45
N ILE FA 137 44.24 51.32 -33.90
CA ILE FA 137 44.05 50.87 -32.52
C ILE FA 137 44.33 49.38 -32.40
N ILE FA 138 44.15 48.62 -33.48
CA ILE FA 138 44.70 47.27 -33.52
C ILE FA 138 46.22 47.34 -33.59
N LYS FA 139 46.78 48.37 -34.22
CA LYS FA 139 48.22 48.48 -34.33
C LYS FA 139 48.84 49.11 -33.08
N GLU FA 140 48.12 50.01 -32.43
CA GLU FA 140 48.73 50.78 -31.34
C GLU FA 140 48.80 49.99 -30.04
N VAL FA 141 47.76 49.22 -29.71
CA VAL FA 141 47.73 48.43 -28.49
C VAL FA 141 47.49 46.95 -28.79
N PHE FA 142 46.54 46.65 -29.69
CA PHE FA 142 46.24 45.26 -30.01
C PHE FA 142 47.40 44.58 -30.74
N ASP FA 143 48.42 45.32 -31.16
CA ASP FA 143 49.62 44.76 -31.74
C ASP FA 143 50.79 44.75 -30.77
N LYS FA 144 51.07 45.89 -30.12
CA LYS FA 144 52.21 46.00 -29.23
C LYS FA 144 52.00 45.25 -27.92
N ILE FA 145 50.76 44.99 -27.54
CA ILE FA 145 50.46 44.16 -26.38
C ILE FA 145 50.11 42.74 -26.80
N TYR FA 146 49.26 42.59 -27.81
CA TYR FA 146 48.99 41.29 -28.40
C TYR FA 146 49.91 41.14 -29.61
N ASN FA 147 51.10 40.59 -29.36
CA ASN FA 147 51.90 40.07 -30.44
C ASN FA 147 51.34 38.75 -30.97
N ILE FA 148 50.46 38.10 -30.20
CA ILE FA 148 49.94 36.79 -30.57
C ILE FA 148 48.98 36.88 -31.74
N THR FA 149 48.32 38.03 -31.92
CA THR FA 149 47.62 38.26 -33.18
C THR FA 149 48.64 38.46 -34.29
N GLN FA 150 48.21 38.20 -35.52
CA GLN FA 150 49.10 38.04 -36.66
C GLN FA 150 50.03 36.83 -36.47
N LYS FA 151 49.75 36.02 -35.44
CA LYS FA 151 50.35 34.70 -35.27
C LYS FA 151 49.33 33.59 -35.08
N GLU FA 152 48.13 33.89 -34.59
CA GLU FA 152 47.09 32.89 -34.38
C GLU FA 152 45.77 33.21 -35.06
N LYS FA 153 45.35 34.47 -35.04
CA LYS FA 153 43.99 34.84 -35.42
C LYS FA 153 43.95 35.32 -36.86
N VAL FA 154 42.99 34.80 -37.63
CA VAL FA 154 42.73 35.32 -38.97
C VAL FA 154 41.53 36.25 -38.97
N LYS FA 155 40.45 35.89 -38.26
CA LYS FA 155 39.21 36.67 -38.32
C LYS FA 155 39.35 37.96 -37.53
N ILE FA 156 40.27 38.81 -38.02
CA ILE FA 156 40.42 40.15 -37.47
C ILE FA 156 39.17 40.98 -37.74
N GLU FA 157 38.41 40.62 -38.78
CA GLU FA 157 37.14 41.31 -39.02
C GLU FA 157 36.19 41.15 -37.85
N LYS FA 158 36.15 39.96 -37.26
CA LYS FA 158 35.34 39.76 -36.06
C LYS FA 158 35.86 40.60 -34.90
N VAL FA 159 37.18 40.75 -34.78
CA VAL FA 159 37.74 41.53 -33.69
C VAL FA 159 37.80 43.02 -34.03
N LYS FA 160 37.89 43.37 -35.31
CA LYS FA 160 37.70 44.76 -35.71
C LYS FA 160 36.27 45.21 -35.48
N GLU FA 161 35.33 44.26 -35.40
CA GLU FA 161 33.93 44.61 -35.24
C GLU FA 161 33.56 44.85 -33.78
N ASP FA 162 33.86 43.91 -32.89
CA ASP FA 162 33.32 43.98 -31.54
C ASP FA 162 33.93 45.14 -30.75
N ILE FA 163 35.15 45.54 -31.08
CA ILE FA 163 35.73 46.73 -30.46
C ILE FA 163 34.86 47.95 -30.75
N LYS FA 164 34.26 47.98 -31.94
CA LYS FA 164 33.38 49.07 -32.33
C LYS FA 164 32.06 49.06 -31.58
N GLU FA 165 31.76 48.00 -30.82
CA GLU FA 165 30.51 47.94 -30.07
C GLU FA 165 30.74 47.68 -28.59
N LEU FA 166 31.78 46.90 -28.27
CA LEU FA 166 32.04 46.56 -26.88
C LEU FA 166 32.68 47.70 -26.12
N PHE FA 167 33.54 48.48 -26.78
CA PHE FA 167 34.31 49.53 -26.13
C PHE FA 167 33.56 50.85 -26.24
N SER FA 168 33.22 51.43 -25.09
CA SER FA 168 32.57 52.72 -25.03
C SER FA 168 32.91 53.34 -23.68
N TYR FA 169 33.17 54.64 -23.68
CA TYR FA 169 33.59 55.32 -22.47
C TYR FA 169 32.92 56.69 -22.42
N TYR FA 170 33.25 57.45 -21.38
CA TYR FA 170 32.79 58.82 -21.24
C TYR FA 170 33.98 59.76 -21.28
N ALA FA 171 33.76 60.96 -21.80
CA ALA FA 171 34.78 62.00 -21.87
C ALA FA 171 34.21 63.29 -21.32
N LEU FA 172 35.12 64.23 -21.04
CA LEU FA 172 34.71 65.56 -20.63
C LEU FA 172 34.55 66.52 -21.81
N GLU FA 173 35.15 66.19 -22.96
CA GLU FA 173 35.11 67.02 -24.17
C GLU FA 173 35.61 68.44 -23.89
N GLN FA 174 36.58 68.56 -23.00
CA GLN FA 174 37.31 69.81 -22.81
C GLN FA 174 38.76 69.60 -23.21
N SER GA 2 -47.15 22.66 18.49
CA SER GA 2 -45.97 22.24 17.73
C SER GA 2 -46.23 20.95 16.96
N THR GA 3 -45.59 19.87 17.41
CA THR GA 3 -45.69 18.57 16.76
C THR GA 3 -45.68 17.47 17.80
N GLN GA 4 -46.49 16.45 17.58
CA GLN GA 4 -46.54 15.30 18.48
C GLN GA 4 -46.42 14.02 17.67
N ARG GA 5 -45.56 13.12 18.14
CA ARG GA 5 -45.36 11.83 17.51
C ARG GA 5 -45.39 10.75 18.57
N GLU GA 6 -45.84 9.57 18.17
CA GLU GA 6 -45.89 8.41 19.05
C GLU GA 6 -45.14 7.26 18.41
N TYR GA 7 -44.21 6.68 19.15
CA TYR GA 7 -43.47 5.52 18.68
C TYR GA 7 -44.24 4.26 19.07
N VAL GA 8 -44.48 3.39 18.09
CA VAL GA 8 -45.25 2.17 18.29
C VAL GA 8 -44.33 0.98 18.09
N PHE GA 9 -44.18 0.18 19.13
CA PHE GA 9 -43.39 -1.05 19.07
C PHE GA 9 -43.92 -1.97 17.99
N ILE GA 10 -43.03 -2.79 17.42
CA ILE GA 10 -43.45 -3.84 16.51
C ILE GA 10 -42.87 -5.18 16.90
N PRO GA 11 -43.27 -5.77 18.03
CA PRO GA 11 -42.86 -7.13 18.34
C PRO GA 11 -43.66 -8.16 17.56
N ILE GA 12 -43.47 -9.45 17.87
CA ILE GA 12 -44.15 -10.51 17.14
C ILE GA 12 -45.54 -10.74 17.72
N THR GA 13 -45.95 -9.90 18.65
CA THR GA 13 -47.27 -10.01 19.26
C THR GA 13 -48.16 -8.88 18.76
N ASN GA 14 -49.46 -9.14 18.74
CA ASN GA 14 -50.44 -8.13 18.36
C ASN GA 14 -51.05 -7.43 19.57
N SER GA 15 -50.19 -6.95 20.47
CA SER GA 15 -50.61 -6.10 21.56
C SER GA 15 -50.63 -4.63 21.15
N ILE GA 16 -50.31 -4.36 19.88
CA ILE GA 16 -50.22 -3.00 19.37
C ILE GA 16 -51.54 -2.50 18.79
N THR GA 17 -52.45 -3.41 18.43
CA THR GA 17 -53.67 -3.04 17.71
C THR GA 17 -54.37 -1.84 18.34
N ILE GA 18 -54.51 -1.87 19.66
CA ILE GA 18 -55.11 -0.75 20.40
C ILE GA 18 -54.03 -0.22 21.34
N ASP GA 19 -53.22 0.69 20.82
CA ASP GA 19 -52.30 1.46 21.66
C ASP GA 19 -52.18 2.90 21.20
N VAL GA 20 -52.93 3.31 20.19
CA VAL GA 20 -52.99 4.69 19.74
C VAL GA 20 -54.40 4.92 19.20
N LYS GA 21 -54.81 6.17 19.18
CA LYS GA 21 -56.14 6.51 18.68
C LYS GA 21 -55.99 7.28 17.38
N ILE GA 22 -54.78 7.77 17.12
CA ILE GA 22 -54.50 8.68 16.01
C ILE GA 22 -53.90 7.89 14.86
N THR GA 23 -54.50 8.04 13.68
CA THR GA 23 -54.02 7.39 12.47
C THR GA 23 -53.14 8.30 11.63
N ILE GA 24 -53.55 9.55 11.47
CA ILE GA 24 -52.75 10.57 10.78
C ILE GA 24 -52.49 11.76 11.69
N GLY GA 25 -53.54 12.40 12.18
CA GLY GA 25 -53.41 13.53 13.08
C GLY GA 25 -53.01 14.79 12.36
N GLY GA 26 -51.76 14.85 11.92
CA GLY GA 26 -51.30 15.92 11.06
C GLY GA 26 -51.34 15.48 9.61
N SER GA 27 -50.18 15.53 8.94
CA SER GA 27 -50.07 14.93 7.61
C SER GA 27 -48.79 14.13 7.41
N ASP GA 28 -47.79 14.25 8.28
CA ASP GA 28 -46.49 13.61 8.05
C ASP GA 28 -46.04 12.87 9.30
N HIS GA 29 -45.88 11.56 9.15
CA HIS GA 29 -45.12 10.76 10.09
C HIS GA 29 -43.72 10.56 9.52
N ILE GA 30 -42.71 10.67 10.38
CA ILE GA 30 -41.33 10.51 9.90
C ILE GA 30 -41.13 9.12 9.33
N THR GA 31 -41.82 8.13 9.88
CA THR GA 31 -41.84 6.80 9.28
C THR GA 31 -42.49 6.89 7.90
N ASN GA 32 -41.69 6.72 6.85
CA ASN GA 32 -42.17 6.84 5.49
C ASN GA 32 -41.88 5.55 4.73
N ILE GA 33 -42.62 5.35 3.65
CA ILE GA 33 -42.49 4.18 2.80
C ILE GA 33 -42.45 4.66 1.36
N ASP GA 34 -41.34 4.43 0.66
CA ASP GA 34 -41.21 4.83 -0.75
C ASP GA 34 -40.65 3.69 -1.57
N GLU GA 35 -41.55 2.80 -2.01
CA GLU GA 35 -41.26 1.83 -3.07
C GLU GA 35 -40.13 0.87 -2.71
N ARG GA 36 -39.54 1.05 -1.53
CA ARG GA 36 -38.32 0.35 -1.17
C ARG GA 36 -38.33 -0.18 0.26
N GLY GA 37 -39.41 0.03 1.00
CA GLY GA 37 -39.46 -0.33 2.40
C GLY GA 37 -39.55 0.91 3.28
N ILE GA 38 -39.76 0.66 4.57
CA ILE GA 38 -39.90 1.75 5.51
C ILE GA 38 -38.60 2.53 5.60
N HIS GA 39 -38.70 3.85 5.57
CA HIS GA 39 -37.55 4.72 5.79
C HIS GA 39 -37.74 5.46 7.11
N ASN GA 40 -36.61 5.86 7.70
CA ASN GA 40 -36.60 6.58 8.98
C ASN GA 40 -37.28 5.75 10.07
N VAL GA 41 -36.63 4.63 10.40
CA VAL GA 41 -37.08 3.73 11.45
C VAL GA 41 -36.41 4.12 12.76
N LEU GA 42 -37.09 3.90 13.87
CA LEU GA 42 -36.62 4.35 15.17
C LEU GA 42 -36.15 3.19 16.03
N VAL GA 43 -35.10 3.44 16.81
CA VAL GA 43 -34.50 2.46 17.71
C VAL GA 43 -34.11 3.18 18.99
N ILE GA 44 -34.40 2.58 20.14
CA ILE GA 44 -34.01 3.15 21.41
C ILE GA 44 -33.20 2.12 22.18
N THR GA 45 -32.31 2.61 23.03
CA THR GA 45 -31.39 1.74 23.75
C THR GA 45 -31.96 1.32 25.10
N GLY GA 46 -31.31 0.33 25.71
CA GLY GA 46 -31.60 -0.09 27.06
C GLY GA 46 -33.03 -0.51 27.33
N TYR GA 47 -33.80 -0.77 26.29
CA TYR GA 47 -35.21 -1.03 26.44
C TYR GA 47 -35.61 -2.37 25.83
N ALA GA 48 -36.50 -3.07 26.51
CA ALA GA 48 -37.02 -4.35 26.07
C ALA GA 48 -38.50 -4.42 26.43
N VAL GA 49 -39.26 -5.14 25.62
CA VAL GA 49 -40.70 -5.05 25.67
C VAL GA 49 -41.30 -6.28 26.35
N ASP GA 50 -42.61 -6.25 26.59
CA ASP GA 50 -43.32 -7.14 27.50
C ASP GA 50 -44.54 -7.73 26.79
N GLU GA 51 -44.31 -8.40 25.66
CA GLU GA 51 -45.30 -8.76 24.64
C GLU GA 51 -46.68 -9.08 25.20
N LYS GA 52 -46.76 -9.76 26.33
CA LYS GA 52 -48.05 -9.97 26.98
C LYS GA 52 -48.55 -8.60 27.44
N ASN GA 53 -49.46 -8.01 26.66
CA ASN GA 53 -49.79 -6.60 26.76
C ASN GA 53 -48.52 -5.77 26.58
N GLY GA 54 -47.91 -5.92 25.41
CA GLY GA 54 -46.60 -5.40 25.09
C GLY GA 54 -46.40 -3.93 25.36
N ARG GA 55 -45.57 -3.63 26.36
CA ARG GA 55 -45.17 -2.28 26.67
C ARG GA 55 -43.67 -2.27 26.90
N LEU GA 56 -43.06 -1.09 26.76
CA LEU GA 56 -41.62 -0.94 26.87
C LEU GA 56 -41.22 -0.96 28.34
N VAL GA 57 -40.63 -2.07 28.77
CA VAL GA 57 -39.98 -2.10 30.08
C VAL GA 57 -38.65 -1.36 29.98
N PRO GA 58 -38.35 -0.44 30.86
CA PRO GA 58 -37.01 0.17 30.86
C PRO GA 58 -35.98 -0.72 31.53
N THR GA 59 -35.11 -1.33 30.75
CA THR GA 59 -33.95 -2.02 31.28
C THR GA 59 -32.79 -1.03 31.35
N LEU GA 60 -31.58 -1.53 31.58
CA LEU GA 60 -30.40 -0.71 31.53
C LEU GA 60 -29.35 -1.25 30.57
N ASP GA 61 -29.55 -2.44 30.05
CA ASP GA 61 -28.60 -3.12 29.17
C ASP GA 61 -28.44 -2.36 27.86
N PRO GA 62 -27.28 -1.78 27.59
CA PRO GA 62 -27.10 -1.04 26.33
C PRO GA 62 -27.33 -1.89 25.09
N CYS GA 63 -27.39 -3.21 25.22
CA CYS GA 63 -27.79 -4.05 24.09
C CYS GA 63 -29.30 -4.08 23.90
N ASP GA 64 -30.07 -3.64 24.89
CA ASP GA 64 -31.52 -3.77 24.84
C ASP GA 64 -32.09 -2.70 23.92
N TYR GA 65 -32.51 -3.12 22.72
CA TYR GA 65 -33.05 -2.19 21.75
C TYR GA 65 -34.37 -2.75 21.23
N VAL GA 66 -35.33 -1.86 21.03
CA VAL GA 66 -36.64 -2.20 20.51
C VAL GA 66 -36.85 -1.43 19.21
N LYS GA 67 -37.16 -2.15 18.14
CA LYS GA 67 -37.30 -1.56 16.83
C LYS GA 67 -38.78 -1.42 16.51
N GLY GA 68 -39.20 -0.19 16.20
CA GLY GA 68 -40.57 0.09 15.83
C GLY GA 68 -40.63 1.24 14.85
N ILE GA 69 -41.83 1.76 14.59
CA ILE GA 69 -42.01 2.89 13.69
C ILE GA 69 -42.57 4.06 14.48
N LEU GA 70 -42.15 5.26 14.12
CA LEU GA 70 -42.57 6.47 14.79
C LEU GA 70 -43.61 7.19 13.95
N VAL GA 71 -44.82 7.34 14.50
CA VAL GA 71 -45.92 7.97 13.79
C VAL GA 71 -46.42 9.16 14.61
N ALA GA 72 -46.93 10.16 13.92
CA ALA GA 72 -47.52 11.32 14.59
C ALA GA 72 -48.86 10.95 15.21
N GLY GA 73 -49.06 11.35 16.45
CA GLY GA 73 -50.31 11.06 17.13
C GLY GA 73 -50.17 11.18 18.64
N THR GA 74 -51.25 10.80 19.30
CA THR GA 74 -51.36 10.78 20.76
C THR GA 74 -51.92 9.43 21.17
N PRO GA 75 -51.43 8.84 22.27
CA PRO GA 75 -51.85 7.48 22.61
C PRO GA 75 -53.23 7.37 23.23
N GLN GA 76 -54.23 6.99 22.43
CA GLN GA 76 -55.51 6.52 22.93
C GLN GA 76 -56.29 7.60 23.68
N GLN GA 77 -55.69 8.78 23.84
CA GLN GA 77 -56.15 9.79 24.80
C GLN GA 77 -56.60 9.14 26.11
N ALA GA 78 -55.80 8.19 26.58
CA ALA GA 78 -56.16 7.41 27.76
C ALA GA 78 -54.98 7.15 28.68
N GLN GA 79 -53.87 7.86 28.51
CA GLN GA 79 -52.62 7.49 29.15
C GLN GA 79 -51.84 8.76 29.45
N SER GA 80 -50.52 8.60 29.61
CA SER GA 80 -49.54 9.49 30.25
C SER GA 80 -49.55 9.24 31.76
N ASN GA 81 -50.41 8.38 32.26
CA ASN GA 81 -50.29 7.84 33.60
C ASN GA 81 -49.36 6.63 33.65
N ASP GA 82 -49.07 6.03 32.49
CA ASP GA 82 -48.08 4.97 32.40
C ASP GA 82 -47.21 5.06 31.16
N PHE GA 83 -47.41 6.03 30.28
CA PHE GA 83 -46.64 6.17 29.06
C PHE GA 83 -45.71 7.37 29.17
N LEU GA 84 -44.44 7.17 28.79
CA LEU GA 84 -43.43 8.21 28.90
C LEU GA 84 -43.60 9.21 27.76
N THR GA 85 -43.56 10.49 28.11
CA THR GA 85 -43.52 11.55 27.13
C THR GA 85 -42.12 12.19 27.13
N LEU GA 86 -41.74 12.78 26.01
CA LEU GA 86 -40.43 13.41 25.92
C LEU GA 86 -40.45 14.45 24.82
N LYS GA 87 -39.51 15.39 24.91
CA LYS GA 87 -39.33 16.45 23.92
C LYS GA 87 -37.87 16.48 23.50
N LEU GA 88 -37.59 15.95 22.30
CA LEU GA 88 -36.23 15.81 21.81
C LEU GA 88 -36.05 16.56 20.50
N PRO GA 89 -34.95 17.29 20.34
CA PRO GA 89 -34.82 18.17 19.17
C PRO GA 89 -34.24 17.51 17.94
N ALA GA 90 -34.71 16.30 17.61
CA ALA GA 90 -34.49 15.70 16.30
C ALA GA 90 -33.04 15.34 16.01
N ASN GA 91 -32.12 15.75 16.89
CA ASN GA 91 -30.74 15.30 16.80
C ASN GA 91 -30.40 14.27 17.86
N LYS GA 92 -31.37 13.89 18.69
CA LYS GA 92 -31.18 12.88 19.72
C LYS GA 92 -31.99 11.62 19.43
N LEU GA 93 -32.40 11.44 18.18
CA LEU GA 93 -33.21 10.28 17.79
C LEU GA 93 -32.38 9.39 16.89
N TYR GA 94 -32.20 8.13 17.31
CA TYR GA 94 -31.42 7.18 16.54
C TYR GA 94 -32.32 6.64 15.42
N LEU GA 95 -32.50 7.47 14.40
CA LEU GA 95 -33.27 7.08 13.22
C LEU GA 95 -32.37 6.34 12.24
N ILE GA 96 -32.81 5.18 11.81
CA ILE GA 96 -32.12 4.39 10.79
C ILE GA 96 -32.95 4.43 9.52
N ARG GA 97 -32.31 4.19 8.39
CA ARG GA 97 -32.94 4.33 7.07
C ARG GA 97 -33.48 5.74 6.89
N LYS GA 98 -32.67 6.72 7.29
CA LYS GA 98 -33.05 8.12 7.11
C LYS GA 98 -33.05 8.46 5.64
N LYS GA 99 -34.23 8.76 5.09
CA LYS GA 99 -34.36 9.21 3.71
C LYS GA 99 -34.71 10.69 3.64
N GLY GA 100 -35.81 11.10 4.27
CA GLY GA 100 -36.10 12.50 4.46
C GLY GA 100 -35.57 13.00 5.80
N ASN GA 101 -35.56 14.31 5.96
CA ASN GA 101 -35.02 14.92 7.18
C ASN GA 101 -36.14 15.19 8.18
N ILE GA 102 -35.77 15.83 9.28
CA ILE GA 102 -36.66 16.00 10.42
C ILE GA 102 -36.95 17.49 10.57
N SER GA 103 -37.91 17.81 11.44
CA SER GA 103 -38.40 19.17 11.64
C SER GA 103 -37.68 19.90 12.76
N ASP GA 104 -36.44 19.53 13.05
CA ASP GA 104 -35.54 20.22 13.98
C ASP GA 104 -36.06 20.24 15.41
N ASP GA 105 -37.21 19.62 15.69
CA ASP GA 105 -37.71 19.40 17.04
C ASP GA 105 -38.92 18.48 16.93
N LEU GA 106 -39.25 17.86 18.06
CA LEU GA 106 -40.35 16.91 18.13
C LEU GA 106 -40.62 16.58 19.58
N LYS GA 107 -41.89 16.34 19.89
CA LYS GA 107 -42.30 15.79 21.17
C LYS GA 107 -42.64 14.32 20.96
N ILE GA 108 -42.01 13.45 21.73
CA ILE GA 108 -42.17 12.01 21.58
C ILE GA 108 -42.90 11.44 22.78
N TYR GA 109 -43.76 10.47 22.53
CA TYR GA 109 -44.39 9.68 23.57
C TYR GA 109 -43.90 8.24 23.46
N ILE GA 110 -43.87 7.54 24.59
CA ILE GA 110 -43.33 6.19 24.61
C ILE GA 110 -44.24 5.26 25.40
N PRO GA 111 -44.69 4.14 24.82
CA PRO GA 111 -45.52 3.22 25.59
C PRO GA 111 -44.70 2.50 26.64
N TYR GA 112 -44.86 2.91 27.89
CA TYR GA 112 -43.98 2.52 28.99
C TYR GA 112 -44.71 1.56 29.92
N SER GA 113 -43.94 0.86 30.73
CA SER GA 113 -44.49 0.01 31.77
C SER GA 113 -43.58 0.10 32.99
N SER GA 114 -44.14 -0.28 34.13
CA SER GA 114 -43.39 -0.24 35.37
C SER GA 114 -42.15 -1.13 35.28
N PRO GA 115 -41.12 -0.83 36.05
CA PRO GA 115 -39.96 -1.74 36.08
C PRO GA 115 -40.33 -3.14 36.52
N ASP GA 116 -41.31 -3.28 37.42
CA ASP GA 116 -41.76 -4.57 37.95
C ASP GA 116 -40.59 -5.30 38.62
N ALA GA 117 -40.12 -4.66 39.70
CA ALA GA 117 -38.99 -5.19 40.46
C ALA GA 117 -39.37 -6.44 41.23
N ARG GA 118 -39.67 -7.53 40.52
CA ARG GA 118 -40.08 -8.75 41.20
C ARG GA 118 -39.48 -10.02 40.59
N ASN GA 119 -38.49 -9.90 39.72
CA ASN GA 119 -37.82 -11.05 39.13
C ASN GA 119 -36.62 -10.56 38.34
N SER GA 120 -35.68 -11.48 38.09
CA SER GA 120 -34.58 -11.18 37.20
C SER GA 120 -35.12 -10.82 35.83
N MET GA 121 -34.78 -9.63 35.36
CA MET GA 121 -35.39 -9.07 34.14
C MET GA 121 -34.62 -9.53 32.90
N LYS GA 122 -34.45 -10.85 32.80
CA LYS GA 122 -33.79 -11.43 31.65
C LYS GA 122 -34.63 -11.18 30.40
N THR GA 123 -34.08 -10.47 29.44
CA THR GA 123 -34.77 -10.23 28.18
C THR GA 123 -34.32 -11.25 27.14
N LYS GA 124 -35.15 -11.40 26.12
CA LYS GA 124 -34.90 -12.41 25.12
C LYS GA 124 -34.72 -11.78 23.75
N PRO GA 125 -33.69 -12.17 23.01
CA PRO GA 125 -33.54 -11.68 21.63
C PRO GA 125 -34.63 -12.28 20.75
N VAL GA 126 -35.52 -11.43 20.27
CA VAL GA 126 -36.65 -11.85 19.46
C VAL GA 126 -36.51 -11.21 18.10
N SER GA 127 -36.35 -12.03 17.07
CA SER GA 127 -36.27 -11.57 15.70
C SER GA 127 -37.57 -11.88 14.98
N ILE GA 128 -38.07 -10.91 14.23
CA ILE GA 128 -39.34 -11.06 13.54
C ILE GA 128 -39.16 -12.08 12.41
N SER GA 129 -39.76 -13.24 12.59
CA SER GA 129 -39.77 -14.31 11.59
C SER GA 129 -41.22 -14.60 11.24
N ASP GA 130 -41.45 -15.71 10.54
CA ASP GA 130 -42.80 -16.22 10.30
C ASP GA 130 -43.64 -15.20 9.52
N ASP GA 131 -43.26 -15.03 8.25
CA ASP GA 131 -43.92 -14.05 7.38
C ASP GA 131 -45.44 -14.15 7.40
N THR GA 132 -46.00 -15.27 7.84
CA THR GA 132 -47.44 -15.32 8.10
C THR GA 132 -47.83 -14.26 9.13
N ILE GA 133 -47.05 -14.13 10.19
CA ILE GA 133 -47.32 -13.08 11.18
C ILE GA 133 -46.97 -11.72 10.61
N VAL GA 134 -46.00 -11.65 9.70
CA VAL GA 134 -45.77 -10.40 8.97
C VAL GA 134 -47.03 -9.98 8.23
N ASN GA 135 -47.76 -10.95 7.66
CA ASN GA 135 -48.95 -10.63 6.87
C ASN GA 135 -49.98 -9.88 7.70
N ASN GA 136 -50.47 -10.51 8.76
CA ASN GA 136 -51.45 -9.85 9.61
C ASN GA 136 -50.93 -8.53 10.16
N ILE GA 137 -49.62 -8.46 10.41
CA ILE GA 137 -49.02 -7.21 10.87
C ILE GA 137 -49.20 -6.10 9.84
N ILE GA 138 -49.20 -6.46 8.55
CA ILE GA 138 -49.46 -5.46 7.52
C ILE GA 138 -50.90 -4.95 7.64
N LYS GA 139 -51.86 -5.88 7.69
CA LYS GA 139 -53.26 -5.48 7.74
C LYS GA 139 -53.65 -4.91 9.10
N GLU GA 140 -52.84 -5.12 10.12
CA GLU GA 140 -53.19 -4.63 11.45
C GLU GA 140 -52.79 -3.18 11.64
N VAL GA 141 -51.57 -2.81 11.25
CA VAL GA 141 -51.04 -1.47 11.44
C VAL GA 141 -50.56 -0.86 10.13
N PHE GA 142 -49.86 -1.65 9.31
CA PHE GA 142 -49.36 -1.15 8.03
C PHE GA 142 -50.48 -0.87 7.04
N ASP GA 143 -51.73 -1.21 7.37
CA ASP GA 143 -52.88 -0.88 6.53
C ASP GA 143 -53.82 0.10 7.20
N LYS GA 144 -54.07 -0.04 8.49
CA LYS GA 144 -54.86 0.95 9.20
C LYS GA 144 -54.19 2.31 9.14
N ILE GA 145 -52.92 2.38 9.52
CA ILE GA 145 -52.16 3.63 9.51
C ILE GA 145 -51.68 3.92 8.09
N TYR GA 146 -50.93 2.98 7.52
CA TYR GA 146 -50.38 3.19 6.18
C TYR GA 146 -51.29 2.57 5.12
N ASN GA 147 -52.50 3.12 5.08
CA ASN GA 147 -53.56 2.74 4.16
C ASN GA 147 -53.08 2.61 2.71
N ILE GA 148 -51.99 3.31 2.37
CA ILE GA 148 -51.46 3.26 1.01
C ILE GA 148 -51.07 1.85 0.59
N THR GA 149 -50.96 0.93 1.54
CA THR GA 149 -50.75 -0.47 1.20
C THR GA 149 -51.93 -1.02 0.42
N GLN GA 150 -51.63 -1.87 -0.57
CA GLN GA 150 -52.62 -2.48 -1.46
C GLN GA 150 -53.32 -1.42 -2.31
N LYS GA 151 -52.73 -0.24 -2.45
CA LYS GA 151 -53.23 0.76 -3.38
C LYS GA 151 -52.12 1.19 -4.32
N GLU GA 152 -50.89 1.27 -3.82
CA GLU GA 152 -49.73 1.68 -4.60
C GLU GA 152 -48.68 0.59 -4.73
N LYS GA 153 -48.30 -0.05 -3.62
CA LYS GA 153 -47.24 -1.06 -3.63
C LYS GA 153 -47.84 -2.40 -4.02
N VAL GA 154 -47.64 -2.79 -5.28
CA VAL GA 154 -47.85 -4.19 -5.65
C VAL GA 154 -46.66 -5.05 -5.22
N LYS GA 155 -45.55 -4.43 -4.82
CA LYS GA 155 -44.40 -5.12 -4.26
C LYS GA 155 -44.44 -5.10 -2.72
N ILE GA 156 -45.54 -5.58 -2.14
CA ILE GA 156 -45.63 -5.65 -0.68
C ILE GA 156 -44.56 -6.56 -0.12
N GLU GA 157 -44.09 -7.53 -0.91
CA GLU GA 157 -42.97 -8.36 -0.47
C GLU GA 157 -41.73 -7.53 -0.18
N LYS GA 158 -41.56 -6.38 -0.86
CA LYS GA 158 -40.48 -5.47 -0.50
C LYS GA 158 -40.75 -4.78 0.83
N VAL GA 159 -41.97 -4.90 1.35
CA VAL GA 159 -42.26 -4.54 2.73
C VAL GA 159 -42.52 -5.78 3.58
N LYS GA 160 -42.64 -6.96 2.97
CA LYS GA 160 -42.73 -8.20 3.70
C LYS GA 160 -41.36 -8.80 3.99
N GLU GA 161 -40.43 -8.67 3.06
CA GLU GA 161 -39.10 -9.25 3.26
C GLU GA 161 -38.27 -8.43 4.24
N ASP GA 162 -38.50 -7.12 4.32
CA ASP GA 162 -37.64 -6.30 5.16
C ASP GA 162 -38.04 -6.38 6.63
N ILE GA 163 -39.34 -6.37 6.92
CA ILE GA 163 -39.77 -6.45 8.32
C ILE GA 163 -39.31 -7.73 8.96
N LYS GA 164 -39.13 -8.80 8.17
CA LYS GA 164 -38.50 -10.00 8.71
C LYS GA 164 -37.05 -9.75 9.10
N GLU GA 165 -36.44 -8.66 8.62
CA GLU GA 165 -35.05 -8.40 8.95
C GLU GA 165 -34.85 -6.99 9.49
N LEU GA 166 -35.65 -6.03 9.02
CA LEU GA 166 -35.48 -4.66 9.47
C LEU GA 166 -35.83 -4.50 10.94
N PHE GA 167 -36.64 -5.39 11.48
CA PHE GA 167 -37.11 -5.29 12.85
C PHE GA 167 -36.69 -6.52 13.64
N SER GA 168 -35.82 -6.31 14.61
CA SER GA 168 -35.57 -7.28 15.66
C SER GA 168 -35.46 -6.50 16.96
N TYR GA 169 -35.69 -7.18 18.07
CA TYR GA 169 -35.78 -6.48 19.34
C TYR GA 169 -35.50 -7.45 20.48
N TYR GA 170 -35.71 -6.97 21.69
CA TYR GA 170 -35.63 -7.77 22.90
C TYR GA 170 -36.98 -7.79 23.60
N ALA GA 171 -37.40 -8.97 24.02
CA ALA GA 171 -38.59 -9.13 24.83
C ALA GA 171 -38.21 -9.79 26.15
N LEU GA 172 -39.01 -9.54 27.17
CA LEU GA 172 -38.70 -10.09 28.49
C LEU GA 172 -39.13 -11.54 28.62
N GLU GA 173 -40.27 -11.91 28.02
CA GLU GA 173 -40.84 -13.25 28.17
C GLU GA 173 -40.98 -13.64 29.63
N GLN GA 174 -41.21 -12.65 30.49
CA GLN GA 174 -41.22 -12.84 31.93
C GLN GA 174 -42.23 -11.90 32.60
N SER HA 2 -4.55 60.19 29.33
CA SER HA 2 -4.81 59.58 28.02
C SER HA 2 -5.94 58.56 28.11
N THR HA 3 -6.29 57.98 26.96
CA THR HA 3 -7.25 56.89 26.91
C THR HA 3 -6.62 55.66 27.54
N GLN HA 4 -7.17 55.22 28.67
CA GLN HA 4 -6.58 54.15 29.45
C GLN HA 4 -7.57 53.00 29.57
N ARG HA 5 -7.15 51.82 29.15
CA ARG HA 5 -7.95 50.61 29.25
C ARG HA 5 -7.49 49.76 30.41
N GLU HA 6 -8.34 48.84 30.83
CA GLU HA 6 -8.04 47.94 31.93
C GLU HA 6 -8.14 46.50 31.47
N TYR HA 7 -7.12 45.71 31.80
CA TYR HA 7 -7.16 44.29 31.54
C TYR HA 7 -7.69 43.54 32.76
N VAL HA 8 -8.30 42.40 32.52
CA VAL HA 8 -8.88 41.60 33.58
C VAL HA 8 -8.64 40.12 33.29
N PHE HA 9 -8.26 39.38 34.32
CA PHE HA 9 -8.17 37.93 34.22
C PHE HA 9 -9.57 37.34 34.08
N ILE HA 10 -9.72 36.37 33.19
CA ILE HA 10 -11.00 35.69 33.04
C ILE HA 10 -10.81 34.19 33.24
N PRO HA 11 -10.57 33.73 34.47
CA PRO HA 11 -10.50 32.29 34.71
C PRO HA 11 -11.85 31.73 35.10
N ILE HA 12 -11.88 30.44 35.46
CA ILE HA 12 -13.07 29.85 36.05
C ILE HA 12 -13.27 30.30 37.50
N THR HA 13 -12.32 31.05 38.06
CA THR HA 13 -12.41 31.54 39.43
C THR HA 13 -13.12 32.88 39.46
N ASN HA 14 -14.17 32.95 40.27
CA ASN HA 14 -15.01 34.16 40.34
C ASN HA 14 -14.44 35.17 41.33
N SER HA 15 -13.14 35.45 41.20
CA SER HA 15 -12.44 36.40 42.06
C SER HA 15 -12.45 37.81 41.47
N ILE HA 16 -13.50 38.15 40.72
CA ILE HA 16 -13.53 39.37 39.92
C ILE HA 16 -14.65 40.31 40.35
N THR HA 17 -15.25 40.08 41.52
CA THR HA 17 -16.44 40.84 41.91
C THR HA 17 -16.13 42.34 42.04
N ILE HA 18 -15.30 42.71 43.00
CA ILE HA 18 -14.95 44.11 43.24
C ILE HA 18 -13.44 44.24 43.02
N ASP HA 19 -13.06 44.57 41.80
CA ASP HA 19 -11.65 44.70 41.45
C ASP HA 19 -11.38 45.85 40.50
N VAL HA 20 -12.39 46.64 40.13
CA VAL HA 20 -12.26 47.74 39.22
C VAL HA 20 -13.01 48.94 39.82
N LYS HA 21 -13.01 50.05 39.11
CA LYS HA 21 -13.82 51.19 39.48
C LYS HA 21 -14.85 51.58 38.43
N ILE HA 22 -14.78 51.04 37.22
CA ILE HA 22 -15.46 51.60 36.07
C ILE HA 22 -16.24 50.53 35.34
N THR HA 23 -17.52 50.82 35.07
CA THR HA 23 -18.30 50.00 34.14
C THR HA 23 -18.00 50.39 32.69
N ILE HA 24 -18.16 51.67 32.37
CA ILE HA 24 -17.91 52.19 31.03
C ILE HA 24 -16.79 53.24 31.03
N GLY HA 25 -16.91 54.27 31.87
CA GLY HA 25 -15.88 55.28 31.98
C GLY HA 25 -15.84 56.17 30.75
N GLY HA 26 -15.39 55.61 29.64
CA GLY HA 26 -15.48 56.26 28.35
C GLY HA 26 -16.68 55.78 27.57
N SER HA 27 -16.71 56.12 26.29
CA SER HA 27 -17.78 55.68 25.40
C SER HA 27 -17.45 54.37 24.72
N ASP HA 28 -16.38 53.70 25.16
CA ASP HA 28 -15.90 52.53 24.44
C ASP HA 28 -14.94 51.75 25.32
N HIS HA 29 -15.09 50.43 25.29
CA HIS HA 29 -14.01 49.51 25.65
C HIS HA 29 -13.48 48.92 24.36
N ILE HA 30 -12.19 48.58 24.35
CA ILE HA 30 -11.63 47.91 23.19
C ILE HA 30 -12.42 46.63 22.89
N THR HA 31 -12.76 45.89 23.93
CA THR HA 31 -13.60 44.72 23.75
C THR HA 31 -14.98 45.15 23.26
N ASN HA 32 -15.47 44.48 22.22
CA ASN HA 32 -16.79 44.72 21.67
C ASN HA 32 -17.58 43.42 21.66
N ILE HA 33 -18.90 43.56 21.75
CA ILE HA 33 -19.82 42.43 21.62
C ILE HA 33 -20.96 42.85 20.72
N ASP HA 34 -20.93 42.42 19.45
CA ASP HA 34 -21.90 42.85 18.46
C ASP HA 34 -22.47 41.64 17.74
N GLU HA 35 -23.50 41.02 18.34
CA GLU HA 35 -24.37 40.00 17.74
C GLU HA 35 -23.59 38.89 17.06
N ARG HA 36 -22.28 38.83 17.30
CA ARG HA 36 -21.41 37.91 16.58
C ARG HA 36 -20.37 37.31 17.52
N GLY HA 37 -20.43 37.63 18.80
CA GLY HA 37 -19.42 37.20 19.76
C GLY HA 37 -18.48 38.34 20.09
N ILE HA 38 -17.59 38.04 21.04
CA ILE HA 38 -16.62 39.02 21.49
C ILE HA 38 -15.67 39.37 20.35
N HIS HA 39 -15.08 40.56 20.43
CA HIS HA 39 -14.07 40.98 19.49
C HIS HA 39 -12.91 41.62 20.23
N ASN HA 40 -11.78 41.73 19.54
CA ASN HA 40 -10.59 42.39 20.07
C ASN HA 40 -10.17 41.80 21.41
N VAL HA 41 -10.39 40.50 21.57
CA VAL HA 41 -9.96 39.81 22.78
C VAL HA 41 -8.45 39.89 22.90
N LEU HA 42 -7.97 40.24 24.08
CA LEU HA 42 -6.54 40.32 24.31
C LEU HA 42 -6.01 38.97 24.78
N VAL HA 43 -4.77 38.69 24.39
CA VAL HA 43 -4.04 37.54 24.92
C VAL HA 43 -2.78 38.08 25.59
N ILE HA 44 -2.45 37.52 26.74
CA ILE HA 44 -1.21 37.83 27.44
C ILE HA 44 -0.50 36.52 27.66
N THR HA 45 0.72 36.41 27.14
CA THR HA 45 1.46 35.17 27.12
C THR HA 45 2.61 35.22 28.11
N GLY HA 46 3.07 34.04 28.53
CA GLY HA 46 4.06 33.96 29.56
C GLY HA 46 3.55 34.22 30.96
N TYR HA 47 2.26 34.48 31.12
CA TYR HA 47 1.65 34.72 32.41
C TYR HA 47 0.60 33.64 32.69
N ALA HA 48 0.31 33.43 33.97
CA ALA HA 48 -0.70 32.47 34.38
C ALA HA 48 -1.58 33.10 35.45
N VAL HA 49 -2.70 32.45 35.73
CA VAL HA 49 -3.63 32.91 36.75
C VAL HA 49 -3.23 32.30 38.08
N ASP HA 50 -3.73 32.90 39.15
CA ASP HA 50 -3.31 32.59 40.52
C ASP HA 50 -4.55 32.34 41.40
N GLU HA 51 -5.40 31.41 40.96
CA GLU HA 51 -6.79 31.26 41.40
C GLU HA 51 -7.05 31.61 42.85
N LYS HA 52 -6.14 31.25 43.75
CA LYS HA 52 -6.22 31.74 45.12
C LYS HA 52 -5.86 33.22 45.10
N ASN HA 53 -6.88 34.06 45.05
CA ASN HA 53 -6.76 35.47 44.65
C ASN HA 53 -6.20 35.55 43.23
N GLY HA 54 -6.98 35.03 42.30
CA GLY HA 54 -6.59 34.89 40.91
C GLY HA 54 -6.05 36.16 40.27
N ARG HA 55 -4.78 36.13 39.87
CA ARG HA 55 -4.14 37.28 39.27
C ARG HA 55 -3.12 36.80 38.25
N LEU HA 56 -2.67 37.73 37.42
CA LEU HA 56 -1.65 37.43 36.43
C LEU HA 56 -0.30 37.35 37.11
N VAL HA 57 0.36 36.22 36.99
CA VAL HA 57 1.67 35.98 37.59
C VAL HA 57 2.70 35.87 36.48
N PRO HA 58 3.82 36.54 36.57
CA PRO HA 58 4.84 36.39 35.52
C PRO HA 58 5.68 35.14 35.73
N THR HA 59 5.40 34.11 34.94
CA THR HA 59 6.32 33.01 34.76
C THR HA 59 7.10 33.25 33.48
N LEU HA 60 8.05 32.38 33.19
CA LEU HA 60 8.90 32.54 32.02
C LEU HA 60 8.71 31.44 31.01
N ASP HA 61 7.49 30.91 30.91
CA ASP HA 61 7.17 29.88 29.96
C ASP HA 61 6.40 30.48 28.80
N PRO HA 62 6.83 30.31 27.56
CA PRO HA 62 6.08 30.90 26.44
C PRO HA 62 4.73 30.27 26.23
N CYS HA 63 4.43 29.16 26.91
CA CYS HA 63 3.17 28.48 26.70
C CYS HA 63 2.04 29.07 27.53
N ASP HA 64 2.35 29.69 28.67
CA ASP HA 64 1.32 30.21 29.55
C ASP HA 64 0.70 31.45 28.94
N TYR HA 65 -0.55 31.33 28.53
CA TYR HA 65 -1.28 32.45 27.94
C TYR HA 65 -2.59 32.61 28.68
N VAL HA 66 -2.96 33.86 28.96
CA VAL HA 66 -4.21 34.17 29.62
C VAL HA 66 -4.94 35.18 28.77
N LYS HA 67 -6.01 34.73 28.12
CA LYS HA 67 -6.84 35.63 27.34
C LYS HA 67 -7.78 36.39 28.27
N GLY HA 68 -8.08 37.63 27.89
CA GLY HA 68 -8.96 38.45 28.69
C GLY HA 68 -9.53 39.55 27.82
N ILE HA 69 -10.24 40.48 28.48
CA ILE HA 69 -10.88 41.58 27.78
C ILE HA 69 -10.33 42.90 28.31
N LEU HA 70 -10.38 43.91 27.45
CA LEU HA 70 -9.96 45.26 27.80
C LEU HA 70 -11.18 46.13 28.04
N VAL HA 71 -11.16 46.90 29.11
CA VAL HA 71 -12.18 47.88 29.42
C VAL HA 71 -11.50 49.20 29.75
N ALA HA 72 -11.97 50.28 29.13
CA ALA HA 72 -11.48 51.62 29.44
C ALA HA 72 -11.71 51.91 30.91
N GLY HA 73 -10.63 52.04 31.68
CA GLY HA 73 -10.79 52.21 33.11
C GLY HA 73 -9.46 52.43 33.80
N THR HA 74 -9.53 52.46 35.13
CA THR HA 74 -8.39 52.60 36.01
C THR HA 74 -8.79 51.84 37.27
N PRO HA 75 -7.92 51.01 37.84
CA PRO HA 75 -8.34 50.12 38.92
C PRO HA 75 -8.49 50.76 40.28
N GLN HA 76 -9.75 50.97 40.70
CA GLN HA 76 -10.13 50.97 42.11
C GLN HA 76 -9.43 52.01 42.97
N GLN HA 77 -8.59 52.86 42.37
CA GLN HA 77 -7.86 53.96 43.02
C GLN HA 77 -7.29 53.59 44.39
N ALA HA 78 -6.91 52.32 44.57
CA ALA HA 78 -6.25 51.87 45.78
C ALA HA 78 -5.15 50.85 45.48
N GLN HA 79 -4.49 51.00 44.34
CA GLN HA 79 -3.56 50.01 43.81
C GLN HA 79 -2.37 50.78 43.24
N SER HA 80 -1.62 50.12 42.34
CA SER HA 80 -0.31 50.48 41.80
C SER HA 80 0.78 50.00 42.73
N ASN HA 81 0.43 49.30 43.81
CA ASN HA 81 1.40 48.57 44.59
C ASN HA 81 1.62 47.16 44.06
N ASP HA 82 0.60 46.57 43.42
CA ASP HA 82 0.70 45.23 42.87
C ASP HA 82 -0.05 45.08 41.55
N PHE HA 83 -0.16 46.14 40.76
CA PHE HA 83 -0.75 46.08 39.43
C PHE HA 83 0.24 46.60 38.41
N LEU HA 84 0.51 45.80 37.39
CA LEU HA 84 1.43 46.22 36.33
C LEU HA 84 0.74 47.25 35.46
N THR HA 85 1.08 48.51 35.66
CA THR HA 85 0.63 49.56 34.78
C THR HA 85 1.63 49.75 33.65
N LEU HA 86 1.12 49.93 32.44
CA LEU HA 86 2.00 50.09 31.29
C LEU HA 86 1.23 50.74 30.15
N LYS HA 87 1.97 51.35 29.25
CA LYS HA 87 1.41 52.08 28.12
C LYS HA 87 2.09 51.61 26.85
N LEU HA 88 1.29 51.25 25.85
CA LEU HA 88 1.78 50.70 24.60
C LEU HA 88 1.18 51.44 23.41
N PRO HA 89 1.89 51.46 22.28
CA PRO HA 89 1.35 52.15 21.11
C PRO HA 89 0.38 51.30 20.31
N ALA HA 90 -0.52 50.61 21.01
CA ALA HA 90 -1.68 49.95 20.41
C ALA HA 90 -1.34 48.89 19.38
N ASN HA 91 -0.05 48.63 19.15
CA ASN HA 91 0.31 47.59 18.20
C ASN HA 91 0.87 46.34 18.85
N LYS HA 92 1.59 46.48 19.96
CA LYS HA 92 2.10 45.30 20.63
C LYS HA 92 1.01 44.49 21.28
N LEU HA 93 -0.23 44.91 21.15
CA LEU HA 93 -1.36 44.20 21.74
C LEU HA 93 -1.65 42.98 20.87
N TYR HA 94 -1.31 41.80 21.38
CA TYR HA 94 -1.67 40.58 20.68
C TYR HA 94 -3.16 40.34 20.83
N LEU HA 95 -3.97 40.99 20.00
CA LEU HA 95 -5.42 40.92 20.09
C LEU HA 95 -5.96 39.76 19.27
N ILE HA 96 -7.18 39.36 19.59
CA ILE HA 96 -7.84 38.23 18.95
C ILE HA 96 -9.21 38.69 18.46
N ARG HA 97 -9.55 38.28 17.24
CA ARG HA 97 -10.83 38.65 16.62
C ARG HA 97 -10.97 40.18 16.58
N LYS HA 98 -10.04 40.81 15.87
CA LYS HA 98 -10.05 42.26 15.79
C LYS HA 98 -11.24 42.74 14.96
N LYS HA 99 -11.80 43.88 15.35
CA LYS HA 99 -12.92 44.49 14.65
C LYS HA 99 -12.51 45.77 13.94
N GLY HA 100 -11.95 46.73 14.67
CA GLY HA 100 -11.49 47.97 14.10
C GLY HA 100 -10.00 48.19 14.30
N ASN HA 101 -9.63 49.46 14.44
CA ASN HA 101 -8.25 49.85 14.69
C ASN HA 101 -8.19 50.71 15.94
N ILE HA 102 -7.05 50.65 16.63
CA ILE HA 102 -6.82 51.40 17.87
C ILE HA 102 -6.03 52.66 17.52
N SER HA 103 -6.09 53.65 18.42
CA SER HA 103 -5.62 55.01 18.15
C SER HA 103 -4.11 55.17 18.32
N ASP HA 104 -3.35 54.08 18.31
CA ASP HA 104 -1.89 54.10 18.33
C ASP HA 104 -1.32 54.65 19.64
N ASP HA 105 -2.12 54.67 20.70
CA ASP HA 105 -1.63 54.96 22.04
C ASP HA 105 -2.67 54.52 23.05
N LEU HA 106 -2.21 53.97 24.16
CA LEU HA 106 -3.10 53.40 25.16
C LEU HA 106 -2.28 53.06 26.40
N LYS HA 107 -2.92 53.19 27.55
CA LYS HA 107 -2.35 52.78 28.83
C LYS HA 107 -3.23 51.71 29.44
N ILE HA 108 -2.60 50.67 30.00
CA ILE HA 108 -3.35 49.56 30.57
C ILE HA 108 -2.72 49.15 31.90
N TYR HA 109 -3.50 48.44 32.71
CA TYR HA 109 -3.05 47.88 33.97
C TYR HA 109 -3.24 46.37 33.94
N ILE HA 110 -2.43 45.66 34.71
CA ILE HA 110 -2.45 44.20 34.75
C ILE HA 110 -2.57 43.78 36.21
N PRO HA 111 -3.47 42.88 36.56
CA PRO HA 111 -3.54 42.37 37.93
C PRO HA 111 -2.38 41.44 38.26
N TYR HA 112 -1.41 41.93 39.02
CA TYR HA 112 -0.16 41.24 39.26
C TYR HA 112 -0.18 40.53 40.62
N SER HA 113 0.47 39.37 40.66
CA SER HA 113 0.74 38.67 41.91
C SER HA 113 2.20 38.26 41.95
N SER HA 114 2.75 38.27 43.16
CA SER HA 114 4.19 38.11 43.32
C SER HA 114 4.66 36.74 42.85
N PRO HA 115 5.88 36.66 42.30
CA PRO HA 115 6.41 35.35 41.88
C PRO HA 115 6.53 34.35 43.02
N ASP HA 116 6.89 34.80 44.22
CA ASP HA 116 6.92 33.95 45.41
C ASP HA 116 7.84 32.74 45.22
N ALA HA 117 9.13 33.02 45.17
CA ALA HA 117 10.09 31.97 44.84
C ALA HA 117 10.32 31.03 46.02
N ARG HA 118 9.24 30.50 46.58
CA ARG HA 118 9.30 29.46 47.60
C ARG HA 118 8.60 28.19 47.17
N ASN HA 119 7.87 28.22 46.06
CA ASN HA 119 7.13 27.07 45.56
C ASN HA 119 7.30 27.03 44.06
N SER HA 120 7.51 25.84 43.52
CA SER HA 120 7.56 25.66 42.08
C SER HA 120 6.22 26.05 41.48
N MET HA 121 6.25 26.96 40.51
CA MET HA 121 5.02 27.43 39.88
C MET HA 121 4.63 26.50 38.73
N LYS HA 122 4.44 25.24 39.08
CA LYS HA 122 3.99 24.22 38.14
C LYS HA 122 2.57 24.55 37.70
N THR HA 123 2.42 24.98 36.45
CA THR HA 123 1.14 25.42 35.93
C THR HA 123 0.55 24.39 34.97
N LYS HA 124 -0.78 24.34 34.95
CA LYS HA 124 -1.54 23.32 34.25
C LYS HA 124 -2.65 23.97 33.43
N PRO HA 125 -2.96 23.44 32.25
CA PRO HA 125 -3.97 24.07 31.40
C PRO HA 125 -5.38 23.66 31.80
N VAL HA 126 -6.29 24.61 31.74
CA VAL HA 126 -7.70 24.40 32.08
C VAL HA 126 -8.56 25.28 31.20
N SER HA 127 -9.60 24.70 30.62
CA SER HA 127 -10.54 25.42 29.78
C SER HA 127 -11.82 25.74 30.55
N ILE HA 128 -12.51 26.79 30.13
CA ILE HA 128 -13.73 27.24 30.79
C ILE HA 128 -14.89 26.43 30.22
N SER HA 129 -15.37 25.47 31.00
CA SER HA 129 -16.53 24.64 30.70
C SER HA 129 -17.57 24.87 31.79
N ASP HA 130 -18.57 23.98 31.86
CA ASP HA 130 -19.46 23.91 33.00
C ASP HA 130 -20.26 25.21 33.15
N ASP HA 131 -21.23 25.37 32.23
CA ASP HA 131 -22.03 26.57 32.06
C ASP HA 131 -22.51 27.18 33.37
N THR HA 132 -22.61 26.36 34.42
CA THR HA 132 -22.89 26.87 35.75
C THR HA 132 -22.05 28.11 36.05
N ILE HA 133 -20.73 28.00 35.86
CA ILE HA 133 -19.85 29.15 36.03
C ILE HA 133 -19.86 30.05 34.79
N VAL HA 134 -20.28 29.53 33.64
CA VAL HA 134 -20.30 30.38 32.46
C VAL HA 134 -21.57 31.23 32.41
N ASN HA 135 -22.68 30.73 32.96
CA ASN HA 135 -23.90 31.51 32.96
C ASN HA 135 -23.75 32.74 33.84
N ASN HA 136 -23.34 32.54 35.09
CA ASN HA 136 -23.24 33.65 36.03
C ASN HA 136 -22.19 34.67 35.58
N ILE HA 137 -21.07 34.20 35.03
CA ILE HA 137 -19.99 35.11 34.66
C ILE HA 137 -20.43 36.09 33.59
N ILE HA 138 -21.52 35.79 32.87
CA ILE HA 138 -22.14 36.80 32.02
C ILE HA 138 -22.70 37.93 32.88
N LYS HA 139 -23.49 37.59 33.89
CA LYS HA 139 -23.96 38.60 34.83
C LYS HA 139 -22.83 39.12 35.70
N GLU HA 140 -21.95 38.22 36.15
CA GLU HA 140 -20.94 38.58 37.13
C GLU HA 140 -20.04 39.69 36.63
N VAL HA 141 -19.66 39.65 35.36
CA VAL HA 141 -18.82 40.71 34.80
C VAL HA 141 -19.40 41.24 33.49
N PHE HA 142 -19.74 40.35 32.57
CA PHE HA 142 -20.11 40.77 31.22
C PHE HA 142 -21.43 41.54 31.15
N ASP HA 143 -22.26 41.50 32.19
CA ASP HA 143 -23.45 42.35 32.24
C ASP HA 143 -23.20 43.60 33.06
N LYS HA 144 -22.68 43.45 34.28
CA LYS HA 144 -22.34 44.61 35.10
C LYS HA 144 -21.46 45.59 34.35
N ILE HA 145 -20.71 45.12 33.37
CA ILE HA 145 -19.91 46.01 32.52
C ILE HA 145 -20.66 46.34 31.24
N TYR HA 146 -21.03 45.33 30.46
CA TYR HA 146 -21.78 45.54 29.23
C TYR HA 146 -23.25 45.27 29.53
N ASN HA 147 -23.89 46.26 30.15
CA ASN HA 147 -25.29 46.15 30.54
C ASN HA 147 -26.24 46.17 29.36
N ILE HA 148 -25.73 46.45 28.15
CA ILE HA 148 -26.50 46.25 26.93
C ILE HA 148 -26.90 44.79 26.77
N THR HA 149 -26.26 43.89 27.52
CA THR HA 149 -26.66 42.50 27.54
C THR HA 149 -28.11 42.36 27.97
N GLN HA 150 -28.87 41.54 27.26
CA GLN HA 150 -30.32 41.36 27.38
C GLN HA 150 -31.07 42.60 26.91
N LYS HA 151 -30.38 43.70 26.62
CA LYS HA 151 -31.00 44.87 25.99
C LYS HA 151 -30.79 44.91 24.49
N GLU HA 152 -29.78 44.20 23.98
CA GLU HA 152 -29.59 44.01 22.55
C GLU HA 152 -29.50 42.55 22.16
N LYS HA 153 -28.83 41.73 22.96
CA LYS HA 153 -28.63 40.32 22.65
C LYS HA 153 -29.66 39.48 23.42
N VAL HA 154 -30.70 39.05 22.71
CA VAL HA 154 -31.56 37.99 23.22
C VAL HA 154 -30.95 36.63 22.95
N LYS HA 155 -29.95 36.56 22.07
CA LYS HA 155 -29.24 35.32 21.78
C LYS HA 155 -27.92 35.27 22.57
N ILE HA 156 -28.07 35.27 23.90
CA ILE HA 156 -26.92 35.21 24.79
C ILE HA 156 -26.11 33.94 24.53
N GLU HA 157 -26.78 32.86 24.12
CA GLU HA 157 -26.13 31.57 23.92
C GLU HA 157 -24.94 31.66 22.99
N LYS HA 158 -24.91 32.63 22.08
CA LYS HA 158 -23.72 32.84 21.26
C LYS HA 158 -22.57 33.36 22.09
N VAL HA 159 -22.81 34.39 22.89
CA VAL HA 159 -21.81 34.95 23.78
C VAL HA 159 -21.62 34.00 24.96
N LYS HA 160 -22.47 32.99 25.03
CA LYS HA 160 -22.28 31.94 26.03
C LYS HA 160 -21.43 30.80 25.49
N GLU HA 161 -21.60 30.44 24.20
CA GLU HA 161 -20.87 29.30 23.66
C GLU HA 161 -19.44 29.67 23.29
N ASP HA 162 -19.19 30.95 22.99
CA ASP HA 162 -17.84 31.33 22.60
C ASP HA 162 -16.89 31.32 23.78
N ILE HA 163 -17.27 31.98 24.87
CA ILE HA 163 -16.45 31.96 26.09
C ILE HA 163 -16.23 30.53 26.54
N LYS HA 164 -17.22 29.66 26.33
CA LYS HA 164 -17.02 28.24 26.54
C LYS HA 164 -15.82 27.71 25.76
N GLU HA 165 -15.53 28.29 24.59
CA GLU HA 165 -14.48 27.79 23.72
C GLU HA 165 -13.37 28.79 23.44
N LEU HA 166 -13.65 30.09 23.48
CA LEU HA 166 -12.68 31.10 23.11
C LEU HA 166 -11.68 31.40 24.20
N PHE HA 167 -12.17 31.62 25.43
CA PHE HA 167 -11.30 32.02 26.53
C PHE HA 167 -10.69 30.79 27.17
N SER HA 168 -9.43 30.92 27.57
CA SER HA 168 -8.75 29.89 28.32
C SER HA 168 -7.58 30.52 29.05
N TYR HA 169 -6.75 29.67 29.66
CA TYR HA 169 -5.62 30.12 30.46
C TYR HA 169 -4.85 28.89 30.89
N TYR HA 170 -3.73 29.11 31.54
CA TYR HA 170 -3.02 28.05 32.25
C TYR HA 170 -3.13 28.30 33.75
N ALA HA 171 -3.23 27.21 34.50
CA ALA HA 171 -3.60 27.25 35.91
C ALA HA 171 -2.48 26.69 36.76
N LEU HA 172 -2.16 27.38 37.85
CA LEU HA 172 -1.18 26.86 38.79
C LEU HA 172 -1.67 25.57 39.45
N GLU HA 173 -2.96 25.55 39.81
CA GLU HA 173 -3.51 24.44 40.60
C GLU HA 173 -2.69 24.22 41.87
N GLN HA 174 -2.24 25.32 42.47
CA GLN HA 174 -1.41 25.27 43.66
C GLN HA 174 -2.05 26.05 44.81
N SER IA 2 32.63 81.75 -5.87
CA SER IA 2 31.37 81.04 -6.10
C SER IA 2 30.75 80.58 -4.79
N THR IA 3 29.77 79.69 -4.89
CA THR IA 3 29.11 79.09 -3.74
C THR IA 3 29.56 77.64 -3.63
N GLN IA 4 30.59 77.40 -2.83
CA GLN IA 4 31.22 76.09 -2.70
C GLN IA 4 30.61 75.34 -1.53
N ARG IA 5 30.76 74.02 -1.56
CA ARG IA 5 30.23 73.15 -0.52
C ARG IA 5 31.29 72.15 -0.10
N GLU IA 6 30.98 71.39 0.95
CA GLU IA 6 31.89 70.38 1.49
C GLU IA 6 31.09 69.12 1.75
N TYR IA 7 31.57 68.00 1.20
CA TYR IA 7 30.97 66.70 1.45
C TYR IA 7 31.67 66.03 2.62
N VAL IA 8 30.89 65.38 3.48
CA VAL IA 8 31.42 64.72 4.67
C VAL IA 8 30.74 63.38 4.83
N PHE IA 9 31.49 62.41 5.36
CA PHE IA 9 31.07 61.03 5.53
C PHE IA 9 30.23 60.85 6.79
N ILE IA 10 29.50 59.74 6.83
CA ILE IA 10 28.71 59.35 8.00
C ILE IA 10 29.03 57.92 8.38
N PRO IA 11 30.04 57.69 9.23
CA PRO IA 11 30.36 56.32 9.66
C PRO IA 11 29.64 55.93 10.94
N ILE IA 12 29.95 54.75 11.47
CA ILE IA 12 29.55 54.42 12.84
C ILE IA 12 30.46 55.05 13.87
N THR IA 13 31.48 55.80 13.45
CA THR IA 13 32.47 56.35 14.33
C THR IA 13 32.39 57.87 14.36
N ASN IA 14 32.97 58.45 15.40
CA ASN IA 14 32.98 59.91 15.59
C ASN IA 14 34.32 60.50 15.14
N SER IA 15 34.54 60.48 13.83
CA SER IA 15 35.68 61.11 13.20
C SER IA 15 35.29 62.37 12.45
N ILE IA 16 34.21 63.02 12.87
CA ILE IA 16 33.63 64.17 12.17
C ILE IA 16 33.67 65.42 13.04
N THR IA 17 34.39 65.40 14.16
CA THR IA 17 34.37 66.51 15.10
C THR IA 17 35.01 67.77 14.51
N ILE IA 18 36.30 67.72 14.21
CA ILE IA 18 37.01 68.89 13.70
C ILE IA 18 37.44 68.64 12.26
N ASP IA 19 36.54 68.95 11.32
CA ASP IA 19 36.85 68.81 9.91
C ASP IA 19 36.26 69.92 9.05
N VAL IA 20 35.55 70.88 9.62
CA VAL IA 20 34.87 71.92 8.86
C VAL IA 20 35.26 73.27 9.43
N LYS IA 21 35.05 74.31 8.62
CA LYS IA 21 35.26 75.68 9.03
C LYS IA 21 33.95 76.41 9.35
N ILE IA 22 32.81 75.85 8.97
CA ILE IA 22 31.55 76.58 8.92
C ILE IA 22 30.44 75.71 9.45
N THR IA 23 29.55 76.29 10.25
CA THR IA 23 28.29 75.66 10.65
C THR IA 23 27.15 76.07 9.72
N ILE IA 24 26.99 77.38 9.50
CA ILE IA 24 26.09 77.88 8.46
C ILE IA 24 26.92 78.72 7.50
N GLY IA 25 27.58 79.75 8.03
CA GLY IA 25 28.51 80.54 7.23
C GLY IA 25 27.79 81.40 6.21
N GLY IA 26 27.22 80.76 5.20
CA GLY IA 26 26.41 81.44 4.22
C GLY IA 26 24.94 81.39 4.56
N SER IA 27 24.10 80.94 3.60
CA SER IA 27 22.67 80.93 3.82
C SER IA 27 21.99 79.69 3.26
N ASP IA 28 22.72 78.59 3.05
CA ASP IA 28 22.12 77.43 2.41
C ASP IA 28 22.92 76.17 2.68
N HIS IA 29 22.23 75.13 3.14
CA HIS IA 29 22.72 73.77 3.15
C HIS IA 29 21.71 72.90 2.41
N ILE IA 30 22.21 72.07 1.49
CA ILE IA 30 21.32 71.27 0.67
C ILE IA 30 20.57 70.26 1.53
N THR IA 31 21.25 69.67 2.51
CA THR IA 31 20.62 68.76 3.45
C THR IA 31 19.66 69.53 4.36
N ASN IA 32 18.40 69.10 4.40
CA ASN IA 32 17.36 69.73 5.19
C ASN IA 32 16.77 68.73 6.18
N ILE IA 33 16.21 69.25 7.26
CA ILE IA 33 15.52 68.43 8.26
C ILE IA 33 14.20 69.15 8.57
N ASP IA 34 13.14 68.81 7.85
CA ASP IA 34 11.88 69.54 7.95
C ASP IA 34 10.67 68.60 7.94
N GLU IA 35 10.25 68.17 9.13
CA GLU IA 35 8.98 67.48 9.37
C GLU IA 35 8.86 66.18 8.59
N ARG IA 36 9.87 65.80 7.81
CA ARG IA 36 9.87 64.54 7.08
C ARG IA 36 11.20 63.81 7.17
N GLY IA 37 12.16 64.31 7.94
CA GLY IA 37 13.47 63.71 8.02
C GLY IA 37 14.51 64.50 7.24
N ILE IA 38 15.56 63.80 6.85
CA ILE IA 38 16.66 64.40 6.10
C ILE IA 38 16.33 64.32 4.61
N HIS IA 39 16.63 65.41 3.89
CA HIS IA 39 16.42 65.46 2.45
C HIS IA 39 17.73 65.80 1.75
N ASN IA 40 17.80 65.44 0.48
CA ASN IA 40 18.89 65.81 -0.41
C ASN IA 40 20.24 65.33 0.13
N VAL IA 41 20.33 64.02 0.29
CA VAL IA 41 21.53 63.35 0.78
C VAL IA 41 22.39 62.96 -0.42
N LEU IA 42 23.70 63.11 -0.28
CA LEU IA 42 24.61 62.70 -1.34
C LEU IA 42 25.20 61.34 -1.03
N VAL IA 43 25.24 60.49 -2.05
CA VAL IA 43 25.84 59.17 -1.94
C VAL IA 43 26.77 59.00 -3.13
N ILE IA 44 28.01 58.64 -2.85
CA ILE IA 44 29.02 58.43 -3.88
C ILE IA 44 29.41 56.95 -3.85
N THR IA 45 29.13 56.25 -4.93
CA THR IA 45 29.46 54.84 -4.98
C THR IA 45 30.94 54.64 -5.29
N GLY IA 46 31.35 53.37 -5.33
CA GLY IA 46 32.69 53.03 -5.75
C GLY IA 46 33.79 53.33 -4.75
N TYR IA 47 33.47 53.99 -3.64
CA TYR IA 47 34.46 54.27 -2.61
C TYR IA 47 34.14 53.46 -1.36
N ALA IA 48 34.99 53.65 -0.35
CA ALA IA 48 34.78 53.08 0.97
C ALA IA 48 35.46 53.98 1.97
N VAL IA 49 35.17 53.77 3.25
CA VAL IA 49 35.77 54.55 4.30
C VAL IA 49 36.77 53.67 5.05
N ASP IA 50 37.61 54.32 5.88
CA ASP IA 50 38.75 53.69 6.54
C ASP IA 50 38.79 54.13 8.01
N GLU IA 51 37.71 53.81 8.73
CA GLU IA 51 37.28 54.47 9.97
C GLU IA 51 38.40 55.00 10.86
N LYS IA 52 39.56 54.36 10.87
CA LYS IA 52 40.73 54.98 11.49
C LYS IA 52 41.10 56.21 10.67
N ASN IA 53 40.63 57.38 11.13
CA ASN IA 53 40.61 58.59 10.32
C ASN IA 53 39.88 58.31 9.00
N GLY IA 54 38.61 57.93 9.14
CA GLY IA 54 37.81 57.48 8.02
C GLY IA 54 37.61 58.49 6.93
N ARG IA 55 38.24 58.26 5.78
CA ARG IA 55 38.04 59.08 4.60
C ARG IA 55 37.76 58.17 3.41
N LEU IA 56 37.30 58.78 2.32
CA LEU IA 56 36.83 58.01 1.17
C LEU IA 56 38.02 57.38 0.47
N VAL IA 57 38.26 56.10 0.74
CA VAL IA 57 39.33 55.36 0.07
C VAL IA 57 38.84 54.97 -1.32
N PRO IA 58 39.48 55.44 -2.38
CA PRO IA 58 39.01 55.10 -3.72
C PRO IA 58 39.30 53.66 -4.09
N THR IA 59 38.27 52.84 -4.10
CA THR IA 59 38.32 51.50 -4.68
C THR IA 59 37.59 51.54 -6.02
N LEU IA 60 37.51 50.38 -6.68
CA LEU IA 60 37.03 50.33 -8.05
C LEU IA 60 35.85 49.38 -8.23
N ASP IA 61 35.29 48.86 -7.14
CA ASP IA 61 34.07 48.07 -7.21
C ASP IA 61 32.87 48.99 -7.08
N PRO IA 62 31.97 49.03 -8.05
CA PRO IA 62 30.83 49.97 -7.95
C PRO IA 62 29.86 49.62 -6.84
N CYS IA 63 29.72 48.34 -6.50
CA CYS IA 63 28.71 47.94 -5.52
C CYS IA 63 29.02 48.40 -4.10
N ASP IA 64 30.16 49.04 -3.86
CA ASP IA 64 30.47 49.59 -2.55
C ASP IA 64 30.15 51.08 -2.56
N TYR IA 65 29.23 51.49 -1.70
CA TYR IA 65 28.74 52.84 -1.65
C TYR IA 65 28.98 53.42 -0.26
N VAL IA 66 29.10 54.74 -0.20
CA VAL IA 66 29.27 55.45 1.06
C VAL IA 66 28.33 56.66 1.06
N LYS IA 67 27.83 57.00 2.23
CA LYS IA 67 26.78 58.00 2.37
C LYS IA 67 27.26 59.16 3.23
N GLY IA 68 26.72 60.33 2.95
CA GLY IA 68 27.11 61.52 3.70
C GLY IA 68 26.25 62.70 3.33
N ILE IA 69 26.51 63.81 4.02
CA ILE IA 69 25.67 64.99 3.93
C ILE IA 69 26.46 66.12 3.26
N LEU IA 70 25.77 67.24 3.01
CA LEU IA 70 26.37 68.43 2.44
C LEU IA 70 26.41 69.54 3.49
N VAL IA 71 27.58 70.14 3.65
CA VAL IA 71 27.75 71.35 4.46
C VAL IA 71 28.59 72.33 3.65
N ALA IA 72 28.18 73.59 3.63
CA ALA IA 72 28.88 74.59 2.85
C ALA IA 72 30.15 75.05 3.56
N GLY IA 73 31.18 75.35 2.78
CA GLY IA 73 32.40 75.91 3.32
C GLY IA 73 33.61 75.35 2.62
N THR IA 74 34.77 75.59 3.23
CA THR IA 74 36.09 75.11 2.85
C THR IA 74 36.72 74.45 4.07
N PRO IA 75 37.34 73.29 3.92
CA PRO IA 75 37.73 72.52 5.12
C PRO IA 75 38.85 73.14 5.93
N GLN IA 76 38.48 73.82 7.02
CA GLN IA 76 39.34 74.11 8.16
C GLN IA 76 40.67 74.79 7.82
N GLN IA 77 40.78 75.33 6.61
CA GLN IA 77 41.98 76.02 6.12
C GLN IA 77 43.28 75.32 6.53
N ALA IA 78 43.25 73.99 6.63
CA ALA IA 78 44.43 73.22 6.96
C ALA IA 78 44.52 71.92 6.17
N GLN IA 79 43.73 71.78 5.10
CA GLN IA 79 43.63 70.55 4.33
C GLN IA 79 43.55 70.95 2.87
N SER IA 80 43.03 70.03 2.04
CA SER IA 80 42.83 70.16 0.59
C SER IA 80 44.08 69.86 -0.22
N ASN IA 81 45.12 69.32 0.40
CA ASN IA 81 46.19 68.66 -0.35
C ASN IA 81 46.08 67.15 -0.31
N ASP IA 82 45.17 66.60 0.50
CA ASP IA 82 44.83 65.19 0.46
C ASP IA 82 43.36 64.98 0.12
N PHE IA 83 42.67 66.03 -0.31
CA PHE IA 83 41.25 65.99 -0.62
C PHE IA 83 41.02 66.15 -2.11
N LEU IA 84 39.79 65.89 -2.53
CA LEU IA 84 39.35 66.11 -3.90
C LEU IA 84 38.34 67.26 -3.91
N THR IA 85 38.67 68.31 -4.65
CA THR IA 85 37.72 69.37 -4.94
C THR IA 85 37.28 69.27 -6.39
N LEU IA 86 36.01 69.58 -6.64
CA LEU IA 86 35.48 69.57 -8.00
C LEU IA 86 34.20 70.39 -8.04
N LYS IA 87 33.81 70.74 -9.26
CA LYS IA 87 32.66 71.59 -9.52
C LYS IA 87 31.77 70.90 -10.55
N LEU IA 88 30.47 70.86 -10.29
CA LEU IA 88 29.53 70.12 -11.11
C LEU IA 88 28.20 70.87 -11.19
N PRO IA 89 27.47 70.71 -12.31
CA PRO IA 89 26.23 71.47 -12.49
C PRO IA 89 24.98 70.83 -11.90
N ALA IA 90 25.09 70.28 -10.69
CA ALA IA 90 23.94 69.90 -9.87
C ALA IA 90 23.03 68.86 -10.50
N ASN IA 91 23.35 68.38 -11.70
CA ASN IA 91 22.68 67.23 -12.27
C ASN IA 91 23.59 66.02 -12.30
N LYS IA 92 24.78 66.12 -11.70
CA LYS IA 92 25.73 65.03 -11.64
C LYS IA 92 25.98 64.54 -10.23
N LEU IA 93 25.19 65.01 -9.26
CA LEU IA 93 25.27 64.53 -7.89
C LEU IA 93 24.14 63.54 -7.65
N TYR IA 94 24.50 62.30 -7.33
CA TYR IA 94 23.54 61.22 -7.17
C TYR IA 94 22.88 61.40 -5.81
N LEU IA 95 21.85 62.23 -5.77
CA LEU IA 95 21.22 62.65 -4.52
C LEU IA 95 19.98 61.81 -4.21
N ILE IA 96 19.72 61.62 -2.93
CA ILE IA 96 18.55 60.87 -2.46
C ILE IA 96 17.61 61.83 -1.74
N ARG IA 97 16.33 61.49 -1.74
CA ARG IA 97 15.29 62.27 -1.07
C ARG IA 97 15.33 63.73 -1.51
N LYS IA 98 15.09 63.92 -2.80
CA LYS IA 98 15.15 65.26 -3.39
C LYS IA 98 13.93 66.08 -2.98
N LYS IA 99 14.18 67.21 -2.34
CA LYS IA 99 13.14 68.22 -2.14
C LYS IA 99 13.51 69.57 -2.72
N GLY IA 100 14.75 70.00 -2.57
CA GLY IA 100 15.19 71.25 -3.16
C GLY IA 100 15.81 71.07 -4.53
N ASN IA 101 16.00 72.20 -5.21
CA ASN IA 101 16.64 72.24 -6.52
C ASN IA 101 17.87 73.14 -6.46
N ILE IA 102 18.94 72.72 -7.10
CA ILE IA 102 20.23 73.37 -6.96
C ILE IA 102 20.53 74.17 -8.23
N SER IA 103 21.36 75.21 -8.05
CA SER IA 103 21.59 76.24 -9.06
C SER IA 103 22.74 75.91 -10.01
N ASP IA 104 23.06 74.63 -10.18
CA ASP IA 104 23.96 74.14 -11.22
C ASP IA 104 25.39 74.68 -11.07
N ASP IA 105 25.78 75.09 -9.86
CA ASP IA 105 27.15 75.55 -9.62
C ASP IA 105 27.50 75.20 -8.18
N LEU IA 106 28.47 74.31 -8.00
CA LEU IA 106 28.79 73.81 -6.67
C LEU IA 106 30.19 73.25 -6.66
N LYS IA 107 31.03 73.80 -5.80
CA LYS IA 107 32.39 73.31 -5.59
C LYS IA 107 32.40 72.50 -4.29
N ILE IA 108 32.69 71.21 -4.40
CA ILE IA 108 32.45 70.25 -3.33
C ILE IA 108 33.76 69.58 -2.95
N TYR IA 109 34.05 69.56 -1.65
CA TYR IA 109 35.27 68.95 -1.13
C TYR IA 109 34.99 67.53 -0.66
N ILE IA 110 35.95 66.64 -0.88
CA ILE IA 110 35.83 65.22 -0.57
C ILE IA 110 36.84 64.88 0.50
N PRO IA 111 36.46 64.20 1.59
CA PRO IA 111 37.49 63.63 2.46
C PRO IA 111 38.14 62.47 1.75
N TYR IA 112 39.32 62.71 1.19
CA TYR IA 112 39.90 61.81 0.21
C TYR IA 112 41.11 61.10 0.81
N SER IA 113 41.30 59.85 0.43
CA SER IA 113 42.40 59.06 0.92
C SER IA 113 43.28 58.64 -0.25
N SER IA 114 44.55 58.40 0.05
CA SER IA 114 45.45 57.87 -0.95
C SER IA 114 45.04 56.46 -1.33
N PRO IA 115 45.47 55.97 -2.50
CA PRO IA 115 45.22 54.57 -2.82
C PRO IA 115 45.86 53.61 -1.83
N ASP IA 116 47.14 53.79 -1.53
CA ASP IA 116 47.86 53.00 -0.53
C ASP IA 116 47.82 51.50 -0.87
N ALA IA 117 48.39 51.17 -2.02
CA ALA IA 117 48.45 49.78 -2.49
C ALA IA 117 49.55 49.02 -1.74
N ARG IA 118 49.31 48.78 -0.45
CA ARG IA 118 50.20 47.96 0.35
C ARG IA 118 49.45 46.84 1.07
N ASN IA 119 48.17 46.65 0.76
CA ASN IA 119 47.38 45.55 1.27
C ASN IA 119 46.18 45.37 0.36
N SER IA 120 45.48 44.26 0.52
CA SER IA 120 44.28 44.01 -0.27
C SER IA 120 43.16 44.94 0.20
N MET IA 121 42.38 45.43 -0.76
CA MET IA 121 41.21 46.27 -0.46
C MET IA 121 40.02 45.34 -0.26
N LYS IA 122 39.75 44.99 0.98
CA LYS IA 122 38.62 44.13 1.33
C LYS IA 122 37.71 44.89 2.29
N THR IA 123 36.44 45.00 1.93
CA THR IA 123 35.46 45.68 2.75
C THR IA 123 34.29 44.76 3.10
N LYS IA 124 33.53 45.18 4.11
CA LYS IA 124 32.33 44.50 4.56
C LYS IA 124 31.31 45.58 4.90
N PRO IA 125 30.05 45.40 4.54
CA PRO IA 125 29.07 46.48 4.72
C PRO IA 125 28.89 46.83 6.19
N VAL IA 126 28.75 48.13 6.46
CA VAL IA 126 28.66 48.66 7.81
C VAL IA 126 27.39 49.47 7.92
N SER IA 127 26.47 49.02 8.76
CA SER IA 127 25.18 49.67 8.95
C SER IA 127 25.17 50.45 10.26
N ILE IA 128 24.31 51.46 10.33
CA ILE IA 128 24.23 52.36 11.47
C ILE IA 128 23.24 51.76 12.46
N SER IA 129 23.77 51.15 13.52
CA SER IA 129 22.98 50.61 14.63
C SER IA 129 23.57 51.12 15.94
N ASP IA 130 23.16 50.55 17.07
CA ASP IA 130 23.74 50.88 18.37
C ASP IA 130 23.53 52.37 18.68
N ASP IA 131 22.26 52.68 18.94
CA ASP IA 131 21.71 54.04 18.98
C ASP IA 131 22.57 55.09 19.66
N THR IA 132 23.41 54.70 20.63
CA THR IA 132 24.22 55.71 21.31
C THR IA 132 25.15 56.41 20.34
N ILE IA 133 25.68 55.69 19.35
CA ILE IA 133 26.48 56.32 18.31
C ILE IA 133 25.60 57.24 17.46
N VAL IA 134 24.31 56.97 17.41
CA VAL IA 134 23.40 57.89 16.75
C VAL IA 134 22.99 59.00 17.71
N ASN IA 135 22.86 58.68 18.99
CA ASN IA 135 22.42 59.67 19.96
C ASN IA 135 23.42 60.81 20.05
N ASN IA 136 24.71 60.50 19.92
CA ASN IA 136 25.73 61.56 19.98
C ASN IA 136 25.86 62.27 18.63
N ILE IA 137 25.74 61.52 17.52
CA ILE IA 137 26.01 62.11 16.22
C ILE IA 137 24.97 63.16 15.85
N ILE IA 138 23.80 63.12 16.50
CA ILE IA 138 22.84 64.21 16.33
C ILE IA 138 23.37 65.48 16.99
N LYS IA 139 23.95 65.33 18.19
CA LYS IA 139 24.61 66.47 18.82
C LYS IA 139 25.94 66.80 18.15
N GLU IA 140 26.59 65.79 17.56
CA GLU IA 140 27.93 65.99 17.00
C GLU IA 140 27.92 67.01 15.89
N VAL IA 141 27.07 66.80 14.87
CA VAL IA 141 26.99 67.70 13.73
C VAL IA 141 25.58 68.24 13.53
N PHE IA 142 24.57 67.38 13.62
CA PHE IA 142 23.21 67.83 13.37
C PHE IA 142 22.72 68.84 14.41
N ASP IA 143 23.51 69.12 15.45
CA ASP IA 143 23.30 70.25 16.32
C ASP IA 143 24.42 71.28 16.22
N LYS IA 144 25.64 70.86 15.90
CA LYS IA 144 26.76 71.77 15.71
C LYS IA 144 26.88 72.27 14.28
N ILE IA 145 26.19 71.64 13.33
CA ILE IA 145 26.01 72.20 11.99
C ILE IA 145 24.59 72.71 11.80
N TYR IA 146 23.60 71.94 12.22
CA TYR IA 146 22.20 72.34 12.12
C TYR IA 146 21.74 72.80 13.49
N ASN IA 147 22.09 74.06 13.81
CA ASN IA 147 21.67 74.70 15.05
C ASN IA 147 20.17 74.96 15.12
N ILE IA 148 19.42 74.65 14.06
CA ILE IA 148 17.97 74.71 14.13
C ILE IA 148 17.41 73.55 14.94
N THR IA 149 18.15 72.43 15.03
CA THR IA 149 17.71 71.31 15.83
C THR IA 149 17.65 71.70 17.30
N GLN IA 150 16.60 71.24 17.99
CA GLN IA 150 16.27 71.64 19.36
C GLN IA 150 15.94 73.12 19.44
N LYS IA 151 15.66 73.75 18.31
CA LYS IA 151 15.14 75.11 18.29
C LYS IA 151 13.79 75.10 17.58
N GLU IA 152 13.68 74.27 16.54
CA GLU IA 152 12.40 73.96 15.91
C GLU IA 152 12.06 72.48 15.98
N LYS IA 153 13.00 71.61 15.64
CA LYS IA 153 12.73 70.19 15.43
C LYS IA 153 12.25 69.56 16.74
N VAL IA 154 10.97 69.18 16.76
CA VAL IA 154 10.40 68.46 17.90
C VAL IA 154 10.24 66.97 17.63
N LYS IA 155 10.28 66.55 16.37
CA LYS IA 155 10.22 65.14 16.01
C LYS IA 155 11.63 64.59 15.79
N ILE IA 156 12.39 64.55 16.89
CA ILE IA 156 13.77 64.07 16.81
C ILE IA 156 13.79 62.59 16.44
N GLU IA 157 12.80 61.83 16.90
CA GLU IA 157 12.74 60.42 16.56
C GLU IA 157 12.64 60.22 15.06
N LYS IA 158 12.06 61.18 14.33
CA LYS IA 158 11.89 61.03 12.88
C LYS IA 158 13.22 61.14 12.16
N VAL IA 159 14.11 62.05 12.60
CA VAL IA 159 15.44 62.10 12.03
C VAL IA 159 16.34 61.02 12.63
N LYS IA 160 15.98 60.49 13.80
CA LYS IA 160 16.80 59.47 14.42
C LYS IA 160 16.52 58.08 13.87
N GLU IA 161 15.32 57.86 13.33
CA GLU IA 161 15.01 56.53 12.81
C GLU IA 161 15.61 56.30 11.43
N ASP IA 162 15.78 57.37 10.63
CA ASP IA 162 16.21 57.19 9.26
C ASP IA 162 17.71 56.94 9.15
N ILE IA 163 18.51 57.63 9.96
CA ILE IA 163 19.94 57.38 10.02
C ILE IA 163 20.21 55.90 10.29
N LYS IA 164 19.27 55.22 10.94
CA LYS IA 164 19.40 53.78 11.15
C LYS IA 164 19.20 53.00 9.85
N GLU IA 165 18.30 53.46 8.99
CA GLU IA 165 17.98 52.77 7.75
C GLU IA 165 18.46 53.48 6.50
N LEU IA 166 18.39 54.81 6.46
CA LEU IA 166 18.80 55.53 5.26
C LEU IA 166 20.31 55.43 5.06
N PHE IA 167 21.09 55.63 6.12
CA PHE IA 167 22.54 55.70 6.03
C PHE IA 167 23.16 54.35 6.35
N SER IA 168 23.87 53.80 5.37
CA SER IA 168 24.77 52.67 5.59
C SER IA 168 25.93 52.86 4.62
N TYR IA 169 26.96 52.03 4.78
CA TYR IA 169 28.17 52.25 3.99
C TYR IA 169 29.06 51.03 4.10
N TYR IA 170 30.08 51.01 3.26
CA TYR IA 170 31.10 49.97 3.25
C TYR IA 170 32.41 50.55 3.77
N ALA IA 171 32.98 49.91 4.77
CA ALA IA 171 34.25 50.31 5.35
C ALA IA 171 35.30 49.24 5.10
N LEU IA 172 36.55 49.68 4.94
CA LEU IA 172 37.64 48.74 4.68
C LEU IA 172 37.90 47.83 5.87
N GLU IA 173 37.55 48.29 7.08
CA GLU IA 173 37.83 47.56 8.31
C GLU IA 173 39.32 47.21 8.43
N GLN IA 174 40.17 48.13 8.01
CA GLN IA 174 41.62 47.94 8.09
C GLN IA 174 42.27 49.05 8.91
#